data_6MCK
#
_entry.id   6MCK
#
_cell.length_a   127.410
_cell.length_b   263.830
_cell.length_c   164.130
_cell.angle_alpha   90.00
_cell.angle_beta   103.67
_cell.angle_gamma   90.00
#
_symmetry.space_group_name_H-M   'P 1 21 1'
#
loop_
_entity.id
_entity.type
_entity.pdbx_description
1 polymer 'Transitional endoplasmic reticulum ATPase'
2 non-polymer 1-[4-(benzylamino)-7,8-dihydro-5H-pyrano[4,3-d]pyrimidin-2-yl]-2-methyl-1H-indole-4-carboxamide
3 water water
#
_entity_poly.entity_id   1
_entity_poly.type   'polypeptide(L)'
_entity_poly.pdbx_seq_one_letter_code
;MRKQLAQIKEMVELPLRHPALFKAIGVKPPRGILLYGPPGTGKTLIARAVANETGAFFFLINGPEIMSKLAGESESNLRK
AFEEAEKNAPAIIFIDELDAIAPKREKTHGEVERRIVSQLLTLMDGLKQRAHVIVMAATNRPNSIDPALRRFGRFDREVD
IGIPDATGRLEILQIHTKNMKLADDVDLEQVANETHGHVGADLAALCSEAALQAIRKKMDLIDLEDETIDAEVMNSLAVT
MDDFRWALSQSNPSALRETVVEVPQVTWEDIGGLEDVKRELQELVQYPVEHPDKFLKFGMTPSKGVLFYGPPGCGKTLLA
KAIANECQANFISIKGPELLTMWFGESEANVREIFDKARQAAPCVLFFDELDSIAKARGGNIGDGGGAADRVINQILTEM
DGMSTKKNVFIIGATNRPDIIDPAILRPGRLDQLIYIPLPDEKSRVAILKANLRKSPVAKDVDLEFLAKMTNGFSGADLT
EICQRACKLAIRESIESEIRRERERQTNPSAMEVEEDDPVPEIRRDHFEEAMRFARRSVSDNDIRKYEMFAQTLQQSRGF
GSFRFPSGNQGGAGPSQGSGGGTGGSVYTEDNDDDLYGRSHHHHHH
;
_entity_poly.pdbx_strand_id   A,B,C,D,E,F,G,H,I,J,K,L
#
# COMPACT_ATOMS: atom_id res chain seq x y z
N ARG A 2 15.22 51.44 -43.77
CA ARG A 2 15.30 52.93 -43.54
C ARG A 2 14.63 53.28 -42.20
N LYS A 3 13.65 52.47 -41.81
CA LYS A 3 12.94 52.60 -40.53
C LYS A 3 13.97 52.65 -39.39
N GLN A 4 15.00 51.80 -39.52
CA GLN A 4 16.01 51.58 -38.49
C GLN A 4 16.83 52.84 -38.30
N LEU A 5 17.37 53.36 -39.41
CA LEU A 5 18.16 54.59 -39.41
C LEU A 5 17.41 55.68 -38.64
N ALA A 6 16.11 55.85 -38.94
CA ALA A 6 15.27 56.93 -38.38
C ALA A 6 15.56 57.11 -36.88
N GLN A 7 15.40 56.02 -36.12
CA GLN A 7 15.64 56.01 -34.67
C GLN A 7 17.03 56.55 -34.35
N ILE A 8 18.04 55.98 -35.01
CA ILE A 8 19.45 56.23 -34.68
C ILE A 8 19.80 57.69 -35.02
N LYS A 9 19.14 58.21 -36.05
CA LYS A 9 19.25 59.59 -36.42
C LYS A 9 18.52 60.48 -35.41
N GLU A 10 17.34 60.06 -34.92
CA GLU A 10 16.66 60.83 -33.84
C GLU A 10 17.54 60.86 -32.59
N MET A 11 18.27 59.77 -32.33
CA MET A 11 19.14 59.70 -31.15
C MET A 11 20.48 60.44 -31.38
N VAL A 12 20.94 60.54 -32.64
CA VAL A 12 22.28 61.10 -32.93
C VAL A 12 22.20 62.56 -33.42
N GLU A 13 21.48 62.80 -34.53
CA GLU A 13 21.53 64.04 -35.33
C GLU A 13 21.28 65.29 -34.47
N LEU A 14 20.21 65.23 -33.67
CA LEU A 14 19.72 66.40 -32.92
C LEU A 14 20.72 66.82 -31.85
N PRO A 15 21.27 65.87 -31.04
CA PRO A 15 22.43 66.18 -30.18
C PRO A 15 23.87 66.12 -30.72
N LEU A 16 24.05 65.82 -32.02
CA LEU A 16 25.35 66.02 -32.70
C LEU A 16 25.41 67.38 -33.40
N ARG A 17 24.30 67.80 -34.02
CA ARG A 17 24.30 68.93 -34.98
C ARG A 17 23.16 69.94 -34.68
N HIS A 18 22.48 69.76 -33.53
CA HIS A 18 21.49 70.70 -32.95
C HIS A 18 21.67 70.72 -31.43
N PRO A 19 22.93 70.56 -30.92
CA PRO A 19 23.23 70.36 -29.50
C PRO A 19 22.85 71.47 -28.50
N ALA A 20 22.91 72.73 -28.93
CA ALA A 20 22.74 73.86 -28.01
C ALA A 20 21.36 73.84 -27.32
N LEU A 21 20.34 73.34 -28.02
CA LEU A 21 18.95 73.36 -27.52
C LEU A 21 18.81 72.52 -26.25
N PHE A 22 19.45 71.35 -26.22
CA PHE A 22 19.35 70.41 -25.09
C PHE A 22 20.11 70.96 -23.87
N LYS A 23 21.31 71.48 -24.14
CA LYS A 23 22.23 71.97 -23.13
C LYS A 23 21.69 73.29 -22.55
N ALA A 24 20.86 73.98 -23.33
CA ALA A 24 20.12 75.15 -22.86
C ALA A 24 18.86 74.72 -22.11
N ILE A 25 18.06 73.83 -22.72
CA ILE A 25 16.77 73.38 -22.14
C ILE A 25 17.04 72.57 -20.86
N GLY A 26 18.31 72.21 -20.62
CA GLY A 26 18.76 71.68 -19.33
C GLY A 26 18.59 70.17 -19.26
N VAL A 27 19.06 69.50 -20.33
CA VAL A 27 19.05 68.03 -20.40
C VAL A 27 20.40 67.58 -20.98
N LYS A 28 20.53 66.26 -21.20
CA LYS A 28 21.75 65.68 -21.74
C LYS A 28 21.42 64.89 -23.02
N PRO A 29 22.16 65.09 -24.12
CA PRO A 29 22.29 64.06 -25.17
C PRO A 29 22.77 62.69 -24.70
N PRO A 30 22.45 61.59 -25.43
CA PRO A 30 23.08 60.30 -25.20
C PRO A 30 24.52 60.36 -25.75
N ARG A 31 25.47 59.79 -25.00
CA ARG A 31 26.88 59.79 -25.36
C ARG A 31 27.34 58.37 -25.68
N GLY A 32 26.45 57.39 -25.54
CA GLY A 32 26.77 56.00 -25.82
C GLY A 32 25.59 55.24 -26.39
N ILE A 33 25.48 55.25 -27.72
CA ILE A 33 24.45 54.49 -28.42
C ILE A 33 25.07 53.15 -28.81
N LEU A 34 24.51 52.07 -28.26
CA LEU A 34 25.00 50.71 -28.44
C LEU A 34 24.06 49.94 -29.39
N LEU A 35 24.57 49.63 -30.59
CA LEU A 35 23.85 48.76 -31.53
C LEU A 35 24.21 47.31 -31.23
N TYR A 36 23.20 46.44 -31.12
CA TYR A 36 23.53 45.03 -31.05
C TYR A 36 22.54 44.21 -31.87
N GLY A 37 22.91 42.93 -32.03
CA GLY A 37 22.16 41.97 -32.82
C GLY A 37 23.11 41.05 -33.58
N PRO A 38 22.61 39.96 -34.18
CA PRO A 38 23.49 38.91 -34.71
C PRO A 38 24.42 39.43 -35.81
N PRO A 39 25.50 38.69 -36.15
CA PRO A 39 26.36 39.04 -37.27
C PRO A 39 25.65 38.77 -38.60
N GLY A 40 25.96 39.61 -39.61
CA GLY A 40 25.32 39.57 -40.93
C GLY A 40 24.33 40.71 -41.14
N THR A 41 24.53 41.78 -40.38
CA THR A 41 23.54 42.80 -40.18
C THR A 41 24.05 44.18 -40.64
N GLY A 42 25.36 44.31 -40.87
CA GLY A 42 25.97 45.52 -41.46
C GLY A 42 25.81 46.74 -40.54
N LYS A 43 26.02 46.50 -39.26
CA LYS A 43 25.96 47.54 -38.26
C LYS A 43 26.98 48.63 -38.62
N THR A 44 28.13 48.20 -39.16
CA THR A 44 29.18 49.10 -39.57
C THR A 44 28.64 50.03 -40.67
N LEU A 45 28.24 49.43 -41.81
CA LEU A 45 27.48 50.10 -42.88
C LEU A 45 26.49 51.11 -42.28
N ILE A 46 25.65 50.65 -41.34
CA ILE A 46 24.61 51.53 -40.75
C ILE A 46 25.25 52.75 -40.06
N ALA A 47 26.33 52.53 -39.30
CA ALA A 47 26.97 53.58 -38.51
C ALA A 47 27.50 54.69 -39.45
N ARG A 48 28.25 54.25 -40.47
CA ARG A 48 28.81 55.14 -41.47
C ARG A 48 27.69 55.84 -42.26
N ALA A 49 26.62 55.09 -42.54
CA ALA A 49 25.41 55.68 -43.13
C ALA A 49 24.93 56.85 -42.26
N VAL A 50 24.74 56.60 -40.95
CA VAL A 50 24.25 57.66 -40.02
C VAL A 50 25.26 58.81 -39.95
N ALA A 51 26.57 58.51 -39.98
CA ALA A 51 27.63 59.54 -39.92
C ALA A 51 27.65 60.44 -41.18
N ASN A 52 27.49 59.80 -42.35
CA ASN A 52 27.44 60.49 -43.64
C ASN A 52 26.15 61.31 -43.74
N GLU A 53 25.03 60.73 -43.30
CA GLU A 53 23.73 61.37 -43.46
C GLU A 53 23.43 62.33 -42.30
N THR A 54 24.25 62.32 -41.23
CA THR A 54 24.22 63.42 -40.26
C THR A 54 25.23 64.50 -40.67
N GLY A 55 26.34 64.05 -41.26
CA GLY A 55 27.49 64.90 -41.49
C GLY A 55 28.34 64.97 -40.24
N ALA A 56 29.16 63.92 -40.06
CA ALA A 56 30.05 63.84 -38.93
C ALA A 56 31.27 62.98 -39.28
N PHE A 57 32.41 63.38 -38.70
CA PHE A 57 33.62 62.57 -38.71
C PHE A 57 33.28 61.19 -38.16
N PHE A 58 33.87 60.16 -38.75
CA PHE A 58 33.63 58.77 -38.39
C PHE A 58 34.96 58.10 -38.05
N PHE A 59 35.08 57.53 -36.84
CA PHE A 59 36.30 56.78 -36.53
C PHE A 59 35.94 55.35 -36.12
N LEU A 60 36.38 54.38 -36.92
CA LEU A 60 36.23 52.95 -36.64
C LEU A 60 37.27 52.51 -35.61
N ILE A 61 36.84 51.63 -34.69
CA ILE A 61 37.70 50.91 -33.77
C ILE A 61 37.39 49.42 -33.94
N ASN A 62 38.13 48.77 -34.84
CA ASN A 62 38.00 47.33 -35.07
C ASN A 62 38.54 46.62 -33.82
N GLY A 63 37.66 46.12 -32.94
CA GLY A 63 38.07 45.50 -31.67
C GLY A 63 39.30 44.60 -31.83
N PRO A 64 39.20 43.55 -32.68
CA PRO A 64 40.34 42.68 -32.98
C PRO A 64 41.65 43.45 -33.19
N GLU A 65 41.60 44.51 -33.99
CA GLU A 65 42.75 45.36 -34.30
C GLU A 65 43.34 45.95 -33.01
N ILE A 66 42.48 46.39 -32.10
CA ILE A 66 42.93 46.97 -30.82
C ILE A 66 43.53 45.86 -29.97
N MET A 67 42.85 44.70 -29.94
CA MET A 67 43.29 43.62 -29.07
C MET A 67 44.58 42.97 -29.59
N SER A 68 44.88 43.14 -30.89
CA SER A 68 46.05 42.50 -31.51
C SER A 68 47.35 43.24 -31.18
N LYS A 69 47.25 44.48 -30.69
CA LYS A 69 48.41 45.30 -30.35
C LYS A 69 49.09 44.77 -29.07
N LEU A 70 50.36 45.13 -28.88
CA LEU A 70 51.08 44.84 -27.65
C LEU A 70 50.47 45.70 -26.53
N ALA A 71 50.26 45.06 -25.38
CA ALA A 71 49.65 45.68 -24.20
C ALA A 71 50.26 47.07 -23.99
N GLY A 72 49.42 48.11 -24.01
CA GLY A 72 49.88 49.49 -23.97
C GLY A 72 49.52 50.22 -25.25
N GLU A 73 49.93 49.66 -26.39
CA GLU A 73 49.69 50.29 -27.68
C GLU A 73 48.20 50.17 -28.02
N SER A 74 47.50 49.23 -27.37
CA SER A 74 46.04 49.14 -27.41
C SER A 74 45.42 50.43 -26.83
N GLU A 75 45.75 50.69 -25.55
CA GLU A 75 45.27 51.87 -24.80
C GLU A 75 45.68 53.13 -25.56
N SER A 76 46.93 53.12 -26.03
CA SER A 76 47.44 54.15 -26.91
C SER A 76 46.47 54.36 -28.08
N ASN A 77 46.25 53.31 -28.87
CA ASN A 77 45.35 53.37 -30.01
C ASN A 77 44.00 53.96 -29.59
N LEU A 78 43.48 53.53 -28.43
CA LEU A 78 42.17 54.02 -27.96
C LEU A 78 42.24 55.54 -27.70
N ARG A 79 43.14 55.96 -26.81
CA ARG A 79 43.33 57.38 -26.52
C ARG A 79 43.43 58.15 -27.84
N LYS A 80 44.34 57.69 -28.71
CA LYS A 80 44.60 58.28 -30.03
C LYS A 80 43.27 58.47 -30.76
N ALA A 81 42.53 57.37 -30.95
CA ALA A 81 41.25 57.40 -31.64
C ALA A 81 40.33 58.47 -31.03
N PHE A 82 40.21 58.42 -29.69
CA PHE A 82 39.28 59.33 -28.97
C PHE A 82 39.69 60.80 -29.12
N GLU A 83 40.99 61.09 -29.11
CA GLU A 83 41.46 62.48 -29.28
C GLU A 83 41.27 62.90 -30.74
N GLU A 84 41.57 61.98 -31.67
CA GLU A 84 41.40 62.19 -33.12
C GLU A 84 39.94 62.51 -33.44
N ALA A 85 39.01 61.80 -32.80
CA ALA A 85 37.59 62.13 -32.95
C ALA A 85 37.27 63.45 -32.24
N GLU A 86 37.65 63.53 -30.95
CA GLU A 86 37.40 64.72 -30.11
C GLU A 86 37.77 65.99 -30.89
N LYS A 87 38.85 65.92 -31.67
CA LYS A 87 39.39 67.08 -32.37
C LYS A 87 38.56 67.44 -33.61
N ASN A 88 37.92 66.46 -34.28
CA ASN A 88 37.32 66.68 -35.61
C ASN A 88 35.77 66.72 -35.55
N ALA A 89 35.23 67.14 -34.41
CA ALA A 89 33.84 66.85 -34.03
C ALA A 89 32.78 67.89 -34.42
N PRO A 90 31.78 67.55 -35.25
CA PRO A 90 30.86 66.46 -34.92
C PRO A 90 31.49 65.08 -35.24
N ALA A 91 31.49 64.15 -34.25
CA ALA A 91 32.27 62.89 -34.33
C ALA A 91 31.49 61.67 -33.82
N ILE A 92 31.41 60.64 -34.67
CA ILE A 92 30.98 59.29 -34.28
C ILE A 92 32.20 58.38 -34.20
N ILE A 93 32.48 57.91 -32.97
CA ILE A 93 33.43 56.83 -32.76
C ILE A 93 32.64 55.51 -32.74
N PHE A 94 32.87 54.66 -33.73
CA PHE A 94 32.16 53.38 -33.85
C PHE A 94 33.09 52.22 -33.47
N ILE A 95 32.63 51.39 -32.52
CA ILE A 95 33.41 50.27 -32.01
C ILE A 95 32.79 48.98 -32.54
N ASP A 96 33.50 48.37 -33.50
CA ASP A 96 33.13 47.13 -34.11
C ASP A 96 33.69 45.98 -33.27
N GLU A 97 32.84 44.96 -33.05
CA GLU A 97 33.09 43.89 -32.10
C GLU A 97 33.57 44.52 -30.78
N LEU A 98 32.63 45.13 -30.04
CA LEU A 98 32.97 45.74 -28.75
C LEU A 98 33.38 44.66 -27.76
N ASP A 99 32.57 43.59 -27.71
CA ASP A 99 32.76 42.41 -26.85
C ASP A 99 34.23 41.94 -26.83
N ALA A 100 34.97 42.19 -27.93
CA ALA A 100 36.38 41.78 -28.03
C ALA A 100 37.21 42.44 -26.92
N ILE A 101 37.30 43.78 -26.96
CA ILE A 101 38.08 44.55 -25.98
C ILE A 101 37.44 44.45 -24.59
N ALA A 102 36.10 44.48 -24.54
CA ALA A 102 35.33 44.66 -23.28
C ALA A 102 34.33 43.53 -23.07
N PRO A 103 34.78 42.35 -22.58
CA PRO A 103 33.91 41.17 -22.54
C PRO A 103 33.12 41.11 -21.22
N LYS A 104 32.53 39.94 -20.91
CA LYS A 104 32.10 39.58 -19.54
C LYS A 104 33.33 39.19 -18.71
N ARG A 105 33.64 40.01 -17.69
CA ARG A 105 35.04 40.37 -17.34
C ARG A 105 35.64 39.47 -16.23
N GLU A 106 35.09 38.27 -16.00
CA GLU A 106 35.82 37.19 -15.30
C GLU A 106 36.30 36.15 -16.31
N LYS A 107 35.77 36.23 -17.55
CA LYS A 107 36.31 35.57 -18.75
C LYS A 107 37.44 36.46 -19.29
N THR A 108 38.49 36.62 -18.47
CA THR A 108 39.58 37.56 -18.68
C THR A 108 40.75 37.09 -17.79
N HIS A 109 41.40 35.98 -18.19
CA HIS A 109 42.49 35.38 -17.41
C HIS A 109 43.77 36.23 -17.54
N GLY A 110 43.67 37.51 -17.14
CA GLY A 110 44.82 38.45 -17.21
C GLY A 110 44.40 39.90 -17.02
N GLU A 111 45.29 40.74 -16.50
CA GLU A 111 44.97 42.10 -15.98
C GLU A 111 45.03 43.15 -17.09
N VAL A 112 45.76 42.84 -18.17
CA VAL A 112 45.94 43.75 -19.27
C VAL A 112 44.54 44.13 -19.83
N GLU A 113 43.69 43.12 -20.04
CA GLU A 113 42.36 43.37 -20.59
C GLU A 113 41.56 44.28 -19.64
N ARG A 114 41.69 44.04 -18.32
CA ARG A 114 40.99 44.86 -17.30
C ARG A 114 41.50 46.31 -17.39
N ARG A 115 42.81 46.48 -17.60
CA ARG A 115 43.34 47.81 -17.88
C ARG A 115 42.71 48.38 -19.17
N ILE A 116 42.65 47.58 -20.25
CA ILE A 116 42.17 48.05 -21.58
C ILE A 116 40.71 48.53 -21.48
N VAL A 117 39.91 47.73 -20.79
CA VAL A 117 38.52 48.06 -20.53
C VAL A 117 38.50 49.33 -19.68
N SER A 118 39.22 49.32 -18.54
CA SER A 118 39.26 50.50 -17.68
C SER A 118 39.48 51.74 -18.55
N GLN A 119 40.49 51.66 -19.43
CA GLN A 119 40.84 52.75 -20.31
C GLN A 119 39.59 53.22 -21.05
N LEU A 120 38.91 52.29 -21.72
CA LEU A 120 37.72 52.61 -22.48
C LEU A 120 36.65 53.23 -21.57
N LEU A 121 36.51 52.75 -20.34
CA LEU A 121 35.57 53.38 -19.38
C LEU A 121 35.98 54.83 -19.12
N THR A 122 37.28 55.07 -18.87
CA THR A 122 37.75 56.42 -18.55
C THR A 122 37.56 57.35 -19.75
N LEU A 123 37.85 56.83 -20.94
CA LEU A 123 37.65 57.55 -22.20
C LEU A 123 36.16 57.87 -22.37
N MET A 124 35.31 56.86 -22.19
CA MET A 124 33.84 57.01 -22.28
C MET A 124 33.34 58.08 -21.28
N ASP A 125 33.90 58.07 -20.06
CA ASP A 125 33.60 59.07 -19.01
C ASP A 125 34.09 60.45 -19.45
N GLY A 126 35.26 60.48 -20.10
CA GLY A 126 35.99 61.70 -20.47
C GLY A 126 35.23 62.65 -21.40
N LEU A 127 34.34 62.12 -22.25
CA LEU A 127 33.67 62.94 -23.26
C LEU A 127 32.74 63.96 -22.60
N LYS A 128 32.50 65.05 -23.33
CA LYS A 128 31.44 66.02 -23.03
C LYS A 128 30.47 66.05 -24.23
N GLN A 129 29.18 66.24 -23.93
CA GLN A 129 28.18 66.64 -24.94
C GLN A 129 28.63 67.95 -25.57
N ARG A 130 29.43 68.69 -24.78
CA ARG A 130 30.18 69.88 -25.16
C ARG A 130 31.10 69.58 -26.36
N ALA A 131 31.76 68.41 -26.36
CA ALA A 131 32.80 68.07 -27.35
C ALA A 131 32.18 67.56 -28.66
N HIS A 132 30.84 67.40 -28.69
CA HIS A 132 30.05 66.97 -29.85
C HIS A 132 30.44 65.55 -30.29
N VAL A 133 30.61 64.63 -29.33
CA VAL A 133 31.07 63.30 -29.68
C VAL A 133 30.02 62.27 -29.25
N ILE A 134 29.77 61.32 -30.17
CA ILE A 134 28.90 60.16 -29.97
C ILE A 134 29.74 58.89 -30.23
N VAL A 135 29.53 57.90 -29.36
CA VAL A 135 30.18 56.61 -29.46
C VAL A 135 29.11 55.56 -29.75
N MET A 136 29.22 54.90 -30.91
CA MET A 136 28.42 53.74 -31.22
C MET A 136 29.29 52.49 -31.12
N ALA A 137 28.64 51.33 -30.98
CA ALA A 137 29.33 50.09 -30.67
C ALA A 137 28.47 48.89 -31.07
N ALA A 138 29.15 47.77 -31.32
CA ALA A 138 28.55 46.57 -31.94
C ALA A 138 28.79 45.34 -31.06
N THR A 139 27.78 44.45 -31.07
CA THR A 139 27.89 43.15 -30.45
C THR A 139 26.63 42.33 -30.76
N ASN A 140 26.70 41.04 -30.42
CA ASN A 140 25.66 40.07 -30.74
C ASN A 140 24.48 40.26 -29.79
N ARG A 141 24.80 40.30 -28.50
CA ARG A 141 23.83 40.58 -27.45
C ARG A 141 24.52 41.39 -26.35
N PRO A 142 23.78 42.22 -25.58
CA PRO A 142 24.39 43.09 -24.57
C PRO A 142 24.84 42.29 -23.33
N ASN A 143 24.43 41.02 -23.27
CA ASN A 143 24.92 40.06 -22.30
C ASN A 143 26.44 39.89 -22.47
N SER A 144 26.93 40.09 -23.70
CA SER A 144 28.34 39.92 -24.10
C SER A 144 29.26 40.93 -23.38
N ILE A 145 28.83 42.20 -23.37
CA ILE A 145 29.62 43.32 -22.89
C ILE A 145 29.68 43.29 -21.36
N ASP A 146 30.79 43.83 -20.82
CA ASP A 146 30.94 44.12 -19.40
C ASP A 146 29.86 45.12 -18.96
N PRO A 147 28.96 44.74 -18.03
CA PRO A 147 27.89 45.62 -17.56
C PRO A 147 28.27 47.04 -17.12
N ALA A 148 29.50 47.22 -16.64
CA ALA A 148 30.00 48.54 -16.27
C ALA A 148 30.18 49.45 -17.49
N LEU A 149 29.85 48.95 -18.70
CA LEU A 149 29.70 49.78 -19.92
C LEU A 149 28.25 50.22 -20.11
N ARG A 150 27.30 49.45 -19.59
CA ARG A 150 25.90 49.83 -19.67
C ARG A 150 25.51 50.64 -18.42
N ARG A 151 26.51 51.23 -17.74
CA ARG A 151 26.27 52.33 -16.80
C ARG A 151 25.60 53.46 -17.56
N PHE A 152 25.03 54.41 -16.82
CA PHE A 152 24.41 55.57 -17.42
C PHE A 152 25.46 56.45 -18.08
N GLY A 153 26.64 56.55 -17.45
CA GLY A 153 27.72 57.43 -17.90
C GLY A 153 28.27 57.09 -19.27
N ARG A 154 28.00 55.86 -19.71
CA ARG A 154 28.69 55.26 -20.84
C ARG A 154 27.64 54.90 -21.90
N PHE A 155 27.41 53.61 -22.15
CA PHE A 155 26.47 53.14 -23.18
C PHE A 155 25.06 52.99 -22.59
N ASP A 156 24.35 54.13 -22.49
CA ASP A 156 23.03 54.19 -21.87
C ASP A 156 21.94 53.70 -22.84
N ARG A 157 21.97 54.17 -24.09
CA ARG A 157 20.95 53.86 -25.08
C ARG A 157 21.39 52.64 -25.91
N GLU A 158 20.44 51.73 -26.16
CA GLU A 158 20.69 50.43 -26.77
C GLU A 158 19.66 50.19 -27.88
N VAL A 159 20.13 49.76 -29.07
CA VAL A 159 19.25 49.47 -30.19
C VAL A 159 19.53 48.09 -30.76
N ASP A 160 18.43 47.39 -31.04
CA ASP A 160 18.42 46.03 -31.47
C ASP A 160 18.20 45.99 -32.99
N ILE A 161 19.19 45.48 -33.71
CA ILE A 161 19.01 45.21 -35.10
C ILE A 161 18.99 43.69 -35.25
N GLY A 162 17.80 43.10 -35.15
CA GLY A 162 17.65 41.64 -35.14
C GLY A 162 17.67 41.06 -36.54
N ILE A 163 17.06 39.88 -36.66
CA ILE A 163 16.66 39.33 -37.95
C ILE A 163 15.80 40.36 -38.67
N PRO A 164 15.95 40.49 -40.01
CA PRO A 164 14.94 41.19 -40.80
C PRO A 164 13.76 40.27 -41.18
N ASP A 165 12.57 40.87 -41.33
CA ASP A 165 11.37 40.17 -41.75
C ASP A 165 11.25 40.24 -43.29
N ALA A 166 10.20 39.58 -43.79
CA ALA A 166 9.91 39.45 -45.22
C ALA A 166 10.30 40.72 -46.00
N THR A 167 9.83 41.88 -45.53
CA THR A 167 10.01 43.14 -46.25
C THR A 167 11.49 43.51 -46.29
N GLY A 168 12.15 43.42 -45.14
CA GLY A 168 13.58 43.70 -45.04
C GLY A 168 14.38 42.77 -45.94
N ARG A 169 14.03 41.49 -45.88
CA ARG A 169 14.67 40.44 -46.69
C ARG A 169 14.49 40.81 -48.17
N LEU A 170 13.27 41.22 -48.53
CA LEU A 170 12.92 41.61 -49.89
C LEU A 170 13.79 42.81 -50.32
N GLU A 171 13.79 43.87 -49.50
CA GLU A 171 14.64 45.05 -49.72
C GLU A 171 16.09 44.63 -49.98
N ILE A 172 16.61 43.76 -49.09
CA ILE A 172 18.00 43.34 -49.16
C ILE A 172 18.25 42.58 -50.47
N LEU A 173 17.34 41.66 -50.80
CA LEU A 173 17.43 40.90 -52.04
C LEU A 173 17.44 41.85 -53.24
N GLN A 174 16.49 42.78 -53.29
CA GLN A 174 16.43 43.80 -54.35
C GLN A 174 17.78 44.54 -54.43
N ILE A 175 18.29 44.94 -53.27
CA ILE A 175 19.54 45.73 -53.17
C ILE A 175 20.74 44.91 -53.68
N HIS A 176 20.81 43.61 -53.36
CA HIS A 176 21.94 42.76 -53.80
C HIS A 176 21.75 42.27 -55.26
N THR A 177 20.51 42.32 -55.76
CA THR A 177 20.16 41.72 -57.07
C THR A 177 19.72 42.76 -58.12
N LYS A 178 19.85 44.06 -57.81
CA LYS A 178 19.61 45.08 -58.85
C LYS A 178 20.69 44.95 -59.95
N ASN A 179 21.86 44.40 -59.59
CA ASN A 179 23.02 44.28 -60.49
C ASN A 179 23.06 42.93 -61.20
N MET A 180 21.93 42.23 -61.31
CA MET A 180 21.94 40.79 -61.65
C MET A 180 21.08 40.51 -62.89
N LYS A 181 21.43 39.43 -63.62
CA LYS A 181 20.73 38.91 -64.83
C LYS A 181 19.40 38.24 -64.40
N LEU A 182 18.54 39.00 -63.70
CA LEU A 182 17.32 38.47 -63.05
C LEU A 182 16.29 38.06 -64.10
N ALA A 183 15.89 36.79 -64.11
CA ALA A 183 14.87 36.30 -65.06
C ALA A 183 13.48 36.81 -64.64
N ASP A 184 12.50 36.62 -65.54
CA ASP A 184 11.13 37.08 -65.34
C ASP A 184 10.38 36.11 -64.44
N ASP A 185 10.79 34.83 -64.46
CA ASP A 185 10.20 33.78 -63.62
C ASP A 185 10.72 33.88 -62.17
N VAL A 186 11.83 34.62 -61.96
CA VAL A 186 12.36 34.86 -60.63
C VAL A 186 11.32 35.67 -59.84
N ASP A 187 11.08 35.23 -58.61
CA ASP A 187 10.24 35.96 -57.65
C ASP A 187 11.08 36.27 -56.42
N LEU A 188 11.36 37.56 -56.18
CA LEU A 188 12.15 38.00 -55.03
C LEU A 188 11.33 37.82 -53.75
N GLU A 189 10.05 38.24 -53.80
CA GLU A 189 9.16 38.21 -52.63
C GLU A 189 8.98 36.77 -52.12
N GLN A 190 8.73 35.84 -53.05
CA GLN A 190 8.70 34.41 -52.76
C GLN A 190 9.88 34.06 -51.86
N VAL A 191 11.09 34.32 -52.36
CA VAL A 191 12.34 33.96 -51.70
C VAL A 191 12.41 34.67 -50.34
N ALA A 192 12.06 35.96 -50.31
CA ALA A 192 12.04 36.76 -49.07
C ALA A 192 11.17 36.08 -48.02
N ASN A 193 10.00 35.59 -48.44
CA ASN A 193 9.08 34.87 -47.56
C ASN A 193 9.69 33.53 -47.17
N GLU A 194 10.38 32.86 -48.10
CA GLU A 194 10.96 31.52 -47.85
C GLU A 194 12.25 31.61 -46.98
N THR A 195 12.82 32.80 -46.81
CA THR A 195 14.15 32.96 -46.19
C THR A 195 14.03 33.28 -44.70
N HIS A 196 13.46 32.36 -43.92
CA HIS A 196 13.44 32.51 -42.47
C HIS A 196 14.85 32.25 -41.94
N GLY A 197 15.23 33.03 -40.92
CA GLY A 197 16.52 32.90 -40.25
C GLY A 197 17.66 33.47 -41.07
N HIS A 198 17.38 34.01 -42.25
CA HIS A 198 18.41 34.65 -43.04
C HIS A 198 18.63 36.07 -42.53
N VAL A 199 19.87 36.55 -42.65
CA VAL A 199 20.22 37.96 -42.45
C VAL A 199 20.91 38.50 -43.72
N GLY A 200 21.18 39.81 -43.73
CA GLY A 200 21.83 40.50 -44.86
C GLY A 200 22.90 39.65 -45.53
N ALA A 201 23.78 39.10 -44.70
CA ALA A 201 24.89 38.25 -45.12
C ALA A 201 24.37 36.98 -45.82
N ASP A 202 23.48 36.24 -45.14
CA ASP A 202 22.97 34.97 -45.67
C ASP A 202 22.24 35.20 -47.00
N LEU A 203 21.56 36.34 -47.09
CA LEU A 203 20.85 36.72 -48.30
C LEU A 203 21.86 37.08 -49.40
N ALA A 204 22.87 37.87 -49.03
CA ALA A 204 23.96 38.17 -49.95
C ALA A 204 24.54 36.85 -50.52
N ALA A 205 24.92 35.94 -49.61
CA ALA A 205 25.48 34.63 -49.94
C ALA A 205 24.52 33.85 -50.84
N LEU A 206 23.23 33.89 -50.50
CA LEU A 206 22.19 33.25 -51.30
C LEU A 206 22.22 33.80 -52.73
N CYS A 207 22.05 35.13 -52.87
CA CYS A 207 22.15 35.77 -54.17
C CYS A 207 23.43 35.31 -54.89
N SER A 208 24.53 35.20 -54.13
CA SER A 208 25.82 34.83 -54.67
C SER A 208 25.80 33.40 -55.26
N GLU A 209 25.35 32.41 -54.48
CA GLU A 209 25.27 31.03 -54.98
C GLU A 209 24.26 30.95 -56.13
N ALA A 210 23.18 31.73 -56.03
CA ALA A 210 22.18 31.83 -57.11
C ALA A 210 22.87 32.28 -58.40
N ALA A 211 23.68 33.34 -58.30
CA ALA A 211 24.51 33.77 -59.42
C ALA A 211 25.38 32.59 -59.87
N LEU A 212 26.28 32.14 -58.98
CA LEU A 212 27.31 31.17 -59.37
C LEU A 212 26.69 29.95 -60.09
N GLN A 213 25.51 29.48 -59.62
CA GLN A 213 24.94 28.26 -60.20
C GLN A 213 24.23 28.57 -61.52
N ALA A 214 23.76 29.80 -61.72
CA ALA A 214 23.37 30.25 -63.05
C ALA A 214 24.63 30.23 -63.95
N ILE A 215 25.69 30.91 -63.48
CA ILE A 215 26.96 31.11 -64.23
C ILE A 215 27.60 29.74 -64.53
N ARG A 216 27.23 28.70 -63.77
CA ARG A 216 27.39 27.35 -64.30
C ARG A 216 26.40 27.21 -65.47
N VAL A 239 20.07 34.45 -64.38
CA VAL A 239 19.63 33.88 -63.11
C VAL A 239 18.13 33.57 -63.20
N THR A 240 17.81 32.27 -63.09
CA THR A 240 16.45 31.73 -63.07
C THR A 240 15.97 31.59 -61.62
N MET A 241 14.68 31.27 -61.45
CA MET A 241 14.11 30.97 -60.12
C MET A 241 14.75 29.70 -59.57
N ASP A 242 14.93 28.71 -60.46
CA ASP A 242 15.57 27.43 -60.15
C ASP A 242 16.86 27.65 -59.36
N ASP A 243 17.70 28.57 -59.85
CA ASP A 243 19.00 28.86 -59.23
C ASP A 243 18.77 29.39 -57.80
N PHE A 244 17.81 30.30 -57.64
CA PHE A 244 17.51 30.89 -56.34
C PHE A 244 17.04 29.80 -55.38
N ARG A 245 16.09 28.97 -55.84
CA ARG A 245 15.55 27.92 -55.01
C ARG A 245 16.65 26.89 -54.67
N TRP A 246 17.55 26.62 -55.62
CA TRP A 246 18.67 25.69 -55.39
C TRP A 246 19.62 26.26 -54.32
N ALA A 247 19.99 27.54 -54.50
CA ALA A 247 20.82 28.26 -53.53
C ALA A 247 20.14 28.27 -52.15
N LEU A 248 18.81 28.37 -52.13
CA LEU A 248 18.02 28.21 -50.89
C LEU A 248 18.19 26.81 -50.33
N SER A 249 18.09 25.79 -51.20
CA SER A 249 18.38 24.40 -50.82
C SER A 249 19.77 24.31 -50.18
N GLN A 250 20.74 25.07 -50.71
CA GLN A 250 22.11 24.99 -50.18
C GLN A 250 22.27 25.75 -48.86
N SER A 251 21.76 26.99 -48.75
CA SER A 251 22.20 27.93 -47.68
C SER A 251 21.86 27.41 -46.26
N ASN A 252 22.76 27.70 -45.32
CA ASN A 252 22.63 27.43 -43.90
C ASN A 252 22.62 28.74 -43.12
N PRO A 253 21.46 29.41 -43.03
CA PRO A 253 21.36 30.69 -42.33
C PRO A 253 21.91 30.66 -40.90
N SER A 254 22.34 31.83 -40.40
CA SER A 254 22.93 31.97 -39.06
C SER A 254 21.84 32.12 -38.00
N ALA A 255 20.77 32.86 -38.32
CA ALA A 255 19.81 33.28 -37.31
C ALA A 255 18.58 32.36 -37.26
N LEU A 256 18.74 31.10 -37.67
CA LEU A 256 17.72 30.08 -37.41
C LEU A 256 17.41 30.10 -35.90
N ARG A 257 18.48 30.21 -35.10
CA ARG A 257 18.46 29.96 -33.66
C ARG A 257 17.98 31.20 -32.88
N GLU A 258 17.90 32.36 -33.55
CA GLU A 258 17.59 33.62 -32.87
C GLU A 258 16.07 33.84 -32.83
N THR A 259 15.58 34.33 -31.69
CA THR A 259 14.14 34.48 -31.39
C THR A 259 13.56 35.61 -32.25
N VAL A 260 12.73 35.22 -33.22
CA VAL A 260 12.21 36.14 -34.23
C VAL A 260 11.10 36.99 -33.61
N VAL A 261 11.28 38.31 -33.66
CA VAL A 261 10.26 39.28 -33.29
C VAL A 261 9.77 39.95 -34.57
N GLU A 262 8.47 39.84 -34.83
CA GLU A 262 7.83 40.59 -35.90
C GLU A 262 6.32 40.61 -35.61
N VAL A 263 5.64 41.63 -36.15
CA VAL A 263 4.20 41.64 -36.15
C VAL A 263 3.75 40.57 -37.13
N PRO A 264 2.88 39.63 -36.71
CA PRO A 264 2.42 38.56 -37.59
C PRO A 264 1.33 39.11 -38.51
N GLN A 265 1.17 38.46 -39.67
CA GLN A 265 0.19 38.88 -40.65
C GLN A 265 -0.92 37.82 -40.73
N VAL A 266 -1.49 37.50 -39.57
CA VAL A 266 -2.74 36.76 -39.50
C VAL A 266 -3.82 37.75 -39.03
N THR A 267 -4.81 37.99 -39.89
CA THR A 267 -5.92 38.89 -39.58
C THR A 267 -6.83 38.20 -38.57
N TRP A 268 -7.74 38.96 -37.97
CA TRP A 268 -8.79 38.35 -37.19
C TRP A 268 -9.72 37.56 -38.13
N GLU A 269 -10.00 38.12 -39.31
CA GLU A 269 -10.97 37.53 -40.25
C GLU A 269 -10.37 36.33 -40.98
N ASP A 270 -9.06 36.08 -40.81
CA ASP A 270 -8.45 34.80 -41.18
C ASP A 270 -8.96 33.72 -40.21
N ILE A 271 -9.11 34.10 -38.94
CA ILE A 271 -9.69 33.27 -37.89
C ILE A 271 -11.19 33.52 -37.84
N GLY A 272 -11.92 32.88 -38.77
CA GLY A 272 -13.37 32.89 -38.76
C GLY A 272 -13.90 32.30 -37.45
N GLY A 273 -15.02 32.85 -36.95
CA GLY A 273 -15.64 32.38 -35.70
C GLY A 273 -14.74 32.61 -34.51
N LEU A 274 -14.98 31.83 -33.45
CA LEU A 274 -14.29 32.07 -32.17
C LEU A 274 -14.36 33.57 -31.85
N GLU A 275 -15.58 34.04 -31.57
CA GLU A 275 -15.92 35.45 -31.56
C GLU A 275 -15.74 36.01 -30.15
N ASP A 276 -16.43 35.37 -29.21
CA ASP A 276 -16.31 35.67 -27.80
C ASP A 276 -14.83 35.90 -27.44
N VAL A 277 -13.93 35.02 -27.91
CA VAL A 277 -12.49 35.11 -27.56
C VAL A 277 -11.91 36.36 -28.26
N LYS A 278 -12.29 36.60 -29.52
CA LYS A 278 -11.94 37.83 -30.22
C LYS A 278 -12.23 39.02 -29.32
N ARG A 279 -13.49 39.14 -28.90
CA ARG A 279 -13.94 40.34 -28.18
C ARG A 279 -13.28 40.40 -26.80
N GLU A 280 -13.19 39.26 -26.11
CA GLU A 280 -12.48 39.19 -24.84
C GLU A 280 -11.07 39.74 -25.01
N LEU A 281 -10.28 39.12 -25.90
CA LEU A 281 -8.90 39.52 -26.20
C LEU A 281 -8.83 41.01 -26.58
N GLN A 282 -9.82 41.49 -27.34
CA GLN A 282 -9.88 42.89 -27.71
C GLN A 282 -10.01 43.74 -26.42
N GLU A 283 -10.94 43.36 -25.53
CA GLU A 283 -11.19 44.09 -24.26
C GLU A 283 -9.97 44.02 -23.33
N LEU A 284 -9.24 42.90 -23.40
CA LEU A 284 -8.05 42.67 -22.55
C LEU A 284 -6.90 43.53 -23.07
N VAL A 285 -6.59 43.38 -24.37
CA VAL A 285 -5.26 43.74 -25.00
C VAL A 285 -5.39 44.86 -26.05
N GLN A 286 -6.52 44.93 -26.76
CA GLN A 286 -6.73 45.93 -27.83
C GLN A 286 -7.18 47.28 -27.25
N TYR A 287 -8.22 47.27 -26.40
CA TYR A 287 -8.81 48.51 -25.89
C TYR A 287 -7.76 49.38 -25.21
N PRO A 288 -6.80 48.86 -24.40
CA PRO A 288 -5.82 49.71 -23.73
C PRO A 288 -4.63 50.21 -24.58
N VAL A 289 -4.41 49.65 -25.77
CA VAL A 289 -3.44 50.24 -26.67
C VAL A 289 -4.17 51.13 -27.69
N GLU A 290 -5.45 50.83 -28.01
CA GLU A 290 -6.15 51.52 -29.10
C GLU A 290 -7.05 52.66 -28.58
N HIS A 291 -7.45 52.63 -27.31
CA HIS A 291 -8.27 53.69 -26.73
C HIS A 291 -7.78 54.05 -25.34
N PRO A 292 -6.45 54.20 -25.11
CA PRO A 292 -5.91 54.33 -23.76
C PRO A 292 -6.58 55.47 -22.97
N ASP A 293 -6.91 56.55 -23.68
CA ASP A 293 -7.71 57.65 -23.18
C ASP A 293 -8.76 57.14 -22.20
N LYS A 294 -9.53 56.14 -22.64
CA LYS A 294 -10.56 55.51 -21.83
C LYS A 294 -9.96 54.90 -20.54
N PHE A 295 -8.99 53.99 -20.67
CA PHE A 295 -8.44 53.26 -19.50
C PHE A 295 -7.91 54.27 -18.48
N LEU A 296 -7.23 55.30 -19.00
CA LEU A 296 -6.76 56.43 -18.21
C LEU A 296 -7.96 57.12 -17.55
N LYS A 297 -9.06 57.25 -18.31
CA LYS A 297 -10.26 58.03 -17.88
C LYS A 297 -11.00 57.31 -16.75
N PHE A 298 -11.43 56.08 -16.98
CA PHE A 298 -12.06 55.28 -15.94
C PHE A 298 -11.08 54.97 -14.81
N GLY A 299 -9.78 54.92 -15.14
CA GLY A 299 -8.72 54.83 -14.15
C GLY A 299 -8.19 53.42 -13.96
N MET A 300 -9.07 52.42 -14.08
CA MET A 300 -8.66 51.03 -14.02
C MET A 300 -7.55 50.79 -15.06
N THR A 301 -6.59 49.95 -14.67
CA THR A 301 -5.36 49.67 -15.44
C THR A 301 -5.44 48.24 -15.97
N PRO A 302 -4.77 47.90 -17.10
CA PRO A 302 -5.21 46.76 -17.93
C PRO A 302 -4.80 45.42 -17.32
N SER A 303 -5.24 44.31 -17.94
CA SER A 303 -4.74 42.99 -17.56
C SER A 303 -3.25 42.94 -17.89
N LYS A 304 -2.46 42.32 -17.00
CA LYS A 304 -1.07 42.08 -17.32
C LYS A 304 -1.01 41.06 -18.47
N GLY A 305 -1.81 39.99 -18.34
CA GLY A 305 -1.85 38.96 -19.35
C GLY A 305 -2.96 37.93 -19.15
N VAL A 306 -2.83 36.88 -19.97
CA VAL A 306 -3.90 36.00 -20.35
C VAL A 306 -3.46 34.56 -20.10
N LEU A 307 -4.40 33.62 -20.17
CA LEU A 307 -4.03 32.24 -20.31
C LEU A 307 -5.00 31.53 -21.26
N PHE A 308 -4.42 31.01 -22.35
CA PHE A 308 -5.11 30.18 -23.30
C PHE A 308 -5.00 28.72 -22.85
N TYR A 309 -6.14 28.13 -22.49
CA TYR A 309 -6.19 26.71 -22.27
C TYR A 309 -7.30 26.13 -23.14
N GLY A 310 -7.22 24.81 -23.31
CA GLY A 310 -8.19 24.06 -24.06
C GLY A 310 -7.54 22.84 -24.72
N PRO A 311 -8.15 22.29 -25.79
CA PRO A 311 -7.66 21.05 -26.39
C PRO A 311 -6.51 21.39 -27.33
N PRO A 312 -5.58 20.42 -27.55
CA PRO A 312 -4.32 20.65 -28.26
C PRO A 312 -4.47 20.95 -29.76
N GLY A 313 -5.59 20.53 -30.34
CA GLY A 313 -5.90 20.82 -31.72
C GLY A 313 -6.63 22.14 -31.88
N CYS A 314 -5.86 23.23 -31.90
CA CYS A 314 -6.37 24.56 -32.14
C CYS A 314 -5.20 25.53 -32.39
N GLY A 315 -5.55 26.76 -32.77
CA GLY A 315 -4.55 27.76 -33.08
C GLY A 315 -4.42 28.76 -31.95
N LYS A 316 -4.04 28.24 -30.78
CA LYS A 316 -3.82 29.07 -29.62
C LYS A 316 -2.74 30.12 -29.99
N THR A 317 -1.69 29.67 -30.68
CA THR A 317 -0.66 30.51 -31.29
C THR A 317 -1.29 31.58 -32.18
N LEU A 318 -2.16 31.13 -33.07
CA LEU A 318 -2.68 31.94 -34.14
C LEU A 318 -3.61 33.02 -33.59
N LEU A 319 -4.34 32.71 -32.51
CA LEU A 319 -5.20 33.73 -31.86
C LEU A 319 -4.32 34.84 -31.30
N ALA A 320 -3.30 34.40 -30.57
CA ALA A 320 -2.34 35.30 -29.96
C ALA A 320 -1.70 36.17 -31.05
N LYS A 321 -1.30 35.55 -32.16
CA LYS A 321 -0.81 36.29 -33.30
C LYS A 321 -1.88 37.30 -33.72
N ALA A 322 -3.11 36.80 -33.95
CA ALA A 322 -4.23 37.56 -34.52
C ALA A 322 -4.53 38.82 -33.70
N ILE A 323 -4.42 38.71 -32.37
CA ILE A 323 -4.63 39.91 -31.53
C ILE A 323 -3.44 40.88 -31.66
N ALA A 324 -2.22 40.35 -31.80
CA ALA A 324 -1.04 41.21 -32.04
C ALA A 324 -1.16 41.95 -33.38
N ASN A 325 -1.50 41.20 -34.43
CA ASN A 325 -1.80 41.68 -35.76
C ASN A 325 -2.91 42.76 -35.68
N GLU A 326 -4.00 42.44 -34.96
CA GLU A 326 -5.11 43.37 -34.72
C GLU A 326 -4.64 44.64 -33.99
N CYS A 327 -3.68 44.52 -33.07
CA CYS A 327 -3.16 45.71 -32.36
C CYS A 327 -1.91 46.29 -33.03
N GLN A 328 -1.57 45.78 -34.22
CA GLN A 328 -0.27 46.04 -34.90
C GLN A 328 0.87 46.16 -33.88
N ALA A 329 0.98 45.13 -33.02
CA ALA A 329 2.04 44.97 -32.05
C ALA A 329 2.87 43.74 -32.43
N ASN A 330 4.07 43.64 -31.86
CA ASN A 330 4.99 42.55 -32.13
C ASN A 330 4.51 41.26 -31.47
N PHE A 331 5.23 40.17 -31.76
CA PHE A 331 4.88 38.86 -31.28
C PHE A 331 6.16 38.08 -30.97
N ILE A 332 6.18 37.31 -29.88
CA ILE A 332 7.33 36.45 -29.58
C ILE A 332 6.84 35.10 -29.04
N SER A 333 7.15 34.03 -29.77
CA SER A 333 6.85 32.65 -29.33
C SER A 333 8.03 32.07 -28.53
N ILE A 334 7.78 31.73 -27.26
CA ILE A 334 8.64 30.80 -26.57
C ILE A 334 7.95 29.43 -26.64
N LYS A 335 8.38 28.65 -27.64
CA LYS A 335 8.14 27.23 -27.67
C LYS A 335 8.58 26.68 -26.29
N GLY A 336 7.84 25.70 -25.76
CA GLY A 336 8.13 25.06 -24.46
C GLY A 336 9.50 24.36 -24.41
N PRO A 337 9.97 23.72 -25.50
CA PRO A 337 11.35 23.24 -25.59
C PRO A 337 12.47 24.24 -25.28
N GLU A 338 12.19 25.54 -25.43
CA GLU A 338 13.01 26.60 -24.89
C GLU A 338 12.94 26.54 -23.34
N LEU A 339 11.72 26.49 -22.82
CA LEU A 339 11.50 26.40 -21.40
C LEU A 339 12.23 25.15 -20.86
N LEU A 340 11.95 23.98 -21.44
CA LEU A 340 12.55 22.71 -21.00
C LEU A 340 14.07 22.84 -21.00
N THR A 341 14.62 23.34 -22.11
CA THR A 341 16.06 23.55 -22.22
C THR A 341 16.56 24.39 -21.04
N MET A 342 15.80 25.42 -20.65
CA MET A 342 16.19 26.27 -19.52
C MET A 342 16.12 25.46 -18.23
N TRP A 343 15.00 24.81 -17.96
CA TRP A 343 14.88 24.08 -16.68
C TRP A 343 16.00 23.04 -16.57
N PHE A 344 16.02 22.09 -17.51
CA PHE A 344 16.97 20.98 -17.49
C PHE A 344 18.43 21.47 -17.43
N GLY A 345 18.70 22.69 -17.92
CA GLY A 345 20.06 23.31 -17.88
C GLY A 345 20.25 24.24 -16.69
N GLU A 346 19.13 24.65 -16.09
CA GLU A 346 19.05 25.65 -15.03
C GLU A 346 19.68 26.95 -15.53
N SER A 347 19.19 27.40 -16.68
CA SER A 347 19.50 28.71 -17.22
C SER A 347 18.24 29.57 -17.17
N GLU A 348 17.75 29.80 -15.95
CA GLU A 348 16.57 30.64 -15.72
C GLU A 348 16.95 32.10 -15.99
N ALA A 349 18.23 32.43 -15.78
CA ALA A 349 18.78 33.71 -16.21
C ALA A 349 18.02 34.20 -17.44
N ASN A 350 18.03 33.38 -18.51
CA ASN A 350 17.61 33.78 -19.85
C ASN A 350 16.15 34.25 -19.92
N VAL A 351 15.34 33.96 -18.89
CA VAL A 351 14.00 34.52 -18.86
C VAL A 351 14.13 36.05 -18.84
N ARG A 352 14.96 36.54 -17.91
CA ARG A 352 15.25 37.97 -17.76
C ARG A 352 15.57 38.58 -19.14
N GLU A 353 16.42 37.88 -19.89
CA GLU A 353 16.85 38.27 -21.22
C GLU A 353 15.64 38.29 -22.18
N ILE A 354 14.79 37.25 -22.12
CA ILE A 354 13.57 37.20 -22.94
C ILE A 354 12.71 38.44 -22.66
N PHE A 355 12.38 38.66 -21.39
CA PHE A 355 11.54 39.79 -21.04
C PHE A 355 12.20 41.11 -21.44
N ASP A 356 13.51 41.23 -21.24
CA ASP A 356 14.23 42.40 -21.72
C ASP A 356 13.95 42.55 -23.23
N LYS A 357 14.08 41.45 -23.98
CA LYS A 357 13.92 41.44 -25.44
C LYS A 357 12.48 41.83 -25.83
N ALA A 358 11.49 41.41 -25.05
CA ALA A 358 10.10 41.81 -25.31
C ALA A 358 9.93 43.30 -25.01
N ARG A 359 10.31 43.67 -23.78
CA ARG A 359 10.26 45.03 -23.25
C ARG A 359 10.84 46.01 -24.29
N GLN A 360 12.03 45.66 -24.81
CA GLN A 360 12.72 46.51 -25.79
C GLN A 360 11.93 46.56 -27.09
N ALA A 361 11.30 45.45 -27.48
CA ALA A 361 10.53 45.40 -28.71
C ALA A 361 9.04 45.68 -28.45
N ALA A 362 8.73 46.54 -27.46
CA ALA A 362 7.33 46.94 -27.18
C ALA A 362 6.74 47.58 -28.43
N PRO A 363 5.42 47.84 -28.41
CA PRO A 363 4.47 46.86 -27.87
C PRO A 363 4.44 45.52 -28.60
N CYS A 364 4.05 44.49 -27.86
CA CYS A 364 4.44 43.12 -28.16
C CYS A 364 3.56 42.15 -27.36
N VAL A 365 3.27 40.97 -27.93
CA VAL A 365 2.76 39.88 -27.10
C VAL A 365 3.85 38.81 -26.98
N LEU A 366 4.23 38.60 -25.71
CA LEU A 366 5.08 37.54 -25.28
C LEU A 366 4.19 36.32 -25.05
N PHE A 367 4.34 35.37 -25.97
CA PHE A 367 3.54 34.20 -26.01
C PHE A 367 4.38 33.02 -25.53
N PHE A 368 3.98 32.48 -24.38
CA PHE A 368 4.54 31.25 -23.90
C PHE A 368 3.66 30.10 -24.40
N ASP A 369 4.31 29.18 -25.11
CA ASP A 369 3.65 27.98 -25.46
C ASP A 369 3.93 26.95 -24.37
N GLU A 370 2.96 26.05 -24.15
CA GLU A 370 3.15 24.96 -23.23
C GLU A 370 3.73 25.53 -21.93
N LEU A 371 3.01 26.45 -21.28
CA LEU A 371 3.55 27.03 -20.04
C LEU A 371 3.70 25.92 -18.98
N ASP A 372 2.91 24.85 -19.18
CA ASP A 372 2.87 23.71 -18.29
C ASP A 372 4.15 22.85 -18.38
N SER A 373 5.06 23.10 -19.32
CA SER A 373 6.19 22.18 -19.64
C SER A 373 7.10 21.93 -18.44
N ILE A 374 7.57 23.02 -17.84
CA ILE A 374 8.46 22.92 -16.71
C ILE A 374 7.75 22.08 -15.64
N ALA A 375 6.63 22.64 -15.16
CA ALA A 375 5.77 21.97 -14.20
C ALA A 375 5.36 20.56 -14.71
N LYS A 376 5.02 20.41 -15.99
CA LYS A 376 4.54 19.11 -16.49
C LYS A 376 5.64 18.06 -16.33
N ALA A 377 6.81 18.36 -16.88
CA ALA A 377 7.73 17.32 -17.28
C ALA A 377 8.13 16.45 -16.08
N ARG A 378 8.21 17.03 -14.88
CA ARG A 378 8.34 16.21 -13.68
C ARG A 378 7.25 15.12 -13.69
N ALA A 388 15.88 24.16 -10.79
CA ALA A 388 15.34 25.49 -10.61
C ALA A 388 14.11 25.73 -11.50
N ALA A 389 13.02 25.01 -11.21
CA ALA A 389 11.91 24.72 -12.18
C ALA A 389 10.69 25.61 -11.93
N ASP A 390 9.94 25.31 -10.85
CA ASP A 390 8.98 26.26 -10.40
C ASP A 390 9.71 27.61 -10.46
N ARG A 391 11.07 27.59 -10.38
CA ARG A 391 11.93 28.79 -10.56
C ARG A 391 11.92 29.29 -12.01
N VAL A 392 12.10 28.44 -13.02
CA VAL A 392 11.93 28.92 -14.39
C VAL A 392 10.53 29.54 -14.51
N ILE A 393 9.48 28.77 -14.16
CA ILE A 393 8.12 29.39 -14.14
C ILE A 393 8.18 30.64 -13.23
N ASN A 394 8.94 30.57 -12.12
CA ASN A 394 9.06 31.63 -11.06
C ASN A 394 9.86 32.83 -11.60
N GLN A 395 10.87 32.60 -12.43
CA GLN A 395 11.56 33.73 -12.96
C GLN A 395 10.55 34.52 -13.79
N ILE A 396 9.76 33.81 -14.59
CA ILE A 396 8.66 34.42 -15.34
C ILE A 396 7.77 35.20 -14.37
N LEU A 397 7.55 34.68 -13.15
CA LEU A 397 6.79 35.42 -12.13
C LEU A 397 7.52 36.74 -11.83
N THR A 398 8.74 36.64 -11.28
CA THR A 398 9.49 37.79 -10.80
C THR A 398 9.55 38.84 -11.94
N GLU A 399 9.63 38.37 -13.18
CA GLU A 399 9.70 39.24 -14.34
C GLU A 399 8.36 39.90 -14.65
N MET A 400 7.25 39.15 -14.52
CA MET A 400 5.91 39.73 -14.66
C MET A 400 5.66 40.76 -13.55
N ASP A 401 6.08 40.44 -12.32
CA ASP A 401 5.98 41.33 -11.17
C ASP A 401 6.78 42.61 -11.44
N GLY A 402 8.04 42.44 -11.85
CA GLY A 402 8.99 43.55 -12.04
C GLY A 402 8.81 44.33 -13.33
N MET A 403 8.15 43.75 -14.33
CA MET A 403 7.88 44.46 -15.57
C MET A 403 6.91 45.60 -15.28
N SER A 404 7.19 46.77 -15.86
CA SER A 404 6.34 47.93 -15.69
C SER A 404 5.00 47.72 -16.40
N THR A 405 3.93 47.90 -15.64
CA THR A 405 2.54 47.81 -16.09
C THR A 405 2.30 48.61 -17.38
N LYS A 406 2.94 49.78 -17.48
CA LYS A 406 2.60 50.81 -18.45
C LYS A 406 3.13 50.41 -19.84
N LYS A 407 4.41 50.04 -19.92
CA LYS A 407 4.95 49.38 -21.10
C LYS A 407 3.88 48.46 -21.67
N ASN A 408 3.46 48.67 -22.92
CA ASN A 408 2.39 47.85 -23.46
C ASN A 408 2.99 46.58 -24.07
N VAL A 409 3.23 45.59 -23.20
CA VAL A 409 3.70 44.25 -23.56
C VAL A 409 2.76 43.24 -22.89
N PHE A 410 1.94 42.54 -23.70
CA PHE A 410 1.04 41.51 -23.16
C PHE A 410 1.71 40.15 -23.15
N ILE A 411 1.11 39.21 -22.45
CA ILE A 411 1.85 38.02 -22.09
C ILE A 411 0.91 36.82 -21.97
N ILE A 412 0.79 36.08 -23.07
CA ILE A 412 -0.23 35.06 -23.22
C ILE A 412 0.42 33.70 -22.95
N GLY A 413 -0.26 32.94 -22.08
CA GLY A 413 0.20 31.67 -21.54
C GLY A 413 -0.66 30.52 -22.03
N ALA A 414 -0.08 29.74 -22.96
CA ALA A 414 -0.78 28.62 -23.57
C ALA A 414 -0.62 27.34 -22.73
N THR A 415 -1.63 26.48 -22.81
CA THR A 415 -1.55 25.14 -22.25
C THR A 415 -2.58 24.21 -22.90
N ASN A 416 -2.78 23.08 -22.23
CA ASN A 416 -3.96 22.28 -22.40
C ASN A 416 -4.32 21.68 -21.03
N ARG A 417 -3.69 22.21 -19.97
CA ARG A 417 -3.76 21.60 -18.67
C ARG A 417 -3.80 22.71 -17.64
N PRO A 418 -4.88 23.50 -17.55
CA PRO A 418 -4.94 24.55 -16.53
C PRO A 418 -4.58 23.91 -15.17
N ASP A 419 -4.88 22.61 -15.07
CA ASP A 419 -4.75 21.78 -13.87
C ASP A 419 -3.29 21.71 -13.38
N ILE A 420 -2.30 22.00 -14.24
CA ILE A 420 -0.91 21.74 -13.87
C ILE A 420 -0.10 23.03 -13.71
N ILE A 421 -0.69 24.16 -14.08
CA ILE A 421 0.06 25.37 -14.04
C ILE A 421 0.14 25.84 -12.60
N ASP A 422 1.36 26.10 -12.14
CA ASP A 422 1.63 26.72 -10.83
C ASP A 422 0.60 27.84 -10.62
N PRO A 423 -0.40 27.68 -9.72
CA PRO A 423 -1.57 28.56 -9.73
C PRO A 423 -1.21 30.00 -9.35
N ALA A 424 -0.01 30.18 -8.79
CA ALA A 424 0.56 31.50 -8.56
C ALA A 424 0.57 32.32 -9.85
N ILE A 425 0.74 31.66 -10.99
CA ILE A 425 0.71 32.29 -12.30
C ILE A 425 -0.70 32.82 -12.60
N LEU A 426 -1.71 32.16 -12.03
CA LEU A 426 -3.10 32.54 -12.26
C LEU A 426 -3.62 33.47 -11.15
N ARG A 427 -2.70 33.97 -10.32
CA ARG A 427 -2.94 34.99 -9.30
C ARG A 427 -3.13 36.33 -10.01
N PRO A 428 -4.05 37.22 -9.58
CA PRO A 428 -4.22 38.50 -10.27
C PRO A 428 -2.88 39.25 -10.38
N GLY A 429 -2.74 40.04 -11.44
CA GLY A 429 -1.53 40.82 -11.71
C GLY A 429 -0.47 39.99 -12.42
N ARG A 430 -0.89 38.81 -12.86
CA ARG A 430 -0.08 37.87 -13.62
C ARG A 430 -0.96 37.40 -14.79
N LEU A 431 -1.29 36.12 -14.85
CA LEU A 431 -2.22 35.66 -15.83
C LEU A 431 -3.59 35.66 -15.16
N ASP A 432 -4.09 36.90 -15.04
CA ASP A 432 -5.34 37.20 -14.46
C ASP A 432 -6.41 36.41 -15.23
N GLN A 433 -6.57 36.78 -16.49
CA GLN A 433 -7.67 36.34 -17.32
C GLN A 433 -7.37 34.93 -17.86
N LEU A 434 -8.29 33.99 -17.60
CA LEU A 434 -8.31 32.69 -18.22
C LEU A 434 -9.27 32.73 -19.42
N ILE A 435 -8.90 32.06 -20.51
CA ILE A 435 -9.78 31.93 -21.66
C ILE A 435 -9.76 30.49 -22.14
N TYR A 436 -10.95 29.87 -22.20
CA TYR A 436 -11.09 28.58 -22.82
C TYR A 436 -11.14 28.79 -24.34
N ILE A 437 -10.02 28.45 -24.99
CA ILE A 437 -9.93 28.40 -26.44
C ILE A 437 -10.35 27.00 -26.84
N PRO A 438 -11.63 26.84 -27.23
CA PRO A 438 -12.23 25.52 -27.41
C PRO A 438 -12.03 25.04 -28.85
N LEU A 439 -12.68 23.94 -29.17
CA LEU A 439 -12.65 23.37 -30.48
C LEU A 439 -13.24 24.33 -31.49
N PRO A 440 -12.75 24.26 -32.75
CA PRO A 440 -13.19 25.18 -33.79
C PRO A 440 -14.68 25.02 -34.13
N ASP A 441 -15.34 26.16 -34.40
CA ASP A 441 -16.71 26.25 -34.90
C ASP A 441 -16.70 26.06 -36.41
N GLU A 442 -17.89 25.95 -37.00
CA GLU A 442 -18.05 25.55 -38.39
C GLU A 442 -17.36 26.60 -39.27
N LYS A 443 -17.57 27.88 -38.91
CA LYS A 443 -16.95 28.99 -39.61
C LYS A 443 -15.44 28.82 -39.56
N SER A 444 -14.97 28.43 -38.38
CA SER A 444 -13.54 28.24 -38.10
C SER A 444 -13.01 26.96 -38.76
N ARG A 445 -13.81 25.88 -38.76
CA ARG A 445 -13.45 24.64 -39.48
C ARG A 445 -13.20 25.00 -40.95
N VAL A 446 -14.18 25.69 -41.54
CA VAL A 446 -14.06 26.18 -42.88
C VAL A 446 -12.77 26.98 -42.98
N ALA A 447 -12.61 27.99 -42.11
CA ALA A 447 -11.41 28.83 -42.08
C ALA A 447 -10.15 27.96 -42.16
N ILE A 448 -10.10 26.86 -41.41
CA ILE A 448 -8.89 26.04 -41.27
C ILE A 448 -8.71 25.14 -42.50
N LEU A 449 -9.80 24.60 -43.03
CA LEU A 449 -9.71 23.91 -44.30
C LEU A 449 -9.09 24.88 -45.30
N LYS A 450 -9.66 26.10 -45.36
CA LYS A 450 -9.19 27.16 -46.25
C LYS A 450 -7.69 27.42 -46.04
N ALA A 451 -7.27 27.58 -44.78
CA ALA A 451 -5.88 27.85 -44.47
C ALA A 451 -5.00 26.70 -44.93
N ASN A 452 -5.41 25.45 -44.61
CA ASN A 452 -4.65 24.23 -44.91
C ASN A 452 -4.58 24.00 -46.44
N LEU A 453 -5.56 24.53 -47.17
CA LEU A 453 -5.60 24.36 -48.62
C LEU A 453 -5.29 25.66 -49.36
N ARG A 454 -4.81 26.71 -48.67
CA ARG A 454 -4.71 28.05 -49.26
C ARG A 454 -4.06 27.95 -50.64
N LYS A 455 -2.76 27.60 -50.67
CA LYS A 455 -2.07 27.34 -51.91
C LYS A 455 -2.25 25.85 -52.25
N SER A 456 -3.23 25.57 -53.11
CA SER A 456 -3.52 24.24 -53.59
C SER A 456 -4.55 24.31 -54.72
N PRO A 457 -4.57 23.28 -55.61
CA PRO A 457 -5.61 23.13 -56.61
C PRO A 457 -6.86 22.40 -56.08
N VAL A 458 -7.97 23.12 -56.04
CA VAL A 458 -9.19 22.72 -55.34
C VAL A 458 -10.42 23.03 -56.22
N ALA A 459 -10.94 22.02 -56.93
CA ALA A 459 -12.10 22.25 -57.82
C ALA A 459 -13.34 22.53 -56.96
N LYS A 460 -14.27 23.32 -57.52
CA LYS A 460 -15.33 23.91 -56.71
C LYS A 460 -16.30 22.86 -56.19
N ASP A 461 -16.25 21.63 -56.72
CA ASP A 461 -17.05 20.52 -56.20
C ASP A 461 -16.40 19.92 -54.94
N VAL A 462 -15.41 20.63 -54.36
CA VAL A 462 -15.10 20.49 -52.93
C VAL A 462 -15.84 21.60 -52.18
N ASP A 463 -17.08 21.28 -51.77
CA ASP A 463 -17.78 22.09 -50.81
C ASP A 463 -17.16 21.79 -49.45
N LEU A 464 -16.96 22.86 -48.67
CA LEU A 464 -16.20 22.78 -47.44
C LEU A 464 -17.13 22.72 -46.23
N GLU A 465 -18.43 22.79 -46.49
CA GLU A 465 -19.40 22.79 -45.43
C GLU A 465 -19.96 21.38 -45.24
N PHE A 466 -20.12 20.62 -46.35
CA PHE A 466 -20.15 19.14 -46.29
C PHE A 466 -19.07 18.71 -45.28
N LEU A 467 -17.87 19.32 -45.38
CA LEU A 467 -16.69 19.05 -44.48
C LEU A 467 -16.86 19.69 -43.09
N ALA A 468 -17.50 20.86 -43.02
CA ALA A 468 -17.85 21.50 -41.74
C ALA A 468 -18.72 20.58 -40.88
N LYS A 469 -19.81 20.08 -41.47
CA LYS A 469 -20.80 19.31 -40.74
C LYS A 469 -20.23 17.96 -40.27
N MET A 470 -19.54 17.28 -41.17
CA MET A 470 -19.06 15.95 -40.90
C MET A 470 -18.02 15.98 -39.77
N THR A 471 -17.36 17.14 -39.59
CA THR A 471 -16.22 17.23 -38.70
C THR A 471 -16.60 17.96 -37.40
N ASN A 472 -17.81 17.75 -36.91
CA ASN A 472 -18.19 18.21 -35.61
C ASN A 472 -17.41 17.42 -34.56
N GLY A 473 -16.74 18.14 -33.64
CA GLY A 473 -15.93 17.56 -32.53
C GLY A 473 -14.46 17.36 -32.92
N PHE A 474 -14.11 17.80 -34.12
CA PHE A 474 -12.79 17.68 -34.66
C PHE A 474 -11.95 18.87 -34.23
N SER A 475 -10.68 18.57 -34.00
CA SER A 475 -9.67 19.58 -33.81
C SER A 475 -9.12 19.98 -35.18
N GLY A 476 -8.59 21.21 -35.25
CA GLY A 476 -7.82 21.66 -36.37
C GLY A 476 -6.96 20.53 -36.92
N ALA A 477 -6.22 19.87 -36.04
CA ALA A 477 -5.26 18.84 -36.40
C ALA A 477 -5.89 17.80 -37.34
N ASP A 478 -7.15 17.44 -37.09
CA ASP A 478 -7.83 16.42 -37.86
C ASP A 478 -8.22 16.97 -39.23
N LEU A 479 -8.63 18.24 -39.27
CA LEU A 479 -8.97 18.87 -40.53
C LEU A 479 -7.70 18.85 -41.39
N THR A 480 -6.62 19.27 -40.72
CA THR A 480 -5.32 19.33 -41.28
C THR A 480 -4.94 17.97 -41.86
N GLU A 481 -4.96 16.92 -41.03
CA GLU A 481 -4.50 15.61 -41.53
C GLU A 481 -5.49 15.11 -42.61
N ILE A 482 -6.78 15.49 -42.55
CA ILE A 482 -7.71 15.20 -43.69
C ILE A 482 -7.09 15.82 -44.96
N CYS A 483 -6.89 17.14 -44.93
CA CYS A 483 -6.35 17.88 -46.07
C CYS A 483 -5.04 17.26 -46.57
N GLN A 484 -4.13 16.96 -45.64
CA GLN A 484 -2.81 16.42 -46.00
C GLN A 484 -3.00 15.04 -46.63
N ARG A 485 -3.84 14.18 -46.05
CA ARG A 485 -4.08 12.84 -46.60
C ARG A 485 -4.63 12.99 -48.02
N ALA A 486 -5.63 13.86 -48.17
CA ALA A 486 -6.15 14.17 -49.52
C ALA A 486 -4.97 14.53 -50.44
N CYS A 487 -4.21 15.55 -50.04
CA CYS A 487 -3.14 16.07 -50.89
C CYS A 487 -2.16 14.96 -51.27
N LYS A 488 -1.85 14.07 -50.33
CA LYS A 488 -0.93 12.96 -50.61
C LYS A 488 -1.60 11.96 -51.57
N LEU A 489 -2.91 11.72 -51.42
CA LEU A 489 -3.65 10.86 -52.40
C LEU A 489 -3.53 11.49 -53.80
N ALA A 490 -3.70 12.82 -53.86
CA ALA A 490 -3.59 13.57 -55.12
C ALA A 490 -2.17 13.44 -55.71
N ILE A 491 -1.15 13.77 -54.94
CA ILE A 491 0.22 13.62 -55.41
C ILE A 491 0.47 12.19 -55.90
N ARG A 492 0.13 11.21 -55.05
CA ARG A 492 0.26 9.78 -55.37
C ARG A 492 -0.36 9.50 -56.75
N GLU A 493 -1.67 9.74 -56.86
CA GLU A 493 -2.40 9.50 -58.13
C GLU A 493 -1.67 10.20 -59.29
N SER A 494 -1.27 11.45 -59.05
CA SER A 494 -0.58 12.27 -60.05
C SER A 494 0.70 11.60 -60.54
N ILE A 495 1.70 11.43 -59.66
CA ILE A 495 3.01 10.96 -60.14
C ILE A 495 2.94 9.46 -60.51
N GLU A 496 2.04 8.69 -59.88
CA GLU A 496 1.83 7.29 -60.28
C GLU A 496 1.34 7.24 -61.74
N SER A 497 0.35 8.10 -62.04
CA SER A 497 -0.18 8.24 -63.38
C SER A 497 0.91 8.77 -64.35
N GLU A 498 1.72 9.74 -63.91
CA GLU A 498 2.79 10.29 -64.76
C GLU A 498 3.82 9.20 -65.09
N ILE A 499 4.23 8.41 -64.10
CA ILE A 499 5.20 7.29 -64.29
C ILE A 499 4.55 6.21 -65.18
N ARG A 500 3.27 5.91 -64.94
CA ARG A 500 2.47 5.02 -65.81
C ARG A 500 2.48 5.54 -67.26
N ARG A 501 2.41 6.87 -67.43
CA ARG A 501 2.47 7.52 -68.76
C ARG A 501 3.89 7.49 -69.35
N GLU A 502 4.93 7.55 -68.50
CA GLU A 502 6.33 7.28 -68.97
C GLU A 502 6.44 5.84 -69.50
N ARG A 503 5.95 4.87 -68.70
CA ARG A 503 6.00 3.43 -69.08
C ARG A 503 5.11 3.13 -70.30
N GLU A 504 3.98 3.83 -70.44
CA GLU A 504 3.09 3.66 -71.62
C GLU A 504 3.57 4.51 -72.81
N ARG A 505 4.43 5.50 -72.57
CA ARG A 505 5.13 6.25 -73.64
C ARG A 505 6.41 5.51 -74.07
N GLN A 506 6.93 4.60 -73.25
CA GLN A 506 7.97 3.65 -73.73
C GLN A 506 7.36 2.29 -74.11
N THR A 507 6.38 2.31 -75.02
CA THR A 507 5.77 1.10 -75.61
C THR A 507 6.87 0.24 -76.25
N GLU A 522 -5.69 18.64 -60.44
CA GLU A 522 -6.33 19.31 -59.25
C GLU A 522 -6.99 18.33 -58.26
N ILE A 523 -7.43 18.82 -57.08
CA ILE A 523 -7.92 17.99 -55.94
C ILE A 523 -9.46 18.14 -55.78
N ARG A 524 -10.19 17.01 -55.61
CA ARG A 524 -11.69 16.94 -55.70
C ARG A 524 -12.29 15.94 -54.69
N ARG A 525 -13.54 16.15 -54.22
CA ARG A 525 -14.11 15.51 -52.95
C ARG A 525 -14.07 13.98 -53.04
N ASP A 526 -13.72 13.43 -54.22
CA ASP A 526 -13.33 12.02 -54.33
C ASP A 526 -12.20 11.74 -53.35
N HIS A 527 -11.04 12.34 -53.65
CA HIS A 527 -9.86 12.46 -52.78
C HIS A 527 -10.22 12.67 -51.30
N PHE A 528 -11.10 13.65 -51.04
CA PHE A 528 -11.40 14.07 -49.67
C PHE A 528 -12.22 12.98 -48.95
N GLU A 529 -13.38 12.56 -49.50
CA GLU A 529 -14.16 11.51 -48.78
C GLU A 529 -13.30 10.22 -48.75
N GLU A 530 -12.40 10.05 -49.73
CA GLU A 530 -11.35 9.02 -49.61
C GLU A 530 -10.54 9.27 -48.34
N ALA A 531 -10.08 10.50 -48.12
CA ALA A 531 -9.16 10.85 -47.01
C ALA A 531 -9.87 10.73 -45.66
N MET A 532 -11.14 11.11 -45.59
CA MET A 532 -11.89 11.05 -44.36
C MET A 532 -12.22 9.60 -43.99
N ARG A 533 -12.18 8.70 -44.99
CA ARG A 533 -12.45 7.26 -44.78
C ARG A 533 -11.30 6.59 -44.01
N PHE A 534 -10.30 7.37 -43.57
CA PHE A 534 -9.53 7.07 -42.37
C PHE A 534 -9.00 8.40 -41.82
N ALA A 535 -9.79 9.06 -40.94
CA ALA A 535 -9.43 10.35 -40.30
C ALA A 535 -10.17 10.52 -38.97
N ARG A 536 -9.44 10.90 -37.92
CA ARG A 536 -9.86 10.76 -36.52
C ARG A 536 -10.83 11.89 -36.13
N ARG A 537 -11.29 11.81 -34.88
CA ARG A 537 -11.75 12.94 -34.07
C ARG A 537 -10.75 13.04 -32.90
N SER A 538 -9.87 14.06 -32.92
CA SER A 538 -8.65 14.08 -32.09
C SER A 538 -8.98 13.92 -30.61
N VAL A 539 -9.90 14.76 -30.15
CA VAL A 539 -10.10 14.95 -28.76
C VAL A 539 -11.46 14.37 -28.38
N SER A 540 -11.45 13.50 -27.36
CA SER A 540 -12.60 12.70 -26.96
C SER A 540 -13.49 13.51 -26.03
N ASP A 541 -14.76 13.13 -26.00
CA ASP A 541 -15.77 13.80 -25.23
C ASP A 541 -15.19 14.04 -23.82
N ASN A 542 -14.71 12.95 -23.20
CA ASN A 542 -14.05 12.97 -21.88
C ASN A 542 -13.30 14.28 -21.66
N ASP A 543 -12.38 14.56 -22.59
CA ASP A 543 -11.43 15.62 -22.44
C ASP A 543 -12.19 16.95 -22.49
N ILE A 544 -13.05 17.10 -23.49
CA ILE A 544 -13.67 18.38 -23.69
C ILE A 544 -14.54 18.65 -22.47
N ARG A 545 -15.25 17.62 -22.01
CA ARG A 545 -16.02 17.64 -20.75
C ARG A 545 -15.11 18.03 -19.58
N LYS A 546 -13.86 17.56 -19.62
CA LYS A 546 -12.86 17.89 -18.59
C LYS A 546 -12.55 19.39 -18.64
N TYR A 547 -12.38 19.97 -19.83
CA TYR A 547 -12.16 21.42 -19.88
C TYR A 547 -13.43 22.16 -19.46
N GLU A 548 -14.59 21.66 -19.89
CA GLU A 548 -15.88 22.21 -19.48
C GLU A 548 -15.87 22.31 -17.95
N MET A 549 -15.82 21.14 -17.30
CA MET A 549 -15.75 21.04 -15.85
C MET A 549 -14.73 22.06 -15.34
N PHE A 550 -13.49 21.94 -15.82
CA PHE A 550 -12.39 22.71 -15.28
C PHE A 550 -12.52 24.16 -15.73
N ALA A 551 -13.35 24.44 -16.74
CA ALA A 551 -13.72 25.83 -17.15
C ALA A 551 -14.71 26.46 -16.13
N GLN A 552 -15.78 25.71 -15.83
CA GLN A 552 -16.76 26.08 -14.82
C GLN A 552 -16.04 26.28 -13.47
N THR A 553 -15.41 25.21 -12.95
CA THR A 553 -14.89 25.17 -11.58
C THR A 553 -13.51 25.83 -11.48
N LEU A 554 -12.81 26.04 -12.62
CA LEU A 554 -11.72 27.04 -12.63
C LEU A 554 -12.35 28.40 -12.24
N GLN A 555 -13.56 28.71 -12.76
CA GLN A 555 -14.35 29.91 -12.35
C GLN A 555 -15.22 29.58 -11.13
N ARG B 2 38.13 12.47 -55.99
CA ARG B 2 38.11 13.62 -56.97
C ARG B 2 36.82 14.42 -56.77
N LYS B 3 35.77 13.73 -56.32
CA LYS B 3 34.47 14.34 -56.02
C LYS B 3 34.67 15.53 -55.06
N GLN B 4 35.57 15.32 -54.09
CA GLN B 4 35.81 16.25 -53.00
C GLN B 4 36.41 17.54 -53.56
N LEU B 5 37.49 17.39 -54.32
CA LEU B 5 38.18 18.51 -54.96
C LEU B 5 37.15 19.39 -55.67
N ALA B 6 36.26 18.77 -56.45
CA ALA B 6 35.27 19.48 -57.29
C ALA B 6 34.66 20.66 -56.55
N GLN B 7 34.08 20.38 -55.38
CA GLN B 7 33.44 21.38 -54.52
C GLN B 7 34.41 22.54 -54.25
N ILE B 8 35.61 22.18 -53.77
CA ILE B 8 36.58 23.13 -53.25
C ILE B 8 37.10 24.01 -54.41
N LYS B 9 37.16 23.41 -55.59
CA LYS B 9 37.50 24.11 -56.81
C LYS B 9 36.34 25.03 -57.23
N GLU B 10 35.08 24.57 -57.11
CA GLU B 10 33.93 25.46 -57.40
C GLU B 10 33.94 26.65 -56.43
N MET B 11 34.37 26.42 -55.18
CA MET B 11 34.42 27.50 -54.17
C MET B 11 35.65 28.38 -54.35
N VAL B 12 36.75 27.84 -54.92
CA VAL B 12 38.04 28.58 -54.98
C VAL B 12 38.26 29.19 -56.39
N GLU B 13 38.30 28.33 -57.41
CA GLU B 13 38.83 28.65 -58.76
C GLU B 13 38.15 29.89 -59.36
N LEU B 14 36.82 29.91 -59.30
CA LEU B 14 36.00 30.92 -59.97
C LEU B 14 36.22 32.31 -59.36
N PRO B 15 36.21 32.44 -58.01
CA PRO B 15 36.67 33.68 -57.35
C PRO B 15 38.16 33.91 -57.04
N LEU B 16 39.03 32.98 -57.44
CA LEU B 16 40.49 33.22 -57.45
C LEU B 16 40.96 33.68 -58.83
N ARG B 17 40.41 33.08 -59.90
CA ARG B 17 40.96 33.21 -61.27
C ARG B 17 39.88 33.55 -62.31
N HIS B 18 38.67 33.88 -61.83
CA HIS B 18 37.53 34.44 -62.60
C HIS B 18 36.81 35.49 -61.75
N PRO B 19 37.56 36.24 -60.90
CA PRO B 19 36.99 37.14 -59.88
C PRO B 19 36.13 38.33 -60.35
N ALA B 20 36.44 38.90 -61.51
CA ALA B 20 35.80 40.15 -61.95
C ALA B 20 34.28 39.98 -62.09
N LEU B 21 33.82 38.77 -62.47
CA LEU B 21 32.39 38.51 -62.75
C LEU B 21 31.54 38.71 -61.49
N PHE B 22 32.03 38.25 -60.34
CA PHE B 22 31.29 38.33 -59.07
C PHE B 22 31.24 39.78 -58.57
N LYS B 23 32.39 40.45 -58.65
CA LYS B 23 32.58 41.80 -58.15
C LYS B 23 31.83 42.79 -59.06
N ALA B 24 31.60 42.39 -60.31
CA ALA B 24 30.75 43.14 -61.24
C ALA B 24 29.27 42.79 -60.99
N ILE B 25 28.94 41.50 -60.92
CA ILE B 25 27.55 41.03 -60.76
C ILE B 25 27.03 41.43 -59.36
N GLY B 26 27.94 41.90 -58.49
CA GLY B 26 27.58 42.57 -57.24
C GLY B 26 27.38 41.58 -56.11
N VAL B 27 28.35 40.65 -55.98
CA VAL B 27 28.36 39.66 -54.91
C VAL B 27 29.80 39.55 -54.36
N LYS B 28 30.02 38.61 -53.45
CA LYS B 28 31.31 38.40 -52.82
C LYS B 28 31.75 36.95 -53.01
N PRO B 29 32.99 36.69 -53.46
CA PRO B 29 33.68 35.43 -53.17
C PRO B 29 33.78 35.04 -51.70
N PRO B 30 33.91 33.73 -51.37
CA PRO B 30 34.28 33.30 -50.02
C PRO B 30 35.77 33.62 -49.80
N ARG B 31 36.08 34.14 -48.60
CA ARG B 31 37.44 34.52 -48.24
C ARG B 31 37.98 33.60 -47.15
N GLY B 32 37.14 32.67 -46.67
CA GLY B 32 37.54 31.73 -45.64
C GLY B 32 36.87 30.37 -45.83
N ILE B 33 37.55 29.49 -46.58
CA ILE B 33 37.09 28.13 -46.76
C ILE B 33 37.78 27.27 -45.70
N LEU B 34 36.97 26.67 -44.82
CA LEU B 34 37.44 25.91 -43.68
C LEU B 34 37.21 24.41 -43.94
N LEU B 35 38.29 23.65 -44.13
CA LEU B 35 38.24 22.19 -44.23
C LEU B 35 38.32 21.61 -42.84
N TYR B 36 37.42 20.68 -42.51
CA TYR B 36 37.61 19.94 -41.27
C TYR B 36 37.24 18.48 -41.45
N GLY B 37 37.61 17.71 -40.41
CA GLY B 37 37.42 16.27 -40.38
C GLY B 37 38.61 15.59 -39.70
N PRO B 38 38.51 14.29 -39.36
CA PRO B 38 39.51 13.64 -38.51
C PRO B 38 40.90 13.67 -39.13
N PRO B 39 41.97 13.43 -38.32
CA PRO B 39 43.32 13.31 -38.85
C PRO B 39 43.48 11.98 -39.61
N GLY B 40 44.34 11.99 -40.64
CA GLY B 40 44.57 10.86 -41.54
C GLY B 40 43.89 11.05 -42.90
N THR B 41 43.66 12.32 -43.24
CA THR B 41 42.76 12.69 -44.30
C THR B 41 43.49 13.51 -45.38
N GLY B 42 44.69 14.01 -45.10
CA GLY B 42 45.55 14.68 -46.09
C GLY B 42 44.93 15.97 -46.60
N LYS B 43 44.36 16.73 -45.67
CA LYS B 43 43.77 18.01 -45.98
C LYS B 43 44.83 18.91 -46.61
N THR B 44 46.07 18.79 -46.13
CA THR B 44 47.19 19.54 -46.64
C THR B 44 47.39 19.21 -48.12
N LEU B 45 47.69 17.93 -48.40
CA LEU B 45 47.70 17.37 -49.77
C LEU B 45 46.56 17.98 -50.60
N ILE B 46 45.33 17.92 -50.08
CA ILE B 46 44.16 18.43 -50.84
C ILE B 46 44.32 19.93 -51.17
N ALA B 47 44.77 20.71 -50.19
CA ALA B 47 44.87 22.18 -50.35
C ALA B 47 45.87 22.51 -51.47
N ARG B 48 47.05 21.90 -51.39
CA ARG B 48 48.12 22.08 -52.37
C ARG B 48 47.66 21.55 -53.74
N ALA B 49 46.92 20.43 -53.73
CA ALA B 49 46.28 19.93 -54.94
C ALA B 49 45.41 21.04 -55.57
N VAL B 50 44.50 21.62 -54.78
CA VAL B 50 43.60 22.68 -55.29
C VAL B 50 44.39 23.91 -55.73
N ALA B 51 45.49 24.24 -55.03
CA ALA B 51 46.36 25.41 -55.38
C ALA B 51 47.10 25.19 -56.71
N ASN B 52 47.63 23.97 -56.88
CA ASN B 52 48.34 23.57 -58.11
C ASN B 52 47.35 23.49 -59.28
N GLU B 53 46.17 22.92 -59.03
CA GLU B 53 45.21 22.68 -60.10
C GLU B 53 44.31 23.91 -60.34
N THR B 54 44.38 24.92 -59.47
CA THR B 54 43.82 26.24 -59.82
C THR B 54 44.91 27.10 -60.47
N GLY B 55 46.15 26.92 -60.01
CA GLY B 55 47.23 27.80 -60.34
C GLY B 55 47.23 29.00 -59.42
N ALA B 56 47.78 28.78 -58.22
CA ALA B 56 47.86 29.83 -57.22
C ALA B 56 49.04 29.59 -56.28
N PHE B 57 49.66 30.69 -55.85
CA PHE B 57 50.64 30.68 -54.78
C PHE B 57 50.01 29.99 -53.57
N PHE B 58 50.82 29.20 -52.87
CA PHE B 58 50.38 28.43 -51.71
C PHE B 58 51.27 28.78 -50.52
N PHE B 59 50.68 29.25 -49.41
CA PHE B 59 51.47 29.48 -48.21
C PHE B 59 50.91 28.65 -47.05
N LEU B 60 51.72 27.70 -46.56
CA LEU B 60 51.39 26.89 -45.38
C LEU B 60 51.66 27.71 -44.11
N ILE B 61 50.77 27.53 -43.12
CA ILE B 61 50.94 28.03 -41.76
C ILE B 61 50.75 26.82 -40.82
N ASN B 62 51.85 26.13 -40.52
CA ASN B 62 51.84 25.01 -39.59
C ASN B 62 51.57 25.59 -38.19
N GLY B 63 50.32 25.44 -37.70
CA GLY B 63 49.92 26.03 -36.40
C GLY B 63 51.00 25.85 -35.33
N PRO B 64 51.39 24.59 -35.02
CA PRO B 64 52.47 24.31 -34.08
C PRO B 64 53.68 25.25 -34.25
N GLU B 65 54.12 25.41 -35.51
CA GLU B 65 55.26 26.26 -35.86
C GLU B 65 55.01 27.70 -35.41
N ILE B 66 53.79 28.21 -35.61
CA ILE B 66 53.44 29.57 -35.21
C ILE B 66 53.42 29.64 -33.68
N MET B 67 52.83 28.62 -33.06
CA MET B 67 52.65 28.66 -31.61
C MET B 67 53.99 28.45 -30.88
N SER B 68 54.98 27.88 -31.57
CA SER B 68 56.28 27.56 -30.95
C SER B 68 57.18 28.80 -30.83
N LYS B 69 56.84 29.87 -31.56
CA LYS B 69 57.62 31.11 -31.55
C LYS B 69 57.42 31.85 -30.23
N LEU B 70 58.37 32.74 -29.91
CA LEU B 70 58.25 33.63 -28.76
C LEU B 70 57.15 34.66 -29.07
N ALA B 71 56.30 34.90 -28.07
CA ALA B 71 55.16 35.80 -28.18
C ALA B 71 55.58 37.08 -28.89
N GLY B 72 54.93 37.38 -30.01
CA GLY B 72 55.33 38.49 -30.87
C GLY B 72 55.77 37.99 -32.23
N GLU B 73 56.74 37.07 -32.24
CA GLU B 73 57.28 36.56 -33.49
C GLU B 73 56.26 35.63 -34.16
N SER B 74 55.29 35.16 -33.36
CA SER B 74 54.11 34.46 -33.88
C SER B 74 53.30 35.40 -34.79
N GLU B 75 52.85 36.52 -34.20
CA GLU B 75 52.06 37.56 -34.89
C GLU B 75 52.87 38.07 -36.10
N SER B 76 54.16 38.27 -35.86
CA SER B 76 55.11 38.60 -36.90
C SER B 76 54.97 37.59 -38.05
N ASN B 77 55.21 36.31 -37.73
CA ASN B 77 55.13 35.24 -38.72
C ASN B 77 53.79 35.32 -39.48
N LEU B 78 52.70 35.57 -38.74
CA LEU B 78 51.35 35.63 -39.37
C LEU B 78 51.30 36.80 -40.36
N ARG B 79 51.55 38.02 -39.88
CA ARG B 79 51.56 39.20 -40.74
C ARG B 79 52.41 38.90 -41.98
N LYS B 80 53.64 38.44 -41.73
CA LYS B 80 54.62 38.09 -42.76
C LYS B 80 53.94 37.18 -43.80
N ALA B 81 53.43 36.04 -43.35
CA ALA B 81 52.76 35.07 -44.21
C ALA B 81 51.68 35.77 -45.05
N PHE B 82 50.82 36.53 -44.37
CA PHE B 82 49.67 37.19 -45.04
C PHE B 82 50.12 38.20 -46.09
N GLU B 83 51.18 38.97 -45.81
CA GLU B 83 51.70 39.95 -46.78
C GLU B 83 52.39 39.19 -47.94
N GLU B 84 53.14 38.14 -47.61
CA GLU B 84 53.83 37.28 -48.59
C GLU B 84 52.83 36.66 -49.57
N ALA B 85 51.68 36.21 -49.04
CA ALA B 85 50.60 35.74 -49.89
C ALA B 85 49.97 36.90 -50.66
N GLU B 86 49.55 37.94 -49.93
CA GLU B 86 48.90 39.15 -50.48
C GLU B 86 49.67 39.62 -51.72
N LYS B 87 51.00 39.52 -51.65
CA LYS B 87 51.87 40.06 -52.70
C LYS B 87 51.90 39.16 -53.93
N ASN B 88 51.74 37.84 -53.79
CA ASN B 88 52.00 36.88 -54.88
C ASN B 88 50.71 36.29 -55.47
N ALA B 89 49.62 37.06 -55.39
CA ALA B 89 48.25 36.51 -55.52
C ALA B 89 47.62 36.50 -56.91
N PRO B 90 47.27 35.32 -57.47
CA PRO B 90 46.30 34.44 -56.82
C PRO B 90 46.97 33.61 -55.70
N ALA B 91 46.39 33.64 -54.48
CA ALA B 91 47.04 33.09 -53.25
C ALA B 91 46.08 32.31 -52.36
N ILE B 92 46.48 31.07 -52.04
CA ILE B 92 45.87 30.27 -50.98
C ILE B 92 46.82 30.25 -49.77
N ILE B 93 46.34 30.84 -48.67
CA ILE B 93 46.97 30.69 -47.35
C ILE B 93 46.28 29.52 -46.65
N PHE B 94 47.02 28.42 -46.43
CA PHE B 94 46.47 27.23 -45.79
C PHE B 94 47.00 27.10 -44.36
N ILE B 95 46.07 26.99 -43.41
CA ILE B 95 46.40 26.93 -41.99
C ILE B 95 46.15 25.49 -41.50
N ASP B 96 47.27 24.79 -41.28
CA ASP B 96 47.28 23.44 -40.78
C ASP B 96 47.22 23.47 -39.25
N GLU B 97 46.39 22.59 -38.68
CA GLU B 97 46.02 22.62 -37.28
C GLU B 97 45.67 24.08 -36.91
N LEU B 98 44.50 24.53 -37.35
CA LEU B 98 44.05 25.89 -37.03
C LEU B 98 43.80 26.01 -35.52
N ASP B 99 43.07 25.02 -35.00
CA ASP B 99 42.71 24.89 -33.57
C ASP B 99 43.89 25.21 -32.65
N ALA B 100 45.13 24.98 -33.11
CA ALA B 100 46.33 25.24 -32.31
C ALA B 100 46.41 26.73 -31.92
N ILE B 101 46.54 27.60 -32.92
CA ILE B 101 46.65 29.05 -32.70
C ILE B 101 45.33 29.60 -32.15
N ALA B 102 44.19 29.09 -32.67
CA ALA B 102 42.86 29.70 -32.44
C ALA B 102 41.88 28.69 -31.86
N PRO B 103 41.94 28.42 -30.54
CA PRO B 103 41.18 27.32 -29.95
C PRO B 103 39.77 27.77 -29.54
N LYS B 104 39.09 26.96 -28.71
CA LYS B 104 37.94 27.40 -27.88
C LYS B 104 38.48 28.19 -26.68
N ARG B 105 38.17 29.49 -26.64
CA ARG B 105 39.10 30.54 -26.17
C ARG B 105 38.93 30.88 -24.67
N GLU B 106 38.32 30.00 -23.86
CA GLU B 106 38.50 30.03 -22.39
C GLU B 106 39.45 28.91 -21.96
N LYS B 107 39.74 27.98 -22.89
CA LYS B 107 40.86 27.04 -22.81
C LYS B 107 42.11 27.75 -23.33
N THR B 108 42.49 28.82 -22.61
CA THR B 108 43.53 29.76 -23.00
C THR B 108 43.97 30.51 -21.74
N HIS B 109 44.70 29.81 -20.85
CA HIS B 109 45.15 30.37 -19.57
C HIS B 109 46.27 31.39 -19.79
N GLY B 110 46.01 32.43 -20.59
CA GLY B 110 46.99 33.50 -20.89
C GLY B 110 46.58 34.37 -22.07
N GLU B 111 47.03 35.63 -22.07
CA GLU B 111 46.50 36.69 -22.95
C GLU B 111 47.23 36.72 -24.31
N VAL B 112 48.44 36.15 -24.34
CA VAL B 112 49.23 36.12 -25.55
C VAL B 112 48.44 35.43 -26.66
N GLU B 113 47.84 34.28 -26.34
CA GLU B 113 47.06 33.53 -27.34
C GLU B 113 45.90 34.38 -27.84
N ARG B 114 45.23 35.12 -26.93
CA ARG B 114 44.10 36.00 -27.29
C ARG B 114 44.60 37.10 -28.23
N ARG B 115 45.79 37.63 -27.95
CA ARG B 115 46.43 38.54 -28.91
C ARG B 115 46.65 37.83 -30.26
N ILE B 116 47.21 36.61 -30.25
CA ILE B 116 47.60 35.86 -31.49
C ILE B 116 46.36 35.63 -32.35
N VAL B 117 45.27 35.20 -31.70
CA VAL B 117 44.00 34.99 -32.35
C VAL B 117 43.52 36.35 -32.87
N SER B 118 43.46 37.37 -32.00
CA SER B 118 43.03 38.70 -32.45
C SER B 118 43.74 39.04 -33.76
N GLN B 119 45.07 38.86 -33.76
CA GLN B 119 45.89 39.15 -34.92
C GLN B 119 45.29 38.45 -36.14
N LEU B 120 45.10 37.13 -36.03
CA LEU B 120 44.56 36.35 -37.14
C LEU B 120 43.18 36.87 -37.55
N LEU B 121 42.35 37.29 -36.59
CA LEU B 121 41.06 37.90 -36.93
C LEU B 121 41.27 39.18 -37.75
N THR B 122 42.20 40.05 -37.31
CA THR B 122 42.43 41.33 -37.99
C THR B 122 42.99 41.07 -39.40
N LEU B 123 43.89 40.09 -39.51
CA LEU B 123 44.45 39.68 -40.79
C LEU B 123 43.33 39.14 -41.69
N MET B 124 42.50 38.25 -41.15
CA MET B 124 41.35 37.66 -41.87
C MET B 124 40.42 38.77 -42.37
N ASP B 125 40.17 39.78 -41.51
CA ASP B 125 39.35 40.96 -41.85
C ASP B 125 40.03 41.79 -42.94
N GLY B 126 41.36 41.89 -42.86
CA GLY B 126 42.19 42.75 -43.71
C GLY B 126 42.12 42.44 -45.20
N LEU B 127 41.86 41.18 -45.58
CA LEU B 127 41.92 40.78 -47.00
C LEU B 127 40.79 41.46 -47.78
N LYS B 128 41.03 41.61 -49.08
CA LYS B 128 40.01 41.97 -50.07
C LYS B 128 39.90 40.81 -51.08
N GLN B 129 38.67 40.55 -51.55
CA GLN B 129 38.42 39.75 -52.76
C GLN B 129 39.18 40.38 -53.92
N ARG B 130 39.40 41.69 -53.78
CA ARG B 130 40.26 42.54 -54.61
C ARG B 130 41.70 41.99 -54.65
N ALA B 131 42.21 41.52 -53.51
CA ALA B 131 43.61 41.12 -53.37
C ALA B 131 43.84 39.69 -53.90
N HIS B 132 42.76 39.00 -54.30
CA HIS B 132 42.78 37.64 -54.88
C HIS B 132 43.31 36.62 -53.87
N VAL B 133 42.88 36.70 -52.61
CA VAL B 133 43.43 35.81 -51.58
C VAL B 133 42.30 34.98 -50.97
N ILE B 134 42.60 33.69 -50.82
CA ILE B 134 41.74 32.69 -50.18
C ILE B 134 42.54 32.08 -49.02
N VAL B 135 41.86 31.90 -47.88
CA VAL B 135 42.42 31.27 -46.70
C VAL B 135 41.68 29.95 -46.46
N MET B 136 42.42 28.85 -46.52
CA MET B 136 41.91 27.56 -46.12
C MET B 136 42.55 27.18 -44.78
N ALA B 137 41.91 26.24 -44.07
CA ALA B 137 42.26 25.93 -42.70
C ALA B 137 41.76 24.54 -42.32
N ALA B 138 42.44 23.93 -41.34
CA ALA B 138 42.29 22.51 -40.99
C ALA B 138 41.95 22.36 -39.50
N THR B 139 41.10 21.37 -39.21
CA THR B 139 40.78 20.98 -37.85
C THR B 139 39.91 19.71 -37.87
N ASN B 140 39.75 19.13 -36.68
CA ASN B 140 39.05 17.85 -36.50
C ASN B 140 37.55 18.09 -36.62
N ARG B 141 37.06 19.08 -35.87
CA ARG B 141 35.69 19.51 -35.91
C ARG B 141 35.65 21.02 -35.70
N PRO B 142 34.62 21.74 -36.23
CA PRO B 142 34.57 23.20 -36.12
C PRO B 142 34.23 23.67 -34.70
N ASN B 143 33.80 22.73 -33.86
CA ASN B 143 33.63 22.93 -32.43
C ASN B 143 34.97 23.35 -31.80
N SER B 144 36.08 22.90 -32.41
CA SER B 144 37.47 23.14 -31.95
C SER B 144 37.84 24.63 -31.98
N ILE B 145 37.52 25.27 -33.11
CA ILE B 145 37.91 26.64 -33.41
C ILE B 145 37.09 27.63 -32.58
N ASP B 146 37.69 28.78 -32.29
CA ASP B 146 37.01 29.94 -31.70
C ASP B 146 35.90 30.40 -32.64
N PRO B 147 34.62 30.37 -32.20
CA PRO B 147 33.48 30.79 -33.03
C PRO B 147 33.58 32.15 -33.73
N ALA B 148 34.33 33.08 -33.15
CA ALA B 148 34.55 34.40 -33.77
C ALA B 148 35.42 34.27 -35.05
N LEU B 149 35.81 33.04 -35.42
CA LEU B 149 36.41 32.74 -36.75
C LEU B 149 35.33 32.27 -37.74
N ARG B 150 34.23 31.70 -37.23
CA ARG B 150 33.13 31.30 -38.10
C ARG B 150 32.12 32.47 -38.21
N ARG B 151 32.58 33.70 -37.94
CA ARG B 151 31.89 34.91 -38.39
C ARG B 151 31.80 34.87 -39.91
N PHE B 152 30.93 35.71 -40.46
CA PHE B 152 30.78 35.81 -41.90
C PHE B 152 32.06 36.39 -42.52
N GLY B 153 32.66 37.36 -41.82
CA GLY B 153 33.82 38.10 -42.31
C GLY B 153 35.05 37.23 -42.53
N ARG B 154 35.05 36.05 -41.92
CA ARG B 154 36.24 35.23 -41.78
C ARG B 154 35.97 33.88 -42.46
N PHE B 155 35.89 32.79 -41.68
CA PHE B 155 35.70 31.43 -42.22
C PHE B 155 34.20 31.13 -42.34
N ASP B 156 33.60 31.60 -43.44
CA ASP B 156 32.15 31.48 -43.67
C ASP B 156 31.81 30.09 -44.22
N ARG B 157 32.56 29.62 -45.22
CA ARG B 157 32.29 28.35 -45.89
C ARG B 157 33.09 27.22 -45.24
N GLU B 158 32.43 26.07 -45.04
CA GLU B 158 32.95 24.95 -44.25
C GLU B 158 32.74 23.64 -45.05
N VAL B 159 33.79 22.82 -45.14
CA VAL B 159 33.72 21.54 -45.86
C VAL B 159 34.24 20.41 -44.98
N ASP B 160 33.47 19.31 -45.04
CA ASP B 160 33.67 18.15 -44.21
C ASP B 160 34.36 17.08 -45.05
N ILE B 161 35.57 16.71 -44.65
CA ILE B 161 36.19 15.56 -45.21
C ILE B 161 36.23 14.47 -44.14
N GLY B 162 35.17 13.66 -44.09
CA GLY B 162 35.00 12.67 -43.01
C GLY B 162 35.79 11.40 -43.27
N ILE B 163 35.31 10.29 -42.69
CA ILE B 163 35.70 8.95 -43.10
C ILE B 163 35.45 8.82 -44.60
N PRO B 164 36.32 8.12 -45.34
CA PRO B 164 35.97 7.65 -46.68
C PRO B 164 35.19 6.32 -46.63
N ASP B 165 34.31 6.11 -47.62
CA ASP B 165 33.55 4.88 -47.78
C ASP B 165 34.32 3.91 -48.67
N ALA B 166 33.72 2.72 -48.85
CA ALA B 166 34.29 1.61 -49.61
C ALA B 166 35.08 2.11 -50.83
N THR B 167 34.46 2.97 -51.66
CA THR B 167 35.05 3.41 -52.91
C THR B 167 36.31 4.23 -52.63
N GLY B 168 36.19 5.19 -51.71
CA GLY B 168 37.33 6.02 -51.31
C GLY B 168 38.47 5.17 -50.79
N ARG B 169 38.11 4.22 -49.91
CA ARG B 169 39.06 3.31 -49.31
C ARG B 169 39.77 2.52 -50.42
N LEU B 170 38.98 2.05 -51.38
CA LEU B 170 39.47 1.30 -52.53
C LEU B 170 40.47 2.15 -53.33
N GLU B 171 40.03 3.36 -53.71
CA GLU B 171 40.89 4.35 -54.40
C GLU B 171 42.22 4.51 -53.65
N ILE B 172 42.12 4.73 -52.34
CA ILE B 172 43.28 4.99 -51.50
C ILE B 172 44.22 3.76 -51.51
N LEU B 173 43.63 2.57 -51.34
CA LEU B 173 44.39 1.33 -51.37
C LEU B 173 45.11 1.19 -52.73
N GLN B 174 44.37 1.38 -53.82
CA GLN B 174 44.96 1.34 -55.17
C GLN B 174 46.13 2.32 -55.25
N ILE B 175 45.91 3.54 -54.75
CA ILE B 175 46.90 4.63 -54.80
C ILE B 175 48.15 4.27 -53.99
N HIS B 176 47.99 3.65 -52.80
CA HIS B 176 49.15 3.28 -51.95
C HIS B 176 49.80 1.97 -52.42
N THR B 177 49.07 1.16 -53.21
CA THR B 177 49.50 -0.21 -53.59
C THR B 177 49.77 -0.36 -55.09
N LYS B 178 49.73 0.72 -55.87
CA LYS B 178 50.15 0.65 -57.28
C LYS B 178 51.65 0.32 -57.33
N ASN B 179 52.40 0.67 -56.27
CA ASN B 179 53.85 0.53 -56.19
C ASN B 179 54.26 -0.81 -55.54
N MET B 180 53.38 -1.81 -55.51
CA MET B 180 53.55 -2.96 -54.60
C MET B 180 53.54 -4.29 -55.37
N LYS B 181 54.23 -5.30 -54.79
CA LYS B 181 54.31 -6.70 -55.29
C LYS B 181 52.96 -7.42 -55.06
N LEU B 182 51.87 -6.84 -55.59
CA LEU B 182 50.49 -7.30 -55.31
C LEU B 182 50.23 -8.65 -55.96
N ALA B 183 49.88 -9.66 -55.15
CA ALA B 183 49.56 -11.00 -55.67
C ALA B 183 48.20 -10.99 -56.39
N ASP B 184 47.90 -12.09 -57.09
CA ASP B 184 46.67 -12.25 -57.86
C ASP B 184 45.52 -12.61 -56.93
N ASP B 185 45.83 -13.28 -55.82
CA ASP B 185 44.84 -13.68 -54.81
C ASP B 185 44.45 -12.48 -53.93
N VAL B 186 45.26 -11.41 -53.95
CA VAL B 186 44.93 -10.18 -53.24
C VAL B 186 43.65 -9.60 -53.82
N ASP B 187 42.73 -9.19 -52.93
CA ASP B 187 41.53 -8.47 -53.32
C ASP B 187 41.53 -7.12 -52.58
N LEU B 188 41.67 -6.01 -53.33
CA LEU B 188 41.67 -4.66 -52.77
C LEU B 188 40.26 -4.31 -52.28
N GLU B 189 39.25 -4.60 -53.11
CA GLU B 189 37.85 -4.23 -52.82
C GLU B 189 37.37 -4.92 -51.54
N GLN B 190 37.66 -6.22 -51.41
CA GLN B 190 37.42 -6.97 -50.18
C GLN B 190 37.87 -6.12 -48.99
N VAL B 191 39.17 -5.78 -48.98
CA VAL B 191 39.81 -5.07 -47.88
C VAL B 191 39.12 -3.71 -47.69
N ALA B 192 38.85 -3.01 -48.79
CA ALA B 192 38.16 -1.70 -48.77
C ALA B 192 36.83 -1.83 -48.03
N ASN B 193 36.09 -2.90 -48.34
CA ASN B 193 34.82 -3.19 -47.69
C ASN B 193 35.04 -3.55 -46.22
N GLU B 194 36.12 -4.29 -45.93
CA GLU B 194 36.41 -4.75 -44.54
C GLU B 194 36.99 -3.62 -43.67
N THR B 195 37.41 -2.50 -44.28
CA THR B 195 38.16 -1.45 -43.55
C THR B 195 37.22 -0.34 -43.05
N HIS B 196 36.30 -0.68 -42.16
CA HIS B 196 35.47 0.33 -41.51
C HIS B 196 36.31 1.10 -40.50
N GLY B 197 36.07 2.41 -40.42
CA GLY B 197 36.76 3.28 -39.48
C GLY B 197 38.18 3.62 -39.90
N HIS B 198 38.62 3.10 -41.05
CA HIS B 198 39.93 3.42 -41.55
C HIS B 198 39.86 4.77 -42.29
N VAL B 199 40.97 5.52 -42.25
CA VAL B 199 41.18 6.70 -43.08
C VAL B 199 42.49 6.54 -43.89
N GLY B 200 42.76 7.50 -44.79
CA GLY B 200 43.94 7.50 -45.66
C GLY B 200 45.18 6.97 -44.94
N ALA B 201 45.42 7.50 -43.75
CA ALA B 201 46.54 7.13 -42.90
C ALA B 201 46.49 5.66 -42.49
N ASP B 202 45.35 5.24 -41.92
CA ASP B 202 45.18 3.87 -41.42
C ASP B 202 45.34 2.87 -42.57
N LEU B 203 44.87 3.26 -43.76
CA LEU B 203 44.97 2.43 -44.94
C LEU B 203 46.43 2.39 -45.40
N ALA B 204 47.09 3.56 -45.42
CA ALA B 204 48.52 3.62 -45.71
C ALA B 204 49.27 2.65 -44.78
N ALA B 205 49.05 2.79 -43.48
CA ALA B 205 49.66 1.97 -42.43
C ALA B 205 49.37 0.49 -42.68
N LEU B 206 48.10 0.19 -43.02
CA LEU B 206 47.68 -1.16 -43.35
C LEU B 206 48.52 -1.72 -44.50
N CYS B 207 48.51 -1.01 -45.64
CA CYS B 207 49.33 -1.40 -46.78
C CYS B 207 50.78 -1.61 -46.32
N SER B 208 51.25 -0.73 -45.43
CA SER B 208 52.61 -0.78 -44.92
C SER B 208 52.90 -2.08 -44.16
N GLU B 209 52.06 -2.41 -43.17
CA GLU B 209 52.24 -3.66 -42.40
C GLU B 209 52.07 -4.87 -43.33
N ALA B 210 51.13 -4.76 -44.29
CA ALA B 210 50.92 -5.80 -45.30
C ALA B 210 52.24 -6.04 -46.05
N ALA B 211 52.87 -4.95 -46.51
CA ALA B 211 54.20 -5.03 -47.10
C ALA B 211 55.15 -5.72 -46.11
N LEU B 212 55.38 -5.07 -44.97
CA LEU B 212 56.42 -5.50 -44.03
C LEU B 212 56.29 -7.01 -43.72
N GLN B 213 55.06 -7.50 -43.55
CA GLN B 213 54.88 -8.90 -43.14
C GLN B 213 55.05 -9.85 -44.33
N ALA B 214 54.79 -9.36 -45.55
CA ALA B 214 55.24 -10.10 -46.73
C ALA B 214 56.77 -10.17 -46.72
N ILE B 215 57.40 -8.98 -46.60
CA ILE B 215 58.87 -8.81 -46.67
C ILE B 215 59.54 -9.61 -45.54
N ARG B 216 58.80 -9.92 -44.48
CA ARG B 216 59.19 -11.08 -43.66
C ARG B 216 59.02 -12.33 -44.53
N VAL B 239 53.40 -9.59 -51.91
CA VAL B 239 52.28 -9.32 -50.98
C VAL B 239 51.11 -10.22 -51.36
N THR B 240 50.75 -11.13 -50.44
CA THR B 240 49.60 -12.03 -50.55
C THR B 240 48.39 -11.41 -49.87
N MET B 241 47.22 -12.05 -50.03
CA MET B 241 45.98 -11.64 -49.35
C MET B 241 46.16 -11.85 -47.83
N ASP B 242 46.79 -12.97 -47.48
CA ASP B 242 47.09 -13.35 -46.09
C ASP B 242 47.73 -12.16 -45.36
N ASP B 243 48.72 -11.53 -45.97
CA ASP B 243 49.43 -10.39 -45.38
C ASP B 243 48.45 -9.24 -45.12
N PHE B 244 47.58 -8.95 -46.11
CA PHE B 244 46.61 -7.87 -45.98
C PHE B 244 45.66 -8.18 -44.83
N ARG B 245 45.13 -9.39 -44.81
CA ARG B 245 44.19 -9.79 -43.77
C ARG B 245 44.88 -9.77 -42.40
N TRP B 246 46.14 -10.18 -42.33
CA TRP B 246 46.92 -10.16 -41.08
C TRP B 246 47.10 -8.72 -40.59
N ALA B 247 47.52 -7.84 -41.52
CA ALA B 247 47.68 -6.41 -41.22
C ALA B 247 46.34 -5.81 -40.77
N LEU B 248 45.23 -6.30 -41.36
CA LEU B 248 43.88 -5.95 -40.91
C LEU B 248 43.66 -6.43 -39.47
N SER B 249 44.05 -7.68 -39.19
CA SER B 249 44.03 -8.23 -37.84
C SER B 249 44.79 -7.30 -36.90
N GLN B 250 45.91 -6.73 -37.36
CA GLN B 250 46.73 -5.88 -36.50
C GLN B 250 46.12 -4.48 -36.33
N SER B 251 45.68 -3.82 -37.41
CA SER B 251 45.47 -2.35 -37.40
C SER B 251 44.37 -1.91 -36.40
N ASN B 252 44.60 -0.72 -35.79
CA ASN B 252 43.69 -0.05 -34.88
C ASN B 252 43.29 1.30 -35.49
N PRO B 253 42.30 1.31 -36.40
CA PRO B 253 41.87 2.55 -37.06
C PRO B 253 41.51 3.68 -36.06
N SER B 254 41.61 4.92 -36.53
CA SER B 254 41.35 6.12 -35.72
C SER B 254 39.86 6.45 -35.69
N ALA B 255 39.17 6.27 -36.83
CA ALA B 255 37.82 6.80 -36.98
C ALA B 255 36.76 5.71 -36.72
N LEU B 256 37.10 4.69 -35.91
CA LEU B 256 36.09 3.79 -35.37
C LEU B 256 34.99 4.64 -34.70
N ARG B 257 35.42 5.67 -33.98
CA ARG B 257 34.60 6.44 -33.05
C ARG B 257 33.77 7.52 -33.77
N GLU B 258 34.08 7.78 -35.05
CA GLU B 258 33.47 8.89 -35.79
C GLU B 258 32.19 8.41 -36.49
N THR B 259 31.14 9.24 -36.45
CA THR B 259 29.81 8.93 -36.98
C THR B 259 29.86 8.88 -38.52
N VAL B 260 29.72 7.67 -39.06
CA VAL B 260 29.92 7.41 -40.49
C VAL B 260 28.68 7.88 -41.25
N VAL B 261 28.89 8.80 -42.20
CA VAL B 261 27.87 9.23 -43.14
C VAL B 261 28.21 8.65 -44.51
N GLU B 262 27.30 7.86 -45.08
CA GLU B 262 27.40 7.40 -46.45
C GLU B 262 26.01 6.95 -46.89
N VAL B 263 25.77 6.99 -48.20
CA VAL B 263 24.59 6.37 -48.77
C VAL B 263 24.77 4.86 -48.63
N PRO B 264 23.81 4.15 -48.04
CA PRO B 264 23.93 2.71 -47.84
C PRO B 264 23.58 2.01 -49.16
N GLN B 265 24.10 0.80 -49.34
CA GLN B 265 23.87 0.02 -50.54
C GLN B 265 22.99 -1.19 -50.21
N VAL B 266 21.85 -0.91 -49.58
CA VAL B 266 20.78 -1.88 -49.48
C VAL B 266 19.65 -1.40 -50.39
N THR B 267 19.34 -2.21 -51.41
CA THR B 267 18.27 -1.90 -52.37
C THR B 267 16.93 -2.11 -51.67
N TRP B 268 15.85 -1.62 -52.28
CA TRP B 268 14.54 -1.98 -51.81
C TRP B 268 14.30 -3.48 -52.07
N GLU B 269 14.77 -3.97 -53.23
CA GLU B 269 14.50 -5.35 -53.65
C GLU B 269 15.39 -6.35 -52.89
N ASP B 270 16.36 -5.85 -52.10
CA ASP B 270 17.04 -6.65 -51.08
C ASP B 270 16.04 -6.97 -49.96
N ILE B 271 15.20 -5.98 -49.64
CA ILE B 271 14.10 -6.11 -48.67
C ILE B 271 12.84 -6.56 -49.42
N GLY B 272 12.77 -7.86 -49.72
CA GLY B 272 11.57 -8.47 -50.29
C GLY B 272 10.38 -8.26 -49.35
N GLY B 273 9.19 -8.05 -49.94
CA GLY B 273 7.96 -7.83 -49.17
C GLY B 273 8.02 -6.56 -48.36
N LEU B 274 7.21 -6.50 -47.30
CA LEU B 274 7.04 -5.25 -46.54
C LEU B 274 6.82 -4.11 -47.55
N GLU B 275 5.66 -4.15 -48.22
CA GLU B 275 5.40 -3.36 -49.40
C GLU B 275 4.75 -2.03 -49.02
N ASP B 276 3.63 -2.16 -48.30
CA ASP B 276 2.92 -1.02 -47.75
C ASP B 276 3.92 -0.02 -47.17
N VAL B 277 4.92 -0.50 -46.40
CA VAL B 277 5.90 0.39 -45.74
C VAL B 277 6.79 1.01 -46.82
N LYS B 278 7.22 0.21 -47.81
CA LYS B 278 7.92 0.72 -48.99
C LYS B 278 7.17 1.94 -49.53
N ARG B 279 5.91 1.74 -49.89
CA ARG B 279 5.15 2.77 -50.59
C ARG B 279 4.90 3.96 -49.65
N GLU B 280 4.56 3.69 -48.38
CA GLU B 280 4.41 4.75 -47.40
C GLU B 280 5.67 5.61 -47.37
N LEU B 281 6.81 4.97 -47.06
CA LEU B 281 8.12 5.64 -46.99
C LEU B 281 8.43 6.40 -48.28
N GLN B 282 8.05 5.82 -49.43
CA GLN B 282 8.24 6.47 -50.71
C GLN B 282 7.42 7.77 -50.72
N GLU B 283 6.14 7.68 -50.32
CA GLU B 283 5.21 8.85 -50.31
C GLU B 283 5.68 9.91 -49.31
N LEU B 284 6.30 9.45 -48.20
CA LEU B 284 6.78 10.34 -47.14
C LEU B 284 8.03 11.07 -47.61
N VAL B 285 9.03 10.29 -48.06
CA VAL B 285 10.48 10.68 -48.17
C VAL B 285 11.00 10.70 -49.61
N GLN B 286 10.48 9.83 -50.48
CA GLN B 286 10.94 9.72 -51.87
C GLN B 286 10.26 10.76 -52.77
N TYR B 287 8.92 10.84 -52.71
CA TYR B 287 8.16 11.71 -53.62
C TYR B 287 8.65 13.17 -53.51
N PRO B 288 8.96 13.74 -52.32
CA PRO B 288 9.40 15.13 -52.22
C PRO B 288 10.85 15.44 -52.61
N VAL B 289 11.71 14.43 -52.72
CA VAL B 289 13.03 14.65 -53.27
C VAL B 289 13.03 14.28 -54.76
N GLU B 290 12.17 13.34 -55.18
CA GLU B 290 12.23 12.80 -56.56
C GLU B 290 11.22 13.50 -57.50
N HIS B 291 10.15 14.09 -56.95
CA HIS B 291 9.17 14.80 -57.77
C HIS B 291 8.79 16.12 -57.11
N PRO B 292 9.74 16.92 -56.60
CA PRO B 292 9.41 18.09 -55.79
C PRO B 292 8.43 19.05 -56.48
N ASP B 293 8.59 19.16 -57.81
CA ASP B 293 7.68 19.86 -58.69
C ASP B 293 6.24 19.69 -58.18
N LYS B 294 5.84 18.44 -57.95
CA LYS B 294 4.52 18.10 -57.45
C LYS B 294 4.25 18.75 -56.08
N PHE B 295 5.11 18.50 -55.09
CA PHE B 295 4.87 18.98 -53.70
C PHE B 295 4.73 20.52 -53.73
N LEU B 296 5.61 21.15 -54.52
CA LEU B 296 5.57 22.58 -54.76
C LEU B 296 4.22 22.94 -55.41
N LYS B 297 3.76 22.09 -56.34
CA LYS B 297 2.55 22.34 -57.18
C LYS B 297 1.28 22.28 -56.33
N PHE B 298 1.03 21.15 -55.68
CA PHE B 298 -0.10 21.00 -54.79
C PHE B 298 0.04 21.93 -53.57
N GLY B 299 1.29 22.24 -53.20
CA GLY B 299 1.58 23.25 -52.19
C GLY B 299 1.87 22.67 -50.82
N MET B 300 1.20 21.56 -50.48
CA MET B 300 1.46 20.88 -49.24
C MET B 300 2.96 20.54 -49.16
N THR B 301 3.51 20.64 -47.94
CA THR B 301 4.93 20.52 -47.64
C THR B 301 5.16 19.21 -46.87
N PRO B 302 6.36 18.59 -46.96
CA PRO B 302 6.49 17.14 -46.71
C PRO B 302 6.45 16.80 -45.23
N SER B 303 6.43 15.50 -44.89
CA SER B 303 6.60 15.09 -43.50
C SER B 303 8.01 15.48 -43.05
N LYS B 304 8.14 15.98 -41.83
CA LYS B 304 9.47 16.22 -41.28
C LYS B 304 10.17 14.87 -41.10
N GLY B 305 9.44 13.92 -40.52
CA GLY B 305 9.96 12.59 -40.29
C GLY B 305 8.93 11.57 -39.82
N VAL B 306 9.47 10.44 -39.38
CA VAL B 306 8.80 9.16 -39.34
C VAL B 306 9.02 8.58 -37.94
N LEU B 307 8.27 7.52 -37.62
CA LEU B 307 8.63 6.69 -36.50
C LEU B 307 8.37 5.22 -36.83
N PHE B 308 9.45 4.45 -36.80
CA PHE B 308 9.42 3.01 -36.93
C PHE B 308 9.23 2.38 -35.55
N TYR B 309 8.08 1.75 -35.35
CA TYR B 309 7.88 0.95 -34.18
C TYR B 309 7.44 -0.44 -34.62
N GLY B 310 7.57 -1.38 -33.69
CA GLY B 310 7.19 -2.75 -33.88
C GLY B 310 8.06 -3.70 -33.06
N PRO B 311 8.16 -4.98 -33.44
CA PRO B 311 8.88 -5.96 -32.64
C PRO B 311 10.37 -5.86 -32.92
N PRO B 312 11.23 -6.23 -31.94
CA PRO B 312 12.67 -5.98 -31.99
C PRO B 312 13.43 -6.78 -33.06
N GLY B 313 12.85 -7.90 -33.48
CA GLY B 313 13.43 -8.71 -34.55
C GLY B 313 12.94 -8.27 -35.91
N CYS B 314 13.61 -7.25 -36.44
CA CYS B 314 13.35 -6.74 -37.79
C CYS B 314 14.48 -5.79 -38.20
N GLY B 315 14.44 -5.37 -39.46
CA GLY B 315 15.46 -4.48 -39.99
C GLY B 315 14.93 -3.07 -40.10
N LYS B 316 14.56 -2.51 -38.95
CA LYS B 316 14.08 -1.14 -38.89
C LYS B 316 15.17 -0.23 -39.47
N THR B 317 16.43 -0.50 -39.09
CA THR B 317 17.63 0.09 -39.65
C THR B 317 17.65 -0.03 -41.17
N LEU B 318 17.45 -1.26 -41.63
CA LEU B 318 17.65 -1.62 -43.01
C LEU B 318 16.60 -0.96 -43.90
N LEU B 319 15.36 -0.80 -43.38
CA LEU B 319 14.31 -0.11 -44.14
C LEU B 319 14.72 1.35 -44.35
N ALA B 320 15.13 1.96 -43.23
CA ALA B 320 15.58 3.33 -43.23
C ALA B 320 16.74 3.49 -44.21
N LYS B 321 17.70 2.56 -44.17
CA LYS B 321 18.77 2.54 -45.14
C LYS B 321 18.16 2.47 -46.54
N ALA B 322 17.28 1.48 -46.76
CA ALA B 322 16.70 1.14 -48.06
C ALA B 322 16.01 2.34 -48.70
N ILE B 323 15.32 3.16 -47.89
CA ILE B 323 14.69 4.37 -48.44
C ILE B 323 15.76 5.43 -48.78
N ALA B 324 16.83 5.53 -47.99
CA ALA B 324 17.94 6.44 -48.31
C ALA B 324 18.62 6.02 -49.62
N ASN B 325 18.94 4.73 -49.72
CA ASN B 325 19.47 4.08 -50.90
C ASN B 325 18.54 4.34 -52.10
N GLU B 326 17.24 4.13 -51.90
CA GLU B 326 16.19 4.40 -52.92
C GLU B 326 16.19 5.89 -53.32
N CYS B 327 16.44 6.80 -52.39
CA CYS B 327 16.47 8.24 -52.72
C CYS B 327 17.89 8.74 -53.02
N GLN B 328 18.86 7.81 -53.12
CA GLN B 328 20.31 8.10 -53.17
C GLN B 328 20.64 9.32 -52.30
N ALA B 329 20.22 9.23 -51.03
CA ALA B 329 20.53 10.20 -49.99
C ALA B 329 21.40 9.52 -48.93
N ASN B 330 22.05 10.33 -48.11
CA ASN B 330 22.94 9.84 -47.07
C ASN B 330 22.13 9.21 -45.93
N PHE B 331 22.87 8.63 -44.98
CA PHE B 331 22.29 7.92 -43.86
C PHE B 331 23.15 8.16 -42.63
N ILE B 332 22.52 8.35 -41.45
CA ILE B 332 23.27 8.46 -40.21
C ILE B 332 22.54 7.72 -39.09
N SER B 333 23.19 6.70 -38.53
CA SER B 333 22.67 5.92 -37.40
C SER B 333 23.17 6.53 -36.08
N ILE B 334 22.24 7.00 -35.25
CA ILE B 334 22.53 7.17 -33.84
C ILE B 334 21.97 5.93 -33.13
N LYS B 335 22.87 4.97 -32.91
CA LYS B 335 22.69 3.92 -31.92
C LYS B 335 22.27 4.62 -30.61
N GLY B 336 21.35 3.99 -29.86
CA GLY B 336 20.85 4.54 -28.57
C GLY B 336 21.94 4.72 -27.52
N PRO B 337 22.95 3.81 -27.42
CA PRO B 337 24.14 4.05 -26.59
C PRO B 337 24.89 5.37 -26.79
N GLU B 338 24.75 5.99 -27.96
CA GLU B 338 25.12 7.39 -28.18
C GLU B 338 24.20 8.29 -27.35
N LEU B 339 22.89 8.04 -27.48
CA LEU B 339 21.90 8.78 -26.73
C LEU B 339 22.20 8.62 -25.23
N LEU B 340 22.29 7.37 -24.75
CA LEU B 340 22.53 7.10 -23.32
C LEU B 340 23.78 7.83 -22.87
N THR B 341 24.87 7.71 -23.64
CA THR B 341 26.12 8.39 -23.33
C THR B 341 25.86 9.89 -23.15
N MET B 342 25.00 10.48 -23.99
CA MET B 342 24.69 11.90 -23.88
C MET B 342 23.88 12.15 -22.60
N TRP B 343 22.80 11.40 -22.38
CA TRP B 343 21.96 11.67 -21.20
C TRP B 343 22.81 11.54 -19.94
N PHE B 344 23.36 10.34 -19.71
CA PHE B 344 24.12 10.02 -18.50
C PHE B 344 25.29 11.01 -18.29
N GLY B 345 25.80 11.62 -19.37
CA GLY B 345 26.88 12.64 -19.30
C GLY B 345 26.37 14.07 -19.28
N GLU B 346 25.11 14.23 -19.70
CA GLU B 346 24.44 15.51 -19.91
C GLU B 346 25.25 16.32 -20.92
N SER B 347 25.52 15.69 -22.07
CA SER B 347 26.10 16.35 -23.22
C SER B 347 25.04 16.40 -24.32
N GLU B 348 23.95 17.11 -24.03
CA GLU B 348 22.87 17.31 -24.99
C GLU B 348 23.36 18.25 -26.11
N ALA B 349 24.29 19.14 -25.76
CA ALA B 349 25.02 19.92 -26.73
C ALA B 349 25.10 19.15 -28.05
N ASN B 350 25.71 17.96 -27.99
CA ASN B 350 26.12 17.19 -29.16
C ASN B 350 24.97 16.84 -30.10
N VAL B 351 23.72 16.96 -29.65
CA VAL B 351 22.60 16.78 -30.57
C VAL B 351 22.73 17.83 -31.68
N ARG B 352 22.89 19.08 -31.25
CA ARG B 352 23.06 20.23 -32.14
C ARG B 352 24.12 19.90 -33.21
N GLU B 353 25.23 19.32 -32.75
CA GLU B 353 26.36 18.90 -33.58
C GLU B 353 25.91 17.81 -34.56
N ILE B 354 25.15 16.81 -34.07
CA ILE B 354 24.61 15.75 -34.92
C ILE B 354 23.77 16.38 -36.05
N PHE B 355 22.78 17.17 -35.67
CA PHE B 355 21.91 17.78 -36.67
C PHE B 355 22.71 18.66 -37.63
N ASP B 356 23.68 19.42 -37.10
CA ASP B 356 24.56 20.18 -37.98
C ASP B 356 25.20 19.21 -38.98
N LYS B 357 25.71 18.07 -38.49
CA LYS B 357 26.40 17.08 -39.32
C LYS B 357 25.46 16.48 -40.38
N ALA B 358 24.18 16.28 -40.03
CA ALA B 358 23.21 15.79 -41.02
C ALA B 358 22.94 16.88 -42.05
N ARG B 359 22.55 18.05 -41.54
CA ARG B 359 22.23 19.26 -42.31
C ARG B 359 23.33 19.49 -43.36
N GLN B 360 24.60 19.43 -42.93
CA GLN B 360 25.74 19.66 -43.80
C GLN B 360 25.84 18.55 -44.85
N ALA B 361 25.51 17.31 -44.45
CA ALA B 361 25.59 16.19 -45.37
C ALA B 361 24.22 15.92 -46.01
N ALA B 362 23.42 16.96 -46.26
CA ALA B 362 22.11 16.80 -46.94
C ALA B 362 22.33 16.18 -48.30
N PRO B 363 21.23 15.80 -49.00
CA PRO B 363 20.13 15.11 -48.32
C PRO B 363 20.51 13.76 -47.70
N CYS B 364 19.73 13.39 -46.67
CA CYS B 364 20.20 12.47 -45.65
C CYS B 364 19.01 11.96 -44.83
N VAL B 365 19.09 10.71 -44.34
CA VAL B 365 18.17 10.30 -43.28
C VAL B 365 18.98 10.15 -41.97
N LEU B 366 18.55 10.97 -41.01
CA LEU B 366 18.99 10.91 -39.66
C LEU B 366 18.11 9.88 -38.94
N PHE B 367 18.74 8.75 -38.65
CA PHE B 367 18.08 7.61 -38.08
C PHE B 367 18.49 7.50 -36.61
N PHE B 368 17.49 7.71 -35.74
CA PHE B 368 17.65 7.43 -34.35
C PHE B 368 17.20 6.00 -34.07
N ASP B 369 18.11 5.22 -33.50
CA ASP B 369 17.76 3.92 -33.03
C ASP B 369 17.35 4.05 -31.57
N GLU B 370 16.42 3.18 -31.14
CA GLU B 370 16.02 3.12 -29.76
C GLU B 370 15.77 4.55 -29.27
N LEU B 371 14.84 5.27 -29.90
CA LEU B 371 14.59 6.66 -29.47
C LEU B 371 14.08 6.66 -28.02
N ASP B 372 13.53 5.50 -27.61
CA ASP B 372 12.96 5.30 -26.30
C ASP B 372 14.05 5.22 -25.20
N SER B 373 15.34 5.17 -25.54
CA SER B 373 16.43 4.84 -24.57
C SER B 373 16.49 5.83 -23.42
N ILE B 374 16.56 7.13 -23.75
CA ILE B 374 16.65 8.16 -22.74
C ILE B 374 15.44 7.99 -21.83
N ALA B 375 14.26 8.18 -22.41
CA ALA B 375 13.00 8.01 -21.74
C ALA B 375 12.91 6.62 -21.09
N LYS B 376 13.33 5.54 -21.78
CA LYS B 376 13.20 4.19 -21.21
C LYS B 376 13.99 4.07 -19.91
N ALA B 377 15.26 4.41 -19.99
CA ALA B 377 16.22 3.87 -19.05
C ALA B 377 15.86 4.25 -17.61
N ARG B 378 15.28 5.42 -17.41
CA ARG B 378 14.68 5.72 -16.10
C ARG B 378 13.76 4.56 -15.67
N ALA B 388 19.36 15.81 -17.74
CA ALA B 388 18.84 16.58 -18.86
C ALA B 388 18.35 15.66 -20.00
N ALA B 389 17.28 14.88 -19.72
CA ALA B 389 16.94 13.61 -20.42
C ALA B 389 15.81 13.82 -21.44
N ASP B 390 14.57 13.96 -20.94
CA ASP B 390 13.55 14.45 -21.81
C ASP B 390 14.19 15.63 -22.56
N ARG B 391 15.24 16.24 -21.97
CA ARG B 391 16.06 17.28 -22.64
C ARG B 391 16.89 16.71 -23.79
N VAL B 392 17.62 15.60 -23.62
CA VAL B 392 18.27 14.99 -24.78
C VAL B 392 17.21 14.72 -25.85
N ILE B 393 16.15 13.99 -25.49
CA ILE B 393 15.03 13.84 -26.46
C ILE B 393 14.56 15.25 -26.91
N ASN B 394 14.55 16.21 -25.97
CA ASN B 394 14.04 17.62 -26.17
C ASN B 394 15.02 18.41 -27.05
N GLN B 395 16.33 18.17 -26.92
CA GLN B 395 17.22 18.88 -27.78
C GLN B 395 16.89 18.46 -29.21
N ILE B 396 16.69 17.15 -29.41
CA ILE B 396 16.23 16.60 -30.68
C ILE B 396 14.95 17.34 -31.10
N LEU B 397 14.07 17.67 -30.16
CA LEU B 397 12.88 18.47 -30.48
C LEU B 397 13.32 19.84 -31.02
N THR B 398 14.00 20.64 -30.18
CA THR B 398 14.37 22.01 -30.52
C THR B 398 15.07 22.00 -31.89
N GLU B 399 15.85 20.94 -32.16
CA GLU B 399 16.58 20.83 -33.41
C GLU B 399 15.66 20.49 -34.59
N MET B 400 14.67 19.61 -34.38
CA MET B 400 13.66 19.32 -35.41
C MET B 400 12.82 20.58 -35.70
N ASP B 401 12.47 21.32 -34.64
CA ASP B 401 11.74 22.58 -34.75
C ASP B 401 12.57 23.58 -35.56
N GLY B 402 13.84 23.76 -35.16
CA GLY B 402 14.73 24.78 -35.72
C GLY B 402 15.34 24.39 -37.08
N MET B 403 15.37 23.10 -37.42
CA MET B 403 15.86 22.67 -38.72
C MET B 403 14.90 23.19 -39.79
N SER B 404 15.49 23.71 -40.88
CA SER B 404 14.73 24.24 -41.99
C SER B 404 14.01 23.10 -42.72
N THR B 405 12.70 23.29 -42.87
CA THR B 405 11.81 22.38 -43.59
C THR B 405 12.37 21.97 -44.96
N LYS B 406 13.00 22.93 -45.64
CA LYS B 406 13.30 22.85 -47.06
C LYS B 406 14.50 21.91 -47.29
N LYS B 407 15.59 22.15 -46.55
CA LYS B 407 16.69 21.20 -46.45
C LYS B 407 16.10 19.78 -46.47
N ASN B 408 16.47 18.96 -47.46
CA ASN B 408 15.89 17.64 -47.55
C ASN B 408 16.71 16.67 -46.68
N VAL B 409 16.39 16.67 -45.38
CA VAL B 409 16.97 15.77 -44.38
C VAL B 409 15.80 15.12 -43.63
N PHE B 410 15.61 13.81 -43.82
CA PHE B 410 14.53 13.09 -43.12
C PHE B 410 15.07 12.50 -41.83
N ILE B 411 14.15 12.06 -40.96
CA ILE B 411 14.53 11.83 -39.59
C ILE B 411 13.66 10.73 -38.99
N ILE B 412 14.19 9.51 -39.04
CA ILE B 412 13.44 8.30 -38.72
C ILE B 412 13.79 7.86 -37.30
N GLY B 413 12.73 7.63 -36.52
CA GLY B 413 12.77 7.33 -35.11
C GLY B 413 12.34 5.91 -34.82
N ALA B 414 13.32 5.06 -34.50
CA ALA B 414 13.09 3.64 -34.24
C ALA B 414 12.72 3.41 -32.77
N THR B 415 11.92 2.36 -32.55
CA THR B 415 11.63 1.88 -31.21
C THR B 415 11.14 0.43 -31.24
N ASN B 416 10.57 0.03 -30.11
CA ASN B 416 9.68 -1.09 -30.05
C ASN B 416 8.59 -0.76 -29.01
N ARG B 417 8.51 0.51 -28.60
CA ARG B 417 7.71 0.91 -27.49
C ARG B 417 7.13 2.27 -27.79
N PRO B 418 6.20 2.40 -28.76
CA PRO B 418 5.60 3.71 -29.05
C PRO B 418 5.12 4.29 -27.72
N ASP B 419 4.78 3.38 -26.79
CA ASP B 419 4.18 3.65 -25.48
C ASP B 419 5.10 4.52 -24.61
N ILE B 420 6.41 4.58 -24.88
CA ILE B 420 7.34 5.22 -23.95
C ILE B 420 7.93 6.51 -24.54
N ILE B 421 7.70 6.76 -25.82
CA ILE B 421 8.30 7.89 -26.42
C ILE B 421 7.52 9.12 -25.98
N ASP B 422 8.26 10.13 -25.46
CA ASP B 422 7.72 11.46 -25.16
C ASP B 422 6.79 11.87 -26.30
N PRO B 423 5.44 11.89 -26.12
CA PRO B 423 4.52 11.95 -27.25
C PRO B 423 4.61 13.29 -27.97
N ALA B 424 5.26 14.28 -27.36
CA ALA B 424 5.62 15.53 -28.01
C ALA B 424 6.40 15.26 -29.32
N ILE B 425 7.18 14.18 -29.34
CA ILE B 425 7.92 13.76 -30.52
C ILE B 425 6.94 13.33 -31.62
N LEU B 426 5.78 12.81 -31.22
CA LEU B 426 4.80 12.33 -32.16
C LEU B 426 3.74 13.40 -32.48
N ARG B 427 4.02 14.64 -32.08
CA ARG B 427 3.26 15.84 -32.41
C ARG B 427 3.54 16.18 -33.88
N PRO B 428 2.56 16.64 -34.68
CA PRO B 428 2.84 16.94 -36.07
C PRO B 428 4.00 17.94 -36.19
N GLY B 429 4.75 17.84 -37.30
CA GLY B 429 5.90 18.70 -37.56
C GLY B 429 7.17 18.19 -36.88
N ARG B 430 7.07 16.96 -36.38
CA ARG B 430 8.14 16.23 -35.74
C ARG B 430 8.09 14.82 -36.34
N LEU B 431 7.83 13.82 -35.53
CA LEU B 431 7.61 12.49 -36.05
C LEU B 431 6.12 12.34 -36.23
N ASP B 432 5.66 13.01 -37.28
CA ASP B 432 4.31 13.06 -37.70
C ASP B 432 3.84 11.62 -37.92
N GLN B 433 4.44 10.98 -38.93
CA GLN B 433 4.01 9.69 -39.43
C GLN B 433 4.54 8.59 -38.51
N LEU B 434 3.63 7.75 -38.00
CA LEU B 434 3.94 6.48 -37.37
C LEU B 434 3.83 5.37 -38.40
N ILE B 435 4.74 4.40 -38.33
CA ILE B 435 4.67 3.23 -39.18
C ILE B 435 4.93 1.99 -38.34
N TYR B 436 3.99 1.05 -38.37
CA TYR B 436 4.19 -0.25 -37.75
C TYR B 436 5.02 -1.09 -38.75
N ILE B 437 6.30 -1.26 -38.40
CA ILE B 437 7.20 -2.15 -39.10
C ILE B 437 7.06 -3.50 -38.41
N PRO B 438 6.24 -4.39 -38.99
CA PRO B 438 5.83 -5.61 -38.31
C PRO B 438 6.81 -6.75 -38.64
N LEU B 439 6.45 -7.95 -38.21
CA LEU B 439 7.21 -9.12 -38.45
C LEU B 439 7.35 -9.38 -39.95
N PRO B 440 8.47 -10.00 -40.36
CA PRO B 440 8.72 -10.24 -41.78
C PRO B 440 7.70 -11.20 -42.40
N ASP B 441 7.33 -10.92 -43.66
CA ASP B 441 6.50 -11.78 -44.51
C ASP B 441 7.37 -12.86 -45.14
N GLU B 442 6.73 -13.81 -45.83
CA GLU B 442 7.40 -15.01 -46.32
C GLU B 442 8.49 -14.58 -47.30
N LYS B 443 8.13 -13.62 -48.16
CA LYS B 443 9.06 -13.08 -49.14
C LYS B 443 10.27 -12.51 -48.40
N SER B 444 9.97 -11.82 -47.29
CA SER B 444 10.96 -11.16 -46.47
C SER B 444 11.75 -12.18 -45.63
N ARG B 445 11.07 -13.22 -45.11
CA ARG B 445 11.76 -14.34 -44.41
C ARG B 445 12.82 -14.90 -45.36
N VAL B 446 12.36 -15.25 -46.56
CA VAL B 446 13.25 -15.72 -47.60
C VAL B 446 14.38 -14.72 -47.76
N ALA B 447 14.03 -13.44 -47.99
CA ALA B 447 15.02 -12.37 -48.16
C ALA B 447 16.08 -12.45 -47.06
N ILE B 448 15.66 -12.66 -45.80
CA ILE B 448 16.56 -12.60 -44.65
C ILE B 448 17.39 -13.87 -44.54
N LEU B 449 16.79 -15.03 -44.82
CA LEU B 449 17.58 -16.24 -44.93
C LEU B 449 18.69 -15.98 -45.95
N LYS B 450 18.28 -15.45 -47.11
CA LYS B 450 19.20 -15.14 -48.21
C LYS B 450 20.31 -14.19 -47.70
N ALA B 451 19.92 -13.12 -47.02
CA ALA B 451 20.89 -12.16 -46.52
C ALA B 451 21.85 -12.83 -45.54
N ASN B 452 21.31 -13.61 -44.60
CA ASN B 452 22.09 -14.27 -43.53
C ASN B 452 23.01 -15.35 -44.12
N LEU B 453 22.65 -15.88 -45.29
CA LEU B 453 23.43 -16.93 -45.92
C LEU B 453 24.15 -16.42 -47.19
N ARG B 454 24.17 -15.10 -47.43
CA ARG B 454 24.62 -14.55 -48.71
C ARG B 454 25.92 -15.22 -49.13
N LYS B 455 27.01 -14.95 -48.39
CA LYS B 455 28.28 -15.63 -48.63
C LYS B 455 28.30 -16.90 -47.77
N SER B 456 27.93 -18.02 -48.40
CA SER B 456 27.94 -19.32 -47.75
C SER B 456 27.74 -20.44 -48.77
N PRO B 457 28.23 -21.66 -48.45
CA PRO B 457 27.92 -22.85 -49.22
C PRO B 457 26.60 -23.51 -48.82
N VAL B 458 25.64 -23.49 -49.76
CA VAL B 458 24.25 -23.83 -49.54
C VAL B 458 23.75 -24.71 -50.69
N ALA B 459 23.71 -26.04 -50.50
CA ALA B 459 23.26 -26.93 -51.60
C ALA B 459 21.76 -26.74 -51.83
N LYS B 460 21.33 -26.97 -53.07
CA LYS B 460 19.99 -26.55 -53.51
C LYS B 460 18.90 -27.34 -52.80
N ASP B 461 19.25 -28.44 -52.10
CA ASP B 461 18.27 -29.17 -51.27
C ASP B 461 18.06 -28.46 -49.93
N VAL B 462 18.57 -27.22 -49.78
CA VAL B 462 18.01 -26.26 -48.82
C VAL B 462 17.00 -25.38 -49.56
N ASP B 463 15.74 -25.83 -49.58
CA ASP B 463 14.65 -24.98 -49.99
C ASP B 463 14.37 -24.03 -48.83
N LEU B 464 14.12 -22.76 -49.17
CA LEU B 464 14.05 -21.71 -48.18
C LEU B 464 12.58 -21.37 -47.89
N GLU B 465 11.67 -22.03 -48.58
CA GLU B 465 10.28 -21.77 -48.41
C GLU B 465 9.66 -22.80 -47.45
N PHE B 466 10.14 -24.05 -47.52
CA PHE B 466 10.05 -25.00 -46.39
C PHE B 466 10.35 -24.21 -45.11
N LEU B 467 11.39 -23.36 -45.14
CA LEU B 467 11.85 -22.47 -44.01
C LEU B 467 10.94 -21.25 -43.84
N ALA B 468 10.40 -20.71 -44.93
CA ALA B 468 9.39 -19.65 -44.88
C ALA B 468 8.16 -20.08 -44.08
N LYS B 469 7.60 -21.24 -44.42
CA LYS B 469 6.35 -21.70 -43.83
C LYS B 469 6.54 -22.04 -42.36
N MET B 470 7.60 -22.76 -42.04
CA MET B 470 7.82 -23.24 -40.70
C MET B 470 8.00 -22.06 -39.74
N THR B 471 8.46 -20.92 -40.26
CA THR B 471 8.88 -19.82 -39.42
C THR B 471 7.85 -18.69 -39.45
N ASN B 472 6.56 -19.04 -39.49
CA ASN B 472 5.51 -18.08 -39.29
C ASN B 472 5.55 -17.60 -37.84
N GLY B 473 5.58 -16.27 -37.64
CA GLY B 473 5.60 -15.63 -36.30
C GLY B 473 7.02 -15.36 -35.80
N PHE B 474 8.00 -15.68 -36.65
CA PHE B 474 9.39 -15.53 -36.33
C PHE B 474 9.85 -14.13 -36.71
N SER B 475 10.75 -13.62 -35.87
CA SER B 475 11.49 -12.44 -36.16
C SER B 475 12.73 -12.81 -36.97
N GLY B 476 13.24 -11.84 -37.73
CA GLY B 476 14.52 -11.93 -38.38
C GLY B 476 15.52 -12.63 -37.47
N ALA B 477 15.60 -12.17 -36.22
CA ALA B 477 16.57 -12.68 -35.24
C ALA B 477 16.58 -14.21 -35.18
N ASP B 478 15.39 -14.82 -35.26
CA ASP B 478 15.26 -16.27 -35.14
C ASP B 478 15.74 -16.93 -36.42
N LEU B 479 15.46 -16.31 -37.57
CA LEU B 479 15.91 -16.86 -38.83
C LEU B 479 17.43 -16.86 -38.78
N THR B 480 17.95 -15.70 -38.35
CA THR B 480 19.34 -15.46 -38.17
C THR B 480 19.96 -16.55 -37.28
N GLU B 481 19.44 -16.70 -36.07
CA GLU B 481 20.06 -17.66 -35.15
C GLU B 481 19.87 -19.09 -35.69
N ILE B 482 18.80 -19.37 -36.46
CA ILE B 482 18.69 -20.67 -37.18
C ILE B 482 19.94 -20.81 -38.07
N CYS B 483 20.12 -19.85 -38.98
CA CYS B 483 21.24 -19.86 -39.94
C CYS B 483 22.58 -20.02 -39.21
N GLN B 484 22.78 -19.23 -38.16
CA GLN B 484 24.05 -19.24 -37.41
C GLN B 484 24.24 -20.62 -36.76
N ARG B 485 23.18 -21.16 -36.12
CA ARG B 485 23.28 -22.49 -35.47
C ARG B 485 23.65 -23.52 -36.53
N ALA B 486 22.94 -23.48 -37.66
CA ALA B 486 23.29 -24.35 -38.80
C ALA B 486 24.79 -24.21 -39.10
N CYS B 487 25.21 -22.97 -39.38
CA CYS B 487 26.58 -22.72 -39.81
C CYS B 487 27.57 -23.27 -38.77
N LYS B 488 27.27 -23.12 -37.48
CA LYS B 488 28.15 -23.62 -36.44
C LYS B 488 28.13 -25.16 -36.41
N LEU B 489 26.96 -25.78 -36.68
CA LEU B 489 26.90 -27.26 -36.81
C LEU B 489 27.82 -27.69 -37.97
N ALA B 490 27.74 -26.94 -39.07
CA ALA B 490 28.57 -27.21 -40.26
C ALA B 490 30.06 -27.07 -39.93
N ILE B 491 30.48 -25.92 -39.38
CA ILE B 491 31.86 -25.73 -38.99
C ILE B 491 32.31 -26.88 -38.05
N ARG B 492 31.52 -27.11 -36.99
CA ARG B 492 31.79 -28.19 -36.03
C ARG B 492 32.06 -29.50 -36.78
N GLU B 493 31.04 -29.98 -37.51
CA GLU B 493 31.15 -31.25 -38.26
C GLU B 493 32.43 -31.23 -39.12
N SER B 494 32.65 -30.09 -39.80
CA SER B 494 33.80 -29.91 -40.70
C SER B 494 35.12 -30.13 -39.95
N ILE B 495 35.44 -29.25 -38.98
CA ILE B 495 36.80 -29.31 -38.38
C ILE B 495 36.91 -30.54 -37.46
N GLU B 496 35.79 -31.01 -36.88
CA GLU B 496 35.82 -32.26 -36.09
C GLU B 496 36.22 -33.42 -37.01
N SER B 497 35.60 -33.47 -38.19
CA SER B 497 35.93 -34.47 -39.21
C SER B 497 37.38 -34.29 -39.71
N GLU B 498 37.82 -33.04 -39.91
CA GLU B 498 39.20 -32.78 -40.37
C GLU B 498 40.22 -33.26 -39.32
N ILE B 499 39.97 -32.96 -38.03
CA ILE B 499 40.86 -33.41 -36.92
C ILE B 499 40.82 -34.94 -36.81
N ARG B 500 39.61 -35.51 -36.94
CA ARG B 500 39.43 -36.97 -37.02
C ARG B 500 40.27 -37.56 -38.17
N ARG B 501 40.33 -36.84 -39.30
CA ARG B 501 41.13 -37.25 -40.48
C ARG B 501 42.63 -37.03 -40.23
N GLU B 502 43.03 -36.02 -39.44
CA GLU B 502 44.44 -35.90 -38.97
C GLU B 502 44.81 -37.13 -38.12
N ARG B 503 43.93 -37.45 -37.14
CA ARG B 503 44.18 -38.59 -36.23
C ARG B 503 44.13 -39.93 -36.97
N GLU B 504 43.28 -40.06 -38.00
CA GLU B 504 43.20 -41.29 -38.81
C GLU B 504 44.27 -41.31 -39.92
N ARG B 505 44.86 -40.13 -40.24
CA ARG B 505 46.03 -40.05 -41.14
C ARG B 505 47.33 -40.26 -40.34
N GLN B 506 47.30 -40.10 -39.01
CA GLN B 506 48.46 -40.55 -38.19
C GLN B 506 48.16 -41.92 -37.55
N THR B 507 47.86 -42.92 -38.40
CA THR B 507 47.75 -44.33 -37.99
C THR B 507 49.09 -44.77 -37.39
N GLU B 522 30.00 -28.10 -47.72
CA GLU B 522 28.78 -27.26 -47.89
C GLU B 522 27.68 -27.55 -46.84
N ILE B 523 26.65 -26.67 -46.78
CA ILE B 523 25.58 -26.71 -45.73
C ILE B 523 24.24 -27.16 -46.35
N ARG B 524 23.53 -28.11 -45.68
CA ARG B 524 22.32 -28.85 -46.24
C ARG B 524 21.25 -29.10 -45.18
N ARG B 525 19.96 -29.19 -45.58
CA ARG B 525 18.75 -29.07 -44.65
C ARG B 525 18.81 -30.12 -43.51
N ASP B 526 19.77 -31.05 -43.57
CA ASP B 526 20.12 -31.87 -42.41
C ASP B 526 20.48 -30.95 -41.25
N HIS B 527 21.61 -30.25 -41.43
CA HIS B 527 22.08 -29.12 -40.62
C HIS B 527 20.95 -28.21 -40.15
N PHE B 528 20.09 -27.78 -41.09
CA PHE B 528 19.08 -26.78 -40.80
C PHE B 528 17.97 -27.37 -39.93
N GLU B 529 17.32 -28.49 -40.32
CA GLU B 529 16.25 -29.04 -39.45
C GLU B 529 16.92 -29.49 -38.12
N GLU B 530 18.22 -29.83 -38.16
CA GLU B 530 18.98 -29.97 -36.91
C GLU B 530 18.92 -28.66 -36.11
N ALA B 531 19.20 -27.53 -36.78
CA ALA B 531 19.33 -26.22 -36.11
C ALA B 531 17.97 -25.73 -35.59
N MET B 532 16.89 -25.99 -36.34
CA MET B 532 15.57 -25.56 -35.95
C MET B 532 15.07 -26.39 -34.76
N ARG B 533 15.66 -27.58 -34.57
CA ARG B 533 15.28 -28.49 -33.47
C ARG B 533 15.78 -27.94 -32.12
N PHE B 534 16.34 -26.73 -32.11
CA PHE B 534 16.27 -25.82 -30.96
C PHE B 534 16.42 -24.39 -31.50
N ALA B 535 15.30 -23.75 -31.86
CA ALA B 535 15.24 -22.37 -32.39
C ALA B 535 13.86 -21.74 -32.11
N ARG B 536 13.87 -20.52 -31.58
CA ARG B 536 12.70 -19.90 -30.91
C ARG B 536 11.72 -19.36 -31.95
N ARG B 537 10.62 -18.81 -31.42
CA ARG B 537 9.81 -17.76 -32.04
C ARG B 537 9.94 -16.53 -31.14
N SER B 538 10.69 -15.50 -31.58
CA SER B 538 11.22 -14.44 -30.69
C SER B 538 10.09 -13.74 -29.94
N VAL B 539 9.09 -13.32 -30.71
CA VAL B 539 8.13 -12.41 -30.21
C VAL B 539 6.79 -13.13 -30.06
N SER B 540 6.21 -13.03 -28.85
CA SER B 540 5.03 -13.78 -28.47
C SER B 540 3.78 -13.04 -28.92
N ASP B 541 2.72 -13.81 -29.09
CA ASP B 541 1.45 -13.33 -29.59
C ASP B 541 1.12 -12.04 -28.81
N ASN B 542 1.15 -12.14 -27.47
CA ASN B 542 0.93 -11.02 -26.55
C ASN B 542 1.45 -9.71 -27.15
N ASP B 543 2.74 -9.72 -27.49
CA ASP B 543 3.44 -8.54 -27.87
C ASP B 543 2.87 -8.03 -29.20
N ILE B 544 2.73 -8.94 -30.16
CA ILE B 544 2.36 -8.51 -31.48
C ILE B 544 0.95 -7.92 -31.37
N ARG B 545 0.09 -8.60 -30.62
CA ARG B 545 -1.26 -8.12 -30.28
C ARG B 545 -1.17 -6.74 -29.61
N LYS B 546 -0.13 -6.53 -28.80
CA LYS B 546 0.10 -5.25 -28.12
C LYS B 546 0.42 -4.18 -29.17
N TYR B 547 1.25 -4.49 -30.17
CA TYR B 547 1.49 -3.48 -31.22
C TYR B 547 0.21 -3.27 -32.05
N GLU B 548 -0.51 -4.37 -32.34
CA GLU B 548 -1.79 -4.29 -33.04
C GLU B 548 -2.64 -3.26 -32.31
N MET B 549 -3.01 -3.57 -31.06
CA MET B 549 -3.77 -2.69 -30.20
C MET B 549 -3.20 -1.28 -30.31
N PHE B 550 -1.91 -1.14 -29.99
CA PHE B 550 -1.30 0.17 -29.86
C PHE B 550 -1.11 0.76 -31.27
N ALA B 551 -1.20 -0.05 -32.33
CA ALA B 551 -1.24 0.45 -33.74
C ALA B 551 -2.60 1.09 -34.06
N GLN B 552 -3.68 0.36 -33.75
CA GLN B 552 -5.05 0.84 -33.89
C GLN B 552 -5.21 2.13 -33.06
N THR B 553 -5.01 2.01 -31.73
CA THR B 553 -5.37 3.09 -30.77
C THR B 553 -4.27 4.15 -30.69
N LEU B 554 -3.05 3.86 -31.17
CA LEU B 554 -2.11 4.95 -31.50
C LEU B 554 -2.81 5.82 -32.58
N GLN B 555 -3.50 5.18 -33.56
CA GLN B 555 -4.33 5.89 -34.58
C GLN B 555 -5.75 6.11 -34.03
N ARG C 2 63.55 -10.57 -24.26
CA ARG C 2 64.07 -10.44 -25.68
C ARG C 2 62.89 -10.38 -26.65
N LYS C 3 61.78 -11.00 -26.27
CA LYS C 3 60.55 -10.99 -27.05
C LYS C 3 60.13 -9.54 -27.35
N GLN C 4 60.30 -8.69 -26.34
CA GLN C 4 59.87 -7.29 -26.37
C GLN C 4 60.67 -6.54 -27.44
N LEU C 5 62.00 -6.63 -27.33
CA LEU C 5 62.91 -5.99 -28.28
C LEU C 5 62.48 -6.31 -29.71
N ALA C 6 62.20 -7.59 -29.98
CA ALA C 6 61.86 -8.09 -31.34
C ALA C 6 60.91 -7.12 -32.05
N GLN C 7 59.77 -6.83 -31.42
CA GLN C 7 58.75 -5.92 -31.94
C GLN C 7 59.39 -4.58 -32.31
N ILE C 8 60.10 -4.00 -31.34
CA ILE C 8 60.59 -2.62 -31.43
C ILE C 8 61.69 -2.55 -32.52
N LYS C 9 62.41 -3.65 -32.69
CA LYS C 9 63.36 -3.80 -33.76
C LYS C 9 62.64 -3.96 -35.10
N GLU C 10 61.54 -4.72 -35.16
CA GLU C 10 60.76 -4.83 -36.41
C GLU C 10 60.21 -3.43 -36.79
N MET C 11 59.86 -2.62 -35.77
CA MET C 11 59.32 -1.28 -36.03
C MET C 11 60.44 -0.27 -36.33
N VAL C 12 61.67 -0.49 -35.82
CA VAL C 12 62.76 0.50 -35.95
C VAL C 12 63.73 0.12 -37.07
N GLU C 13 64.36 -1.05 -36.95
CA GLU C 13 65.55 -1.46 -37.75
C GLU C 13 65.31 -1.32 -39.25
N LEU C 14 64.17 -1.83 -39.72
CA LEU C 14 63.86 -1.95 -41.13
C LEU C 14 63.70 -0.56 -41.78
N PRO C 15 62.95 0.38 -41.16
CA PRO C 15 62.97 1.79 -41.57
C PRO C 15 64.03 2.76 -41.03
N LEU C 16 64.98 2.27 -40.21
CA LEU C 16 66.19 3.05 -39.89
C LEU C 16 67.35 2.67 -40.82
N ARG C 17 67.49 1.38 -41.13
CA ARG C 17 68.70 0.83 -41.76
C ARG C 17 68.38 -0.06 -42.98
N HIS C 18 67.11 -0.05 -43.42
CA HIS C 18 66.60 -0.66 -44.66
C HIS C 18 65.53 0.26 -45.26
N PRO C 19 65.67 1.61 -45.09
CA PRO C 19 64.64 2.59 -45.45
C PRO C 19 64.19 2.71 -46.92
N ALA C 20 65.10 2.47 -47.86
CA ALA C 20 64.82 2.73 -49.28
C ALA C 20 63.65 1.89 -49.80
N LEU C 21 63.49 0.67 -49.24
CA LEU C 21 62.48 -0.29 -49.73
C LEU C 21 61.06 0.28 -49.52
N PHE C 22 60.81 0.90 -48.37
CA PHE C 22 59.49 1.43 -48.03
C PHE C 22 59.15 2.68 -48.87
N LYS C 23 60.16 3.55 -49.00
CA LYS C 23 60.03 4.82 -49.70
C LYS C 23 59.94 4.57 -51.21
N ALA C 24 60.45 3.42 -51.66
CA ALA C 24 60.27 2.95 -53.04
C ALA C 24 58.91 2.25 -53.19
N ILE C 25 58.60 1.31 -52.28
CA ILE C 25 57.37 0.50 -52.35
C ILE C 25 56.14 1.42 -52.11
N GLY C 26 56.40 2.66 -51.67
CA GLY C 26 55.37 3.71 -51.65
C GLY C 26 54.57 3.68 -50.35
N VAL C 27 55.31 3.60 -49.24
CA VAL C 27 54.71 3.66 -47.90
C VAL C 27 55.57 4.57 -47.02
N LYS C 28 55.26 4.64 -45.72
CA LYS C 28 55.99 5.44 -44.76
C LYS C 28 56.46 4.55 -43.60
N PRO C 29 57.75 4.62 -43.19
CA PRO C 29 58.15 4.26 -41.83
C PRO C 29 57.41 4.96 -40.71
N PRO C 30 57.32 4.36 -39.48
CA PRO C 30 56.89 5.08 -38.30
C PRO C 30 58.00 6.04 -37.86
N ARG C 31 57.60 7.26 -37.49
CA ARG C 31 58.53 8.30 -37.08
C ARG C 31 58.37 8.60 -35.58
N GLY C 32 57.40 7.94 -34.94
CA GLY C 32 57.14 8.13 -33.53
C GLY C 32 56.69 6.86 -32.85
N ILE C 33 57.66 6.10 -32.33
CA ILE C 33 57.36 4.92 -31.55
C ILE C 33 57.34 5.32 -30.08
N LEU C 34 56.17 5.15 -29.45
CA LEU C 34 55.92 5.54 -28.08
C LEU C 34 55.87 4.29 -27.19
N LEU C 35 56.87 4.15 -26.31
CA LEU C 35 56.88 3.11 -25.29
C LEU C 35 56.15 3.63 -24.06
N TYR C 36 55.23 2.85 -23.51
CA TYR C 36 54.67 3.23 -22.22
C TYR C 36 54.47 2.00 -21.34
N GLY C 37 54.18 2.30 -20.07
CA GLY C 37 54.00 1.31 -19.03
C GLY C 37 54.59 1.80 -17.71
N PRO C 38 54.31 1.12 -16.58
CA PRO C 38 54.66 1.65 -15.27
C PRO C 38 56.16 1.89 -15.10
N PRO C 39 56.57 2.68 -14.09
CA PRO C 39 57.99 2.86 -13.78
C PRO C 39 58.56 1.59 -13.12
N GLY C 40 59.85 1.33 -13.38
CA GLY C 40 60.56 0.12 -12.91
C GLY C 40 60.77 -0.89 -14.03
N THR C 41 60.76 -0.39 -15.26
CA THR C 41 60.61 -1.21 -16.44
C THR C 41 61.81 -1.03 -17.39
N GLY C 42 62.65 -0.01 -17.18
CA GLY C 42 63.93 0.16 -17.89
C GLY C 42 63.73 0.42 -19.37
N LYS C 43 62.73 1.25 -19.66
CA LYS C 43 62.42 1.66 -21.00
C LYS C 43 63.66 2.30 -21.62
N THR C 44 64.40 3.06 -20.80
CA THR C 44 65.62 3.70 -21.24
C THR C 44 66.62 2.65 -21.71
N LEU C 45 67.03 1.76 -20.79
CA LEU C 45 67.80 0.54 -21.10
C LEU C 45 67.33 -0.05 -22.43
N ILE C 46 66.02 -0.29 -22.57
CA ILE C 46 65.49 -0.94 -23.79
C ILE C 46 65.81 -0.10 -25.04
N ALA C 47 65.63 1.23 -24.94
CA ALA C 47 65.81 2.13 -26.08
C ALA C 47 67.26 2.06 -26.58
N ARG C 48 68.20 2.21 -25.63
CA ARG C 48 69.62 2.17 -25.92
C ARG C 48 70.01 0.77 -26.43
N ALA C 49 69.39 -0.27 -25.85
CA ALA C 49 69.54 -1.63 -26.36
C ALA C 49 69.19 -1.66 -27.86
N VAL C 50 67.98 -1.16 -28.21
CA VAL C 50 67.53 -1.17 -29.61
C VAL C 50 68.45 -0.31 -30.49
N ALA C 51 68.96 0.81 -29.95
CA ALA C 51 69.88 1.72 -30.70
C ALA C 51 71.23 1.06 -30.99
N ASN C 52 71.77 0.38 -29.96
CA ASN C 52 73.04 -0.34 -30.05
C ASN C 52 72.89 -1.53 -30.99
N GLU C 53 71.77 -2.27 -30.87
CA GLU C 53 71.58 -3.50 -31.62
C GLU C 53 70.97 -3.23 -33.00
N THR C 54 70.54 -1.99 -33.28
CA THR C 54 70.29 -1.57 -34.67
C THR C 54 71.56 -0.96 -35.27
N GLY C 55 72.33 -0.27 -34.42
CA GLY C 55 73.42 0.56 -34.87
C GLY C 55 72.89 1.93 -35.27
N ALA C 56 72.66 2.77 -34.26
CA ALA C 56 72.17 4.11 -34.48
C ALA C 56 72.62 5.04 -33.35
N PHE C 57 72.90 6.29 -33.72
CA PHE C 57 73.09 7.37 -32.77
C PHE C 57 71.89 7.40 -31.82
N PHE C 58 72.16 7.67 -30.54
CA PHE C 58 71.15 7.70 -29.50
C PHE C 58 71.20 9.06 -28.78
N PHE C 59 70.08 9.79 -28.76
CA PHE C 59 70.06 11.04 -27.99
C PHE C 59 68.93 10.98 -26.95
N LEU C 60 69.32 11.01 -25.67
CA LEU C 60 68.37 11.09 -24.54
C LEU C 60 67.87 12.53 -24.37
N ILE C 61 66.58 12.65 -24.05
CA ILE C 61 65.94 13.89 -23.63
C ILE C 61 65.25 13.62 -22.29
N ASN C 62 65.98 13.85 -21.19
CA ASN C 62 65.42 13.70 -19.85
C ASN C 62 64.39 14.82 -19.65
N GLY C 63 63.09 14.50 -19.75
CA GLY C 63 62.02 15.53 -19.66
C GLY C 63 62.27 16.55 -18.55
N PRO C 64 62.39 16.08 -17.28
CA PRO C 64 62.74 16.96 -16.16
C PRO C 64 63.85 17.98 -16.50
N GLU C 65 64.93 17.47 -17.11
CA GLU C 65 66.09 18.28 -17.50
C GLU C 65 65.66 19.40 -18.46
N ILE C 66 64.77 19.09 -19.41
CA ILE C 66 64.28 20.08 -20.37
C ILE C 66 63.40 21.08 -19.63
N MET C 67 62.53 20.56 -18.75
CA MET C 67 61.57 21.42 -18.06
C MET C 67 62.27 22.32 -17.02
N SER C 68 63.46 21.93 -16.57
CA SER C 68 64.18 22.66 -15.51
C SER C 68 64.87 23.92 -16.06
N LYS C 69 65.01 24.01 -17.39
CA LYS C 69 65.67 25.15 -18.03
C LYS C 69 64.77 26.39 -17.96
N LEU C 70 65.38 27.57 -18.12
CA LEU C 70 64.65 28.83 -18.22
C LEU C 70 63.92 28.82 -19.58
N ALA C 71 62.66 29.24 -19.54
CA ALA C 71 61.77 29.28 -20.71
C ALA C 71 62.54 29.85 -21.90
N GLY C 72 62.63 29.05 -22.98
CA GLY C 72 63.45 29.41 -24.13
C GLY C 72 64.59 28.42 -24.31
N GLU C 73 65.38 28.24 -23.25
CA GLU C 73 66.54 27.36 -23.33
C GLU C 73 66.07 25.89 -23.36
N SER C 74 64.81 25.67 -22.94
CA SER C 74 64.13 24.39 -23.13
C SER C 74 63.99 24.10 -24.63
N GLU C 75 63.28 25.00 -25.32
CA GLU C 75 63.03 24.90 -26.78
C GLU C 75 64.38 24.82 -27.51
N SER C 76 65.31 25.66 -27.05
CA SER C 76 66.69 25.62 -27.51
C SER C 76 67.21 24.19 -27.41
N ASN C 77 67.23 23.65 -26.18
CA ASN C 77 67.72 22.29 -25.93
C ASN C 77 67.05 21.31 -26.90
N LEU C 78 65.73 21.46 -27.10
CA LEU C 78 64.99 20.54 -27.98
C LEU C 78 65.51 20.65 -29.42
N ARG C 79 65.45 21.86 -29.99
CA ARG C 79 65.96 22.11 -31.34
C ARG C 79 67.36 21.50 -31.46
N LYS C 80 68.24 21.87 -30.51
CA LYS C 80 69.62 21.42 -30.43
C LYS C 80 69.64 19.89 -30.56
N ALA C 81 68.96 19.20 -29.64
CA ALA C 81 68.90 17.74 -29.62
C ALA C 81 68.49 17.21 -31.01
N PHE C 82 67.39 17.77 -31.54
CA PHE C 82 66.83 17.29 -32.82
C PHE C 82 67.79 17.49 -33.99
N GLU C 83 68.52 18.61 -34.01
CA GLU C 83 69.50 18.87 -35.08
C GLU C 83 70.71 17.96 -34.90
N GLU C 84 71.15 17.79 -33.63
CA GLU C 84 72.27 16.91 -33.25
C GLU C 84 71.99 15.48 -33.68
N ALA C 85 70.74 15.02 -33.48
CA ALA C 85 70.34 13.71 -33.98
C ALA C 85 70.27 13.72 -35.52
N GLU C 86 69.50 14.68 -36.06
CA GLU C 86 69.29 14.84 -37.52
C GLU C 86 70.63 14.71 -38.25
N LYS C 87 71.68 15.26 -37.64
CA LYS C 87 72.99 15.32 -38.28
C LYS C 87 73.72 13.97 -38.25
N ASN C 88 73.48 13.14 -37.23
CA ASN C 88 74.32 11.93 -36.99
C ASN C 88 73.57 10.64 -37.36
N ALA C 89 72.63 10.71 -38.30
CA ALA C 89 71.58 9.71 -38.46
C ALA C 89 71.85 8.56 -39.44
N PRO C 90 71.87 7.29 -38.98
CA PRO C 90 70.70 6.70 -38.33
C PRO C 90 70.60 7.14 -36.85
N ALA C 91 69.44 7.67 -36.42
CA ALA C 91 69.29 8.37 -35.11
C ALA C 91 67.98 7.99 -34.39
N ILE C 92 68.12 7.55 -33.13
CA ILE C 92 67.02 7.44 -32.18
C ILE C 92 67.12 8.58 -31.16
N ILE C 93 66.10 9.45 -31.19
CA ILE C 93 65.87 10.44 -30.13
C ILE C 93 64.90 9.81 -29.13
N PHE C 94 65.38 9.56 -27.90
CA PHE C 94 64.56 8.94 -26.86
C PHE C 94 64.18 9.98 -25.81
N ILE C 95 62.87 10.10 -25.55
CA ILE C 95 62.34 11.07 -24.62
C ILE C 95 61.86 10.34 -23.37
N ASP C 96 62.64 10.51 -22.30
CA ASP C 96 62.37 9.94 -21.00
C ASP C 96 61.45 10.90 -20.23
N GLU C 97 60.44 10.31 -19.58
CA GLU C 97 59.33 11.06 -18.98
C GLU C 97 58.84 12.10 -20.01
N LEU C 98 58.12 11.62 -21.03
CA LEU C 98 57.58 12.52 -22.06
C LEU C 98 56.52 13.43 -21.43
N ASP C 99 55.62 12.80 -20.67
CA ASP C 99 54.51 13.44 -19.94
C ASP C 99 54.96 14.75 -19.25
N ALA C 100 56.25 14.84 -18.87
CA ALA C 100 56.78 16.02 -18.18
C ALA C 100 56.61 17.26 -19.08
N ILE C 101 57.30 17.26 -20.23
CA ILE C 101 57.26 18.39 -21.17
C ILE C 101 55.86 18.51 -21.79
N ALA C 102 55.23 17.39 -22.10
CA ALA C 102 54.00 17.34 -22.94
C ALA C 102 52.85 16.63 -22.22
N PRO C 103 52.15 17.31 -21.29
CA PRO C 103 51.18 16.64 -20.42
C PRO C 103 49.78 16.60 -21.08
N LYS C 104 48.75 16.29 -20.29
CA LYS C 104 47.33 16.61 -20.62
C LYS C 104 47.09 18.10 -20.38
N ARG C 105 46.83 18.85 -21.46
CA ARG C 105 47.36 20.22 -21.65
C ARG C 105 46.38 21.32 -21.18
N GLU C 106 45.41 20.99 -20.32
CA GLU C 106 44.70 22.02 -19.50
C GLU C 106 45.23 21.97 -18.05
N LYS C 107 45.97 20.89 -17.73
CA LYS C 107 46.84 20.79 -16.55
C LYS C 107 48.17 21.46 -16.90
N THR C 108 48.09 22.78 -17.17
CA THR C 108 49.18 23.59 -17.70
C THR C 108 48.83 25.05 -17.42
N HIS C 109 48.93 25.46 -16.15
CA HIS C 109 48.56 26.81 -15.71
C HIS C 109 49.63 27.83 -16.18
N GLY C 110 49.89 27.89 -17.49
CA GLY C 110 50.85 28.83 -18.09
C GLY C 110 51.22 28.48 -19.52
N GLU C 111 51.60 29.49 -20.31
CA GLU C 111 51.68 29.39 -21.79
C GLU C 111 53.05 28.87 -22.25
N VAL C 112 54.05 29.00 -21.40
CA VAL C 112 55.40 28.57 -21.74
C VAL C 112 55.38 27.08 -22.09
N GLU C 113 54.69 26.27 -21.27
CA GLU C 113 54.60 24.83 -21.51
C GLU C 113 53.94 24.58 -22.87
N ARG C 114 52.86 25.34 -23.19
CA ARG C 114 52.15 25.20 -24.47
C ARG C 114 53.10 25.54 -25.62
N ARG C 115 53.93 26.57 -25.43
CA ARG C 115 55.00 26.84 -26.40
C ARG C 115 55.96 25.63 -26.50
N ILE C 116 56.40 25.08 -25.35
CA ILE C 116 57.41 23.98 -25.30
C ILE C 116 56.88 22.76 -26.05
N VAL C 117 55.61 22.43 -25.79
CA VAL C 117 54.93 21.34 -26.45
C VAL C 117 54.85 21.69 -27.94
N SER C 118 54.31 22.88 -28.27
CA SER C 118 54.22 23.29 -29.67
C SER C 118 55.54 22.99 -30.37
N GLN C 119 56.63 23.43 -29.73
CA GLN C 119 57.97 23.26 -30.27
C GLN C 119 58.17 21.79 -30.62
N LEU C 120 57.94 20.90 -29.63
CA LEU C 120 58.13 19.47 -29.84
C LEU C 120 57.23 18.97 -30.98
N LEU C 121 56.00 19.49 -31.09
CA LEU C 121 55.13 19.12 -32.21
C LEU C 121 55.79 19.54 -33.54
N THR C 122 56.29 20.77 -33.61
CA THR C 122 56.88 21.29 -34.86
C THR C 122 58.14 20.48 -35.22
N LEU C 123 58.94 20.16 -34.20
CA LEU C 123 60.12 19.33 -34.37
C LEU C 123 59.72 17.94 -34.86
N MET C 124 58.72 17.33 -34.20
CA MET C 124 58.19 16.01 -34.56
C MET C 124 57.70 16.03 -36.02
N ASP C 125 57.02 17.11 -36.42
CA ASP C 125 56.53 17.32 -37.80
C ASP C 125 57.72 17.47 -38.76
N GLY C 126 58.78 18.16 -38.29
CA GLY C 126 59.96 18.55 -39.09
C GLY C 126 60.73 17.39 -39.69
N LEU C 127 60.72 16.22 -39.04
CA LEU C 127 61.55 15.08 -39.47
C LEU C 127 61.07 14.57 -40.83
N LYS C 128 62.00 13.95 -41.56
CA LYS C 128 61.72 13.14 -42.73
C LYS C 128 62.17 11.70 -42.47
N GLN C 129 61.43 10.72 -43.00
CA GLN C 129 61.89 9.33 -43.13
C GLN C 129 63.19 9.33 -43.94
N ARG C 130 63.30 10.38 -44.78
CA ARG C 130 64.48 10.77 -45.54
C ARG C 130 65.68 11.00 -44.61
N ALA C 131 65.46 11.62 -43.44
CA ALA C 131 66.54 12.05 -42.54
C ALA C 131 67.02 10.89 -41.66
N HIS C 132 66.35 9.72 -41.75
CA HIS C 132 66.69 8.48 -41.02
C HIS C 132 66.56 8.68 -39.50
N VAL C 133 65.50 9.34 -39.04
CA VAL C 133 65.37 9.62 -37.62
C VAL C 133 64.10 8.98 -37.08
N ILE C 134 64.25 8.35 -35.91
CA ILE C 134 63.19 7.74 -35.12
C ILE C 134 63.18 8.39 -33.73
N VAL C 135 61.97 8.68 -33.24
CA VAL C 135 61.76 9.26 -31.93
C VAL C 135 61.02 8.23 -31.08
N MET C 136 61.65 7.79 -30.00
CA MET C 136 61.00 6.99 -28.99
C MET C 136 60.77 7.86 -27.75
N ALA C 137 59.83 7.42 -26.91
CA ALA C 137 59.34 8.21 -25.79
C ALA C 137 58.71 7.32 -24.72
N ALA C 138 58.72 7.83 -23.48
CA ALA C 138 58.37 7.07 -22.28
C ALA C 138 57.25 7.76 -21.50
N THR C 139 56.39 6.94 -20.92
CA THR C 139 55.36 7.40 -20.00
C THR C 139 54.65 6.19 -19.37
N ASN C 140 53.84 6.48 -18.36
CA ASN C 140 53.17 5.46 -17.54
C ASN C 140 51.99 4.91 -18.34
N ARG C 141 51.17 5.83 -18.88
CA ARG C 141 50.05 5.48 -19.74
C ARG C 141 49.90 6.58 -20.79
N PRO C 142 49.35 6.28 -22.00
CA PRO C 142 49.25 7.27 -23.06
C PRO C 142 48.16 8.31 -22.79
N ASN C 143 47.33 8.04 -21.78
CA ASN C 143 46.38 9.00 -21.24
C ASN C 143 47.12 10.23 -20.72
N SER C 144 48.38 10.04 -20.29
CA SER C 144 49.26 11.09 -19.70
C SER C 144 49.59 12.19 -20.72
N ILE C 145 49.95 11.76 -21.93
CA ILE C 145 50.46 12.63 -22.99
C ILE C 145 49.31 13.45 -23.60
N ASP C 146 49.65 14.64 -24.09
CA ASP C 146 48.76 15.46 -24.92
C ASP C 146 48.38 14.69 -26.18
N PRO C 147 47.09 14.40 -26.40
CA PRO C 147 46.64 13.65 -27.58
C PRO C 147 47.13 14.14 -28.95
N ALA C 148 47.41 15.44 -29.08
CA ALA C 148 47.96 16.00 -30.31
C ALA C 148 49.39 15.50 -30.57
N LEU C 149 49.93 14.63 -29.70
CA LEU C 149 51.16 13.86 -29.95
C LEU C 149 50.85 12.48 -30.53
N ARG C 150 49.65 11.96 -30.25
CA ARG C 150 49.24 10.69 -30.83
C ARG C 150 48.49 10.94 -32.14
N ARG C 151 48.70 12.11 -32.76
CA ARG C 151 48.38 12.33 -34.17
C ARG C 151 49.17 11.30 -35.01
N PHE C 152 48.77 11.14 -36.26
CA PHE C 152 49.48 10.26 -37.17
C PHE C 152 50.88 10.81 -37.45
N GLY C 153 50.98 12.13 -37.57
CA GLY C 153 52.22 12.82 -37.96
C GLY C 153 53.36 12.64 -36.96
N ARG C 154 53.00 12.24 -35.73
CA ARG C 154 53.90 12.29 -34.61
C ARG C 154 54.06 10.86 -34.04
N PHE C 155 53.55 10.61 -32.83
CA PHE C 155 53.68 9.31 -32.15
C PHE C 155 52.53 8.38 -32.55
N ASP C 156 52.65 7.76 -33.72
CA ASP C 156 51.59 6.92 -34.29
C ASP C 156 51.61 5.52 -33.65
N ARG C 157 52.80 4.90 -33.56
CA ARG C 157 52.94 3.54 -33.05
C ARG C 157 53.22 3.56 -31.55
N GLU C 158 52.56 2.64 -30.82
CA GLU C 158 52.54 2.62 -29.35
C GLU C 158 52.84 1.19 -28.88
N VAL C 159 53.75 1.03 -27.91
CA VAL C 159 54.10 -0.27 -27.35
C VAL C 159 54.02 -0.24 -25.82
N ASP C 160 53.41 -1.31 -25.30
CA ASP C 160 53.11 -1.46 -23.89
C ASP C 160 54.15 -2.40 -23.29
N ILE C 161 54.92 -1.87 -22.34
CA ILE C 161 55.77 -2.70 -21.55
C ILE C 161 55.19 -2.72 -20.14
N GLY C 162 54.29 -3.69 -19.89
CA GLY C 162 53.56 -3.75 -18.62
C GLY C 162 54.38 -4.41 -17.51
N ILE C 163 53.67 -4.96 -16.54
CA ILE C 163 54.22 -5.92 -15.59
C ILE C 163 54.85 -7.05 -16.38
N PRO C 164 56.01 -7.60 -15.93
CA PRO C 164 56.46 -8.89 -16.42
C PRO C 164 55.80 -10.06 -15.66
N ASP C 165 55.63 -11.19 -16.37
CA ASP C 165 55.10 -12.42 -15.81
C ASP C 165 56.25 -13.28 -15.26
N ALA C 166 55.86 -14.42 -14.69
CA ALA C 166 56.76 -15.38 -14.04
C ALA C 166 58.11 -15.46 -14.77
N THR C 167 58.06 -15.69 -16.09
CA THR C 167 59.27 -15.92 -16.89
C THR C 167 60.14 -14.67 -16.90
N GLY C 168 59.52 -13.51 -17.17
CA GLY C 168 60.21 -12.23 -17.17
C GLY C 168 60.86 -11.97 -15.82
N ARG C 169 60.06 -12.20 -14.75
CA ARG C 169 60.50 -12.01 -13.38
C ARG C 169 61.72 -12.90 -13.13
N LEU C 170 61.63 -14.16 -13.58
CA LEU C 170 62.69 -15.15 -13.46
C LEU C 170 63.95 -14.65 -14.17
N GLU C 171 63.82 -14.27 -15.44
CA GLU C 171 64.89 -13.69 -16.25
C GLU C 171 65.57 -12.55 -15.47
N ILE C 172 64.73 -11.63 -14.96
CA ILE C 172 65.23 -10.44 -14.28
C ILE C 172 66.00 -10.85 -13.03
N LEU C 173 65.43 -11.77 -12.25
CA LEU C 173 66.07 -12.28 -11.04
C LEU C 173 67.44 -12.89 -11.41
N GLN C 174 67.46 -13.77 -12.41
CA GLN C 174 68.70 -14.39 -12.89
C GLN C 174 69.70 -13.28 -13.25
N ILE C 175 69.23 -12.27 -14.00
CA ILE C 175 70.08 -11.17 -14.48
C ILE C 175 70.65 -10.36 -13.31
N HIS C 176 69.85 -10.09 -12.27
CA HIS C 176 70.35 -9.30 -11.10
C HIS C 176 71.16 -10.18 -10.13
N THR C 177 70.99 -11.51 -10.21
CA THR C 177 71.57 -12.44 -9.21
C THR C 177 72.64 -13.39 -9.82
N LYS C 178 73.04 -13.18 -11.08
CA LYS C 178 74.17 -13.94 -11.62
C LYS C 178 75.46 -13.54 -10.86
N ASN C 179 75.47 -12.33 -10.29
CA ASN C 179 76.65 -11.76 -9.62
C ASN C 179 76.62 -12.03 -8.10
N MET C 180 75.87 -13.04 -7.64
CA MET C 180 75.50 -13.13 -6.21
C MET C 180 75.94 -14.48 -5.61
N LYS C 181 76.17 -14.49 -4.28
CA LYS C 181 76.53 -15.67 -3.46
C LYS C 181 75.31 -16.58 -3.28
N LEU C 182 74.70 -17.01 -4.41
CA LEU C 182 73.40 -17.72 -4.42
C LEU C 182 73.56 -19.12 -3.83
N ALA C 183 72.81 -19.43 -2.76
CA ALA C 183 72.85 -20.77 -2.14
C ALA C 183 72.13 -21.79 -3.03
N ASP C 184 72.27 -23.07 -2.70
CA ASP C 184 71.70 -24.18 -3.45
C ASP C 184 70.21 -24.34 -3.10
N ASP C 185 69.85 -23.94 -1.87
CA ASP C 185 68.46 -23.99 -1.39
C ASP C 185 67.65 -22.82 -1.96
N VAL C 186 68.32 -21.79 -2.49
CA VAL C 186 67.65 -20.67 -3.15
C VAL C 186 66.93 -21.22 -4.39
N ASP C 187 65.67 -20.80 -4.56
CA ASP C 187 64.89 -21.09 -5.75
C ASP C 187 64.46 -19.75 -6.37
N LEU C 188 64.98 -19.45 -7.57
CA LEU C 188 64.65 -18.21 -8.28
C LEU C 188 63.22 -18.31 -8.81
N GLU C 189 62.86 -19.45 -9.40
CA GLU C 189 61.54 -19.65 -10.03
C GLU C 189 60.42 -19.50 -8.99
N GLN C 190 60.60 -20.14 -7.82
CA GLN C 190 59.73 -19.98 -6.68
C GLN C 190 59.41 -18.48 -6.51
N VAL C 191 60.46 -17.69 -6.29
CA VAL C 191 60.36 -16.26 -6.01
C VAL C 191 59.66 -15.56 -7.19
N ALA C 192 60.07 -15.90 -8.42
CA ALA C 192 59.47 -15.34 -9.64
C ALA C 192 57.96 -15.55 -9.64
N ASN C 193 57.54 -16.75 -9.25
CA ASN C 193 56.13 -17.09 -9.15
C ASN C 193 55.48 -16.32 -7.98
N GLU C 194 56.20 -16.15 -6.88
CA GLU C 194 55.67 -15.46 -5.67
C GLU C 194 55.64 -13.94 -5.85
N THR C 195 56.31 -13.39 -6.88
CA THR C 195 56.50 -11.94 -7.01
C THR C 195 55.45 -11.32 -7.94
N HIS C 196 54.17 -11.39 -7.53
CA HIS C 196 53.13 -10.68 -8.27
C HIS C 196 53.24 -9.18 -7.98
N GLY C 197 52.99 -8.38 -9.01
CA GLY C 197 53.01 -6.93 -8.92
C GLY C 197 54.42 -6.36 -8.89
N HIS C 198 55.44 -7.22 -8.96
CA HIS C 198 56.80 -6.75 -8.99
C HIS C 198 57.15 -6.35 -10.44
N VAL C 199 58.04 -5.36 -10.58
CA VAL C 199 58.68 -5.01 -11.84
C VAL C 199 60.22 -5.05 -11.66
N GLY C 200 60.94 -4.87 -12.78
CA GLY C 200 62.42 -4.89 -12.82
C GLY C 200 63.03 -4.25 -11.58
N ALA C 201 62.52 -3.05 -11.25
CA ALA C 201 62.98 -2.28 -10.08
C ALA C 201 62.72 -3.03 -8.77
N ASP C 202 61.46 -3.44 -8.57
CA ASP C 202 61.04 -4.10 -7.32
C ASP C 202 61.85 -5.39 -7.13
N LEU C 203 62.12 -6.08 -8.25
CA LEU C 203 62.89 -7.31 -8.23
C LEU C 203 64.35 -6.99 -7.91
N ALA C 204 64.89 -5.96 -8.57
CA ALA C 204 66.24 -5.46 -8.25
C ALA C 204 66.34 -5.21 -6.74
N ALA C 205 65.41 -4.41 -6.22
CA ALA C 205 65.34 -4.02 -4.81
C ALA C 205 65.25 -5.28 -3.93
N LEU C 206 64.40 -6.23 -4.35
CA LEU C 206 64.26 -7.50 -3.66
C LEU C 206 65.62 -8.21 -3.56
N CYS C 207 66.24 -8.47 -4.71
CA CYS C 207 67.57 -9.06 -4.75
C CYS C 207 68.50 -8.29 -3.81
N SER C 208 68.37 -6.96 -3.80
CA SER C 208 69.23 -6.09 -3.01
C SER C 208 69.03 -6.33 -1.50
N GLU C 209 67.79 -6.29 -1.02
CA GLU C 209 67.51 -6.56 0.40
C GLU C 209 67.91 -8.00 0.76
N ALA C 210 67.66 -8.93 -0.18
CA ALA C 210 68.08 -10.33 -0.02
C ALA C 210 69.59 -10.38 0.24
N ALA C 211 70.36 -9.68 -0.61
CA ALA C 211 71.78 -9.52 -0.37
C ALA C 211 72.01 -8.94 1.02
N LEU C 212 71.55 -7.70 1.24
CA LEU C 212 71.88 -6.95 2.45
C LEU C 212 71.60 -7.79 3.71
N GLN C 213 70.49 -8.55 3.72
CA GLN C 213 70.13 -9.28 4.94
C GLN C 213 70.95 -10.57 5.08
N ALA C 214 71.43 -11.12 3.97
CA ALA C 214 72.48 -12.14 4.06
C ALA C 214 73.73 -11.49 4.67
N ILE C 215 74.17 -10.38 4.05
CA ILE C 215 75.42 -9.65 4.42
C ILE C 215 75.33 -9.18 5.88
N ARG C 216 74.12 -9.07 6.43
CA ARG C 216 73.99 -9.12 7.89
C ARG C 216 74.37 -10.56 8.31
N VAL C 239 73.90 -15.83 0.21
CA VAL C 239 72.46 -15.57 0.12
C VAL C 239 71.70 -16.90 0.16
N THR C 240 70.88 -17.07 1.21
CA THR C 240 70.00 -18.21 1.42
C THR C 240 68.60 -17.91 0.87
N MET C 241 67.74 -18.92 0.83
CA MET C 241 66.33 -18.76 0.45
C MET C 241 65.61 -17.88 1.49
N ASP C 242 65.95 -18.13 2.77
CA ASP C 242 65.42 -17.37 3.91
C ASP C 242 65.50 -15.87 3.64
N ASP C 243 66.68 -15.41 3.18
CA ASP C 243 66.91 -13.99 2.90
C ASP C 243 65.95 -13.51 1.80
N PHE C 244 65.80 -14.31 0.74
CA PHE C 244 64.93 -13.95 -0.37
C PHE C 244 63.48 -13.84 0.12
N ARG C 245 63.04 -14.86 0.87
CA ARG C 245 61.68 -14.88 1.37
C ARG C 245 61.46 -13.72 2.35
N TRP C 246 62.48 -13.39 3.17
CA TRP C 246 62.40 -12.25 4.10
C TRP C 246 62.26 -10.94 3.33
N ALA C 247 63.13 -10.76 2.32
CA ALA C 247 63.08 -9.58 1.46
C ALA C 247 61.72 -9.49 0.76
N LEU C 248 61.14 -10.65 0.41
CA LEU C 248 59.77 -10.73 -0.10
C LEU C 248 58.78 -10.25 0.95
N SER C 249 58.95 -10.71 2.20
CA SER C 249 58.17 -10.23 3.34
C SER C 249 58.26 -8.71 3.42
N GLN C 250 59.44 -8.15 3.13
CA GLN C 250 59.63 -6.70 3.25
C GLN C 250 59.03 -5.94 2.07
N SER C 251 59.26 -6.38 0.81
CA SER C 251 59.07 -5.50 -0.39
C SER C 251 57.60 -5.07 -0.56
N ASN C 252 57.42 -3.82 -1.05
CA ASN C 252 56.14 -3.21 -1.39
C ASN C 252 56.12 -2.89 -2.88
N PRO C 253 55.82 -3.89 -3.75
CA PRO C 253 55.82 -3.68 -5.20
C PRO C 253 54.96 -2.49 -5.65
N SER C 254 55.31 -1.91 -6.82
CA SER C 254 54.63 -0.75 -7.38
C SER C 254 53.38 -1.17 -8.16
N ALA C 255 53.46 -2.29 -8.90
CA ALA C 255 52.44 -2.62 -9.88
C ALA C 255 51.43 -3.63 -9.33
N LEU C 256 51.23 -3.64 -8.00
CA LEU C 256 50.09 -4.34 -7.40
C LEU C 256 48.82 -3.86 -8.09
N ARG C 257 48.75 -2.54 -8.34
CA ARG C 257 47.53 -1.84 -8.73
C ARG C 257 47.27 -1.95 -10.24
N GLU C 258 48.27 -2.41 -11.01
CA GLU C 258 48.19 -2.42 -12.47
C GLU C 258 47.55 -3.73 -12.97
N THR C 259 46.68 -3.61 -13.97
CA THR C 259 45.87 -4.72 -14.51
C THR C 259 46.79 -5.69 -15.28
N VAL C 260 46.98 -6.88 -14.71
CA VAL C 260 47.95 -7.85 -15.20
C VAL C 260 47.36 -8.54 -16.44
N VAL C 261 48.09 -8.44 -17.56
CA VAL C 261 47.80 -9.17 -18.77
C VAL C 261 48.85 -10.26 -18.95
N GLU C 262 48.41 -11.52 -19.00
CA GLU C 262 49.27 -12.64 -19.35
C GLU C 262 48.37 -13.80 -19.79
N VAL C 263 48.93 -14.69 -20.60
CA VAL C 263 48.27 -15.95 -20.89
C VAL C 263 48.34 -16.78 -19.62
N PRO C 264 47.20 -17.29 -19.13
CA PRO C 264 47.20 -18.06 -17.89
C PRO C 264 47.65 -19.49 -18.20
N GLN C 265 48.18 -20.18 -17.18
CA GLN C 265 48.66 -21.53 -17.33
C GLN C 265 47.74 -22.49 -16.57
N VAL C 266 46.44 -22.40 -16.85
CA VAL C 266 45.50 -23.42 -16.47
C VAL C 266 45.09 -24.16 -17.75
N THR C 267 45.40 -25.46 -17.80
CA THR C 267 45.06 -26.31 -18.93
C THR C 267 43.57 -26.58 -18.91
N TRP C 268 43.03 -27.10 -20.01
CA TRP C 268 41.66 -27.61 -19.98
C TRP C 268 41.61 -28.85 -19.07
N GLU C 269 42.64 -29.70 -19.14
CA GLU C 269 42.65 -30.97 -18.42
C GLU C 269 42.95 -30.76 -16.92
N ASP C 270 43.31 -29.54 -16.52
CA ASP C 270 43.29 -29.13 -15.11
C ASP C 270 41.83 -29.06 -14.64
N ILE C 271 40.96 -28.57 -15.54
CA ILE C 271 39.51 -28.51 -15.33
C ILE C 271 38.90 -29.81 -15.85
N GLY C 272 38.99 -30.87 -15.06
CA GLY C 272 38.32 -32.13 -15.35
C GLY C 272 36.82 -31.93 -15.45
N GLY C 273 36.17 -32.67 -16.36
CA GLY C 273 34.72 -32.57 -16.57
C GLY C 273 34.31 -31.20 -17.09
N LEU C 274 33.04 -30.85 -16.87
CA LEU C 274 32.48 -29.62 -17.48
C LEU C 274 32.88 -29.60 -18.96
N GLU C 275 32.31 -30.54 -19.72
CA GLU C 275 32.77 -30.89 -21.05
C GLU C 275 32.03 -30.06 -22.09
N ASP C 276 30.70 -30.16 -22.03
CA ASP C 276 29.80 -29.38 -22.84
C ASP C 276 30.30 -27.93 -22.93
N VAL C 277 30.69 -27.34 -21.78
CA VAL C 277 31.13 -25.92 -21.74
C VAL C 277 32.48 -25.81 -22.46
N LYS C 278 33.39 -26.78 -22.23
CA LYS C 278 34.64 -26.89 -22.98
C LYS C 278 34.33 -26.74 -24.47
N ARG C 279 33.48 -27.65 -24.98
CA ARG C 279 33.25 -27.72 -26.44
C ARG C 279 32.53 -26.47 -26.93
N GLU C 280 31.53 -26.00 -26.17
CA GLU C 280 30.85 -24.75 -26.49
C GLU C 280 31.88 -23.63 -26.67
N LEU C 281 32.64 -23.37 -25.58
CA LEU C 281 33.68 -22.33 -25.56
C LEU C 281 34.69 -22.52 -26.72
N GLN C 282 35.01 -23.78 -27.03
CA GLN C 282 35.91 -24.07 -28.14
C GLN C 282 35.24 -23.59 -29.44
N GLU C 283 33.96 -23.94 -29.64
CA GLU C 283 33.21 -23.57 -30.87
C GLU C 283 33.04 -22.04 -30.96
N LEU C 284 32.91 -21.38 -29.79
CA LEU C 284 32.71 -19.93 -29.71
C LEU C 284 34.01 -19.22 -30.04
N VAL C 285 35.09 -19.58 -29.32
CA VAL C 285 36.33 -18.77 -29.12
C VAL C 285 37.59 -19.44 -29.71
N GLN C 286 37.64 -20.77 -29.70
CA GLN C 286 38.81 -21.52 -30.19
C GLN C 286 38.78 -21.69 -31.72
N TYR C 287 37.65 -22.16 -32.26
CA TYR C 287 37.56 -22.48 -33.68
C TYR C 287 37.90 -21.27 -34.54
N PRO C 288 37.49 -20.01 -34.22
CA PRO C 288 37.82 -18.86 -35.05
C PRO C 288 39.23 -18.27 -34.93
N VAL C 289 39.98 -18.64 -33.90
CA VAL C 289 41.39 -18.27 -33.87
C VAL C 289 42.24 -19.44 -34.39
N GLU C 290 41.76 -20.69 -34.22
CA GLU C 290 42.57 -21.89 -34.53
C GLU C 290 42.29 -22.44 -35.94
N HIS C 291 41.12 -22.16 -36.50
CA HIS C 291 40.78 -22.62 -37.85
C HIS C 291 40.12 -21.51 -38.65
N PRO C 292 40.62 -20.26 -38.60
CA PRO C 292 39.90 -19.11 -39.18
C PRO C 292 39.49 -19.33 -40.65
N ASP C 293 40.37 -20.01 -41.38
CA ASP C 293 40.16 -20.52 -42.72
C ASP C 293 38.68 -20.90 -42.88
N LYS C 294 38.20 -21.75 -41.97
CA LYS C 294 36.83 -22.22 -41.96
C LYS C 294 35.85 -21.06 -41.81
N PHE C 295 35.96 -20.25 -40.75
CA PHE C 295 34.98 -19.17 -40.47
C PHE C 295 34.90 -18.24 -41.69
N LEU C 296 36.08 -17.93 -42.25
CA LEU C 296 36.20 -17.17 -43.48
C LEU C 296 35.46 -17.90 -44.60
N LYS C 297 35.62 -19.23 -44.65
CA LYS C 297 35.11 -20.09 -45.75
C LYS C 297 33.58 -20.15 -45.73
N PHE C 298 33.00 -20.61 -44.62
CA PHE C 298 31.55 -20.64 -44.47
C PHE C 298 30.98 -19.23 -44.44
N GLY C 299 31.78 -18.26 -44.01
CA GLY C 299 31.46 -16.84 -44.15
C GLY C 299 30.91 -16.23 -42.87
N MET C 300 30.15 -17.02 -42.10
CA MET C 300 29.66 -16.54 -40.82
C MET C 300 30.86 -16.10 -39.96
N THR C 301 30.64 -15.02 -39.19
CA THR C 301 31.68 -14.33 -38.41
C THR C 301 31.39 -14.58 -36.92
N PRO C 302 32.41 -14.56 -36.02
CA PRO C 302 32.34 -15.29 -34.76
C PRO C 302 31.46 -14.59 -33.72
N SER C 303 31.21 -15.24 -32.58
CA SER C 303 30.57 -14.56 -31.47
C SER C 303 31.50 -13.44 -30.99
N LYS C 304 30.91 -12.29 -30.66
CA LYS C 304 31.69 -11.23 -30.03
C LYS C 304 32.13 -11.71 -28.65
N GLY C 305 31.18 -12.29 -27.90
CA GLY C 305 31.47 -12.80 -26.57
C GLY C 305 30.35 -13.63 -25.95
N VAL C 306 30.54 -13.87 -24.65
CA VAL C 306 29.96 -14.96 -23.91
C VAL C 306 29.33 -14.38 -22.64
N LEU C 307 28.53 -15.18 -21.94
CA LEU C 307 28.19 -14.86 -20.58
C LEU C 307 28.15 -16.14 -19.73
N PHE C 308 29.01 -16.14 -18.72
CA PHE C 308 29.05 -17.18 -17.70
C PHE C 308 28.10 -16.80 -16.56
N TYR C 309 27.04 -17.58 -16.41
CA TYR C 309 26.20 -17.46 -15.26
C TYR C 309 26.09 -18.82 -14.59
N GLY C 310 25.66 -18.78 -13.33
CA GLY C 310 25.45 -19.97 -12.53
C GLY C 310 25.70 -19.69 -11.05
N PRO C 311 25.99 -20.72 -10.23
CA PRO C 311 26.13 -20.54 -8.79
C PRO C 311 27.53 -20.01 -8.49
N PRO C 312 27.69 -19.26 -7.36
CA PRO C 312 28.91 -18.52 -7.04
C PRO C 312 30.13 -19.40 -6.74
N GLY C 313 29.88 -20.65 -6.31
CA GLY C 313 30.92 -21.62 -6.05
C GLY C 313 31.30 -22.40 -7.29
N CYS C 314 32.16 -21.79 -8.11
CA CYS C 314 32.72 -22.42 -9.30
C CYS C 314 33.89 -21.57 -9.83
N GLY C 315 34.57 -22.10 -10.84
CA GLY C 315 35.71 -21.43 -11.42
C GLY C 315 35.35 -20.77 -12.73
N LYS C 316 34.39 -19.85 -12.67
CA LYS C 316 33.97 -19.12 -13.86
C LYS C 316 35.21 -18.42 -14.45
N THR C 317 36.01 -17.82 -13.58
CA THR C 317 37.33 -17.26 -13.88
C THR C 317 38.22 -18.29 -14.59
N LEU C 318 38.30 -19.46 -13.97
CA LEU C 318 39.25 -20.48 -14.36
C LEU C 318 38.88 -21.08 -15.71
N LEU C 319 37.58 -21.18 -16.02
CA LEU C 319 37.14 -21.66 -17.35
C LEU C 319 37.61 -20.66 -18.41
N ALA C 320 37.32 -19.39 -18.13
CA ALA C 320 37.69 -18.30 -19.00
C ALA C 320 39.22 -18.33 -19.22
N LYS C 321 39.98 -18.49 -18.13
CA LYS C 321 41.41 -18.65 -18.23
C LYS C 321 41.69 -19.84 -19.15
N ALA C 322 41.09 -21.00 -18.85
CA ALA C 322 41.35 -22.28 -19.50
C ALA C 322 41.14 -22.20 -21.02
N ILE C 323 40.12 -21.45 -21.45
CA ILE C 323 39.92 -21.28 -22.90
C ILE C 323 41.00 -20.35 -23.49
N ALA C 324 41.43 -19.33 -22.73
CA ALA C 324 42.54 -18.46 -23.18
C ALA C 324 43.83 -19.26 -23.32
N ASN C 325 44.15 -20.03 -22.27
CA ASN C 325 45.26 -20.97 -22.23
C ASN C 325 45.17 -21.94 -23.41
N GLU C 326 43.98 -22.52 -23.63
CA GLU C 326 43.70 -23.42 -24.77
C GLU C 326 43.94 -22.71 -26.12
N CYS C 327 43.62 -21.42 -26.21
CA CYS C 327 43.83 -20.68 -27.47
C CYS C 327 45.18 -19.93 -27.48
N GLN C 328 46.02 -20.19 -26.47
CA GLN C 328 47.25 -19.40 -26.19
C GLN C 328 47.03 -17.92 -26.50
N ALA C 329 45.96 -17.36 -25.91
CA ALA C 329 45.64 -15.95 -25.97
C ALA C 329 45.76 -15.35 -24.56
N ASN C 330 45.83 -14.02 -24.49
CA ASN C 330 45.97 -13.32 -23.21
C ASN C 330 44.66 -13.37 -22.44
N PHE C 331 44.72 -12.83 -21.20
CA PHE C 331 43.60 -12.83 -20.29
C PHE C 331 43.61 -11.53 -19.49
N ILE C 332 42.43 -10.95 -19.25
CA ILE C 332 42.35 -9.77 -18.40
C ILE C 332 41.10 -9.85 -17.51
N SER C 333 41.32 -9.89 -16.19
CA SER C 333 40.23 -9.89 -15.19
C SER C 333 39.90 -8.44 -14.79
N ILE C 334 38.66 -8.01 -15.05
CA ILE C 334 38.10 -6.89 -14.34
C ILE C 334 37.23 -7.48 -13.22
N LYS C 335 37.84 -7.55 -12.03
CA LYS C 335 37.10 -7.71 -10.79
C LYS C 335 36.01 -6.63 -10.78
N GLY C 336 34.82 -6.97 -10.27
CA GLY C 336 33.68 -6.05 -10.18
C GLY C 336 33.95 -4.80 -9.33
N PRO C 337 34.71 -4.89 -8.21
CA PRO C 337 35.20 -3.71 -7.49
C PRO C 337 35.92 -2.63 -8.32
N GLU C 338 36.49 -3.02 -9.46
CA GLU C 338 36.93 -2.09 -10.49
C GLU C 338 35.69 -1.39 -11.10
N LEU C 339 34.70 -2.20 -11.46
CA LEU C 339 33.46 -1.68 -12.01
C LEU C 339 32.84 -0.73 -10.98
N LEU C 340 32.64 -1.20 -9.74
CA LEU C 340 32.01 -0.38 -8.68
C LEU C 340 32.78 0.92 -8.53
N THR C 341 34.11 0.84 -8.44
CA THR C 341 34.96 2.01 -8.33
C THR C 341 34.65 2.99 -9.47
N MET C 342 34.43 2.48 -10.68
CA MET C 342 34.12 3.33 -11.83
C MET C 342 32.73 3.95 -11.63
N TRP C 343 31.71 3.13 -11.36
CA TRP C 343 30.36 3.67 -11.26
C TRP C 343 30.33 4.75 -10.17
N PHE C 344 30.63 4.35 -8.94
CA PHE C 344 30.55 5.23 -7.77
C PHE C 344 31.41 6.51 -7.95
N GLY C 345 32.45 6.45 -8.79
CA GLY C 345 33.31 7.61 -9.11
C GLY C 345 32.91 8.33 -10.38
N GLU C 346 32.11 7.64 -11.20
CA GLU C 346 31.70 8.06 -12.54
C GLU C 346 32.96 8.31 -13.38
N SER C 347 33.82 7.29 -13.42
CA SER C 347 34.95 7.24 -14.31
C SER C 347 34.70 6.11 -15.33
N GLU C 348 33.64 6.28 -16.11
CA GLU C 348 33.31 5.36 -17.19
C GLU C 348 34.36 5.49 -18.31
N ALA C 349 34.92 6.69 -18.45
CA ALA C 349 36.07 6.92 -19.30
C ALA C 349 36.90 5.63 -19.38
N ASN C 350 37.35 5.16 -18.21
CA ASN C 350 38.38 4.11 -18.08
C ASN C 350 37.98 2.80 -18.75
N VAL C 351 36.69 2.60 -19.06
CA VAL C 351 36.30 1.42 -19.82
C VAL C 351 37.05 1.47 -21.17
N ARG C 352 36.94 2.63 -21.84
CA ARG C 352 37.60 2.89 -23.12
C ARG C 352 39.07 2.46 -23.03
N GLU C 353 39.72 2.87 -21.94
CA GLU C 353 41.12 2.56 -21.64
C GLU C 353 41.30 1.04 -21.50
N ILE C 354 40.40 0.37 -20.76
CA ILE C 354 40.44 -1.09 -20.61
C ILE C 354 40.40 -1.75 -21.99
N PHE C 355 39.37 -1.42 -22.77
CA PHE C 355 39.24 -2.04 -24.08
C PHE C 355 40.44 -1.72 -24.97
N ASP C 356 40.94 -0.48 -24.90
CA ASP C 356 42.16 -0.16 -25.62
C ASP C 356 43.25 -1.14 -25.17
N LYS C 357 43.40 -1.35 -23.86
CA LYS C 357 44.43 -2.22 -23.28
C LYS C 357 44.24 -3.68 -23.73
N ALA C 358 43.00 -4.13 -23.87
CA ALA C 358 42.75 -5.49 -24.38
C ALA C 358 43.12 -5.55 -25.86
N ARG C 359 42.51 -4.63 -26.63
CA ARG C 359 42.70 -4.47 -28.08
C ARG C 359 44.20 -4.53 -28.40
N GLN C 360 44.99 -3.74 -27.65
CA GLN C 360 46.43 -3.64 -27.87
C GLN C 360 47.10 -4.99 -27.53
N ALA C 361 46.61 -5.68 -26.50
CA ALA C 361 47.17 -6.95 -26.10
C ALA C 361 46.42 -8.12 -26.75
N ALA C 362 45.92 -7.93 -27.98
CA ALA C 362 45.24 -9.02 -28.72
C ALA C 362 46.21 -10.19 -28.88
N PRO C 363 45.71 -11.34 -29.38
CA PRO C 363 44.42 -11.85 -28.92
C PRO C 363 44.36 -12.18 -27.43
N CYS C 364 43.14 -12.11 -26.89
CA CYS C 364 42.93 -11.87 -25.48
C CYS C 364 41.48 -12.19 -25.10
N VAL C 365 41.25 -12.68 -23.87
CA VAL C 365 39.89 -12.66 -23.33
C VAL C 365 39.82 -11.60 -22.23
N LEU C 366 38.93 -10.63 -22.48
CA LEU C 366 38.52 -9.64 -21.56
C LEU C 366 37.38 -10.23 -20.73
N PHE C 367 37.72 -10.52 -19.48
CA PHE C 367 36.87 -11.19 -18.57
C PHE C 367 36.35 -10.16 -17.54
N PHE C 368 35.05 -9.91 -17.61
CA PHE C 368 34.37 -9.15 -16.61
C PHE C 368 33.84 -10.11 -15.54
N ASP C 369 34.26 -9.86 -14.30
CA ASP C 369 33.69 -10.55 -13.21
C ASP C 369 32.52 -9.72 -12.69
N GLU C 370 31.50 -10.41 -12.16
CA GLU C 370 30.38 -9.75 -11.54
C GLU C 370 29.90 -8.62 -12.47
N LEU C 371 29.50 -8.97 -13.70
CA LEU C 371 29.04 -7.92 -14.62
C LEU C 371 27.78 -7.24 -14.03
N ASP C 372 27.11 -7.98 -13.14
CA ASP C 372 25.89 -7.54 -12.49
C ASP C 372 26.15 -6.44 -11.45
N SER C 373 27.42 -6.10 -11.12
CA SER C 373 27.76 -5.25 -9.95
C SER C 373 27.14 -3.87 -10.03
N ILE C 374 27.38 -3.19 -11.16
CA ILE C 374 26.88 -1.85 -11.36
C ILE C 374 25.36 -1.93 -11.19
N ALA C 375 24.73 -2.68 -12.09
CA ALA C 375 23.30 -2.93 -12.06
C ALA C 375 22.87 -3.48 -10.67
N LYS C 376 23.61 -4.42 -10.08
CA LYS C 376 23.19 -5.02 -8.80
C LYS C 376 23.11 -3.95 -7.72
N ALA C 377 24.20 -3.22 -7.55
CA ALA C 377 24.47 -2.56 -6.29
C ALA C 377 23.35 -1.58 -5.92
N ARG C 378 22.74 -0.94 -6.92
CA ARG C 378 21.50 -0.20 -6.65
C ARG C 378 20.52 -1.10 -5.89
N ALA C 388 26.29 7.45 -13.55
CA ALA C 388 26.50 7.02 -14.93
C ALA C 388 26.76 5.50 -15.01
N ALA C 389 25.71 4.71 -14.68
CA ALA C 389 25.82 3.29 -14.22
C ALA C 389 25.49 2.29 -15.35
N ASP C 390 24.20 2.18 -15.67
CA ASP C 390 23.84 1.52 -16.89
C ASP C 390 24.82 2.08 -17.93
N ARG C 391 25.35 3.30 -17.68
CA ARG C 391 26.43 3.93 -18.52
C ARG C 391 27.77 3.18 -18.37
N VAL C 392 28.23 2.89 -17.16
CA VAL C 392 29.43 2.04 -17.07
C VAL C 392 29.17 0.73 -17.82
N ILE C 393 28.08 0.03 -17.49
CA ILE C 393 27.71 -1.17 -18.30
C ILE C 393 27.61 -0.73 -19.78
N ASN C 394 27.07 0.48 -20.03
CA ASN C 394 26.80 1.05 -21.40
C ASN C 394 28.11 1.44 -22.09
N GLN C 395 29.10 1.92 -21.35
CA GLN C 395 30.34 2.21 -22.01
C GLN C 395 30.88 0.89 -22.57
N ILE C 396 30.81 -0.16 -21.74
CA ILE C 396 31.15 -1.51 -22.18
C ILE C 396 30.35 -1.85 -23.44
N LEU C 397 29.08 -1.41 -23.53
CA LEU C 397 28.30 -1.60 -24.76
C LEU C 397 28.98 -0.87 -25.92
N THR C 398 29.08 0.47 -25.82
CA THR C 398 29.58 1.30 -26.91
C THR C 398 30.94 0.75 -27.35
N GLU C 399 31.72 0.22 -26.41
CA GLU C 399 33.04 -0.32 -26.70
C GLU C 399 32.96 -1.67 -27.42
N MET C 400 32.01 -2.53 -27.02
CA MET C 400 31.77 -3.79 -27.73
C MET C 400 31.27 -3.51 -29.15
N ASP C 401 30.37 -2.53 -29.28
CA ASP C 401 29.84 -2.08 -30.57
C ASP C 401 31.00 -1.58 -31.44
N GLY C 402 31.81 -0.67 -30.89
CA GLY C 402 32.88 0.03 -31.63
C GLY C 402 34.15 -0.81 -31.83
N MET C 403 34.34 -1.87 -31.02
CA MET C 403 35.48 -2.74 -31.22
C MET C 403 35.32 -3.48 -32.55
N SER C 404 36.41 -3.58 -33.31
CA SER C 404 36.41 -4.28 -34.57
C SER C 404 36.22 -5.79 -34.34
N THR C 405 35.22 -6.34 -35.04
CA THR C 405 34.89 -7.76 -35.06
C THR C 405 36.13 -8.65 -35.26
N LYS C 406 37.04 -8.20 -36.13
CA LYS C 406 38.09 -9.03 -36.70
C LYS C 406 39.21 -9.23 -35.67
N LYS C 407 39.69 -8.14 -35.06
CA LYS C 407 40.54 -8.20 -33.89
C LYS C 407 40.06 -9.38 -33.02
N ASN C 408 40.93 -10.36 -32.78
CA ASN C 408 40.51 -11.52 -32.01
C ASN C 408 40.69 -11.24 -30.52
N VAL C 409 39.69 -10.55 -29.95
CA VAL C 409 39.58 -10.28 -28.50
C VAL C 409 38.19 -10.73 -28.06
N PHE C 410 38.12 -11.80 -27.26
CA PHE C 410 36.84 -12.30 -26.74
C PHE C 410 36.53 -11.65 -25.39
N ILE C 411 35.29 -11.78 -24.94
CA ILE C 411 34.82 -10.91 -23.89
C ILE C 411 33.76 -11.63 -23.06
N ILE C 412 34.23 -12.24 -21.96
CA ILE C 412 33.42 -13.14 -21.16
C ILE C 412 32.88 -12.38 -19.95
N GLY C 413 31.57 -12.51 -19.77
CA GLY C 413 30.79 -11.77 -18.77
C GLY C 413 30.25 -12.70 -17.70
N ALA C 414 30.87 -12.62 -16.52
CA ALA C 414 30.51 -13.49 -15.39
C ALA C 414 29.37 -12.88 -14.57
N THR C 415 28.59 -13.77 -13.95
CA THR C 415 27.59 -13.37 -12.99
C THR C 415 27.19 -14.56 -12.09
N ASN C 416 26.07 -14.36 -11.39
CA ASN C 416 25.30 -15.44 -10.84
C ASN C 416 23.81 -15.04 -10.95
N ARG C 417 23.53 -14.00 -11.73
CA ARG C 417 22.23 -13.39 -11.73
C ARG C 417 21.92 -12.95 -13.16
N PRO C 418 21.73 -13.87 -14.11
CA PRO C 418 21.41 -13.47 -15.48
C PRO C 418 20.25 -12.46 -15.40
N ASP C 419 19.43 -12.63 -14.35
CA ASP C 419 18.20 -11.88 -14.08
C ASP C 419 18.45 -10.37 -13.95
N ILE C 420 19.69 -9.94 -13.66
CA ILE C 420 19.93 -8.53 -13.31
C ILE C 420 20.75 -7.81 -14.38
N ILE C 421 21.29 -8.56 -15.34
CA ILE C 421 22.16 -7.94 -16.27
C ILE C 421 21.30 -7.19 -17.28
N ASP C 422 21.63 -5.91 -17.48
CA ASP C 422 21.03 -5.06 -18.54
C ASP C 422 20.91 -5.91 -19.81
N PRO C 423 19.70 -6.34 -20.23
CA PRO C 423 19.58 -7.41 -21.22
C PRO C 423 20.08 -6.96 -22.60
N ALA C 424 20.28 -5.64 -22.75
CA ALA C 424 20.96 -5.09 -23.91
C ALA C 424 22.32 -5.76 -24.12
N ILE C 425 22.98 -6.12 -23.02
CA ILE C 425 24.25 -6.82 -23.07
C ILE C 425 24.08 -8.22 -23.68
N LEU C 426 22.89 -8.80 -23.50
CA LEU C 426 22.60 -10.13 -23.99
C LEU C 426 21.93 -10.10 -25.37
N ARG C 427 21.94 -8.92 -25.99
CA ARG C 427 21.50 -8.68 -27.37
C ARG C 427 22.57 -9.27 -28.30
N PRO C 428 22.21 -9.90 -29.45
CA PRO C 428 23.24 -10.44 -30.33
C PRO C 428 24.25 -9.34 -30.72
N GLY C 429 25.50 -9.78 -30.97
CA GLY C 429 26.59 -8.88 -31.33
C GLY C 429 27.25 -8.25 -30.10
N ARG C 430 26.87 -8.78 -28.93
CA ARG C 430 27.40 -8.40 -27.64
C ARG C 430 27.70 -9.71 -26.91
N LEU C 431 27.02 -9.96 -25.80
CA LEU C 431 27.14 -11.24 -25.15
C LEU C 431 26.00 -12.09 -25.69
N ASP C 432 26.23 -12.52 -26.93
CA ASP C 432 25.36 -13.33 -27.68
C ASP C 432 25.08 -14.60 -26.88
N GLN C 433 26.15 -15.39 -26.67
CA GLN C 433 26.05 -16.73 -26.15
C GLN C 433 25.97 -16.66 -24.62
N LEU C 434 24.92 -17.28 -24.06
CA LEU C 434 24.83 -17.57 -22.64
C LEU C 434 25.33 -18.98 -22.38
N ILE C 435 26.03 -19.17 -21.26
CA ILE C 435 26.45 -20.50 -20.84
C ILE C 435 26.18 -20.65 -19.34
N TYR C 436 25.40 -21.68 -18.99
CA TYR C 436 25.22 -22.07 -17.60
C TYR C 436 26.45 -22.86 -17.19
N ILE C 437 27.31 -22.21 -16.39
CA ILE C 437 28.43 -22.84 -15.74
C ILE C 437 27.91 -23.35 -14.41
N PRO C 438 27.55 -24.65 -14.35
CA PRO C 438 26.83 -25.19 -13.21
C PRO C 438 27.81 -25.72 -12.15
N LEU C 439 27.26 -26.39 -11.16
CA LEU C 439 28.02 -26.99 -10.12
C LEU C 439 28.96 -28.05 -10.66
N PRO C 440 30.11 -28.24 -10.00
CA PRO C 440 31.13 -29.16 -10.49
C PRO C 440 30.63 -30.63 -10.48
N ASP C 441 31.06 -31.38 -11.51
CA ASP C 441 30.85 -32.83 -11.63
C ASP C 441 31.92 -33.56 -10.82
N GLU C 442 31.78 -34.88 -10.71
CA GLU C 442 32.60 -35.69 -9.81
C GLU C 442 34.06 -35.55 -10.26
N LYS C 443 34.26 -35.63 -11.59
CA LYS C 443 35.58 -35.49 -12.18
C LYS C 443 36.16 -34.14 -11.76
N SER C 444 35.29 -33.12 -11.81
CA SER C 444 35.65 -31.75 -11.49
C SER C 444 35.82 -31.56 -9.97
N ARG C 445 34.96 -32.20 -9.17
CA ARG C 445 35.14 -32.20 -7.69
C ARG C 445 36.53 -32.71 -7.37
N VAL C 446 36.85 -33.88 -7.93
CA VAL C 446 38.15 -34.47 -7.79
C VAL C 446 39.19 -33.42 -8.22
N ALA C 447 39.03 -32.90 -9.45
CA ALA C 447 39.94 -31.88 -9.98
C ALA C 447 40.19 -30.78 -8.93
N ILE C 448 39.13 -30.31 -8.26
CA ILE C 448 39.22 -29.15 -7.35
C ILE C 448 39.84 -29.57 -6.01
N LEU C 449 39.50 -30.77 -5.51
CA LEU C 449 40.20 -31.28 -4.36
C LEU C 449 41.71 -31.28 -4.69
N LYS C 450 42.03 -31.83 -5.87
CA LYS C 450 43.41 -31.91 -6.35
C LYS C 450 44.04 -30.52 -6.37
N ALA C 451 43.34 -29.55 -6.97
CA ALA C 451 43.85 -28.19 -7.07
C ALA C 451 44.08 -27.60 -5.67
N ASN C 452 43.11 -27.77 -4.78
CA ASN C 452 43.13 -27.20 -3.41
C ASN C 452 44.22 -27.87 -2.56
N LEU C 453 44.58 -29.10 -2.92
CA LEU C 453 45.60 -29.85 -2.18
C LEU C 453 46.90 -29.99 -2.97
N ARG C 454 47.04 -29.26 -4.10
CA ARG C 454 48.16 -29.50 -5.04
C ARG C 454 49.47 -29.62 -4.25
N LYS C 455 49.92 -28.50 -3.67
CA LYS C 455 51.07 -28.51 -2.81
C LYS C 455 50.60 -28.80 -1.38
N SER C 456 50.69 -30.07 -0.98
CA SER C 456 50.32 -30.52 0.35
C SER C 456 50.75 -31.98 0.55
N PRO C 457 50.97 -32.40 1.82
CA PRO C 457 51.19 -33.81 2.15
C PRO C 457 49.87 -34.57 2.36
N VAL C 458 49.62 -35.54 1.48
CA VAL C 458 48.32 -36.22 1.33
C VAL C 458 48.57 -37.73 1.19
N ALA C 459 48.42 -38.49 2.28
CA ALA C 459 48.68 -39.95 2.21
C ALA C 459 47.57 -40.63 1.38
N LYS C 460 47.94 -41.74 0.74
CA LYS C 460 47.11 -42.32 -0.31
C LYS C 460 45.79 -42.87 0.25
N ASP C 461 45.68 -43.01 1.58
CA ASP C 461 44.41 -43.40 2.21
C ASP C 461 43.47 -42.19 2.33
N VAL C 462 43.80 -41.08 1.66
CA VAL C 462 42.78 -40.09 1.26
C VAL C 462 42.37 -40.41 -0.18
N ASP C 463 41.35 -41.26 -0.32
CA ASP C 463 40.68 -41.43 -1.59
C ASP C 463 39.79 -40.21 -1.76
N LEU C 464 39.76 -39.68 -2.99
CA LEU C 464 39.14 -38.41 -3.28
C LEU C 464 37.77 -38.62 -3.92
N GLU C 465 37.40 -39.89 -4.13
CA GLU C 465 36.15 -40.20 -4.75
C GLU C 465 35.11 -40.54 -3.68
N PHE C 466 35.54 -41.20 -2.59
CA PHE C 466 34.82 -41.15 -1.30
C PHE C 466 34.33 -39.70 -1.11
N LEU C 467 35.23 -38.72 -1.38
CA LEU C 467 34.96 -37.24 -1.27
C LEU C 467 34.11 -36.73 -2.45
N ALA C 468 34.29 -37.29 -3.64
CA ALA C 468 33.44 -36.98 -4.80
C ALA C 468 31.96 -37.28 -4.50
N LYS C 469 31.70 -38.49 -4.02
CA LYS C 469 30.33 -38.96 -3.83
C LYS C 469 29.63 -38.18 -2.71
N MET C 470 30.33 -38.01 -1.60
CA MET C 470 29.75 -37.39 -0.43
C MET C 470 29.38 -35.93 -0.73
N THR C 471 30.05 -35.32 -1.71
CA THR C 471 29.93 -33.89 -1.93
C THR C 471 29.10 -33.60 -3.18
N ASN C 472 28.07 -34.41 -3.43
CA ASN C 472 27.09 -34.10 -4.44
C ASN C 472 26.29 -32.86 -4.02
N GLY C 473 26.21 -31.86 -4.90
CA GLY C 473 25.48 -30.59 -4.66
C GLY C 473 26.36 -29.50 -4.06
N PHE C 474 27.65 -29.82 -3.91
CA PHE C 474 28.61 -28.92 -3.34
C PHE C 474 29.20 -28.04 -4.42
N SER C 475 29.46 -26.80 -4.02
CA SER C 475 30.23 -25.88 -4.79
C SER C 475 31.72 -26.09 -4.48
N GLY C 476 32.57 -25.72 -5.45
CA GLY C 476 33.99 -25.64 -5.25
C GLY C 476 34.30 -25.11 -3.85
N ALA C 477 33.66 -24.00 -3.49
CA ALA C 477 33.91 -23.31 -2.23
C ALA C 477 33.89 -24.27 -1.04
N ASP C 478 32.95 -25.23 -1.07
CA ASP C 478 32.77 -26.16 0.04
C ASP C 478 33.90 -27.20 0.04
N LEU C 479 34.32 -27.62 -1.15
CA LEU C 479 35.41 -28.57 -1.26
C LEU C 479 36.63 -27.88 -0.66
N THR C 480 36.81 -26.63 -1.10
CA THR C 480 37.86 -25.77 -0.67
C THR C 480 37.85 -25.67 0.85
N GLU C 481 36.75 -25.23 1.44
CA GLU C 481 36.73 -25.03 2.90
C GLU C 481 36.89 -26.39 3.61
N ILE C 482 36.43 -27.51 3.00
CA ILE C 482 36.76 -28.86 3.55
C ILE C 482 38.28 -28.97 3.64
N CYS C 483 38.95 -28.84 2.49
CA CYS C 483 40.42 -28.96 2.40
C CYS C 483 41.11 -28.03 3.41
N GLN C 484 40.67 -26.76 3.46
CA GLN C 484 41.29 -25.78 4.36
C GLN C 484 41.08 -26.21 5.82
N ARG C 485 39.85 -26.62 6.17
CA ARG C 485 39.56 -27.05 7.55
C ARG C 485 40.47 -28.23 7.89
N ALA C 486 40.53 -29.22 7.00
CA ALA C 486 41.45 -30.34 7.17
C ALA C 486 42.86 -29.80 7.46
N CYS C 487 43.37 -28.98 6.53
CA CYS C 487 44.74 -28.50 6.62
C CYS C 487 44.98 -27.80 7.97
N LYS C 488 43.99 -27.02 8.43
CA LYS C 488 44.13 -26.32 9.71
C LYS C 488 44.10 -27.32 10.86
N LEU C 489 43.28 -28.39 10.76
CA LEU C 489 43.30 -29.48 11.79
C LEU C 489 44.71 -30.08 11.84
N ALA C 490 45.28 -30.31 10.65
CA ALA C 490 46.64 -30.86 10.53
C ALA C 490 47.67 -29.94 11.17
N ILE C 491 47.70 -28.67 10.75
CA ILE C 491 48.63 -27.69 11.33
C ILE C 491 48.46 -27.67 12.85
N ARG C 492 47.21 -27.49 13.30
CA ARG C 492 46.86 -27.48 14.74
C ARG C 492 47.51 -28.68 15.44
N GLU C 493 47.09 -29.89 15.03
CA GLU C 493 47.61 -31.14 15.63
C GLU C 493 49.14 -31.11 15.64
N SER C 494 49.72 -30.70 14.50
CA SER C 494 51.17 -30.65 14.30
C SER C 494 51.84 -29.75 15.35
N ILE C 495 51.55 -28.44 15.32
CA ILE C 495 52.31 -27.51 16.19
C ILE C 495 51.88 -27.69 17.66
N GLU C 496 50.64 -28.12 17.92
CA GLU C 496 50.21 -28.43 19.30
C GLU C 496 51.06 -29.58 19.84
N SER C 497 51.23 -30.62 19.02
CA SER C 497 52.07 -31.75 19.36
C SER C 497 53.55 -31.33 19.48
N GLU C 498 54.03 -30.45 18.59
CA GLU C 498 55.42 -29.97 18.65
C GLU C 498 55.66 -29.19 19.95
N ILE C 499 54.73 -28.30 20.32
CA ILE C 499 54.84 -27.51 21.59
C ILE C 499 54.73 -28.45 22.79
N ARG C 500 53.82 -29.43 22.71
CA ARG C 500 53.72 -30.51 23.72
C ARG C 500 55.07 -31.25 23.86
N ARG C 501 55.75 -31.46 22.72
CA ARG C 501 57.08 -32.11 22.70
C ARG C 501 58.19 -31.17 23.22
N GLU C 502 58.05 -29.85 23.02
CA GLU C 502 58.94 -28.86 23.71
C GLU C 502 58.77 -28.96 25.23
N ARG C 503 57.50 -28.93 25.67
CA ARG C 503 57.18 -29.00 27.12
C ARG C 503 57.56 -30.37 27.73
N GLU C 504 57.45 -31.46 26.96
CA GLU C 504 57.86 -32.80 27.42
C GLU C 504 59.37 -33.03 27.24
N ARG C 505 60.03 -32.21 26.39
CA ARG C 505 61.50 -32.20 26.28
C ARG C 505 62.12 -31.27 27.34
N GLN C 506 61.34 -30.36 27.93
CA GLN C 506 61.80 -29.64 29.15
C GLN C 506 61.20 -30.27 30.41
N THR C 507 61.44 -31.59 30.60
CA THR C 507 61.08 -32.33 31.81
C THR C 507 61.70 -31.66 33.04
N GLU C 522 52.06 -35.59 7.71
CA GLU C 522 51.16 -35.57 6.52
C GLU C 522 49.66 -35.60 6.88
N ILE C 523 48.78 -35.40 5.88
CA ILE C 523 47.30 -35.23 6.07
C ILE C 523 46.53 -36.47 5.57
N ARG C 524 45.56 -36.97 6.38
CA ARG C 524 44.90 -38.32 6.19
C ARG C 524 43.41 -38.29 6.56
N ARG C 525 42.57 -39.15 5.93
CA ARG C 525 41.05 -39.00 5.90
C ARG C 525 40.45 -38.96 7.32
N ASP C 526 41.28 -39.20 8.34
CA ASP C 526 40.92 -38.87 9.72
C ASP C 526 40.55 -37.39 9.79
N HIS C 527 41.57 -36.55 9.58
CA HIS C 527 41.49 -35.10 9.36
C HIS C 527 40.30 -34.70 8.49
N PHE C 528 40.13 -35.37 7.34
CA PHE C 528 39.14 -34.98 6.35
C PHE C 528 37.72 -35.29 6.87
N GLU C 529 37.43 -36.55 7.25
CA GLU C 529 36.04 -36.83 7.74
C GLU C 529 35.84 -36.01 9.03
N GLU C 530 36.92 -35.71 9.76
CA GLU C 530 36.84 -34.69 10.82
C GLU C 530 36.34 -33.36 10.24
N ALA C 531 36.95 -32.91 9.14
CA ALA C 531 36.67 -31.59 8.55
C ALA C 531 35.26 -31.52 7.96
N MET C 532 34.79 -32.61 7.36
CA MET C 532 33.49 -32.65 6.75
C MET C 532 32.41 -32.68 7.84
N ARG C 533 32.78 -33.10 9.05
CA ARG C 533 31.85 -33.17 10.19
C ARG C 533 31.50 -31.77 10.70
N PHE C 534 31.96 -30.73 10.00
CA PHE C 534 31.24 -29.44 9.93
C PHE C 534 31.67 -28.76 8.62
N ALA C 535 30.94 -29.04 7.53
CA ALA C 535 31.19 -28.47 6.17
C ALA C 535 29.91 -28.47 5.31
N ARG C 536 29.61 -27.33 4.68
CA ARG C 536 28.27 -27.01 4.14
C ARG C 536 28.04 -27.71 2.80
N ARG C 537 26.84 -27.49 2.26
CA ARG C 537 26.52 -27.54 0.83
C ARG C 537 26.12 -26.11 0.45
N SER C 538 26.98 -25.40 -0.30
CA SER C 538 26.92 -23.91 -0.41
C SER C 538 25.56 -23.46 -0.93
N VAL C 539 25.16 -24.07 -2.04
CA VAL C 539 24.09 -23.56 -2.83
C VAL C 539 22.90 -24.53 -2.71
N SER C 540 21.75 -23.96 -2.36
CA SER C 540 20.55 -24.74 -2.05
C SER C 540 19.79 -25.08 -3.33
N ASP C 541 19.04 -26.17 -3.25
CA ASP C 541 18.30 -26.69 -4.38
C ASP C 541 17.57 -25.51 -5.03
N ASN C 542 16.82 -24.75 -4.22
CA ASN C 542 16.10 -23.52 -4.66
C ASN C 542 16.88 -22.81 -5.77
N ASP C 543 18.12 -22.48 -5.46
CA ASP C 543 18.93 -21.62 -6.30
C ASP C 543 19.21 -22.37 -7.61
N ILE C 544 19.65 -23.62 -7.49
CA ILE C 544 20.10 -24.31 -8.66
C ILE C 544 18.88 -24.48 -9.57
N ARG C 545 17.74 -24.83 -8.97
CA ARG C 545 16.43 -24.89 -9.66
C ARG C 545 16.13 -23.53 -10.31
N LYS C 546 16.52 -22.45 -9.65
CA LYS C 546 16.33 -21.09 -10.17
C LYS C 546 17.18 -20.91 -11.44
N TYR C 547 18.44 -21.37 -11.42
CA TYR C 547 19.23 -21.27 -12.66
C TYR C 547 18.67 -22.21 -13.72
N GLU C 548 18.24 -23.41 -13.32
CA GLU C 548 17.59 -24.35 -14.23
C GLU C 548 16.46 -23.60 -14.94
N MET C 549 15.45 -23.18 -14.17
CA MET C 549 14.33 -22.41 -14.69
C MET C 549 14.87 -21.30 -15.61
N PHE C 550 15.76 -20.46 -15.06
CA PHE C 550 16.18 -19.28 -15.76
C PHE C 550 17.15 -19.68 -16.89
N ALA C 551 17.67 -20.92 -16.87
CA ALA C 551 18.45 -21.50 -18.00
C ALA C 551 17.52 -21.89 -19.18
N GLN C 552 16.46 -22.63 -18.84
CA GLN C 552 15.42 -23.00 -19.79
C GLN C 552 14.81 -21.73 -20.40
N THR C 553 14.21 -20.88 -19.55
CA THR C 553 13.38 -19.74 -19.99
C THR C 553 14.23 -18.52 -20.36
N LEU C 554 15.52 -18.49 -19.93
CA LEU C 554 16.47 -17.58 -20.59
C LEU C 554 16.53 -18.01 -22.09
N GLN C 555 16.52 -19.32 -22.37
CA GLN C 555 16.40 -19.87 -23.76
C GLN C 555 14.92 -20.00 -24.16
N ARG D 2 65.85 4.95 19.70
CA ARG D 2 67.13 4.36 19.13
C ARG D 2 66.76 3.30 18.09
N LYS D 3 65.62 2.63 18.32
CA LYS D 3 65.09 1.61 17.42
C LYS D 3 64.98 2.19 16.01
N GLN D 4 64.54 3.46 15.95
CA GLN D 4 64.24 4.18 14.71
C GLN D 4 65.53 4.36 13.89
N LEU D 5 66.54 4.93 14.54
CA LEU D 5 67.84 5.16 13.93
C LEU D 5 68.32 3.86 13.24
N ALA D 6 68.22 2.74 13.97
CA ALA D 6 68.73 1.43 13.50
C ALA D 6 68.40 1.21 12.02
N GLN D 7 67.11 1.29 11.69
CA GLN D 7 66.61 1.11 10.32
C GLN D 7 67.37 2.03 9.35
N ILE D 8 67.38 3.32 9.69
CA ILE D 8 67.85 4.38 8.79
C ILE D 8 69.37 4.22 8.60
N LYS D 9 70.05 3.73 9.63
CA LYS D 9 71.44 3.39 9.56
C LYS D 9 71.66 2.13 8.71
N GLU D 10 70.78 1.12 8.83
CA GLU D 10 70.88 -0.08 7.95
C GLU D 10 70.68 0.35 6.49
N MET D 11 69.81 1.35 6.26
CA MET D 11 69.54 1.83 4.89
C MET D 11 70.64 2.79 4.40
N VAL D 12 71.33 3.50 5.31
CA VAL D 12 72.30 4.54 4.92
C VAL D 12 73.75 4.03 5.00
N GLU D 13 74.18 3.60 6.20
CA GLU D 13 75.60 3.38 6.56
C GLU D 13 76.29 2.43 5.57
N LEU D 14 75.63 1.31 5.26
CA LEU D 14 76.23 0.22 4.48
C LEU D 14 76.49 0.67 3.04
N PRO D 15 75.53 1.32 2.37
CA PRO D 15 75.80 1.99 1.09
C PRO D 15 76.36 3.44 1.04
N LEU D 16 76.62 4.04 2.20
CA LEU D 16 77.42 5.28 2.27
C LEU D 16 78.91 4.98 2.53
N ARG D 17 79.20 4.00 3.39
CA ARG D 17 80.55 3.79 3.94
C ARG D 17 81.00 2.32 3.86
N HIS D 18 80.23 1.50 3.13
CA HIS D 18 80.54 0.11 2.73
C HIS D 18 80.04 -0.13 1.30
N PRO D 19 80.07 0.92 0.43
CA PRO D 19 79.46 0.89 -0.90
C PRO D 19 79.94 -0.13 -1.93
N ALA D 20 81.23 -0.48 -1.90
CA ALA D 20 81.84 -1.31 -2.94
C ALA D 20 81.17 -2.69 -3.02
N LEU D 21 80.69 -3.21 -1.88
CA LEU D 21 80.12 -4.57 -1.81
C LEU D 21 78.87 -4.69 -2.69
N PHE D 22 78.01 -3.67 -2.65
CA PHE D 22 76.73 -3.69 -3.41
C PHE D 22 76.99 -3.55 -4.91
N LYS D 23 77.90 -2.63 -5.25
CA LYS D 23 78.23 -2.28 -6.62
C LYS D 23 79.04 -3.43 -7.26
N ALA D 24 79.69 -4.24 -6.42
CA ALA D 24 80.34 -5.47 -6.86
C ALA D 24 79.31 -6.60 -6.95
N ILE D 25 78.52 -6.79 -5.87
CA ILE D 25 77.52 -7.91 -5.80
C ILE D 25 76.42 -7.67 -6.85
N GLY D 26 76.39 -6.48 -7.45
CA GLY D 26 75.58 -6.21 -8.65
C GLY D 26 74.19 -5.76 -8.27
N VAL D 27 74.10 -4.81 -7.32
CA VAL D 27 72.84 -4.22 -6.90
C VAL D 27 73.03 -2.70 -6.76
N LYS D 28 72.00 -2.02 -6.27
CA LYS D 28 72.01 -0.58 -6.08
C LYS D 28 71.69 -0.25 -4.62
N PRO D 29 72.50 0.60 -3.95
CA PRO D 29 72.01 1.38 -2.81
C PRO D 29 70.76 2.21 -3.03
N PRO D 30 69.97 2.53 -1.96
CA PRO D 30 68.93 3.55 -2.06
C PRO D 30 69.58 4.94 -2.13
N ARG D 31 69.06 5.80 -3.01
CA ARG D 31 69.59 7.14 -3.22
C ARG D 31 68.58 8.18 -2.73
N GLY D 32 67.42 7.74 -2.25
CA GLY D 32 66.38 8.63 -1.77
C GLY D 32 65.60 8.02 -0.62
N ILE D 33 66.09 8.26 0.60
CA ILE D 33 65.38 7.84 1.80
C ILE D 33 64.52 9.00 2.26
N LEU D 34 63.20 8.77 2.26
CA LEU D 34 62.20 9.79 2.58
C LEU D 34 61.62 9.51 3.97
N LEU D 35 61.91 10.39 4.93
CA LEU D 35 61.31 10.34 6.27
C LEU D 35 60.01 11.15 6.23
N TYR D 36 58.92 10.57 6.75
CA TYR D 36 57.74 11.39 6.93
C TYR D 36 57.05 11.04 8.25
N GLY D 37 56.10 11.90 8.59
CA GLY D 37 55.33 11.81 9.82
C GLY D 37 55.06 13.21 10.38
N PRO D 38 54.17 13.34 11.38
CA PRO D 38 53.70 14.65 11.81
C PRO D 38 54.82 15.57 12.29
N PRO D 39 54.58 16.89 12.38
CA PRO D 39 55.54 17.82 12.95
C PRO D 39 55.62 17.65 14.47
N GLY D 40 56.81 17.88 15.04
CA GLY D 40 57.11 17.68 16.47
C GLY D 40 57.93 16.42 16.72
N THR D 41 58.64 15.98 15.68
CA THR D 41 59.21 14.66 15.61
C THR D 41 60.73 14.71 15.46
N GLY D 42 61.29 15.90 15.13
CA GLY D 42 62.76 16.10 15.11
C GLY D 42 63.44 15.26 14.05
N LYS D 43 62.80 15.18 12.88
CA LYS D 43 63.33 14.47 11.75
C LYS D 43 64.71 15.03 11.41
N THR D 44 64.87 16.35 11.56
CA THR D 44 66.12 17.03 11.31
C THR D 44 67.19 16.46 12.25
N LEU D 45 66.98 16.65 13.57
CA LEU D 45 67.77 15.99 14.63
C LEU D 45 68.14 14.56 14.20
N ILE D 46 67.15 13.76 13.80
CA ILE D 46 67.40 12.34 13.44
C ILE D 46 68.41 12.25 12.27
N ALA D 47 68.22 13.09 11.25
CA ALA D 47 69.05 13.04 10.03
C ALA D 47 70.51 13.32 10.39
N ARG D 48 70.72 14.42 11.13
CA ARG D 48 72.05 14.83 11.58
C ARG D 48 72.64 13.78 12.53
N ALA D 49 71.79 13.18 13.38
CA ALA D 49 72.19 12.05 14.20
C ALA D 49 72.77 10.95 13.30
N VAL D 50 72.00 10.53 12.27
CA VAL D 50 72.46 9.45 11.37
C VAL D 50 73.73 9.87 10.62
N ALA D 51 73.85 11.16 10.25
CA ALA D 51 75.04 11.69 9.52
C ALA D 51 76.30 11.68 10.41
N ASN D 52 76.13 12.10 11.68
CA ASN D 52 77.19 12.12 12.68
C ASN D 52 77.60 10.69 13.03
N GLU D 53 76.62 9.81 13.21
CA GLU D 53 76.88 8.45 13.67
C GLU D 53 77.22 7.50 12.51
N THR D 54 77.04 7.96 11.25
CA THR D 54 77.66 7.26 10.11
C THR D 54 79.03 7.83 9.83
N GLY D 55 79.17 9.15 10.04
CA GLY D 55 80.33 9.88 9.60
C GLY D 55 80.15 10.30 8.14
N ALA D 56 79.38 11.38 7.95
CA ALA D 56 79.14 11.90 6.63
C ALA D 56 78.85 13.40 6.70
N PHE D 57 79.32 14.11 5.66
CA PHE D 57 78.94 15.49 5.42
C PHE D 57 77.41 15.57 5.41
N PHE D 58 76.89 16.67 5.97
CA PHE D 58 75.46 16.89 6.10
C PHE D 58 75.11 18.24 5.47
N PHE D 59 74.20 18.26 4.49
CA PHE D 59 73.75 19.52 3.94
C PHE D 59 72.23 19.65 4.10
N LEU D 60 71.78 20.63 4.90
CA LEU D 60 70.37 20.98 5.07
C LEU D 60 69.88 21.80 3.88
N ILE D 61 68.64 21.53 3.45
CA ILE D 61 67.90 22.33 2.49
C ILE D 61 66.56 22.67 3.14
N ASN D 62 66.52 23.81 3.84
CA ASN D 62 65.29 24.32 4.44
C ASN D 62 64.35 24.74 3.30
N GLY D 63 63.35 23.91 2.97
CA GLY D 63 62.44 24.18 1.84
C GLY D 63 62.03 25.66 1.77
N PRO D 64 61.39 26.20 2.83
CA PRO D 64 61.04 27.62 2.91
C PRO D 64 62.16 28.54 2.39
N GLU D 65 63.40 28.30 2.86
CA GLU D 65 64.58 29.07 2.47
C GLU D 65 64.77 29.03 0.95
N ILE D 66 64.59 27.86 0.34
CA ILE D 66 64.74 27.69 -1.11
C ILE D 66 63.61 28.43 -1.80
N MET D 67 62.39 28.27 -1.27
CA MET D 67 61.22 28.86 -1.93
C MET D 67 61.20 30.39 -1.78
N SER D 68 61.92 30.92 -0.78
CA SER D 68 61.90 32.36 -0.50
C SER D 68 62.80 33.14 -1.48
N LYS D 69 63.69 32.44 -2.20
CA LYS D 69 64.61 33.06 -3.15
C LYS D 69 63.85 33.53 -4.40
N LEU D 70 64.46 34.46 -5.13
CA LEU D 70 63.94 34.90 -6.43
C LEU D 70 64.13 33.75 -7.41
N ALA D 71 63.09 33.50 -8.20
CA ALA D 71 63.05 32.42 -9.20
C ALA D 71 64.36 32.38 -9.97
N GLY D 72 65.06 31.24 -9.90
CA GLY D 72 66.39 31.11 -10.45
C GLY D 72 67.41 30.84 -9.36
N GLU D 73 67.44 31.71 -8.35
CA GLU D 73 68.42 31.59 -7.28
C GLU D 73 68.02 30.40 -6.38
N SER D 74 66.75 29.98 -6.46
CA SER D 74 66.28 28.73 -5.86
C SER D 74 67.03 27.54 -6.48
N GLU D 75 66.88 27.39 -7.81
CA GLU D 75 67.51 26.32 -8.60
C GLU D 75 69.03 26.39 -8.39
N SER D 76 69.54 27.62 -8.44
CA SER D 76 70.93 27.91 -8.11
C SER D 76 71.27 27.26 -6.77
N ASN D 77 70.57 27.68 -5.70
CA ASN D 77 70.82 27.15 -4.36
C ASN D 77 70.80 25.62 -4.39
N LEU D 78 69.84 25.03 -5.11
CA LEU D 78 69.72 23.56 -5.16
C LEU D 78 70.99 22.96 -5.81
N ARG D 79 71.28 23.37 -7.05
CA ARG D 79 72.49 22.90 -7.75
C ARG D 79 73.69 23.03 -6.81
N LYS D 80 73.86 24.24 -6.26
CA LYS D 80 74.94 24.58 -5.34
C LYS D 80 75.02 23.53 -4.24
N ALA D 81 73.91 23.36 -3.50
CA ALA D 81 73.84 22.39 -2.40
C ALA D 81 74.29 21.00 -2.90
N PHE D 82 73.72 20.56 -4.02
CA PHE D 82 73.99 19.20 -4.54
C PHE D 82 75.46 19.03 -4.94
N GLU D 83 76.08 20.06 -5.53
CA GLU D 83 77.50 19.97 -5.91
C GLU D 83 78.37 20.03 -4.64
N GLU D 84 77.99 20.89 -3.69
CA GLU D 84 78.68 21.04 -2.39
C GLU D 84 78.67 19.71 -1.63
N ALA D 85 77.54 19.00 -1.66
CA ALA D 85 77.48 17.66 -1.10
C ALA D 85 78.31 16.68 -1.94
N GLU D 86 78.01 16.64 -3.25
CA GLU D 86 78.69 15.74 -4.21
C GLU D 86 80.20 15.78 -3.98
N LYS D 87 80.72 16.98 -3.68
CA LYS D 87 82.16 17.18 -3.57
C LYS D 87 82.72 16.63 -2.24
N ASN D 88 81.93 16.63 -1.16
CA ASN D 88 82.47 16.35 0.20
C ASN D 88 82.05 14.97 0.72
N ALA D 89 81.85 14.02 -0.21
CA ALA D 89 81.05 12.80 0.07
C ALA D 89 81.82 11.57 0.53
N PRO D 90 81.55 11.03 1.75
CA PRO D 90 80.20 10.55 2.07
C PRO D 90 79.27 11.72 2.48
N ALA D 91 78.09 11.84 1.84
CA ALA D 91 77.21 13.03 1.95
C ALA D 91 75.71 12.67 2.10
N ILE D 92 75.10 13.23 3.15
CA ILE D 92 73.65 13.26 3.32
C ILE D 92 73.15 14.69 3.02
N ILE D 93 72.35 14.79 1.95
CA ILE D 93 71.56 16.00 1.67
C ILE D 93 70.18 15.80 2.29
N PHE D 94 69.86 16.60 3.32
CA PHE D 94 68.58 16.49 4.01
C PHE D 94 67.66 17.66 3.63
N ILE D 95 66.46 17.33 3.16
CA ILE D 95 65.50 18.32 2.71
C ILE D 95 64.36 18.41 3.74
N ASP D 96 64.38 19.52 4.47
CA ASP D 96 63.40 19.85 5.49
C ASP D 96 62.22 20.56 4.81
N GLU D 97 61.01 20.14 5.21
CA GLU D 97 59.77 20.52 4.54
C GLU D 97 59.98 20.36 3.02
N LEU D 98 59.98 19.10 2.56
CA LEU D 98 60.14 18.82 1.13
C LEU D 98 58.92 19.35 0.36
N ASP D 99 57.74 19.03 0.89
CA ASP D 99 56.44 19.44 0.36
C ASP D 99 56.41 20.90 -0.09
N ALA D 100 57.25 21.75 0.54
CA ALA D 100 57.31 23.18 0.20
C ALA D 100 57.70 23.38 -1.26
N ILE D 101 58.93 22.95 -1.62
CA ILE D 101 59.45 23.09 -2.97
C ILE D 101 58.67 22.20 -3.94
N ALA D 102 58.32 20.98 -3.50
CA ALA D 102 57.80 19.91 -4.38
C ALA D 102 56.45 19.40 -3.89
N PRO D 103 55.34 20.12 -4.18
CA PRO D 103 54.04 19.80 -3.58
C PRO D 103 53.28 18.77 -4.43
N LYS D 104 51.96 18.64 -4.18
CA LYS D 104 51.00 18.04 -5.13
C LYS D 104 50.69 19.05 -6.23
N ARG D 105 51.12 18.74 -7.47
CA ARG D 105 51.69 19.74 -8.42
C ARG D 105 50.64 20.33 -9.38
N GLU D 106 49.34 20.23 -9.07
CA GLU D 106 48.31 21.09 -9.69
C GLU D 106 47.90 22.20 -8.70
N LYS D 107 48.29 22.03 -7.42
CA LYS D 107 48.33 23.09 -6.41
C LYS D 107 49.64 23.87 -6.59
N THR D 108 49.75 24.51 -7.77
CA THR D 108 50.97 25.18 -8.22
C THR D 108 50.56 26.16 -9.33
N HIS D 109 49.90 27.26 -8.93
CA HIS D 109 49.31 28.22 -9.90
C HIS D 109 50.43 29.06 -10.55
N GLY D 110 51.44 28.41 -11.14
CA GLY D 110 52.64 29.11 -11.66
C GLY D 110 53.74 28.15 -12.05
N GLU D 111 54.53 28.50 -13.10
CA GLU D 111 55.45 27.57 -13.80
C GLU D 111 56.82 27.50 -13.12
N VAL D 112 57.15 28.55 -12.36
CA VAL D 112 58.44 28.63 -11.69
C VAL D 112 58.59 27.41 -10.78
N GLU D 113 57.55 27.10 -10.00
CA GLU D 113 57.58 25.95 -9.08
C GLU D 113 57.81 24.65 -9.88
N ARG D 114 57.15 24.51 -11.03
CA ARG D 114 57.31 23.31 -11.90
C ARG D 114 58.76 23.23 -12.38
N ARG D 115 59.34 24.38 -12.74
CA ARG D 115 60.77 24.41 -13.02
C ARG D 115 61.59 23.95 -11.79
N ILE D 116 61.27 24.49 -10.59
CA ILE D 116 62.05 24.23 -9.34
C ILE D 116 62.03 22.74 -9.02
N VAL D 117 60.84 22.15 -9.12
CA VAL D 117 60.65 20.73 -8.92
C VAL D 117 61.44 19.99 -10.00
N SER D 118 61.22 20.35 -11.28
CA SER D 118 61.96 19.70 -12.37
C SER D 118 63.44 19.63 -12.00
N GLN D 119 63.97 20.79 -11.58
CA GLN D 119 65.37 20.91 -11.20
C GLN D 119 65.70 19.81 -10.18
N LEU D 120 64.94 19.75 -9.09
CA LEU D 120 65.17 18.78 -8.04
C LEU D 120 65.09 17.34 -8.59
N LEU D 121 64.17 17.09 -9.53
CA LEU D 121 64.10 15.77 -10.18
C LEU D 121 65.41 15.49 -10.93
N THR D 122 65.89 16.47 -11.70
CA THR D 122 67.08 16.28 -12.52
C THR D 122 68.31 16.08 -11.62
N LEU D 123 68.37 16.85 -10.53
CA LEU D 123 69.42 16.71 -9.52
C LEU D 123 69.36 15.32 -8.87
N MET D 124 68.15 14.91 -8.46
CA MET D 124 67.92 13.59 -7.86
C MET D 124 68.35 12.47 -8.83
N ASP D 125 68.04 12.64 -10.13
CA ASP D 125 68.45 11.71 -11.20
C ASP D 125 69.97 11.71 -11.35
N GLY D 126 70.58 12.91 -11.23
CA GLY D 126 71.99 13.18 -11.49
C GLY D 126 72.96 12.39 -10.64
N LEU D 127 72.57 12.03 -9.40
CA LEU D 127 73.49 11.39 -8.46
C LEU D 127 73.88 9.99 -8.96
N LYS D 128 75.07 9.55 -8.51
CA LYS D 128 75.50 8.18 -8.63
C LYS D 128 75.72 7.62 -7.21
N GLN D 129 75.40 6.33 -7.02
CA GLN D 129 75.86 5.55 -5.86
C GLN D 129 77.39 5.60 -5.81
N ARG D 130 77.96 5.80 -7.00
CA ARG D 130 79.37 6.12 -7.26
C ARG D 130 79.81 7.36 -6.46
N ALA D 131 78.96 8.39 -6.40
CA ALA D 131 79.31 9.70 -5.82
C ALA D 131 79.19 9.68 -4.28
N HIS D 132 78.70 8.56 -3.72
CA HIS D 132 78.53 8.34 -2.27
C HIS D 132 77.54 9.34 -1.65
N VAL D 133 76.42 9.58 -2.32
CA VAL D 133 75.49 10.60 -1.84
C VAL D 133 74.13 9.95 -1.56
N ILE D 134 73.57 10.35 -0.40
CA ILE D 134 72.23 9.98 0.06
C ILE D 134 71.44 11.27 0.28
N VAL D 135 70.17 11.25 -0.15
CA VAL D 135 69.24 12.34 0.03
C VAL D 135 68.13 11.87 0.97
N MET D 136 68.01 12.53 2.11
CA MET D 136 66.89 12.35 3.01
C MET D 136 65.98 13.59 2.91
N ALA D 137 64.72 13.42 3.32
CA ALA D 137 63.69 14.43 3.10
C ALA D 137 62.53 14.25 4.09
N ALA D 138 61.82 15.36 4.35
CA ALA D 138 60.83 15.45 5.42
C ALA D 138 59.48 15.90 4.88
N THR D 139 58.42 15.37 5.49
CA THR D 139 57.07 15.81 5.24
C THR D 139 56.11 15.10 6.21
N ASN D 140 54.85 15.58 6.23
CA ASN D 140 53.83 15.10 7.15
C ASN D 140 53.33 13.73 6.69
N ARG D 141 52.97 13.66 5.41
CA ARG D 141 52.56 12.43 4.77
C ARG D 141 53.05 12.43 3.33
N PRO D 142 53.30 11.25 2.71
CA PRO D 142 53.85 11.19 1.36
C PRO D 142 52.81 11.57 0.29
N ASN D 143 51.54 11.67 0.71
CA ASN D 143 50.47 12.22 -0.10
C ASN D 143 50.80 13.67 -0.48
N SER D 144 51.58 14.35 0.39
CA SER D 144 51.96 15.77 0.25
C SER D 144 52.84 16.01 -0.99
N ILE D 145 53.84 15.14 -1.17
CA ILE D 145 54.87 15.27 -2.18
C ILE D 145 54.30 14.93 -3.56
N ASP D 146 54.87 15.56 -4.59
CA ASP D 146 54.64 15.21 -6.00
C ASP D 146 55.06 13.75 -6.23
N PRO D 147 54.13 12.85 -6.62
CA PRO D 147 54.43 11.44 -6.86
C PRO D 147 55.64 11.12 -7.76
N ALA D 148 55.96 12.02 -8.70
CA ALA D 148 57.12 11.85 -9.56
C ALA D 148 58.44 11.97 -8.77
N LEU D 149 58.36 12.19 -7.44
CA LEU D 149 59.50 12.06 -6.51
C LEU D 149 59.55 10.65 -5.90
N ARG D 150 58.41 9.97 -5.81
CA ARG D 150 58.39 8.62 -5.32
C ARG D 150 58.53 7.63 -6.49
N ARG D 151 59.09 8.11 -7.63
CA ARG D 151 59.64 7.23 -8.65
C ARG D 151 60.74 6.40 -8.00
N PHE D 152 61.15 5.33 -8.69
CA PHE D 152 62.23 4.48 -8.21
C PHE D 152 63.55 5.26 -8.24
N GLY D 153 63.72 6.09 -9.28
CA GLY D 153 64.96 6.83 -9.54
C GLY D 153 65.32 7.82 -8.45
N ARG D 154 64.31 8.18 -7.62
CA ARG D 154 64.40 9.30 -6.72
C ARG D 154 64.20 8.79 -5.29
N PHE D 155 63.07 9.15 -4.65
CA PHE D 155 62.78 8.76 -3.25
C PHE D 155 62.05 7.42 -3.22
N ASP D 156 62.82 6.33 -3.32
CA ASP D 156 62.27 4.97 -3.41
C ASP D 156 61.92 4.46 -2.00
N ARG D 157 62.81 4.62 -1.03
CA ARG D 157 62.62 4.11 0.33
C ARG D 157 61.96 5.19 1.20
N GLU D 158 60.99 4.76 2.02
CA GLU D 158 60.13 5.64 2.82
C GLU D 158 60.09 5.13 4.26
N VAL D 159 60.28 6.02 5.24
CA VAL D 159 60.21 5.67 6.66
C VAL D 159 59.26 6.60 7.40
N ASP D 160 58.45 5.96 8.24
CA ASP D 160 57.39 6.59 8.98
C ASP D 160 57.88 6.82 10.42
N ILE D 161 57.97 8.07 10.82
CA ILE D 161 58.19 8.39 12.18
C ILE D 161 56.91 8.98 12.73
N GLY D 162 56.03 8.13 13.26
CA GLY D 162 54.69 8.56 13.68
C GLY D 162 54.71 9.18 15.07
N ILE D 163 53.55 9.13 15.72
CA ILE D 163 53.44 9.33 17.16
C ILE D 163 54.40 8.37 17.85
N PRO D 164 55.06 8.79 18.95
CA PRO D 164 55.70 7.85 19.85
C PRO D 164 54.71 7.25 20.86
N ASP D 165 54.97 6.00 21.29
CA ASP D 165 54.17 5.32 22.29
C ASP D 165 54.77 5.57 23.68
N ALA D 166 54.10 5.03 24.70
CA ALA D 166 54.43 5.20 26.11
C ALA D 166 55.96 5.25 26.31
N THR D 167 56.68 4.26 25.78
CA THR D 167 58.11 4.13 26.01
C THR D 167 58.86 5.32 25.41
N GLY D 168 58.53 5.63 24.15
CA GLY D 168 59.13 6.77 23.45
C GLY D 168 58.87 8.06 24.20
N ARG D 169 57.62 8.23 24.63
CA ARG D 169 57.18 9.41 25.37
C ARG D 169 58.01 9.50 26.66
N LEU D 170 58.17 8.35 27.34
CA LEU D 170 58.93 8.24 28.56
C LEU D 170 60.38 8.66 28.32
N GLU D 171 61.02 8.05 27.31
CA GLU D 171 62.38 8.39 26.88
C GLU D 171 62.50 9.89 26.68
N ILE D 172 61.55 10.47 25.92
CA ILE D 172 61.57 11.88 25.57
C ILE D 172 61.47 12.73 26.84
N LEU D 173 60.53 12.37 27.72
CA LEU D 173 60.35 13.07 28.99
C LEU D 173 61.65 13.02 29.81
N GLN D 174 62.23 11.82 29.95
CA GLN D 174 63.51 11.65 30.65
C GLN D 174 64.57 12.59 30.03
N ILE D 175 64.63 12.58 28.68
CA ILE D 175 65.62 13.35 27.94
C ILE D 175 65.42 14.86 28.16
N HIS D 176 64.17 15.35 28.18
CA HIS D 176 63.91 16.80 28.37
C HIS D 176 63.97 17.19 29.86
N THR D 177 63.86 16.21 30.77
CA THR D 177 63.74 16.47 32.22
C THR D 177 64.93 15.95 33.03
N LYS D 178 65.99 15.47 32.38
CA LYS D 178 67.22 15.13 33.13
C LYS D 178 67.82 16.41 33.73
N ASN D 179 67.53 17.58 33.12
CA ASN D 179 68.11 18.86 33.54
C ASN D 179 67.20 19.61 34.51
N MET D 180 66.29 18.92 35.20
CA MET D 180 65.15 19.59 35.87
C MET D 180 65.11 19.25 37.37
N LYS D 181 64.52 20.16 38.16
CA LYS D 181 64.32 20.04 39.64
C LYS D 181 63.20 19.03 39.92
N LEU D 182 63.34 17.79 39.41
CA LEU D 182 62.29 16.75 39.44
C LEU D 182 62.04 16.27 40.86
N ALA D 183 60.81 16.44 41.36
CA ALA D 183 60.45 15.98 42.72
C ALA D 183 60.35 14.45 42.75
N ASP D 184 60.26 13.90 43.97
CA ASP D 184 60.20 12.46 44.20
C ASP D 184 58.78 11.93 43.93
N ASP D 185 57.79 12.80 44.11
CA ASP D 185 56.38 12.47 43.86
C ASP D 185 56.07 12.51 42.35
N VAL D 186 56.95 13.14 41.55
CA VAL D 186 56.81 13.17 40.10
C VAL D 186 56.95 11.72 39.58
N ASP D 187 56.04 11.34 38.69
CA ASP D 187 56.11 10.08 37.97
C ASP D 187 56.15 10.39 36.46
N LEU D 188 57.29 10.07 35.83
CA LEU D 188 57.46 10.29 34.38
C LEU D 188 56.59 9.29 33.60
N GLU D 189 56.61 8.02 34.01
CA GLU D 189 55.90 6.94 33.31
C GLU D 189 54.38 7.21 33.30
N GLN D 190 53.85 7.59 34.46
CA GLN D 190 52.46 8.05 34.60
C GLN D 190 52.14 8.99 33.43
N VAL D 191 52.89 10.10 33.35
CA VAL D 191 52.67 11.17 32.38
C VAL D 191 52.82 10.60 30.96
N ALA D 192 53.85 9.78 30.74
CA ALA D 192 54.10 9.13 29.44
C ALA D 192 52.86 8.34 29.00
N ASN D 193 52.26 7.62 29.95
CA ASN D 193 51.04 6.85 29.69
C ASN D 193 49.86 7.80 29.46
N GLU D 194 49.81 8.91 30.20
CA GLU D 194 48.69 9.88 30.11
C GLU D 194 48.79 10.76 28.85
N THR D 195 49.96 10.77 28.17
CA THR D 195 50.22 11.72 27.07
C THR D 195 49.91 11.10 25.70
N HIS D 196 48.64 10.75 25.48
CA HIS D 196 48.22 10.29 24.16
C HIS D 196 48.17 11.50 23.21
N GLY D 197 48.59 11.26 21.96
CA GLY D 197 48.58 12.28 20.92
C GLY D 197 49.70 13.31 21.06
N HIS D 198 50.54 13.15 22.07
CA HIS D 198 51.68 14.02 22.23
C HIS D 198 52.81 13.51 21.32
N VAL D 199 53.63 14.46 20.84
CA VAL D 199 54.89 14.17 20.17
C VAL D 199 56.04 14.91 20.88
N GLY D 200 57.28 14.65 20.44
CA GLY D 200 58.50 15.23 21.03
C GLY D 200 58.30 16.68 21.43
N ALA D 201 57.74 17.47 20.51
CA ALA D 201 57.46 18.88 20.71
C ALA D 201 56.46 19.11 21.85
N ASP D 202 55.29 18.44 21.78
CA ASP D 202 54.23 18.60 22.77
C ASP D 202 54.74 18.22 24.16
N LEU D 203 55.60 17.19 24.21
CA LEU D 203 56.18 16.74 25.44
C LEU D 203 57.20 17.77 25.94
N ALA D 204 58.04 18.27 25.03
CA ALA D 204 58.95 19.36 25.35
C ALA D 204 58.17 20.51 26.00
N ALA D 205 57.13 20.97 25.28
CA ALA D 205 56.26 22.07 25.71
C ALA D 205 55.66 21.75 27.08
N LEU D 206 55.19 20.51 27.25
CA LEU D 206 54.64 20.05 28.52
C LEU D 206 55.67 20.22 29.64
N CYS D 207 56.85 19.61 29.48
CA CYS D 207 57.94 19.77 30.43
C CYS D 207 58.16 21.26 30.71
N SER D 208 58.08 22.07 29.65
CA SER D 208 58.32 23.51 29.75
C SER D 208 57.28 24.20 30.65
N GLU D 209 55.98 23.98 30.39
CA GLU D 209 54.91 24.58 31.21
C GLU D 209 55.01 24.02 32.65
N ALA D 210 55.35 22.73 32.76
CA ALA D 210 55.56 22.09 34.07
C ALA D 210 56.64 22.85 34.84
N ALA D 211 57.77 23.12 34.18
CA ALA D 211 58.80 23.98 34.74
C ALA D 211 58.17 25.33 35.12
N LEU D 212 57.70 26.08 34.12
CA LEU D 212 57.27 27.46 34.33
C LEU D 212 56.29 27.56 35.51
N GLN D 213 55.37 26.61 35.65
CA GLN D 213 54.35 26.73 36.70
C GLN D 213 54.92 26.32 38.07
N ALA D 214 55.94 25.47 38.09
CA ALA D 214 56.73 25.30 39.31
C ALA D 214 57.39 26.64 39.65
N ILE D 215 58.12 27.18 38.67
CA ILE D 215 58.94 28.42 38.80
C ILE D 215 58.04 29.60 39.18
N ARG D 216 56.73 29.50 38.91
CA ARG D 216 55.77 30.30 39.67
C ARG D 216 55.81 29.79 41.12
N VAL D 239 60.04 21.10 40.64
CA VAL D 239 58.92 20.60 39.82
C VAL D 239 58.25 19.43 40.54
N THR D 240 56.97 19.63 40.90
CA THR D 240 56.12 18.63 41.53
C THR D 240 55.30 17.89 40.46
N MET D 241 54.60 16.83 40.87
CA MET D 241 53.69 16.09 40.00
C MET D 241 52.52 17.01 39.60
N ASP D 242 52.03 17.79 40.58
CA ASP D 242 50.96 18.76 40.38
C ASP D 242 51.23 19.61 39.13
N ASP D 243 52.45 20.13 39.02
CA ASP D 243 52.84 20.99 37.90
C ASP D 243 52.71 20.21 36.58
N PHE D 244 53.20 18.95 36.57
CA PHE D 244 53.14 18.12 35.37
C PHE D 244 51.68 17.90 34.98
N ARG D 245 50.86 17.49 35.95
CA ARG D 245 49.46 17.22 35.69
C ARG D 245 48.74 18.50 35.24
N TRP D 246 49.10 19.64 35.82
CA TRP D 246 48.51 20.94 35.44
C TRP D 246 48.88 21.27 33.99
N ALA D 247 50.18 21.13 33.67
CA ALA D 247 50.68 21.35 32.30
C ALA D 247 49.98 20.39 31.33
N LEU D 248 49.69 19.17 31.79
CA LEU D 248 48.86 18.20 31.03
C LEU D 248 47.45 18.76 30.83
N SER D 249 46.86 19.30 31.91
CA SER D 249 45.58 19.99 31.83
C SER D 249 45.64 21.09 30.76
N GLN D 250 46.77 21.78 30.66
CA GLN D 250 46.88 22.89 29.71
C GLN D 250 47.10 22.39 28.27
N SER D 251 48.02 21.43 28.04
CA SER D 251 48.56 21.17 26.68
C SER D 251 47.48 20.71 25.68
N ASN D 252 47.65 21.14 24.43
CA ASN D 252 46.80 20.78 23.29
C ASN D 252 47.66 20.05 22.26
N PRO D 253 47.89 18.72 22.44
CA PRO D 253 48.74 17.96 21.53
C PRO D 253 48.32 18.08 20.05
N SER D 254 49.29 17.87 19.15
CA SER D 254 49.08 18.00 17.70
C SER D 254 48.51 16.69 17.12
N ALA D 255 48.98 15.55 17.61
CA ALA D 255 48.72 14.28 16.95
C ALA D 255 47.55 13.52 17.62
N LEU D 256 46.63 14.26 18.25
CA LEU D 256 45.34 13.68 18.66
C LEU D 256 44.71 13.01 17.43
N ARG D 257 44.81 13.70 16.29
CA ARG D 257 44.06 13.39 15.08
C ARG D 257 44.72 12.29 14.26
N GLU D 258 45.97 11.92 14.58
CA GLU D 258 46.76 10.97 13.79
C GLU D 258 46.50 9.54 14.29
N THR D 259 46.36 8.62 13.32
CA THR D 259 45.99 7.21 13.57
C THR D 259 47.16 6.49 14.26
N VAL D 260 46.96 6.15 15.53
CA VAL D 260 48.03 5.63 16.39
C VAL D 260 48.25 4.16 16.04
N VAL D 261 49.50 3.84 15.68
CA VAL D 261 49.95 2.47 15.47
C VAL D 261 50.88 2.11 16.62
N GLU D 262 50.54 1.06 17.37
CA GLU D 262 51.42 0.48 18.37
C GLU D 262 50.93 -0.93 18.67
N VAL D 263 51.84 -1.79 19.14
CA VAL D 263 51.46 -3.07 19.68
C VAL D 263 50.76 -2.79 21.00
N PRO D 264 49.53 -3.31 21.21
CA PRO D 264 48.80 -3.06 22.43
C PRO D 264 49.33 -4.01 23.53
N GLN D 265 49.15 -3.59 24.78
CA GLN D 265 49.62 -4.37 25.91
C GLN D 265 48.42 -4.92 26.68
N VAL D 266 47.53 -5.59 25.95
CA VAL D 266 46.51 -6.44 26.57
C VAL D 266 46.90 -7.88 26.28
N THR D 267 47.18 -8.64 27.36
CA THR D 267 47.55 -10.05 27.26
C THR D 267 46.31 -10.85 26.89
N TRP D 268 46.50 -12.11 26.49
CA TRP D 268 45.37 -13.01 26.36
C TRP D 268 44.78 -13.29 27.74
N GLU D 269 45.65 -13.44 28.75
CA GLU D 269 45.23 -13.84 30.10
C GLU D 269 44.61 -12.65 30.85
N ASP D 270 44.69 -11.44 30.28
CA ASP D 270 43.85 -10.30 30.71
C ASP D 270 42.39 -10.60 30.34
N ILE D 271 42.21 -11.20 29.16
CA ILE D 271 40.91 -11.66 28.66
C ILE D 271 40.70 -13.11 29.11
N GLY D 272 40.30 -13.27 30.38
CA GLY D 272 39.91 -14.56 30.91
C GLY D 272 38.75 -15.14 30.12
N GLY D 273 38.74 -16.48 29.95
CA GLY D 273 37.68 -17.17 29.19
C GLY D 273 37.68 -16.77 27.73
N LEU D 274 36.53 -16.95 27.07
CA LEU D 274 36.44 -16.78 25.62
C LEU D 274 37.62 -17.51 24.98
N GLU D 275 37.60 -18.84 25.08
CA GLU D 275 38.75 -19.69 24.82
C GLU D 275 38.76 -20.12 23.35
N ASP D 276 37.66 -20.74 22.95
CA ASP D 276 37.41 -21.13 21.57
C ASP D 276 37.87 -19.99 20.63
N VAL D 277 37.50 -18.74 20.93
CA VAL D 277 37.85 -17.60 20.07
C VAL D 277 39.37 -17.37 20.13
N LYS D 278 39.96 -17.46 21.33
CA LYS D 278 41.41 -17.43 21.49
C LYS D 278 42.04 -18.40 20.48
N ARG D 279 41.65 -19.67 20.56
CA ARG D 279 42.31 -20.71 19.77
C ARG D 279 42.02 -20.51 18.28
N GLU D 280 40.78 -20.18 17.94
CA GLU D 280 40.42 -19.85 16.56
C GLU D 280 41.37 -18.77 16.04
N LEU D 281 41.35 -17.61 16.69
CA LEU D 281 42.20 -16.45 16.34
C LEU D 281 43.68 -16.85 16.25
N GLN D 282 44.11 -17.73 17.17
CA GLN D 282 45.49 -18.22 17.14
C GLN D 282 45.71 -18.98 15.84
N GLU D 283 44.79 -19.90 15.50
CA GLU D 283 44.88 -20.74 14.26
C GLU D 283 44.82 -19.87 13.00
N LEU D 284 44.05 -18.77 13.08
CA LEU D 284 43.84 -17.85 11.95
C LEU D 284 45.11 -17.03 11.74
N VAL D 285 45.56 -16.36 12.82
CA VAL D 285 46.48 -15.17 12.80
C VAL D 285 47.82 -15.43 13.49
N GLN D 286 47.85 -16.27 14.52
CA GLN D 286 49.08 -16.57 15.28
C GLN D 286 49.93 -17.64 14.59
N TYR D 287 49.32 -18.78 14.23
CA TYR D 287 50.06 -19.91 13.68
C TYR D 287 50.87 -19.50 12.44
N PRO D 288 50.35 -18.65 11.50
CA PRO D 288 51.12 -18.28 10.32
C PRO D 288 52.21 -17.21 10.48
N VAL D 289 52.22 -16.48 11.61
CA VAL D 289 53.35 -15.62 11.90
C VAL D 289 54.33 -16.35 12.84
N GLU D 290 53.83 -17.27 13.68
CA GLU D 290 54.66 -17.90 14.73
C GLU D 290 55.23 -19.25 14.30
N HIS D 291 54.60 -19.93 13.33
CA HIS D 291 55.11 -21.21 12.84
C HIS D 291 55.05 -21.27 11.32
N PRO D 292 55.45 -20.20 10.59
CA PRO D 292 55.22 -20.12 9.14
C PRO D 292 55.73 -21.35 8.39
N ASP D 293 56.87 -21.87 8.85
CA ASP D 293 57.43 -23.14 8.39
C ASP D 293 56.32 -24.14 8.07
N LYS D 294 55.40 -24.31 9.01
CA LYS D 294 54.25 -25.19 8.85
C LYS D 294 53.38 -24.78 7.65
N PHE D 295 52.89 -23.52 7.64
CA PHE D 295 51.95 -23.07 6.59
C PHE D 295 52.60 -23.25 5.21
N LEU D 296 53.88 -22.90 5.15
CA LEU D 296 54.70 -23.12 3.97
C LEU D 296 54.74 -24.62 3.64
N LYS D 297 54.86 -25.45 4.69
CA LYS D 297 55.05 -26.91 4.57
C LYS D 297 53.80 -27.60 4.03
N PHE D 298 52.68 -27.46 4.73
CA PHE D 298 51.41 -27.99 4.28
C PHE D 298 50.95 -27.30 2.99
N GLY D 299 51.38 -26.04 2.80
CA GLY D 299 51.21 -25.34 1.54
C GLY D 299 50.03 -24.38 1.54
N MET D 300 48.96 -24.74 2.26
CA MET D 300 47.83 -23.85 2.40
C MET D 300 48.31 -22.50 2.96
N THR D 301 47.69 -21.43 2.46
CA THR D 301 48.08 -20.04 2.74
C THR D 301 47.01 -19.39 3.62
N PRO D 302 47.33 -18.37 4.46
CA PRO D 302 46.55 -18.09 5.66
C PRO D 302 45.23 -17.36 5.34
N SER D 303 44.38 -17.18 6.37
CA SER D 303 43.21 -16.34 6.17
C SER D 303 43.68 -14.90 5.92
N LYS D 304 43.02 -14.20 5.00
CA LYS D 304 43.30 -12.78 4.81
C LYS D 304 42.86 -12.04 6.08
N GLY D 305 41.64 -12.36 6.54
CA GLY D 305 41.10 -11.75 7.74
C GLY D 305 39.81 -12.39 8.25
N VAL D 306 39.22 -11.66 9.19
CA VAL D 306 38.29 -12.17 10.18
C VAL D 306 37.05 -11.29 10.16
N LEU D 307 35.98 -11.74 10.82
CA LEU D 307 34.91 -10.83 11.17
C LEU D 307 34.38 -11.17 12.56
N PHE D 308 34.50 -10.17 13.44
CA PHE D 308 33.93 -10.20 14.77
C PHE D 308 32.50 -9.65 14.72
N TYR D 309 31.53 -10.52 14.98
CA TYR D 309 30.18 -10.09 15.17
C TYR D 309 29.69 -10.63 16.51
N GLY D 310 28.62 -10.01 16.99
CA GLY D 310 27.95 -10.38 18.21
C GLY D 310 27.30 -9.18 18.89
N PRO D 311 27.05 -9.23 20.21
CA PRO D 311 26.33 -8.16 20.89
C PRO D 311 27.29 -7.03 21.20
N PRO D 312 26.78 -5.77 21.29
CA PRO D 312 27.60 -4.56 21.38
C PRO D 312 28.40 -4.42 22.69
N GLY D 313 27.93 -5.09 23.74
CA GLY D 313 28.62 -5.13 25.01
C GLY D 313 29.64 -6.25 25.09
N CYS D 314 30.81 -5.97 24.53
CA CYS D 314 31.96 -6.87 24.59
C CYS D 314 33.22 -6.12 24.13
N GLY D 315 34.36 -6.80 24.27
CA GLY D 315 35.63 -6.20 23.90
C GLY D 315 36.12 -6.78 22.59
N LYS D 316 35.32 -6.56 21.55
CA LYS D 316 35.68 -7.00 20.21
C LYS D 316 37.03 -6.35 19.85
N THR D 317 37.20 -5.07 20.19
CA THR D 317 38.44 -4.32 20.12
C THR D 317 39.56 -5.06 20.87
N LEU D 318 39.26 -5.42 22.11
CA LEU D 318 40.23 -5.92 23.04
C LEU D 318 40.73 -7.30 22.62
N LEU D 319 39.85 -8.12 22.02
CA LEU D 319 40.26 -9.43 21.50
C LEU D 319 41.27 -9.23 20.38
N ALA D 320 40.89 -8.35 19.46
CA ALA D 320 41.71 -8.01 18.32
C ALA D 320 43.07 -7.50 18.82
N LYS D 321 43.04 -6.61 19.83
CA LYS D 321 44.27 -6.17 20.46
C LYS D 321 45.03 -7.39 20.97
N ALA D 322 44.34 -8.22 21.76
CA ALA D 322 44.91 -9.36 22.48
C ALA D 322 45.63 -10.32 21.54
N ILE D 323 45.07 -10.55 20.34
CA ILE D 323 45.74 -11.41 19.36
C ILE D 323 46.97 -10.70 18.77
N ALA D 324 46.90 -9.38 18.58
CA ALA D 324 48.07 -8.60 18.12
C ALA D 324 49.20 -8.65 19.16
N ASN D 325 48.84 -8.38 20.42
CA ASN D 325 49.69 -8.49 21.58
C ASN D 325 50.30 -9.90 21.66
N GLU D 326 49.45 -10.93 21.51
CA GLU D 326 49.87 -12.35 21.48
C GLU D 326 50.85 -12.61 20.31
N CYS D 327 50.67 -11.96 19.17
CA CYS D 327 51.59 -12.15 18.03
C CYS D 327 52.69 -11.09 18.00
N GLN D 328 52.80 -10.28 19.05
CA GLN D 328 53.65 -9.06 19.12
C GLN D 328 53.67 -8.37 17.74
N ALA D 329 52.48 -8.09 17.20
CA ALA D 329 52.28 -7.33 15.98
C ALA D 329 51.55 -6.03 16.32
N ASN D 330 51.59 -5.08 15.38
CA ASN D 330 50.97 -3.77 15.57
C ASN D 330 49.45 -3.87 15.51
N PHE D 331 48.79 -2.74 15.77
CA PHE D 331 47.35 -2.66 15.83
C PHE D 331 46.90 -1.31 15.28
N ILE D 332 45.81 -1.28 14.51
CA ILE D 332 45.25 -0.01 14.04
C ILE D 332 43.72 -0.05 14.09
N SER D 333 43.12 0.82 14.91
CA SER D 333 41.66 0.97 15.00
C SER D 333 41.16 2.03 14.01
N ILE D 334 40.32 1.61 13.06
CA ILE D 334 39.47 2.55 12.37
C ILE D 334 38.10 2.47 13.04
N LYS D 335 37.89 3.42 13.97
CA LYS D 335 36.57 3.78 14.45
C LYS D 335 35.70 4.02 13.19
N GLY D 336 34.43 3.61 13.24
CA GLY D 336 33.47 3.78 12.14
C GLY D 336 33.21 5.24 11.77
N PRO D 337 33.18 6.20 12.73
CA PRO D 337 33.16 7.63 12.41
C PRO D 337 34.25 8.14 11.44
N GLU D 338 35.38 7.44 11.35
CA GLU D 338 36.34 7.61 10.28
C GLU D 338 35.67 7.17 8.95
N LEU D 339 35.09 5.97 8.97
CA LEU D 339 34.41 5.44 7.81
C LEU D 339 33.31 6.43 7.38
N LEU D 340 32.42 6.79 8.32
CA LEU D 340 31.29 7.69 8.03
C LEU D 340 31.83 8.98 7.42
N THR D 341 32.84 9.57 8.07
CA THR D 341 33.47 10.79 7.58
C THR D 341 33.90 10.60 6.12
N MET D 342 34.45 9.43 5.78
CA MET D 342 34.89 9.17 4.42
C MET D 342 33.67 9.08 3.49
N TRP D 343 32.68 8.26 3.85
CA TRP D 343 31.52 8.10 2.96
C TRP D 343 30.87 9.47 2.71
N PHE D 344 30.40 10.11 3.78
CA PHE D 344 29.67 11.37 3.71
C PHE D 344 30.48 12.45 2.97
N GLY D 345 31.82 12.35 2.99
CA GLY D 345 32.73 13.29 2.28
C GLY D 345 33.16 12.80 0.91
N GLU D 346 32.98 11.49 0.69
CA GLU D 346 33.44 10.77 -0.49
C GLU D 346 34.95 10.95 -0.63
N SER D 347 35.66 10.64 0.46
CA SER D 347 37.10 10.55 0.48
C SER D 347 37.49 9.08 0.68
N GLU D 348 37.10 8.25 -0.29
CA GLU D 348 37.43 6.83 -0.27
C GLU D 348 38.93 6.66 -0.55
N ALA D 349 39.50 7.61 -1.31
CA ALA D 349 40.93 7.70 -1.44
C ALA D 349 41.63 7.16 -0.19
N ASN D 350 41.30 7.76 0.96
CA ASN D 350 42.03 7.57 2.22
C ASN D 350 42.07 6.12 2.69
N VAL D 351 41.20 5.25 2.16
CA VAL D 351 41.32 3.84 2.48
C VAL D 351 42.70 3.36 2.03
N ARG D 352 43.03 3.66 0.76
CA ARG D 352 44.31 3.32 0.14
C ARG D 352 45.46 3.72 1.09
N GLU D 353 45.34 4.94 1.63
CA GLU D 353 46.30 5.52 2.56
C GLU D 353 46.35 4.69 3.86
N ILE D 354 45.18 4.31 4.39
CA ILE D 354 45.10 3.47 5.59
C ILE D 354 45.86 2.17 5.34
N PHE D 355 45.49 1.45 4.28
CA PHE D 355 46.14 0.18 3.99
C PHE D 355 47.63 0.36 3.76
N ASP D 356 48.02 1.43 3.05
CA ASP D 356 49.44 1.73 2.91
C ASP D 356 50.05 1.82 4.32
N LYS D 357 49.40 2.57 5.22
CA LYS D 357 49.89 2.81 6.58
C LYS D 357 50.00 1.49 7.37
N ALA D 358 49.05 0.56 7.15
CA ALA D 358 49.14 -0.75 7.82
C ALA D 358 50.30 -1.55 7.22
N ARG D 359 50.27 -1.67 5.88
CA ARG D 359 51.26 -2.38 5.08
C ARG D 359 52.66 -1.96 5.52
N GLN D 360 52.88 -0.65 5.63
CA GLN D 360 54.17 -0.10 6.00
C GLN D 360 54.52 -0.48 7.45
N ALA D 361 53.51 -0.52 8.32
CA ALA D 361 53.73 -0.86 9.72
C ALA D 361 53.47 -2.36 9.97
N ALA D 362 53.78 -3.21 8.98
CA ALA D 362 53.64 -4.67 9.14
C ALA D 362 54.51 -5.14 10.31
N PRO D 363 54.37 -6.40 10.72
CA PRO D 363 53.05 -7.01 10.85
C PRO D 363 52.13 -6.33 11.86
N CYS D 364 50.81 -6.48 11.62
CA CYS D 364 49.83 -5.53 12.11
C CYS D 364 48.42 -6.13 11.98
N VAL D 365 47.52 -5.78 12.90
CA VAL D 365 46.09 -6.02 12.65
C VAL D 365 45.42 -4.66 12.40
N LEU D 366 44.85 -4.58 11.19
CA LEU D 366 43.98 -3.53 10.78
C LEU D 366 42.56 -3.91 11.24
N PHE D 367 42.12 -3.18 12.24
CA PHE D 367 40.88 -3.42 12.90
C PHE D 367 39.87 -2.35 12.46
N PHE D 368 38.86 -2.78 11.72
CA PHE D 368 37.74 -1.95 11.42
C PHE D 368 36.67 -2.14 12.50
N ASP D 369 36.30 -1.03 13.12
CA ASP D 369 35.19 -1.06 14.00
C ASP D 369 33.95 -0.69 13.20
N GLU D 370 32.80 -1.26 13.61
CA GLU D 370 31.54 -0.91 13.00
C GLU D 370 31.70 -0.96 11.48
N LEU D 371 32.08 -2.12 10.93
CA LEU D 371 32.27 -2.20 9.47
C LEU D 371 30.92 -1.93 8.77
N ASP D 372 29.84 -2.15 9.53
CA ASP D 372 28.48 -1.97 9.06
C ASP D 372 28.10 -0.49 8.87
N SER D 373 28.94 0.47 9.30
CA SER D 373 28.54 1.90 9.41
C SER D 373 28.11 2.49 8.07
N ILE D 374 28.97 2.35 7.06
CA ILE D 374 28.69 2.88 5.75
C ILE D 374 27.36 2.28 5.30
N ALA D 375 27.36 0.96 5.14
CA ALA D 375 26.18 0.19 4.79
C ALA D 375 25.02 0.49 5.76
N LYS D 376 25.27 0.56 7.07
CA LYS D 376 24.18 0.78 8.04
C LYS D 376 23.49 2.11 7.77
N ALA D 377 24.28 3.18 7.74
CA ALA D 377 23.75 4.50 8.01
C ALA D 377 22.65 4.87 7.02
N ARG D 378 22.73 4.41 5.78
CA ARG D 378 21.58 4.52 4.88
C ARG D 378 20.33 3.97 5.58
N ALA D 388 29.62 7.43 -2.63
CA ALA D 388 30.59 6.38 -2.94
C ALA D 388 30.82 5.43 -1.75
N ALA D 389 29.77 4.67 -1.40
CA ALA D 389 29.56 4.07 -0.04
C ALA D 389 29.92 2.57 -0.03
N ASP D 390 29.05 1.74 -0.62
CA ASP D 390 29.45 0.41 -0.92
C ASP D 390 30.87 0.55 -1.50
N ARG D 391 31.19 1.73 -2.08
CA ARG D 391 32.55 2.08 -2.57
C ARG D 391 33.54 2.25 -1.42
N VAL D 392 33.22 3.01 -0.36
CA VAL D 392 34.13 3.02 0.79
C VAL D 392 34.34 1.58 1.27
N ILE D 393 33.25 0.86 1.56
CA ILE D 393 33.40 -0.58 1.88
C ILE D 393 34.16 -1.26 0.72
N ASN D 394 33.89 -0.86 -0.53
CA ASN D 394 34.46 -1.44 -1.79
C ASN D 394 35.94 -1.06 -1.93
N GLN D 395 36.33 0.13 -1.52
CA GLN D 395 37.73 0.45 -1.61
C GLN D 395 38.46 -0.53 -0.70
N ILE D 396 37.92 -0.74 0.50
CA ILE D 396 38.42 -1.75 1.42
C ILE D 396 38.50 -3.10 0.69
N LEU D 397 37.53 -3.41 -0.17
CA LEU D 397 37.60 -4.64 -0.99
C LEU D 397 38.84 -4.58 -1.88
N THR D 398 38.88 -3.61 -2.80
CA THR D 398 39.92 -3.51 -3.81
C THR D 398 41.29 -3.57 -3.10
N GLU D 399 41.36 -3.00 -1.90
CA GLU D 399 42.60 -2.97 -1.12
C GLU D 399 42.93 -4.33 -0.51
N MET D 400 41.92 -5.05 -0.02
CA MET D 400 42.11 -6.42 0.47
C MET D 400 42.53 -7.34 -0.70
N ASP D 401 41.90 -7.16 -1.85
CA ASP D 401 42.22 -7.90 -3.08
C ASP D 401 43.68 -7.62 -3.45
N GLY D 402 44.04 -6.33 -3.54
CA GLY D 402 45.35 -5.86 -4.02
C GLY D 402 46.48 -6.00 -3.00
N MET D 403 46.15 -6.09 -1.70
CA MET D 403 47.17 -6.29 -0.68
C MET D 403 47.80 -7.66 -0.88
N SER D 404 49.14 -7.71 -0.77
CA SER D 404 49.88 -8.93 -0.92
C SER D 404 49.59 -9.88 0.25
N THR D 405 49.21 -11.10 -0.10
CA THR D 405 48.95 -12.20 0.82
C THR D 405 50.06 -12.37 1.86
N LYS D 406 51.31 -12.20 1.41
CA LYS D 406 52.49 -12.63 2.15
C LYS D 406 52.78 -11.66 3.29
N LYS D 407 52.82 -10.35 2.99
CA LYS D 407 52.80 -9.31 4.01
C LYS D 407 51.90 -9.80 5.16
N ASN D 408 52.46 -9.92 6.37
CA ASN D 408 51.64 -10.40 7.48
C ASN D 408 50.93 -9.21 8.11
N VAL D 409 49.78 -8.84 7.52
CA VAL D 409 48.87 -7.82 8.00
C VAL D 409 47.48 -8.43 8.04
N PHE D 410 46.93 -8.66 9.25
CA PHE D 410 45.58 -9.20 9.39
C PHE D 410 44.56 -8.08 9.49
N ILE D 411 43.28 -8.42 9.33
CA ILE D 411 42.31 -7.40 9.05
C ILE D 411 40.96 -7.82 9.62
N ILE D 412 40.69 -7.35 10.84
CA ILE D 412 39.56 -7.81 11.63
C ILE D 412 38.43 -6.78 11.50
N GLY D 413 37.24 -7.32 11.18
CA GLY D 413 36.05 -6.55 10.84
C GLY D 413 34.98 -6.73 11.90
N ALA D 414 34.79 -5.69 12.72
CA ALA D 414 33.85 -5.72 13.82
C ALA D 414 32.44 -5.29 13.35
N THR D 415 31.43 -5.84 14.03
CA THR D 415 30.07 -5.40 13.84
C THR D 415 29.20 -5.78 15.06
N ASN D 416 27.89 -5.71 14.84
CA ASN D 416 26.92 -6.39 15.63
C ASN D 416 25.79 -6.84 14.70
N ARG D 417 26.02 -6.77 13.38
CA ARG D 417 24.98 -6.93 12.42
C ARG D 417 25.56 -7.64 11.22
N PRO D 418 25.95 -8.93 11.33
CA PRO D 418 26.49 -9.65 10.17
C PRO D 418 25.52 -9.44 9.00
N ASP D 419 24.23 -9.25 9.37
CA ASP D 419 23.09 -9.13 8.46
C ASP D 419 23.23 -7.93 7.51
N ILE D 420 24.07 -6.93 7.82
CA ILE D 420 24.07 -5.68 7.04
C ILE D 420 25.37 -5.51 6.26
N ILE D 421 26.36 -6.35 6.52
CA ILE D 421 27.61 -6.15 5.88
C ILE D 421 27.49 -6.65 4.45
N ASP D 422 27.88 -5.79 3.50
CA ASP D 422 28.00 -6.16 2.08
C ASP D 422 28.63 -7.55 1.99
N PRO D 423 27.88 -8.62 1.64
CA PRO D 423 28.34 -9.99 1.86
C PRO D 423 29.55 -10.33 0.99
N ALA D 424 29.82 -9.49 -0.01
CA ALA D 424 31.06 -9.55 -0.78
C ALA D 424 32.28 -9.53 0.15
N ILE D 425 32.18 -8.81 1.27
CA ILE D 425 33.23 -8.76 2.28
C ILE D 425 33.42 -10.13 2.93
N LEU D 426 32.34 -10.91 2.98
CA LEU D 426 32.38 -12.22 3.60
C LEU D 426 32.63 -13.34 2.57
N ARG D 427 33.02 -12.93 1.36
CA ARG D 427 33.47 -13.81 0.27
C ARG D 427 34.87 -14.30 0.64
N PRO D 428 35.24 -15.57 0.35
CA PRO D 428 36.59 -16.03 0.69
C PRO D 428 37.64 -15.11 0.07
N GLY D 429 38.80 -15.01 0.73
CA GLY D 429 39.92 -14.17 0.31
C GLY D 429 39.75 -12.73 0.78
N ARG D 430 38.75 -12.53 1.64
CA ARG D 430 38.44 -11.26 2.26
C ARG D 430 38.24 -11.55 3.75
N LEU D 431 37.03 -11.33 4.26
CA LEU D 431 36.75 -11.72 5.61
C LEU D 431 36.14 -13.12 5.52
N ASP D 432 37.05 -14.06 5.28
CA ASP D 432 36.76 -15.44 5.17
C ASP D 432 36.05 -15.89 6.45
N GLN D 433 36.80 -15.82 7.55
CA GLN D 433 36.41 -16.43 8.81
C GLN D 433 35.44 -15.49 9.54
N LEU D 434 34.27 -16.01 9.89
CA LEU D 434 33.35 -15.34 10.81
C LEU D 434 33.57 -15.88 12.22
N ILE D 435 33.48 -15.00 13.22
CA ILE D 435 33.58 -15.42 14.60
C ILE D 435 32.49 -14.72 15.40
N TYR D 436 31.64 -15.52 16.06
CA TYR D 436 30.67 -14.99 17.01
C TYR D 436 31.42 -14.74 18.31
N ILE D 437 31.67 -13.45 18.57
CA ILE D 437 32.19 -12.97 19.83
C ILE D 437 31.00 -12.70 20.73
N PRO D 438 30.66 -13.67 21.60
CA PRO D 438 29.40 -13.64 22.33
C PRO D 438 29.57 -12.91 23.66
N LEU D 439 28.54 -12.99 24.48
CA LEU D 439 28.55 -12.40 25.78
C LEU D 439 29.62 -13.02 26.65
N PRO D 440 30.17 -12.24 27.60
CA PRO D 440 31.28 -12.71 28.43
C PRO D 440 30.86 -13.89 29.34
N ASP D 441 31.80 -14.83 29.52
CA ASP D 441 31.69 -15.95 30.47
C ASP D 441 32.06 -15.47 31.86
N GLU D 442 31.86 -16.33 32.86
CA GLU D 442 32.00 -15.95 34.26
C GLU D 442 33.44 -15.51 34.51
N LYS D 443 34.37 -16.29 33.94
CA LYS D 443 35.79 -16.00 34.04
C LYS D 443 36.04 -14.60 33.46
N SER D 444 35.37 -14.34 32.34
CA SER D 444 35.49 -13.09 31.61
C SER D 444 34.76 -11.94 32.32
N ARG D 445 33.59 -12.24 32.91
CA ARG D 445 32.86 -11.25 33.75
C ARG D 445 33.81 -10.78 34.86
N VAL D 446 34.37 -11.77 35.57
CA VAL D 446 35.35 -11.51 36.58
C VAL D 446 36.45 -10.64 35.97
N ALA D 447 37.04 -11.12 34.87
CA ALA D 447 38.11 -10.38 34.18
C ALA D 447 37.72 -8.91 34.01
N ILE D 448 36.47 -8.63 33.60
CA ILE D 448 36.03 -7.28 33.24
C ILE D 448 35.75 -6.47 34.51
N LEU D 449 35.17 -7.08 35.53
CA LEU D 449 35.07 -6.40 36.81
C LEU D 449 36.47 -5.97 37.21
N LYS D 450 37.42 -6.92 37.15
CA LYS D 450 38.82 -6.68 37.48
C LYS D 450 39.37 -5.50 36.66
N ALA D 451 39.15 -5.53 35.34
CA ALA D 451 39.64 -4.48 34.47
C ALA D 451 39.03 -3.12 34.85
N ASN D 452 37.71 -3.10 35.07
CA ASN D 452 36.95 -1.88 35.36
C ASN D 452 37.33 -1.33 36.75
N LEU D 453 37.82 -2.20 37.64
CA LEU D 453 38.19 -1.80 38.98
C LEU D 453 39.71 -1.81 39.19
N ARG D 454 40.49 -1.98 38.11
CA ARG D 454 41.94 -2.24 38.24
C ARG D 454 42.55 -1.26 39.25
N LYS D 455 42.61 0.02 38.90
CA LYS D 455 43.05 1.04 39.83
C LYS D 455 41.81 1.54 40.59
N SER D 456 41.61 0.99 41.79
CA SER D 456 40.53 1.37 42.67
C SER D 456 40.73 0.73 44.05
N PRO D 457 40.16 1.35 45.11
CA PRO D 457 40.11 0.74 46.44
C PRO D 457 38.91 -0.21 46.62
N VAL D 458 39.21 -1.51 46.80
CA VAL D 458 38.24 -2.60 46.72
C VAL D 458 38.50 -3.57 47.88
N ALA D 459 37.73 -3.46 48.97
CA ALA D 459 37.96 -4.35 50.14
C ALA D 459 37.55 -5.78 49.80
N LYS D 460 38.20 -6.75 50.43
CA LYS D 460 38.14 -8.13 49.98
C LYS D 460 36.74 -8.73 50.17
N ASP D 461 35.87 -8.05 50.93
CA ASP D 461 34.46 -8.48 51.05
C ASP D 461 33.65 -8.02 49.83
N VAL D 462 34.33 -7.56 48.76
CA VAL D 462 33.77 -7.60 47.41
C VAL D 462 34.28 -8.87 46.73
N ASP D 463 33.54 -9.97 46.91
CA ASP D 463 33.74 -11.15 46.09
C ASP D 463 33.13 -10.84 44.73
N LEU D 464 33.83 -11.27 43.67
CA LEU D 464 33.50 -10.89 42.32
C LEU D 464 32.75 -12.02 41.61
N GLU D 465 32.57 -13.13 42.31
CA GLU D 465 31.90 -14.25 41.73
C GLU D 465 30.42 -14.26 42.16
N PHE D 466 30.14 -13.82 43.41
CA PHE D 466 28.79 -13.31 43.76
C PHE D 466 28.32 -12.44 42.58
N LEU D 467 29.21 -11.58 42.04
CA LEU D 467 28.97 -10.66 40.88
C LEU D 467 28.95 -11.42 39.54
N ALA D 468 29.78 -12.46 39.40
CA ALA D 468 29.76 -13.34 38.23
C ALA D 468 28.37 -13.98 38.04
N LYS D 469 27.86 -14.60 39.11
CA LYS D 469 26.62 -15.35 39.04
C LYS D 469 25.41 -14.45 38.78
N MET D 470 25.36 -13.33 39.50
CA MET D 470 24.21 -12.45 39.42
C MET D 470 24.09 -11.87 38.02
N THR D 471 25.21 -11.78 37.30
CA THR D 471 25.27 -11.03 36.06
C THR D 471 25.32 -11.98 34.86
N ASN D 472 24.60 -13.11 34.94
CA ASN D 472 24.40 -13.97 33.80
C ASN D 472 23.53 -13.22 32.78
N GLY D 473 23.98 -13.15 31.52
CA GLY D 473 23.28 -12.50 30.39
C GLY D 473 23.65 -11.03 30.23
N PHE D 474 24.60 -10.58 31.05
CA PHE D 474 25.06 -9.22 31.05
C PHE D 474 26.19 -9.07 30.04
N SER D 475 26.20 -7.90 29.43
CA SER D 475 27.29 -7.45 28.62
C SER D 475 28.32 -6.75 29.52
N GLY D 476 29.57 -6.74 29.06
CA GLY D 476 30.60 -5.93 29.63
C GLY D 476 30.06 -4.60 30.11
N ALA D 477 29.34 -3.93 29.20
CA ALA D 477 28.81 -2.58 29.46
C ALA D 477 28.09 -2.48 30.80
N ASP D 478 27.33 -3.53 31.14
CA ASP D 478 26.53 -3.54 32.36
C ASP D 478 27.43 -3.73 33.57
N LEU D 479 28.46 -4.57 33.42
CA LEU D 479 29.40 -4.78 34.50
C LEU D 479 30.04 -3.43 34.79
N THR D 480 30.46 -2.81 33.68
CA THR D 480 31.07 -1.52 33.67
C THR D 480 30.19 -0.51 34.40
N GLU D 481 28.94 -0.35 33.94
CA GLU D 481 28.09 0.67 34.55
C GLU D 481 27.78 0.29 36.01
N ILE D 482 27.75 -1.02 36.36
CA ILE D 482 27.67 -1.41 37.80
C ILE D 482 28.85 -0.78 38.52
N CYS D 483 30.06 -1.11 38.08
CA CYS D 483 31.30 -0.62 38.70
C CYS D 483 31.29 0.90 38.81
N GLN D 484 30.92 1.59 37.72
CA GLN D 484 30.93 3.05 37.69
C GLN D 484 29.89 3.58 38.67
N ARG D 485 28.69 3.01 38.68
CA ARG D 485 27.63 3.47 39.62
C ARG D 485 28.15 3.29 41.04
N ALA D 486 28.70 2.12 41.34
CA ALA D 486 29.33 1.89 42.65
C ALA D 486 30.32 3.02 42.93
N CYS D 487 31.28 3.21 42.03
CA CYS D 487 32.35 4.18 42.25
C CYS D 487 31.78 5.58 42.50
N LYS D 488 30.72 5.94 41.77
CA LYS D 488 30.09 7.25 41.96
C LYS D 488 29.38 7.30 43.32
N LEU D 489 28.75 6.19 43.76
CA LEU D 489 28.16 6.12 45.12
C LEU D 489 29.26 6.37 46.16
N ALA D 490 30.42 5.72 45.92
CA ALA D 490 31.58 5.87 46.82
C ALA D 490 32.07 7.33 46.85
N ILE D 491 32.37 7.90 45.68
CA ILE D 491 32.79 9.29 45.61
C ILE D 491 31.76 10.19 46.32
N ARG D 492 30.49 10.04 45.94
CA ARG D 492 29.38 10.80 46.55
C ARG D 492 29.47 10.73 48.08
N GLU D 493 29.36 9.50 48.62
CA GLU D 493 29.41 9.29 50.07
C GLU D 493 30.65 9.97 50.65
N SER D 494 31.80 9.78 49.97
CA SER D 494 33.08 10.32 50.39
C SER D 494 33.02 11.85 50.52
N ILE D 495 32.83 12.57 49.40
CA ILE D 495 32.96 14.04 49.46
C ILE D 495 31.75 14.65 50.21
N GLU D 496 30.58 13.99 50.18
CA GLU D 496 29.43 14.45 50.96
C GLU D 496 29.79 14.41 52.46
N SER D 497 30.39 13.28 52.88
CA SER D 497 30.86 13.12 54.24
C SER D 497 32.00 14.11 54.55
N GLU D 498 32.92 14.34 53.62
CA GLU D 498 34.01 15.30 53.82
C GLU D 498 33.47 16.72 54.02
N ILE D 499 32.51 17.13 53.18
CA ILE D 499 31.88 18.47 53.29
C ILE D 499 31.07 18.56 54.60
N ARG D 500 30.35 17.47 54.93
CA ARG D 500 29.67 17.34 56.23
C ARG D 500 30.67 17.51 57.39
N ARG D 501 31.89 16.97 57.22
CA ARG D 501 32.98 17.10 58.22
C ARG D 501 33.59 18.52 58.22
N GLU D 502 33.61 19.21 57.07
CA GLU D 502 33.95 20.66 57.05
C GLU D 502 32.92 21.46 57.86
N ARG D 503 31.63 21.20 57.58
CA ARG D 503 30.53 21.91 58.28
C ARG D 503 30.47 21.55 59.78
N GLU D 504 30.81 20.30 60.13
CA GLU D 504 30.84 19.87 61.55
C GLU D 504 32.18 20.24 62.21
N ARG D 505 33.21 20.55 61.42
CA ARG D 505 34.48 21.12 61.93
C ARG D 505 34.38 22.64 62.05
N GLN D 506 33.42 23.29 61.37
CA GLN D 506 33.09 24.71 61.68
C GLN D 506 31.86 24.79 62.61
N THR D 507 31.92 24.12 63.76
CA THR D 507 30.93 24.25 64.84
C THR D 507 30.83 25.72 65.26
N GLU D 522 37.55 3.36 51.10
CA GLU D 522 37.52 2.27 50.06
C GLU D 522 36.09 1.82 49.68
N ILE D 523 35.96 0.94 48.66
CA ILE D 523 34.65 0.54 48.06
C ILE D 523 34.29 -0.92 48.43
N ARG D 524 33.03 -1.18 48.86
CA ARG D 524 32.58 -2.47 49.50
C ARG D 524 31.16 -2.88 49.09
N ARG D 525 30.83 -4.18 49.07
CA ARG D 525 29.64 -4.77 48.33
C ARG D 525 28.31 -4.13 48.81
N ASP D 526 28.38 -3.29 49.87
CA ASP D 526 27.28 -2.38 50.19
C ASP D 526 26.97 -1.52 48.96
N HIS D 527 27.93 -0.66 48.63
CA HIS D 527 28.03 0.11 47.39
C HIS D 527 27.56 -0.68 46.16
N PHE D 528 28.09 -1.90 46.00
CA PHE D 528 27.86 -2.68 44.79
C PHE D 528 26.41 -3.18 44.75
N GLU D 529 25.91 -3.90 45.78
CA GLU D 529 24.51 -4.38 45.70
C GLU D 529 23.60 -3.13 45.70
N GLU D 530 24.06 -2.01 46.27
CA GLU D 530 23.39 -0.72 46.04
C GLU D 530 23.34 -0.43 44.53
N ALA D 531 24.48 -0.55 43.84
CA ALA D 531 24.61 -0.16 42.43
C ALA D 531 23.82 -1.11 41.51
N MET D 532 23.78 -2.39 41.85
CA MET D 532 23.08 -3.37 41.04
C MET D 532 21.55 -3.19 41.21
N ARG D 533 21.14 -2.55 42.32
CA ARG D 533 19.72 -2.30 42.61
C ARG D 533 19.14 -1.23 41.66
N PHE D 534 19.94 -0.75 40.70
CA PHE D 534 19.43 -0.27 39.41
C PHE D 534 20.56 -0.45 38.39
N ALA D 535 20.60 -1.62 37.73
CA ALA D 535 21.62 -1.97 36.69
C ALA D 535 21.06 -3.04 35.74
N ARG D 536 21.21 -2.80 34.43
CA ARG D 536 20.45 -3.50 33.39
C ARG D 536 21.05 -4.89 33.12
N ARG D 537 20.39 -5.60 32.21
CA ARG D 537 20.96 -6.65 31.36
C ARG D 537 20.89 -6.13 29.93
N SER D 538 22.03 -5.74 29.34
CA SER D 538 22.07 -4.85 28.14
C SER D 538 21.28 -5.45 26.99
N VAL D 539 21.59 -6.72 26.71
CA VAL D 539 21.19 -7.33 25.50
C VAL D 539 20.15 -8.40 25.83
N SER D 540 19.01 -8.30 25.13
CA SER D 540 17.83 -9.10 25.41
C SER D 540 17.94 -10.43 24.68
N ASP D 541 17.24 -11.42 25.25
CA ASP D 541 17.27 -12.78 24.79
C ASP D 541 17.08 -12.73 23.26
N ASN D 542 16.02 -12.05 22.81
CA ASN D 542 15.72 -11.81 21.37
C ASN D 542 17.00 -11.72 20.56
N ASP D 543 17.86 -10.77 20.96
CA ASP D 543 19.01 -10.40 20.19
C ASP D 543 19.98 -11.58 20.17
N ILE D 544 20.24 -12.13 21.35
CA ILE D 544 21.28 -13.13 21.43
C ILE D 544 20.80 -14.33 20.60
N ARG D 545 19.52 -14.66 20.73
CA ARG D 545 18.85 -15.68 19.90
C ARG D 545 19.01 -15.33 18.42
N LYS D 546 18.96 -14.03 18.09
CA LYS D 546 19.14 -13.56 16.72
C LYS D 546 20.58 -13.85 16.26
N TYR D 547 21.58 -13.61 17.10
CA TYR D 547 22.95 -13.98 16.69
C TYR D 547 23.09 -15.50 16.60
N GLU D 548 22.47 -16.22 17.56
CA GLU D 548 22.46 -17.68 17.54
C GLU D 548 21.98 -18.10 16.15
N MET D 549 20.71 -17.79 15.85
CA MET D 549 20.10 -18.06 14.55
C MET D 549 21.08 -17.68 13.46
N PHE D 550 21.51 -16.42 13.45
CA PHE D 550 22.29 -15.89 12.36
C PHE D 550 23.71 -16.46 12.43
N ALA D 551 24.12 -17.03 13.57
CA ALA D 551 25.39 -17.78 13.71
C ALA D 551 25.29 -19.16 13.02
N GLN D 552 24.23 -19.90 13.34
CA GLN D 552 23.90 -21.17 12.72
C GLN D 552 23.77 -20.97 11.19
N THR D 553 22.80 -20.13 10.78
CA THR D 553 22.39 -20.01 9.36
C THR D 553 23.33 -19.06 8.59
N LEU D 554 24.14 -18.25 9.29
CA LEU D 554 25.32 -17.65 8.63
C LEU D 554 26.20 -18.85 8.16
N GLN D 555 26.33 -19.90 8.99
CA GLN D 555 27.02 -21.18 8.61
C GLN D 555 26.02 -22.12 7.92
N ARG E 2 42.77 43.62 32.00
CA ARG E 2 44.14 43.41 32.60
C ARG E 2 44.43 41.91 32.72
N LYS E 3 43.35 41.14 32.91
CA LYS E 3 43.41 39.67 32.98
C LYS E 3 44.14 39.12 31.76
N GLN E 4 43.86 39.75 30.60
CA GLN E 4 44.34 39.32 29.29
C GLN E 4 45.87 39.46 29.24
N LEU E 5 46.33 40.68 29.55
CA LEU E 5 47.76 40.99 29.56
C LEU E 5 48.51 39.92 30.37
N ALA E 6 47.98 39.60 31.56
CA ALA E 6 48.63 38.66 32.50
C ALA E 6 49.22 37.45 31.77
N GLN E 7 48.36 36.75 31.01
CA GLN E 7 48.74 35.56 30.24
C GLN E 7 49.93 35.89 29.33
N ILE E 8 49.78 36.95 28.55
CA ILE E 8 50.71 37.29 27.47
C ILE E 8 52.06 37.70 28.08
N LYS E 9 52.00 38.29 29.26
CA LYS E 9 53.17 38.62 30.04
C LYS E 9 53.81 37.35 30.62
N GLU E 10 52.99 36.39 31.10
CA GLU E 10 53.55 35.09 31.57
C GLU E 10 54.23 34.38 30.39
N MET E 11 53.69 34.52 29.17
CA MET E 11 54.26 33.87 27.98
C MET E 11 55.48 34.66 27.44
N VAL E 12 55.52 35.98 27.67
CA VAL E 12 56.56 36.84 27.05
C VAL E 12 57.69 37.16 28.05
N GLU E 13 57.34 37.81 29.17
CA GLU E 13 58.29 38.50 30.09
C GLU E 13 59.41 37.57 30.55
N LEU E 14 59.03 36.37 30.99
CA LEU E 14 59.95 35.43 31.64
C LEU E 14 61.00 34.91 30.64
N PRO E 15 60.60 34.49 29.42
CA PRO E 15 61.57 34.24 28.34
C PRO E 15 62.08 35.39 27.44
N LEU E 16 61.64 36.63 27.69
CA LEU E 16 62.28 37.81 27.09
C LEU E 16 63.35 38.41 28.01
N ARG E 17 63.07 38.45 29.32
CA ARG E 17 63.85 39.24 30.29
C ARG E 17 64.24 38.41 31.53
N HIS E 18 64.02 37.09 31.48
CA HIS E 18 64.47 36.08 32.45
C HIS E 18 64.88 34.81 31.69
N PRO E 19 65.42 34.94 30.44
CA PRO E 19 65.67 33.83 29.53
C PRO E 19 66.66 32.73 29.95
N ALA E 20 67.68 33.08 30.73
CA ALA E 20 68.77 32.14 31.04
C ALA E 20 68.26 30.90 31.79
N LEU E 21 67.21 31.07 32.61
CA LEU E 21 66.69 30.00 33.46
C LEU E 21 66.15 28.83 32.63
N PHE E 22 65.43 29.14 31.55
CA PHE E 22 64.81 28.13 30.68
C PHE E 22 65.87 27.37 29.87
N LYS E 23 66.82 28.15 29.33
CA LYS E 23 67.87 27.65 28.46
C LYS E 23 68.88 26.85 29.28
N ALA E 24 68.95 27.12 30.60
CA ALA E 24 69.72 26.32 31.54
C ALA E 24 68.91 25.09 31.97
N ILE E 25 67.65 25.30 32.38
CA ILE E 25 66.79 24.20 32.90
C ILE E 25 66.46 23.23 31.75
N GLY E 26 66.79 23.62 30.51
CA GLY E 26 66.80 22.70 29.36
C GLY E 26 65.43 22.63 28.71
N VAL E 27 64.84 23.81 28.47
CA VAL E 27 63.56 23.93 27.77
C VAL E 27 63.66 25.09 26.76
N LYS E 28 62.54 25.42 26.10
CA LYS E 28 62.48 26.47 25.10
C LYS E 28 61.41 27.48 25.49
N PRO E 29 61.70 28.81 25.49
CA PRO E 29 60.67 29.83 25.30
C PRO E 29 59.79 29.68 24.06
N PRO E 30 58.54 30.22 24.06
CA PRO E 30 57.77 30.37 22.82
C PRO E 30 58.37 31.50 21.98
N ARG E 31 58.47 31.27 20.68
CA ARG E 31 59.05 32.21 19.73
C ARG E 31 57.98 32.77 18.79
N GLY E 32 56.74 32.27 18.94
CA GLY E 32 55.63 32.73 18.11
C GLY E 32 54.34 32.73 18.89
N ILE E 33 54.03 33.87 19.53
CA ILE E 33 52.77 34.05 20.21
C ILE E 33 51.81 34.74 19.23
N LEU E 34 50.71 34.04 18.91
CA LEU E 34 49.74 34.47 17.92
C LEU E 34 48.46 34.91 18.62
N LEU E 35 48.17 36.22 18.58
CA LEU E 35 46.92 36.77 19.09
C LEU E 35 45.90 36.73 17.96
N TYR E 36 44.70 36.22 18.25
CA TYR E 36 43.64 36.36 17.25
C TYR E 36 42.30 36.67 17.94
N GLY E 37 41.35 37.03 17.09
CA GLY E 37 40.01 37.43 17.49
C GLY E 37 39.50 38.57 16.62
N PRO E 38 38.21 38.93 16.71
CA PRO E 38 37.61 39.85 15.74
C PRO E 38 38.28 41.22 15.74
N PRO E 39 38.08 42.03 14.68
CA PRO E 39 38.56 43.41 14.66
C PRO E 39 37.73 44.29 15.61
N GLY E 40 38.39 45.30 16.20
CA GLY E 40 37.79 46.19 17.21
C GLY E 40 38.28 45.88 18.62
N THR E 41 39.45 45.25 18.70
CA THR E 41 39.92 44.59 19.89
C THR E 41 41.24 45.19 20.39
N GLY E 42 41.92 46.01 19.55
CA GLY E 42 43.13 46.73 19.93
C GLY E 42 44.29 45.79 20.28
N LYS E 43 44.43 44.74 19.47
CA LYS E 43 45.50 43.78 19.62
C LYS E 43 46.83 44.53 19.54
N THR E 44 46.90 45.55 18.67
CA THR E 44 48.08 46.36 18.50
C THR E 44 48.41 47.04 19.84
N LEU E 45 47.49 47.89 20.31
CA LEU E 45 47.51 48.48 21.66
C LEU E 45 48.04 47.44 22.67
N ILE E 46 47.44 46.25 22.68
CA ILE E 46 47.83 45.20 23.68
C ILE E 46 49.31 44.84 23.52
N ALA E 47 49.76 44.66 22.26
CA ALA E 47 51.14 44.21 21.99
C ALA E 47 52.14 45.24 22.52
N ARG E 48 51.92 46.51 22.16
CA ARG E 48 52.76 47.62 22.59
C ARG E 48 52.68 47.78 24.11
N ALA E 49 51.49 47.57 24.68
CA ALA E 49 51.30 47.52 26.14
C ALA E 49 52.27 46.48 26.72
N VAL E 50 52.23 45.24 26.20
CA VAL E 50 53.09 44.16 26.73
C VAL E 50 54.58 44.49 26.50
N ALA E 51 54.91 45.14 25.38
CA ALA E 51 56.32 45.53 25.05
C ALA E 51 56.83 46.62 26.02
N ASN E 52 55.99 47.61 26.28
CA ASN E 52 56.29 48.71 27.20
C ASN E 52 56.40 48.18 28.64
N GLU E 53 55.46 47.30 29.02
CA GLU E 53 55.38 46.83 30.40
C GLU E 53 56.29 45.62 30.63
N THR E 54 56.88 45.04 29.57
CA THR E 54 58.00 44.12 29.74
C THR E 54 59.33 44.90 29.68
N GLY E 55 59.35 45.95 28.85
CA GLY E 55 60.56 46.64 28.50
C GLY E 55 61.26 45.91 27.37
N ALA E 56 60.76 46.17 26.15
CA ALA E 56 61.33 45.57 24.96
C ALA E 56 61.09 46.46 23.74
N PHE E 57 62.08 46.47 22.85
CA PHE E 57 61.94 47.05 21.53
C PHE E 57 60.69 46.45 20.87
N PHE E 58 59.96 47.30 20.14
CA PHE E 58 58.73 46.93 19.48
C PHE E 58 58.83 47.26 17.99
N PHE E 59 58.64 46.26 17.12
CA PHE E 59 58.62 46.56 15.69
C PHE E 59 57.29 46.09 15.08
N LEU E 60 56.50 47.06 14.58
CA LEU E 60 55.23 46.79 13.88
C LEU E 60 55.54 46.36 12.44
N ILE E 61 54.77 45.39 11.94
CA ILE E 61 54.72 44.99 10.55
C ILE E 61 53.26 45.07 10.11
N ASN E 62 52.84 46.22 9.59
CA ASN E 62 51.50 46.42 9.04
C ASN E 62 51.42 45.57 7.77
N GLY E 63 50.74 44.41 7.84
CA GLY E 63 50.65 43.48 6.68
C GLY E 63 50.41 44.22 5.37
N PRO E 64 49.30 44.98 5.27
CA PRO E 64 49.01 45.81 4.09
C PRO E 64 50.25 46.54 3.56
N GLU E 65 50.98 47.20 4.46
CA GLU E 65 52.19 47.97 4.14
C GLU E 65 53.22 47.05 3.44
N ILE E 66 53.39 45.83 3.95
CA ILE E 66 54.34 44.87 3.37
C ILE E 66 53.82 44.43 2.01
N MET E 67 52.51 44.16 1.94
CA MET E 67 51.95 43.63 0.70
C MET E 67 51.88 44.69 -0.39
N SER E 68 51.92 45.98 -0.01
CA SER E 68 51.77 47.08 -0.97
C SER E 68 53.07 47.35 -1.73
N LYS E 69 54.20 46.81 -1.23
CA LYS E 69 55.51 47.01 -1.85
C LYS E 69 55.61 46.21 -3.16
N LEU E 70 56.55 46.60 -4.03
CA LEU E 70 56.88 45.84 -5.22
C LEU E 70 57.55 44.53 -4.79
N ALA E 71 57.13 43.43 -5.41
CA ALA E 71 57.62 42.09 -5.12
C ALA E 71 59.14 42.12 -4.99
N GLY E 72 59.65 41.72 -3.82
CA GLY E 72 61.07 41.85 -3.52
C GLY E 72 61.29 42.78 -2.34
N GLU E 73 60.76 44.01 -2.47
CA GLU E 73 60.94 45.02 -1.44
C GLU E 73 60.08 44.65 -0.22
N SER E 74 59.08 43.80 -0.43
CA SER E 74 58.32 43.17 0.66
C SER E 74 59.26 42.31 1.52
N GLU E 75 59.89 41.32 0.88
CA GLU E 75 60.85 40.39 1.53
C GLU E 75 61.96 41.21 2.16
N SER E 76 62.44 42.20 1.40
CA SER E 76 63.39 43.18 1.89
C SER E 76 62.89 43.76 3.22
N ASN E 77 61.72 44.40 3.19
CA ASN E 77 61.13 45.01 4.37
C ASN E 77 61.11 44.00 5.52
N LEU E 78 60.72 42.75 5.22
CA LEU E 78 60.63 41.71 6.27
C LEU E 78 62.02 41.45 6.88
N ARG E 79 62.98 41.06 6.04
CA ARG E 79 64.36 40.83 6.49
C ARG E 79 64.80 42.03 7.35
N LYS E 80 64.66 43.22 6.78
CA LYS E 80 65.01 44.49 7.42
C LYS E 80 64.41 44.53 8.83
N ALA E 81 63.09 44.40 8.92
CA ALA E 81 62.38 44.43 10.19
C ALA E 81 63.00 43.43 11.17
N PHE E 82 63.16 42.18 10.70
CA PHE E 82 63.66 41.09 11.55
C PHE E 82 65.09 41.36 12.05
N GLU E 83 65.96 41.92 11.20
CA GLU E 83 67.34 42.24 11.61
C GLU E 83 67.31 43.44 12.57
N GLU E 84 66.47 44.43 12.26
CA GLU E 84 66.29 45.64 13.09
C GLU E 84 65.83 45.25 14.50
N ALA E 85 64.91 44.29 14.58
CA ALA E 85 64.51 43.76 15.88
C ALA E 85 65.66 42.93 16.50
N GLU E 86 66.16 41.96 15.73
CA GLU E 86 67.24 41.05 16.17
C GLU E 86 68.36 41.86 16.84
N LYS E 87 68.63 43.05 16.30
CA LYS E 87 69.75 43.87 16.76
C LYS E 87 69.43 44.59 18.08
N ASN E 88 68.16 44.92 18.35
CA ASN E 88 67.81 45.83 19.48
C ASN E 88 67.14 45.06 20.64
N ALA E 89 67.49 43.78 20.79
CA ALA E 89 66.66 42.82 21.56
C ALA E 89 67.00 42.64 23.03
N PRO E 90 66.07 42.95 23.97
CA PRO E 90 64.78 42.27 23.99
C PRO E 90 63.81 42.89 22.96
N ALA E 91 63.20 42.05 22.10
CA ALA E 91 62.45 42.53 20.90
C ALA E 91 61.13 41.77 20.68
N ILE E 92 60.03 42.53 20.56
CA ILE E 92 58.76 42.04 20.07
C ILE E 92 58.55 42.56 18.63
N ILE E 93 58.52 41.62 17.69
CA ILE E 93 58.06 41.90 16.32
C ILE E 93 56.57 41.57 16.26
N PHE E 94 55.73 42.60 16.07
CA PHE E 94 54.28 42.43 16.03
C PHE E 94 53.78 42.56 14.59
N ILE E 95 53.05 41.54 14.13
CA ILE E 95 52.54 41.50 12.77
C ILE E 95 51.03 41.73 12.80
N ASP E 96 50.64 42.93 12.36
CA ASP E 96 49.27 43.36 12.26
C ASP E 96 48.70 42.89 10.92
N GLU E 97 47.47 42.36 10.96
CA GLU E 97 46.86 41.66 9.83
C GLU E 97 47.89 40.67 9.27
N LEU E 98 48.13 39.58 9.98
CA LEU E 98 49.07 38.55 9.51
C LEU E 98 48.53 37.89 8.24
N ASP E 99 47.25 37.53 8.31
CA ASP E 99 46.49 36.88 7.21
C ASP E 99 46.76 37.56 5.85
N ALA E 100 47.10 38.86 5.86
CA ALA E 100 47.38 39.62 4.63
C ALA E 100 48.55 38.98 3.87
N ILE E 101 49.74 39.00 4.49
CA ILE E 101 50.96 38.46 3.87
C ILE E 101 50.85 36.94 3.75
N ALA E 102 50.27 36.27 4.77
CA ALA E 102 50.32 34.80 4.91
C ALA E 102 48.93 34.20 5.02
N PRO E 103 48.21 34.02 3.89
CA PRO E 103 46.79 33.63 3.94
C PRO E 103 46.63 32.11 3.98
N LYS E 104 45.41 31.62 3.70
CA LYS E 104 45.16 30.22 3.28
C LYS E 104 45.57 30.05 1.82
N ARG E 105 46.62 29.25 1.59
CA ARG E 105 47.65 29.54 0.55
C ARG E 105 47.37 28.86 -0.81
N GLU E 106 46.13 28.44 -1.08
CA GLU E 106 45.67 28.19 -2.47
C GLU E 106 44.78 29.35 -2.94
N LYS E 107 44.37 30.20 -1.99
CA LYS E 107 43.80 31.53 -2.24
C LYS E 107 44.97 32.51 -2.44
N THR E 108 45.75 32.25 -3.49
CA THR E 108 47.02 32.91 -3.77
C THR E 108 47.33 32.70 -5.26
N HIS E 109 46.61 33.44 -6.12
CA HIS E 109 46.70 33.29 -7.58
C HIS E 109 48.03 33.88 -8.10
N GLY E 110 49.17 33.41 -7.56
CA GLY E 110 50.51 33.94 -7.94
C GLY E 110 51.59 33.52 -6.96
N GLU E 111 52.84 33.42 -7.45
CA GLU E 111 53.96 32.77 -6.73
C GLU E 111 54.68 33.75 -5.80
N VAL E 112 54.53 35.05 -6.09
CA VAL E 112 55.20 36.07 -5.30
C VAL E 112 54.77 35.95 -3.83
N GLU E 113 53.47 35.80 -3.59
CA GLU E 113 52.95 35.66 -2.23
C GLU E 113 53.56 34.41 -1.55
N ARG E 114 53.67 33.31 -2.30
CA ARG E 114 54.26 32.04 -1.79
C ARG E 114 55.72 32.29 -1.41
N ARG E 115 56.43 33.07 -2.25
CA ARG E 115 57.78 33.50 -1.87
C ARG E 115 57.73 34.35 -0.58
N ILE E 116 56.81 35.31 -0.49
CA ILE E 116 56.72 36.27 0.66
C ILE E 116 56.50 35.49 1.96
N VAL E 117 55.57 34.55 1.90
CA VAL E 117 55.27 33.68 3.02
C VAL E 117 56.53 32.84 3.31
N SER E 118 57.08 32.16 2.29
CA SER E 118 58.30 31.38 2.50
C SER E 118 59.30 32.20 3.31
N GLN E 119 59.52 33.45 2.86
CA GLN E 119 60.44 34.35 3.49
C GLN E 119 60.12 34.42 4.98
N LEU E 120 58.86 34.75 5.32
CA LEU E 120 58.44 34.87 6.70
C LEU E 120 58.67 33.55 7.45
N LEU E 121 58.44 32.40 6.81
CA LEU E 121 58.73 31.11 7.44
C LEU E 121 60.23 31.00 7.75
N THR E 122 61.09 31.36 6.78
CA THR E 122 62.54 31.23 6.96
C THR E 122 63.01 32.19 8.07
N LEU E 123 62.46 33.40 8.08
CA LEU E 123 62.74 34.39 9.12
C LEU E 123 62.29 33.86 10.48
N MET E 124 61.05 33.34 10.55
CA MET E 124 60.50 32.74 11.77
C MET E 124 61.39 31.61 12.28
N ASP E 125 61.88 30.77 11.35
CA ASP E 125 62.81 29.66 11.65
C ASP E 125 64.15 30.22 12.14
N GLY E 126 64.59 31.33 11.53
CA GLY E 126 65.91 31.95 11.74
C GLY E 126 66.20 32.39 13.17
N LEU E 127 65.16 32.76 13.94
CA LEU E 127 65.35 33.33 15.28
C LEU E 127 65.93 32.29 16.24
N LYS E 128 66.63 32.79 17.26
CA LYS E 128 67.03 32.01 18.42
C LYS E 128 66.37 32.63 19.66
N GLN E 129 65.98 31.78 20.62
CA GLN E 129 65.67 32.19 22.00
C GLN E 129 66.89 32.91 22.58
N ARG E 130 68.05 32.54 22.02
CA ARG E 130 69.36 33.17 22.20
C ARG E 130 69.29 34.67 21.84
N ALA E 131 68.58 35.01 20.75
CA ALA E 131 68.58 36.38 20.20
C ALA E 131 67.59 37.28 20.96
N HIS E 132 66.83 36.70 21.91
CA HIS E 132 65.85 37.40 22.78
C HIS E 132 64.72 38.01 21.95
N VAL E 133 64.19 37.28 20.97
CA VAL E 133 63.17 37.84 20.09
C VAL E 133 61.88 37.02 20.19
N ILE E 134 60.78 37.76 20.29
CA ILE E 134 59.41 37.23 20.28
C ILE E 134 58.65 37.88 19.12
N VAL E 135 57.87 37.06 18.41
CA VAL E 135 57.03 37.49 17.32
C VAL E 135 55.57 37.30 17.73
N MET E 136 54.83 38.41 17.80
CA MET E 136 53.40 38.37 17.97
C MET E 136 52.74 38.74 16.64
N ALA E 137 51.47 38.36 16.50
CA ALA E 137 50.76 38.44 15.22
C ALA E 137 49.24 38.45 15.44
N ALA E 138 48.54 39.04 14.47
CA ALA E 138 47.12 39.36 14.57
C ALA E 138 46.33 38.73 13.42
N THR E 139 45.11 38.31 13.74
CA THR E 139 44.15 37.85 12.75
C THR E 139 42.79 37.59 13.42
N ASN E 140 41.77 37.37 12.59
CA ASN E 140 40.39 37.23 13.03
C ASN E 140 40.21 35.84 13.64
N ARG E 141 40.65 34.83 12.90
CA ARG E 141 40.65 33.45 13.34
C ARG E 141 41.89 32.76 12.77
N PRO E 142 42.42 31.70 13.44
CA PRO E 142 43.65 31.04 12.99
C PRO E 142 43.41 30.18 11.73
N ASN E 143 42.14 29.98 11.39
CA ASN E 143 41.72 29.37 10.14
C ASN E 143 42.23 30.22 8.96
N SER E 144 42.38 31.53 9.19
CA SER E 144 42.82 32.54 8.19
C SER E 144 44.26 32.29 7.70
N ILE E 145 45.15 32.02 8.66
CA ILE E 145 46.58 31.91 8.43
C ILE E 145 46.89 30.57 7.73
N ASP E 146 47.97 30.58 6.94
CA ASP E 146 48.57 29.36 6.38
C ASP E 146 49.02 28.44 7.52
N PRO E 147 48.46 27.21 7.63
CA PRO E 147 48.83 26.28 8.70
C PRO E 147 50.31 26.01 8.94
N ALA E 148 51.13 26.14 7.89
CA ALA E 148 52.59 25.97 8.03
C ALA E 148 53.21 27.12 8.86
N LEU E 149 52.38 28.05 9.35
CA LEU E 149 52.78 29.03 10.39
C LEU E 149 52.45 28.53 11.79
N ARG E 150 51.45 27.66 11.91
CA ARG E 150 51.12 27.07 13.19
C ARG E 150 51.89 25.75 13.38
N ARG E 151 53.00 25.59 12.64
CA ARG E 151 54.03 24.61 12.99
C ARG E 151 54.55 24.94 14.38
N PHE E 152 55.25 23.98 14.98
CA PHE E 152 55.84 24.19 16.29
C PHE E 152 56.97 25.24 16.20
N GLY E 153 57.71 25.19 15.08
CA GLY E 153 58.89 26.05 14.88
C GLY E 153 58.57 27.53 14.84
N ARG E 154 57.29 27.84 14.62
CA ARG E 154 56.86 29.18 14.27
C ARG E 154 55.86 29.66 15.32
N PHE E 155 54.58 29.82 14.95
CA PHE E 155 53.54 30.35 15.85
C PHE E 155 52.88 29.18 16.61
N ASP E 156 53.55 28.74 17.68
CA ASP E 156 53.12 27.58 18.47
C ASP E 156 52.01 27.98 19.45
N ARG E 157 52.19 29.09 20.17
CA ARG E 157 51.24 29.52 21.20
C ARG E 157 50.23 30.51 20.61
N GLU E 158 48.96 30.32 20.98
CA GLU E 158 47.82 31.03 20.38
C GLU E 158 46.92 31.58 21.50
N VAL E 159 46.54 32.85 21.41
CA VAL E 159 45.67 33.49 22.40
C VAL E 159 44.49 34.17 21.72
N ASP E 160 43.33 33.94 22.34
CA ASP E 160 42.05 34.39 21.82
C ASP E 160 41.63 35.64 22.59
N ILE E 161 41.51 36.74 21.88
CA ILE E 161 40.91 37.92 22.43
C ILE E 161 39.56 38.12 21.76
N GLY E 162 38.52 37.51 22.34
CA GLY E 162 37.20 37.48 21.71
C GLY E 162 36.42 38.77 21.95
N ILE E 163 35.08 38.65 21.88
CA ILE E 163 34.17 39.63 22.45
C ILE E 163 34.54 39.84 23.91
N PRO E 164 34.46 41.08 24.43
CA PRO E 164 34.44 41.30 25.88
C PRO E 164 33.02 41.13 26.47
N ASP E 165 32.97 40.68 27.72
CA ASP E 165 31.72 40.54 28.47
C ASP E 165 31.42 41.85 29.23
N ALA E 166 30.27 41.85 29.91
CA ALA E 166 29.74 42.98 30.66
C ALA E 166 30.87 43.81 31.31
N THR E 167 31.76 43.14 32.05
CA THR E 167 32.79 43.81 32.84
C THR E 167 33.78 44.51 31.90
N GLY E 168 34.24 43.78 30.88
CA GLY E 168 35.15 44.33 29.88
C GLY E 168 34.54 45.54 29.20
N ARG E 169 33.27 45.37 28.80
CA ARG E 169 32.51 46.43 28.13
C ARG E 169 32.44 47.65 29.05
N LEU E 170 32.16 47.40 30.33
CA LEU E 170 32.09 48.43 31.36
C LEU E 170 33.43 49.16 31.47
N GLU E 171 34.51 48.39 31.65
CA GLU E 171 35.89 48.93 31.69
C GLU E 171 36.13 49.84 30.49
N ILE E 172 35.80 49.33 29.29
CA ILE E 172 36.06 50.02 28.04
C ILE E 172 35.26 51.34 28.02
N LEU E 173 33.97 51.26 28.39
CA LEU E 173 33.12 52.43 28.45
C LEU E 173 33.71 53.47 29.42
N GLN E 174 34.07 53.04 30.62
CA GLN E 174 34.71 53.92 31.61
C GLN E 174 35.95 54.57 30.99
N ILE E 175 36.78 53.76 30.32
CA ILE E 175 38.05 54.20 29.72
C ILE E 175 37.78 55.24 28.61
N HIS E 176 36.75 55.04 27.77
CA HIS E 176 36.45 55.99 26.67
C HIS E 176 35.65 57.21 27.17
N THR E 177 35.02 57.09 28.36
CA THR E 177 34.08 58.12 28.87
C THR E 177 34.59 58.80 30.15
N LYS E 178 35.83 58.54 30.58
CA LYS E 178 36.40 59.30 31.70
C LYS E 178 36.57 60.77 31.28
N ASN E 179 36.69 61.03 29.97
CA ASN E 179 36.96 62.35 29.41
C ASN E 179 35.66 63.08 29.03
N MET E 180 34.50 62.68 29.58
CA MET E 180 33.21 63.06 28.98
C MET E 180 32.31 63.79 30.00
N LYS E 181 31.40 64.63 29.48
CA LYS E 181 30.38 65.41 30.24
C LYS E 181 29.27 64.47 30.72
N LEU E 182 29.65 63.42 31.47
CA LEU E 182 28.75 62.30 31.85
C LEU E 182 27.71 62.79 32.86
N ALA E 183 26.43 62.68 32.52
CA ALA E 183 25.34 63.08 33.45
C ALA E 183 25.22 62.06 34.59
N ASP E 184 24.41 62.42 35.59
CA ASP E 184 24.21 61.61 36.80
C ASP E 184 23.22 60.48 36.51
N ASP E 185 22.31 60.72 35.55
CA ASP E 185 21.30 59.74 35.12
C ASP E 185 21.94 58.70 34.19
N VAL E 186 23.12 58.99 33.63
CA VAL E 186 23.85 58.03 32.80
C VAL E 186 24.22 56.83 33.68
N ASP E 187 23.98 55.63 33.14
CA ASP E 187 24.42 54.39 33.75
C ASP E 187 25.32 53.66 32.75
N LEU E 188 26.62 53.52 33.10
CA LEU E 188 27.59 52.83 32.25
C LEU E 188 27.30 51.32 32.27
N GLU E 189 27.06 50.77 33.46
CA GLU E 189 26.86 49.33 33.65
C GLU E 189 25.63 48.84 32.86
N GLN E 190 24.54 49.59 32.96
CA GLN E 190 23.33 49.38 32.16
C GLN E 190 23.76 49.11 30.70
N VAL E 191 24.44 50.11 30.11
CA VAL E 191 24.84 50.09 28.71
C VAL E 191 25.76 48.89 28.46
N ALA E 192 26.71 48.66 29.36
CA ALA E 192 27.65 47.52 29.28
C ALA E 192 26.86 46.21 29.16
N ASN E 193 25.81 46.07 29.99
CA ASN E 193 24.95 44.90 29.97
C ASN E 193 24.14 44.87 28.68
N GLU E 194 23.69 46.04 28.19
CA GLU E 194 22.86 46.13 26.97
C GLU E 194 23.69 45.94 25.68
N THR E 195 25.03 46.01 25.77
CA THR E 195 25.89 46.05 24.58
C THR E 195 26.40 44.65 24.20
N HIS E 196 25.49 43.75 23.86
CA HIS E 196 25.88 42.43 23.35
C HIS E 196 26.42 42.60 21.93
N GLY E 197 27.47 41.83 21.62
CA GLY E 197 28.10 41.83 20.30
C GLY E 197 28.97 43.05 20.05
N HIS E 198 29.07 43.96 21.04
CA HIS E 198 29.93 45.12 20.88
C HIS E 198 31.36 44.71 21.22
N VAL E 199 32.33 45.36 20.57
CA VAL E 199 33.75 45.29 20.93
C VAL E 199 34.29 46.71 21.18
N GLY E 200 35.55 46.80 21.63
CA GLY E 200 36.24 48.06 21.96
C GLY E 200 35.86 49.18 20.99
N ALA E 201 35.94 48.86 19.70
CA ALA E 201 35.64 49.78 18.60
C ALA E 201 34.16 50.21 18.65
N ASP E 202 33.25 49.25 18.67
CA ASP E 202 31.80 49.51 18.65
C ASP E 202 31.41 50.36 19.87
N LEU E 203 32.07 50.09 21.01
CA LEU E 203 31.83 50.82 22.23
C LEU E 203 32.38 52.24 22.10
N ALA E 204 33.61 52.35 21.58
CA ALA E 204 34.19 53.65 21.27
C ALA E 204 33.21 54.47 20.42
N ALA E 205 32.78 53.88 19.29
CA ALA E 205 31.85 54.48 18.35
C ALA E 205 30.56 54.88 19.06
N LEU E 206 30.05 53.98 19.91
CA LEU E 206 28.85 54.24 20.72
C LEU E 206 29.06 55.51 21.56
N CYS E 207 30.10 55.50 22.40
CA CYS E 207 30.45 56.68 23.19
C CYS E 207 30.50 57.91 22.29
N SER E 208 31.07 57.74 21.09
CA SER E 208 31.25 58.83 20.14
C SER E 208 29.90 59.41 19.68
N GLU E 209 28.99 58.55 19.20
CA GLU E 209 27.66 59.01 18.75
C GLU E 209 26.89 59.59 19.95
N ALA E 210 27.07 58.97 21.13
CA ALA E 210 26.47 59.46 22.38
C ALA E 210 26.93 60.91 22.62
N ALA E 211 28.24 61.15 22.51
CA ALA E 211 28.77 62.50 22.55
C ALA E 211 28.08 63.36 21.48
N LEU E 212 28.28 63.00 20.21
CA LEU E 212 27.85 63.85 19.09
C LEU E 212 26.37 64.24 19.24
N GLN E 213 25.52 63.31 19.68
CA GLN E 213 24.08 63.61 19.73
C GLN E 213 23.74 64.45 20.97
N ALA E 214 24.55 64.35 22.04
CA ALA E 214 24.47 65.35 23.10
C ALA E 214 24.85 66.72 22.51
N ILE E 215 26.03 66.77 21.87
CA ILE E 215 26.65 68.01 21.32
C ILE E 215 25.72 68.61 20.25
N ARG E 216 24.81 67.81 19.69
CA ARG E 216 23.61 68.40 19.09
C ARG E 216 22.79 68.98 20.25
N VAL E 239 26.31 64.92 28.29
CA VAL E 239 25.87 63.60 27.81
C VAL E 239 24.88 63.01 28.83
N THR E 240 23.63 62.81 28.37
CA THR E 240 22.55 62.19 29.12
C THR E 240 22.49 60.68 28.82
N MET E 241 21.66 59.96 29.56
CA MET E 241 21.40 58.53 29.31
C MET E 241 20.70 58.38 27.96
N ASP E 242 19.75 59.28 27.69
CA ASP E 242 19.00 59.34 26.43
C ASP E 242 19.95 59.23 25.24
N ASP E 243 21.04 60.01 25.26
CA ASP E 243 22.01 60.03 24.17
C ASP E 243 22.65 58.64 24.02
N PHE E 244 23.02 58.02 25.16
CA PHE E 244 23.65 56.70 25.14
C PHE E 244 22.67 55.68 24.56
N ARG E 245 21.43 55.69 25.05
CA ARG E 245 20.43 54.76 24.58
C ARG E 245 20.13 54.98 23.10
N TRP E 246 20.12 56.24 22.66
CA TRP E 246 19.89 56.59 21.24
C TRP E 246 21.03 56.05 20.38
N ALA E 247 22.26 56.31 20.82
CA ALA E 247 23.46 55.80 20.13
C ALA E 247 23.43 54.26 20.09
N LEU E 248 22.90 53.64 21.16
CA LEU E 248 22.64 52.19 21.18
C LEU E 248 21.62 51.82 20.11
N SER E 249 20.52 52.59 20.03
CA SER E 249 19.52 52.44 18.97
C SER E 249 20.21 52.49 17.60
N GLN E 250 21.21 53.36 17.46
CA GLN E 250 21.88 53.52 16.15
C GLN E 250 22.87 52.37 15.87
N SER E 251 23.72 52.01 16.84
CA SER E 251 24.96 51.22 16.54
C SER E 251 24.64 49.82 15.95
N ASN E 252 25.50 49.38 15.02
CA ASN E 252 25.49 48.07 14.40
C ASN E 252 26.77 47.33 14.75
N PRO E 253 26.83 46.70 15.94
CA PRO E 253 28.04 45.98 16.37
C PRO E 253 28.54 44.95 15.35
N SER E 254 29.85 44.66 15.41
CA SER E 254 30.51 43.73 14.48
C SER E 254 30.35 42.28 14.94
N ALA E 255 30.42 42.04 16.26
CA ALA E 255 30.55 40.69 16.78
C ALA E 255 29.19 40.13 17.24
N LEU E 256 28.10 40.62 16.64
CA LEU E 256 26.80 39.95 16.80
C LEU E 256 26.97 38.48 16.41
N ARG E 257 27.73 38.25 15.34
CA ARG E 257 27.81 36.98 14.63
C ARG E 257 28.80 36.01 15.31
N GLU E 258 29.62 36.51 16.24
CA GLU E 258 30.69 35.72 16.86
C GLU E 258 30.16 34.98 18.09
N THR E 259 30.59 33.72 18.23
CA THR E 259 30.11 32.78 19.26
C THR E 259 30.64 33.22 20.64
N VAL E 260 29.74 33.71 21.50
CA VAL E 260 30.09 34.35 22.76
C VAL E 260 30.45 33.26 23.77
N VAL E 261 31.68 33.34 24.31
CA VAL E 261 32.13 32.52 25.41
C VAL E 261 32.23 33.40 26.66
N GLU E 262 31.49 33.05 27.71
CA GLU E 262 31.64 33.66 29.02
C GLU E 262 31.02 32.72 30.06
N VAL E 263 31.49 32.84 31.30
CA VAL E 263 30.84 32.17 32.41
C VAL E 263 29.51 32.89 32.63
N PRO E 264 28.39 32.15 32.65
CA PRO E 264 27.08 32.78 32.81
C PRO E 264 26.86 33.08 34.31
N GLN E 265 26.01 34.06 34.59
CA GLN E 265 25.74 34.47 35.95
C GLN E 265 24.30 34.09 36.30
N VAL E 266 23.97 32.81 36.09
CA VAL E 266 22.77 32.23 36.64
C VAL E 266 23.23 31.27 37.75
N THR E 267 22.81 31.57 38.99
CA THR E 267 23.14 30.76 40.16
C THR E 267 22.31 29.47 40.08
N TRP E 268 22.67 28.49 40.90
CA TRP E 268 21.79 27.34 41.08
C TRP E 268 20.51 27.79 41.78
N GLU E 269 20.62 28.69 42.76
CA GLU E 269 19.50 29.11 43.60
C GLU E 269 18.59 30.09 42.85
N ASP E 270 19.01 30.55 41.66
CA ASP E 270 18.11 31.21 40.70
C ASP E 270 17.12 30.17 40.15
N ILE E 271 17.64 28.95 39.93
CA ILE E 271 16.84 27.79 39.51
C ILE E 271 16.37 27.05 40.77
N GLY E 272 15.31 27.59 41.39
CA GLY E 272 14.65 26.91 42.50
C GLY E 272 14.14 25.55 42.07
N GLY E 273 14.20 24.56 42.97
CA GLY E 273 13.76 23.18 42.68
C GLY E 273 14.61 22.53 41.60
N LEU E 274 14.03 21.53 40.94
CA LEU E 274 14.79 20.69 40.00
C LEU E 274 16.10 20.29 40.70
N GLU E 275 15.99 19.46 41.73
CA GLU E 275 17.05 19.23 42.70
C GLU E 275 17.90 18.02 42.27
N ASP E 276 17.19 16.91 42.09
CA ASP E 276 17.78 15.68 41.57
C ASP E 276 18.74 16.02 40.41
N VAL E 277 18.31 16.88 39.48
CA VAL E 277 19.13 17.22 38.29
C VAL E 277 20.35 18.04 38.77
N LYS E 278 20.13 18.98 39.69
CA LYS E 278 21.22 19.71 40.35
C LYS E 278 22.28 18.71 40.79
N ARG E 279 21.87 17.76 41.64
CA ARG E 279 22.83 16.85 42.28
C ARG E 279 23.47 15.93 41.24
N GLU E 280 22.65 15.42 40.31
CA GLU E 280 23.17 14.60 39.21
C GLU E 280 24.29 15.38 38.50
N LEU E 281 23.93 16.54 37.96
CA LEU E 281 24.86 17.43 37.23
C LEU E 281 26.11 17.74 38.08
N GLN E 282 25.91 17.93 39.39
CA GLN E 282 27.02 18.18 40.29
C GLN E 282 27.94 16.93 40.28
N GLU E 283 27.35 15.74 40.42
CA GLU E 283 28.12 14.47 40.47
C GLU E 283 28.83 14.21 39.12
N LEU E 284 28.18 14.64 38.02
CA LEU E 284 28.70 14.45 36.67
C LEU E 284 29.88 15.38 36.42
N VAL E 285 29.63 16.69 36.66
CA VAL E 285 30.44 17.84 36.10
C VAL E 285 31.14 18.67 37.19
N GLN E 286 30.54 18.77 38.38
CA GLN E 286 31.09 19.58 39.47
C GLN E 286 32.15 18.81 40.26
N TYR E 287 31.83 17.59 40.70
CA TYR E 287 32.72 16.81 41.56
C TYR E 287 34.10 16.64 40.91
N PRO E 288 34.26 16.39 39.59
CA PRO E 288 35.58 16.20 38.99
C PRO E 288 36.40 17.47 38.70
N VAL E 289 35.78 18.65 38.74
CA VAL E 289 36.56 19.88 38.68
C VAL E 289 36.79 20.40 40.11
N GLU E 290 35.87 20.12 41.05
CA GLU E 290 35.91 20.73 42.39
C GLU E 290 36.57 19.79 43.43
N HIS E 291 36.62 18.49 43.18
CA HIS E 291 37.26 17.55 44.11
C HIS E 291 38.09 16.53 43.33
N PRO E 292 38.88 16.93 42.31
CA PRO E 292 39.53 15.99 41.40
C PRO E 292 40.34 14.93 42.13
N ASP E 293 40.99 15.35 43.22
CA ASP E 293 41.69 14.50 44.17
C ASP E 293 40.94 13.17 44.31
N LYS E 294 39.64 13.25 44.57
CA LYS E 294 38.77 12.08 44.71
C LYS E 294 38.76 11.24 43.42
N PHE E 295 38.40 11.84 42.28
CA PHE E 295 38.25 11.08 41.01
C PHE E 295 39.58 10.37 40.69
N LEU E 296 40.67 11.10 40.90
CA LEU E 296 42.02 10.57 40.77
C LEU E 296 42.19 9.40 41.75
N LYS E 297 41.65 9.55 42.98
CA LYS E 297 41.84 8.60 44.10
C LYS E 297 41.10 7.28 43.83
N PHE E 298 39.79 7.35 43.63
CA PHE E 298 39.00 6.18 43.26
C PHE E 298 39.41 5.62 41.90
N GLY E 299 39.92 6.52 41.03
CA GLY E 299 40.53 6.12 39.77
C GLY E 299 39.59 6.26 38.58
N MET E 300 38.31 6.00 38.79
CA MET E 300 37.32 6.19 37.75
C MET E 300 37.39 7.64 37.24
N THR E 301 37.20 7.79 35.93
CA THR E 301 37.36 9.05 35.19
C THR E 301 35.99 9.56 34.76
N PRO E 302 35.77 10.88 34.56
CA PRO E 302 34.44 11.48 34.65
C PRO E 302 33.59 11.19 33.41
N SER E 303 32.31 11.58 33.44
CA SER E 303 31.49 11.53 32.24
C SER E 303 32.07 12.50 31.22
N LYS E 304 32.09 12.10 29.95
CA LYS E 304 32.46 13.04 28.88
C LYS E 304 31.39 14.13 28.81
N GLY E 305 30.12 13.70 28.82
CA GLY E 305 29.00 14.62 28.76
C GLY E 305 27.64 13.98 29.01
N VAL E 306 26.63 14.79 28.70
CA VAL E 306 25.29 14.70 29.24
C VAL E 306 24.31 14.75 28.08
N LEU E 307 23.05 14.41 28.33
CA LEU E 307 22.00 14.77 27.41
C LEU E 307 20.75 15.20 28.20
N PHE E 308 20.37 16.46 27.95
CA PHE E 308 19.14 17.02 28.45
C PHE E 308 18.02 16.74 27.45
N TYR E 309 17.05 15.93 27.88
CA TYR E 309 15.84 15.77 27.13
C TYR E 309 14.66 16.05 28.04
N GLY E 310 13.53 16.30 27.40
CA GLY E 310 12.28 16.55 28.06
C GLY E 310 11.39 17.47 27.25
N PRO E 311 10.42 18.17 27.88
CA PRO E 311 9.46 18.97 27.13
C PRO E 311 10.09 20.32 26.80
N PRO E 312 9.63 20.98 25.70
CA PRO E 312 10.27 22.16 25.13
C PRO E 312 10.19 23.42 26.01
N GLY E 313 9.19 23.46 26.89
CA GLY E 313 9.03 24.56 27.84
C GLY E 313 9.79 24.30 29.13
N CYS E 314 11.08 24.63 29.09
CA CYS E 314 11.97 24.54 30.23
C CYS E 314 13.28 25.26 29.93
N GLY E 315 14.12 25.38 30.96
CA GLY E 315 15.38 26.07 30.85
C GLY E 315 16.52 25.08 30.78
N LYS E 316 16.48 24.24 29.74
CA LYS E 316 17.53 23.28 29.51
C LYS E 316 18.85 24.05 29.37
N THR E 317 18.83 25.17 28.64
CA THR E 317 19.89 26.14 28.53
C THR E 317 20.37 26.59 29.92
N LEU E 318 19.39 27.01 30.73
CA LEU E 318 19.65 27.69 31.97
C LEU E 318 20.26 26.72 32.98
N LEU E 319 19.87 25.44 32.95
CA LEU E 319 20.47 24.43 33.84
C LEU E 319 21.95 24.28 33.49
N ALA E 320 22.19 24.11 32.19
CA ALA E 320 23.53 23.98 31.65
C ALA E 320 24.37 25.19 32.06
N LYS E 321 23.80 26.40 31.91
CA LYS E 321 24.44 27.60 32.37
C LYS E 321 24.74 27.45 33.86
N ALA E 322 23.71 27.11 34.64
CA ALA E 322 23.73 27.07 36.11
C ALA E 322 24.83 26.15 36.62
N ILE E 323 25.05 25.01 35.95
CA ILE E 323 26.15 24.10 36.35
C ILE E 323 27.51 24.72 35.99
N ALA E 324 27.60 25.43 34.85
CA ALA E 324 28.84 26.13 34.47
C ALA E 324 29.17 27.22 35.50
N ASN E 325 28.16 28.04 35.81
CA ASN E 325 28.19 29.08 36.84
C ASN E 325 28.61 28.46 38.18
N GLU E 326 27.97 27.34 38.55
CA GLU E 326 28.30 26.57 39.76
C GLU E 326 29.76 26.09 39.74
N CYS E 327 30.29 25.70 38.57
CA CYS E 327 31.68 25.25 38.47
C CYS E 327 32.65 26.38 38.09
N GLN E 328 32.14 27.62 38.06
CA GLN E 328 32.83 28.81 37.49
C GLN E 328 33.65 28.40 36.26
N ALA E 329 32.97 27.74 35.31
CA ALA E 329 33.51 27.37 34.01
C ALA E 329 32.75 28.15 32.93
N ASN E 330 33.34 28.20 31.73
CA ASN E 330 32.77 28.92 30.60
C ASN E 330 31.56 28.17 30.05
N PHE E 331 30.89 28.81 29.09
CA PHE E 331 29.69 28.29 28.49
C PHE E 331 29.66 28.63 27.00
N ILE E 332 29.22 27.70 26.15
CA ILE E 332 29.07 28.00 24.72
C ILE E 332 27.78 27.35 24.19
N SER E 333 26.86 28.20 23.72
CA SER E 333 25.61 27.74 23.10
C SER E 333 25.80 27.59 21.58
N ILE E 334 25.63 26.37 21.07
CA ILE E 334 25.35 26.19 19.67
C ILE E 334 23.83 26.00 19.56
N LYS E 335 23.14 27.11 19.26
CA LYS E 335 21.80 27.10 18.72
C LYS E 335 21.80 26.11 17.55
N GLY E 336 20.70 25.35 17.41
CA GLY E 336 20.55 24.35 16.32
C GLY E 336 20.60 24.96 14.91
N PRO E 337 20.06 26.17 14.67
CA PRO E 337 20.29 26.90 13.42
C PRO E 337 21.74 27.07 12.94
N GLU E 338 22.69 27.01 13.88
CA GLU E 338 24.11 26.84 13.57
C GLU E 338 24.31 25.45 12.96
N LEU E 339 23.77 24.44 13.65
CA LEU E 339 23.87 23.07 13.18
C LEU E 339 23.24 23.00 11.77
N LEU E 340 21.98 23.45 11.62
CA LEU E 340 21.26 23.38 10.35
C LEU E 340 22.11 24.06 9.26
N THR E 341 22.60 25.27 9.56
CA THR E 341 23.44 26.01 8.63
C THR E 341 24.61 25.14 8.19
N MET E 342 25.21 24.38 9.12
CA MET E 342 26.33 23.52 8.78
C MET E 342 25.85 22.38 7.89
N TRP E 343 24.80 21.66 8.31
CA TRP E 343 24.36 20.50 7.51
C TRP E 343 24.01 20.96 6.09
N PHE E 344 23.02 21.85 5.98
CA PHE E 344 22.51 22.31 4.70
C PHE E 344 23.62 22.90 3.80
N GLY E 345 24.70 23.40 4.41
CA GLY E 345 25.88 23.94 3.68
C GLY E 345 27.01 22.93 3.51
N GLU E 346 26.95 21.87 4.31
CA GLU E 346 27.98 20.84 4.43
C GLU E 346 29.30 21.51 4.81
N SER E 347 29.25 22.30 5.89
CA SER E 347 30.41 22.85 6.52
C SER E 347 30.58 22.20 7.89
N GLU E 348 30.79 20.88 7.88
CA GLU E 348 31.04 20.11 9.09
C GLU E 348 32.43 20.47 9.64
N ALA E 349 33.34 20.85 8.74
CA ALA E 349 34.60 21.45 9.13
C ALA E 349 34.44 22.17 10.47
N ASN E 350 33.53 23.15 10.48
CA ASN E 350 33.40 24.14 11.56
C ASN E 350 33.14 23.51 12.93
N VAL E 351 32.72 22.25 12.98
CA VAL E 351 32.59 21.58 14.27
C VAL E 351 33.98 21.56 14.93
N ARG E 352 34.97 21.10 14.17
CA ARG E 352 36.38 21.03 14.60
C ARG E 352 36.77 22.38 15.23
N GLU E 353 36.40 23.47 14.54
CA GLU E 353 36.67 24.84 14.96
C GLU E 353 35.94 25.13 16.29
N ILE E 354 34.67 24.73 16.40
CA ILE E 354 33.89 24.90 17.64
C ILE E 354 34.63 24.22 18.79
N PHE E 355 34.91 22.93 18.62
CA PHE E 355 35.58 22.19 19.70
C PHE E 355 36.94 22.79 20.02
N ASP E 356 37.69 23.21 18.98
CA ASP E 356 38.94 23.92 19.24
C ASP E 356 38.63 25.13 20.13
N LYS E 357 37.60 25.90 19.79
CA LYS E 357 37.22 27.12 20.52
C LYS E 357 36.82 26.80 21.97
N ALA E 358 36.16 25.66 22.19
CA ALA E 358 35.82 25.25 23.57
C ALA E 358 37.10 24.84 24.31
N ARG E 359 37.83 23.92 23.69
CA ARG E 359 39.10 23.37 24.18
C ARG E 359 40.00 24.52 24.65
N GLN E 360 40.14 25.54 23.80
CA GLN E 360 41.00 26.69 24.09
C GLN E 360 40.43 27.48 25.27
N ALA E 361 39.10 27.58 25.36
CA ALA E 361 38.45 28.32 26.43
C ALA E 361 38.08 27.39 27.59
N ALA E 362 38.88 26.34 27.84
CA ALA E 362 38.64 25.43 28.97
C ALA E 362 38.66 26.23 30.27
N PRO E 363 38.27 25.58 31.40
CA PRO E 363 37.11 24.72 31.40
C PRO E 363 35.79 25.40 31.05
N CYS E 364 34.85 24.60 30.53
CA CYS E 364 33.78 25.11 29.68
C CYS E 364 32.69 24.04 29.53
N VAL E 365 31.43 24.47 29.40
CA VAL E 365 30.40 23.57 28.90
C VAL E 365 30.01 23.99 27.47
N LEU E 366 30.25 23.05 26.57
CA LEU E 366 29.82 23.09 25.21
C LEU E 366 28.40 22.54 25.16
N PHE E 367 27.47 23.46 24.96
CA PHE E 367 26.08 23.19 25.01
C PHE E 367 25.53 23.21 23.58
N PHE E 368 25.10 22.02 23.13
CA PHE E 368 24.38 21.91 21.90
C PHE E 368 22.89 22.01 22.20
N ASP E 369 22.24 22.97 21.54
CA ASP E 369 20.84 23.03 21.60
C ASP E 369 20.28 22.25 20.42
N GLU E 370 19.09 21.65 20.61
CA GLU E 370 18.42 20.96 19.55
C GLU E 370 19.43 20.05 18.85
N LEU E 371 20.04 19.11 19.58
CA LEU E 371 21.02 18.23 18.95
C LEU E 371 20.33 17.40 17.86
N ASP E 372 19.01 17.25 18.01
CA ASP E 372 18.17 16.50 17.11
C ASP E 372 17.99 17.19 15.74
N SER E 373 18.45 18.44 15.56
CA SER E 373 18.10 19.27 14.37
C SER E 373 18.52 18.63 13.05
N ILE E 374 19.80 18.27 12.97
CA ILE E 374 20.34 17.68 11.77
C ILE E 374 19.51 16.44 11.47
N ALA E 375 19.57 15.47 12.40
CA ALA E 375 18.81 14.26 12.33
C ALA E 375 17.30 14.57 12.16
N LYS E 376 16.74 15.54 12.88
CA LYS E 376 15.30 15.82 12.81
C LYS E 376 14.91 16.21 11.38
N ALA E 377 15.60 17.22 10.87
CA ALA E 377 15.05 18.04 9.81
C ALA E 377 14.72 17.19 8.57
N ARG E 378 15.50 16.14 8.31
CA ARG E 378 15.10 15.16 7.31
C ARG E 378 13.66 14.70 7.61
N ALA E 388 26.01 15.69 4.36
CA ALA E 388 26.96 15.22 5.36
C ALA E 388 26.45 15.46 6.79
N ALA E 389 25.35 14.75 7.15
CA ALA E 389 24.41 15.13 8.24
C ALA E 389 24.65 14.33 9.53
N ASP E 390 24.24 13.06 9.53
CA ASP E 390 24.73 12.19 10.56
C ASP E 390 26.22 12.49 10.67
N ARG E 391 26.84 13.01 9.59
CA ARG E 391 28.24 13.51 9.59
C ARG E 391 28.40 14.77 10.45
N VAL E 392 27.56 15.79 10.30
CA VAL E 392 27.65 16.92 11.23
C VAL E 392 27.51 16.38 12.66
N ILE E 393 26.44 15.63 12.94
CA ILE E 393 26.35 14.98 14.27
C ILE E 393 27.62 14.12 14.48
N ASN E 394 28.12 13.47 13.41
CA ASN E 394 29.30 12.53 13.41
C ASN E 394 30.60 13.32 13.62
N GLN E 395 30.71 14.53 13.07
CA GLN E 395 31.91 15.26 13.32
C GLN E 395 31.97 15.51 14.83
N ILE E 396 30.83 15.91 15.41
CA ILE E 396 30.70 16.05 16.84
C ILE E 396 31.16 14.75 17.53
N LEU E 397 30.85 13.59 16.93
CA LEU E 397 31.34 12.31 17.47
C LEU E 397 32.87 12.31 17.43
N THR E 398 33.46 12.37 16.23
CA THR E 398 34.90 12.24 16.04
C THR E 398 35.60 13.23 16.98
N GLU E 399 34.99 14.40 17.20
CA GLU E 399 35.56 15.42 18.06
C GLU E 399 35.45 15.07 19.54
N MET E 400 34.32 14.47 19.96
CA MET E 400 34.17 13.97 21.32
C MET E 400 35.15 12.82 21.58
N ASP E 401 35.31 11.94 20.59
CA ASP E 401 36.26 10.82 20.65
C ASP E 401 37.69 11.38 20.79
N GLY E 402 38.04 12.32 19.90
CA GLY E 402 39.41 12.87 19.81
C GLY E 402 39.75 13.90 20.88
N MET E 403 38.74 14.52 21.50
CA MET E 403 38.99 15.47 22.57
C MET E 403 39.60 14.71 23.76
N SER E 404 40.63 15.31 24.38
CA SER E 404 41.29 14.73 25.52
C SER E 404 40.34 14.74 26.74
N THR E 405 40.18 13.56 27.33
CA THR E 405 39.39 13.33 28.54
C THR E 405 39.71 14.35 29.65
N LYS E 406 41.00 14.70 29.78
CA LYS E 406 41.53 15.38 30.95
C LYS E 406 41.14 16.86 30.92
N LYS E 407 41.39 17.53 29.80
CA LYS E 407 40.83 18.84 29.53
C LYS E 407 39.42 18.89 30.12
N ASN E 408 39.16 19.80 31.07
CA ASN E 408 37.84 19.81 31.72
C ASN E 408 36.88 20.66 30.88
N VAL E 409 36.31 20.03 29.84
CA VAL E 409 35.31 20.63 28.96
C VAL E 409 34.12 19.66 28.89
N PHE E 410 32.98 20.05 29.47
CA PHE E 410 31.78 19.21 29.44
C PHE E 410 30.92 19.57 28.24
N ILE E 411 29.95 18.71 27.92
CA ILE E 411 29.35 18.79 26.60
C ILE E 411 27.91 18.30 26.67
N ILE E 412 26.99 19.26 26.84
CA ILE E 412 25.61 18.98 27.14
C ILE E 412 24.79 19.07 25.86
N GLY E 413 23.99 18.02 25.63
CA GLY E 413 23.22 17.81 24.42
C GLY E 413 21.72 17.91 24.70
N ALA E 414 21.14 19.04 24.27
CA ALA E 414 19.72 19.32 24.51
C ALA E 414 18.86 18.71 23.41
N THR E 415 17.62 18.37 23.78
CA THR E 415 16.61 17.96 22.82
C THR E 415 15.20 18.09 23.40
N ASN E 416 14.26 17.45 22.73
CA ASN E 416 13.00 17.09 23.29
C ASN E 416 12.61 15.71 22.72
N ARG E 417 13.55 15.05 22.06
CA ARG E 417 13.25 13.88 21.28
C ARG E 417 14.41 12.91 21.41
N PRO E 418 14.63 12.31 22.59
CA PRO E 418 15.72 11.34 22.74
C PRO E 418 15.60 10.33 21.58
N ASP E 419 14.35 10.14 21.13
CA ASP E 419 13.94 9.16 20.12
C ASP E 419 14.63 9.40 18.77
N ILE E 420 15.16 10.60 18.51
CA ILE E 420 15.64 10.92 17.16
C ILE E 420 17.15 11.10 17.13
N ILE E 421 17.79 11.13 18.28
CA ILE E 421 19.19 11.41 18.28
C ILE E 421 19.91 10.12 17.88
N ASP E 422 20.80 10.25 16.89
CA ASP E 422 21.72 9.18 16.48
C ASP E 422 22.25 8.48 17.73
N PRO E 423 21.81 7.24 18.05
CA PRO E 423 22.02 6.68 19.38
C PRO E 423 23.50 6.42 19.66
N ALA E 424 24.32 6.47 18.61
CA ALA E 424 25.77 6.45 18.74
C ALA E 424 26.24 7.57 19.69
N ILE E 425 25.53 8.69 19.69
CA ILE E 425 25.81 9.81 20.58
C ILE E 425 25.56 9.40 22.04
N LEU E 426 24.63 8.48 22.25
CA LEU E 426 24.27 8.03 23.58
C LEU E 426 25.05 6.76 23.99
N ARG E 427 26.07 6.43 23.19
CA ARG E 427 27.05 5.37 23.47
C ARG E 427 27.97 5.86 24.58
N PRO E 428 28.43 5.02 25.52
CA PRO E 428 29.38 5.47 26.54
C PRO E 428 30.60 6.15 25.90
N GLY E 429 31.16 7.11 26.65
CA GLY E 429 32.32 7.89 26.22
C GLY E 429 31.92 9.06 25.33
N ARG E 430 30.61 9.30 25.27
CA ARG E 430 30.02 10.39 24.50
C ARG E 430 28.99 11.04 25.42
N LEU E 431 27.71 11.00 25.05
CA LEU E 431 26.68 11.47 25.93
C LEU E 431 26.20 10.25 26.71
N ASP E 432 27.06 9.87 27.65
CA ASP E 432 26.87 8.78 28.53
C ASP E 432 25.54 8.99 29.26
N GLN E 433 25.50 10.04 30.08
CA GLN E 433 24.43 10.28 31.02
C GLN E 433 23.26 10.93 30.29
N LEU E 434 22.08 10.32 30.40
CA LEU E 434 20.82 10.94 30.04
C LEU E 434 20.18 11.56 31.28
N ILE E 435 19.56 12.72 31.11
CA ILE E 435 18.82 13.35 32.20
C ILE E 435 17.49 13.86 31.65
N TYR E 436 16.40 13.39 32.28
CA TYR E 436 15.08 13.93 32.00
C TYR E 436 14.95 15.25 32.78
N ILE E 437 15.04 16.35 32.03
CA ILE E 437 14.77 17.68 32.53
C ILE E 437 13.29 17.91 32.33
N PRO E 438 12.48 17.68 33.39
CA PRO E 438 11.03 17.64 33.26
C PRO E 438 10.42 19.02 33.46
N LEU E 439 9.10 19.06 33.55
CA LEU E 439 8.37 20.25 33.79
C LEU E 439 8.75 20.87 35.13
N PRO E 440 8.68 22.21 35.23
CA PRO E 440 9.08 22.90 36.46
C PRO E 440 8.17 22.53 37.65
N ASP E 441 8.79 22.44 38.84
CA ASP E 441 8.14 22.27 40.13
C ASP E 441 7.66 23.62 40.63
N GLU E 442 6.90 23.61 41.73
CA GLU E 442 6.21 24.80 42.22
C GLU E 442 7.27 25.85 42.58
N LYS E 443 8.35 25.38 43.24
CA LYS E 443 9.45 26.25 43.61
C LYS E 443 10.02 26.90 42.34
N SER E 444 10.12 26.07 41.30
CA SER E 444 10.67 26.47 40.02
C SER E 444 9.68 27.36 39.24
N ARG E 445 8.38 27.04 39.31
CA ARG E 445 7.32 27.89 38.72
C ARG E 445 7.48 29.30 39.30
N VAL E 446 7.50 29.35 40.64
CA VAL E 446 7.72 30.58 41.35
C VAL E 446 8.99 31.23 40.80
N ALA E 447 10.10 30.47 40.82
CA ALA E 447 11.39 30.96 40.32
C ALA E 447 11.21 31.64 38.95
N ILE E 448 10.43 31.03 38.05
CA ILE E 448 10.30 31.50 36.66
C ILE E 448 9.37 32.71 36.59
N LEU E 449 8.28 32.70 37.36
CA LEU E 449 7.48 33.91 37.47
C LEU E 449 8.42 35.05 37.90
N LYS E 450 9.20 34.78 38.94
CA LYS E 450 10.16 35.75 39.48
C LYS E 450 11.11 36.23 38.38
N ALA E 451 11.69 35.29 37.65
CA ALA E 451 12.62 35.62 36.58
C ALA E 451 11.94 36.48 35.52
N ASN E 452 10.74 36.07 35.08
CA ASN E 452 9.97 36.72 34.01
C ASN E 452 9.50 38.12 34.46
N LEU E 453 9.37 38.32 35.78
CA LEU E 453 8.91 39.60 36.31
C LEU E 453 10.04 40.36 37.03
N ARG E 454 11.29 39.91 36.90
CA ARG E 454 12.39 40.44 37.73
C ARG E 454 12.33 41.97 37.75
N LYS E 455 12.60 42.60 36.62
CA LYS E 455 12.46 44.04 36.49
C LYS E 455 11.03 44.33 36.04
N SER E 456 10.17 44.65 37.01
CA SER E 456 8.78 44.99 36.78
C SER E 456 8.14 45.54 38.04
N PRO E 457 7.07 46.35 37.90
CA PRO E 457 6.25 46.77 39.04
C PRO E 457 5.15 45.75 39.37
N VAL E 458 5.26 45.16 40.57
CA VAL E 458 4.49 43.99 40.99
C VAL E 458 4.01 44.21 42.43
N ALA E 459 2.75 44.63 42.63
CA ALA E 459 2.24 44.89 44.00
C ALA E 459 2.08 43.54 44.73
N LYS E 460 2.23 43.58 46.06
CA LYS E 460 2.40 42.37 46.84
C LYS E 460 1.13 41.50 46.83
N ASP E 461 0.00 42.06 46.38
CA ASP E 461 -1.24 41.28 46.22
C ASP E 461 -1.19 40.47 44.91
N VAL E 462 -0.02 40.38 44.27
CA VAL E 462 0.29 39.26 43.37
C VAL E 462 1.06 38.21 44.17
N ASP E 463 0.32 37.30 44.81
CA ASP E 463 0.91 36.10 45.36
C ASP E 463 1.20 35.18 44.19
N LEU E 464 2.37 34.53 44.25
CA LEU E 464 2.90 33.79 43.12
C LEU E 464 2.66 32.29 43.31
N GLU E 465 2.09 31.93 44.45
CA GLU E 465 1.85 30.54 44.74
C GLU E 465 0.41 30.16 44.40
N PHE E 466 -0.54 31.10 44.61
CA PHE E 466 -1.82 31.09 43.88
C PHE E 466 -1.51 30.71 42.42
N LEU E 467 -0.46 31.31 41.84
CA LEU E 467 0.02 31.08 40.44
C LEU E 467 0.78 29.74 40.31
N ALA E 468 1.50 29.33 41.35
CA ALA E 468 2.15 28.01 41.40
C ALA E 468 1.11 26.88 41.25
N LYS E 469 0.06 26.94 42.07
CA LYS E 469 -0.91 25.86 42.14
C LYS E 469 -1.72 25.77 40.85
N MET E 470 -2.18 26.91 40.36
CA MET E 470 -3.05 26.95 39.21
C MET E 470 -2.32 26.41 37.97
N THR E 471 -0.99 26.49 37.97
CA THR E 471 -0.20 26.21 36.77
C THR E 471 0.51 24.86 36.89
N ASN E 472 -0.14 23.88 37.51
CA ASN E 472 0.34 22.53 37.47
C ASN E 472 0.22 21.98 36.05
N GLY E 473 1.33 21.44 35.52
CA GLY E 473 1.39 20.86 34.14
C GLY E 473 1.84 21.87 33.09
N PHE E 474 2.15 23.09 33.56
CA PHE E 474 2.56 24.17 32.71
C PHE E 474 4.06 24.12 32.50
N SER E 475 4.44 24.50 31.29
CA SER E 475 5.80 24.76 30.96
C SER E 475 6.13 26.21 31.30
N GLY E 476 7.43 26.46 31.54
CA GLY E 476 7.95 27.80 31.65
C GLY E 476 7.27 28.73 30.66
N ALA E 477 7.23 28.30 29.41
CA ALA E 477 6.69 29.11 28.30
C ALA E 477 5.32 29.70 28.65
N ASP E 478 4.47 28.91 29.32
CA ASP E 478 3.11 29.34 29.64
C ASP E 478 3.15 30.36 30.78
N LEU E 479 4.04 30.16 31.74
CA LEU E 479 4.18 31.10 32.84
C LEU E 479 4.58 32.43 32.21
N THR E 480 5.58 32.32 31.33
CA THR E 480 6.13 33.41 30.59
C THR E 480 5.00 34.14 29.85
N GLU E 481 4.25 33.44 29.00
CA GLU E 481 3.24 34.12 28.20
C GLU E 481 2.13 34.67 29.14
N ILE E 482 1.87 34.02 30.29
CA ILE E 482 0.97 34.64 31.32
C ILE E 482 1.54 36.02 31.66
N CYS E 483 2.78 36.03 32.16
CA CYS E 483 3.45 37.26 32.60
C CYS E 483 3.41 38.32 31.48
N GLN E 484 3.76 37.92 30.26
CA GLN E 484 3.83 38.84 29.13
C GLN E 484 2.42 39.38 28.84
N ARG E 485 1.41 38.51 28.80
CA ARG E 485 0.02 38.94 28.54
C ARG E 485 -0.38 39.96 29.62
N ALA E 486 -0.13 39.61 30.89
CA ALA E 486 -0.36 40.55 31.98
C ALA E 486 0.31 41.89 31.65
N CYS E 487 1.62 41.86 31.41
CA CYS E 487 2.40 43.08 31.21
C CYS E 487 1.80 43.90 30.06
N LYS E 488 1.36 43.23 29.00
CA LYS E 488 0.78 43.93 27.86
C LYS E 488 -0.58 44.53 28.25
N LEU E 489 -1.37 43.81 29.08
CA LEU E 489 -2.64 44.38 29.61
C LEU E 489 -2.32 45.67 30.40
N ALA E 490 -1.25 45.59 31.22
CA ALA E 490 -0.81 46.72 32.03
C ALA E 490 -0.39 47.91 31.14
N ILE E 491 0.53 47.67 30.19
CA ILE E 491 0.95 48.73 29.27
C ILE E 491 -0.28 49.32 28.58
N ARG E 492 -1.11 48.45 27.98
CA ARG E 492 -2.35 48.86 27.30
C ARG E 492 -3.15 49.81 28.21
N GLU E 493 -3.58 49.30 29.37
CA GLU E 493 -4.38 50.09 30.32
C GLU E 493 -3.68 51.44 30.60
N SER E 494 -2.35 51.36 30.82
CA SER E 494 -1.53 52.52 31.14
C SER E 494 -1.62 53.58 30.03
N ILE E 495 -1.12 53.26 28.82
CA ILE E 495 -1.02 54.32 27.79
C ILE E 495 -2.41 54.68 27.25
N GLU E 496 -3.36 53.73 27.28
CA GLU E 496 -4.75 54.04 26.89
C GLU E 496 -5.32 55.11 27.84
N SER E 497 -5.10 54.88 29.14
CA SER E 497 -5.50 55.83 30.17
C SER E 497 -4.74 57.16 30.03
N GLU E 498 -3.43 57.11 29.72
CA GLU E 498 -2.64 58.33 29.54
C GLU E 498 -3.17 59.16 28.34
N ILE E 499 -3.45 58.48 27.21
CA ILE E 499 -3.99 59.15 26.00
C ILE E 499 -5.41 59.69 26.31
N ARG E 500 -6.21 58.88 27.02
CA ARG E 500 -7.53 59.33 27.53
C ARG E 500 -7.38 60.60 28.39
N ARG E 501 -6.30 60.67 29.19
CA ARG E 501 -6.00 61.84 30.03
C ARG E 501 -5.47 63.02 29.19
N GLU E 502 -4.76 62.75 28.08
CA GLU E 502 -4.43 63.82 27.09
C GLU E 502 -5.72 64.41 26.50
N ARG E 503 -6.61 63.51 26.04
CA ARG E 503 -7.89 63.93 25.42
C ARG E 503 -8.82 64.62 26.44
N GLU E 504 -8.79 64.18 27.70
CA GLU E 504 -9.60 64.82 28.78
C GLU E 504 -8.90 66.05 29.36
N ARG E 505 -7.59 66.20 29.12
CA ARG E 505 -6.84 67.44 29.44
C ARG E 505 -6.96 68.45 28.30
N GLN E 506 -7.32 68.01 27.08
CA GLN E 506 -7.70 68.97 26.02
C GLN E 506 -9.24 69.08 25.91
N THR E 507 -9.90 69.42 27.02
CA THR E 507 -11.35 69.71 27.05
C THR E 507 -11.62 70.89 26.10
N GLU E 522 1.59 50.28 38.36
CA GLU E 522 2.09 48.92 38.71
C GLU E 522 1.13 47.78 38.28
N ILE E 523 1.59 46.52 38.39
CA ILE E 523 0.87 45.31 37.89
C ILE E 523 0.32 44.46 39.06
N ARG E 524 -0.96 44.03 38.99
CA ARG E 524 -1.73 43.41 40.14
C ARG E 524 -2.66 42.28 39.67
N ARG E 525 -2.94 41.28 40.54
CA ARG E 525 -3.52 39.92 40.13
C ARG E 525 -4.86 40.09 39.38
N ASP E 526 -5.39 41.31 39.32
CA ASP E 526 -6.46 41.67 38.39
C ASP E 526 -6.00 41.32 36.96
N HIS E 527 -4.99 42.06 36.51
CA HIS E 527 -4.19 41.83 35.31
C HIS E 527 -3.88 40.36 35.08
N PHE E 528 -3.38 39.67 36.12
CA PHE E 528 -2.91 38.30 35.99
C PHE E 528 -4.08 37.34 35.79
N GLU E 529 -5.09 37.32 36.68
CA GLU E 529 -6.22 36.37 36.46
C GLU E 529 -6.93 36.79 35.15
N GLU E 530 -6.84 38.08 34.78
CA GLU E 530 -7.22 38.48 33.42
C GLU E 530 -6.40 37.70 32.39
N ALA E 531 -5.07 37.67 32.57
CA ALA E 531 -4.14 37.10 31.59
C ALA E 531 -4.29 35.57 31.52
N MET E 532 -4.55 34.92 32.65
CA MET E 532 -4.69 33.49 32.69
C MET E 532 -6.02 33.07 32.06
N ARG E 533 -6.97 34.00 31.98
CA ARG E 533 -8.30 33.75 31.38
C ARG E 533 -8.19 33.61 29.86
N PHE E 534 -6.98 33.63 29.31
CA PHE E 534 -6.64 32.89 28.08
C PHE E 534 -5.13 32.61 28.12
N ALA E 535 -4.75 31.46 28.69
CA ALA E 535 -3.34 31.00 28.82
C ALA E 535 -3.27 29.47 28.91
N ARG E 536 -2.39 28.87 28.10
CA ARG E 536 -2.43 27.42 27.80
C ARG E 536 -1.83 26.60 28.93
N ARG E 537 -1.85 25.28 28.73
CA ARG E 537 -0.92 24.30 29.31
C ARG E 537 -0.14 23.72 28.12
N SER E 538 1.14 24.10 27.97
CA SER E 538 1.89 23.92 26.71
C SER E 538 1.91 22.46 26.28
N VAL E 539 2.29 21.60 27.22
CA VAL E 539 2.64 20.27 26.90
C VAL E 539 1.57 19.32 27.47
N SER E 540 1.04 18.46 26.58
CA SER E 540 -0.10 17.61 26.89
C SER E 540 0.38 16.34 27.60
N ASP E 541 -0.54 15.77 28.37
CA ASP E 541 -0.28 14.60 29.17
C ASP E 541 0.45 13.59 28.27
N ASN E 542 -0.14 13.29 27.10
CA ASN E 542 0.43 12.41 26.08
C ASN E 542 1.96 12.50 26.07
N ASP E 543 2.45 13.73 25.88
CA ASP E 543 3.84 13.98 25.64
C ASP E 543 4.63 13.62 26.90
N ILE E 544 4.15 14.12 28.04
CA ILE E 544 4.92 13.96 29.24
C ILE E 544 5.00 12.47 29.54
N ARG E 545 3.86 11.78 29.37
CA ARG E 545 3.76 10.31 29.47
C ARG E 545 4.75 9.66 28.49
N LYS E 546 4.92 10.28 27.32
CA LYS E 546 5.86 9.79 26.30
C LYS E 546 7.30 9.91 26.84
N TYR E 547 7.65 11.03 27.48
CA TYR E 547 8.99 11.11 28.07
C TYR E 547 9.12 10.14 29.23
N GLU E 548 8.06 10.02 30.05
CA GLU E 548 8.03 9.06 31.14
C GLU E 548 8.41 7.70 30.56
N MET E 549 7.55 7.18 29.68
CA MET E 549 7.79 5.91 29.00
C MET E 549 9.24 5.88 28.51
N PHE E 550 9.61 6.87 27.70
CA PHE E 550 10.89 6.84 27.02
C PHE E 550 12.01 7.14 28.04
N ALA E 551 11.67 7.67 29.23
CA ALA E 551 12.62 7.82 30.37
C ALA E 551 12.91 6.44 31.01
N GLN E 552 11.84 5.73 31.35
CA GLN E 552 11.91 4.36 31.87
C GLN E 552 12.68 3.48 30.88
N THR E 553 12.14 3.34 29.65
CA THR E 553 12.63 2.35 28.66
C THR E 553 13.85 2.87 27.89
N LEU E 554 14.13 4.19 27.95
CA LEU E 554 15.49 4.66 27.60
C LEU E 554 16.45 3.98 28.61
N GLN E 555 16.06 3.88 29.91
CA GLN E 555 16.81 3.11 30.95
C GLN E 555 16.38 1.64 30.91
N ARG F 2 17.70 66.86 0.08
CA ARG F 2 18.47 67.68 1.10
C ARG F 2 18.56 66.89 2.41
N LYS F 3 17.55 66.06 2.68
CA LYS F 3 17.52 65.19 3.85
C LYS F 3 18.80 64.35 3.91
N GLN F 4 19.22 63.89 2.72
CA GLN F 4 20.35 62.96 2.56
C GLN F 4 21.64 63.66 2.98
N LEU F 5 21.88 64.84 2.39
CA LEU F 5 23.05 65.65 2.70
C LEU F 5 23.20 65.79 4.22
N ALA F 6 22.10 66.12 4.90
CA ALA F 6 22.08 66.40 6.35
C ALA F 6 22.95 65.39 7.11
N GLN F 7 22.65 64.09 6.92
CA GLN F 7 23.39 62.99 7.56
C GLN F 7 24.89 63.13 7.28
N ILE F 8 25.22 63.25 6.00
CA ILE F 8 26.61 63.17 5.52
C ILE F 8 27.39 64.40 6.04
N LYS F 9 26.68 65.52 6.18
CA LYS F 9 27.22 66.72 6.78
C LYS F 9 27.38 66.53 8.29
N GLU F 10 26.43 65.88 8.97
CA GLU F 10 26.60 65.58 10.43
C GLU F 10 27.82 64.65 10.60
N MET F 11 28.05 63.75 9.65
CA MET F 11 29.19 62.81 9.74
C MET F 11 30.50 63.48 9.30
N VAL F 12 30.45 64.50 8.44
CA VAL F 12 31.68 65.09 7.85
C VAL F 12 32.04 66.42 8.54
N GLU F 13 31.13 67.40 8.49
CA GLU F 13 31.40 68.83 8.83
C GLU F 13 32.03 68.98 10.22
N LEU F 14 31.44 68.30 11.22
CA LEU F 14 31.79 68.48 12.62
C LEU F 14 33.21 67.96 12.89
N PRO F 15 33.59 66.76 12.41
CA PRO F 15 35.00 66.33 12.40
C PRO F 15 35.95 66.74 11.26
N LEU F 16 35.47 67.53 10.29
CA LEU F 16 36.36 68.19 9.31
C LEU F 16 36.70 69.62 9.76
N ARG F 17 35.72 70.34 10.33
CA ARG F 17 35.82 71.80 10.54
C ARG F 17 35.40 72.20 11.97
N HIS F 18 35.23 71.21 12.85
CA HIS F 18 35.02 71.34 14.31
C HIS F 18 35.77 70.21 15.04
N PRO F 19 36.93 69.75 14.48
CA PRO F 19 37.65 68.56 14.94
C PRO F 19 38.19 68.53 16.39
N ALA F 20 38.58 69.69 16.93
CA ALA F 20 39.27 69.73 18.22
C ALA F 20 38.39 69.17 19.35
N LEU F 21 37.07 69.35 19.24
CA LEU F 21 36.12 68.95 20.31
C LEU F 21 36.16 67.44 20.54
N PHE F 22 36.19 66.66 19.46
CA PHE F 22 36.18 65.19 19.54
C PHE F 22 37.51 64.65 20.09
N LYS F 23 38.60 65.23 19.60
CA LYS F 23 39.96 64.81 19.93
C LYS F 23 40.29 65.23 21.36
N ALA F 24 39.58 66.26 21.85
CA ALA F 24 39.65 66.66 23.26
C ALA F 24 38.71 65.78 24.11
N ILE F 25 37.46 65.64 23.67
CA ILE F 25 36.44 64.86 24.43
C ILE F 25 36.83 63.37 24.44
N GLY F 26 37.82 63.00 23.63
CA GLY F 26 38.48 61.69 23.73
C GLY F 26 37.76 60.64 22.91
N VAL F 27 37.44 61.00 21.65
CA VAL F 27 36.80 60.09 20.70
C VAL F 27 37.49 60.26 19.34
N LYS F 28 36.95 59.59 18.31
CA LYS F 28 37.49 59.63 16.97
C LYS F 28 36.39 60.08 16.00
N PRO F 29 36.66 61.07 15.11
CA PRO F 29 35.93 61.18 13.84
C PRO F 29 35.92 59.93 12.95
N PRO F 30 34.90 59.77 12.07
CA PRO F 30 34.97 58.77 11.01
C PRO F 30 35.96 59.23 9.93
N ARG F 31 36.78 58.30 9.46
CA ARG F 31 37.81 58.59 8.46
C ARG F 31 37.47 57.92 7.13
N GLY F 32 36.37 57.15 7.10
CA GLY F 32 35.93 56.46 5.91
C GLY F 32 34.42 56.40 5.82
N ILE F 33 33.83 57.41 5.18
CA ILE F 33 32.40 57.42 4.92
C ILE F 33 32.17 56.84 3.53
N LEU F 34 31.46 55.71 3.48
CA LEU F 34 31.22 54.95 2.28
C LEU F 34 29.76 55.14 1.83
N LEU F 35 29.58 55.83 0.69
CA LEU F 35 28.26 55.97 0.06
C LEU F 35 28.06 54.78 -0.87
N TYR F 36 26.89 54.12 -0.78
CA TYR F 36 26.59 53.14 -1.80
C TYR F 36 25.11 53.21 -2.17
N GLY F 37 24.81 52.49 -3.26
CA GLY F 37 23.50 52.43 -3.85
C GLY F 37 23.58 52.40 -5.37
N PRO F 38 22.46 52.13 -6.07
CA PRO F 38 22.52 51.86 -7.51
C PRO F 38 23.09 53.03 -8.31
N PRO F 39 23.52 52.79 -9.57
CA PRO F 39 23.94 53.87 -10.45
C PRO F 39 22.73 54.69 -10.93
N GLY F 40 22.97 56.00 -11.14
CA GLY F 40 21.93 56.99 -11.52
C GLY F 40 21.53 57.88 -10.35
N THR F 41 22.45 57.99 -9.39
CA THR F 41 22.14 58.52 -8.08
C THR F 41 23.01 59.75 -7.76
N GLY F 42 24.06 60.02 -8.55
CA GLY F 42 24.84 61.27 -8.48
C GLY F 42 25.58 61.41 -7.16
N LYS F 43 26.15 60.27 -6.74
CA LYS F 43 26.94 60.22 -5.53
C LYS F 43 28.08 61.22 -5.63
N THR F 44 28.63 61.36 -6.84
CA THR F 44 29.70 62.29 -7.10
C THR F 44 29.23 63.71 -6.80
N LEU F 45 28.21 64.17 -7.54
CA LEU F 45 27.46 65.41 -7.25
C LEU F 45 27.31 65.60 -5.75
N ILE F 46 26.79 64.58 -5.05
CA ILE F 46 26.54 64.70 -3.59
C ILE F 46 27.84 65.00 -2.83
N ALA F 47 28.93 64.29 -3.19
CA ALA F 47 30.21 64.41 -2.48
C ALA F 47 30.74 65.84 -2.60
N ARG F 48 30.78 66.34 -3.83
CA ARG F 48 31.24 67.68 -4.15
C ARG F 48 30.31 68.71 -3.48
N ALA F 49 29.00 68.42 -3.48
CA ALA F 49 28.04 69.23 -2.74
C ALA F 49 28.48 69.34 -1.28
N VAL F 50 28.71 68.19 -0.62
CA VAL F 50 29.12 68.19 0.81
C VAL F 50 30.47 68.90 1.00
N ALA F 51 31.39 68.75 0.03
CA ALA F 51 32.74 69.40 0.10
C ALA F 51 32.63 70.93 -0.03
N ASN F 52 31.79 71.39 -0.97
CA ASN F 52 31.53 72.81 -1.20
C ASN F 52 30.78 73.41 0.00
N GLU F 53 29.79 72.68 0.51
CA GLU F 53 28.93 73.21 1.58
C GLU F 53 29.54 72.98 2.96
N THR F 54 30.62 72.18 3.06
CA THR F 54 31.44 72.19 4.28
C THR F 54 32.57 73.21 4.14
N GLY F 55 33.06 73.38 2.91
CA GLY F 55 34.27 74.13 2.66
C GLY F 55 35.48 73.25 2.87
N ALA F 56 35.77 72.45 1.85
CA ALA F 56 36.91 71.54 1.89
C ALA F 56 37.42 71.26 0.48
N PHE F 57 38.74 71.09 0.39
CA PHE F 57 39.39 70.58 -0.81
C PHE F 57 38.73 69.25 -1.18
N PHE F 58 38.56 69.03 -2.49
CA PHE F 58 37.92 67.85 -3.02
C PHE F 58 38.85 67.17 -4.02
N PHE F 59 39.18 65.89 -3.79
CA PHE F 59 39.98 65.16 -4.78
C PHE F 59 39.22 63.91 -5.25
N LEU F 60 38.87 63.88 -6.54
CA LEU F 60 38.24 62.72 -7.18
C LEU F 60 39.30 61.67 -7.50
N ILE F 61 38.93 60.40 -7.31
CA ILE F 61 39.68 59.23 -7.77
C ILE F 61 38.73 58.37 -8.60
N ASN F 62 38.70 58.62 -9.91
CA ASN F 62 37.90 57.82 -10.83
C ASN F 62 38.54 56.42 -10.90
N GLY F 63 37.94 55.43 -10.21
CA GLY F 63 38.51 54.07 -10.14
C GLY F 63 39.07 53.59 -11.48
N PRO F 64 38.21 53.52 -12.53
CA PRO F 64 38.65 53.18 -13.88
C PRO F 64 39.98 53.86 -14.28
N GLU F 65 40.07 55.17 -14.04
CA GLU F 65 41.25 55.97 -14.34
C GLU F 65 42.49 55.40 -13.63
N ILE F 66 42.33 55.01 -12.36
CA ILE F 66 43.43 54.45 -11.58
C ILE F 66 43.78 53.07 -12.15
N MET F 67 42.74 52.28 -12.45
CA MET F 67 42.97 50.91 -12.91
C MET F 67 43.56 50.89 -14.33
N SER F 68 43.38 51.97 -15.09
CA SER F 68 43.82 52.03 -16.49
C SER F 68 45.34 52.28 -16.61
N LYS F 69 45.96 52.72 -15.51
CA LYS F 69 47.40 53.03 -15.49
C LYS F 69 48.21 51.72 -15.52
N LEU F 70 49.49 51.83 -15.93
CA LEU F 70 50.42 50.71 -15.85
C LEU F 70 50.72 50.45 -14.37
N ALA F 71 50.72 49.16 -14.01
CA ALA F 71 50.95 48.70 -12.64
C ALA F 71 52.12 49.46 -12.04
N GLY F 72 51.87 50.15 -10.93
CA GLY F 72 52.85 51.04 -10.32
C GLY F 72 52.37 52.47 -10.35
N GLU F 73 52.03 52.97 -11.55
CA GLU F 73 51.60 54.35 -11.71
C GLU F 73 50.19 54.51 -11.11
N SER F 74 49.48 53.40 -10.95
CA SER F 74 48.22 53.36 -10.19
C SER F 74 48.49 53.77 -8.73
N GLU F 75 49.35 52.98 -8.07
CA GLU F 75 49.75 53.19 -6.66
C GLU F 75 50.34 54.59 -6.52
N SER F 76 51.17 54.96 -7.50
CA SER F 76 51.70 56.30 -7.62
C SER F 76 50.55 57.30 -7.55
N ASN F 77 49.61 57.21 -8.50
CA ASN F 77 48.47 58.11 -8.57
C ASN F 77 47.78 58.17 -7.20
N LEU F 78 47.61 57.01 -6.55
CA LEU F 78 46.92 56.95 -5.25
C LEU F 78 47.72 57.76 -4.20
N ARG F 79 48.98 57.37 -3.99
CA ARG F 79 49.85 58.09 -3.04
C ARG F 79 49.76 59.60 -3.33
N LYS F 80 49.98 59.96 -4.60
CA LYS F 80 49.94 61.33 -5.09
C LYS F 80 48.66 62.01 -4.59
N ALA F 81 47.51 61.42 -4.97
CA ALA F 81 46.19 61.96 -4.59
C ALA F 81 46.14 62.16 -3.07
N PHE F 82 46.52 61.13 -2.31
CA PHE F 82 46.41 61.17 -0.84
C PHE F 82 47.31 62.25 -0.23
N GLU F 83 48.52 62.44 -0.77
CA GLU F 83 49.42 63.49 -0.25
C GLU F 83 48.88 64.87 -0.66
N GLU F 84 48.39 64.97 -1.90
CA GLU F 84 47.80 66.21 -2.45
C GLU F 84 46.59 66.65 -1.61
N ALA F 85 45.77 65.68 -1.18
CA ALA F 85 44.68 65.98 -0.25
C ALA F 85 45.25 66.32 1.14
N GLU F 86 46.09 65.41 1.67
CA GLU F 86 46.70 65.56 3.00
C GLU F 86 47.24 66.98 3.17
N LYS F 87 47.81 67.54 2.08
CA LYS F 87 48.46 68.83 2.12
C LYS F 87 47.46 70.00 2.15
N ASN F 88 46.28 69.85 1.56
CA ASN F 88 45.36 70.99 1.32
C ASN F 88 44.14 70.95 2.25
N ALA F 89 44.30 70.36 3.43
CA ALA F 89 43.16 69.88 4.24
C ALA F 89 42.59 70.84 5.29
N PRO F 90 41.29 71.23 5.18
CA PRO F 90 40.21 70.25 5.22
C PRO F 90 40.02 69.59 3.83
N ALA F 91 40.01 68.24 3.78
CA ALA F 91 40.09 67.48 2.50
C ALA F 91 39.13 66.28 2.46
N ILE F 92 38.30 66.24 1.41
CA ILE F 92 37.53 65.06 1.03
C ILE F 92 38.18 64.41 -0.20
N ILE F 93 38.68 63.18 0.00
CA ILE F 93 39.09 62.31 -1.10
C ILE F 93 37.89 61.42 -1.45
N PHE F 94 37.34 61.60 -2.65
CA PHE F 94 36.16 60.85 -3.09
C PHE F 94 36.57 59.81 -4.14
N ILE F 95 36.22 58.55 -3.88
CA ILE F 95 36.58 57.45 -4.75
C ILE F 95 35.32 56.97 -5.46
N ASP F 96 35.27 57.30 -6.76
CA ASP F 96 34.20 56.92 -7.65
C ASP F 96 34.49 55.54 -8.22
N GLU F 97 33.45 54.69 -8.24
CA GLU F 97 33.57 53.27 -8.52
C GLU F 97 34.73 52.71 -7.69
N LEU F 98 34.51 52.55 -6.38
CA LEU F 98 35.53 51.99 -5.50
C LEU F 98 35.80 50.54 -5.87
N ASP F 99 34.71 49.78 -6.04
CA ASP F 99 34.69 48.36 -6.41
C ASP F 99 35.69 48.06 -7.55
N ALA F 100 35.99 49.04 -8.40
CA ALA F 100 36.92 48.88 -9.52
C ALA F 100 38.31 48.49 -9.00
N ILE F 101 38.94 49.39 -8.24
CA ILE F 101 40.28 49.16 -7.70
C ILE F 101 40.24 48.04 -6.64
N ALA F 102 39.17 48.01 -5.82
CA ALA F 102 39.11 47.18 -4.60
C ALA F 102 37.89 46.27 -4.61
N PRO F 103 37.94 45.13 -5.33
CA PRO F 103 36.75 44.32 -5.54
C PRO F 103 36.58 43.28 -4.41
N LYS F 104 35.73 42.27 -4.63
CA LYS F 104 35.74 40.99 -3.87
C LYS F 104 36.90 40.13 -4.38
N ARG F 105 37.89 39.89 -3.51
CA ARG F 105 39.32 39.85 -3.90
C ARG F 105 39.84 38.44 -4.22
N GLU F 106 38.93 37.47 -4.53
CA GLU F 106 39.32 36.23 -5.24
C GLU F 106 38.87 36.32 -6.71
N LYS F 107 38.02 37.32 -7.01
CA LYS F 107 37.75 37.81 -8.37
C LYS F 107 38.87 38.79 -8.75
N THR F 108 40.10 38.28 -8.81
CA THR F 108 41.31 39.05 -8.96
C THR F 108 42.41 38.11 -9.47
N HIS F 109 42.33 37.74 -10.75
CA HIS F 109 43.20 36.71 -11.34
C HIS F 109 44.63 37.26 -11.54
N GLY F 110 45.26 37.83 -10.50
CA GLY F 110 46.58 38.48 -10.60
C GLY F 110 46.89 39.38 -9.42
N GLU F 111 48.19 39.57 -9.15
CA GLU F 111 48.70 40.07 -7.85
C GLU F 111 48.76 41.61 -7.83
N VAL F 112 48.80 42.21 -9.01
CA VAL F 112 48.91 43.65 -9.13
C VAL F 112 47.73 44.30 -8.40
N GLU F 113 46.53 43.79 -8.65
CA GLU F 113 45.33 44.35 -8.02
C GLU F 113 45.43 44.23 -6.49
N ARG F 114 45.93 43.09 -6.00
CA ARG F 114 46.10 42.86 -4.55
C ARG F 114 47.11 43.88 -3.98
N ARG F 115 48.17 44.15 -4.75
CA ARG F 115 49.07 45.25 -4.38
C ARG F 115 48.29 46.59 -4.36
N ILE F 116 47.50 46.87 -5.39
CA ILE F 116 46.79 48.18 -5.54
C ILE F 116 45.85 48.40 -4.36
N VAL F 117 45.11 47.35 -4.01
CA VAL F 117 44.21 47.37 -2.88
C VAL F 117 45.07 47.56 -1.62
N SER F 118 46.09 46.70 -1.43
CA SER F 118 46.95 46.85 -0.26
C SER F 118 47.34 48.31 -0.09
N GLN F 119 47.79 48.92 -1.18
CA GLN F 119 48.21 50.31 -1.18
C GLN F 119 47.10 51.17 -0.58
N LEU F 120 45.89 51.05 -1.12
CA LEU F 120 44.76 51.84 -0.65
C LEU F 120 44.50 51.55 0.84
N LEU F 121 44.65 50.30 1.28
CA LEU F 121 44.51 49.99 2.71
C LEU F 121 45.57 50.76 3.51
N THR F 122 46.83 50.74 3.06
CA THR F 122 47.92 51.39 3.80
C THR F 122 47.70 52.91 3.83
N LEU F 123 47.25 53.46 2.70
CA LEU F 123 46.91 54.87 2.59
C LEU F 123 45.76 55.21 3.54
N MET F 124 44.70 54.40 3.51
CA MET F 124 43.53 54.55 4.40
C MET F 124 43.96 54.51 5.87
N ASP F 125 44.88 53.59 6.21
CA ASP F 125 45.47 53.46 7.56
C ASP F 125 46.29 54.71 7.90
N GLY F 126 47.00 55.24 6.89
CA GLY F 126 47.98 56.33 7.02
C GLY F 126 47.41 57.64 7.55
N LEU F 127 46.12 57.92 7.29
CA LEU F 127 45.52 59.21 7.64
C LEU F 127 45.45 59.38 9.16
N LYS F 128 45.44 60.64 9.59
CA LYS F 128 45.10 61.03 10.95
C LYS F 128 43.85 61.93 10.90
N GLN F 129 42.98 61.80 11.91
CA GLN F 129 41.93 62.79 12.20
C GLN F 129 42.60 64.15 12.42
N ARG F 130 43.86 64.07 12.85
CA ARG F 130 44.83 65.16 12.97
C ARG F 130 45.00 65.87 11.61
N ALA F 131 45.06 65.10 10.51
CA ALA F 131 45.39 65.65 9.18
C ALA F 131 44.15 66.29 8.52
N HIS F 132 42.99 66.18 9.16
CA HIS F 132 41.70 66.76 8.70
C HIS F 132 41.26 66.16 7.37
N VAL F 133 41.38 64.84 7.20
CA VAL F 133 41.07 64.22 5.91
C VAL F 133 39.95 63.21 6.11
N ILE F 134 38.99 63.28 5.17
CA ILE F 134 37.86 62.36 5.05
C ILE F 134 37.92 61.72 3.66
N VAL F 135 37.66 60.41 3.62
CA VAL F 135 37.61 59.65 2.39
C VAL F 135 36.16 59.16 2.20
N MET F 136 35.54 59.60 1.11
CA MET F 136 34.27 59.08 0.68
C MET F 136 34.49 58.19 -0.54
N ALA F 137 33.51 57.30 -0.80
CA ALA F 137 33.66 56.25 -1.79
C ALA F 137 32.28 55.76 -2.25
N ALA F 138 32.27 55.20 -3.47
CA ALA F 138 31.05 54.86 -4.18
C ALA F 138 31.05 53.40 -4.61
N THR F 139 29.85 52.81 -4.58
CA THR F 139 29.61 51.48 -5.10
C THR F 139 28.11 51.17 -5.07
N ASN F 140 27.74 50.07 -5.72
CA ASN F 140 26.36 49.66 -5.91
C ASN F 140 25.84 49.07 -4.59
N ARG F 141 26.61 48.12 -4.04
CA ARG F 141 26.34 47.51 -2.77
C ARG F 141 27.66 47.23 -2.07
N PRO F 142 27.70 47.19 -0.72
CA PRO F 142 28.96 47.00 0.01
C PRO F 142 29.47 45.56 -0.08
N ASN F 143 28.62 44.66 -0.59
CA ASN F 143 28.99 43.31 -0.94
C ASN F 143 30.09 43.33 -2.01
N SER F 144 30.10 44.40 -2.83
CA SER F 144 31.05 44.61 -3.95
C SER F 144 32.51 44.74 -3.47
N ILE F 145 32.69 45.56 -2.44
CA ILE F 145 34.00 45.94 -1.93
C ILE F 145 34.63 44.78 -1.16
N ASP F 146 35.98 44.73 -1.18
CA ASP F 146 36.77 43.85 -0.32
C ASP F 146 36.48 44.17 1.14
N PRO F 147 35.93 43.22 1.93
CA PRO F 147 35.61 43.44 3.34
C PRO F 147 36.71 44.04 4.24
N ALA F 148 37.98 43.81 3.90
CA ALA F 148 39.09 44.40 4.63
C ALA F 148 39.15 45.93 4.42
N LEU F 149 38.20 46.50 3.66
CA LEU F 149 37.97 47.96 3.60
C LEU F 149 36.88 48.39 4.59
N ARG F 150 35.98 47.47 4.94
CA ARG F 150 34.96 47.77 5.93
C ARG F 150 35.47 47.36 7.33
N ARG F 151 36.79 47.27 7.49
CA ARG F 151 37.44 47.28 8.80
C ARG F 151 37.06 48.60 9.49
N PHE F 152 37.30 48.66 10.80
CA PHE F 152 37.04 49.86 11.56
C PHE F 152 38.01 50.96 11.13
N GLY F 153 39.27 50.57 10.85
CA GLY F 153 40.36 51.50 10.55
C GLY F 153 40.14 52.28 9.27
N ARG F 154 39.23 51.80 8.43
CA ARG F 154 39.10 52.26 7.06
C ARG F 154 37.67 52.81 6.87
N PHE F 155 36.84 52.14 6.06
CA PHE F 155 35.47 52.60 5.75
C PHE F 155 34.49 52.05 6.79
N ASP F 156 34.42 52.72 7.94
CA ASP F 156 33.60 52.28 9.07
C ASP F 156 32.13 52.69 8.86
N ARG F 157 31.89 53.94 8.47
CA ARG F 157 30.53 54.47 8.32
C ARG F 157 30.05 54.29 6.88
N GLU F 158 28.79 53.87 6.73
CA GLU F 158 28.19 53.45 5.47
C GLU F 158 26.82 54.12 5.31
N VAL F 159 26.57 54.73 4.14
CA VAL F 159 25.29 55.38 3.85
C VAL F 159 24.72 54.89 2.53
N ASP F 160 23.41 54.62 2.58
CA ASP F 160 22.65 54.05 1.51
C ASP F 160 21.88 55.17 0.81
N ILE F 161 22.20 55.39 -0.47
CA ILE F 161 21.40 56.24 -1.28
C ILE F 161 20.67 55.36 -2.29
N GLY F 162 19.48 54.89 -1.92
CA GLY F 162 18.74 53.93 -2.74
C GLY F 162 17.97 54.60 -3.87
N ILE F 163 16.92 53.91 -4.33
CA ILE F 163 15.87 54.51 -5.14
C ILE F 163 15.34 55.74 -4.40
N PRO F 164 15.00 56.83 -5.11
CA PRO F 164 14.16 57.88 -4.54
C PRO F 164 12.67 57.54 -4.63
N ASP F 165 11.89 58.03 -3.66
CA ASP F 165 10.44 57.87 -3.63
C ASP F 165 9.78 59.06 -4.34
N ALA F 166 8.45 59.01 -4.42
CA ALA F 166 7.60 59.99 -5.10
C ALA F 166 8.17 61.40 -4.95
N THR F 167 8.45 61.82 -3.71
CA THR F 167 8.86 63.19 -3.42
C THR F 167 10.22 63.48 -4.06
N GLY F 168 11.17 62.55 -3.87
CA GLY F 168 12.49 62.67 -4.47
C GLY F 168 12.41 62.77 -5.98
N ARG F 169 11.60 61.87 -6.55
CA ARG F 169 11.38 61.80 -7.99
C ARG F 169 10.81 63.15 -8.46
N LEU F 170 9.84 63.68 -7.70
CA LEU F 170 9.20 64.96 -7.98
C LEU F 170 10.25 66.08 -7.97
N GLU F 171 11.02 66.16 -6.88
CA GLU F 171 12.13 67.11 -6.73
C GLU F 171 13.04 67.05 -7.96
N ILE F 172 13.44 65.83 -8.32
CA ILE F 172 14.38 65.61 -9.42
C ILE F 172 13.76 66.10 -10.73
N LEU F 173 12.49 65.73 -10.97
CA LEU F 173 11.77 66.17 -12.16
C LEU F 173 11.72 67.70 -12.21
N GLN F 174 11.31 68.34 -11.10
CA GLN F 174 11.30 69.80 -11.00
C GLN F 174 12.68 70.36 -11.36
N ILE F 175 13.73 69.76 -10.78
CA ILE F 175 15.12 70.21 -10.95
C ILE F 175 15.54 70.09 -12.42
N HIS F 176 15.18 68.99 -13.11
CA HIS F 176 15.57 68.81 -14.53
C HIS F 176 14.65 69.58 -15.49
N THR F 177 13.45 69.97 -15.02
CA THR F 177 12.40 70.57 -15.87
C THR F 177 12.09 72.03 -15.52
N LYS F 178 12.85 72.65 -14.61
CA LYS F 178 12.70 74.10 -14.38
C LYS F 178 13.10 74.87 -15.65
N ASN F 179 13.95 74.26 -16.49
CA ASN F 179 14.52 74.88 -17.69
C ASN F 179 13.69 74.56 -18.95
N MET F 180 12.42 74.16 -18.80
CA MET F 180 11.70 73.47 -19.90
C MET F 180 10.39 74.21 -20.25
N LYS F 181 9.96 74.06 -21.52
CA LYS F 181 8.68 74.61 -22.08
C LYS F 181 7.49 73.80 -21.52
N LEU F 182 7.38 73.75 -20.19
CA LEU F 182 6.41 72.88 -19.48
C LEU F 182 4.98 73.40 -19.71
N ALA F 183 4.11 72.56 -20.30
CA ALA F 183 2.71 72.94 -20.52
C ALA F 183 1.93 72.95 -19.20
N ASP F 184 0.71 73.47 -19.24
CA ASP F 184 -0.16 73.63 -18.07
C ASP F 184 -0.82 72.28 -17.75
N ASP F 185 -1.02 71.45 -18.78
CA ASP F 185 -1.62 70.11 -18.65
C ASP F 185 -0.59 69.11 -18.12
N VAL F 186 0.70 69.45 -18.18
CA VAL F 186 1.76 68.61 -17.60
C VAL F 186 1.55 68.54 -16.09
N ASP F 187 1.65 67.33 -15.55
CA ASP F 187 1.63 67.07 -14.12
C ASP F 187 2.93 66.35 -13.75
N LEU F 188 3.80 67.03 -12.98
CA LEU F 188 5.06 66.46 -12.53
C LEU F 188 4.79 65.37 -11.49
N GLU F 189 3.91 65.66 -10.52
CA GLU F 189 3.62 64.75 -9.41
C GLU F 189 3.05 63.41 -9.93
N GLN F 190 2.11 63.51 -10.86
CA GLN F 190 1.58 62.35 -11.58
C GLN F 190 2.75 61.44 -11.99
N VAL F 191 3.66 62.01 -12.80
CA VAL F 191 4.79 61.28 -13.38
C VAL F 191 5.68 60.73 -12.25
N ALA F 192 5.93 61.56 -11.23
CA ALA F 192 6.74 61.16 -10.06
C ALA F 192 6.14 59.90 -9.41
N ASN F 193 4.81 59.88 -9.28
CA ASN F 193 4.09 58.74 -8.74
C ASN F 193 4.16 57.56 -9.70
N GLU F 194 4.09 57.83 -11.01
CA GLU F 194 4.10 56.76 -12.05
C GLU F 194 5.52 56.19 -12.26
N THR F 195 6.56 56.86 -11.76
CA THR F 195 7.96 56.51 -12.09
C THR F 195 8.56 55.59 -11.03
N HIS F 196 8.00 54.39 -10.87
CA HIS F 196 8.61 53.39 -9.99
C HIS F 196 9.86 52.83 -10.67
N GLY F 197 10.89 52.59 -9.86
CA GLY F 197 12.15 52.02 -10.32
C GLY F 197 13.03 53.02 -11.05
N HIS F 198 12.57 54.28 -11.17
CA HIS F 198 13.37 55.30 -11.79
C HIS F 198 14.35 55.85 -10.75
N VAL F 199 15.52 56.28 -11.22
CA VAL F 199 16.49 57.06 -10.44
C VAL F 199 16.81 58.37 -11.17
N GLY F 200 17.59 59.25 -10.50
CA GLY F 200 17.99 60.56 -11.04
C GLY F 200 18.26 60.53 -12.53
N ALA F 201 19.05 59.54 -12.94
CA ALA F 201 19.44 59.33 -14.34
C ALA F 201 18.20 59.02 -15.21
N ASP F 202 17.43 58.02 -14.81
CA ASP F 202 16.25 57.56 -15.58
C ASP F 202 15.25 58.71 -15.73
N LEU F 203 15.14 59.53 -14.67
CA LEU F 203 14.25 60.67 -14.68
C LEU F 203 14.81 61.76 -15.60
N ALA F 204 16.12 62.01 -15.49
CA ALA F 204 16.79 62.92 -16.42
C ALA F 204 16.48 62.51 -17.86
N ALA F 205 16.75 61.22 -18.17
CA ALA F 205 16.54 60.63 -19.49
C ALA F 205 15.07 60.79 -19.92
N LEU F 206 14.16 60.52 -18.97
CA LEU F 206 12.73 60.69 -19.20
C LEU F 206 12.44 62.14 -19.63
N CYS F 207 12.80 63.10 -18.79
CA CYS F 207 12.64 64.51 -19.12
C CYS F 207 13.23 64.78 -20.52
N SER F 208 14.38 64.15 -20.80
CA SER F 208 15.08 64.35 -22.05
C SER F 208 14.24 63.87 -23.25
N GLU F 209 13.77 62.62 -23.21
CA GLU F 209 12.93 62.08 -24.30
C GLU F 209 11.62 62.89 -24.40
N ALA F 210 11.08 63.29 -23.24
CA ALA F 210 9.88 64.14 -23.19
C ALA F 210 10.15 65.43 -23.98
N ALA F 211 11.29 66.07 -23.71
CA ALA F 211 11.72 67.21 -24.52
C ALA F 211 11.78 66.80 -25.99
N LEU F 212 12.67 65.86 -26.32
CA LEU F 212 12.97 65.53 -27.72
C LEU F 212 11.68 65.25 -28.51
N GLN F 213 10.71 64.56 -27.89
CA GLN F 213 9.51 64.17 -28.65
C GLN F 213 8.53 65.35 -28.76
N ALA F 214 8.57 66.29 -27.82
CA ALA F 214 7.91 67.58 -28.05
C ALA F 214 8.59 68.26 -29.25
N ILE F 215 9.93 68.40 -29.16
CA ILE F 215 10.77 69.13 -30.15
C ILE F 215 10.63 68.46 -31.53
N ARG F 216 10.20 67.19 -31.58
CA ARG F 216 9.58 66.68 -32.80
C ARG F 216 8.25 67.45 -32.95
N VAL F 239 6.46 71.31 -24.26
CA VAL F 239 6.35 69.96 -23.68
C VAL F 239 4.95 69.80 -23.09
N THR F 240 4.19 68.85 -23.65
CA THR F 240 2.85 68.46 -23.20
C THR F 240 2.96 67.27 -22.25
N MET F 241 1.84 66.90 -21.61
CA MET F 241 1.76 65.70 -20.77
C MET F 241 1.95 64.45 -21.63
N ASP F 242 1.34 64.48 -22.82
CA ASP F 242 1.45 63.42 -23.82
C ASP F 242 2.90 62.99 -24.00
N ASP F 243 3.79 63.97 -24.17
CA ASP F 243 5.22 63.72 -24.38
C ASP F 243 5.80 62.99 -23.16
N PHE F 244 5.46 63.46 -21.96
CA PHE F 244 5.96 62.85 -20.72
C PHE F 244 5.48 61.41 -20.63
N ARG F 245 4.18 61.20 -20.85
CA ARG F 245 3.61 59.86 -20.76
C ARG F 245 4.21 58.96 -21.84
N TRP F 246 4.47 59.50 -23.04
CA TRP F 246 5.10 58.75 -24.13
C TRP F 246 6.51 58.33 -23.74
N ALA F 247 7.29 59.30 -23.23
CA ALA F 247 8.65 59.05 -22.75
C ALA F 247 8.63 58.01 -21.63
N LEU F 248 7.58 58.04 -20.79
CA LEU F 248 7.33 57.00 -19.78
C LEU F 248 7.09 55.65 -20.45
N SER F 249 6.25 55.64 -21.50
CA SER F 249 6.03 54.45 -22.32
C SER F 249 7.38 53.92 -22.83
N GLN F 250 8.30 54.82 -23.18
CA GLN F 250 9.60 54.39 -23.74
C GLN F 250 10.55 53.89 -22.65
N SER F 251 10.70 54.63 -21.53
CA SER F 251 11.87 54.44 -20.62
C SER F 251 11.93 53.04 -19.99
N ASN F 252 13.16 52.54 -19.82
CA ASN F 252 13.50 51.28 -19.16
C ASN F 252 14.32 51.56 -17.92
N PRO F 253 13.68 51.92 -16.79
CA PRO F 253 14.41 52.22 -15.56
C PRO F 253 15.39 51.12 -15.12
N SER F 254 16.42 51.52 -14.37
CA SER F 254 17.48 50.62 -13.89
C SER F 254 17.05 49.89 -12.61
N ALA F 255 16.36 50.59 -11.71
CA ALA F 255 16.15 50.09 -10.36
C ALA F 255 14.76 49.45 -10.21
N LEU F 256 14.20 48.92 -11.30
CA LEU F 256 13.05 48.04 -11.22
C LEU F 256 13.37 46.91 -10.23
N ARG F 257 14.61 46.40 -10.33
CA ARG F 257 15.04 45.15 -9.70
C ARG F 257 15.46 45.38 -8.24
N GLU F 258 15.62 46.64 -7.82
CA GLU F 258 16.13 46.97 -6.49
C GLU F 258 14.98 47.05 -5.47
N THR F 259 15.23 46.49 -4.28
CA THR F 259 14.23 46.36 -3.20
C THR F 259 13.91 47.74 -2.63
N VAL F 260 12.68 48.21 -2.89
CA VAL F 260 12.28 49.57 -2.58
C VAL F 260 11.97 49.65 -1.07
N VAL F 261 12.67 50.55 -0.39
CA VAL F 261 12.39 50.90 1.00
C VAL F 261 11.79 52.29 1.03
N GLU F 262 10.57 52.41 1.56
CA GLU F 262 9.95 53.69 1.84
C GLU F 262 8.84 53.46 2.87
N VAL F 263 8.50 54.52 3.61
CA VAL F 263 7.32 54.51 4.45
C VAL F 263 6.13 54.54 3.50
N PRO F 264 5.17 53.60 3.64
CA PRO F 264 4.02 53.55 2.75
C PRO F 264 3.00 54.58 3.22
N GLN F 265 2.15 55.04 2.29
CA GLN F 265 1.16 56.05 2.57
C GLN F 265 -0.24 55.42 2.51
N VAL F 266 -0.41 54.31 3.24
CA VAL F 266 -1.73 53.77 3.53
C VAL F 266 -2.01 54.04 5.01
N THR F 267 -3.04 54.84 5.27
CA THR F 267 -3.46 55.18 6.63
C THR F 267 -4.12 53.95 7.25
N TRP F 268 -4.31 53.98 8.57
CA TRP F 268 -5.14 52.96 9.20
C TRP F 268 -6.60 53.15 8.74
N GLU F 269 -7.04 54.41 8.62
CA GLU F 269 -8.43 54.72 8.32
C GLU F 269 -8.74 54.51 6.83
N ASP F 270 -7.71 54.24 6.02
CA ASP F 270 -7.89 53.69 4.67
C ASP F 270 -8.42 52.25 4.79
N ILE F 271 -7.89 51.52 5.79
CA ILE F 271 -8.31 50.17 6.15
C ILE F 271 -9.43 50.28 7.19
N GLY F 272 -10.64 50.56 6.72
CA GLY F 272 -11.84 50.53 7.56
C GLY F 272 -12.02 49.15 8.17
N GLY F 273 -12.50 49.10 9.42
CA GLY F 273 -12.74 47.83 10.14
C GLY F 273 -11.43 47.10 10.40
N LEU F 274 -11.53 45.78 10.60
CA LEU F 274 -10.39 44.99 11.03
C LEU F 274 -9.70 45.72 12.19
N GLU F 275 -10.40 45.79 13.33
CA GLU F 275 -10.09 46.70 14.43
C GLU F 275 -9.16 46.00 15.42
N ASP F 276 -9.64 44.87 15.92
CA ASP F 276 -8.88 43.99 16.79
C ASP F 276 -7.43 43.89 16.29
N VAL F 277 -7.24 43.68 14.97
CA VAL F 277 -5.90 43.51 14.40
C VAL F 277 -5.14 44.84 14.48
N LYS F 278 -5.84 45.95 14.17
CA LYS F 278 -5.30 47.31 14.38
C LYS F 278 -4.70 47.39 15.78
N ARG F 279 -5.53 47.13 16.79
CA ARG F 279 -5.11 47.36 18.18
C ARG F 279 -4.02 46.37 18.57
N GLU F 280 -4.17 45.10 18.17
CA GLU F 280 -3.13 44.10 18.40
C GLU F 280 -1.80 44.62 17.86
N LEU F 281 -1.76 44.88 16.55
CA LEU F 281 -0.57 45.39 15.86
C LEU F 281 -0.02 46.66 16.54
N GLN F 282 -0.92 47.53 17.01
CA GLN F 282 -0.52 48.72 17.73
C GLN F 282 0.23 48.30 19.01
N GLU F 283 -0.36 47.37 19.77
CA GLU F 283 0.23 46.89 21.05
C GLU F 283 1.55 46.15 20.80
N LEU F 284 1.65 45.48 19.64
CA LEU F 284 2.85 44.70 19.27
C LEU F 284 3.97 45.65 18.89
N VAL F 285 3.67 46.55 17.92
CA VAL F 285 4.66 47.28 17.06
C VAL F 285 4.63 48.82 17.28
N GLN F 286 3.47 49.38 17.59
CA GLN F 286 3.32 50.83 17.77
C GLN F 286 3.74 51.28 19.18
N TYR F 287 3.21 50.61 20.21
CA TYR F 287 3.44 51.04 21.60
C TYR F 287 4.94 51.10 21.91
N PRO F 288 5.80 50.16 21.47
CA PRO F 288 7.23 50.22 21.78
C PRO F 288 8.10 51.21 20.98
N VAL F 289 7.58 51.74 19.87
CA VAL F 289 8.28 52.83 19.20
C VAL F 289 7.67 54.17 19.64
N GLU F 290 6.38 54.19 20.00
CA GLU F 290 5.67 55.46 20.26
C GLU F 290 5.62 55.80 21.76
N HIS F 291 5.77 54.81 22.64
CA HIS F 291 5.77 55.05 24.09
C HIS F 291 6.88 54.25 24.76
N PRO F 292 8.11 54.20 24.21
CA PRO F 292 9.14 53.28 24.69
C PRO F 292 9.39 53.40 26.20
N ASP F 293 9.31 54.63 26.69
CA ASP F 293 9.34 54.97 28.11
C ASP F 293 8.62 53.87 28.90
N LYS F 294 7.40 53.56 28.49
CA LYS F 294 6.59 52.52 29.12
C LYS F 294 7.30 51.16 29.09
N PHE F 295 7.65 50.67 27.88
CA PHE F 295 8.22 49.29 27.74
C PHE F 295 9.48 49.19 28.60
N LEU F 296 10.29 50.25 28.57
CA LEU F 296 11.46 50.38 29.41
C LEU F 296 11.03 50.33 30.89
N LYS F 297 9.91 50.99 31.21
CA LYS F 297 9.42 51.17 32.60
C LYS F 297 8.93 49.85 33.19
N PHE F 298 7.95 49.23 32.55
CA PHE F 298 7.46 47.92 32.97
C PHE F 298 8.53 46.85 32.80
N GLY F 299 9.45 47.06 31.85
CA GLY F 299 10.66 46.25 31.75
C GLY F 299 10.56 45.18 30.67
N MET F 300 9.37 44.63 30.48
CA MET F 300 9.16 43.66 29.41
C MET F 300 9.56 44.31 28.07
N THR F 301 10.15 43.49 27.20
CA THR F 301 10.74 43.91 25.92
C THR F 301 9.87 43.36 24.79
N PRO F 302 9.83 44.00 23.60
CA PRO F 302 8.68 43.88 22.70
C PRO F 302 8.69 42.55 21.93
N SER F 303 7.62 42.28 21.17
CA SER F 303 7.63 41.15 20.25
C SER F 303 8.71 41.40 19.19
N LYS F 304 9.43 40.36 18.81
CA LYS F 304 10.35 40.47 17.69
C LYS F 304 9.53 40.68 16.42
N GLY F 305 8.48 39.86 16.27
CA GLY F 305 7.60 39.95 15.11
C GLY F 305 6.34 39.12 15.21
N VAL F 306 5.69 39.03 14.05
CA VAL F 306 4.28 38.74 13.89
C VAL F 306 4.14 37.62 12.87
N LEU F 307 2.95 37.05 12.78
CA LEU F 307 2.61 36.25 11.61
C LEU F 307 1.15 36.49 11.22
N PHE F 308 1.00 36.99 10.00
CA PHE F 308 -0.28 37.16 9.35
C PHE F 308 -0.64 35.88 8.61
N TYR F 309 -1.68 35.19 9.08
CA TYR F 309 -2.24 34.10 8.35
C TYR F 309 -3.72 34.34 8.15
N GLY F 310 -4.30 33.62 7.19
CA GLY F 310 -5.70 33.66 6.87
C GLY F 310 -5.94 33.39 5.39
N PRO F 311 -7.09 33.84 4.83
CA PRO F 311 -7.42 33.51 3.45
C PRO F 311 -6.69 34.45 2.52
N PRO F 312 -6.41 34.00 1.26
CA PRO F 312 -5.54 34.71 0.32
C PRO F 312 -6.09 36.04 -0.19
N GLY F 313 -7.43 36.18 -0.14
CA GLY F 313 -8.09 37.40 -0.53
C GLY F 313 -8.21 38.39 0.64
N CYS F 314 -7.13 39.12 0.87
CA CYS F 314 -7.07 40.18 1.87
C CYS F 314 -5.81 41.02 1.67
N GLY F 315 -5.71 42.10 2.46
CA GLY F 315 -4.59 43.01 2.35
C GLY F 315 -3.62 42.79 3.49
N LYS F 316 -3.09 41.57 3.55
CA LYS F 316 -2.10 41.24 4.57
C LYS F 316 -0.91 42.22 4.42
N THR F 317 -0.51 42.47 3.17
CA THR F 317 0.45 43.50 2.79
C THR F 317 0.06 44.86 3.35
N LEU F 318 -1.18 45.23 3.09
CA LEU F 318 -1.68 46.56 3.33
C LEU F 318 -1.78 46.83 4.82
N LEU F 319 -2.10 45.80 5.63
CA LEU F 319 -2.13 45.96 7.10
C LEU F 319 -0.72 46.27 7.59
N ALA F 320 0.21 45.45 7.12
CA ALA F 320 1.61 45.59 7.47
C ALA F 320 2.10 46.99 7.07
N LYS F 321 1.73 47.43 5.87
CA LYS F 321 2.02 48.78 5.44
C LYS F 321 1.40 49.75 6.46
N ALA F 322 0.10 49.58 6.73
CA ALA F 322 -0.72 50.49 7.53
C ALA F 322 -0.12 50.69 8.92
N ILE F 323 0.42 49.62 9.52
CA ILE F 323 1.08 49.75 10.83
C ILE F 323 2.42 50.50 10.69
N ALA F 324 3.15 50.28 9.59
CA ALA F 324 4.40 51.04 9.33
C ALA F 324 4.10 52.53 9.16
N ASN F 325 3.11 52.83 8.31
CA ASN F 325 2.56 54.16 8.09
C ASN F 325 2.12 54.78 9.42
N GLU F 326 1.37 54.01 10.22
CA GLU F 326 0.93 54.42 11.57
C GLU F 326 2.13 54.72 12.49
N CYS F 327 3.23 53.95 12.37
CA CYS F 327 4.41 54.20 13.20
C CYS F 327 5.44 55.10 12.50
N GLN F 328 5.07 55.67 11.34
CA GLN F 328 5.98 56.37 10.41
C GLN F 328 7.36 55.68 10.39
N ALA F 329 7.34 54.37 10.14
CA ALA F 329 8.53 53.55 9.95
C ALA F 329 8.54 53.04 8.51
N ASN F 330 9.72 52.57 8.06
CA ASN F 330 9.90 52.08 6.70
C ASN F 330 9.20 50.73 6.52
N PHE F 331 9.23 50.25 5.28
CA PHE F 331 8.57 49.02 4.90
C PHE F 331 9.40 48.30 3.85
N ILE F 332 9.51 46.97 3.93
CA ILE F 332 10.20 46.21 2.90
C ILE F 332 9.45 44.91 2.62
N SER F 333 8.97 44.76 1.37
CA SER F 333 8.29 43.53 0.91
C SER F 333 9.31 42.56 0.29
N ILE F 334 9.44 41.38 0.89
CA ILE F 334 10.01 40.26 0.17
C ILE F 334 8.82 39.42 -0.33
N LYS F 335 8.46 39.68 -1.60
CA LYS F 335 7.66 38.75 -2.38
C LYS F 335 8.31 37.36 -2.23
N GLY F 336 7.48 36.31 -2.15
CA GLY F 336 7.95 34.91 -2.03
C GLY F 336 8.80 34.44 -3.22
N PRO F 337 8.51 34.85 -4.47
CA PRO F 337 9.41 34.62 -5.61
C PRO F 337 10.87 35.07 -5.43
N GLU F 338 11.12 36.02 -4.54
CA GLU F 338 12.45 36.33 -4.04
C GLU F 338 12.95 35.13 -3.21
N LEU F 339 12.11 34.66 -2.29
CA LEU F 339 12.44 33.52 -1.46
C LEU F 339 12.74 32.33 -2.39
N LEU F 340 11.80 32.00 -3.29
CA LEU F 340 11.95 30.84 -4.19
C LEU F 340 13.27 30.98 -4.96
N THR F 341 13.50 32.16 -5.54
CA THR F 341 14.74 32.44 -6.26
C THR F 341 15.95 32.10 -5.39
N MET F 342 15.89 32.44 -4.10
CA MET F 342 17.00 32.15 -3.20
C MET F 342 17.11 30.63 -3.00
N TRP F 343 16.01 29.97 -2.63
CA TRP F 343 16.09 28.53 -2.35
C TRP F 343 16.61 27.80 -3.59
N PHE F 344 15.87 27.89 -4.69
CA PHE F 344 16.19 27.18 -5.93
C PHE F 344 17.63 27.48 -6.42
N GLY F 345 18.17 28.66 -6.06
CA GLY F 345 19.56 29.06 -6.41
C GLY F 345 20.57 28.76 -5.30
N GLU F 346 20.06 28.54 -4.09
CA GLU F 346 20.81 28.39 -2.86
C GLU F 346 21.69 29.62 -2.66
N SER F 347 21.03 30.78 -2.70
CA SER F 347 21.63 32.04 -2.34
C SER F 347 20.95 32.53 -1.05
N GLU F 348 21.11 31.74 0.01
CA GLU F 348 20.61 32.10 1.33
C GLU F 348 21.44 33.26 1.89
N ALA F 349 22.71 33.33 1.47
CA ALA F 349 23.55 34.49 1.71
C ALA F 349 22.67 35.74 1.82
N ASN F 350 21.93 36.01 0.74
CA ASN F 350 21.22 37.28 0.53
C ASN F 350 20.22 37.60 1.63
N VAL F 351 19.82 36.63 2.45
CA VAL F 351 18.96 36.94 3.60
C VAL F 351 19.73 37.93 4.49
N ARG F 352 20.98 37.56 4.82
CA ARG F 352 21.87 38.39 5.62
C ARG F 352 21.87 39.82 5.11
N GLU F 353 21.97 39.95 3.78
CA GLU F 353 21.99 41.22 3.07
C GLU F 353 20.63 41.93 3.26
N ILE F 354 19.52 41.21 3.14
CA ILE F 354 18.18 41.76 3.36
C ILE F 354 18.11 42.35 4.76
N PHE F 355 18.41 41.53 5.77
CA PHE F 355 18.33 42.00 7.14
C PHE F 355 19.28 43.18 7.37
N ASP F 356 20.49 43.11 6.81
CA ASP F 356 21.38 44.26 6.88
C ASP F 356 20.64 45.49 6.32
N LYS F 357 20.00 45.34 5.15
CA LYS F 357 19.30 46.43 4.47
C LYS F 357 18.14 46.96 5.32
N ALA F 358 17.44 46.09 6.04
CA ALA F 358 16.37 46.53 6.95
C ALA F 358 16.98 47.28 8.14
N ARG F 359 17.92 46.59 8.80
CA ARG F 359 18.67 47.09 9.97
C ARG F 359 19.16 48.51 9.68
N GLN F 360 19.79 48.71 8.51
CA GLN F 360 20.35 49.99 8.11
C GLN F 360 19.22 51.02 7.91
N ALA F 361 18.07 50.57 7.37
CA ALA F 361 16.95 51.46 7.14
C ALA F 361 15.96 51.42 8.31
N ALA F 362 16.44 51.22 9.54
CA ALA F 362 15.58 51.23 10.74
C ALA F 362 14.87 52.59 10.83
N PRO F 363 13.91 52.73 11.76
CA PRO F 363 12.93 51.66 11.98
C PRO F 363 12.05 51.34 10.76
N CYS F 364 11.57 50.10 10.73
CA CYS F 364 11.19 49.44 9.49
C CYS F 364 10.37 48.19 9.81
N VAL F 365 9.41 47.84 8.93
CA VAL F 365 8.84 46.50 8.97
C VAL F 365 9.33 45.72 7.74
N LEU F 366 10.02 44.63 8.07
CA LEU F 366 10.45 43.63 7.14
C LEU F 366 9.30 42.64 6.99
N PHE F 367 8.66 42.72 5.83
CA PHE F 367 7.49 41.98 5.52
C PHE F 367 7.86 40.86 4.55
N PHE F 368 7.76 39.62 5.05
CA PHE F 368 7.86 38.47 4.20
C PHE F 368 6.46 38.09 3.73
N ASP F 369 6.34 38.03 2.40
CA ASP F 369 5.15 37.51 1.83
C ASP F 369 5.36 36.02 1.61
N GLU F 370 4.26 35.25 1.70
CA GLU F 370 4.30 33.84 1.40
C GLU F 370 5.51 33.23 2.12
N LEU F 371 5.56 33.33 3.45
CA LEU F 371 6.71 32.78 4.17
C LEU F 371 6.75 31.26 3.96
N ASP F 372 5.58 30.69 3.63
CA ASP F 372 5.40 29.28 3.41
C ASP F 372 6.06 28.79 2.10
N SER F 373 6.56 29.69 1.23
CA SER F 373 6.97 29.34 -0.15
C SER F 373 8.06 28.28 -0.20
N ILE F 374 9.15 28.54 0.53
CA ILE F 374 10.28 27.63 0.55
C ILE F 374 9.73 26.27 1.01
N ALA F 375 9.24 26.25 2.24
CA ALA F 375 8.63 25.08 2.83
C ALA F 375 7.50 24.54 1.92
N LYS F 376 6.64 25.40 1.36
CA LYS F 376 5.51 24.92 0.54
C LYS F 376 6.03 24.13 -0.66
N ALA F 377 6.90 24.77 -1.43
CA ALA F 377 7.07 24.41 -2.82
C ALA F 377 7.50 22.94 -2.96
N ARG F 378 8.28 22.42 -2.02
CA ARG F 378 8.49 20.98 -1.97
C ARG F 378 7.14 20.26 -2.02
N ALA F 388 19.16 24.09 0.25
CA ALA F 388 19.37 24.83 1.49
C ALA F 388 18.11 25.64 1.86
N ALA F 389 17.01 24.94 2.17
CA ALA F 389 15.61 25.46 2.10
C ALA F 389 15.07 25.84 3.48
N ASP F 390 14.72 24.81 4.29
CA ASP F 390 14.50 25.09 5.67
C ASP F 390 15.68 26.00 6.08
N ARG F 391 16.80 25.94 5.34
CA ARG F 391 17.95 26.88 5.51
C ARG F 391 17.61 28.31 5.07
N VAL F 392 17.01 28.52 3.90
CA VAL F 392 16.55 29.88 3.58
C VAL F 392 15.61 30.35 4.69
N ILE F 393 14.57 29.57 4.99
CA ILE F 393 13.72 29.92 6.16
C ILE F 393 14.64 30.05 7.41
N ASN F 394 15.66 29.17 7.52
CA ASN F 394 16.61 29.07 8.68
C ASN F 394 17.57 30.27 8.70
N GLN F 395 17.98 30.76 7.52
CA GLN F 395 18.83 31.92 7.56
C GLN F 395 18.02 33.05 8.20
N ILE F 396 16.76 33.17 7.78
CA ILE F 396 15.82 34.11 8.39
C ILE F 396 15.80 33.89 9.90
N LEU F 397 15.88 32.62 10.34
CA LEU F 397 15.95 32.33 11.78
C LEU F 397 17.23 32.95 12.35
N THR F 398 18.40 32.50 11.88
CA THR F 398 19.69 32.90 12.43
C THR F 398 19.74 34.43 12.45
N GLU F 399 19.13 35.08 11.45
CA GLU F 399 19.12 36.52 11.36
C GLU F 399 18.18 37.17 12.37
N MET F 400 17.01 36.57 12.60
CA MET F 400 16.10 37.03 13.66
C MET F 400 16.75 36.86 15.04
N ASP F 401 17.42 35.72 15.23
CA ASP F 401 18.17 35.42 16.46
C ASP F 401 19.27 36.48 16.66
N GLY F 402 20.07 36.69 15.62
CA GLY F 402 21.27 37.56 15.67
C GLY F 402 20.96 39.06 15.59
N MET F 403 19.78 39.43 15.07
CA MET F 403 19.39 40.82 15.02
C MET F 403 19.20 41.32 16.46
N SER F 404 19.71 42.53 16.73
CA SER F 404 19.59 43.14 18.03
C SER F 404 18.13 43.51 18.30
N THR F 405 17.64 43.05 19.44
CA THR F 405 16.30 43.32 19.95
C THR F 405 15.95 44.82 19.89
N LYS F 406 16.94 45.66 20.18
CA LYS F 406 16.73 47.08 20.49
C LYS F 406 16.44 47.86 19.20
N LYS F 407 17.29 47.69 18.18
CA LYS F 407 16.98 48.14 16.83
C LYS F 407 15.48 47.96 16.60
N ASN F 408 14.75 49.04 16.31
CA ASN F 408 13.31 48.92 16.13
C ASN F 408 13.02 48.56 14.66
N VAL F 409 13.13 47.25 14.37
CA VAL F 409 12.80 46.67 13.07
C VAL F 409 11.85 45.50 13.32
N PHE F 410 10.58 45.65 12.91
CA PHE F 410 9.61 44.56 13.06
C PHE F 410 9.57 43.68 11.82
N ILE F 411 8.94 42.52 11.94
CA ILE F 411 9.19 41.48 10.97
C ILE F 411 7.95 40.61 10.82
N ILE F 412 7.13 40.95 9.82
CA ILE F 412 5.80 40.37 9.67
C ILE F 412 5.86 39.29 8.60
N GLY F 413 5.32 38.13 8.97
CA GLY F 413 5.38 36.89 8.19
C GLY F 413 4.00 36.51 7.70
N ALA F 414 3.78 36.71 6.39
CA ALA F 414 2.50 36.43 5.76
C ALA F 414 2.41 34.97 5.31
N THR F 415 1.17 34.45 5.30
CA THR F 415 0.89 33.15 4.73
C THR F 415 -0.61 33.02 4.40
N ASN F 416 -1.00 31.77 4.16
CA ASN F 416 -2.36 31.35 4.25
C ASN F 416 -2.37 29.92 4.82
N ARG F 417 -1.23 29.47 5.34
CA ARG F 417 -1.04 28.09 5.68
C ARG F 417 -0.19 28.03 6.94
N PRO F 418 -0.70 28.46 8.11
CA PRO F 418 0.09 28.38 9.34
C PRO F 418 0.63 26.94 9.45
N ASP F 419 -0.14 26.01 8.86
CA ASP F 419 0.07 24.56 8.90
C ASP F 419 1.42 24.16 8.29
N ILE F 420 2.03 25.00 7.44
CA ILE F 420 3.20 24.57 6.67
C ILE F 420 4.48 25.30 7.13
N ILE F 421 4.33 26.31 7.96
CA ILE F 421 5.47 27.08 8.31
C ILE F 421 6.28 26.29 9.34
N ASP F 422 7.57 26.13 9.05
CA ASP F 422 8.56 25.55 9.99
C ASP F 422 8.26 26.11 11.38
N PRO F 423 7.72 25.33 12.33
CA PRO F 423 7.11 25.90 13.54
C PRO F 423 8.18 26.54 14.44
N ALA F 424 9.45 26.25 14.16
CA ALA F 424 10.56 26.95 14.78
C ALA F 424 10.42 28.47 14.61
N ILE F 425 9.85 28.90 13.49
CA ILE F 425 9.58 30.31 13.21
C ILE F 425 8.54 30.87 14.19
N LEU F 426 7.64 29.99 14.65
CA LEU F 426 6.58 30.39 15.56
C LEU F 426 6.96 30.15 17.02
N ARG F 427 8.25 29.87 17.25
CA ARG F 427 8.87 29.77 18.57
C ARG F 427 9.00 31.19 19.13
N PRO F 428 8.80 31.44 20.44
CA PRO F 428 8.94 32.79 20.96
C PRO F 428 10.33 33.35 20.63
N GLY F 429 10.39 34.68 20.49
CA GLY F 429 11.61 35.40 20.13
C GLY F 429 11.85 35.41 18.63
N ARG F 430 10.82 34.98 17.89
CA ARG F 430 10.80 34.95 16.45
C ARG F 430 9.43 35.51 16.04
N LEU F 431 8.59 34.71 15.39
CA LEU F 431 7.26 35.14 15.11
C LEU F 431 6.40 34.63 16.26
N ASP F 432 6.56 35.33 17.37
CA ASP F 432 5.89 35.09 18.59
C ASP F 432 4.38 35.13 18.32
N GLN F 433 3.90 36.31 17.95
CA GLN F 433 2.49 36.60 17.85
C GLN F 433 1.95 36.07 16.52
N LEU F 434 0.91 35.25 16.60
CA LEU F 434 0.08 34.88 15.44
C LEU F 434 -1.13 35.81 15.39
N ILE F 435 -1.53 36.20 14.18
CA ILE F 435 -2.75 36.98 13.99
C ILE F 435 -3.52 36.40 12.82
N TYR F 436 -4.78 36.03 13.07
CA TYR F 436 -5.70 35.64 12.01
C TYR F 436 -6.22 36.93 11.38
N ILE F 437 -5.70 37.21 10.17
CA ILE F 437 -6.19 38.28 9.33
C ILE F 437 -7.29 37.67 8.48
N PRO F 438 -8.56 37.84 8.90
CA PRO F 438 -9.68 37.11 8.31
C PRO F 438 -10.26 37.88 7.14
N LEU F 439 -11.41 37.40 6.65
CA LEU F 439 -12.11 38.03 5.58
C LEU F 439 -12.55 39.42 5.97
N PRO F 440 -12.65 40.33 4.98
CA PRO F 440 -13.00 41.73 5.26
C PRO F 440 -14.42 41.86 5.82
N ASP F 441 -14.59 42.80 6.77
CA ASP F 441 -15.87 43.22 7.34
C ASP F 441 -16.54 44.21 6.39
N GLU F 442 -17.79 44.56 6.70
CA GLU F 442 -18.62 45.34 5.80
C GLU F 442 -17.95 46.71 5.60
N LYS F 443 -17.46 47.26 6.70
CA LYS F 443 -16.75 48.54 6.70
C LYS F 443 -15.56 48.42 5.74
N SER F 444 -14.88 47.27 5.85
CA SER F 444 -13.68 46.97 5.08
C SER F 444 -14.04 46.65 3.61
N ARG F 445 -15.15 45.92 3.39
CA ARG F 445 -15.67 45.67 2.03
C ARG F 445 -15.86 47.02 1.34
N VAL F 446 -16.61 47.89 2.02
CA VAL F 446 -16.82 49.24 1.55
C VAL F 446 -15.46 49.86 1.26
N ALA F 447 -14.57 49.86 2.26
CA ALA F 447 -13.21 50.41 2.11
C ALA F 447 -12.57 49.93 0.80
N ILE F 448 -12.71 48.63 0.49
CA ILE F 448 -12.00 48.02 -0.65
C ILE F 448 -12.71 48.37 -1.95
N LEU F 449 -14.05 48.39 -1.96
CA LEU F 449 -14.75 48.90 -3.11
C LEU F 449 -14.22 50.31 -3.39
N LYS F 450 -14.17 51.13 -2.34
CA LYS F 450 -13.69 52.50 -2.41
C LYS F 450 -12.27 52.54 -2.99
N ALA F 451 -11.38 51.71 -2.46
CA ALA F 451 -10.00 51.66 -2.91
C ALA F 451 -9.94 51.27 -4.39
N ASN F 452 -10.68 50.22 -4.76
CA ASN F 452 -10.68 49.66 -6.13
C ASN F 452 -11.30 50.67 -7.12
N LEU F 453 -12.17 51.56 -6.63
CA LEU F 453 -12.82 52.54 -7.48
C LEU F 453 -12.31 53.96 -7.23
N ARG F 454 -11.21 54.12 -6.48
CA ARG F 454 -10.78 55.45 -6.00
C ARG F 454 -10.82 56.45 -7.16
N LYS F 455 -9.92 56.27 -8.14
CA LYS F 455 -9.94 57.07 -9.34
C LYS F 455 -10.84 56.37 -10.36
N SER F 456 -12.10 56.81 -10.42
CA SER F 456 -13.08 56.30 -11.35
C SER F 456 -14.35 57.16 -11.33
N PRO F 457 -15.13 57.16 -12.43
CA PRO F 457 -16.44 57.80 -12.46
C PRO F 457 -17.56 56.88 -11.94
N VAL F 458 -18.16 57.29 -10.80
CA VAL F 458 -19.04 56.46 -10.00
C VAL F 458 -20.27 57.30 -9.57
N ALA F 459 -21.40 57.17 -10.27
CA ALA F 459 -22.58 57.98 -9.92
C ALA F 459 -23.17 57.49 -8.59
N LYS F 460 -23.79 58.40 -7.85
CA LYS F 460 -24.12 58.15 -6.46
C LYS F 460 -25.18 57.05 -6.31
N ASP F 461 -25.85 56.66 -7.41
CA ASP F 461 -26.78 55.53 -7.39
C ASP F 461 -26.02 54.20 -7.47
N VAL F 462 -24.69 54.23 -7.29
CA VAL F 462 -23.94 53.05 -6.81
C VAL F 462 -23.80 53.19 -5.29
N ASP F 463 -24.78 52.65 -4.56
CA ASP F 463 -24.65 52.45 -3.14
C ASP F 463 -23.73 51.24 -2.95
N LEU F 464 -22.82 51.35 -1.98
CA LEU F 464 -21.76 50.39 -1.81
C LEU F 464 -22.08 49.43 -0.66
N GLU F 465 -23.22 49.66 -0.01
CA GLU F 465 -23.60 48.85 1.10
C GLU F 465 -24.59 47.76 0.65
N PHE F 466 -25.47 48.10 -0.32
CA PHE F 466 -26.10 47.09 -1.20
C PHE F 466 -25.00 46.06 -1.55
N LEU F 467 -23.80 46.55 -1.90
CA LEU F 467 -22.60 45.72 -2.27
C LEU F 467 -21.93 45.08 -1.04
N ALA F 468 -21.94 45.78 0.09
CA ALA F 468 -21.46 45.23 1.37
C ALA F 468 -22.24 43.96 1.75
N LYS F 469 -23.57 44.05 1.74
CA LYS F 469 -24.42 42.98 2.22
C LYS F 469 -24.34 41.78 1.29
N MET F 470 -24.41 42.02 -0.01
CA MET F 470 -24.47 40.94 -0.98
C MET F 470 -23.16 40.14 -0.95
N THR F 471 -22.07 40.76 -0.50
CA THR F 471 -20.76 40.17 -0.62
C THR F 471 -20.26 39.66 0.73
N ASN F 472 -21.16 39.13 1.56
CA ASN F 472 -20.76 38.41 2.75
C ASN F 472 -20.04 37.12 2.34
N GLY F 473 -18.84 36.89 2.89
CA GLY F 473 -18.01 35.68 2.63
C GLY F 473 -17.03 35.88 1.47
N PHE F 474 -17.02 37.10 0.93
CA PHE F 474 -16.19 37.46 -0.18
C PHE F 474 -14.83 37.94 0.34
N SER F 475 -13.82 37.59 -0.45
CA SER F 475 -12.51 38.14 -0.29
C SER F 475 -12.41 39.44 -1.07
N GLY F 476 -11.48 40.31 -0.63
CA GLY F 476 -11.11 41.48 -1.40
C GLY F 476 -11.09 41.18 -2.88
N ALA F 477 -10.41 40.09 -3.25
CA ALA F 477 -10.21 39.70 -4.66
C ALA F 477 -11.52 39.73 -5.45
N ASP F 478 -12.61 39.28 -4.81
CA ASP F 478 -13.90 39.18 -5.48
C ASP F 478 -14.50 40.57 -5.65
N LEU F 479 -14.32 41.42 -4.63
CA LEU F 479 -14.84 42.78 -4.71
C LEU F 479 -14.12 43.44 -5.89
N THR F 480 -12.80 43.23 -5.88
CA THR F 480 -11.92 43.71 -6.89
C THR F 480 -12.40 43.27 -8.27
N GLU F 481 -12.54 41.95 -8.48
CA GLU F 481 -12.91 41.49 -9.82
C GLU F 481 -14.34 41.96 -10.15
N ILE F 482 -15.22 42.14 -9.15
CA ILE F 482 -16.54 42.80 -9.41
C ILE F 482 -16.26 44.17 -10.05
N CYS F 483 -15.52 45.01 -9.32
CA CYS F 483 -15.21 46.38 -9.77
C CYS F 483 -14.58 46.36 -11.17
N GLN F 484 -13.61 45.49 -11.37
CA GLN F 484 -12.89 45.42 -12.66
C GLN F 484 -13.87 44.99 -13.76
N ARG F 485 -14.70 43.97 -13.50
CA ARG F 485 -15.67 43.50 -14.51
C ARG F 485 -16.60 44.66 -14.86
N ALA F 486 -17.13 45.33 -13.82
CA ALA F 486 -17.93 46.54 -14.04
C ALA F 486 -17.18 47.49 -14.98
N CYS F 487 -15.97 47.88 -14.57
CA CYS F 487 -15.20 48.88 -15.30
C CYS F 487 -15.02 48.45 -16.77
N LYS F 488 -14.77 47.15 -16.99
CA LYS F 488 -14.59 46.65 -18.36
C LYS F 488 -15.93 46.70 -19.12
N LEU F 489 -17.05 46.41 -18.43
CA LEU F 489 -18.40 46.58 -19.07
C LEU F 489 -18.56 48.05 -19.50
N ALA F 490 -18.16 48.96 -18.60
CA ALA F 490 -18.23 50.41 -18.87
C ALA F 490 -17.37 50.79 -20.07
N ILE F 491 -16.07 50.44 -20.05
CA ILE F 491 -15.18 50.72 -21.17
C ILE F 491 -15.78 50.14 -22.46
N ARG F 492 -16.15 48.85 -22.43
CA ARG F 492 -16.76 48.16 -23.57
C ARG F 492 -17.92 49.01 -24.12
N GLU F 493 -18.94 49.23 -23.28
CA GLU F 493 -20.13 50.02 -23.69
C GLU F 493 -19.68 51.36 -24.29
N SER F 494 -18.72 52.01 -23.61
CA SER F 494 -18.20 53.32 -24.01
C SER F 494 -17.62 53.27 -25.44
N ILE F 495 -16.53 52.51 -25.64
CA ILE F 495 -15.85 52.57 -26.95
C ILE F 495 -16.68 51.88 -28.04
N GLU F 496 -17.50 50.88 -27.66
CA GLU F 496 -18.42 50.26 -28.63
C GLU F 496 -19.41 51.31 -29.15
N SER F 497 -19.97 52.09 -28.22
CA SER F 497 -20.86 53.20 -28.54
C SER F 497 -20.12 54.28 -29.34
N GLU F 498 -18.86 54.60 -28.97
CA GLU F 498 -18.09 55.60 -29.70
C GLU F 498 -17.83 55.15 -31.16
N ILE F 499 -17.45 53.88 -31.35
CA ILE F 499 -17.20 53.32 -32.70
C ILE F 499 -18.54 53.26 -33.47
N ARG F 500 -19.62 52.87 -32.79
CA ARG F 500 -20.99 52.93 -33.36
C ARG F 500 -21.32 54.36 -33.82
N ARG F 501 -20.87 55.36 -33.04
CA ARG F 501 -21.06 56.79 -33.38
C ARG F 501 -20.13 57.24 -34.52
N GLU F 502 -18.92 56.65 -34.63
CA GLU F 502 -18.08 56.85 -35.85
C GLU F 502 -18.80 56.30 -37.09
N ARG F 503 -19.30 55.06 -36.98
CA ARG F 503 -20.00 54.40 -38.11
C ARG F 503 -21.33 55.10 -38.45
N GLU F 504 -22.03 55.66 -37.44
CA GLU F 504 -23.28 56.41 -37.67
C GLU F 504 -22.99 57.88 -38.05
N ARG F 505 -21.76 58.36 -37.79
CA ARG F 505 -21.30 59.67 -38.29
C ARG F 505 -20.73 59.54 -39.71
N GLN F 506 -20.36 58.33 -40.14
CA GLN F 506 -20.07 58.09 -41.58
C GLN F 506 -21.27 57.46 -42.29
N THR F 507 -22.45 58.11 -42.22
CA THR F 507 -23.67 57.65 -42.90
C THR F 507 -23.41 57.54 -44.41
N GLU F 522 -19.91 57.77 -17.24
CA GLU F 522 -19.66 57.29 -15.84
C GLU F 522 -20.24 55.87 -15.58
N ILE F 523 -19.93 55.29 -14.40
CA ILE F 523 -20.25 53.87 -14.05
C ILE F 523 -21.37 53.81 -12.99
N ARG F 524 -22.39 52.94 -13.20
CA ARG F 524 -23.70 52.93 -12.43
C ARG F 524 -24.24 51.50 -12.21
N ARG F 525 -25.00 51.27 -11.11
CA ARG F 525 -25.24 49.88 -10.52
C ARG F 525 -25.90 48.95 -11.56
N ASP F 526 -26.28 49.49 -12.72
CA ASP F 526 -26.60 48.65 -13.89
C ASP F 526 -25.40 47.74 -14.19
N HIS F 527 -24.31 48.39 -14.61
CA HIS F 527 -22.96 47.83 -14.77
C HIS F 527 -22.61 46.85 -13.63
N PHE F 528 -22.81 47.28 -12.38
CA PHE F 528 -22.37 46.51 -11.23
C PHE F 528 -23.22 45.25 -11.05
N GLU F 529 -24.56 45.35 -10.95
CA GLU F 529 -25.35 44.11 -10.78
C GLU F 529 -25.18 43.27 -12.06
N GLU F 530 -24.89 43.91 -13.20
CA GLU F 530 -24.42 43.16 -14.36
C GLU F 530 -23.15 42.36 -14.01
N ALA F 531 -22.17 43.02 -13.39
CA ALA F 531 -20.86 42.43 -13.10
C ALA F 531 -20.95 41.33 -12.04
N MET F 532 -21.83 41.50 -11.05
CA MET F 532 -21.97 40.53 -10.00
C MET F 532 -22.71 39.29 -10.52
N ARG F 533 -23.44 39.45 -11.64
CA ARG F 533 -24.18 38.34 -12.27
C ARG F 533 -23.22 37.34 -12.94
N PHE F 534 -21.91 37.55 -12.79
CA PHE F 534 -20.94 36.44 -12.76
C PHE F 534 -19.73 36.92 -11.94
N ALA F 535 -19.78 36.67 -10.62
CA ALA F 535 -18.70 37.04 -9.65
C ALA F 535 -18.72 36.13 -8.42
N ARG F 536 -17.54 35.60 -8.06
CA ARG F 536 -17.41 34.43 -7.15
C ARG F 536 -17.57 34.86 -5.70
N ARG F 537 -17.49 33.86 -4.81
CA ARG F 537 -17.09 33.96 -3.41
C ARG F 537 -15.79 33.17 -3.29
N SER F 538 -14.64 33.86 -3.13
CA SER F 538 -13.31 33.27 -3.38
C SER F 538 -13.08 32.03 -2.51
N VAL F 539 -13.33 32.20 -1.22
CA VAL F 539 -12.88 31.27 -0.25
C VAL F 539 -14.09 30.55 0.35
N SER F 540 -14.03 29.21 0.32
CA SER F 540 -15.15 28.36 0.70
C SER F 540 -15.19 28.17 2.22
N ASP F 541 -16.39 27.87 2.70
CA ASP F 541 -16.66 27.71 4.11
C ASP F 541 -15.56 26.80 4.68
N ASN F 542 -15.37 25.63 4.05
CA ASN F 542 -14.31 24.66 4.40
C ASN F 542 -13.06 25.36 4.91
N ASP F 543 -12.55 26.26 4.08
CA ASP F 543 -11.26 26.87 4.30
C ASP F 543 -11.36 27.76 5.54
N ILE F 544 -12.39 28.60 5.58
CA ILE F 544 -12.46 29.58 6.63
C ILE F 544 -12.59 28.82 7.95
N ARG F 545 -13.43 27.78 7.94
CA ARG F 545 -13.58 26.84 9.07
C ARG F 545 -12.21 26.23 9.42
N LYS F 546 -11.38 25.97 8.39
CA LYS F 546 -10.05 25.43 8.60
C LYS F 546 -9.18 26.46 9.33
N TYR F 547 -9.25 27.74 8.95
CA TYR F 547 -8.48 28.74 9.71
C TYR F 547 -9.06 28.89 11.12
N GLU F 548 -10.39 28.86 11.23
CA GLU F 548 -11.07 28.90 12.53
C GLU F 548 -10.43 27.81 13.41
N MET F 549 -10.62 26.55 13.00
CA MET F 549 -10.04 25.40 13.68
C MET F 549 -8.58 25.70 14.01
N PHE F 550 -7.80 26.01 12.96
CA PHE F 550 -6.36 26.12 13.11
C PHE F 550 -6.04 27.43 13.85
N ALA F 551 -6.99 28.37 13.95
CA ALA F 551 -6.87 29.58 14.82
C ALA F 551 -7.02 29.22 16.30
N GLN F 552 -8.09 28.48 16.62
CA GLN F 552 -8.36 27.95 17.95
C GLN F 552 -7.16 27.08 18.38
N THR F 553 -6.90 26.00 17.63
CA THR F 553 -5.95 24.95 18.05
C THR F 553 -4.49 25.34 17.73
N LEU F 554 -4.28 26.35 16.85
CA LEU F 554 -2.96 27.03 16.85
C LEU F 554 -2.77 27.64 18.26
N GLN F 555 -3.84 28.21 18.86
CA GLN F 555 -3.84 28.70 20.28
C GLN F 555 -4.20 27.55 21.23
N ARG G 2 -23.51 -34.41 54.99
CA ARG G 2 -24.49 -34.01 56.06
C ARG G 2 -24.74 -32.50 55.97
N LYS G 3 -23.71 -31.77 55.52
CA LYS G 3 -23.79 -30.32 55.32
C LYS G 3 -24.99 -29.98 54.44
N GLN G 4 -25.18 -30.83 53.41
CA GLN G 4 -26.17 -30.63 52.37
C GLN G 4 -27.58 -30.73 52.97
N LEU G 5 -27.82 -31.84 53.67
CA LEU G 5 -29.09 -32.09 54.32
C LEU G 5 -29.50 -30.86 55.15
N ALA G 6 -28.55 -30.32 55.94
CA ALA G 6 -28.81 -29.19 56.86
C ALA G 6 -29.70 -28.14 56.20
N GLN G 7 -29.26 -27.63 55.04
CA GLN G 7 -29.98 -26.61 54.28
C GLN G 7 -31.42 -27.07 54.03
N ILE G 8 -31.55 -28.28 53.47
CA ILE G 8 -32.83 -28.78 52.97
C ILE G 8 -33.78 -29.01 54.14
N LYS G 9 -33.22 -29.36 55.29
CA LYS G 9 -33.95 -29.50 56.52
C LYS G 9 -34.35 -28.11 57.05
N GLU G 10 -33.47 -27.11 56.96
CA GLU G 10 -33.85 -25.74 57.37
C GLU G 10 -35.00 -25.23 56.47
N MET G 11 -34.98 -25.63 55.19
CA MET G 11 -36.03 -25.21 54.23
C MET G 11 -37.30 -26.05 54.40
N VAL G 12 -37.20 -27.30 54.88
CA VAL G 12 -38.36 -28.22 54.93
C VAL G 12 -38.96 -28.30 56.34
N GLU G 13 -38.15 -28.73 57.32
CA GLU G 13 -38.59 -29.17 58.67
C GLU G 13 -39.45 -28.11 59.36
N LEU G 14 -38.98 -26.86 59.35
CA LEU G 14 -39.58 -25.77 60.12
C LEU G 14 -40.97 -25.42 59.57
N PRO G 15 -41.15 -25.28 58.24
CA PRO G 15 -42.49 -25.22 57.64
C PRO G 15 -43.28 -26.50 57.28
N LEU G 16 -42.72 -27.68 57.59
CA LEU G 16 -43.50 -28.93 57.55
C LEU G 16 -44.05 -29.28 58.94
N ARG G 17 -43.24 -29.05 59.99
CA ARG G 17 -43.51 -29.60 61.34
C ARG G 17 -43.37 -28.53 62.43
N HIS G 18 -43.25 -27.26 62.03
CA HIS G 18 -43.30 -26.05 62.87
C HIS G 18 -44.04 -24.94 62.13
N PRO G 19 -45.05 -25.30 61.28
CA PRO G 19 -45.73 -24.38 60.36
C PRO G 19 -46.48 -23.17 60.93
N ALA G 20 -47.07 -23.32 62.12
CA ALA G 20 -47.96 -22.29 62.67
C ALA G 20 -47.23 -20.95 62.87
N LEU G 21 -45.94 -21.00 63.18
CA LEU G 21 -45.15 -19.79 63.50
C LEU G 21 -45.08 -18.85 62.28
N PHE G 22 -44.87 -19.41 61.09
CA PHE G 22 -44.73 -18.61 59.85
C PHE G 22 -46.07 -17.99 59.44
N LYS G 23 -47.13 -18.82 59.53
CA LYS G 23 -48.46 -18.46 59.11
C LYS G 23 -49.07 -17.46 60.11
N ALA G 24 -48.55 -17.47 61.35
CA ALA G 24 -48.88 -16.46 62.35
C ALA G 24 -48.03 -15.20 62.13
N ILE G 25 -46.70 -15.38 62.01
CA ILE G 25 -45.75 -14.25 61.86
C ILE G 25 -46.01 -13.53 60.52
N GLY G 26 -46.81 -14.14 59.65
CA GLY G 26 -47.34 -13.48 58.45
C GLY G 26 -46.40 -13.61 57.27
N VAL G 27 -45.91 -14.84 57.05
CA VAL G 27 -45.04 -15.14 55.92
C VAL G 27 -45.50 -16.48 55.31
N LYS G 28 -44.74 -16.98 54.33
CA LYS G 28 -45.05 -18.21 53.62
C LYS G 28 -43.86 -19.17 53.71
N PRO G 29 -44.08 -20.46 54.09
CA PRO G 29 -43.18 -21.54 53.69
C PRO G 29 -42.89 -21.68 52.20
N PRO G 30 -41.74 -22.26 51.78
CA PRO G 30 -41.54 -22.69 50.41
C PRO G 30 -42.40 -23.93 50.13
N ARG G 31 -43.04 -23.96 48.96
CA ARG G 31 -43.91 -25.05 48.55
C ARG G 31 -43.29 -25.84 47.39
N GLY G 32 -42.12 -25.38 46.91
CA GLY G 32 -41.44 -26.02 45.81
C GLY G 32 -39.93 -25.92 45.95
N ILE G 33 -39.33 -26.90 46.62
CA ILE G 33 -37.89 -26.99 46.73
C ILE G 33 -37.39 -27.89 45.60
N LEU G 34 -36.57 -27.32 44.72
CA LEU G 34 -36.06 -27.97 43.54
C LEU G 34 -34.58 -28.32 43.73
N LEU G 35 -34.27 -29.62 43.83
CA LEU G 35 -32.89 -30.11 43.86
C LEU G 35 -32.43 -30.31 42.42
N TYR G 36 -31.24 -29.81 42.08
CA TYR G 36 -30.68 -30.18 40.79
C TYR G 36 -29.18 -30.39 40.92
N GLY G 37 -28.63 -30.96 39.83
CA GLY G 37 -27.23 -31.31 39.72
C GLY G 37 -27.06 -32.62 38.96
N PRO G 38 -25.83 -32.99 38.55
CA PRO G 38 -25.64 -34.08 37.62
C PRO G 38 -26.17 -35.42 38.14
N PRO G 39 -26.34 -36.43 37.26
CA PRO G 39 -26.71 -37.77 37.69
C PRO G 39 -25.53 -38.47 38.39
N GLY G 40 -25.84 -39.32 39.39
CA GLY G 40 -24.86 -40.02 40.23
C GLY G 40 -24.75 -39.41 41.62
N THR G 41 -25.84 -38.74 42.03
CA THR G 41 -25.81 -37.84 43.15
C THR G 41 -26.80 -38.26 44.23
N GLY G 42 -27.74 -39.18 43.92
CA GLY G 42 -28.63 -39.80 44.92
C GLY G 42 -29.57 -38.79 45.56
N LYS G 43 -30.10 -37.92 44.70
CA LYS G 43 -31.05 -36.91 45.11
C LYS G 43 -32.26 -37.59 45.75
N THR G 44 -32.62 -38.77 45.21
CA THR G 44 -33.72 -39.56 45.71
C THR G 44 -33.43 -39.94 47.17
N LEU G 45 -32.35 -40.71 47.37
CA LEU G 45 -31.78 -41.01 48.69
C LEU G 45 -31.89 -39.77 49.60
N ILE G 46 -31.39 -38.62 49.13
CA ILE G 46 -31.39 -37.39 49.96
C ILE G 46 -32.83 -37.01 50.38
N ALA G 47 -33.77 -37.08 49.42
CA ALA G 47 -35.14 -36.64 49.66
C ALA G 47 -35.78 -37.49 50.75
N ARG G 48 -35.67 -38.82 50.59
CA ARG G 48 -36.19 -39.80 51.54
C ARG G 48 -35.48 -39.65 52.88
N ALA G 49 -34.17 -39.37 52.86
CA ALA G 49 -33.41 -39.03 54.06
C ALA G 49 -34.10 -37.87 54.78
N VAL G 50 -34.33 -36.76 54.06
CA VAL G 50 -34.96 -35.57 54.67
C VAL G 50 -36.39 -35.88 55.16
N ALA G 51 -37.12 -36.74 54.43
CA ALA G 51 -38.51 -37.13 54.80
C ALA G 51 -38.53 -37.99 56.08
N ASN G 52 -37.59 -38.94 56.17
CA ASN G 52 -37.43 -39.82 57.33
C ASN G 52 -36.96 -39.00 58.53
N GLU G 53 -35.99 -38.10 58.31
CA GLU G 53 -35.38 -37.36 59.41
C GLU G 53 -36.18 -36.10 59.76
N THR G 54 -37.18 -35.73 58.94
CA THR G 54 -38.18 -34.76 59.38
C THR G 54 -39.36 -35.48 60.03
N GLY G 55 -39.67 -36.68 59.51
CA GLY G 55 -40.88 -37.37 59.85
C GLY G 55 -42.03 -36.87 58.98
N ALA G 56 -42.08 -37.38 57.75
CA ALA G 56 -43.11 -37.00 56.81
C ALA G 56 -43.36 -38.13 55.80
N PHE G 57 -44.63 -38.27 55.41
CA PHE G 57 -45.02 -39.12 54.31
C PHE G 57 -44.19 -38.70 53.09
N PHE G 58 -43.78 -39.71 52.30
CA PHE G 58 -42.95 -39.52 51.13
C PHE G 58 -43.64 -40.14 49.91
N PHE G 59 -43.88 -39.34 48.86
CA PHE G 59 -44.44 -39.91 47.63
C PHE G 59 -43.50 -39.62 46.45
N LEU G 60 -42.95 -40.70 45.87
CA LEU G 60 -42.11 -40.62 44.67
C LEU G 60 -43.01 -40.50 43.43
N ILE G 61 -42.56 -39.67 42.49
CA ILE G 61 -43.11 -39.57 41.14
C ILE G 61 -41.96 -39.77 40.15
N ASN G 62 -41.74 -41.03 39.75
CA ASN G 62 -40.73 -41.37 38.75
C ASN G 62 -41.22 -40.80 37.41
N GLY G 63 -40.65 -39.68 36.97
CA GLY G 63 -41.08 -39.01 35.72
C GLY G 63 -41.36 -40.00 34.59
N PRO G 64 -40.33 -40.81 34.19
CA PRO G 64 -40.52 -41.85 33.18
C PRO G 64 -41.82 -42.65 33.37
N GLU G 65 -42.08 -43.08 34.60
CA GLU G 65 -43.27 -43.86 34.97
C GLU G 65 -44.55 -43.08 34.61
N ILE G 66 -44.55 -41.77 34.88
CA ILE G 66 -45.71 -40.92 34.58
C ILE G 66 -45.82 -40.78 33.06
N MET G 67 -44.69 -40.57 32.40
CA MET G 67 -44.71 -40.33 30.97
C MET G 67 -45.04 -41.60 30.18
N SER G 68 -44.85 -42.77 30.78
CA SER G 68 -45.05 -44.06 30.11
C SER G 68 -46.54 -44.43 30.03
N LYS G 69 -47.38 -43.75 30.83
CA LYS G 69 -48.82 -44.03 30.87
C LYS G 69 -49.50 -43.50 29.60
N LEU G 70 -50.69 -44.03 29.29
CA LEU G 70 -51.50 -43.50 28.20
C LEU G 70 -52.01 -42.12 28.62
N ALA G 71 -51.95 -41.17 27.68
CA ALA G 71 -52.37 -39.79 27.87
C ALA G 71 -53.70 -39.76 28.63
N GLY G 72 -53.70 -39.12 29.80
CA GLY G 72 -54.85 -39.12 30.69
C GLY G 72 -54.50 -39.81 32.00
N GLU G 73 -54.01 -41.05 31.91
CA GLU G 73 -53.69 -41.82 33.11
C GLU G 73 -52.42 -41.24 33.76
N SER G 74 -51.65 -40.48 32.98
CA SER G 74 -50.54 -39.67 33.50
C SER G 74 -51.09 -38.63 34.50
N GLU G 75 -51.98 -37.76 33.99
CA GLU G 75 -52.62 -36.69 34.77
C GLU G 75 -53.35 -37.31 35.98
N SER G 76 -54.04 -38.43 35.70
CA SER G 76 -54.65 -39.26 36.71
C SER G 76 -53.62 -39.56 37.80
N ASN G 77 -52.52 -40.24 37.41
CA ASN G 77 -51.48 -40.61 38.34
C ASN G 77 -51.03 -39.39 39.16
N LEU G 78 -50.88 -38.24 38.48
CA LEU G 78 -50.41 -37.01 39.16
C LEU G 78 -51.44 -36.60 40.24
N ARG G 79 -52.69 -36.34 39.80
CA ARG G 79 -53.76 -35.98 40.73
C ARG G 79 -53.75 -36.96 41.92
N LYS G 80 -53.78 -38.25 41.59
CA LYS G 80 -53.79 -39.35 42.56
C LYS G 80 -52.67 -39.12 43.57
N ALA G 81 -51.42 -39.02 43.07
CA ALA G 81 -50.25 -38.82 43.92
C ALA G 81 -50.47 -37.61 44.84
N PHE G 82 -50.89 -36.49 44.24
CA PHE G 82 -51.04 -35.22 44.99
C PHE G 82 -52.12 -35.32 46.08
N GLU G 83 -53.23 -36.02 45.79
CA GLU G 83 -54.29 -36.19 46.79
C GLU G 83 -53.82 -37.17 47.88
N GLU G 84 -53.12 -38.24 47.46
CA GLU G 84 -52.56 -39.25 48.36
C GLU G 84 -51.58 -38.61 49.34
N ALA G 85 -50.75 -37.68 48.84
CA ALA G 85 -49.88 -36.91 49.71
C ALA G 85 -50.70 -35.94 50.57
N GLU G 86 -51.54 -35.12 49.91
CA GLU G 86 -52.38 -34.10 50.57
C GLU G 86 -53.06 -34.72 51.79
N LYS G 87 -53.47 -35.98 51.66
CA LYS G 87 -54.26 -36.65 52.70
C LYS G 87 -53.39 -37.09 53.89
N ASN G 88 -52.10 -37.41 53.66
CA ASN G 88 -51.27 -38.09 54.69
C ASN G 88 -50.22 -37.13 55.30
N ALA G 89 -50.52 -35.84 55.32
CA ALA G 89 -49.50 -34.78 55.46
C ALA G 89 -49.21 -34.29 56.88
N PRO G 90 -47.96 -34.44 57.39
CA PRO G 90 -46.80 -33.83 56.73
C PRO G 90 -46.33 -34.68 55.54
N ALA G 91 -46.17 -34.06 54.35
CA ALA G 91 -45.97 -34.79 53.06
C ALA G 91 -44.91 -34.13 52.17
N ILE G 92 -43.93 -34.94 51.76
CA ILE G 92 -42.99 -34.61 50.69
C ILE G 92 -43.36 -35.42 49.45
N ILE G 93 -43.78 -34.69 48.40
CA ILE G 93 -43.92 -35.25 47.06
C ILE G 93 -42.60 -35.00 46.31
N PHE G 94 -41.87 -36.08 45.99
CA PHE G 94 -40.57 -35.97 45.32
C PHE G 94 -40.71 -36.41 43.85
N ILE G 95 -40.28 -35.53 42.94
CA ILE G 95 -40.39 -35.77 41.51
C ILE G 95 -38.99 -36.04 40.96
N ASP G 96 -38.76 -37.32 40.65
CA ASP G 96 -37.53 -37.81 40.08
C ASP G 96 -37.59 -37.65 38.56
N GLU G 97 -36.49 -37.17 37.99
CA GLU G 97 -36.42 -36.74 36.60
C GLU G 97 -37.65 -35.85 36.31
N LEU G 98 -37.63 -34.63 36.83
CA LEU G 98 -38.73 -33.69 36.59
C LEU G 98 -38.80 -33.33 35.10
N ASP G 99 -37.63 -32.99 34.55
CA ASP G 99 -37.41 -32.62 33.14
C ASP G 99 -38.19 -33.55 32.18
N ALA G 100 -38.43 -34.80 32.58
CA ALA G 100 -39.15 -35.77 31.75
C ALA G 100 -40.56 -35.26 31.45
N ILE G 101 -41.39 -35.12 32.49
CA ILE G 101 -42.78 -34.67 32.33
C ILE G 101 -42.81 -33.21 31.87
N ALA G 102 -41.90 -32.37 32.41
CA ALA G 102 -41.97 -30.90 32.27
C ALA G 102 -40.68 -30.33 31.68
N PRO G 103 -40.50 -30.40 30.34
CA PRO G 103 -39.21 -30.08 29.72
C PRO G 103 -39.14 -28.58 29.39
N LYS G 104 -38.16 -28.20 28.55
CA LYS G 104 -38.16 -26.93 27.78
C LYS G 104 -39.15 -27.05 26.61
N ARG G 105 -40.23 -26.28 26.67
CA ARG G 105 -41.59 -26.73 26.24
C ARG G 105 -41.92 -26.38 24.77
N GLU G 106 -40.91 -26.10 23.93
CA GLU G 106 -41.10 -26.17 22.45
C GLU G 106 -40.42 -27.44 21.92
N LYS G 107 -39.61 -28.08 22.77
CA LYS G 107 -39.16 -29.48 22.59
C LYS G 107 -40.26 -30.40 23.11
N THR G 108 -41.41 -30.34 22.45
CA THR G 108 -42.67 -30.95 22.85
C THR G 108 -43.57 -31.01 21.62
N HIS G 109 -43.25 -31.91 20.69
CA HIS G 109 -43.91 -31.99 19.37
C HIS G 109 -45.32 -32.61 19.55
N GLY G 110 -46.16 -32.04 20.42
CA GLY G 110 -47.49 -32.59 20.73
C GLY G 110 -48.09 -32.01 22.00
N GLU G 111 -49.43 -31.97 22.08
CA GLU G 111 -50.19 -31.15 23.04
C GLU G 111 -50.41 -31.89 24.37
N VAL G 112 -50.34 -33.22 24.32
CA VAL G 112 -50.56 -34.05 25.50
C VAL G 112 -49.58 -33.63 26.60
N GLU G 113 -48.30 -33.48 26.24
CA GLU G 113 -47.28 -33.09 27.22
C GLU G 113 -47.63 -31.73 27.82
N ARG G 114 -48.09 -30.78 26.98
CA ARG G 114 -48.48 -29.42 27.44
C ARG G 114 -49.66 -29.55 28.42
N ARG G 115 -50.59 -30.45 28.12
CA ARG G 115 -51.64 -30.75 29.10
C ARG G 115 -51.02 -31.32 30.40
N ILE G 116 -50.08 -32.27 30.28
CA ILE G 116 -49.49 -32.98 31.46
C ILE G 116 -48.78 -31.96 32.37
N VAL G 117 -48.00 -31.08 31.74
CA VAL G 117 -47.32 -30.00 32.43
C VAL G 117 -48.39 -29.10 33.05
N SER G 118 -49.35 -28.62 32.24
CA SER G 118 -50.40 -27.77 32.77
C SER G 118 -50.94 -28.37 34.07
N GLN G 119 -51.26 -29.67 34.01
CA GLN G 119 -51.79 -30.40 35.14
C GLN G 119 -50.87 -30.17 36.35
N LEU G 120 -49.58 -30.47 36.18
CA LEU G 120 -48.62 -30.32 37.27
C LEU G 120 -48.58 -28.88 37.77
N LEU G 121 -48.70 -27.89 36.86
CA LEU G 121 -48.77 -26.48 37.29
C LEU G 121 -50.01 -26.27 38.17
N THR G 122 -51.17 -26.78 37.74
CA THR G 122 -52.42 -26.56 38.48
C THR G 122 -52.36 -27.26 39.84
N LEU G 123 -51.77 -28.46 39.86
CA LEU G 123 -51.56 -29.21 41.10
C LEU G 123 -50.60 -28.43 42.02
N MET G 124 -49.48 -27.95 41.47
CA MET G 124 -48.49 -27.15 42.21
C MET G 124 -49.16 -25.89 42.79
N ASP G 125 -50.03 -25.25 42.00
CA ASP G 125 -50.81 -24.07 42.43
C ASP G 125 -51.80 -24.46 43.55
N GLY G 126 -52.38 -25.66 43.41
CA GLY G 126 -53.46 -26.17 44.27
C GLY G 126 -53.11 -26.30 45.75
N LEU G 127 -51.82 -26.54 46.07
CA LEU G 127 -51.41 -26.82 47.45
C LEU G 127 -51.60 -25.57 48.33
N LYS G 128 -51.77 -25.82 49.63
CA LYS G 128 -51.69 -24.81 50.67
C LYS G 128 -50.54 -25.18 51.62
N GLN G 129 -49.84 -24.16 52.13
CA GLN G 129 -48.94 -24.30 53.30
C GLN G 129 -49.77 -24.84 54.47
N ARG G 130 -51.08 -24.55 54.40
CA ARG G 130 -52.14 -25.08 55.23
C ARG G 130 -52.16 -26.63 55.19
N ALA G 131 -51.96 -27.20 53.99
CA ALA G 131 -52.11 -28.65 53.77
C ALA G 131 -50.86 -29.42 54.22
N HIS G 132 -49.80 -28.69 54.62
CA HIS G 132 -48.52 -29.25 55.12
C HIS G 132 -47.81 -30.06 54.04
N VAL G 133 -47.78 -29.56 52.80
CA VAL G 133 -47.20 -30.34 51.71
C VAL G 133 -46.02 -29.56 51.11
N ILE G 134 -44.95 -30.31 50.87
CA ILE G 134 -43.73 -29.85 50.21
C ILE G 134 -43.50 -30.74 48.98
N VAL G 135 -43.12 -30.10 47.87
CA VAL G 135 -42.79 -30.78 46.64
C VAL G 135 -41.29 -30.56 46.36
N MET G 136 -40.54 -31.66 46.32
CA MET G 136 -39.17 -31.65 45.88
C MET G 136 -39.10 -32.30 44.49
N ALA G 137 -38.02 -32.00 43.76
CA ALA G 137 -37.91 -32.35 42.36
C ALA G 137 -36.44 -32.38 41.93
N ALA G 138 -36.17 -33.17 40.88
CA ALA G 138 -34.81 -33.52 40.45
C ALA G 138 -34.61 -33.18 38.97
N THR G 139 -33.38 -32.75 38.68
CA THR G 139 -32.94 -32.54 37.31
C THR G 139 -31.43 -32.21 37.30
N ASN G 140 -30.86 -32.20 36.09
CA ASN G 140 -29.44 -32.01 35.88
C ASN G 140 -29.10 -30.53 36.07
N ARG G 141 -29.86 -29.68 35.39
CA ARG G 141 -29.75 -28.24 35.51
C ARG G 141 -31.13 -27.62 35.37
N PRO G 142 -31.40 -26.44 35.97
CA PRO G 142 -32.74 -25.84 35.95
C PRO G 142 -33.09 -25.27 34.57
N ASN G 143 -32.08 -25.17 33.70
CA ASN G 143 -32.27 -24.85 32.29
C ASN G 143 -33.17 -25.90 31.63
N SER G 144 -33.15 -27.13 32.16
CA SER G 144 -33.90 -28.30 31.65
C SER G 144 -35.42 -28.10 31.76
N ILE G 145 -35.86 -27.63 32.93
CA ILE G 145 -37.25 -27.51 33.29
C ILE G 145 -37.90 -26.34 32.55
N ASP G 146 -39.21 -26.45 32.29
CA ASP G 146 -40.05 -25.36 31.81
C ASP G 146 -40.03 -24.21 32.82
N PRO G 147 -39.54 -23.02 32.45
CA PRO G 147 -39.47 -21.87 33.36
C PRO G 147 -40.74 -21.50 34.12
N ALA G 148 -41.92 -21.80 33.55
CA ALA G 148 -43.19 -21.57 34.23
C ALA G 148 -43.36 -22.50 35.46
N LEU G 149 -42.35 -23.34 35.75
CA LEU G 149 -42.25 -24.08 37.03
C LEU G 149 -41.39 -23.30 38.03
N ARG G 150 -40.48 -22.47 37.55
CA ARG G 150 -39.67 -21.64 38.45
C ARG G 150 -40.37 -20.29 38.66
N ARG G 151 -41.69 -20.24 38.43
CA ARG G 151 -42.54 -19.17 38.96
C ARG G 151 -42.42 -19.17 40.48
N PHE G 152 -42.88 -18.09 41.11
CA PHE G 152 -42.87 -17.99 42.55
C PHE G 152 -43.85 -19.01 43.15
N GLY G 153 -44.99 -19.19 42.48
CA GLY G 153 -46.09 -20.02 42.98
C GLY G 153 -45.73 -21.49 43.08
N ARG G 154 -44.65 -21.89 42.41
CA ARG G 154 -44.34 -23.28 42.19
C ARG G 154 -42.97 -23.58 42.82
N PHE G 155 -41.95 -23.86 41.98
CA PHE G 155 -40.59 -24.22 42.45
C PHE G 155 -39.75 -22.95 42.62
N ASP G 156 -39.93 -22.27 43.77
CA ASP G 156 -39.28 -21.00 44.06
C ASP G 156 -37.84 -21.24 44.55
N ARG G 157 -37.65 -22.18 45.49
CA ARG G 157 -36.34 -22.43 46.10
C ARG G 157 -35.61 -23.55 45.34
N GLU G 158 -34.31 -23.34 45.12
CA GLU G 158 -33.48 -24.18 44.24
C GLU G 158 -32.17 -24.52 44.96
N VAL G 159 -31.79 -25.81 44.98
CA VAL G 159 -30.55 -26.24 45.62
C VAL G 159 -29.73 -27.10 44.66
N ASP G 160 -28.43 -26.81 44.67
CA ASP G 160 -27.45 -27.38 43.79
C ASP G 160 -26.68 -28.47 44.55
N ILE G 161 -26.80 -29.70 44.09
CA ILE G 161 -25.97 -30.75 44.56
C ILE G 161 -25.00 -31.12 43.44
N GLY G 162 -23.85 -30.44 43.40
CA GLY G 162 -22.90 -30.59 42.31
C GLY G 162 -22.01 -31.81 42.47
N ILE G 163 -20.83 -31.75 41.83
CA ILE G 163 -19.73 -32.65 42.14
C ILE G 163 -19.43 -32.56 43.64
N PRO G 164 -19.09 -33.68 44.30
CA PRO G 164 -18.46 -33.61 45.62
C PRO G 164 -16.94 -33.38 45.52
N ASP G 165 -16.38 -32.70 46.52
CA ASP G 165 -14.95 -32.47 46.64
C ASP G 165 -14.31 -33.61 47.45
N ALA G 166 -12.97 -33.53 47.59
CA ALA G 166 -12.14 -34.51 48.25
C ALA G 166 -12.85 -35.14 49.46
N THR G 167 -13.37 -34.30 50.36
CA THR G 167 -13.96 -34.76 51.61
C THR G 167 -15.21 -35.59 51.33
N GLY G 168 -16.09 -35.07 50.46
CA GLY G 168 -17.30 -35.78 50.07
C GLY G 168 -16.97 -37.12 49.44
N ARG G 169 -15.98 -37.08 48.53
CA ARG G 169 -15.52 -38.27 47.82
C ARG G 169 -15.02 -39.29 48.86
N LEU G 170 -14.24 -38.80 49.83
CA LEU G 170 -13.70 -39.61 50.91
C LEU G 170 -14.83 -40.25 51.71
N GLU G 171 -15.78 -39.43 52.17
CA GLU G 171 -16.99 -39.89 52.88
C GLU G 171 -17.66 -41.02 52.08
N ILE G 172 -17.87 -40.76 50.79
CA ILE G 172 -18.58 -41.68 49.92
C ILE G 172 -17.80 -43.00 49.82
N LEU G 173 -16.49 -42.90 49.61
CA LEU G 173 -15.62 -44.07 49.53
C LEU G 173 -15.71 -44.87 50.83
N GLN G 174 -15.56 -44.19 51.98
CA GLN G 174 -15.70 -44.83 53.29
C GLN G 174 -17.04 -45.56 53.37
N ILE G 175 -18.11 -44.86 52.96
CA ILE G 175 -19.49 -45.39 53.03
C ILE G 175 -19.64 -46.63 52.14
N HIS G 176 -19.06 -46.63 50.93
CA HIS G 176 -19.17 -47.79 50.01
C HIS G 176 -18.18 -48.91 50.36
N THR G 177 -17.13 -48.59 51.14
CA THR G 177 -16.01 -49.51 51.42
C THR G 177 -15.91 -49.91 52.90
N LYS G 178 -16.88 -49.53 53.74
CA LYS G 178 -16.89 -50.03 55.13
C LYS G 178 -17.15 -51.55 55.11
N ASN G 179 -17.80 -52.05 54.05
CA ASN G 179 -18.19 -53.46 53.93
C ASN G 179 -17.16 -54.27 53.13
N MET G 180 -15.90 -53.84 53.10
CA MET G 180 -14.94 -54.36 52.10
C MET G 180 -13.68 -54.92 52.79
N LYS G 181 -13.02 -55.90 52.13
CA LYS G 181 -11.72 -56.51 52.56
C LYS G 181 -10.57 -55.50 52.34
N LEU G 182 -10.69 -54.31 52.94
CA LEU G 182 -9.76 -53.17 52.69
C LEU G 182 -8.38 -53.48 53.27
N ALA G 183 -7.35 -53.49 52.42
CA ALA G 183 -5.97 -53.75 52.87
C ALA G 183 -5.43 -52.53 53.64
N ASP G 184 -4.27 -52.71 54.28
CA ASP G 184 -3.63 -51.69 55.10
C ASP G 184 -2.89 -50.69 54.21
N ASP G 185 -2.44 -51.15 53.04
CA ASP G 185 -1.75 -50.32 52.05
C ASP G 185 -2.75 -49.46 51.26
N VAL G 186 -4.04 -49.81 51.32
CA VAL G 186 -5.09 -48.99 50.70
C VAL G 186 -5.13 -47.62 51.38
N ASP G 187 -5.20 -46.58 50.58
CA ASP G 187 -5.41 -45.22 51.05
C ASP G 187 -6.68 -44.67 50.39
N LEU G 188 -7.72 -44.43 51.19
CA LEU G 188 -8.99 -43.88 50.70
C LEU G 188 -8.80 -42.41 50.32
N GLU G 189 -8.13 -41.64 51.18
CA GLU G 189 -7.95 -40.20 50.97
C GLU G 189 -7.18 -39.92 49.65
N GLN G 190 -6.10 -40.67 49.45
CA GLN G 190 -5.36 -40.66 48.20
C GLN G 190 -6.35 -40.68 47.02
N VAL G 191 -7.16 -41.75 46.98
CA VAL G 191 -8.10 -42.01 45.89
C VAL G 191 -9.11 -40.85 45.81
N ALA G 192 -9.62 -40.41 46.97
CA ALA G 192 -10.56 -39.28 47.05
C ALA G 192 -9.96 -38.04 46.37
N ASN G 193 -8.68 -37.79 46.63
CA ASN G 193 -7.97 -36.68 46.03
C ASN G 193 -7.76 -36.93 44.53
N GLU G 194 -7.49 -38.19 44.15
CA GLU G 194 -7.23 -38.56 42.74
C GLU G 194 -8.53 -38.61 41.91
N THR G 195 -9.71 -38.61 42.55
CA THR G 195 -10.98 -38.86 41.85
C THR G 195 -11.67 -37.55 41.47
N HIS G 196 -11.03 -36.75 40.60
CA HIS G 196 -11.68 -35.56 40.07
C HIS G 196 -12.75 -35.99 39.05
N GLY G 197 -13.87 -35.26 39.07
CA GLY G 197 -14.97 -35.50 38.14
C GLY G 197 -15.81 -36.72 38.51
N HIS G 198 -15.46 -37.39 39.60
CA HIS G 198 -16.25 -38.51 40.06
C HIS G 198 -17.44 -37.98 40.87
N VAL G 199 -18.55 -38.73 40.82
CA VAL G 199 -19.70 -38.53 41.71
C VAL G 199 -20.01 -39.85 42.44
N GLY G 200 -20.98 -39.78 43.38
CA GLY G 200 -21.39 -40.94 44.20
C GLY G 200 -21.39 -42.24 43.41
N ALA G 201 -22.01 -42.19 42.23
CA ALA G 201 -22.12 -43.33 41.32
C ALA G 201 -20.75 -43.79 40.83
N ASP G 202 -19.96 -42.87 40.29
CA ASP G 202 -18.64 -43.19 39.72
C ASP G 202 -17.73 -43.79 40.81
N LEU G 203 -17.88 -43.28 42.04
CA LEU G 203 -17.11 -43.76 43.17
C LEU G 203 -17.60 -45.15 43.56
N ALA G 204 -18.93 -45.31 43.62
CA ALA G 204 -19.51 -46.64 43.85
C ALA G 204 -18.92 -47.64 42.85
N ALA G 205 -19.02 -47.30 41.55
CA ALA G 205 -18.53 -48.11 40.44
C ALA G 205 -17.04 -48.40 40.62
N LEU G 206 -16.28 -47.37 40.99
CA LEU G 206 -14.84 -47.50 41.26
C LEU G 206 -14.62 -48.57 42.35
N CYS G 207 -15.21 -48.36 43.52
CA CYS G 207 -15.13 -49.33 44.60
C CYS G 207 -15.49 -50.72 44.07
N SER G 208 -16.50 -50.77 43.21
CA SER G 208 -17.00 -52.02 42.65
C SER G 208 -15.93 -52.72 41.78
N GLU G 209 -15.35 -52.01 40.81
CA GLU G 209 -14.29 -52.59 39.97
C GLU G 209 -13.07 -52.95 40.84
N ALA G 210 -12.78 -52.10 41.83
CA ALA G 210 -11.71 -52.37 42.80
C ALA G 210 -11.95 -53.72 43.47
N ALA G 211 -13.17 -53.92 43.97
CA ALA G 211 -13.58 -55.22 44.49
C ALA G 211 -13.35 -56.29 43.40
N LEU G 212 -14.07 -56.19 42.28
CA LEU G 212 -14.11 -57.24 41.27
C LEU G 212 -12.69 -57.67 40.88
N GLN G 213 -11.76 -56.70 40.75
CA GLN G 213 -10.43 -57.05 40.26
C GLN G 213 -9.57 -57.65 41.39
N ALA G 214 -9.86 -57.32 42.64
CA ALA G 214 -9.32 -58.09 43.76
C ALA G 214 -9.86 -59.53 43.65
N ILE G 215 -11.20 -59.64 43.58
CA ILE G 215 -11.94 -60.94 43.57
C ILE G 215 -11.51 -61.78 42.36
N ARG G 216 -10.94 -61.15 41.33
CA ARG G 216 -10.07 -61.88 40.42
C ARG G 216 -8.83 -62.29 41.23
N VAL G 239 -8.87 -56.53 49.04
CA VAL G 239 -8.73 -55.34 48.19
C VAL G 239 -7.44 -54.62 48.55
N THR G 240 -6.51 -54.57 47.59
CA THR G 240 -5.23 -53.85 47.70
C THR G 240 -5.38 -52.45 47.10
N MET G 241 -4.34 -51.62 47.28
CA MET G 241 -4.28 -50.29 46.67
C MET G 241 -4.21 -50.43 45.15
N ASP G 242 -3.42 -51.41 44.70
CA ASP G 242 -3.25 -51.76 43.28
C ASP G 242 -4.61 -51.84 42.58
N ASP G 243 -5.55 -52.56 43.20
CA ASP G 243 -6.88 -52.76 42.64
C ASP G 243 -7.59 -51.40 42.50
N PHE G 244 -7.50 -50.55 43.54
CA PHE G 244 -8.14 -49.24 43.52
C PHE G 244 -7.53 -48.40 42.39
N ARG G 245 -6.21 -48.36 42.32
CA ARG G 245 -5.53 -47.57 41.31
C ARG G 245 -5.86 -48.11 39.91
N TRP G 246 -5.97 -49.43 39.76
CA TRP G 246 -6.33 -50.06 38.49
C TRP G 246 -7.75 -49.65 38.08
N ALA G 247 -8.68 -49.78 39.03
CA ALA G 247 -10.07 -49.37 38.83
C ALA G 247 -10.14 -47.88 38.46
N LEU G 248 -9.24 -47.07 39.07
CA LEU G 248 -9.08 -45.66 38.69
C LEU G 248 -8.60 -45.55 37.24
N SER G 249 -7.60 -46.36 36.87
CA SER G 249 -7.15 -46.47 35.49
C SER G 249 -8.34 -46.77 34.57
N GLN G 250 -9.27 -47.61 35.03
CA GLN G 250 -10.41 -48.00 34.18
C GLN G 250 -11.49 -46.90 34.12
N SER G 251 -11.87 -46.30 35.26
CA SER G 251 -13.17 -45.55 35.34
C SER G 251 -13.19 -44.31 34.42
N ASN G 252 -14.38 -44.05 33.87
CA ASN G 252 -14.70 -42.88 33.03
C ASN G 252 -15.76 -42.04 33.73
N PRO G 253 -15.35 -41.17 34.69
CA PRO G 253 -16.32 -40.35 35.43
C PRO G 253 -17.25 -39.53 34.52
N SER G 254 -18.44 -39.19 35.06
CA SER G 254 -19.46 -38.45 34.33
C SER G 254 -19.20 -36.94 34.38
N ALA G 255 -18.75 -36.44 35.54
CA ALA G 255 -18.72 -35.00 35.79
C ALA G 255 -17.32 -34.42 35.52
N LEU G 256 -16.53 -35.05 34.64
CA LEU G 256 -15.33 -34.42 34.11
C LEU G 256 -15.72 -33.05 33.55
N ARG G 257 -16.87 -33.01 32.86
CA ARG G 257 -17.28 -31.91 32.00
C ARG G 257 -17.96 -30.78 32.82
N GLU G 258 -18.30 -31.06 34.08
CA GLU G 258 -19.07 -30.13 34.91
C GLU G 258 -18.13 -29.18 35.66
N THR G 259 -18.53 -27.91 35.72
CA THR G 259 -17.72 -26.80 36.30
C THR G 259 -17.63 -26.97 37.82
N VAL G 260 -16.43 -27.32 38.30
CA VAL G 260 -16.19 -27.69 39.68
C VAL G 260 -16.14 -26.41 40.52
N VAL G 261 -17.03 -26.33 41.52
CA VAL G 261 -17.01 -25.28 42.53
C VAL G 261 -16.55 -25.90 43.84
N GLU G 262 -15.45 -25.37 44.39
CA GLU G 262 -15.00 -25.71 45.73
C GLU G 262 -14.06 -24.61 46.21
N VAL G 263 -13.97 -24.46 47.54
CA VAL G 263 -12.94 -23.62 48.12
C VAL G 263 -11.61 -24.34 47.90
N PRO G 264 -10.60 -23.66 47.31
CA PRO G 264 -9.33 -24.30 47.04
C PRO G 264 -8.50 -24.31 48.33
N GLN G 265 -7.56 -25.25 48.41
CA GLN G 265 -6.73 -25.40 49.59
C GLN G 265 -5.28 -25.00 49.24
N VAL G 266 -5.13 -23.81 48.67
CA VAL G 266 -3.84 -23.17 48.54
C VAL G 266 -3.83 -21.99 49.52
N THR G 267 -2.94 -22.05 50.50
CA THR G 267 -2.78 -21.00 51.51
C THR G 267 -2.12 -19.79 50.84
N TRP G 268 -2.15 -18.65 51.52
CA TRP G 268 -1.33 -17.53 51.08
C TRP G 268 0.15 -17.87 51.26
N GLU G 269 0.48 -18.55 52.36
CA GLU G 269 1.87 -18.84 52.71
C GLU G 269 2.43 -19.99 51.87
N ASP G 270 1.58 -20.66 51.09
CA ASP G 270 2.03 -21.54 49.99
C ASP G 270 2.65 -20.66 48.90
N ILE G 271 2.03 -19.50 48.66
CA ILE G 271 2.52 -18.48 47.73
C ILE G 271 3.44 -17.52 48.50
N GLY G 272 4.68 -17.96 48.72
CA GLY G 272 5.71 -17.10 49.29
C GLY G 272 5.92 -15.87 48.44
N GLY G 273 6.21 -14.72 49.07
CA GLY G 273 6.43 -13.45 48.37
C GLY G 273 5.20 -12.98 47.63
N LEU G 274 5.41 -12.14 46.60
CA LEU G 274 4.30 -11.47 45.92
C LEU G 274 3.35 -10.91 46.99
N GLU G 275 3.84 -9.89 47.70
CA GLU G 275 3.25 -9.43 48.95
C GLU G 275 2.24 -8.31 48.67
N ASP G 276 2.74 -7.28 47.99
CA ASP G 276 1.93 -6.17 47.53
C ASP G 276 0.60 -6.69 46.97
N VAL G 277 0.65 -7.75 46.14
CA VAL G 277 -0.56 -8.29 45.49
C VAL G 277 -1.43 -8.96 46.56
N LYS G 278 -0.81 -9.70 47.49
CA LYS G 278 -1.49 -10.25 48.67
C LYS G 278 -2.33 -9.13 49.30
N ARG G 279 -1.66 -8.05 49.70
CA ARG G 279 -2.32 -7.00 50.49
C ARG G 279 -3.37 -6.27 49.63
N GLU G 280 -3.03 -5.99 48.36
CA GLU G 280 -3.99 -5.40 47.44
C GLU G 280 -5.26 -6.26 47.42
N LEU G 281 -5.11 -7.53 47.02
CA LEU G 281 -6.22 -8.50 46.94
C LEU G 281 -6.98 -8.58 48.27
N GLN G 282 -6.26 -8.51 49.40
CA GLN G 282 -6.89 -8.52 50.70
C GLN G 282 -7.78 -7.27 50.82
N GLU G 283 -7.24 -6.10 50.47
CA GLU G 283 -7.98 -4.81 50.57
C GLU G 283 -9.19 -4.79 49.60
N LEU G 284 -9.03 -5.46 48.45
CA LEU G 284 -10.07 -5.52 47.42
C LEU G 284 -11.19 -6.44 47.89
N VAL G 285 -10.83 -7.68 48.25
CA VAL G 285 -11.73 -8.89 48.32
C VAL G 285 -11.88 -9.45 49.73
N GLN G 286 -10.83 -9.35 50.57
CA GLN G 286 -10.85 -9.90 51.93
C GLN G 286 -11.53 -8.94 52.92
N TYR G 287 -11.11 -7.66 52.92
CA TYR G 287 -11.60 -6.70 53.91
C TYR G 287 -13.13 -6.60 53.87
N PRO G 288 -13.82 -6.61 52.70
CA PRO G 288 -15.29 -6.50 52.68
C PRO G 288 -16.10 -7.76 53.01
N VAL G 289 -15.46 -8.94 53.03
CA VAL G 289 -16.13 -10.12 53.54
C VAL G 289 -15.73 -10.34 55.00
N GLU G 290 -14.52 -9.92 55.41
CA GLU G 290 -13.98 -10.24 56.75
C GLU G 290 -14.20 -9.10 57.74
N HIS G 291 -14.41 -7.87 57.29
CA HIS G 291 -14.65 -6.73 58.19
C HIS G 291 -15.77 -5.87 57.64
N PRO G 292 -16.89 -6.43 57.13
CA PRO G 292 -17.90 -5.65 56.41
C PRO G 292 -18.40 -4.44 57.21
N ASP G 293 -18.50 -4.62 58.52
CA ASP G 293 -18.78 -3.56 59.48
C ASP G 293 -18.12 -2.25 59.03
N LYS G 294 -16.81 -2.34 58.73
CA LYS G 294 -16.04 -1.20 58.25
C LYS G 294 -16.61 -0.64 56.94
N PHE G 295 -16.73 -1.47 55.90
CA PHE G 295 -17.16 -0.99 54.56
C PHE G 295 -18.53 -0.31 54.69
N LEU G 296 -19.41 -0.94 55.48
CA LEU G 296 -20.70 -0.39 55.82
C LEU G 296 -20.51 0.96 56.54
N LYS G 297 -19.51 1.03 57.43
CA LYS G 297 -19.27 2.19 58.31
C LYS G 297 -18.77 3.40 57.52
N PHE G 298 -17.66 3.24 56.80
CA PHE G 298 -17.15 4.29 55.93
C PHE G 298 -18.11 4.58 54.77
N GLY G 299 -18.88 3.54 54.38
CA GLY G 299 -19.98 3.70 53.45
C GLY G 299 -19.62 3.30 52.02
N MET G 300 -18.36 3.53 51.63
CA MET G 300 -17.91 3.09 50.32
C MET G 300 -18.14 1.59 50.20
N THR G 301 -18.52 1.15 48.98
CA THR G 301 -18.93 -0.21 48.66
C THR G 301 -17.85 -0.84 47.77
N PRO G 302 -17.67 -2.18 47.77
CA PRO G 302 -16.37 -2.78 47.42
C PRO G 302 -16.12 -2.78 45.91
N SER G 303 -14.92 -3.19 45.50
CA SER G 303 -14.65 -3.41 44.09
C SER G 303 -15.54 -4.55 43.61
N LYS G 304 -16.09 -4.41 42.39
CA LYS G 304 -16.81 -5.52 41.78
C LYS G 304 -15.79 -6.63 41.50
N GLY G 305 -14.66 -6.25 40.89
CA GLY G 305 -13.62 -7.22 40.57
C GLY G 305 -12.32 -6.61 40.09
N VAL G 306 -11.47 -7.50 39.57
CA VAL G 306 -10.05 -7.36 39.48
C VAL G 306 -9.64 -7.68 38.05
N LEU G 307 -8.38 -7.36 37.71
CA LEU G 307 -7.78 -7.94 36.53
C LEU G 307 -6.32 -8.26 36.80
N PHE G 308 -6.00 -9.55 36.67
CA PHE G 308 -4.65 -10.07 36.72
C PHE G 308 -4.05 -10.03 35.31
N TYR G 309 -3.04 -9.19 35.14
CA TYR G 309 -2.27 -9.23 33.93
C TYR G 309 -0.80 -9.38 34.31
N GLY G 310 -0.01 -9.80 33.33
CA GLY G 310 1.41 -9.96 33.45
C GLY G 310 1.91 -11.08 32.53
N PRO G 311 3.09 -11.68 32.83
CA PRO G 311 3.69 -12.66 31.94
C PRO G 311 3.04 -14.01 32.18
N PRO G 312 3.03 -14.90 31.15
CA PRO G 312 2.25 -16.14 31.16
C PRO G 312 2.76 -17.20 32.15
N GLY G 313 4.03 -17.09 32.52
CA GLY G 313 4.62 -17.97 33.51
C GLY G 313 4.45 -17.44 34.93
N CYS G 314 3.27 -17.71 35.49
CA CYS G 314 2.94 -17.37 36.86
C CYS G 314 1.66 -18.09 37.27
N GLY G 315 1.34 -17.99 38.56
CA GLY G 315 0.16 -18.63 39.11
C GLY G 315 -0.94 -17.63 39.32
N LYS G 316 -1.37 -17.00 38.22
CA LYS G 316 -2.46 -16.06 38.26
C LYS G 316 -3.69 -16.78 38.84
N THR G 317 -3.92 -18.01 38.39
CA THR G 317 -4.90 -18.95 38.93
C THR G 317 -4.73 -19.11 40.46
N LEU G 318 -3.50 -19.39 40.85
CA LEU G 318 -3.19 -19.79 42.19
C LEU G 318 -3.36 -18.63 43.15
N LEU G 319 -3.08 -17.39 42.70
CA LEU G 319 -3.30 -16.19 43.54
C LEU G 319 -4.79 -16.05 43.83
N ALA G 320 -5.55 -16.14 42.73
CA ALA G 320 -6.99 -16.05 42.79
C ALA G 320 -7.53 -17.13 43.73
N LYS G 321 -7.03 -18.36 43.60
CA LYS G 321 -7.37 -19.42 44.52
C LYS G 321 -7.02 -18.97 45.94
N ALA G 322 -5.76 -18.52 46.13
CA ALA G 322 -5.18 -18.19 47.43
C ALA G 322 -6.02 -17.14 48.17
N ILE G 323 -6.55 -16.16 47.43
CA ILE G 323 -7.42 -15.15 48.07
C ILE G 323 -8.78 -15.77 48.43
N ALA G 324 -9.30 -16.69 47.61
CA ALA G 324 -10.55 -17.41 47.93
C ALA G 324 -10.36 -18.26 49.19
N ASN G 325 -9.28 -19.03 49.21
CA ASN G 325 -8.83 -19.83 50.34
C ASN G 325 -8.69 -18.95 51.58
N GLU G 326 -8.01 -17.80 51.42
CA GLU G 326 -7.84 -16.79 52.48
C GLU G 326 -9.20 -16.26 52.98
N CYS G 327 -10.17 -16.10 52.07
CA CYS G 327 -11.50 -15.61 52.49
C CYS G 327 -12.48 -16.77 52.76
N GLN G 328 -11.97 -18.01 52.78
CA GLN G 328 -12.78 -19.25 52.81
C GLN G 328 -14.06 -19.07 51.97
N ALA G 329 -13.88 -18.64 50.71
CA ALA G 329 -14.93 -18.51 49.72
C ALA G 329 -14.66 -19.51 48.59
N ASN G 330 -15.69 -19.77 47.78
CA ASN G 330 -15.60 -20.71 46.68
C ASN G 330 -14.77 -20.14 45.53
N PHE G 331 -14.54 -20.97 44.53
CA PHE G 331 -13.72 -20.63 43.39
C PHE G 331 -14.30 -21.26 42.13
N ILE G 332 -14.29 -20.53 41.00
CA ILE G 332 -14.72 -21.12 39.74
C ILE G 332 -13.83 -20.65 38.60
N SER G 333 -13.13 -21.60 37.96
CA SER G 333 -12.27 -21.33 36.79
C SER G 333 -13.09 -21.49 35.51
N ILE G 334 -13.21 -20.39 34.74
CA ILE G 334 -13.54 -20.52 33.35
C ILE G 334 -12.22 -20.42 32.58
N LYS G 335 -11.67 -21.60 32.26
CA LYS G 335 -10.67 -21.73 31.22
C LYS G 335 -11.21 -21.00 29.98
N GLY G 336 -10.31 -20.33 29.24
CA GLY G 336 -10.67 -19.60 28.01
C GLY G 336 -11.26 -20.49 26.91
N PRO G 337 -10.80 -21.75 26.72
CA PRO G 337 -11.49 -22.72 25.88
C PRO G 337 -13.00 -22.92 26.10
N GLU G 338 -13.47 -22.63 27.31
CA GLU G 338 -14.91 -22.48 27.58
C GLU G 338 -15.42 -21.23 26.83
N LEU G 339 -14.70 -20.12 27.01
CA LEU G 339 -15.04 -18.88 26.34
C LEU G 339 -15.05 -19.12 24.82
N LEU G 340 -13.94 -19.66 24.27
CA LEU G 340 -13.82 -19.90 22.83
C LEU G 340 -14.99 -20.75 22.36
N THR G 341 -15.25 -21.86 23.07
CA THR G 341 -16.36 -22.74 22.75
C THR G 341 -17.66 -21.93 22.66
N MET G 342 -17.86 -20.97 23.58
CA MET G 342 -19.06 -20.16 23.54
C MET G 342 -19.05 -19.24 22.32
N TRP G 343 -17.95 -18.49 22.11
CA TRP G 343 -17.93 -17.55 20.99
C TRP G 343 -18.18 -18.31 19.67
N PHE G 344 -17.28 -19.24 19.36
CA PHE G 344 -17.33 -20.00 18.10
C PHE G 344 -18.67 -20.71 17.89
N GLY G 345 -19.39 -21.03 18.99
CA GLY G 345 -20.73 -21.65 18.94
C GLY G 345 -21.87 -20.65 19.04
N GLU G 346 -21.54 -19.44 19.51
CA GLU G 346 -22.47 -18.36 19.83
C GLU G 346 -23.49 -18.88 20.85
N SER G 347 -22.96 -19.43 21.94
CA SER G 347 -23.74 -19.80 23.11
C SER G 347 -23.36 -18.86 24.25
N GLU G 348 -23.63 -17.57 24.05
CA GLU G 348 -23.36 -16.55 25.07
C GLU G 348 -24.38 -16.71 26.21
N ALA G 349 -25.56 -17.22 25.87
CA ALA G 349 -26.54 -17.64 26.86
C ALA G 349 -25.81 -18.09 28.13
N ASN G 350 -24.94 -19.10 27.97
CA ASN G 350 -24.35 -19.85 29.08
C ASN G 350 -23.55 -18.97 30.05
N VAL G 351 -23.18 -17.75 29.65
CA VAL G 351 -22.56 -16.84 30.62
C VAL G 351 -23.54 -16.62 31.77
N ARG G 352 -24.78 -16.27 31.41
CA ARG G 352 -25.88 -16.06 32.36
C ARG G 352 -25.93 -17.22 33.36
N GLU G 353 -25.84 -18.43 32.82
CA GLU G 353 -25.86 -19.68 33.58
C GLU G 353 -24.61 -19.74 34.51
N ILE G 354 -23.44 -19.39 33.99
CA ILE G 354 -22.21 -19.34 34.81
C ILE G 354 -22.43 -18.41 36.00
N PHE G 355 -22.80 -17.16 35.71
CA PHE G 355 -22.98 -16.19 36.79
C PHE G 355 -24.07 -16.66 37.76
N ASP G 356 -25.16 -17.24 37.24
CA ASP G 356 -26.16 -17.82 38.13
C ASP G 356 -25.47 -18.83 39.04
N LYS G 357 -24.63 -19.71 38.46
CA LYS G 357 -23.94 -20.78 39.20
C LYS G 357 -22.98 -20.20 40.25
N ALA G 358 -22.33 -19.07 39.95
CA ALA G 358 -21.47 -18.41 40.93
C ALA G 358 -22.33 -17.80 42.04
N ARG G 359 -23.29 -16.98 41.62
CA ARG G 359 -24.26 -16.28 42.48
C ARG G 359 -24.84 -17.27 43.50
N GLN G 360 -25.27 -18.43 43.00
CA GLN G 360 -25.89 -19.47 43.84
C GLN G 360 -24.85 -20.04 44.81
N ALA G 361 -23.60 -20.18 44.35
CA ALA G 361 -22.54 -20.72 45.20
C ALA G 361 -21.75 -19.59 45.88
N ALA G 362 -22.42 -18.48 46.22
CA ALA G 362 -21.76 -17.36 46.94
C ALA G 362 -21.20 -17.89 48.26
N PRO G 363 -20.43 -17.05 48.98
CA PRO G 363 -19.41 -16.24 48.33
C PRO G 363 -18.31 -17.05 47.62
N CYS G 364 -17.71 -16.41 46.61
CA CYS G 364 -17.09 -17.12 45.51
C CYS G 364 -16.21 -16.15 44.70
N VAL G 365 -15.10 -16.65 44.15
CA VAL G 365 -14.41 -15.90 43.09
C VAL G 365 -14.63 -16.62 41.76
N LEU G 366 -15.26 -15.87 40.86
CA LEU G 366 -15.43 -16.21 39.49
C LEU G 366 -14.18 -15.72 38.76
N PHE G 367 -13.38 -16.71 38.37
CA PHE G 367 -12.11 -16.49 37.79
C PHE G 367 -12.20 -16.82 36.29
N PHE G 368 -12.06 -15.77 35.48
CA PHE G 368 -11.93 -15.94 34.06
C PHE G 368 -10.44 -16.03 33.73
N ASP G 369 -10.08 -17.13 33.07
CA ASP G 369 -8.77 -17.25 32.55
C ASP G 369 -8.79 -16.73 31.12
N GLU G 370 -7.66 -16.16 30.69
CA GLU G 370 -7.51 -15.72 29.32
C GLU G 370 -8.76 -14.93 28.93
N LEU G 371 -9.06 -13.84 29.63
CA LEU G 371 -10.27 -13.07 29.30
C LEU G 371 -10.13 -12.51 27.87
N ASP G 372 -8.86 -12.40 27.43
CA ASP G 372 -8.51 -11.86 26.13
C ASP G 372 -8.87 -12.83 24.98
N SER G 373 -9.29 -14.08 25.26
CA SER G 373 -9.43 -15.14 24.23
C SER G 373 -10.39 -14.76 23.12
N ILE G 374 -11.61 -14.37 23.51
CA ILE G 374 -12.63 -14.00 22.56
C ILE G 374 -12.06 -12.89 21.69
N ALA G 375 -11.77 -11.77 22.34
CA ALA G 375 -11.15 -10.62 21.71
C ALA G 375 -9.85 -11.03 20.99
N LYS G 376 -8.99 -11.86 21.60
CA LYS G 376 -7.71 -12.22 20.98
C LYS G 376 -7.94 -12.91 19.64
N ALA G 377 -8.74 -13.97 19.68
CA ALA G 377 -8.64 -15.02 18.68
C ALA G 377 -8.91 -14.47 17.28
N ARG G 378 -9.76 -13.45 17.15
CA ARG G 378 -9.85 -12.73 15.88
C ARG G 378 -8.44 -12.31 15.43
N ALA G 388 -20.96 -13.41 17.88
CA ALA G 388 -21.43 -12.72 19.07
C ALA G 388 -20.34 -12.68 20.17
N ALA G 389 -19.24 -11.96 19.89
CA ALA G 389 -17.90 -12.13 20.54
C ALA G 389 -17.64 -11.06 21.61
N ASP G 390 -17.36 -9.84 21.17
CA ASP G 390 -17.41 -8.74 22.08
C ASP G 390 -18.69 -8.97 22.89
N ARG G 391 -19.67 -9.69 22.30
CA ARG G 391 -20.92 -10.11 23.00
C ARG G 391 -20.64 -11.16 24.08
N VAL G 392 -19.89 -12.22 23.80
CA VAL G 392 -19.51 -13.12 24.90
C VAL G 392 -18.83 -12.29 26.00
N ILE G 393 -17.78 -11.55 25.64
CA ILE G 393 -17.18 -10.62 26.65
C ILE G 393 -18.30 -9.70 27.18
N ASN G 394 -19.23 -9.28 26.31
CA ASN G 394 -20.34 -8.32 26.61
C ASN G 394 -21.40 -8.98 27.50
N GLN G 395 -21.67 -10.27 27.30
CA GLN G 395 -22.62 -10.89 28.18
C GLN G 395 -22.05 -10.82 29.59
N ILE G 396 -20.74 -11.13 29.71
CA ILE G 396 -20.03 -10.98 30.97
C ILE G 396 -20.22 -9.54 31.48
N LEU G 397 -20.25 -8.55 30.59
CA LEU G 397 -20.53 -7.16 31.00
C LEU G 397 -21.94 -7.10 31.60
N THR G 398 -22.96 -7.40 30.79
CA THR G 398 -24.36 -7.25 31.19
C THR G 398 -24.55 -7.99 32.52
N GLU G 399 -23.85 -9.10 32.71
CA GLU G 399 -23.96 -9.91 33.92
C GLU G 399 -23.26 -9.25 35.11
N MET G 400 -22.10 -8.64 34.89
CA MET G 400 -21.41 -7.86 35.93
C MET G 400 -22.27 -6.65 36.34
N ASP G 401 -22.86 -5.99 35.34
CA ASP G 401 -23.76 -4.85 35.55
C ASP G 401 -24.96 -5.30 36.38
N GLY G 402 -25.61 -6.39 35.94
CA GLY G 402 -26.86 -6.89 36.54
C GLY G 402 -26.69 -7.66 37.84
N MET G 403 -25.48 -8.19 38.10
CA MET G 403 -25.21 -8.89 39.35
C MET G 403 -25.30 -7.87 40.49
N SER G 404 -25.97 -8.28 41.58
CA SER G 404 -26.13 -7.44 42.74
C SER G 404 -24.78 -7.26 43.44
N THR G 405 -24.44 -5.99 43.67
CA THR G 405 -23.26 -5.54 44.38
C THR G 405 -23.04 -6.31 45.70
N LYS G 406 -24.15 -6.59 46.40
CA LYS G 406 -24.11 -6.99 47.80
C LYS G 406 -23.68 -8.45 47.92
N LYS G 407 -24.31 -9.35 47.15
CA LYS G 407 -23.83 -10.69 46.94
C LYS G 407 -22.30 -10.65 46.91
N ASN G 408 -21.63 -11.35 47.83
CA ASN G 408 -20.17 -11.31 47.85
C ASN G 408 -19.65 -12.40 46.91
N VAL G 409 -19.58 -12.03 45.62
CA VAL G 409 -19.01 -12.83 44.54
C VAL G 409 -18.01 -11.94 43.81
N PHE G 410 -16.70 -12.24 43.94
CA PHE G 410 -15.67 -11.46 43.24
C PHE G 410 -15.35 -12.11 41.89
N ILE G 411 -14.65 -11.37 41.04
CA ILE G 411 -14.64 -11.73 39.65
C ILE G 411 -13.32 -11.29 39.03
N ILE G 412 -12.37 -12.24 38.99
CA ILE G 412 -10.99 -11.95 38.63
C ILE G 412 -10.76 -12.35 37.18
N GLY G 413 -10.18 -11.40 36.44
CA GLY G 413 -9.99 -11.47 35.00
C GLY G 413 -8.52 -11.57 34.66
N ALA G 414 -8.11 -12.78 34.24
CA ALA G 414 -6.72 -13.07 33.92
C ALA G 414 -6.42 -12.72 32.45
N THR G 415 -5.15 -12.35 32.21
CA THR G 415 -4.66 -12.18 30.85
C THR G 415 -3.11 -12.26 30.83
N ASN G 416 -2.57 -11.81 29.70
CA ASN G 416 -1.21 -11.40 29.61
C ASN G 416 -1.14 -10.20 28.64
N ARG G 417 -2.30 -9.63 28.31
CA ARG G 417 -2.41 -8.67 27.25
C ARG G 417 -3.45 -7.64 27.66
N PRO G 418 -3.19 -6.80 28.69
CA PRO G 418 -4.16 -5.78 29.07
C PRO G 418 -4.56 -5.01 27.80
N ASP G 419 -3.61 -4.98 26.84
CA ASP G 419 -3.69 -4.24 25.58
C ASP G 419 -4.87 -4.70 24.71
N ILE G 420 -5.41 -5.90 24.93
CA ILE G 420 -6.40 -6.47 23.99
C ILE G 420 -7.78 -6.58 24.62
N ILE G 421 -7.89 -6.35 25.92
CA ILE G 421 -9.14 -6.55 26.56
C ILE G 421 -10.02 -5.36 26.23
N ASP G 422 -11.25 -5.66 25.74
CA ASP G 422 -12.30 -4.66 25.53
C ASP G 422 -12.30 -3.70 26.72
N PRO G 423 -11.84 -2.44 26.58
CA PRO G 423 -11.52 -1.61 27.74
C PRO G 423 -12.76 -1.25 28.54
N ALA G 424 -13.94 -1.48 27.95
CA ALA G 424 -15.21 -1.40 28.66
C ALA G 424 -15.18 -2.27 29.93
N ILE G 425 -14.47 -3.41 29.86
CA ILE G 425 -14.31 -4.31 30.99
C ILE G 425 -13.49 -3.62 32.10
N LEU G 426 -12.60 -2.71 31.71
CA LEU G 426 -11.75 -2.00 32.64
C LEU G 426 -12.36 -0.65 33.07
N ARG G 427 -13.63 -0.45 32.72
CA ARG G 427 -14.45 0.69 33.14
C ARG G 427 -14.82 0.46 34.62
N PRO G 428 -14.88 1.49 35.47
CA PRO G 428 -15.25 1.27 36.87
C PRO G 428 -16.60 0.55 36.96
N GLY G 429 -16.76 -0.23 38.04
CA GLY G 429 -17.97 -1.01 38.29
C GLY G 429 -17.94 -2.35 37.57
N ARG G 430 -16.76 -2.67 37.01
CA ARG G 430 -16.49 -3.89 36.31
C ARG G 430 -15.14 -4.39 36.84
N LEU G 431 -14.13 -4.48 35.98
CA LEU G 431 -12.82 -4.81 36.45
C LEU G 431 -12.11 -3.47 36.68
N ASP G 432 -12.52 -2.88 37.80
CA ASP G 432 -12.03 -1.63 38.27
C ASP G 432 -10.51 -1.77 38.43
N GLN G 433 -10.10 -2.63 39.35
CA GLN G 433 -8.74 -2.71 39.83
C GLN G 433 -7.93 -3.56 38.85
N LEU G 434 -6.83 -2.99 38.35
CA LEU G 434 -5.81 -3.72 37.63
C LEU G 434 -4.69 -4.10 38.59
N ILE G 435 -4.13 -5.30 38.41
CA ILE G 435 -2.99 -5.73 39.19
C ILE G 435 -1.97 -6.39 38.27
N TYR G 436 -0.75 -5.85 38.28
CA TYR G 436 0.36 -6.49 37.59
C TYR G 436 0.86 -7.63 38.48
N ILE G 437 0.53 -8.86 38.08
CA ILE G 437 1.06 -10.07 38.68
C ILE G 437 2.32 -10.40 37.92
N PRO G 438 3.48 -10.00 38.47
CA PRO G 438 4.75 -10.05 37.74
C PRO G 438 5.44 -11.40 37.95
N LEU G 439 6.67 -11.47 37.48
CA LEU G 439 7.48 -12.63 37.62
C LEU G 439 7.73 -12.93 39.09
N PRO G 440 7.90 -14.23 39.42
CA PRO G 440 8.09 -14.64 40.80
C PRO G 440 9.38 -14.08 41.41
N ASP G 441 9.30 -13.70 42.70
CA ASP G 441 10.43 -13.30 43.54
C ASP G 441 11.14 -14.54 44.07
N GLU G 442 12.28 -14.33 44.73
CA GLU G 442 13.16 -15.41 45.12
C GLU G 442 12.40 -16.33 46.09
N LYS G 443 11.68 -15.69 47.02
CA LYS G 443 10.86 -16.41 48.00
C LYS G 443 9.86 -17.28 47.24
N SER G 444 9.29 -16.68 46.19
CA SER G 444 8.27 -17.32 45.37
C SER G 444 8.90 -18.38 44.45
N ARG G 445 10.09 -18.10 43.91
CA ARG G 445 10.84 -19.12 43.11
C ARG G 445 11.01 -20.36 43.99
N VAL G 446 11.55 -20.14 45.19
CA VAL G 446 11.71 -21.18 46.16
C VAL G 446 10.36 -21.88 46.34
N ALA G 447 9.31 -21.09 46.67
CA ALA G 447 7.96 -21.62 46.86
C ALA G 447 7.58 -22.58 45.71
N ILE G 448 7.90 -22.20 44.47
CA ILE G 448 7.45 -22.94 43.28
C ILE G 448 8.33 -24.18 43.07
N LEU G 449 9.63 -24.05 43.31
CA LEU G 449 10.47 -25.24 43.31
C LEU G 449 9.86 -26.23 44.32
N LYS G 450 9.56 -25.72 45.52
CA LYS G 450 8.97 -26.52 46.60
C LYS G 450 7.67 -27.19 46.11
N ALA G 451 6.79 -26.40 45.50
CA ALA G 451 5.51 -26.91 45.01
C ALA G 451 5.74 -27.99 43.95
N ASN G 452 6.64 -27.71 43.00
CA ASN G 452 6.93 -28.62 41.86
C ASN G 452 7.60 -29.90 42.34
N LEU G 453 8.28 -29.84 43.50
CA LEU G 453 8.98 -30.99 44.05
C LEU G 453 8.28 -31.55 45.29
N ARG G 454 7.06 -31.08 45.61
CA ARG G 454 6.42 -31.39 46.90
C ARG G 454 6.56 -32.89 47.21
N LYS G 455 5.86 -33.73 46.43
CA LYS G 455 6.02 -35.18 46.62
C LYS G 455 7.13 -35.64 45.67
N SER G 456 8.34 -35.76 46.23
CA SER G 456 9.51 -36.22 45.48
C SER G 456 10.67 -36.50 46.43
N PRO G 457 11.63 -37.36 46.02
CA PRO G 457 12.87 -37.57 46.76
C PRO G 457 13.97 -36.55 46.41
N VAL G 458 14.32 -35.71 47.39
CA VAL G 458 15.13 -34.51 47.21
C VAL G 458 16.16 -34.43 48.34
N ALA G 459 17.41 -34.85 48.09
CA ALA G 459 18.43 -34.82 49.17
C ALA G 459 18.80 -33.38 49.49
N LYS G 460 19.21 -33.13 50.73
CA LYS G 460 19.35 -31.78 51.25
C LYS G 460 20.47 -31.01 50.54
N ASP G 461 21.34 -31.71 49.78
CA ASP G 461 22.35 -31.03 48.97
C ASP G 461 21.74 -30.51 47.67
N VAL G 462 20.40 -30.50 47.57
CA VAL G 462 19.69 -29.58 46.67
C VAL G 462 19.27 -28.36 47.50
N ASP G 463 20.16 -27.37 47.56
CA ASP G 463 19.79 -26.06 48.04
C ASP G 463 18.99 -25.39 46.94
N LEU G 464 17.92 -24.70 47.34
CA LEU G 464 16.96 -24.18 46.41
C LEU G 464 17.17 -22.68 46.18
N GLU G 465 18.16 -22.12 46.87
CA GLU G 465 18.45 -20.72 46.76
C GLU G 465 19.60 -20.50 45.78
N PHE G 466 20.59 -21.42 45.77
CA PHE G 466 21.45 -21.62 44.59
C PHE G 466 20.55 -21.52 43.34
N LEU G 467 19.38 -22.16 43.38
CA LEU G 467 18.35 -22.21 42.28
C LEU G 467 17.55 -20.89 42.21
N ALA G 468 17.30 -20.25 43.36
CA ALA G 468 16.68 -18.91 43.40
C ALA G 468 17.50 -17.89 42.61
N LYS G 469 18.80 -17.82 42.92
CA LYS G 469 19.66 -16.80 42.36
C LYS G 469 19.86 -17.01 40.86
N MET G 470 20.12 -18.24 40.46
CA MET G 470 20.45 -18.54 39.09
C MET G 470 19.25 -18.24 38.18
N THR G 471 18.03 -18.26 38.75
CA THR G 471 16.82 -18.20 37.96
C THR G 471 16.15 -16.83 38.08
N ASN G 472 16.96 -15.77 38.16
CA ASN G 472 16.44 -14.43 38.06
C ASN G 472 15.92 -14.19 36.63
N GLY G 473 14.68 -13.72 36.50
CA GLY G 473 14.00 -13.43 35.21
C GLY G 473 13.23 -14.62 34.66
N PHE G 474 13.19 -15.70 35.44
CA PHE G 474 12.51 -16.92 35.08
C PHE G 474 11.06 -16.84 35.52
N SER G 475 10.22 -17.44 34.67
CA SER G 475 8.86 -17.69 35.00
C SER G 475 8.76 -19.03 35.73
N GLY G 476 7.70 -19.18 36.52
CA GLY G 476 7.34 -20.44 37.11
C GLY G 476 7.60 -21.58 36.13
N ALA G 477 7.09 -21.42 34.91
CA ALA G 477 7.17 -22.46 33.88
C ALA G 477 8.58 -23.03 33.74
N ASP G 478 9.58 -22.15 33.83
CA ASP G 478 10.97 -22.55 33.64
C ASP G 478 11.47 -23.33 34.87
N LEU G 479 11.04 -22.88 36.06
CA LEU G 479 11.42 -23.58 37.26
C LEU G 479 10.85 -25.00 37.16
N THR G 480 9.58 -25.02 36.77
CA THR G 480 8.83 -26.21 36.55
C THR G 480 9.58 -27.13 35.59
N GLU G 481 9.88 -26.65 34.38
CA GLU G 481 10.51 -27.53 33.39
C GLU G 481 11.92 -27.91 33.87
N ILE G 482 12.61 -27.06 34.66
CA ILE G 482 13.87 -27.48 35.32
C ILE G 482 13.58 -28.74 36.15
N CYS G 483 12.65 -28.59 37.11
CA CYS G 483 12.28 -29.69 38.01
C CYS G 483 11.91 -30.96 37.23
N GLN G 484 11.06 -30.79 36.20
CA GLN G 484 10.59 -31.93 35.42
C GLN G 484 11.77 -32.58 34.68
N ARG G 485 12.63 -31.76 34.06
CA ARG G 485 13.80 -32.31 33.34
C ARG G 485 14.65 -33.09 34.32
N ALA G 486 14.94 -32.48 35.48
CA ALA G 486 15.65 -33.19 36.55
C ALA G 486 14.98 -34.55 36.80
N CYS G 487 13.68 -34.50 37.14
CA CYS G 487 12.95 -35.70 37.52
C CYS G 487 13.05 -36.77 36.43
N LYS G 488 12.97 -36.34 35.16
CA LYS G 488 13.05 -37.30 34.04
C LYS G 488 14.48 -37.85 33.94
N LEU G 489 15.51 -37.02 34.20
CA LEU G 489 16.91 -37.52 34.25
C LEU G 489 17.01 -38.60 35.34
N ALA G 490 16.39 -38.31 36.49
CA ALA G 490 16.38 -39.24 37.63
C ALA G 490 15.69 -40.57 37.26
N ILE G 491 14.44 -40.48 36.77
CA ILE G 491 13.72 -41.69 36.34
C ILE G 491 14.57 -42.47 35.32
N ARG G 492 15.04 -41.76 34.28
CA ARG G 492 15.89 -42.35 33.24
C ARG G 492 17.04 -43.13 33.89
N GLU G 493 17.89 -42.41 34.64
CA GLU G 493 19.06 -43.03 35.30
C GLU G 493 18.60 -44.25 36.10
N SER G 494 17.50 -44.09 36.85
CA SER G 494 16.95 -45.13 37.71
C SER G 494 16.62 -46.39 36.90
N ILE G 495 15.64 -46.31 35.99
CA ILE G 495 15.17 -47.54 35.34
C ILE G 495 16.22 -48.06 34.33
N GLU G 496 17.05 -47.16 33.77
CA GLU G 496 18.14 -47.60 32.89
C GLU G 496 19.12 -48.46 33.70
N SER G 497 19.47 -47.97 34.89
CA SER G 497 20.32 -48.70 35.83
C SER G 497 19.64 -50.00 36.29
N GLU G 498 18.32 -49.96 36.57
CA GLU G 498 17.59 -51.17 37.00
C GLU G 498 17.61 -52.23 35.87
N ILE G 499 17.35 -51.82 34.63
CA ILE G 499 17.37 -52.74 33.46
C ILE G 499 18.80 -53.26 33.24
N ARG G 500 19.79 -52.36 33.37
CA ARG G 500 21.22 -52.74 33.35
C ARG G 500 21.52 -53.80 34.42
N ARG G 501 20.89 -53.66 35.60
CA ARG G 501 21.03 -54.62 36.72
C ARG G 501 20.25 -55.93 36.44
N GLU G 502 19.13 -55.87 35.70
CA GLU G 502 18.46 -57.11 35.19
C GLU G 502 19.41 -57.85 34.23
N ARG G 503 19.98 -57.11 33.27
CA ARG G 503 20.90 -57.70 32.27
C ARG G 503 22.20 -58.19 32.91
N GLU G 504 22.69 -57.51 33.96
CA GLU G 504 23.90 -57.93 34.68
C GLU G 504 23.58 -58.99 35.75
N ARG G 505 22.30 -59.13 36.12
CA ARG G 505 21.83 -60.24 36.99
C ARG G 505 21.50 -61.48 36.13
N GLN G 506 21.29 -61.32 34.81
CA GLN G 506 21.24 -62.50 33.91
C GLN G 506 22.59 -62.69 33.19
N THR G 507 23.68 -62.81 33.96
CA THR G 507 25.02 -63.14 33.41
C THR G 507 24.92 -64.50 32.70
N GLU G 522 17.06 -41.34 45.05
CA GLU G 522 16.64 -39.92 45.25
C GLU G 522 17.28 -38.94 44.24
N ILE G 523 16.84 -37.67 44.25
CA ILE G 523 17.23 -36.62 43.24
C ILE G 523 18.16 -35.58 43.89
N ARG G 524 19.29 -35.23 43.21
CA ARG G 524 20.43 -34.40 43.79
C ARG G 524 21.03 -33.45 42.75
N ARG G 525 21.60 -32.31 43.20
CA ARG G 525 21.89 -31.08 42.32
C ARG G 525 22.80 -31.46 41.13
N ASP G 526 23.32 -32.69 41.10
CA ASP G 526 23.90 -33.25 39.88
C ASP G 526 22.88 -33.19 38.76
N HIS G 527 21.83 -33.98 38.92
CA HIS G 527 20.58 -33.96 38.15
C HIS G 527 20.13 -32.54 37.77
N PHE G 528 20.08 -31.66 38.77
CA PHE G 528 19.52 -30.32 38.60
C PHE G 528 20.46 -29.46 37.73
N GLU G 529 21.74 -29.30 38.10
CA GLU G 529 22.63 -28.45 37.24
C GLU G 529 22.74 -29.16 35.87
N GLU G 530 22.59 -30.49 35.84
CA GLU G 530 22.39 -31.18 34.55
C GLU G 530 21.18 -30.59 33.82
N ALA G 531 20.04 -30.47 34.52
CA ALA G 531 18.76 -30.06 33.92
C ALA G 531 18.80 -28.59 33.49
N MET G 532 19.47 -27.74 34.27
CA MET G 532 19.54 -26.33 33.96
C MET G 532 20.47 -26.10 32.76
N ARG G 533 21.35 -27.07 32.48
CA ARG G 533 22.30 -27.00 31.35
C ARG G 533 21.57 -27.16 30.01
N PHE G 534 20.23 -27.26 30.04
CA PHE G 534 19.38 -26.79 28.94
C PHE G 534 18.01 -26.42 29.54
N ALA G 535 17.85 -25.16 29.97
CA ALA G 535 16.59 -24.62 30.57
C ALA G 535 16.49 -23.11 30.38
N ARG G 536 15.33 -22.64 29.91
CA ARG G 536 15.15 -21.30 29.32
C ARG G 536 15.03 -20.24 30.43
N ARG G 537 14.90 -18.99 29.98
CA ARG G 537 14.27 -17.88 30.68
C ARG G 537 13.04 -17.50 29.82
N SER G 538 11.83 -17.82 30.30
CA SER G 538 10.62 -17.87 29.45
C SER G 538 10.38 -16.54 28.75
N VAL G 539 10.37 -15.49 29.55
CA VAL G 539 9.86 -14.23 29.14
C VAL G 539 11.02 -13.24 29.01
N SER G 540 11.10 -12.61 27.83
CA SER G 540 12.22 -11.76 27.47
C SER G 540 12.02 -10.34 28.03
N ASP G 541 13.15 -9.67 28.22
CA ASP G 541 13.21 -8.36 28.81
C ASP G 541 12.12 -7.51 28.13
N ASN G 542 12.16 -7.48 26.78
CA ASN G 542 11.17 -6.78 25.94
C ASN G 542 9.78 -6.82 26.59
N ASP G 543 9.32 -8.04 26.86
CA ASP G 543 7.97 -8.27 27.29
C ASP G 543 7.76 -7.64 28.66
N ILE G 544 8.69 -7.92 29.57
CA ILE G 544 8.47 -7.49 30.92
C ILE G 544 8.45 -5.96 30.93
N ARG G 545 9.39 -5.37 30.16
CA ARG G 545 9.44 -3.92 29.92
C ARG G 545 8.10 -3.45 29.34
N LYS G 546 7.49 -4.29 28.48
CA LYS G 546 6.20 -3.97 27.88
C LYS G 546 5.12 -3.93 28.96
N TYR G 547 5.13 -4.88 29.91
CA TYR G 547 4.14 -4.80 31.01
C TYR G 547 4.46 -3.59 31.90
N GLU G 548 5.75 -3.35 32.16
CA GLU G 548 6.19 -2.19 32.92
C GLU G 548 5.53 -0.96 32.29
N MET G 549 5.91 -0.67 31.04
CA MET G 549 5.35 0.43 30.28
C MET G 549 3.83 0.43 30.43
N PHE G 550 3.20 -0.70 30.08
CA PHE G 550 1.76 -0.77 29.99
C PHE G 550 1.19 -0.80 31.41
N ALA G 551 2.01 -1.09 32.44
CA ALA G 551 1.62 -0.97 33.87
C ALA G 551 1.55 0.51 34.30
N GLN G 552 2.63 1.25 33.99
CA GLN G 552 2.70 2.70 34.22
C GLN G 552 1.54 3.38 33.46
N THR G 553 1.51 3.24 32.13
CA THR G 553 0.61 4.02 31.26
C THR G 553 -0.80 3.41 31.20
N LEU G 554 -0.95 2.14 31.62
CA LEU G 554 -2.31 1.66 31.98
C LEU G 554 -2.80 2.56 33.14
N GLN G 555 -1.91 2.90 34.10
CA GLN G 555 -2.20 3.88 35.21
C GLN G 555 -1.90 5.31 34.70
N ARG H 2 -12.50 -64.73 21.23
CA ARG H 2 -12.76 -65.26 22.59
C ARG H 2 -12.38 -64.20 23.64
N LYS H 3 -11.41 -63.36 23.28
CA LYS H 3 -10.94 -62.25 24.13
C LYS H 3 -12.14 -61.38 24.55
N GLN H 4 -13.05 -61.17 23.58
CA GLN H 4 -14.18 -60.28 23.71
C GLN H 4 -15.15 -60.82 24.76
N LEU H 5 -15.54 -62.10 24.58
CA LEU H 5 -16.43 -62.78 25.50
C LEU H 5 -15.93 -62.59 26.94
N ALA H 6 -14.63 -62.79 27.16
CA ALA H 6 -14.01 -62.75 28.50
C ALA H 6 -14.55 -61.58 29.31
N GLN H 7 -14.43 -60.37 28.76
CA GLN H 7 -14.89 -59.14 29.40
C GLN H 7 -16.37 -59.27 29.80
N ILE H 8 -17.20 -59.65 28.83
CA ILE H 8 -18.65 -59.63 28.96
C ILE H 8 -19.08 -60.69 30.00
N LYS H 9 -18.30 -61.77 30.07
CA LYS H 9 -18.49 -62.79 31.06
C LYS H 9 -18.02 -62.29 32.44
N GLU H 10 -16.91 -61.54 32.51
CA GLU H 10 -16.48 -60.93 33.80
C GLU H 10 -17.55 -59.95 34.28
N MET H 11 -18.22 -59.25 33.35
CA MET H 11 -19.27 -58.29 33.72
C MET H 11 -20.60 -58.99 34.02
N VAL H 12 -20.86 -60.18 33.44
CA VAL H 12 -22.17 -60.85 33.58
C VAL H 12 -22.12 -61.98 34.62
N GLU H 13 -21.26 -62.97 34.40
CA GLU H 13 -21.29 -64.29 35.09
C GLU H 13 -21.27 -64.16 36.61
N LEU H 14 -20.35 -63.32 37.10
CA LEU H 14 -20.07 -63.21 38.54
C LEU H 14 -21.26 -62.60 39.28
N PRO H 15 -21.86 -61.49 38.77
CA PRO H 15 -23.15 -61.01 39.29
C PRO H 15 -24.48 -61.60 38.76
N LEU H 16 -24.42 -62.58 37.85
CA LEU H 16 -25.62 -63.39 37.50
C LEU H 16 -25.66 -64.68 38.33
N ARG H 17 -24.50 -65.32 38.55
CA ARG H 17 -24.42 -66.70 39.07
C ARG H 17 -23.41 -66.83 40.24
N HIS H 18 -22.93 -65.70 40.75
CA HIS H 18 -22.14 -65.55 42.00
C HIS H 18 -22.57 -64.27 42.71
N PRO H 19 -23.86 -63.90 42.63
CA PRO H 19 -24.38 -62.60 43.11
C PRO H 19 -24.26 -62.26 44.60
N ALA H 20 -24.32 -63.28 45.48
CA ALA H 20 -24.37 -63.04 46.92
C ALA H 20 -23.12 -62.28 47.43
N LEU H 21 -21.97 -62.53 46.80
CA LEU H 21 -20.69 -61.97 47.25
C LEU H 21 -20.68 -60.45 47.16
N PHE H 22 -21.22 -59.91 46.07
CA PHE H 22 -21.24 -58.46 45.82
C PHE H 22 -22.21 -57.75 46.77
N LYS H 23 -23.39 -58.37 46.93
CA LYS H 23 -24.50 -57.82 47.71
C LYS H 23 -24.15 -57.94 49.19
N ALA H 24 -23.25 -58.87 49.54
CA ALA H 24 -22.69 -58.96 50.89
C ALA H 24 -21.52 -57.98 51.04
N ILE H 25 -20.58 -57.98 50.10
CA ILE H 25 -19.37 -57.13 50.17
C ILE H 25 -19.78 -55.65 50.04
N GLY H 26 -21.04 -55.40 49.68
CA GLY H 26 -21.65 -54.06 49.76
C GLY H 26 -21.39 -53.25 48.51
N VAL H 27 -21.62 -53.87 47.34
CA VAL H 27 -21.48 -53.23 46.03
C VAL H 27 -22.67 -53.63 45.16
N LYS H 28 -22.65 -53.22 43.88
CA LYS H 28 -23.72 -53.47 42.93
C LYS H 28 -23.17 -54.15 41.70
N PRO H 29 -23.77 -55.26 41.22
CA PRO H 29 -23.68 -55.64 39.81
C PRO H 29 -24.09 -54.59 38.78
N PRO H 30 -23.57 -54.64 37.53
CA PRO H 30 -24.12 -53.83 36.43
C PRO H 30 -25.47 -54.44 36.01
N ARG H 31 -26.45 -53.58 35.74
CA ARG H 31 -27.79 -54.00 35.35
C ARG H 31 -28.08 -53.62 33.90
N GLY H 32 -27.13 -52.94 33.26
CA GLY H 32 -27.28 -52.52 31.87
C GLY H 32 -25.96 -52.55 31.13
N ILE H 33 -25.63 -53.69 30.53
CA ILE H 33 -24.44 -53.82 29.71
C ILE H 33 -24.86 -53.55 28.26
N LEU H 34 -24.29 -52.50 27.67
CA LEU H 34 -24.62 -52.03 26.33
C LEU H 34 -23.49 -52.39 25.37
N LEU H 35 -23.76 -53.31 24.44
CA LEU H 35 -22.82 -53.64 23.36
C LEU H 35 -23.08 -52.69 22.20
N TYR H 36 -22.02 -52.08 21.66
CA TYR H 36 -22.23 -51.35 20.41
C TYR H 36 -21.04 -51.56 19.48
N GLY H 37 -21.25 -51.11 18.24
CA GLY H 37 -20.30 -51.25 17.16
C GLY H 37 -21.01 -51.53 15.85
N PRO H 38 -20.32 -51.46 14.70
CA PRO H 38 -20.99 -51.48 13.40
C PRO H 38 -21.79 -52.76 13.18
N PRO H 39 -22.72 -52.77 12.19
CA PRO H 39 -23.44 -54.00 11.83
C PRO H 39 -22.51 -54.96 11.08
N GLY H 40 -22.74 -56.27 11.26
CA GLY H 40 -21.88 -57.33 10.69
C GLY H 40 -20.98 -57.97 11.74
N THR H 41 -21.43 -57.88 13.00
CA THR H 41 -20.59 -58.13 14.14
C THR H 41 -21.15 -59.27 15.00
N GLY H 42 -22.42 -59.67 14.79
CA GLY H 42 -23.04 -60.81 15.47
C GLY H 42 -23.14 -60.61 16.98
N LYS H 43 -23.52 -59.39 17.36
CA LYS H 43 -23.71 -59.05 18.75
C LYS H 43 -24.75 -59.99 19.36
N THR H 44 -25.75 -60.34 18.56
CA THR H 44 -26.80 -61.25 18.97
C THR H 44 -26.18 -62.61 19.33
N LEU H 45 -25.56 -63.26 18.34
CA LEU H 45 -24.71 -64.45 18.53
C LEU H 45 -23.92 -64.33 19.85
N ILE H 46 -23.19 -63.21 20.02
CA ILE H 46 -22.34 -63.05 21.23
C ILE H 46 -23.19 -63.11 22.51
N ALA H 47 -24.35 -62.44 22.50
CA ALA H 47 -25.21 -62.34 23.70
C ALA H 47 -25.68 -63.74 24.11
N ARG H 48 -26.21 -64.48 23.13
CA ARG H 48 -26.70 -65.84 23.34
C ARG H 48 -25.53 -66.76 23.74
N ALA H 49 -24.36 -66.54 23.13
CA ALA H 49 -23.13 -67.23 23.55
C ALA H 49 -22.92 -67.01 25.05
N VAL H 50 -22.90 -65.73 25.48
CA VAL H 50 -22.67 -65.42 26.91
C VAL H 50 -23.78 -66.01 27.80
N ALA H 51 -25.03 -66.02 27.31
CA ALA H 51 -26.20 -66.58 28.07
C ALA H 51 -26.08 -68.10 28.23
N ASN H 52 -25.69 -68.79 27.15
CA ASN H 52 -25.49 -70.24 27.13
C ASN H 52 -24.28 -70.61 27.99
N GLU H 53 -23.19 -69.84 27.88
CA GLU H 53 -21.95 -70.17 28.56
C GLU H 53 -21.92 -69.63 30.00
N THR H 54 -22.90 -68.78 30.37
CA THR H 54 -23.13 -68.48 31.79
C THR H 54 -24.16 -69.46 32.37
N GLY H 55 -25.12 -69.85 31.52
CA GLY H 55 -26.29 -70.57 31.96
C GLY H 55 -27.33 -69.60 32.48
N ALA H 56 -28.07 -69.00 31.54
CA ALA H 56 -29.12 -68.06 31.86
C ALA H 56 -30.19 -68.04 30.78
N PHE H 57 -31.43 -67.84 31.21
CA PHE H 57 -32.54 -67.56 30.31
C PHE H 57 -32.16 -66.37 29.44
N PHE H 58 -32.56 -66.44 28.17
CA PHE H 58 -32.26 -65.41 27.18
C PHE H 58 -33.56 -64.91 26.55
N PHE H 59 -33.82 -63.61 26.61
CA PHE H 59 -34.99 -63.06 25.93
C PHE H 59 -34.56 -61.98 24.94
N LEU H 60 -34.79 -62.23 23.64
CA LEU H 60 -34.55 -61.27 22.56
C LEU H 60 -35.70 -60.26 22.51
N ILE H 61 -35.34 -59.00 22.24
CA ILE H 61 -36.27 -57.93 21.93
C ILE H 61 -35.81 -57.30 20.60
N ASN H 62 -36.31 -57.83 19.49
CA ASN H 62 -36.03 -57.29 18.17
C ASN H 62 -36.71 -55.90 18.08
N GLY H 63 -35.92 -54.82 18.21
CA GLY H 63 -36.47 -53.45 18.23
C GLY H 63 -37.56 -53.25 17.16
N PRO H 64 -37.24 -53.45 15.87
CA PRO H 64 -38.22 -53.39 14.80
C PRO H 64 -39.56 -54.06 15.15
N GLU H 65 -39.48 -55.29 15.69
CA GLU H 65 -40.64 -56.09 16.09
C GLU H 65 -41.49 -55.31 17.11
N ILE H 66 -40.82 -54.66 18.08
CA ILE H 66 -41.52 -53.88 19.12
C ILE H 66 -42.13 -52.65 18.46
N MET H 67 -41.37 -51.99 17.59
CA MET H 67 -41.84 -50.75 16.98
C MET H 67 -42.96 -50.99 15.98
N SER H 68 -43.07 -52.22 15.45
CA SER H 68 -44.06 -52.55 14.42
C SER H 68 -45.46 -52.75 15.01
N LYS H 69 -45.55 -52.92 16.34
CA LYS H 69 -46.83 -53.13 17.03
C LYS H 69 -47.64 -51.83 17.06
N LEU H 70 -48.96 -51.96 17.25
CA LEU H 70 -49.84 -50.81 17.49
C LEU H 70 -49.49 -50.22 18.87
N ALA H 71 -49.40 -48.89 18.91
CA ALA H 71 -49.08 -48.13 20.11
C ALA H 71 -49.84 -48.70 21.30
N GLY H 72 -49.11 -49.16 22.32
CA GLY H 72 -49.70 -49.86 23.45
C GLY H 72 -49.19 -51.29 23.53
N GLU H 73 -49.37 -52.03 22.43
CA GLU H 73 -48.97 -53.44 22.40
C GLU H 73 -47.44 -53.53 22.37
N SER H 74 -46.77 -52.43 21.98
CA SER H 74 -45.33 -52.29 22.12
C SER H 74 -44.93 -52.36 23.61
N GLU H 75 -45.48 -51.41 24.39
CA GLU H 75 -45.24 -51.31 25.84
C GLU H 75 -45.64 -52.64 26.50
N SER H 76 -46.79 -53.16 26.07
CA SER H 76 -47.24 -54.48 26.45
C SER H 76 -46.12 -55.49 26.24
N ASN H 77 -45.67 -55.63 24.99
CA ASN H 77 -44.61 -56.56 24.63
C ASN H 77 -43.41 -56.36 25.56
N LEU H 78 -43.05 -55.10 25.83
CA LEU H 78 -41.89 -54.81 26.69
C LEU H 78 -42.13 -55.35 28.10
N ARG H 79 -43.21 -54.88 28.75
CA ARG H 79 -43.56 -55.35 30.09
C ARG H 79 -43.52 -56.89 30.11
N LYS H 80 -44.23 -57.49 29.15
CA LYS H 80 -44.32 -58.94 28.97
C LYS H 80 -42.92 -59.54 29.01
N ALA H 81 -42.06 -59.09 28.09
CA ALA H 81 -40.68 -59.58 27.99
C ALA H 81 -39.98 -59.48 29.35
N PHE H 82 -40.09 -58.30 29.98
CA PHE H 82 -39.37 -58.04 31.24
C PHE H 82 -39.88 -58.93 32.38
N GLU H 83 -41.19 -59.19 32.44
CA GLU H 83 -41.75 -60.06 33.48
C GLU H 83 -41.36 -61.52 33.17
N GLU H 84 -41.42 -61.91 31.88
CA GLU H 84 -41.05 -63.24 31.41
C GLU H 84 -39.58 -63.55 31.76
N ALA H 85 -38.71 -62.55 31.59
CA ALA H 85 -37.33 -62.70 32.04
C ALA H 85 -37.26 -62.71 33.58
N GLU H 86 -37.84 -61.68 34.21
CA GLU H 86 -37.85 -61.52 35.68
C GLU H 86 -38.19 -62.85 36.34
N LYS H 87 -39.13 -63.59 35.73
CA LYS H 87 -39.65 -64.82 36.32
C LYS H 87 -38.68 -66.00 36.17
N ASN H 88 -37.85 -66.03 35.12
CA ASN H 88 -37.06 -67.24 34.77
C ASN H 88 -35.57 -67.05 35.08
N ALA H 89 -35.25 -66.22 36.08
CA ALA H 89 -33.91 -65.62 36.20
C ALA H 89 -32.91 -66.37 37.10
N PRO H 90 -31.76 -66.85 36.55
CA PRO H 90 -30.80 -65.94 35.92
C PRO H 90 -31.23 -65.59 34.47
N ALA H 91 -31.28 -64.29 34.15
CA ALA H 91 -31.95 -63.80 32.88
C ALA H 91 -31.15 -62.68 32.20
N ILE H 92 -30.85 -62.90 30.91
CA ILE H 92 -30.35 -61.87 30.01
C ILE H 92 -31.49 -61.46 29.06
N ILE H 93 -31.91 -60.20 29.19
CA ILE H 93 -32.79 -59.56 28.21
C ILE H 93 -31.89 -58.82 27.21
N PHE H 94 -31.88 -59.28 25.96
CA PHE H 94 -31.03 -58.68 24.91
C PHE H 94 -31.89 -57.87 23.94
N ILE H 95 -31.53 -56.60 23.76
CA ILE H 95 -32.28 -55.69 22.90
C ILE H 95 -31.46 -55.43 21.63
N ASP H 96 -31.94 -56.03 20.53
CA ASP H 96 -31.36 -55.91 19.22
C ASP H 96 -31.94 -54.66 18.55
N GLU H 97 -31.05 -53.89 17.91
CA GLU H 97 -31.35 -52.56 17.40
C GLU H 97 -32.09 -51.78 18.50
N LEU H 98 -31.34 -51.35 19.53
CA LEU H 98 -31.93 -50.58 20.62
C LEU H 98 -32.40 -49.23 20.09
N ASP H 99 -31.52 -48.58 19.33
CA ASP H 99 -31.73 -47.27 18.69
C ASP H 99 -33.14 -47.16 18.06
N ALA H 100 -33.72 -48.29 17.62
CA ALA H 100 -35.04 -48.32 17.00
C ALA H 100 -36.09 -47.75 17.97
N ILE H 101 -36.31 -48.45 19.09
CA ILE H 101 -37.30 -48.05 20.09
C ILE H 101 -36.87 -46.75 20.78
N ALA H 102 -35.57 -46.59 21.04
CA ALA H 102 -35.04 -45.52 21.92
C ALA H 102 -33.98 -44.68 21.21
N PRO H 103 -34.38 -43.73 20.34
CA PRO H 103 -33.43 -43.04 19.47
C PRO H 103 -32.85 -41.80 20.16
N LYS H 104 -32.21 -40.91 19.38
CA LYS H 104 -31.95 -39.50 19.75
C LYS H 104 -33.26 -38.70 19.62
N ARG H 105 -33.78 -38.24 20.76
CA ARG H 105 -35.25 -38.22 21.04
C ARG H 105 -35.93 -36.88 20.67
N GLU H 106 -35.29 -36.05 19.83
CA GLU H 106 -36.02 -34.97 19.11
C GLU H 106 -36.24 -35.39 17.65
N LYS H 107 -35.55 -36.45 17.22
CA LYS H 107 -35.85 -37.23 16.01
C LYS H 107 -36.97 -38.24 16.36
N THR H 108 -38.13 -37.68 16.72
CA THR H 108 -39.27 -38.41 17.26
C THR H 108 -40.50 -37.51 17.12
N HIS H 109 -40.98 -37.35 15.87
CA HIS H 109 -42.11 -36.47 15.56
C HIS H 109 -43.43 -37.10 16.03
N GLY H 110 -43.53 -37.41 17.34
CA GLY H 110 -44.73 -38.03 17.94
C GLY H 110 -44.48 -38.57 19.33
N GLU H 111 -45.53 -38.62 20.16
CA GLU H 111 -45.42 -38.82 21.62
C GLU H 111 -45.40 -40.31 21.99
N VAL H 112 -45.93 -41.14 21.09
CA VAL H 112 -46.01 -42.57 21.35
C VAL H 112 -44.59 -43.11 21.62
N GLU H 113 -43.63 -42.72 20.79
CA GLU H 113 -42.24 -43.18 20.96
C GLU H 113 -41.71 -42.74 22.33
N ARG H 114 -42.02 -41.49 22.73
CA ARG H 114 -41.57 -40.96 24.04
C ARG H 114 -42.19 -41.79 25.16
N ARG H 115 -43.47 -42.17 25.00
CA ARG H 115 -44.07 -43.12 25.93
C ARG H 115 -43.30 -44.46 25.91
N ILE H 116 -43.00 -45.00 24.71
CA ILE H 116 -42.35 -46.34 24.56
C ILE H 116 -40.99 -46.35 25.26
N VAL H 117 -40.23 -45.28 25.02
CA VAL H 117 -38.93 -45.10 25.66
C VAL H 117 -39.17 -44.98 27.17
N SER H 118 -40.06 -44.06 27.59
CA SER H 118 -40.34 -43.91 29.02
C SER H 118 -40.54 -45.30 29.63
N GLN H 119 -41.39 -46.11 28.99
CA GLN H 119 -41.70 -47.44 29.45
C GLN H 119 -40.39 -48.20 29.70
N LEU H 120 -39.53 -48.25 28.67
CA LEU H 120 -38.26 -48.97 28.78
C LEU H 120 -37.41 -48.39 29.93
N LEU H 121 -37.43 -47.06 30.12
CA LEU H 121 -36.72 -46.46 31.26
C LEU H 121 -37.29 -47.01 32.58
N THR H 122 -38.62 -47.02 32.70
CA THR H 122 -39.26 -47.45 33.95
C THR H 122 -38.98 -48.93 34.22
N LEU H 123 -39.03 -49.73 33.15
CA LEU H 123 -38.70 -51.16 33.21
C LEU H 123 -37.23 -51.33 33.63
N MET H 124 -36.32 -50.58 32.98
CA MET H 124 -34.89 -50.61 33.30
C MET H 124 -34.66 -50.24 34.77
N ASP H 125 -35.39 -49.23 35.26
CA ASP H 125 -35.35 -48.79 36.67
C ASP H 125 -35.89 -49.90 37.58
N GLY H 126 -36.94 -50.58 37.11
CA GLY H 126 -37.69 -51.58 37.88
C GLY H 126 -36.88 -52.77 38.38
N LEU H 127 -35.83 -53.16 37.66
CA LEU H 127 -35.07 -54.38 37.98
C LEU H 127 -34.35 -54.22 39.32
N LYS H 128 -34.09 -55.38 39.97
CA LYS H 128 -33.19 -55.49 41.10
C LYS H 128 -32.05 -56.43 40.72
N GLN H 129 -30.83 -56.15 41.23
CA GLN H 129 -29.72 -57.11 41.24
C GLN H 129 -30.18 -58.37 42.00
N ARG H 130 -31.15 -58.14 42.90
CA ARG H 130 -31.93 -59.13 43.62
C ARG H 130 -32.61 -60.09 42.66
N ALA H 131 -33.17 -59.57 41.54
CA ALA H 131 -34.00 -60.36 40.62
C ALA H 131 -33.14 -61.18 39.66
N HIS H 132 -31.81 -61.01 39.70
CA HIS H 132 -30.81 -61.72 38.88
C HIS H 132 -31.03 -61.45 37.38
N VAL H 133 -31.26 -60.17 37.02
CA VAL H 133 -31.56 -59.86 35.63
C VAL H 133 -30.51 -58.88 35.11
N ILE H 134 -30.04 -59.19 33.90
CA ILE H 134 -29.09 -58.38 33.12
C ILE H 134 -29.76 -58.05 31.79
N VAL H 135 -29.60 -56.78 31.37
CA VAL H 135 -30.11 -56.29 30.11
C VAL H 135 -28.91 -55.92 29.24
N MET H 136 -28.78 -56.61 28.10
CA MET H 136 -27.82 -56.24 27.08
C MET H 136 -28.58 -55.62 25.91
N ALA H 137 -27.85 -54.86 25.07
CA ALA H 137 -28.46 -54.04 24.03
C ALA H 137 -27.44 -53.71 22.94
N ALA H 138 -27.97 -53.44 21.74
CA ALA H 138 -27.17 -53.33 20.52
C ALA H 138 -27.42 -52.00 19.82
N THR H 139 -26.35 -51.47 19.22
CA THR H 139 -26.42 -50.29 18.36
C THR H 139 -25.05 -50.04 17.72
N ASN H 140 -25.05 -49.12 16.74
CA ASN H 140 -23.87 -48.84 15.92
C ASN H 140 -22.89 -48.00 16.74
N ARG H 141 -23.42 -46.93 17.35
CA ARG H 141 -22.67 -46.08 18.25
C ARG H 141 -23.60 -45.59 19.35
N PRO H 142 -23.09 -45.28 20.57
CA PRO H 142 -23.93 -44.87 21.69
C PRO H 142 -24.50 -43.45 21.50
N ASN H 143 -23.97 -42.73 20.51
CA ASN H 143 -24.53 -41.47 20.05
C ASN H 143 -25.97 -41.66 19.58
N SER H 144 -26.27 -42.88 19.09
CA SER H 144 -27.58 -43.29 18.53
C SER H 144 -28.70 -43.24 19.59
N ILE H 145 -28.40 -43.81 20.75
CA ILE H 145 -29.35 -44.01 21.84
C ILE H 145 -29.65 -42.68 22.53
N ASP H 146 -30.88 -42.56 23.07
CA ASP H 146 -31.27 -41.49 23.98
C ASP H 146 -30.38 -41.51 25.22
N PRO H 147 -29.60 -40.45 25.48
CA PRO H 147 -28.71 -40.37 26.63
C PRO H 147 -29.29 -40.72 28.01
N ALA H 148 -30.59 -40.51 28.19
CA ALA H 148 -31.27 -40.88 29.44
C ALA H 148 -31.33 -42.41 29.61
N LEU H 149 -30.76 -43.18 28.66
CA LEU H 149 -30.51 -44.63 28.82
C LEU H 149 -29.09 -44.88 29.34
N ARG H 150 -28.16 -43.96 29.07
CA ARG H 150 -26.81 -44.08 29.59
C ARG H 150 -26.70 -43.35 30.94
N ARG H 151 -27.85 -43.15 31.61
CA ARG H 151 -27.87 -42.85 33.05
C ARG H 151 -27.21 -44.01 33.77
N PHE H 152 -26.87 -43.78 35.04
CA PHE H 152 -26.25 -44.79 35.86
C PHE H 152 -27.26 -45.91 36.14
N GLY H 153 -28.52 -45.53 36.34
CA GLY H 153 -29.60 -46.45 36.74
C GLY H 153 -29.89 -47.51 35.68
N ARG H 154 -29.44 -47.27 34.44
CA ARG H 154 -29.89 -48.03 33.29
C ARG H 154 -28.65 -48.67 32.64
N PHE H 155 -28.26 -48.22 31.44
CA PHE H 155 -27.13 -48.81 30.70
C PHE H 155 -25.82 -48.09 31.09
N ASP H 156 -25.25 -48.50 32.22
CA ASP H 156 -24.06 -47.88 32.79
C ASP H 156 -22.80 -48.38 32.08
N ARG H 157 -22.67 -49.70 31.88
CA ARG H 157 -21.47 -50.30 31.29
C ARG H 157 -21.66 -50.46 29.79
N GLU H 158 -20.61 -50.15 29.04
CA GLU H 158 -20.61 -50.05 27.57
C GLU H 158 -19.42 -50.81 27.01
N VAL H 159 -19.65 -51.66 26.00
CA VAL H 159 -18.58 -52.42 25.35
C VAL H 159 -18.63 -52.23 23.84
N ASP H 160 -17.43 -52.02 23.30
CA ASP H 160 -17.21 -51.72 21.91
C ASP H 160 -16.76 -52.99 21.20
N ILE H 161 -17.56 -53.45 20.25
CA ILE H 161 -17.13 -54.49 19.38
C ILE H 161 -16.94 -53.88 17.99
N GLY H 162 -15.74 -53.38 17.73
CA GLY H 162 -15.46 -52.63 16.50
C GLY H 162 -15.19 -53.53 15.31
N ILE H 163 -14.46 -52.99 14.33
CA ILE H 163 -13.82 -53.78 13.30
C ILE H 163 -12.96 -54.84 13.97
N PRO H 164 -12.89 -56.08 13.43
CA PRO H 164 -11.85 -57.01 13.81
C PRO H 164 -10.55 -56.76 13.03
N ASP H 165 -9.40 -57.08 13.65
CA ASP H 165 -8.09 -56.99 13.04
C ASP H 165 -7.73 -58.33 12.38
N ALA H 166 -6.55 -58.35 11.74
CA ALA H 166 -6.02 -59.48 10.98
C ALA H 166 -6.41 -60.81 11.64
N THR H 167 -6.12 -60.94 12.95
CA THR H 167 -6.30 -62.21 13.67
C THR H 167 -7.79 -62.57 13.73
N GLY H 168 -8.61 -61.59 14.10
CA GLY H 168 -10.06 -61.77 14.15
C GLY H 168 -10.61 -62.18 12.80
N ARG H 169 -10.16 -61.45 11.77
CA ARG H 169 -10.56 -61.69 10.39
C ARG H 169 -10.19 -63.13 10.01
N LEU H 170 -8.96 -63.53 10.38
CA LEU H 170 -8.44 -64.86 10.13
C LEU H 170 -9.33 -65.91 10.82
N GLU H 171 -9.57 -65.73 12.12
CA GLU H 171 -10.46 -66.59 12.91
C GLU H 171 -11.81 -66.74 12.19
N ILE H 172 -12.39 -65.60 11.78
CA ILE H 172 -13.71 -65.57 11.17
C ILE H 172 -13.66 -66.35 9.84
N LEU H 173 -12.64 -66.09 9.03
CA LEU H 173 -12.45 -66.79 7.77
C LEU H 173 -12.37 -68.31 8.01
N GLN H 174 -11.50 -68.72 8.96
CA GLN H 174 -11.38 -70.13 9.33
C GLN H 174 -12.76 -70.69 9.71
N ILE H 175 -13.49 -69.95 10.54
CA ILE H 175 -14.81 -70.35 11.05
C ILE H 175 -15.82 -70.51 9.91
N HIS H 176 -15.82 -69.59 8.93
CA HIS H 176 -16.77 -69.68 7.80
C HIS H 176 -16.31 -70.66 6.71
N THR H 177 -15.01 -71.01 6.71
CA THR H 177 -14.40 -71.80 5.63
C THR H 177 -13.90 -73.18 6.11
N LYS H 178 -14.19 -73.58 7.35
CA LYS H 178 -13.92 -74.95 7.78
C LYS H 178 -14.79 -75.92 6.96
N ASN H 179 -15.93 -75.45 6.46
CA ASN H 179 -16.92 -76.26 5.74
C ASN H 179 -16.70 -76.22 4.22
N MET H 180 -15.50 -75.87 3.75
CA MET H 180 -15.32 -75.45 2.34
C MET H 180 -14.25 -76.31 1.64
N LYS H 181 -14.39 -76.43 0.31
CA LYS H 181 -13.46 -77.14 -0.61
C LYS H 181 -12.17 -76.31 -0.79
N LEU H 182 -11.51 -75.98 0.33
CA LEU H 182 -10.37 -75.04 0.37
C LEU H 182 -9.15 -75.66 -0.33
N ALA H 183 -8.64 -75.01 -1.38
CA ALA H 183 -7.44 -75.50 -2.09
C ALA H 183 -6.19 -75.25 -1.24
N ASP H 184 -5.07 -75.85 -1.68
CA ASP H 184 -3.80 -75.77 -0.97
C ASP H 184 -3.11 -74.43 -1.25
N ASP H 185 -3.39 -73.85 -2.42
CA ASP H 185 -2.85 -72.55 -2.83
C ASP H 185 -3.61 -71.40 -2.13
N VAL H 186 -4.79 -71.70 -1.57
CA VAL H 186 -5.55 -70.71 -0.80
C VAL H 186 -4.73 -70.34 0.44
N ASP H 187 -4.65 -69.03 0.71
CA ASP H 187 -4.05 -68.50 1.92
C ASP H 187 -5.11 -67.67 2.65
N LEU H 188 -5.53 -68.14 3.83
CA LEU H 188 -6.52 -67.44 4.65
C LEU H 188 -5.90 -66.17 5.24
N GLU H 189 -4.68 -66.29 5.78
CA GLU H 189 -3.98 -65.18 6.46
C GLU H 189 -3.76 -64.01 5.49
N GLN H 190 -3.29 -64.33 4.27
CA GLN H 190 -3.17 -63.36 3.18
C GLN H 190 -4.45 -62.52 3.13
N VAL H 191 -5.58 -63.19 2.93
CA VAL H 191 -6.90 -62.56 2.74
C VAL H 191 -7.24 -61.75 4.01
N ALA H 192 -7.01 -62.34 5.18
CA ALA H 192 -7.26 -61.67 6.48
C ALA H 192 -6.52 -60.34 6.53
N ASN H 193 -5.25 -60.36 6.08
CA ASN H 193 -4.43 -59.16 6.04
C ASN H 193 -4.96 -58.19 4.97
N GLU H 194 -5.43 -58.73 3.84
CA GLU H 194 -5.94 -57.89 2.72
C GLU H 194 -7.33 -57.32 3.00
N THR H 195 -8.04 -57.83 4.02
CA THR H 195 -9.46 -57.49 4.24
C THR H 195 -9.62 -56.35 5.26
N HIS H 196 -9.09 -55.16 4.92
CA HIS H 196 -9.32 -53.99 5.75
C HIS H 196 -10.77 -53.53 5.57
N GLY H 197 -11.38 -53.08 6.67
CA GLY H 197 -12.74 -52.58 6.68
C GLY H 197 -13.79 -53.67 6.59
N HIS H 198 -13.36 -54.93 6.54
CA HIS H 198 -14.30 -56.03 6.54
C HIS H 198 -14.73 -56.32 7.98
N VAL H 199 -15.96 -56.80 8.14
CA VAL H 199 -16.48 -57.36 9.40
C VAL H 199 -17.00 -58.78 9.15
N GLY H 200 -17.40 -59.48 10.23
CA GLY H 200 -17.92 -60.85 10.19
C GLY H 200 -18.77 -61.11 8.96
N ALA H 201 -19.72 -60.20 8.74
CA ALA H 201 -20.66 -60.26 7.62
C ALA H 201 -19.93 -60.17 6.28
N ASP H 202 -19.09 -59.14 6.11
CA ASP H 202 -18.38 -58.90 4.84
C ASP H 202 -17.47 -60.10 4.52
N LEU H 203 -16.90 -60.69 5.58
CA LEU H 203 -16.04 -61.84 5.42
C LEU H 203 -16.88 -63.06 5.04
N ALA H 204 -18.01 -63.24 5.74
CA ALA H 204 -18.97 -64.28 5.38
C ALA H 204 -19.31 -64.17 3.88
N ALA H 205 -19.74 -62.97 3.48
CA ALA H 205 -20.12 -62.66 2.10
C ALA H 205 -18.97 -62.96 1.14
N LEU H 206 -17.76 -62.55 1.54
CA LEU H 206 -16.55 -62.82 0.78
C LEU H 206 -16.40 -64.33 0.56
N CYS H 207 -16.33 -65.08 1.64
CA CYS H 207 -16.27 -66.54 1.56
C CYS H 207 -17.36 -67.05 0.61
N SER H 208 -18.55 -66.45 0.72
CA SER H 208 -19.71 -66.86 -0.07
C SER H 208 -19.48 -66.66 -1.57
N GLU H 209 -19.07 -65.45 -1.98
CA GLU H 209 -18.79 -65.18 -3.41
C GLU H 209 -17.61 -66.04 -3.88
N ALA H 210 -16.61 -66.23 -2.99
CA ALA H 210 -15.48 -67.10 -3.27
C ALA H 210 -15.99 -68.51 -3.62
N ALA H 211 -16.89 -69.04 -2.77
CA ALA H 211 -17.57 -70.29 -3.07
C ALA H 211 -18.25 -70.19 -4.43
N LEU H 212 -19.24 -69.28 -4.54
CA LEU H 212 -20.10 -69.23 -5.73
C LEU H 212 -19.27 -69.18 -7.01
N GLN H 213 -18.16 -68.42 -7.02
CA GLN H 213 -17.39 -68.26 -8.26
C GLN H 213 -16.51 -69.48 -8.53
N ALA H 214 -16.12 -70.21 -7.48
CA ALA H 214 -15.56 -71.55 -7.68
C ALA H 214 -16.64 -72.43 -8.33
N ILE H 215 -17.81 -72.48 -7.68
CA ILE H 215 -18.96 -73.34 -8.07
C ILE H 215 -19.43 -72.98 -9.50
N ARG H 216 -19.11 -71.78 -9.96
CA ARG H 216 -19.05 -71.56 -11.41
C ARG H 216 -17.88 -72.40 -11.94
N VAL H 239 -12.49 -74.50 -4.17
CA VAL H 239 -12.21 -73.07 -3.98
C VAL H 239 -10.70 -72.84 -4.07
N THR H 240 -10.29 -72.07 -5.08
CA THR H 240 -8.90 -71.66 -5.32
C THR H 240 -8.65 -70.29 -4.68
N MET H 241 -7.38 -69.85 -4.68
CA MET H 241 -7.01 -68.52 -4.20
C MET H 241 -7.60 -67.46 -5.14
N ASP H 242 -7.54 -67.76 -6.45
CA ASP H 242 -8.10 -66.91 -7.49
C ASP H 242 -9.52 -66.46 -7.13
N ASP H 243 -10.36 -67.42 -6.71
CA ASP H 243 -11.75 -67.15 -6.35
C ASP H 243 -11.80 -66.15 -5.17
N PHE H 244 -10.96 -66.39 -4.15
CA PHE H 244 -10.93 -65.53 -2.97
C PHE H 244 -10.52 -64.11 -3.39
N ARG H 245 -9.45 -64.01 -4.17
CA ARG H 245 -8.95 -62.71 -4.61
C ARG H 245 -10.00 -62.01 -5.49
N TRP H 246 -10.70 -62.78 -6.33
CA TRP H 246 -11.76 -62.22 -7.19
C TRP H 246 -12.91 -61.68 -6.33
N ALA H 247 -13.35 -62.51 -5.37
CA ALA H 247 -14.40 -62.10 -4.42
C ALA H 247 -13.95 -60.85 -3.64
N LEU H 248 -12.65 -60.77 -3.34
CA LEU H 248 -12.06 -59.55 -2.75
C LEU H 248 -12.18 -58.37 -3.72
N SER H 249 -11.86 -58.61 -5.00
CA SER H 249 -12.08 -57.62 -6.07
C SER H 249 -13.53 -57.15 -6.04
N GLN H 250 -14.47 -58.07 -5.79
CA GLN H 250 -15.90 -57.71 -5.82
C GLN H 250 -16.33 -56.96 -4.56
N SER H 251 -15.95 -57.44 -3.36
CA SER H 251 -16.65 -57.04 -2.09
C SER H 251 -16.51 -55.53 -1.81
N ASN H 252 -17.59 -54.96 -1.23
CA ASN H 252 -17.67 -53.59 -0.76
C ASN H 252 -17.90 -53.59 0.74
N PRO H 253 -16.84 -53.72 1.56
CA PRO H 253 -16.96 -53.75 3.02
C PRO H 253 -17.75 -52.55 3.58
N SER H 254 -18.35 -52.75 4.76
CA SER H 254 -19.16 -51.73 5.44
C SER H 254 -18.27 -50.77 6.24
N ALA H 255 -17.23 -51.30 6.89
CA ALA H 255 -16.49 -50.54 7.90
C ALA H 255 -15.22 -49.93 7.32
N LEU H 256 -15.20 -49.67 6.00
CA LEU H 256 -14.15 -48.83 5.41
C LEU H 256 -14.10 -47.50 6.18
N ARG H 257 -15.29 -46.99 6.51
CA ARG H 257 -15.49 -45.61 6.98
C ARG H 257 -15.26 -45.51 8.50
N GLU H 258 -15.16 -46.65 9.19
CA GLU H 258 -15.06 -46.67 10.65
C GLU H 258 -13.58 -46.58 11.08
N THR H 259 -13.33 -45.77 12.12
CA THR H 259 -11.99 -45.45 12.64
C THR H 259 -11.38 -46.70 13.30
N VAL H 260 -10.36 -47.26 12.64
CA VAL H 260 -9.79 -48.55 13.02
C VAL H 260 -8.87 -48.32 14.24
N VAL H 261 -9.18 -49.03 15.33
CA VAL H 261 -8.33 -49.09 16.51
C VAL H 261 -7.71 -50.48 16.56
N GLU H 262 -6.37 -50.52 16.55
CA GLU H 262 -5.63 -51.76 16.79
C GLU H 262 -4.20 -51.37 17.18
N VAL H 263 -3.55 -52.27 17.92
CA VAL H 263 -2.13 -52.13 18.16
C VAL H 263 -1.43 -52.41 16.84
N PRO H 264 -0.55 -51.50 16.37
CA PRO H 264 0.12 -51.70 15.10
C PRO H 264 1.30 -52.66 15.30
N GLN H 265 1.70 -53.32 14.21
CA GLN H 265 2.78 -54.29 14.26
C GLN H 265 3.99 -53.74 13.49
N VAL H 266 4.39 -52.51 13.86
CA VAL H 266 5.69 -51.98 13.45
C VAL H 266 6.56 -51.95 14.71
N THR H 267 7.65 -52.73 14.67
CA THR H 267 8.60 -52.80 15.77
C THR H 267 9.41 -51.50 15.80
N TRP H 268 10.13 -51.26 16.89
CA TRP H 268 11.11 -50.19 16.90
C TRP H 268 12.25 -50.53 15.93
N GLU H 269 12.65 -51.80 15.89
CA GLU H 269 13.81 -52.24 15.10
C GLU H 269 13.45 -52.34 13.61
N ASP H 270 12.16 -52.19 13.25
CA ASP H 270 11.75 -51.93 11.87
C ASP H 270 12.20 -50.51 11.48
N ILE H 271 12.10 -49.59 12.45
CA ILE H 271 12.57 -48.21 12.32
C ILE H 271 14.02 -48.14 12.80
N GLY H 272 14.95 -48.57 11.92
CA GLY H 272 16.37 -48.43 12.18
C GLY H 272 16.74 -46.97 12.38
N GLY H 273 17.70 -46.69 13.27
CA GLY H 273 18.16 -45.32 13.55
C GLY H 273 17.04 -44.48 14.17
N LEU H 274 17.17 -43.15 14.03
CA LEU H 274 16.28 -42.23 14.74
C LEU H 274 16.16 -42.68 16.20
N GLU H 275 17.26 -42.55 16.93
CA GLU H 275 17.47 -43.21 18.21
C GLU H 275 17.01 -42.28 19.35
N ASP H 276 17.60 -41.08 19.36
CA ASP H 276 17.23 -40.02 20.27
C ASP H 276 15.70 -39.97 20.41
N VAL H 277 14.97 -40.02 19.27
CA VAL H 277 13.50 -39.91 19.29
C VAL H 277 12.92 -41.17 19.93
N LYS H 278 13.47 -42.35 19.60
CA LYS H 278 13.12 -43.60 20.27
C LYS H 278 13.16 -43.38 21.78
N ARG H 279 14.32 -42.96 22.28
CA ARG H 279 14.53 -42.89 23.73
C ARG H 279 13.65 -41.78 24.34
N GLU H 280 13.56 -40.63 23.66
CA GLU H 280 12.66 -39.57 24.09
C GLU H 280 11.25 -40.12 24.27
N LEU H 281 10.69 -40.65 23.18
CA LEU H 281 9.34 -41.25 23.16
C LEU H 281 9.19 -42.32 24.25
N GLN H 282 10.25 -43.11 24.46
CA GLN H 282 10.23 -44.11 25.52
C GLN H 282 10.07 -43.40 26.88
N GLU H 283 10.88 -42.36 27.11
CA GLU H 283 10.86 -41.61 28.40
C GLU H 283 9.51 -40.89 28.59
N LEU H 284 8.89 -40.46 27.47
CA LEU H 284 7.62 -39.73 27.48
C LEU H 284 6.49 -40.70 27.80
N VAL H 285 6.41 -41.79 27.00
CA VAL H 285 5.19 -42.64 26.81
C VAL H 285 5.37 -44.09 27.30
N GLN H 286 6.60 -44.63 27.21
CA GLN H 286 6.88 -46.02 27.59
C GLN H 286 7.11 -46.14 29.10
N TYR H 287 8.00 -45.31 29.66
CA TYR H 287 8.39 -45.42 31.07
C TYR H 287 7.17 -45.36 31.99
N PRO H 288 6.15 -44.50 31.76
CA PRO H 288 4.99 -44.43 32.67
C PRO H 288 3.92 -45.53 32.51
N VAL H 289 3.95 -46.30 31.43
CA VAL H 289 3.09 -47.48 31.35
C VAL H 289 3.90 -48.71 31.75
N GLU H 290 5.22 -48.72 31.54
CA GLU H 290 6.06 -49.93 31.74
C GLU H 290 6.73 -49.95 33.11
N HIS H 291 6.92 -48.79 33.75
CA HIS H 291 7.54 -48.74 35.09
C HIS H 291 6.79 -47.76 35.98
N PRO H 292 5.43 -47.76 35.98
CA PRO H 292 4.67 -46.71 36.66
C PRO H 292 5.09 -46.51 38.12
N ASP H 293 5.43 -47.62 38.78
CA ASP H 293 6.02 -47.67 40.10
C ASP H 293 6.94 -46.45 40.29
N LYS H 294 7.86 -46.26 39.34
CA LYS H 294 8.80 -45.16 39.36
C LYS H 294 8.07 -43.81 39.34
N PHE H 295 7.22 -43.56 38.32
CA PHE H 295 6.57 -42.24 38.15
C PHE H 295 5.78 -41.90 39.43
N LEU H 296 5.10 -42.92 39.95
CA LEU H 296 4.38 -42.82 41.21
C LEU H 296 5.38 -42.48 42.33
N LYS H 297 6.57 -43.10 42.28
CA LYS H 297 7.60 -43.01 43.34
C LYS H 297 8.21 -41.60 43.39
N PHE H 298 8.81 -41.17 42.28
CA PHE H 298 9.36 -39.82 42.18
C PHE H 298 8.24 -38.76 42.29
N GLY H 299 7.03 -39.15 41.86
CA GLY H 299 5.83 -38.33 42.09
C GLY H 299 5.43 -37.52 40.87
N MET H 300 6.42 -37.05 40.09
CA MET H 300 6.12 -36.34 38.86
C MET H 300 5.24 -37.24 37.98
N THR H 301 4.29 -36.60 37.28
CA THR H 301 3.24 -37.25 36.48
C THR H 301 3.53 -37.00 34.99
N PRO H 302 3.08 -37.87 34.06
CA PRO H 302 3.73 -38.01 32.76
C PRO H 302 3.37 -36.87 31.80
N SER H 303 4.00 -36.84 30.63
CA SER H 303 3.58 -35.89 29.59
C SER H 303 2.17 -36.28 29.15
N LYS H 304 1.29 -35.29 28.92
CA LYS H 304 -0.01 -35.59 28.34
C LYS H 304 0.20 -36.09 26.91
N GLY H 305 1.05 -35.38 26.17
CA GLY H 305 1.35 -35.74 24.80
C GLY H 305 2.50 -34.96 24.17
N VAL H 306 2.59 -35.13 22.85
CA VAL H 306 3.79 -34.94 22.08
C VAL H 306 3.45 -34.05 20.89
N LEU H 307 4.48 -33.55 20.19
CA LEU H 307 4.26 -33.02 18.87
C LEU H 307 5.43 -33.40 17.96
N PHE H 308 5.08 -34.15 16.90
CA PHE H 308 5.99 -34.50 15.84
C PHE H 308 5.95 -33.40 14.76
N TYR H 309 7.07 -32.69 14.62
CA TYR H 309 7.22 -31.80 13.51
C TYR H 309 8.51 -32.16 12.78
N GLY H 310 8.59 -31.68 11.54
CA GLY H 310 9.74 -31.85 10.69
C GLY H 310 9.33 -31.89 9.23
N PRO H 311 10.16 -32.48 8.34
CA PRO H 311 9.87 -32.45 6.91
C PRO H 311 8.87 -33.53 6.57
N PRO H 312 8.07 -33.33 5.49
CA PRO H 312 6.91 -34.17 5.16
C PRO H 312 7.26 -35.60 4.73
N GLY H 313 8.50 -35.80 4.26
CA GLY H 313 9.00 -37.11 3.88
C GLY H 313 9.64 -37.82 5.06
N CYS H 314 8.79 -38.44 5.87
CA CYS H 314 9.20 -39.25 7.00
C CYS H 314 8.01 -40.05 7.53
N GLY H 315 8.30 -40.95 8.47
CA GLY H 315 7.28 -41.81 9.04
C GLY H 315 6.87 -41.33 10.39
N LYS H 316 6.34 -40.10 10.45
CA LYS H 316 5.85 -39.53 11.68
C LYS H 316 4.77 -40.46 12.23
N THR H 317 3.89 -40.95 11.35
CA THR H 317 2.90 -41.98 11.60
C THR H 317 3.55 -43.23 12.22
N LEU H 318 4.61 -43.70 11.55
CA LEU H 318 5.21 -44.96 11.83
C LEU H 318 5.93 -44.93 13.16
N LEU H 319 6.50 -43.78 13.54
CA LEU H 319 7.15 -43.64 14.87
C LEU H 319 6.09 -43.78 15.95
N ALA H 320 5.01 -43.02 15.76
CA ALA H 320 3.89 -43.03 16.67
C ALA H 320 3.35 -44.46 16.80
N LYS H 321 3.20 -45.15 15.67
CA LYS H 321 2.83 -46.55 15.68
C LYS H 321 3.85 -47.32 16.53
N ALA H 322 5.13 -47.16 16.18
CA ALA H 322 6.27 -47.92 16.75
C ALA H 322 6.31 -47.80 18.27
N ILE H 323 6.01 -46.61 18.81
CA ILE H 323 5.96 -46.44 20.27
C ILE H 323 4.72 -47.15 20.85
N ALA H 324 3.59 -47.13 20.14
CA ALA H 324 2.39 -47.86 20.58
C ALA H 324 2.67 -49.37 20.61
N ASN H 325 3.23 -49.89 19.51
CA ASN H 325 3.69 -51.25 19.35
C ASN H 325 4.66 -51.60 20.48
N GLU H 326 5.65 -50.72 20.73
CA GLU H 326 6.62 -50.87 21.82
C GLU H 326 5.92 -50.91 23.19
N CYS H 327 4.84 -50.14 23.38
CA CYS H 327 4.12 -50.16 24.66
C CYS H 327 2.94 -51.14 24.65
N GLN H 328 2.83 -51.96 23.59
CA GLN H 328 1.65 -52.80 23.28
C GLN H 328 0.36 -52.07 23.70
N ALA H 329 0.21 -50.83 23.19
CA ALA H 329 -0.99 -50.02 23.35
C ALA H 329 -1.62 -49.81 21.96
N ASN H 330 -2.89 -49.39 21.96
CA ASN H 330 -3.64 -49.18 20.73
C ASN H 330 -3.15 -47.93 20.01
N PHE H 331 -3.71 -47.72 18.81
CA PHE H 331 -3.32 -46.63 17.96
C PHE H 331 -4.56 -46.09 17.22
N ILE H 332 -4.67 -44.76 17.08
CA ILE H 332 -5.77 -44.20 16.30
C ILE H 332 -5.26 -43.01 15.47
N SER H 333 -5.34 -43.14 14.14
CA SER H 333 -4.97 -42.07 13.20
C SER H 333 -6.21 -41.20 12.89
N ILE H 334 -6.14 -39.92 13.23
CA ILE H 334 -6.99 -38.95 12.61
C ILE H 334 -6.16 -38.29 11.50
N LYS H 335 -6.32 -38.81 10.29
CA LYS H 335 -5.98 -38.12 9.06
C LYS H 335 -6.59 -36.71 9.16
N GLY H 336 -5.85 -35.70 8.66
CA GLY H 336 -6.31 -34.29 8.69
C GLY H 336 -7.60 -34.05 7.90
N PRO H 337 -7.85 -34.72 6.76
CA PRO H 337 -9.16 -34.71 6.11
C PRO H 337 -10.39 -35.02 6.98
N GLU H 338 -10.19 -35.76 8.07
CA GLU H 338 -11.18 -35.87 9.14
C GLU H 338 -11.34 -34.50 9.82
N LEU H 339 -10.20 -33.90 10.19
CA LEU H 339 -10.20 -32.60 10.80
C LEU H 339 -10.89 -31.60 9.85
N LEU H 340 -10.42 -31.52 8.60
CA LEU H 340 -10.99 -30.56 7.62
C LEU H 340 -12.49 -30.78 7.52
N THR H 341 -12.92 -32.05 7.36
CA THR H 341 -14.33 -32.38 7.27
C THR H 341 -15.07 -31.80 8.48
N MET H 342 -14.48 -31.87 9.67
CA MET H 342 -15.11 -31.35 10.87
C MET H 342 -15.17 -29.82 10.79
N TRP H 343 -14.03 -29.16 10.52
CA TRP H 343 -14.04 -27.70 10.52
C TRP H 343 -15.07 -27.20 9.49
N PHE H 344 -14.87 -27.55 8.22
CA PHE H 344 -15.70 -27.07 7.12
C PHE H 344 -17.19 -27.39 7.35
N GLY H 345 -17.49 -28.44 8.12
CA GLY H 345 -18.89 -28.81 8.47
C GLY H 345 -19.35 -28.26 9.81
N GLU H 346 -18.39 -27.84 10.63
CA GLU H 346 -18.57 -27.39 12.01
C GLU H 346 -19.23 -28.52 12.79
N SER H 347 -18.61 -29.70 12.73
CA SER H 347 -18.96 -30.83 13.55
C SER H 347 -17.79 -31.09 14.52
N GLU H 348 -17.54 -30.11 15.38
CA GLU H 348 -16.52 -30.21 16.42
C GLU H 348 -17.00 -31.21 17.49
N ALA H 349 -18.32 -31.31 17.65
CA ALA H 349 -18.93 -32.37 18.44
C ALA H 349 -18.03 -33.61 18.40
N ASN H 350 -17.78 -34.11 17.19
CA ASN H 350 -17.18 -35.43 16.95
C ASN H 350 -15.79 -35.58 17.58
N VAL H 351 -15.13 -34.48 17.95
CA VAL H 351 -13.89 -34.60 18.67
C VAL H 351 -14.15 -35.36 19.98
N ARG H 352 -15.17 -34.89 20.72
CA ARG H 352 -15.60 -35.49 21.97
C ARG H 352 -15.76 -37.01 21.79
N GLU H 353 -16.40 -37.39 20.68
CA GLU H 353 -16.64 -38.78 20.30
C GLU H 353 -15.29 -39.49 20.05
N ILE H 354 -14.37 -38.85 19.34
CA ILE H 354 -13.04 -39.42 19.09
C ILE H 354 -12.37 -39.71 20.44
N PHE H 355 -12.26 -38.69 21.29
CA PHE H 355 -11.60 -38.88 22.57
C PHE H 355 -12.31 -39.94 23.40
N ASP H 356 -13.65 -39.95 23.39
CA ASP H 356 -14.37 -41.02 24.05
C ASP H 356 -13.88 -42.37 23.50
N LYS H 357 -13.78 -42.48 22.17
CA LYS H 357 -13.37 -43.71 21.49
C LYS H 357 -11.94 -44.11 21.88
N ALA H 358 -11.05 -43.13 22.05
CA ALA H 358 -9.69 -43.43 22.51
C ALA H 358 -9.72 -43.89 23.96
N ARG H 359 -10.33 -43.06 24.80
CA ARG H 359 -10.49 -43.26 26.25
C ARG H 359 -10.99 -44.69 26.49
N GLN H 360 -12.03 -45.09 25.75
CA GLN H 360 -12.64 -46.41 25.90
C GLN H 360 -11.65 -47.50 25.47
N ALA H 361 -10.86 -47.22 24.43
CA ALA H 361 -9.90 -48.18 23.93
C ALA H 361 -8.51 -47.95 24.54
N ALA H 362 -8.45 -47.49 25.80
CA ALA H 362 -7.16 -47.30 26.51
C ALA H 362 -6.42 -48.64 26.56
N PRO H 363 -5.16 -48.63 27.00
CA PRO H 363 -4.22 -47.58 26.57
C PRO H 363 -3.95 -47.55 25.07
N CYS H 364 -3.58 -46.36 24.60
CA CYS H 364 -3.78 -45.97 23.21
C CYS H 364 -2.95 -44.72 22.89
N VAL H 365 -2.47 -44.61 21.64
CA VAL H 365 -2.00 -43.30 21.17
C VAL H 365 -3.00 -42.77 20.13
N LEU H 366 -3.55 -41.61 20.49
CA LEU H 366 -4.36 -40.81 19.65
C LEU H 366 -3.42 -39.91 18.85
N PHE H 367 -3.33 -40.25 17.57
CA PHE H 367 -2.41 -39.63 16.66
C PHE H 367 -3.21 -38.71 15.73
N PHE H 368 -2.97 -37.42 15.88
CA PHE H 368 -3.48 -36.46 14.94
C PHE H 368 -2.42 -36.23 13.85
N ASP H 369 -2.84 -36.46 12.61
CA ASP H 369 -2.02 -36.12 11.51
C ASP H 369 -2.38 -34.70 11.08
N GLU H 370 -1.39 -33.98 10.56
CA GLU H 370 -1.60 -32.67 10.01
C GLU H 370 -2.44 -31.86 11.01
N LEU H 371 -1.94 -31.69 12.24
CA LEU H 371 -2.71 -30.94 13.24
C LEU H 371 -2.91 -29.50 12.75
N ASP H 372 -2.01 -29.07 11.85
CA ASP H 372 -1.99 -27.74 11.29
C ASP H 372 -3.15 -27.52 10.29
N SER H 373 -3.93 -28.55 9.92
CA SER H 373 -4.89 -28.47 8.78
C SER H 373 -5.95 -27.41 9.00
N ILE H 374 -6.62 -27.47 10.15
CA ILE H 374 -7.67 -26.53 10.47
C ILE H 374 -7.07 -25.13 10.38
N ALA H 375 -6.10 -24.88 11.26
CA ALA H 375 -5.35 -23.64 11.29
C ALA H 375 -4.74 -23.34 9.91
N LYS H 376 -4.16 -24.32 9.22
CA LYS H 376 -3.49 -24.06 7.93
C LYS H 376 -4.49 -23.50 6.93
N ALA H 377 -5.59 -24.25 6.74
CA ALA H 377 -6.34 -24.16 5.51
C ALA H 377 -6.86 -22.74 5.28
N ARG H 378 -7.17 -22.01 6.34
CA ARG H 378 -7.45 -20.58 6.21
C ARG H 378 -6.28 -19.93 5.44
N ALA H 388 -15.96 -22.67 13.21
CA ALA H 388 -15.62 -23.13 14.55
C ALA H 388 -14.29 -23.92 14.53
N ALA H 389 -13.18 -23.22 14.21
CA ALA H 389 -11.92 -23.82 13.67
C ALA H 389 -10.84 -23.94 14.74
N ASP H 390 -10.23 -22.81 15.11
CA ASP H 390 -9.47 -22.80 16.31
C ASP H 390 -10.31 -23.56 17.34
N ARG H 391 -11.64 -23.60 17.13
CA ARG H 391 -12.59 -24.41 17.95
C ARG H 391 -12.39 -25.91 17.71
N VAL H 392 -12.33 -26.39 16.47
CA VAL H 392 -12.01 -27.80 16.26
C VAL H 392 -10.67 -28.10 16.96
N ILE H 393 -9.63 -27.33 16.63
CA ILE H 393 -8.37 -27.49 17.39
C ILE H 393 -8.67 -27.31 18.90
N ASN H 394 -9.58 -26.38 19.24
CA ASN H 394 -9.96 -25.99 20.64
C ASN H 394 -10.78 -27.11 21.30
N GLN H 395 -11.63 -27.80 20.55
CA GLN H 395 -12.34 -28.89 21.17
C GLN H 395 -11.30 -29.90 21.63
N ILE H 396 -10.32 -30.18 20.75
CA ILE H 396 -9.18 -31.03 21.09
C ILE H 396 -8.52 -30.49 22.37
N LEU H 397 -8.46 -29.16 22.53
CA LEU H 397 -7.94 -28.58 23.78
C LEU H 397 -8.84 -29.02 24.95
N THR H 398 -10.10 -28.61 24.93
CA THR H 398 -11.03 -28.83 26.03
C THR H 398 -11.00 -30.33 26.39
N GLU H 399 -10.84 -31.19 25.38
CA GLU H 399 -10.82 -32.63 25.58
C GLU H 399 -9.49 -33.10 26.21
N MET H 400 -8.37 -32.52 25.81
CA MET H 400 -7.08 -32.80 26.45
C MET H 400 -7.09 -32.33 27.91
N ASP H 401 -7.68 -31.14 28.14
CA ASP H 401 -7.85 -30.57 29.48
C ASP H 401 -8.70 -31.53 30.33
N GLY H 402 -9.87 -31.90 29.79
CA GLY H 402 -10.88 -32.71 30.50
C GLY H 402 -10.56 -34.20 30.60
N MET H 403 -9.69 -34.72 29.72
CA MET H 403 -9.29 -36.10 29.78
C MET H 403 -8.48 -36.32 31.07
N SER H 404 -8.78 -37.43 31.75
CA SER H 404 -8.11 -37.79 32.98
C SER H 404 -6.65 -38.16 32.68
N THR H 405 -5.75 -37.52 33.41
CA THR H 405 -4.31 -37.75 33.39
C THR H 405 -3.96 -39.25 33.49
N LYS H 406 -4.72 -39.97 34.31
CA LYS H 406 -4.34 -41.29 34.79
C LYS H 406 -4.58 -42.33 33.68
N LYS H 407 -5.78 -42.33 33.09
CA LYS H 407 -6.04 -43.05 31.84
C LYS H 407 -4.78 -42.99 30.98
N ASN H 408 -4.18 -44.14 30.65
CA ASN H 408 -2.94 -44.09 29.86
C ASN H 408 -3.30 -44.03 28.38
N VAL H 409 -3.60 -42.81 27.90
CA VAL H 409 -3.88 -42.50 26.50
C VAL H 409 -2.98 -41.34 26.09
N PHE H 410 -2.00 -41.61 25.23
CA PHE H 410 -1.09 -40.55 24.74
C PHE H 410 -1.63 -39.94 23.46
N ILE H 411 -1.06 -38.80 23.07
CA ILE H 411 -1.74 -37.97 22.10
C ILE H 411 -0.72 -37.19 21.28
N ILE H 412 -0.37 -37.76 20.12
CA ILE H 412 0.74 -37.29 19.31
C ILE H 412 0.20 -36.45 18.16
N GLY H 413 0.79 -35.25 18.03
CA GLY H 413 0.37 -34.21 17.11
C GLY H 413 1.39 -33.99 16.02
N ALA H 414 1.05 -34.47 14.81
CA ALA H 414 1.95 -34.39 13.66
C ALA H 414 1.78 -33.05 12.92
N THR H 415 2.87 -32.60 12.30
CA THR H 415 2.83 -31.46 11.40
C THR H 415 4.04 -31.47 10.46
N ASN H 416 4.24 -30.32 9.83
CA ASN H 416 5.50 -29.95 9.24
C ASN H 416 5.69 -28.44 9.46
N ARG H 417 4.84 -27.84 10.30
CA ARG H 417 4.76 -26.41 10.40
C ARG H 417 4.51 -26.05 11.86
N PRO H 418 5.48 -26.27 12.77
CA PRO H 418 5.27 -25.89 14.17
C PRO H 418 4.76 -24.44 14.20
N ASP H 419 5.17 -23.68 13.17
CA ASP H 419 4.92 -22.25 13.00
C ASP H 419 3.42 -21.93 12.93
N ILE H 420 2.56 -22.90 12.61
CA ILE H 420 1.16 -22.60 12.33
C ILE H 420 0.22 -23.17 13.39
N ILE H 421 0.75 -23.99 14.28
CA ILE H 421 -0.11 -24.61 15.23
C ILE H 421 -0.46 -23.60 16.30
N ASP H 422 -1.78 -23.46 16.56
CA ASP H 422 -2.31 -22.67 17.68
C ASP H 422 -1.44 -22.94 18.91
N PRO H 423 -0.58 -21.99 19.36
CA PRO H 423 0.49 -22.31 20.29
C PRO H 423 -0.06 -22.72 21.67
N ALA H 424 -1.34 -22.45 21.90
CA ALA H 424 -2.06 -22.95 23.07
C ALA H 424 -1.92 -24.48 23.16
N ILE H 425 -1.85 -25.15 22.01
CA ILE H 425 -1.66 -26.59 21.95
C ILE H 425 -0.28 -26.97 22.51
N LEU H 426 0.68 -26.06 22.36
CA LEU H 426 2.04 -26.31 22.79
C LEU H 426 2.30 -25.76 24.21
N ARG H 427 1.21 -25.39 24.89
CA ARG H 427 1.19 -25.00 26.30
C ARG H 427 1.38 -26.27 27.14
N PRO H 428 2.12 -26.25 28.27
CA PRO H 428 2.29 -27.46 29.05
C PRO H 428 0.93 -28.04 29.45
N GLY H 429 0.87 -29.37 29.61
CA GLY H 429 -0.34 -30.09 29.96
C GLY H 429 -1.21 -30.38 28.74
N ARG H 430 -0.62 -30.15 27.57
CA ARG H 430 -1.21 -30.42 26.28
C ARG H 430 -0.12 -31.11 25.46
N LEU H 431 0.34 -30.49 24.37
CA LEU H 431 1.45 -31.02 23.66
C LEU H 431 2.69 -30.32 24.21
N ASP H 432 3.03 -30.77 25.42
CA ASP H 432 4.14 -30.28 26.16
C ASP H 432 5.39 -30.47 25.30
N GLN H 433 5.73 -31.73 25.03
CA GLN H 433 6.98 -32.11 24.42
C GLN H 433 6.89 -31.90 22.90
N LEU H 434 7.83 -31.13 22.36
CA LEU H 434 8.08 -31.04 20.94
C LEU H 434 9.21 -32.00 20.57
N ILE H 435 9.08 -32.65 19.41
CA ILE H 435 10.15 -33.49 18.91
C ILE H 435 10.35 -33.20 17.43
N TYR H 436 11.58 -32.83 17.06
CA TYR H 436 11.96 -32.71 15.66
C TYR H 436 12.23 -34.12 15.14
N ILE H 437 11.28 -34.63 14.35
CA ILE H 437 11.42 -35.87 13.61
C ILE H 437 12.03 -35.49 12.27
N PRO H 438 13.36 -35.63 12.16
CA PRO H 438 14.10 -35.09 11.03
C PRO H 438 14.19 -36.12 9.91
N LEU H 439 14.99 -35.78 8.90
CA LEU H 439 15.23 -36.64 7.79
C LEU H 439 15.87 -37.95 8.23
N PRO H 440 15.60 -39.04 7.49
CA PRO H 440 16.11 -40.36 7.87
C PRO H 440 17.64 -40.43 7.81
N ASP H 441 18.23 -41.17 8.77
CA ASP H 441 19.65 -41.52 8.81
C ASP H 441 19.90 -42.72 7.91
N GLU H 442 21.18 -43.06 7.72
CA GLU H 442 21.60 -44.06 6.74
C GLU H 442 20.95 -45.40 7.12
N LYS H 443 20.99 -45.70 8.42
CA LYS H 443 20.40 -46.91 8.96
C LYS H 443 18.91 -46.93 8.59
N SER H 444 18.29 -45.75 8.75
CA SER H 444 16.88 -45.56 8.50
C SER H 444 16.57 -45.55 6.98
N ARG H 445 17.46 -44.94 6.17
CA ARG H 445 17.35 -44.99 4.70
C ARG H 445 17.30 -46.46 4.28
N VAL H 446 18.29 -47.21 4.75
CA VAL H 446 18.35 -48.63 4.52
C VAL H 446 17.01 -49.24 4.96
N ALA H 447 16.63 -48.99 6.22
CA ALA H 447 15.35 -49.49 6.77
C ALA H 447 14.20 -49.26 5.78
N ILE H 448 14.15 -48.05 5.17
CA ILE H 448 13.01 -47.66 4.33
C ILE H 448 13.12 -48.29 2.95
N LEU H 449 14.32 -48.38 2.40
CA LEU H 449 14.51 -49.15 1.19
C LEU H 449 13.96 -50.56 1.45
N LYS H 450 14.40 -51.15 2.57
CA LYS H 450 13.98 -52.48 2.98
C LYS H 450 12.45 -52.55 3.06
N ALA H 451 11.82 -51.59 3.73
CA ALA H 451 10.38 -51.58 3.89
C ALA H 451 9.70 -51.48 2.52
N ASN H 452 10.19 -50.57 1.67
CA ASN H 452 9.61 -50.29 0.34
C ASN H 452 9.80 -51.50 -0.59
N LEU H 453 10.83 -52.32 -0.33
CA LEU H 453 11.11 -53.47 -1.16
C LEU H 453 10.79 -54.79 -0.44
N ARG H 454 10.11 -54.73 0.71
CA ARG H 454 9.96 -55.92 1.58
C ARG H 454 9.56 -57.13 0.74
N LYS H 455 8.33 -57.11 0.19
CA LYS H 455 7.88 -58.14 -0.71
C LYS H 455 8.26 -57.71 -2.13
N SER H 456 9.40 -58.21 -2.60
CA SER H 456 9.90 -57.95 -3.95
C SER H 456 11.09 -58.86 -4.26
N PRO H 457 11.34 -59.11 -5.57
CA PRO H 457 12.57 -59.78 -6.01
C PRO H 457 13.75 -58.81 -6.19
N VAL H 458 14.78 -58.99 -5.36
CA VAL H 458 15.87 -58.05 -5.17
C VAL H 458 17.20 -58.83 -5.12
N ALA H 459 17.93 -58.90 -6.24
CA ALA H 459 19.19 -59.68 -6.25
C ALA H 459 20.25 -58.96 -5.40
N LYS H 460 21.17 -59.74 -4.83
CA LYS H 460 22.05 -59.23 -3.78
C LYS H 460 23.02 -58.18 -4.33
N ASP H 461 23.14 -58.06 -5.67
CA ASP H 461 23.96 -56.99 -6.28
C ASP H 461 23.17 -55.65 -6.28
N VAL H 462 22.04 -55.59 -5.55
CA VAL H 462 21.52 -54.32 -5.05
C VAL H 462 22.02 -54.15 -3.61
N ASP H 463 23.19 -53.53 -3.48
CA ASP H 463 23.66 -53.05 -2.19
C ASP H 463 22.86 -51.79 -1.88
N LEU H 464 22.44 -51.68 -0.62
CA LEU H 464 21.49 -50.66 -0.21
C LEU H 464 22.22 -49.49 0.46
N GLU H 465 23.54 -49.63 0.61
CA GLU H 465 24.30 -48.63 1.28
C GLU H 465 24.96 -47.70 0.24
N PHE H 466 25.39 -48.26 -0.90
CA PHE H 466 25.56 -47.49 -2.15
C PHE H 466 24.38 -46.51 -2.23
N LEU H 467 23.15 -47.00 -1.95
CA LEU H 467 21.86 -46.21 -1.96
C LEU H 467 21.74 -45.31 -0.72
N ALA H 468 22.24 -45.76 0.43
CA ALA H 468 22.31 -44.94 1.64
C ALA H 468 23.12 -43.65 1.40
N LYS H 469 24.33 -43.81 0.86
CA LYS H 469 25.26 -42.70 0.70
C LYS H 469 24.75 -41.70 -0.33
N MET H 470 24.29 -42.21 -1.47
CA MET H 470 23.89 -41.36 -2.57
C MET H 470 22.70 -40.49 -2.16
N THR H 471 21.91 -40.96 -1.19
CA THR H 471 20.63 -40.36 -0.87
C THR H 471 20.72 -39.56 0.43
N ASN H 472 21.85 -38.92 0.68
CA ASN H 472 21.96 -37.96 1.76
C ASN H 472 21.08 -36.74 1.45
N GLY H 473 20.21 -36.37 2.40
CA GLY H 473 19.29 -35.21 2.28
C GLY H 473 17.93 -35.59 1.69
N PHE H 474 17.75 -36.89 1.45
CA PHE H 474 16.55 -37.42 0.88
C PHE H 474 15.55 -37.73 1.98
N SER H 475 14.29 -37.50 1.64
CA SER H 475 13.18 -37.93 2.42
C SER H 475 12.82 -39.37 2.04
N GLY H 476 12.21 -40.09 2.98
CA GLY H 476 11.59 -41.36 2.69
C GLY H 476 10.94 -41.37 1.32
N ALA H 477 10.14 -40.34 1.06
CA ALA H 477 9.36 -40.23 -0.17
C ALA H 477 10.22 -40.47 -1.41
N ASP H 478 11.44 -39.95 -1.39
CA ASP H 478 12.33 -40.05 -2.54
C ASP H 478 12.88 -41.47 -2.66
N LEU H 479 13.17 -42.09 -1.52
CA LEU H 479 13.66 -43.45 -1.53
C LEU H 479 12.55 -44.30 -2.15
N THR H 480 11.34 -44.05 -1.65
CA THR H 480 10.15 -44.68 -2.07
C THR H 480 9.99 -44.53 -3.58
N GLU H 481 9.96 -43.30 -4.09
CA GLU H 481 9.72 -43.11 -5.52
C GLU H 481 10.90 -43.71 -6.32
N ILE H 482 12.13 -43.73 -5.77
CA ILE H 482 13.25 -44.48 -6.41
C ILE H 482 12.79 -45.93 -6.59
N CYS H 483 12.46 -46.58 -5.47
CA CYS H 483 12.04 -47.99 -5.46
C CYS H 483 10.89 -48.23 -6.44
N GLN H 484 9.87 -47.36 -6.39
CA GLN H 484 8.69 -47.52 -7.24
C GLN H 484 9.10 -47.37 -8.71
N ARG H 485 9.92 -46.35 -9.03
CA ARG H 485 10.37 -46.15 -10.43
C ARG H 485 11.11 -47.40 -10.88
N ALA H 486 12.05 -47.87 -10.05
CA ALA H 486 12.74 -49.14 -10.34
C ALA H 486 11.70 -50.22 -10.66
N CYS H 487 10.78 -50.46 -9.71
CA CYS H 487 9.83 -51.54 -9.84
C CYS H 487 9.04 -51.41 -11.14
N LYS H 488 8.66 -50.18 -11.51
CA LYS H 488 7.91 -49.96 -12.75
C LYS H 488 8.82 -50.24 -13.97
N LEU H 489 10.11 -49.87 -13.89
CA LEU H 489 11.07 -50.23 -14.98
C LEU H 489 11.11 -51.76 -15.12
N ALA H 490 11.16 -52.44 -13.97
CA ALA H 490 11.19 -53.91 -13.94
C ALA H 490 9.92 -54.49 -14.57
N ILE H 491 8.75 -54.09 -14.08
CA ILE H 491 7.48 -54.57 -14.65
C ILE H 491 7.47 -54.31 -16.16
N ARG H 492 7.75 -53.05 -16.54
CA ARG H 492 7.80 -52.63 -17.95
C ARG H 492 8.66 -53.63 -18.75
N GLU H 493 9.95 -53.70 -18.40
CA GLU H 493 10.90 -54.59 -19.09
C GLU H 493 10.32 -56.01 -19.17
N SER H 494 9.78 -56.48 -18.03
CA SER H 494 9.21 -57.82 -17.91
C SER H 494 8.09 -58.05 -18.94
N ILE H 495 6.98 -57.32 -18.81
CA ILE H 495 5.81 -57.64 -19.65
C ILE H 495 6.07 -57.21 -21.11
N GLU H 496 6.91 -56.18 -21.33
CA GLU H 496 7.28 -55.79 -22.70
C GLU H 496 8.02 -56.97 -23.37
N SER H 497 8.98 -57.54 -22.63
CA SER H 497 9.71 -58.71 -23.08
C SER H 497 8.78 -59.92 -23.25
N GLU H 498 7.83 -60.12 -22.32
CA GLU H 498 6.88 -61.25 -22.43
C GLU H 498 6.00 -61.10 -23.68
N ILE H 499 5.49 -59.88 -23.94
CA ILE H 499 4.65 -59.62 -25.15
C ILE H 499 5.51 -59.77 -26.41
N ARG H 500 6.75 -59.26 -26.36
CA ARG H 500 7.76 -59.47 -27.44
C ARG H 500 7.96 -60.99 -27.68
N ARG H 501 7.96 -61.78 -26.61
CA ARG H 501 8.09 -63.26 -26.69
C ARG H 501 6.79 -63.91 -27.20
N GLU H 502 5.61 -63.34 -26.91
CA GLU H 502 4.35 -63.76 -27.56
C GLU H 502 4.43 -63.53 -29.08
N ARG H 503 4.85 -62.30 -29.46
CA ARG H 503 4.96 -61.93 -30.88
C ARG H 503 6.06 -62.73 -31.61
N GLU H 504 7.15 -63.07 -30.91
CA GLU H 504 8.24 -63.89 -31.48
C GLU H 504 7.93 -65.38 -31.39
N ARG H 505 6.97 -65.77 -30.53
CA ARG H 505 6.44 -67.15 -30.48
C ARG H 505 5.31 -67.33 -31.52
N GLN H 506 4.70 -66.23 -32.00
CA GLN H 506 3.81 -66.33 -33.18
C GLN H 506 4.56 -65.90 -34.46
N THR H 507 5.70 -66.57 -34.74
CA THR H 507 6.46 -66.42 -36.00
C THR H 507 5.54 -66.75 -37.17
N GLU H 522 13.70 -60.84 -11.68
CA GLU H 522 14.06 -60.08 -10.45
C GLU H 522 14.60 -58.67 -10.74
N ILE H 523 14.78 -57.85 -9.68
CA ILE H 523 15.16 -56.40 -9.79
C ILE H 523 16.61 -56.17 -9.33
N ARG H 524 17.41 -55.42 -10.12
CA ARG H 524 18.92 -55.30 -9.97
C ARG H 524 19.43 -53.89 -10.26
N ARG H 525 20.56 -53.47 -9.65
CA ARG H 525 20.99 -52.01 -9.52
C ARG H 525 21.10 -51.34 -10.90
N ASP H 526 20.98 -52.13 -11.99
CA ASP H 526 20.76 -51.58 -13.33
C ASP H 526 19.51 -50.69 -13.29
N HIS H 527 18.37 -51.35 -13.08
CA HIS H 527 17.07 -50.76 -12.77
C HIS H 527 17.17 -49.56 -11.82
N PHE H 528 17.89 -49.72 -10.71
CA PHE H 528 17.93 -48.71 -9.65
C PHE H 528 18.73 -47.49 -10.12
N GLU H 529 19.98 -47.65 -10.57
CA GLU H 529 20.73 -46.43 -11.00
C GLU H 529 20.01 -45.86 -12.24
N GLU H 530 19.30 -46.71 -12.99
CA GLU H 530 18.35 -46.19 -13.99
C GLU H 530 17.32 -45.28 -13.31
N ALA H 531 16.72 -45.75 -12.21
CA ALA H 531 15.61 -45.04 -11.54
C ALA H 531 16.10 -43.75 -10.87
N MET H 532 17.31 -43.77 -10.32
CA MET H 532 17.85 -42.61 -9.64
C MET H 532 18.25 -41.54 -10.68
N ARG H 533 18.45 -41.95 -11.94
CA ARG H 533 18.82 -41.04 -13.03
C ARG H 533 17.63 -40.15 -13.42
N PHE H 534 16.51 -40.24 -12.69
CA PHE H 534 15.60 -39.10 -12.49
C PHE H 534 14.86 -39.36 -11.16
N ALA H 535 15.44 -38.86 -10.04
CA ALA H 535 14.87 -38.99 -8.68
C ALA H 535 15.36 -37.87 -7.77
N ARG H 536 14.43 -37.21 -7.06
CA ARG H 536 14.64 -35.90 -6.44
C ARG H 536 15.41 -36.02 -5.13
N ARG H 537 15.67 -34.86 -4.52
CA ARG H 537 15.88 -34.67 -3.08
C ARG H 537 14.70 -33.81 -2.60
N SER H 538 13.75 -34.40 -1.87
CA SER H 538 12.39 -33.82 -1.67
C SER H 538 12.48 -32.43 -1.04
N VAL H 539 13.23 -32.36 0.04
CA VAL H 539 13.19 -31.24 0.91
C VAL H 539 14.52 -30.49 0.80
N SER H 540 14.41 -29.18 0.53
CA SER H 540 15.55 -28.33 0.22
C SER H 540 16.19 -27.83 1.51
N ASP H 541 17.48 -27.51 1.39
CA ASP H 541 18.28 -27.09 2.51
C ASP H 541 17.48 -26.02 3.28
N ASN H 542 17.02 -25.00 2.55
CA ASN H 542 16.14 -23.92 3.10
C ASN H 542 15.24 -24.45 4.21
N ASP H 543 14.47 -25.46 3.86
CA ASP H 543 13.41 -25.96 4.71
C ASP H 543 14.04 -26.58 5.95
N ILE H 544 15.05 -27.45 5.74
CA ILE H 544 15.57 -28.20 6.85
C ILE H 544 16.21 -27.18 7.80
N ARG H 545 16.93 -26.20 7.24
CA ARG H 545 17.48 -25.06 7.98
C ARG H 545 16.36 -24.34 8.74
N LYS H 546 15.18 -24.25 8.11
CA LYS H 546 14.02 -23.61 8.74
C LYS H 546 13.58 -24.43 9.96
N TYR H 547 13.55 -25.77 9.86
CA TYR H 547 13.21 -26.56 11.06
C TYR H 547 14.33 -26.44 12.09
N GLU H 548 15.59 -26.45 11.64
CA GLU H 548 16.74 -26.25 12.51
C GLU H 548 16.47 -24.98 13.33
N MET H 549 16.42 -23.83 12.63
CA MET H 549 16.14 -22.54 13.22
C MET H 549 14.96 -22.70 14.18
N PHE H 550 13.83 -23.18 13.65
CA PHE H 550 12.59 -23.19 14.40
C PHE H 550 12.67 -24.30 15.47
N ALA H 551 13.61 -25.24 15.35
CA ALA H 551 13.91 -26.24 16.42
C ALA H 551 14.65 -25.58 17.60
N GLN H 552 15.73 -24.85 17.27
CA GLN H 552 16.49 -24.07 18.24
C GLN H 552 15.54 -23.07 18.94
N THR H 553 14.95 -22.16 18.16
CA THR H 553 14.22 -21.00 18.70
C THR H 553 12.78 -21.37 19.09
N LEU H 554 12.27 -22.52 18.62
CA LEU H 554 11.09 -23.13 19.30
C LEU H 554 11.53 -23.41 20.77
N GLN H 555 12.77 -23.89 20.98
CA GLN H 555 13.39 -24.06 22.34
C GLN H 555 14.04 -22.75 22.78
N ARG I 2 -29.58 -58.09 -21.88
CA ARG I 2 -29.48 -59.52 -21.39
C ARG I 2 -28.30 -59.64 -20.42
N LYS I 3 -27.27 -58.81 -20.64
CA LYS I 3 -26.10 -58.75 -19.77
C LYS I 3 -26.54 -58.53 -18.32
N GLN I 4 -27.55 -57.66 -18.17
CA GLN I 4 -28.05 -57.20 -16.88
C GLN I 4 -28.67 -58.37 -16.12
N LEU I 5 -29.61 -59.06 -16.79
CA LEU I 5 -30.28 -60.22 -16.22
C LEU I 5 -29.24 -61.19 -15.65
N ALA I 6 -28.19 -61.48 -16.43
CA ALA I 6 -27.15 -62.47 -16.06
C ALA I 6 -26.77 -62.34 -14.58
N GLN I 7 -26.36 -61.14 -14.17
CA GLN I 7 -25.96 -60.84 -12.80
C GLN I 7 -27.07 -61.26 -11.82
N ILE I 8 -28.28 -60.76 -12.09
CA ILE I 8 -29.41 -60.88 -11.16
C ILE I 8 -29.82 -62.35 -11.04
N LYS I 9 -29.64 -63.10 -12.14
CA LYS I 9 -29.85 -64.52 -12.16
C LYS I 9 -28.73 -65.24 -11.39
N GLU I 10 -27.47 -64.79 -11.53
CA GLU I 10 -26.38 -65.39 -10.72
C GLU I 10 -26.64 -65.13 -9.22
N MET I 11 -27.24 -63.99 -8.90
CA MET I 11 -27.54 -63.65 -7.50
C MET I 11 -28.81 -64.35 -7.00
N VAL I 12 -29.76 -64.67 -7.91
CA VAL I 12 -31.08 -65.21 -7.51
C VAL I 12 -31.15 -66.74 -7.69
N GLU I 13 -30.96 -67.21 -8.93
CA GLU I 13 -31.27 -68.59 -9.38
C GLU I 13 -30.63 -69.65 -8.49
N LEU I 14 -29.33 -69.48 -8.22
CA LEU I 14 -28.51 -70.49 -7.54
C LEU I 14 -28.96 -70.67 -6.09
N PRO I 15 -29.20 -69.57 -5.32
CA PRO I 15 -29.87 -69.66 -4.02
C PRO I 15 -31.41 -69.64 -3.92
N LEU I 16 -32.11 -69.60 -5.05
CA LEU I 16 -33.56 -69.87 -5.08
C LEU I 16 -33.85 -71.34 -5.42
N ARG I 17 -33.08 -71.91 -6.35
CA ARG I 17 -33.42 -73.20 -6.99
C ARG I 17 -32.22 -74.17 -7.01
N HIS I 18 -31.14 -73.81 -6.30
CA HIS I 18 -29.96 -74.64 -6.01
C HIS I 18 -29.49 -74.37 -4.57
N PRO I 19 -30.43 -74.07 -3.64
CA PRO I 19 -30.12 -73.59 -2.28
C PRO I 19 -29.32 -74.49 -1.34
N ALA I 20 -29.48 -75.81 -1.46
CA ALA I 20 -28.90 -76.75 -0.50
C ALA I 20 -27.37 -76.66 -0.46
N LEU I 21 -26.75 -76.34 -1.60
CA LEU I 21 -25.28 -76.33 -1.73
C LEU I 21 -24.66 -75.26 -0.81
N PHE I 22 -25.27 -74.08 -0.75
CA PHE I 22 -24.76 -72.95 0.05
C PHE I 22 -24.92 -73.24 1.56
N LYS I 23 -26.11 -73.76 1.91
CA LYS I 23 -26.50 -74.01 3.28
C LYS I 23 -25.73 -75.22 3.81
N ALA I 24 -25.26 -76.08 2.90
CA ALA I 24 -24.34 -77.17 3.24
C ALA I 24 -22.90 -76.65 3.31
N ILE I 25 -22.46 -75.93 2.27
CA ILE I 25 -21.07 -75.42 2.19
C ILE I 25 -20.83 -74.37 3.29
N GLY I 26 -21.90 -73.93 3.95
CA GLY I 26 -21.81 -73.15 5.19
C GLY I 26 -21.71 -71.67 4.91
N VAL I 27 -22.59 -71.18 4.02
CA VAL I 27 -22.68 -69.77 3.68
C VAL I 27 -24.16 -69.37 3.61
N LYS I 28 -24.44 -68.13 3.21
CA LYS I 28 -25.79 -67.60 3.11
C LYS I 28 -26.04 -67.08 1.69
N PRO I 29 -27.17 -67.45 1.05
CA PRO I 29 -27.76 -66.64 -0.02
C PRO I 29 -28.06 -65.18 0.33
N PRO I 30 -28.10 -64.26 -0.67
CA PRO I 30 -28.65 -62.93 -0.46
C PRO I 30 -30.17 -63.02 -0.32
N ARG I 31 -30.73 -62.27 0.63
CA ARG I 31 -32.16 -62.28 0.91
C ARG I 31 -32.80 -60.93 0.53
N GLY I 32 -31.96 -59.98 0.09
CA GLY I 32 -32.42 -58.66 -0.29
C GLY I 32 -31.61 -58.09 -1.44
N ILE I 33 -32.06 -58.36 -2.66
CA ILE I 33 -31.45 -57.80 -3.85
C ILE I 33 -32.23 -56.53 -4.20
N LEU I 34 -31.53 -55.39 -4.17
CA LEU I 34 -32.10 -54.07 -4.37
C LEU I 34 -31.68 -53.53 -5.74
N LEU I 35 -32.64 -53.42 -6.67
CA LEU I 35 -32.41 -52.78 -7.97
C LEU I 35 -32.67 -51.29 -7.82
N TYR I 36 -31.75 -50.46 -8.32
CA TYR I 36 -32.07 -49.05 -8.39
C TYR I 36 -31.54 -48.45 -9.70
N GLY I 37 -31.99 -47.20 -9.92
CA GLY I 37 -31.67 -46.44 -11.11
C GLY I 37 -32.87 -45.63 -11.57
N PRO I 38 -32.70 -44.69 -12.52
CA PRO I 38 -33.75 -43.74 -12.83
C PRO I 38 -35.04 -44.41 -13.33
N PRO I 39 -36.18 -43.70 -13.33
CA PRO I 39 -37.42 -44.21 -13.90
C PRO I 39 -37.33 -44.24 -15.43
N GLY I 40 -38.01 -45.23 -16.04
CA GLY I 40 -38.00 -45.49 -17.49
C GLY I 40 -37.14 -46.69 -17.86
N THR I 41 -36.94 -47.57 -16.88
CA THR I 41 -35.92 -48.58 -16.92
C THR I 41 -36.52 -49.99 -16.81
N GLY I 42 -37.80 -50.10 -16.42
CA GLY I 42 -38.55 -51.37 -16.48
C GLY I 42 -37.99 -52.40 -15.52
N LYS I 43 -37.66 -51.93 -14.32
CA LYS I 43 -37.15 -52.77 -13.26
C LYS I 43 -38.18 -53.86 -12.97
N THR I 44 -39.46 -53.49 -13.05
CA THR I 44 -40.56 -54.41 -12.83
C THR I 44 -40.47 -55.55 -13.86
N LEU I 45 -40.60 -55.19 -15.15
CA LEU I 45 -40.32 -56.08 -16.29
C LEU I 45 -39.12 -57.01 -15.96
N ILE I 46 -38.00 -56.41 -15.55
CA ILE I 46 -36.77 -57.20 -15.29
C ILE I 46 -37.02 -58.25 -14.17
N ALA I 47 -37.70 -57.83 -13.10
CA ALA I 47 -37.93 -58.69 -11.93
C ALA I 47 -38.75 -59.93 -12.35
N ARG I 48 -39.87 -59.66 -13.03
CA ARG I 48 -40.76 -60.71 -13.52
C ARG I 48 -40.04 -61.58 -14.55
N ALA I 49 -39.20 -60.95 -15.40
CA ALA I 49 -38.32 -61.68 -16.30
C ALA I 49 -37.48 -62.69 -15.50
N VAL I 50 -36.78 -62.21 -14.46
CA VAL I 50 -35.92 -63.09 -13.64
C VAL I 50 -36.76 -64.17 -12.93
N ALA I 51 -37.99 -63.82 -12.50
CA ALA I 51 -38.89 -64.78 -11.80
C ALA I 51 -39.38 -65.89 -12.75
N ASN I 52 -39.76 -65.49 -13.97
CA ASN I 52 -40.21 -66.41 -15.02
C ASN I 52 -39.05 -67.29 -15.47
N GLU I 53 -37.86 -66.69 -15.66
CA GLU I 53 -36.73 -67.42 -16.23
C GLU I 53 -35.94 -68.15 -15.14
N THR I 54 -36.24 -67.90 -13.84
CA THR I 54 -35.78 -68.80 -12.78
C THR I 54 -36.82 -69.89 -12.53
N GLY I 55 -38.10 -69.52 -12.67
CA GLY I 55 -39.19 -70.35 -12.24
C GLY I 55 -39.46 -70.14 -10.76
N ALA I 56 -40.16 -69.04 -10.47
CA ALA I 56 -40.50 -68.71 -9.11
C ALA I 56 -41.79 -67.89 -9.07
N PHE I 57 -42.59 -68.12 -8.00
CA PHE I 57 -43.71 -67.27 -7.67
C PHE I 57 -43.22 -65.83 -7.58
N PHE I 58 -44.06 -64.90 -8.07
CA PHE I 58 -43.75 -63.49 -8.11
C PHE I 58 -44.85 -62.71 -7.38
N PHE I 59 -44.48 -61.92 -6.37
CA PHE I 59 -45.48 -61.08 -5.72
C PHE I 59 -45.03 -59.60 -5.79
N LEU I 60 -45.82 -58.78 -6.51
CA LEU I 60 -45.61 -57.33 -6.60
C LEU I 60 -46.15 -56.66 -5.34
N ILE I 61 -45.43 -55.65 -4.87
CA ILE I 61 -45.86 -54.72 -3.83
C ILE I 61 -45.70 -53.30 -4.39
N ASN I 62 -46.77 -52.80 -5.02
CA ASN I 62 -46.79 -51.44 -5.54
C ASN I 62 -46.80 -50.49 -4.33
N GLY I 63 -45.66 -49.88 -4.01
CA GLY I 63 -45.52 -49.01 -2.82
C GLY I 63 -46.74 -48.10 -2.63
N PRO I 64 -47.04 -47.23 -3.64
CA PRO I 64 -48.23 -46.39 -3.61
C PRO I 64 -49.49 -47.12 -3.08
N GLU I 65 -49.73 -48.32 -3.63
CA GLU I 65 -50.88 -49.16 -3.27
C GLU I 65 -50.86 -49.46 -1.76
N ILE I 66 -49.68 -49.77 -1.21
CA ILE I 66 -49.54 -50.08 0.21
C ILE I 66 -49.77 -48.79 1.00
N MET I 67 -49.19 -47.68 0.53
CA MET I 67 -49.27 -46.44 1.28
C MET I 67 -50.69 -45.84 1.23
N SER I 68 -51.49 -46.23 0.24
CA SER I 68 -52.83 -45.67 0.04
C SER I 68 -53.85 -46.27 1.01
N LYS I 69 -53.50 -47.40 1.64
CA LYS I 69 -54.40 -48.08 2.59
C LYS I 69 -54.50 -47.28 3.89
N LEU I 70 -55.57 -47.55 4.65
CA LEU I 70 -55.73 -46.99 6.00
C LEU I 70 -54.70 -47.66 6.90
N ALA I 71 -54.03 -46.83 7.72
CA ALA I 71 -52.99 -47.26 8.64
C ALA I 71 -53.42 -48.55 9.34
N GLY I 72 -52.62 -49.61 9.18
CA GLY I 72 -52.98 -50.93 9.67
C GLY I 72 -53.14 -51.91 8.52
N GLU I 73 -54.01 -51.55 7.56
CA GLU I 73 -54.30 -52.43 6.44
C GLU I 73 -53.08 -52.45 5.49
N SER I 74 -52.22 -51.43 5.61
CA SER I 74 -50.91 -51.42 4.96
C SER I 74 -50.06 -52.60 5.47
N GLU I 75 -49.82 -52.59 6.79
CA GLU I 75 -49.03 -53.62 7.49
C GLU I 75 -49.67 -54.99 7.23
N SER I 76 -51.00 -55.01 7.31
CA SER I 76 -51.79 -56.17 6.94
C SER I 76 -51.36 -56.64 5.54
N ASN I 77 -51.53 -55.77 4.54
CA ASN I 77 -51.18 -56.10 3.17
C ASN I 77 -49.76 -56.66 3.10
N LEU I 78 -48.83 -56.03 3.84
CA LEU I 78 -47.42 -56.48 3.82
C LEU I 78 -47.31 -57.91 4.36
N ARG I 79 -47.75 -58.11 5.61
CA ARG I 79 -47.75 -59.45 6.22
C ARG I 79 -48.35 -60.45 5.23
N LYS I 80 -49.56 -60.13 4.76
CA LYS I 80 -50.31 -60.94 3.79
C LYS I 80 -49.39 -61.33 2.63
N ALA I 81 -48.85 -60.32 1.94
CA ALA I 81 -47.95 -60.53 0.80
C ALA I 81 -46.83 -61.50 1.18
N PHE I 82 -46.17 -61.20 2.31
CA PHE I 82 -44.99 -61.98 2.74
C PHE I 82 -45.36 -63.45 3.06
N GLU I 83 -46.52 -63.67 3.67
CA GLU I 83 -46.96 -65.05 3.97
C GLU I 83 -47.38 -65.76 2.67
N GLU I 84 -48.07 -65.02 1.79
CA GLU I 84 -48.51 -65.51 0.47
C GLU I 84 -47.30 -65.94 -0.36
N ALA I 85 -46.23 -65.16 -0.31
CA ALA I 85 -44.97 -65.55 -0.97
C ALA I 85 -44.34 -66.74 -0.22
N GLU I 86 -44.14 -66.57 1.10
CA GLU I 86 -43.52 -67.59 1.97
C GLU I 86 -44.14 -68.97 1.67
N LYS I 87 -45.45 -68.99 1.40
CA LYS I 87 -46.18 -70.24 1.23
C LYS I 87 -45.92 -70.87 -0.15
N ASN I 88 -45.65 -70.06 -1.20
CA ASN I 88 -45.64 -70.56 -2.59
C ASN I 88 -44.21 -70.65 -3.15
N ALA I 89 -43.22 -70.87 -2.29
CA ALA I 89 -41.82 -70.56 -2.59
C ALA I 89 -40.97 -71.70 -3.16
N PRO I 90 -40.43 -71.57 -4.39
CA PRO I 90 -39.49 -70.48 -4.68
C PRO I 90 -40.24 -69.16 -4.98
N ALA I 91 -39.87 -68.07 -4.27
CA ALA I 91 -40.67 -66.80 -4.27
C ALA I 91 -39.79 -65.55 -4.37
N ILE I 92 -40.11 -64.69 -5.35
CA ILE I 92 -39.61 -63.33 -5.44
C ILE I 92 -40.73 -62.37 -5.04
N ILE I 93 -40.50 -61.66 -3.92
CA ILE I 93 -41.32 -60.51 -3.54
C ILE I 93 -40.64 -59.26 -4.10
N PHE I 94 -41.29 -58.60 -5.05
CA PHE I 94 -40.75 -57.40 -5.69
C PHE I 94 -41.48 -56.15 -5.21
N ILE I 95 -40.71 -55.18 -4.69
CA ILE I 95 -41.25 -53.96 -4.15
C ILE I 95 -40.95 -52.80 -5.10
N ASP I 96 -42.00 -52.36 -5.78
CA ASP I 96 -41.97 -51.27 -6.73
C ASP I 96 -42.17 -49.95 -5.95
N GLU I 97 -41.35 -48.96 -6.30
CA GLU I 97 -41.22 -47.72 -5.55
C GLU I 97 -41.09 -48.08 -4.06
N LEU I 98 -39.91 -48.58 -3.67
CA LEU I 98 -39.66 -48.93 -2.28
C LEU I 98 -39.67 -47.66 -1.42
N ASP I 99 -38.95 -46.64 -1.90
CA ASP I 99 -38.82 -45.32 -1.28
C ASP I 99 -40.17 -44.79 -0.76
N ALA I 100 -41.28 -45.20 -1.38
CA ALA I 100 -42.62 -44.75 -0.98
C ALA I 100 -42.89 -45.15 0.48
N ILE I 101 -42.94 -46.47 0.74
CA ILE I 101 -43.23 -46.99 2.08
C ILE I 101 -42.07 -46.66 3.04
N ALA I 102 -40.83 -46.76 2.54
CA ALA I 102 -39.61 -46.74 3.38
C ALA I 102 -38.64 -45.63 2.95
N PRO I 103 -38.88 -44.37 3.33
CA PRO I 103 -38.12 -43.25 2.78
C PRO I 103 -36.85 -42.99 3.61
N LYS I 104 -36.24 -41.81 3.42
CA LYS I 104 -35.31 -41.19 4.39
C LYS I 104 -36.12 -40.60 5.54
N ARG I 105 -35.95 -41.18 6.74
CA ARG I 105 -37.04 -41.37 7.72
C ARG I 105 -37.14 -40.22 8.75
N GLU I 106 -36.59 -39.04 8.46
CA GLU I 106 -36.97 -37.78 9.15
C GLU I 106 -37.89 -36.95 8.24
N LYS I 107 -37.94 -37.33 6.96
CA LYS I 107 -38.99 -36.91 6.00
C LYS I 107 -40.20 -37.84 6.19
N THR I 108 -40.78 -37.77 7.40
CA THR I 108 -41.82 -38.67 7.86
C THR I 108 -42.54 -38.00 9.03
N HIS I 109 -43.36 -36.98 8.72
CA HIS I 109 -44.04 -36.15 9.73
C HIS I 109 -45.20 -36.95 10.36
N GLY I 110 -44.91 -38.13 10.92
CA GLY I 110 -45.94 -39.00 11.54
C GLY I 110 -45.45 -40.42 11.76
N GLU I 111 -46.03 -41.11 12.76
CA GLU I 111 -45.48 -42.36 13.34
C GLU I 111 -45.95 -43.59 12.56
N VAL I 112 -47.07 -43.46 11.85
CA VAL I 112 -47.64 -44.57 11.12
C VAL I 112 -46.61 -45.10 10.13
N GLU I 113 -45.96 -44.19 9.38
CA GLU I 113 -44.95 -44.61 8.39
C GLU I 113 -43.80 -45.35 9.10
N ARG I 114 -43.38 -44.87 10.28
CA ARG I 114 -42.30 -45.50 11.06
C ARG I 114 -42.74 -46.92 11.47
N ARG I 115 -44.01 -47.04 11.86
CA ARG I 115 -44.57 -48.39 12.09
C ARG I 115 -44.49 -49.22 10.79
N ILE I 116 -44.92 -48.66 9.65
CA ILE I 116 -45.01 -49.39 8.36
C ILE I 116 -43.63 -49.91 7.95
N VAL I 117 -42.64 -49.03 8.07
CA VAL I 117 -41.26 -49.37 7.80
C VAL I 117 -40.83 -50.45 8.81
N SER I 118 -41.03 -50.20 10.11
CA SER I 118 -40.66 -51.19 11.11
C SER I 118 -41.17 -52.56 10.67
N GLN I 119 -42.45 -52.60 10.30
CA GLN I 119 -43.09 -53.83 9.86
C GLN I 119 -42.25 -54.48 8.78
N LEU I 120 -41.94 -53.72 7.71
CA LEU I 120 -41.17 -54.24 6.60
C LEU I 120 -39.79 -54.73 7.08
N LEU I 121 -39.17 -54.03 8.04
CA LEU I 121 -37.90 -54.50 8.61
C LEU I 121 -38.11 -55.85 9.29
N THR I 122 -39.18 -55.99 10.10
CA THR I 122 -39.43 -57.23 10.84
C THR I 122 -39.71 -58.38 9.87
N LEU I 123 -40.49 -58.08 8.82
CA LEU I 123 -40.79 -59.03 7.76
C LEU I 123 -39.50 -59.44 7.05
N MET I 124 -38.68 -58.46 6.66
CA MET I 124 -37.39 -58.69 6.00
C MET I 124 -36.49 -59.57 6.88
N ASP I 125 -36.49 -59.30 8.20
CA ASP I 125 -35.74 -60.10 9.20
C ASP I 125 -36.31 -61.52 9.28
N GLY I 126 -37.65 -61.62 9.19
CA GLY I 126 -38.42 -62.86 9.39
C GLY I 126 -38.07 -64.00 8.43
N LEU I 127 -37.64 -63.68 7.21
CA LEU I 127 -37.41 -64.70 6.17
C LEU I 127 -36.25 -65.61 6.57
N LYS I 128 -36.28 -66.83 6.04
CA LYS I 128 -35.16 -67.75 6.05
C LYS I 128 -34.75 -68.06 4.60
N GLN I 129 -33.44 -68.23 4.36
CA GLN I 129 -32.93 -68.85 3.13
C GLN I 129 -33.54 -70.24 2.99
N ARG I 130 -33.90 -70.79 4.16
CA ARG I 130 -34.70 -72.00 4.36
C ARG I 130 -36.04 -71.90 3.63
N ALA I 131 -36.69 -70.73 3.68
CA ALA I 131 -38.07 -70.55 3.16
C ALA I 131 -38.06 -70.32 1.64
N HIS I 132 -36.88 -70.23 1.04
CA HIS I 132 -36.65 -70.06 -0.41
C HIS I 132 -37.24 -68.73 -0.91
N VAL I 133 -37.03 -67.64 -0.17
CA VAL I 133 -37.64 -66.37 -0.54
C VAL I 133 -36.56 -65.32 -0.79
N ILE I 134 -36.75 -64.59 -1.89
CA ILE I 134 -35.92 -63.45 -2.30
C ILE I 134 -36.83 -62.23 -2.41
N VAL I 135 -36.32 -61.09 -1.91
CA VAL I 135 -37.00 -59.81 -1.98
C VAL I 135 -36.19 -58.88 -2.89
N MET I 136 -36.80 -58.46 -4.00
CA MET I 136 -36.24 -57.43 -4.84
C MET I 136 -37.04 -56.13 -4.62
N ALA I 137 -36.43 -55.00 -4.98
CA ALA I 137 -36.98 -53.69 -4.66
C ALA I 137 -36.41 -52.63 -5.60
N ALA I 138 -37.18 -51.54 -5.76
CA ALA I 138 -36.94 -50.51 -6.77
C ALA I 138 -36.84 -49.13 -6.14
N THR I 139 -35.97 -48.31 -6.73
CA THR I 139 -35.84 -46.90 -6.38
C THR I 139 -34.88 -46.20 -7.36
N ASN I 140 -34.85 -44.87 -7.28
CA ASN I 140 -34.06 -44.04 -8.18
C ASN I 140 -32.59 -44.11 -7.77
N ARG I 141 -32.35 -43.89 -6.48
CA ARG I 141 -31.02 -44.01 -5.89
C ARG I 141 -31.16 -44.56 -4.48
N PRO I 142 -30.14 -45.28 -3.94
CA PRO I 142 -30.25 -45.91 -2.63
C PRO I 142 -30.18 -44.89 -1.49
N ASN I 143 -29.81 -43.64 -1.83
CA ASN I 143 -29.88 -42.50 -0.94
C ASN I 143 -31.34 -42.30 -0.50
N SER I 144 -32.29 -42.69 -1.35
CA SER I 144 -33.75 -42.55 -1.15
C SER I 144 -34.25 -43.36 0.06
N ILE I 145 -33.81 -44.62 0.12
CA ILE I 145 -34.29 -45.60 1.09
C ILE I 145 -33.71 -45.29 2.47
N ASP I 146 -34.47 -45.67 3.51
CA ASP I 146 -34.00 -45.69 4.90
C ASP I 146 -32.80 -46.62 5.04
N PRO I 147 -31.61 -46.11 5.42
CA PRO I 147 -30.40 -46.92 5.57
C PRO I 147 -30.51 -48.21 6.38
N ALA I 148 -31.43 -48.25 7.35
CA ALA I 148 -31.67 -49.45 8.14
C ALA I 148 -32.31 -50.57 7.29
N LEU I 149 -32.51 -50.33 5.99
CA LEU I 149 -32.85 -51.37 5.00
C LEU I 149 -31.60 -51.90 4.30
N ARG I 150 -30.55 -51.08 4.23
CA ARG I 150 -29.29 -51.52 3.65
C ARG I 150 -28.38 -52.11 4.76
N ARG I 151 -29.00 -52.52 5.89
CA ARG I 151 -28.36 -53.45 6.84
C ARG I 151 -28.01 -54.73 6.09
N PHE I 152 -27.14 -55.54 6.70
CA PHE I 152 -26.80 -56.84 6.15
C PHE I 152 -28.01 -57.77 6.14
N GLY I 153 -28.83 -57.69 7.21
CA GLY I 153 -29.96 -58.58 7.42
C GLY I 153 -31.04 -58.45 6.37
N ARG I 154 -31.02 -57.34 5.63
CA ARG I 154 -32.13 -56.94 4.79
C ARG I 154 -31.62 -56.83 3.35
N PHE I 155 -31.56 -55.62 2.78
CA PHE I 155 -31.15 -55.39 1.38
C PHE I 155 -29.63 -55.21 1.31
N ASP I 156 -28.91 -56.32 1.30
CA ASP I 156 -27.45 -56.33 1.32
C ASP I 156 -26.89 -56.09 -0.10
N ARG I 157 -27.42 -56.78 -1.10
CA ARG I 157 -26.92 -56.70 -2.48
C ARG I 157 -27.69 -55.64 -3.26
N GLU I 158 -26.96 -54.85 -4.05
CA GLU I 158 -27.49 -53.66 -4.73
C GLU I 158 -27.04 -53.69 -6.20
N VAL I 159 -27.98 -53.47 -7.13
CA VAL I 159 -27.66 -53.43 -8.56
C VAL I 159 -28.20 -52.16 -9.21
N ASP I 160 -27.34 -51.57 -10.04
CA ASP I 160 -27.56 -50.32 -10.69
C ASP I 160 -27.98 -50.58 -12.13
N ILE I 161 -29.20 -50.17 -12.48
CA ILE I 161 -29.60 -50.16 -13.83
C ILE I 161 -29.70 -48.70 -14.28
N GLY I 162 -28.59 -48.15 -14.77
CA GLY I 162 -28.50 -46.72 -15.11
C GLY I 162 -29.11 -46.40 -16.46
N ILE I 163 -28.64 -45.31 -17.08
CA ILE I 163 -28.86 -45.04 -18.49
C ILE I 163 -28.36 -46.22 -19.29
N PRO I 164 -29.05 -46.61 -20.38
CA PRO I 164 -28.45 -47.50 -21.38
C PRO I 164 -27.59 -46.72 -22.39
N ASP I 165 -26.53 -47.37 -22.91
CA ASP I 165 -25.67 -46.81 -23.94
C ASP I 165 -26.19 -47.19 -25.33
N ALA I 166 -25.49 -46.70 -26.35
CA ALA I 166 -25.82 -46.87 -27.76
C ALA I 166 -26.44 -48.24 -28.04
N THR I 167 -25.76 -49.31 -27.59
CA THR I 167 -26.16 -50.68 -27.91
C THR I 167 -27.51 -50.99 -27.25
N GLY I 168 -27.64 -50.65 -25.97
CA GLY I 168 -28.88 -50.84 -25.23
C GLY I 168 -30.02 -50.08 -25.88
N ARG I 169 -29.74 -48.82 -26.23
CA ARG I 169 -30.70 -47.94 -26.87
C ARG I 169 -31.15 -48.60 -28.20
N LEU I 170 -30.17 -49.11 -28.94
CA LEU I 170 -30.40 -49.79 -30.22
C LEU I 170 -31.31 -51.01 -30.01
N GLU I 171 -30.93 -51.89 -29.06
CA GLU I 171 -31.73 -53.06 -28.67
C GLU I 171 -33.17 -52.63 -28.38
N ILE I 172 -33.31 -51.59 -27.55
CA ILE I 172 -34.62 -51.12 -27.11
C ILE I 172 -35.43 -50.63 -28.32
N LEU I 173 -34.79 -49.84 -29.18
CA LEU I 173 -35.43 -49.33 -30.39
C LEU I 173 -35.89 -50.50 -31.26
N GLN I 174 -35.00 -51.48 -31.51
CA GLN I 174 -35.35 -52.68 -32.27
C GLN I 174 -36.58 -53.36 -31.64
N ILE I 175 -36.54 -53.50 -30.31
CA ILE I 175 -37.59 -54.19 -29.55
C ILE I 175 -38.93 -53.44 -29.67
N HIS I 176 -38.92 -52.10 -29.61
CA HIS I 176 -40.17 -51.30 -29.71
C HIS I 176 -40.62 -51.13 -31.17
N THR I 177 -39.70 -51.33 -32.13
CA THR I 177 -39.96 -51.02 -33.55
C THR I 177 -39.96 -52.28 -34.45
N LYS I 178 -39.88 -53.48 -33.87
CA LYS I 178 -40.07 -54.70 -34.67
C LYS I 178 -41.51 -54.74 -35.22
N ASN I 179 -42.44 -54.05 -34.54
CA ASN I 179 -43.87 -54.07 -34.88
C ASN I 179 -44.26 -52.89 -35.79
N MET I 180 -43.30 -52.29 -36.50
CA MET I 180 -43.52 -50.96 -37.08
C MET I 180 -43.26 -50.95 -38.60
N LYS I 181 -43.93 -50.02 -39.31
CA LYS I 181 -43.80 -49.79 -40.79
C LYS I 181 -42.46 -49.10 -41.09
N LEU I 182 -41.35 -49.72 -40.65
CA LEU I 182 -40.00 -49.11 -40.69
C LEU I 182 -39.51 -48.97 -42.12
N ALA I 183 -39.23 -47.74 -42.56
CA ALA I 183 -38.73 -47.50 -43.93
C ALA I 183 -37.26 -47.96 -44.05
N ASP I 184 -36.76 -47.99 -45.29
CA ASP I 184 -35.42 -48.45 -45.61
C ASP I 184 -34.39 -47.35 -45.29
N ASP I 185 -34.84 -46.08 -45.38
CA ASP I 185 -34.01 -44.91 -45.08
C ASP I 185 -33.88 -44.71 -43.57
N VAL I 186 -34.75 -45.35 -42.79
CA VAL I 186 -34.67 -45.31 -41.32
C VAL I 186 -33.36 -45.98 -40.90
N ASP I 187 -32.64 -45.34 -39.98
CA ASP I 187 -31.46 -45.90 -39.34
C ASP I 187 -31.70 -45.93 -37.83
N LEU I 188 -31.80 -47.13 -37.25
CA LEU I 188 -32.01 -47.30 -35.82
C LEU I 188 -30.73 -46.91 -35.06
N GLU I 189 -29.57 -47.37 -35.55
CA GLU I 189 -28.28 -47.15 -34.88
C GLU I 189 -27.97 -45.65 -34.79
N GLN I 190 -28.18 -44.93 -35.90
CA GLN I 190 -28.09 -43.48 -35.94
C GLN I 190 -28.80 -42.90 -34.72
N VAL I 191 -30.10 -43.20 -34.61
CA VAL I 191 -30.97 -42.67 -33.56
C VAL I 191 -30.44 -43.10 -32.19
N ALA I 192 -30.05 -44.37 -32.06
CA ALA I 192 -29.49 -44.92 -30.81
C ALA I 192 -28.28 -44.07 -30.37
N ASN I 193 -27.42 -43.72 -31.34
CA ASN I 193 -26.26 -42.89 -31.08
C ASN I 193 -26.70 -41.46 -30.74
N GLU I 194 -27.75 -40.96 -31.41
CA GLU I 194 -28.23 -39.58 -31.19
C GLU I 194 -29.03 -39.44 -29.88
N THR I 195 -29.43 -40.55 -29.25
CA THR I 195 -30.36 -40.53 -28.12
C THR I 195 -29.62 -40.55 -26.78
N HIS I 196 -28.82 -39.52 -26.51
CA HIS I 196 -28.19 -39.38 -25.19
C HIS I 196 -29.27 -38.96 -24.18
N GLY I 197 -29.17 -39.51 -22.96
CA GLY I 197 -30.06 -39.19 -21.87
C GLY I 197 -31.42 -39.87 -21.99
N HIS I 198 -31.61 -40.65 -23.06
CA HIS I 198 -32.85 -41.39 -23.22
C HIS I 198 -32.76 -42.67 -22.39
N VAL I 199 -33.92 -43.13 -21.90
CA VAL I 199 -34.09 -44.45 -21.29
C VAL I 199 -35.23 -45.20 -22.03
N GLY I 200 -35.42 -46.49 -21.65
CA GLY I 200 -36.44 -47.36 -22.24
C GLY I 200 -37.73 -46.62 -22.56
N ALA I 201 -38.21 -45.86 -21.56
CA ALA I 201 -39.43 -45.07 -21.66
C ALA I 201 -39.32 -43.99 -22.75
N ASP I 202 -38.27 -43.17 -22.66
CA ASP I 202 -38.07 -42.05 -23.60
C ASP I 202 -37.95 -42.58 -25.03
N LEU I 203 -37.32 -43.74 -25.17
CA LEU I 203 -37.15 -44.38 -26.47
C LEU I 203 -38.50 -44.91 -26.95
N ALA I 204 -39.24 -45.57 -26.05
CA ALA I 204 -40.61 -46.00 -26.35
C ALA I 204 -41.42 -44.81 -26.88
N ALA I 205 -41.43 -43.72 -26.10
CA ALA I 205 -42.14 -42.48 -26.41
C ALA I 205 -41.68 -41.95 -27.77
N LEU I 206 -40.37 -41.95 -27.99
CA LEU I 206 -39.78 -41.54 -29.26
C LEU I 206 -40.37 -42.35 -30.42
N CYS I 207 -40.22 -43.68 -30.34
CA CYS I 207 -40.81 -44.57 -31.34
C CYS I 207 -42.29 -44.22 -31.53
N SER I 208 -42.97 -43.91 -30.42
CA SER I 208 -44.41 -43.61 -30.44
C SER I 208 -44.70 -42.34 -31.24
N GLU I 209 -44.02 -41.23 -30.93
CA GLU I 209 -44.23 -39.97 -31.68
C GLU I 209 -43.80 -40.17 -33.15
N ALA I 210 -42.72 -40.94 -33.36
CA ALA I 210 -42.25 -41.29 -34.70
C ALA I 210 -43.40 -41.95 -35.48
N ALA I 211 -44.03 -42.96 -34.85
CA ALA I 211 -45.23 -43.56 -35.41
C ALA I 211 -46.28 -42.47 -35.68
N LEU I 212 -46.75 -41.82 -34.61
CA LEU I 212 -47.90 -40.92 -34.70
C LEU I 212 -47.69 -39.89 -35.82
N GLN I 213 -46.47 -39.37 -35.99
CA GLN I 213 -46.25 -38.30 -36.97
C GLN I 213 -46.13 -38.89 -38.39
N ALA I 214 -45.71 -40.15 -38.52
CA ALA I 214 -45.89 -40.85 -39.79
C ALA I 214 -47.39 -40.96 -40.07
N ILE I 215 -48.13 -41.51 -39.08
CA ILE I 215 -49.58 -41.81 -39.18
C ILE I 215 -50.37 -40.50 -39.44
N ARG I 216 -49.79 -39.36 -39.11
CA ARG I 216 -50.21 -38.12 -39.76
C ARG I 216 -49.80 -38.24 -41.24
N VAL I 239 -43.26 -45.37 -41.54
CA VAL I 239 -42.35 -44.57 -40.70
C VAL I 239 -41.04 -44.33 -41.46
N THR I 240 -40.77 -43.05 -41.74
CA THR I 240 -39.55 -42.57 -42.40
C THR I 240 -38.53 -42.16 -41.34
N MET I 241 -37.30 -41.86 -41.78
CA MET I 241 -36.24 -41.33 -40.90
C MET I 241 -36.65 -39.94 -40.41
N ASP I 242 -37.23 -39.15 -41.32
CA ASP I 242 -37.75 -37.81 -41.02
C ASP I 242 -38.58 -37.83 -39.73
N ASP I 243 -39.50 -38.79 -39.63
CA ASP I 243 -40.40 -38.91 -38.48
C ASP I 243 -39.58 -39.16 -37.21
N PHE I 244 -38.59 -40.06 -37.29
CA PHE I 244 -37.75 -40.38 -36.14
C PHE I 244 -36.98 -39.14 -35.71
N ARG I 245 -36.36 -38.45 -36.67
CA ARG I 245 -35.58 -37.26 -36.37
C ARG I 245 -36.48 -36.16 -35.80
N TRP I 246 -37.71 -36.04 -36.32
CA TRP I 246 -38.68 -35.06 -35.82
C TRP I 246 -39.07 -35.37 -34.37
N ALA I 247 -39.39 -36.65 -34.13
CA ALA I 247 -39.72 -37.12 -32.77
C ALA I 247 -38.54 -36.87 -31.83
N LEU I 248 -37.31 -37.03 -32.36
CA LEU I 248 -36.08 -36.66 -31.63
C LEU I 248 -36.07 -35.16 -31.33
N SER I 249 -36.40 -34.35 -32.34
CA SER I 249 -36.57 -32.90 -32.16
C SER I 249 -37.55 -32.62 -31.03
N GLN I 250 -38.62 -33.44 -30.94
CA GLN I 250 -39.65 -33.20 -29.91
C GLN I 250 -39.19 -33.69 -28.52
N SER I 251 -38.63 -34.89 -28.41
CA SER I 251 -38.53 -35.59 -27.08
C SER I 251 -37.67 -34.82 -26.07
N ASN I 252 -38.08 -34.89 -24.79
CA ASN I 252 -37.39 -34.33 -23.63
C ASN I 252 -36.99 -35.45 -22.70
N PRO I 253 -35.86 -36.14 -22.97
CA PRO I 253 -35.43 -37.27 -22.14
C PRO I 253 -35.33 -36.94 -20.64
N SER I 254 -35.46 -37.96 -19.79
CA SER I 254 -35.44 -37.83 -18.33
C SER I 254 -34.00 -37.82 -17.79
N ALA I 255 -33.13 -38.63 -18.39
CA ALA I 255 -31.81 -38.90 -17.79
C ALA I 255 -30.72 -38.04 -18.45
N LEU I 256 -31.10 -36.86 -18.98
CA LEU I 256 -30.12 -35.85 -19.35
C LEU I 256 -29.22 -35.58 -18.13
N ARG I 257 -29.85 -35.52 -16.95
CA ARG I 257 -29.26 -35.02 -15.72
C ARG I 257 -28.42 -36.09 -15.01
N GLU I 258 -28.54 -37.35 -15.43
CA GLU I 258 -27.90 -38.48 -14.74
C GLU I 258 -26.50 -38.72 -15.30
N THR I 259 -25.55 -38.99 -14.38
CA THR I 259 -24.12 -39.16 -14.70
C THR I 259 -23.92 -40.47 -15.48
N VAL I 260 -23.57 -40.33 -16.77
CA VAL I 260 -23.52 -41.44 -17.71
C VAL I 260 -22.22 -42.22 -17.45
N VAL I 261 -22.36 -43.51 -17.17
CA VAL I 261 -21.25 -44.45 -17.06
C VAL I 261 -21.30 -45.39 -18.28
N GLU I 262 -20.24 -45.40 -19.06
CA GLU I 262 -20.07 -46.37 -20.14
C GLU I 262 -18.59 -46.41 -20.50
N VAL I 263 -18.14 -47.55 -21.05
CA VAL I 263 -16.83 -47.63 -21.65
C VAL I 263 -16.88 -46.80 -22.93
N PRO I 264 -15.96 -45.84 -23.11
CA PRO I 264 -15.97 -44.99 -24.29
C PRO I 264 -15.34 -45.76 -25.46
N GLN I 265 -15.71 -45.38 -26.68
CA GLN I 265 -15.20 -46.03 -27.88
C GLN I 265 -14.29 -45.05 -28.62
N VAL I 266 -13.30 -44.52 -27.90
CA VAL I 266 -12.18 -43.83 -28.51
C VAL I 266 -10.96 -44.75 -28.34
N THR I 267 -10.41 -45.20 -29.47
CA THR I 267 -9.22 -46.07 -29.48
C THR I 267 -8.01 -45.23 -29.11
N TRP I 268 -6.90 -45.89 -28.80
CA TRP I 268 -5.64 -45.17 -28.68
C TRP I 268 -5.22 -44.63 -30.05
N GLU I 269 -5.45 -45.43 -31.10
CA GLU I 269 -4.99 -45.09 -32.46
C GLU I 269 -5.89 -44.03 -33.10
N ASP I 270 -7.02 -43.70 -32.46
CA ASP I 270 -7.79 -42.48 -32.78
C ASP I 270 -6.96 -41.26 -32.35
N ILE I 271 -6.29 -41.38 -31.21
CA ILE I 271 -5.36 -40.38 -30.69
C ILE I 271 -3.95 -40.68 -31.23
N GLY I 272 -3.72 -40.28 -32.48
CA GLY I 272 -2.39 -40.35 -33.07
C GLY I 272 -1.40 -39.54 -32.26
N GLY I 273 -0.15 -40.02 -32.17
CA GLY I 273 0.92 -39.32 -31.42
C GLY I 273 0.61 -39.27 -29.94
N LEU I 274 1.22 -38.29 -29.24
CA LEU I 274 1.14 -38.24 -27.78
C LEU I 274 1.41 -39.66 -27.22
N GLU I 275 2.65 -40.09 -27.39
CA GLU I 275 3.05 -41.49 -27.24
C GLU I 275 3.50 -41.75 -25.81
N ASP I 276 4.49 -40.96 -25.38
CA ASP I 276 4.97 -40.96 -24.03
C ASP I 276 3.79 -41.06 -23.04
N VAL I 277 2.74 -40.26 -23.25
CA VAL I 277 1.58 -40.23 -22.34
C VAL I 277 0.82 -41.56 -22.46
N LYS I 278 0.66 -42.07 -23.69
CA LYS I 278 0.11 -43.40 -23.93
C LYS I 278 0.82 -44.40 -23.01
N ARG I 279 2.15 -44.48 -23.15
CA ARG I 279 2.91 -45.52 -22.45
C ARG I 279 2.88 -45.28 -20.94
N GLU I 280 3.03 -44.01 -20.52
CA GLU I 280 2.91 -43.66 -19.10
C GLU I 280 1.59 -44.20 -18.56
N LEU I 281 0.48 -43.72 -19.14
CA LEU I 281 -0.88 -44.12 -18.75
C LEU I 281 -1.04 -45.65 -18.76
N GLN I 282 -0.42 -46.31 -19.76
CA GLN I 282 -0.47 -47.76 -19.82
C GLN I 282 0.23 -48.33 -18.57
N GLU I 283 1.42 -47.82 -18.25
CA GLU I 283 2.22 -48.31 -17.09
C GLU I 283 1.49 -48.00 -15.77
N LEU I 284 0.75 -46.88 -15.74
CA LEU I 284 0.02 -46.44 -14.54
C LEU I 284 -1.20 -47.34 -14.33
N VAL I 285 -2.04 -47.44 -15.39
CA VAL I 285 -3.48 -47.86 -15.33
C VAL I 285 -3.76 -49.17 -16.09
N GLN I 286 -3.02 -49.43 -17.18
CA GLN I 286 -3.24 -50.62 -18.01
C GLN I 286 -2.53 -51.85 -17.43
N TYR I 287 -1.23 -51.72 -17.11
CA TYR I 287 -0.43 -52.85 -16.67
C TYR I 287 -1.05 -53.53 -15.45
N PRO I 288 -1.61 -52.81 -14.44
CA PRO I 288 -2.19 -53.46 -13.26
C PRO I 288 -3.59 -54.08 -13.41
N VAL I 289 -4.31 -53.75 -14.48
CA VAL I 289 -5.55 -54.47 -14.77
C VAL I 289 -5.27 -55.57 -15.80
N GLU I 290 -4.26 -55.39 -16.67
CA GLU I 290 -4.03 -56.32 -17.80
C GLU I 290 -2.96 -57.37 -17.48
N HIS I 291 -2.06 -57.10 -16.52
CA HIS I 291 -1.03 -58.06 -16.14
C HIS I 291 -0.90 -58.13 -14.63
N PRO I 292 -2.01 -58.17 -13.86
CA PRO I 292 -1.95 -58.01 -12.40
C PRO I 292 -0.96 -58.98 -11.73
N ASP I 293 -0.92 -60.20 -12.29
CA ASP I 293 0.05 -61.22 -11.92
C ASP I 293 1.40 -60.57 -11.61
N LYS I 294 1.87 -59.73 -12.53
CA LYS I 294 3.13 -59.01 -12.36
C LYS I 294 3.12 -58.12 -11.11
N PHE I 295 2.14 -57.20 -11.00
CA PHE I 295 2.12 -56.21 -9.89
C PHE I 295 2.09 -56.98 -8.55
N LEU I 296 1.28 -58.04 -8.52
CA LEU I 296 1.23 -58.94 -7.39
C LEU I 296 2.61 -59.56 -7.15
N LYS I 297 3.30 -59.92 -8.26
CA LYS I 297 4.59 -60.66 -8.23
C LYS I 297 5.72 -59.77 -7.68
N PHE I 298 5.96 -58.63 -8.32
CA PHE I 298 6.96 -57.68 -7.83
C PHE I 298 6.54 -57.09 -6.49
N GLY I 299 5.22 -57.04 -6.24
CA GLY I 299 4.67 -56.70 -4.94
C GLY I 299 4.23 -55.25 -4.84
N MET I 300 4.94 -54.34 -5.52
CA MET I 300 4.55 -52.96 -5.57
C MET I 300 3.10 -52.86 -6.07
N THR I 301 2.37 -51.91 -5.49
CA THR I 301 0.92 -51.72 -5.69
C THR I 301 0.70 -50.45 -6.50
N PRO I 302 -0.40 -50.33 -7.29
CA PRO I 302 -0.44 -49.41 -8.43
C PRO I 302 -0.64 -47.96 -8.01
N SER I 303 -0.55 -47.03 -8.95
CA SER I 303 -0.89 -45.64 -8.67
C SER I 303 -2.39 -45.58 -8.35
N LYS I 304 -2.78 -44.79 -7.35
CA LYS I 304 -4.20 -44.55 -7.09
C LYS I 304 -4.77 -43.79 -8.30
N GLY I 305 -4.06 -42.74 -8.72
CA GLY I 305 -4.48 -41.94 -9.85
C GLY I 305 -3.44 -40.95 -10.33
N VAL I 306 -3.93 -40.05 -11.19
CA VAL I 306 -3.16 -39.32 -12.17
C VAL I 306 -3.52 -37.84 -12.04
N LEU I 307 -2.74 -36.97 -12.68
CA LEU I 307 -3.20 -35.62 -12.92
C LEU I 307 -2.74 -35.17 -14.30
N PHE I 308 -3.75 -34.86 -15.13
CA PHE I 308 -3.56 -34.26 -16.43
C PHE I 308 -3.54 -32.74 -16.28
N TYR I 309 -2.38 -32.14 -16.55
CA TYR I 309 -2.29 -30.72 -16.67
C TYR I 309 -1.67 -30.38 -18.01
N GLY I 310 -1.87 -29.11 -18.41
CA GLY I 310 -1.33 -28.58 -19.62
C GLY I 310 -2.24 -27.49 -20.18
N PRO I 311 -2.15 -27.19 -21.49
CA PRO I 311 -2.90 -26.08 -22.07
C PRO I 311 -4.33 -26.54 -22.36
N PRO I 312 -5.30 -25.59 -22.36
CA PRO I 312 -6.74 -25.91 -22.40
C PRO I 312 -7.21 -26.52 -23.72
N GLY I 313 -6.47 -26.25 -24.80
CA GLY I 313 -6.77 -26.82 -26.10
C GLY I 313 -6.10 -28.17 -26.30
N CYS I 314 -6.76 -29.21 -25.78
CA CYS I 314 -6.33 -30.58 -25.93
C CYS I 314 -7.46 -31.52 -25.47
N GLY I 315 -7.25 -32.82 -25.69
CA GLY I 315 -8.23 -33.81 -25.35
C GLY I 315 -7.83 -34.55 -24.11
N LYS I 316 -7.71 -33.79 -23.01
CA LYS I 316 -7.40 -34.37 -21.72
C LYS I 316 -8.47 -35.42 -21.39
N THR I 317 -9.74 -35.08 -21.66
CA THR I 317 -10.89 -35.96 -21.62
C THR I 317 -10.65 -37.22 -22.44
N LEU I 318 -10.25 -37.00 -23.69
CA LEU I 318 -10.19 -38.03 -24.69
C LEU I 318 -9.07 -39.01 -24.38
N LEU I 319 -7.97 -38.54 -23.79
CA LEU I 319 -6.87 -39.43 -23.37
C LEU I 319 -7.39 -40.37 -22.29
N ALA I 320 -8.04 -39.75 -21.29
CA ALA I 320 -8.62 -40.47 -20.17
C ALA I 320 -9.60 -41.51 -20.71
N LYS I 321 -10.46 -41.10 -21.65
CA LYS I 321 -11.35 -42.03 -22.31
C LYS I 321 -10.51 -43.15 -22.93
N ALA I 322 -9.52 -42.77 -23.74
CA ALA I 322 -8.70 -43.67 -24.56
C ALA I 322 -8.03 -44.74 -23.72
N ILE I 323 -7.56 -44.37 -22.51
CA ILE I 323 -6.97 -45.38 -21.61
C ILE I 323 -8.06 -46.30 -21.03
N ALA I 324 -9.25 -45.77 -20.75
CA ALA I 324 -10.38 -46.61 -20.29
C ALA I 324 -10.79 -47.60 -21.38
N ASN I 325 -10.96 -47.09 -22.60
CA ASN I 325 -11.22 -47.85 -23.81
C ASN I 325 -10.14 -48.93 -24.00
N GLU I 326 -8.87 -48.52 -23.88
CA GLU I 326 -7.71 -49.43 -23.94
C GLU I 326 -7.77 -50.51 -22.85
N CYS I 327 -8.27 -50.16 -21.65
CA CYS I 327 -8.37 -51.16 -20.57
C CYS I 327 -9.76 -51.81 -20.51
N GLN I 328 -10.61 -51.54 -21.53
CA GLN I 328 -12.04 -51.88 -21.54
C GLN I 328 -12.64 -51.74 -20.13
N ALA I 329 -12.43 -50.55 -19.53
CA ALA I 329 -12.99 -50.16 -18.25
C ALA I 329 -13.96 -49.00 -18.48
N ASN I 330 -14.82 -48.74 -17.49
CA ASN I 330 -15.82 -47.69 -17.57
C ASN I 330 -15.16 -46.32 -17.45
N PHE I 331 -15.98 -45.28 -17.62
CA PHE I 331 -15.54 -43.91 -17.62
C PHE I 331 -16.61 -43.04 -16.97
N ILE I 332 -16.20 -42.05 -16.15
CA ILE I 332 -17.16 -41.10 -15.58
C ILE I 332 -16.56 -39.70 -15.57
N SER I 333 -17.20 -38.78 -16.32
CA SER I 333 -16.79 -37.37 -16.34
C SER I 333 -17.57 -36.59 -15.27
N ILE I 334 -16.83 -36.00 -14.32
CA ILE I 334 -17.36 -34.91 -13.54
C ILE I 334 -16.82 -33.63 -14.18
N LYS I 335 -17.66 -33.04 -15.05
CA LYS I 335 -17.52 -31.66 -15.46
C LYS I 335 -17.39 -30.83 -14.17
N GLY I 336 -16.55 -29.78 -14.20
CA GLY I 336 -16.32 -28.90 -13.05
C GLY I 336 -17.57 -28.16 -12.57
N PRO I 337 -18.50 -27.74 -13.46
CA PRO I 337 -19.81 -27.24 -13.04
C PRO I 337 -20.63 -28.14 -12.10
N GLU I 338 -20.37 -29.44 -12.10
CA GLU I 338 -20.82 -30.36 -11.05
C GLU I 338 -20.11 -30.00 -9.74
N LEU I 339 -18.78 -29.85 -9.81
CA LEU I 339 -18.00 -29.48 -8.66
C LEU I 339 -18.53 -28.12 -8.13
N LEU I 340 -18.58 -27.11 -9.00
CA LEU I 340 -19.01 -25.76 -8.60
C LEU I 340 -20.40 -25.86 -7.94
N THR I 341 -21.32 -26.56 -8.59
CA THR I 341 -22.66 -26.76 -8.04
C THR I 341 -22.58 -27.31 -6.62
N MET I 342 -21.66 -28.24 -6.37
CA MET I 342 -21.50 -28.82 -5.04
C MET I 342 -20.94 -27.76 -4.09
N TRP I 343 -19.84 -27.09 -4.46
CA TRP I 343 -19.24 -26.13 -3.55
C TRP I 343 -20.28 -25.04 -3.19
N PHE I 344 -20.74 -24.31 -4.20
CA PHE I 344 -21.66 -23.18 -4.03
C PHE I 344 -22.94 -23.60 -3.27
N GLY I 345 -23.32 -24.88 -3.34
CA GLY I 345 -24.49 -25.43 -2.61
C GLY I 345 -24.13 -26.09 -1.28
N GLU I 346 -22.84 -26.40 -1.13
CA GLU I 346 -22.27 -27.15 -0.01
C GLU I 346 -22.99 -28.50 0.07
N SER I 347 -23.00 -29.21 -1.06
CA SER I 347 -23.46 -30.58 -1.14
C SER I 347 -22.24 -31.47 -1.44
N GLU I 348 -21.30 -31.47 -0.50
CA GLU I 348 -20.08 -32.30 -0.61
C GLU I 348 -20.47 -33.76 -0.40
N ALA I 349 -21.53 -34.00 0.39
CA ALA I 349 -22.15 -35.29 0.48
C ALA I 349 -21.95 -36.06 -0.83
N ASN I 350 -22.44 -35.47 -1.93
CA ASN I 350 -22.58 -36.13 -3.22
C ASN I 350 -21.26 -36.68 -3.78
N VAL I 351 -20.12 -36.22 -3.26
CA VAL I 351 -18.85 -36.83 -3.68
C VAL I 351 -18.90 -38.31 -3.31
N ARG I 352 -19.25 -38.58 -2.05
CA ARG I 352 -19.38 -39.93 -1.50
C ARG I 352 -20.22 -40.79 -2.48
N GLU I 353 -21.33 -40.21 -2.94
CA GLU I 353 -22.26 -40.84 -3.88
C GLU I 353 -21.54 -41.09 -5.22
N ILE I 354 -20.79 -40.11 -5.72
CA ILE I 354 -20.01 -40.26 -6.96
C ILE I 354 -19.08 -41.46 -6.82
N PHE I 355 -18.24 -41.44 -5.78
CA PHE I 355 -17.28 -42.52 -5.60
C PHE I 355 -17.99 -43.86 -5.42
N ASP I 356 -19.11 -43.87 -4.67
CA ASP I 356 -19.90 -45.09 -4.58
C ASP I 356 -20.26 -45.55 -6.01
N LYS I 357 -20.74 -44.60 -6.84
CA LYS I 357 -21.18 -44.90 -8.20
C LYS I 357 -20.02 -45.42 -9.06
N ALA I 358 -18.81 -44.90 -8.86
CA ALA I 358 -17.63 -45.40 -9.58
C ALA I 358 -17.30 -46.81 -9.09
N ARG I 359 -17.11 -46.91 -7.76
CA ARG I 359 -16.80 -48.14 -7.04
C ARG I 359 -17.72 -49.27 -7.53
N GLN I 360 -19.02 -48.99 -7.58
CA GLN I 360 -20.03 -49.97 -7.99
C GLN I 360 -19.83 -50.33 -9.47
N ALA I 361 -19.47 -49.35 -10.29
CA ALA I 361 -19.27 -49.57 -11.71
C ALA I 361 -17.79 -49.87 -12.02
N ALA I 362 -17.08 -50.53 -11.09
CA ALA I 362 -15.68 -50.93 -11.33
C ALA I 362 -15.61 -51.82 -12.57
N PRO I 363 -14.38 -52.13 -13.04
CA PRO I 363 -13.35 -51.11 -13.15
C PRO I 363 -13.70 -49.95 -14.08
N CYS I 364 -13.08 -48.79 -13.80
CA CYS I 364 -13.63 -47.50 -14.17
C CYS I 364 -12.55 -46.42 -14.03
N VAL I 365 -12.58 -45.40 -14.89
CA VAL I 365 -11.83 -44.17 -14.59
C VAL I 365 -12.82 -43.06 -14.23
N LEU I 366 -12.65 -42.58 -13.00
CA LEU I 366 -13.29 -41.42 -12.48
C LEU I 366 -12.44 -40.21 -12.89
N PHE I 367 -12.99 -39.47 -13.83
CA PHE I 367 -12.34 -38.36 -14.44
C PHE I 367 -12.97 -37.06 -13.91
N PHE I 368 -12.16 -36.33 -13.15
CA PHE I 368 -12.53 -35.00 -12.76
C PHE I 368 -11.98 -34.01 -13.80
N ASP I 369 -12.89 -33.22 -14.35
CA ASP I 369 -12.49 -32.15 -15.18
C ASP I 369 -12.35 -30.91 -14.30
N GLU I 370 -11.42 -30.02 -14.69
CA GLU I 370 -11.27 -28.76 -14.02
C GLU I 370 -11.23 -29.02 -12.51
N LEU I 371 -10.28 -29.83 -12.03
CA LEU I 371 -10.22 -30.10 -10.59
C LEU I 371 -9.96 -28.80 -9.83
N ASP I 372 -9.38 -27.83 -10.55
CA ASP I 372 -9.02 -26.54 -10.03
C ASP I 372 -10.24 -25.65 -9.74
N SER I 373 -11.47 -26.05 -10.15
CA SER I 373 -12.65 -25.16 -10.14
C SER I 373 -12.99 -24.65 -8.75
N ILE I 374 -13.13 -25.57 -7.80
CA ILE I 374 -13.48 -25.21 -6.45
C ILE I 374 -12.41 -24.22 -5.96
N ALA I 375 -11.18 -24.72 -5.88
CA ALA I 375 -10.03 -23.93 -5.52
C ALA I 375 -9.92 -22.67 -6.40
N LYS I 376 -10.13 -22.78 -7.72
CA LYS I 376 -9.96 -21.62 -8.61
C LYS I 376 -10.93 -20.51 -8.22
N ALA I 377 -12.21 -20.87 -8.16
CA ALA I 377 -13.26 -19.88 -8.34
C ALA I 377 -13.17 -18.78 -7.27
N ARG I 378 -12.72 -19.11 -6.07
CA ARG I 378 -12.39 -18.08 -5.09
C ARG I 378 -11.45 -17.05 -5.76
N ALA I 388 -17.70 -24.97 2.12
CA ALA I 388 -17.08 -26.27 2.35
C ALA I 388 -16.32 -26.74 1.09
N ALA I 389 -15.24 -26.02 0.72
CA ALA I 389 -14.66 -25.96 -0.65
C ALA I 389 -13.41 -26.84 -0.78
N ASP I 390 -12.29 -26.36 -0.22
CA ASP I 390 -11.19 -27.26 -0.04
C ASP I 390 -11.80 -28.54 0.53
N ARG I 391 -12.99 -28.44 1.17
CA ARG I 391 -13.80 -29.61 1.62
C ARG I 391 -14.37 -30.41 0.43
N VAL I 392 -15.00 -29.77 -0.55
CA VAL I 392 -15.39 -30.53 -1.74
C VAL I 392 -14.15 -31.23 -2.32
N ILE I 393 -13.09 -30.45 -2.61
CA ILE I 393 -11.82 -31.10 -3.02
C ILE I 393 -11.42 -32.13 -1.94
N ASN I 394 -11.65 -31.81 -0.65
CA ASN I 394 -11.26 -32.63 0.55
C ASN I 394 -12.15 -33.87 0.65
N GLN I 395 -13.44 -33.77 0.30
CA GLN I 395 -14.22 -34.96 0.34
C GLN I 395 -13.62 -35.95 -0.65
N ILE I 396 -13.27 -35.44 -1.85
CA ILE I 396 -12.56 -36.23 -2.84
C ILE I 396 -11.31 -36.84 -2.19
N LEU I 397 -10.63 -36.10 -1.30
CA LEU I 397 -9.48 -36.65 -0.57
C LEU I 397 -9.96 -37.84 0.27
N THR I 398 -10.85 -37.58 1.25
CA THR I 398 -11.28 -38.58 2.22
C THR I 398 -11.75 -39.81 1.44
N GLU I 399 -12.36 -39.61 0.27
CA GLU I 399 -12.87 -40.70 -0.54
C GLU I 399 -11.74 -41.48 -1.24
N MET I 400 -10.72 -40.77 -1.72
CA MET I 400 -9.53 -41.42 -2.29
C MET I 400 -8.80 -42.21 -1.20
N ASP I 401 -8.68 -41.62 -0.01
CA ASP I 401 -8.07 -42.26 1.16
C ASP I 401 -8.86 -43.54 1.50
N GLY I 402 -10.18 -43.41 1.64
CA GLY I 402 -11.07 -44.47 2.10
C GLY I 402 -11.40 -45.52 1.04
N MET I 403 -11.24 -45.18 -0.25
CA MET I 403 -11.46 -46.15 -1.31
C MET I 403 -10.41 -47.25 -1.21
N SER I 404 -10.84 -48.50 -1.38
CA SER I 404 -9.97 -49.64 -1.34
C SER I 404 -9.03 -49.63 -2.56
N THR I 405 -7.74 -49.73 -2.27
CA THR I 405 -6.66 -49.80 -3.25
C THR I 405 -6.95 -50.84 -4.35
N LYS I 406 -7.54 -51.96 -3.94
CA LYS I 406 -7.59 -53.17 -4.75
C LYS I 406 -8.65 -53.02 -5.85
N LYS I 407 -9.87 -52.60 -5.48
CA LYS I 407 -10.87 -52.15 -6.44
C LYS I 407 -10.14 -51.41 -7.57
N ASN I 408 -10.28 -51.91 -8.81
CA ASN I 408 -9.56 -51.27 -9.91
C ASN I 408 -10.41 -50.12 -10.46
N VAL I 409 -10.31 -48.96 -9.79
CA VAL I 409 -10.96 -47.71 -10.19
C VAL I 409 -9.90 -46.62 -10.20
N PHE I 410 -9.54 -46.13 -11.39
CA PHE I 410 -8.55 -45.06 -11.51
C PHE I 410 -9.22 -43.70 -11.50
N ILE I 411 -8.43 -42.65 -11.31
CA ILE I 411 -9.01 -41.39 -10.91
C ILE I 411 -8.15 -40.24 -11.44
N ILE I 412 -8.55 -39.73 -12.61
CA ILE I 412 -7.75 -38.79 -13.38
C ILE I 412 -8.27 -37.38 -13.12
N GLY I 413 -7.33 -36.49 -12.78
CA GLY I 413 -7.59 -35.12 -12.37
C GLY I 413 -7.06 -34.13 -13.37
N ALA I 414 -8.01 -33.52 -14.11
CA ALA I 414 -7.68 -32.59 -15.19
C ALA I 414 -7.52 -31.17 -14.64
N THR I 415 -6.67 -30.39 -15.32
CA THR I 415 -6.56 -28.97 -15.06
C THR I 415 -5.93 -28.24 -16.26
N ASN I 416 -5.52 -27.01 -15.98
CA ASN I 416 -4.55 -26.31 -16.77
C ASN I 416 -3.68 -25.47 -15.81
N ARG I 417 -3.79 -25.73 -14.51
CA ARG I 417 -3.22 -24.89 -13.51
C ARG I 417 -2.72 -25.76 -12.39
N PRO I 418 -1.67 -26.57 -12.59
CA PRO I 418 -1.15 -27.40 -11.50
C PRO I 418 -0.95 -26.49 -10.27
N ASP I 419 -0.69 -25.20 -10.58
CA ASP I 419 -0.35 -24.14 -9.62
C ASP I 419 -1.47 -23.91 -8.59
N ILE I 420 -2.72 -24.33 -8.89
CA ILE I 420 -3.85 -23.94 -8.04
C ILE I 420 -4.44 -25.15 -7.31
N ILE I 421 -4.01 -26.35 -7.65
CA ILE I 421 -4.61 -27.49 -7.07
C ILE I 421 -4.05 -27.65 -5.65
N ASP I 422 -4.97 -27.78 -4.69
CA ASP I 422 -4.64 -28.12 -3.29
C ASP I 422 -3.58 -29.22 -3.32
N PRO I 423 -2.30 -28.92 -2.96
CA PRO I 423 -1.21 -29.83 -3.28
C PRO I 423 -1.30 -31.14 -2.49
N ALA I 424 -2.15 -31.15 -1.47
CA ALA I 424 -2.52 -32.37 -0.75
C ALA I 424 -3.01 -33.44 -1.74
N ILE I 425 -3.69 -33.01 -2.81
CA ILE I 425 -4.16 -33.89 -3.86
C ILE I 425 -2.98 -34.53 -4.59
N LEU I 426 -1.86 -33.82 -4.65
CA LEU I 426 -0.67 -34.29 -5.34
C LEU I 426 0.30 -35.01 -4.40
N ARG I 427 -0.18 -35.30 -3.17
CA ARG I 427 0.51 -36.11 -2.17
C ARG I 427 0.46 -37.57 -2.63
N PRO I 428 1.52 -38.39 -2.43
CA PRO I 428 1.44 -39.78 -2.88
C PRO I 428 0.22 -40.49 -2.29
N GLY I 429 -0.31 -41.47 -3.05
CA GLY I 429 -1.49 -42.24 -2.62
C GLY I 429 -2.79 -41.51 -2.92
N ARG I 430 -2.66 -40.46 -3.73
CA ARG I 430 -3.75 -39.66 -4.23
C ARG I 430 -3.47 -39.46 -5.73
N LEU I 431 -3.25 -38.23 -6.18
CA LEU I 431 -2.84 -38.01 -7.52
C LEU I 431 -1.32 -37.97 -7.50
N ASP I 432 -0.76 -39.16 -7.35
CA ASP I 432 0.62 -39.42 -7.29
C ASP I 432 1.25 -38.86 -8.57
N GLN I 433 0.88 -39.45 -9.70
CA GLN I 433 1.53 -39.21 -10.98
C GLN I 433 0.98 -37.91 -11.60
N LEU I 434 1.88 -37.00 -11.92
CA LEU I 434 1.58 -35.85 -12.77
C LEU I 434 1.95 -36.17 -14.20
N ILE I 435 1.14 -35.71 -15.16
CA ILE I 435 1.44 -35.86 -16.56
C ILE I 435 1.16 -34.54 -17.28
N TYR I 436 2.18 -34.00 -17.94
CA TYR I 436 2.01 -32.86 -18.83
C TYR I 436 1.43 -33.38 -20.14
N ILE I 437 0.14 -33.13 -20.33
CA ILE I 437 -0.55 -33.37 -21.58
C ILE I 437 -0.39 -32.11 -22.40
N PRO I 438 0.59 -32.08 -23.31
CA PRO I 438 1.00 -30.86 -23.99
C PRO I 438 0.20 -30.66 -25.27
N LEU I 439 0.62 -29.67 -26.05
CA LEU I 439 0.01 -29.36 -27.30
C LEU I 439 0.14 -30.53 -28.26
N PRO I 440 -0.83 -30.68 -29.18
CA PRO I 440 -0.83 -31.82 -30.10
C PRO I 440 0.37 -31.79 -31.06
N ASP I 441 0.89 -32.99 -31.36
CA ASP I 441 1.93 -33.24 -32.36
C ASP I 441 1.27 -33.33 -33.74
N GLU I 442 2.10 -33.40 -34.78
CA GLU I 442 1.64 -33.28 -36.16
C GLU I 442 0.70 -34.46 -36.44
N LYS I 443 1.10 -35.65 -35.97
CA LYS I 443 0.29 -36.85 -36.12
C LYS I 443 -1.07 -36.60 -35.46
N SER I 444 -1.02 -35.96 -34.29
CA SER I 444 -2.20 -35.68 -33.49
C SER I 444 -3.02 -34.53 -34.10
N ARG I 445 -2.34 -33.49 -34.64
CA ARG I 445 -3.02 -32.41 -35.38
C ARG I 445 -3.85 -33.04 -36.50
N VAL I 446 -3.17 -33.87 -37.30
CA VAL I 446 -3.82 -34.62 -38.35
C VAL I 446 -5.01 -35.37 -37.74
N ALA I 447 -4.74 -36.17 -36.70
CA ALA I 447 -5.78 -36.94 -36.01
C ALA I 447 -7.01 -36.05 -35.73
N ILE I 448 -6.78 -34.82 -35.24
CA ILE I 448 -7.86 -33.94 -34.77
C ILE I 448 -8.57 -33.29 -35.97
N LEU I 449 -7.82 -32.89 -37.00
CA LEU I 449 -8.45 -32.46 -38.22
C LEU I 449 -9.41 -33.58 -38.68
N LYS I 450 -8.87 -34.80 -38.71
CA LYS I 450 -9.64 -35.99 -39.11
C LYS I 450 -10.89 -36.13 -38.25
N ALA I 451 -10.73 -36.05 -36.93
CA ALA I 451 -11.85 -36.17 -36.01
C ALA I 451 -12.90 -35.08 -36.27
N ASN I 452 -12.43 -33.83 -36.42
CA ASN I 452 -13.29 -32.64 -36.60
C ASN I 452 -14.02 -32.70 -37.96
N LEU I 453 -13.42 -33.42 -38.93
CA LEU I 453 -13.99 -33.53 -40.26
C LEU I 453 -14.55 -34.93 -40.54
N ARG I 454 -14.64 -35.79 -39.51
CA ARG I 454 -14.96 -37.20 -39.72
C ARG I 454 -16.16 -37.33 -40.67
N LYS I 455 -17.34 -36.90 -40.23
CA LYS I 455 -18.50 -36.85 -41.10
C LYS I 455 -18.53 -35.48 -41.79
N SER I 456 -17.99 -35.44 -43.02
CA SER I 456 -17.95 -34.24 -43.83
C SER I 456 -17.48 -34.58 -45.25
N PRO I 457 -17.86 -33.75 -46.24
CA PRO I 457 -17.33 -33.86 -47.60
C PRO I 457 -16.01 -33.09 -47.78
N VAL I 458 -14.93 -33.84 -48.05
CA VAL I 458 -13.56 -33.37 -48.02
C VAL I 458 -12.80 -33.89 -49.25
N ALA I 459 -12.65 -33.08 -50.30
CA ALA I 459 -11.95 -33.53 -51.51
C ALA I 459 -10.46 -33.70 -51.22
N LYS I 460 -9.82 -34.62 -51.94
CA LYS I 460 -8.49 -35.10 -51.58
C LYS I 460 -7.44 -34.00 -51.73
N ASP I 461 -7.78 -32.89 -52.41
CA ASP I 461 -6.88 -31.74 -52.50
C ASP I 461 -6.96 -30.88 -51.23
N VAL I 462 -7.60 -31.42 -50.17
CA VAL I 462 -7.29 -30.98 -48.80
C VAL I 462 -6.27 -31.97 -48.22
N ASP I 463 -4.99 -31.66 -48.43
CA ASP I 463 -3.93 -32.33 -47.70
C ASP I 463 -3.93 -31.73 -46.29
N LEU I 464 -3.76 -32.62 -45.30
CA LEU I 464 -3.94 -32.26 -43.92
C LEU I 464 -2.58 -32.04 -43.24
N GLU I 465 -1.51 -32.24 -44.00
CA GLU I 465 -0.18 -32.08 -43.46
C GLU I 465 0.36 -30.68 -43.81
N PHE I 466 0.02 -30.18 -45.01
CA PHE I 466 0.02 -28.73 -45.29
C PHE I 466 -0.56 -28.03 -44.04
N LEU I 467 -1.66 -28.58 -43.50
CA LEU I 467 -2.38 -28.08 -42.27
C LEU I 467 -1.63 -28.43 -40.98
N ALA I 468 -0.97 -29.59 -40.94
CA ALA I 468 -0.10 -29.97 -39.82
C ALA I 468 1.01 -28.94 -39.61
N LYS I 469 1.73 -28.62 -40.69
CA LYS I 469 2.91 -27.75 -40.60
C LYS I 469 2.51 -26.33 -40.24
N MET I 470 1.48 -25.81 -40.88
CA MET I 470 1.08 -24.43 -40.70
C MET I 470 0.63 -24.19 -39.26
N THR I 471 0.16 -25.25 -38.59
CA THR I 471 -0.50 -25.12 -37.31
C THR I 471 0.41 -25.58 -36.17
N ASN I 472 1.71 -25.34 -36.29
CA ASN I 472 2.62 -25.53 -35.20
C ASN I 472 2.31 -24.51 -34.10
N GLY I 473 2.11 -24.99 -32.86
CA GLY I 473 1.82 -24.13 -31.68
C GLY I 473 0.32 -23.98 -31.44
N PHE I 474 -0.48 -24.66 -32.26
CA PHE I 474 -1.91 -24.59 -32.21
C PHE I 474 -2.43 -25.65 -31.24
N SER I 475 -3.49 -25.26 -30.55
CA SER I 475 -4.28 -26.17 -29.78
C SER I 475 -5.34 -26.81 -30.69
N GLY I 476 -5.80 -28.01 -30.30
CA GLY I 476 -6.95 -28.63 -30.88
C GLY I 476 -8.01 -27.59 -31.24
N ALA I 477 -8.34 -26.75 -30.25
CA ALA I 477 -9.41 -25.75 -30.39
C ALA I 477 -9.28 -24.95 -31.68
N ASP I 478 -8.05 -24.60 -32.06
CA ASP I 478 -7.80 -23.78 -33.23
C ASP I 478 -8.00 -24.60 -34.49
N LEU I 479 -7.59 -25.87 -34.45
CA LEU I 479 -7.79 -26.74 -35.60
C LEU I 479 -9.29 -26.84 -35.82
N THR I 480 -9.98 -27.08 -34.70
CA THR I 480 -11.39 -27.19 -34.63
C THR I 480 -12.04 -25.94 -35.26
N GLU I 481 -11.73 -24.75 -34.73
CA GLU I 481 -12.39 -23.56 -35.24
C GLU I 481 -11.97 -23.31 -36.70
N ILE I 482 -10.76 -23.73 -37.13
CA ILE I 482 -10.41 -23.70 -38.58
C ILE I 482 -11.47 -24.53 -39.33
N CYS I 483 -11.58 -25.80 -38.96
CA CYS I 483 -12.52 -26.74 -39.61
C CYS I 483 -13.95 -26.16 -39.63
N GLN I 484 -14.40 -25.64 -38.48
CA GLN I 484 -15.76 -25.11 -38.37
C GLN I 484 -15.91 -23.89 -39.28
N ARG I 485 -14.92 -22.97 -39.26
CA ARG I 485 -14.99 -21.77 -40.12
C ARG I 485 -15.08 -22.22 -41.58
N ALA I 486 -14.20 -23.15 -41.97
CA ALA I 486 -14.27 -23.73 -43.31
C ALA I 486 -15.70 -24.20 -43.58
N CYS I 487 -16.20 -25.09 -42.71
CA CYS I 487 -17.51 -25.72 -42.92
C CYS I 487 -18.59 -24.65 -43.07
N LYS I 488 -18.51 -23.58 -42.28
CA LYS I 488 -19.50 -22.50 -42.36
C LYS I 488 -19.33 -21.74 -43.68
N LEU I 489 -18.08 -21.55 -44.15
CA LEU I 489 -17.87 -20.93 -45.49
C LEU I 489 -18.54 -21.81 -46.56
N ALA I 490 -18.35 -23.14 -46.42
CA ALA I 490 -18.94 -24.11 -47.35
C ALA I 490 -20.48 -24.03 -47.32
N ILE I 491 -21.07 -24.16 -46.13
CA ILE I 491 -22.53 -24.07 -46.01
C ILE I 491 -23.01 -22.75 -46.62
N ARG I 492 -22.40 -21.63 -46.19
CA ARG I 492 -22.72 -20.29 -46.70
C ARG I 492 -22.74 -20.31 -48.24
N GLU I 493 -21.57 -20.61 -48.84
CA GLU I 493 -21.44 -20.65 -50.31
C GLU I 493 -22.56 -21.53 -50.90
N SER I 494 -22.78 -22.70 -50.28
CA SER I 494 -23.77 -23.68 -50.74
C SER I 494 -25.18 -23.06 -50.77
N ILE I 495 -25.73 -22.70 -49.61
CA ILE I 495 -27.14 -22.27 -49.58
C ILE I 495 -27.30 -20.88 -50.22
N GLU I 496 -26.25 -20.04 -50.18
CA GLU I 496 -26.30 -18.74 -50.89
C GLU I 496 -26.45 -19.00 -52.40
N SER I 497 -25.64 -19.93 -52.90
CA SER I 497 -25.70 -20.36 -54.31
C SER I 497 -27.06 -21.03 -54.61
N GLU I 498 -27.58 -21.86 -53.70
CA GLU I 498 -28.89 -22.51 -53.89
C GLU I 498 -30.01 -21.46 -53.97
N ILE I 499 -30.00 -20.48 -53.06
CA ILE I 499 -31.01 -19.38 -53.06
C ILE I 499 -30.84 -18.53 -54.33
N ARG I 500 -29.58 -18.24 -54.70
CA ARG I 500 -29.26 -17.58 -55.99
C ARG I 500 -29.84 -18.37 -57.16
N ARG I 501 -29.79 -19.70 -57.09
CA ARG I 501 -30.36 -20.60 -58.12
C ARG I 501 -31.90 -20.64 -58.05
N GLU I 502 -32.50 -20.49 -56.86
CA GLU I 502 -33.97 -20.27 -56.76
C GLU I 502 -34.36 -18.95 -57.47
N ARG I 503 -33.63 -17.88 -57.15
CA ARG I 503 -33.91 -16.55 -57.75
C ARG I 503 -33.61 -16.52 -59.26
N GLU I 504 -32.61 -17.28 -59.71
CA GLU I 504 -32.29 -17.38 -61.16
C GLU I 504 -33.16 -18.43 -61.85
N ARG I 505 -33.80 -19.32 -61.08
CA ARG I 505 -34.83 -20.26 -61.61
C ARG I 505 -36.21 -19.58 -61.63
N GLN I 506 -36.40 -18.50 -60.86
CA GLN I 506 -37.62 -17.65 -61.05
C GLN I 506 -37.28 -16.41 -61.90
N THR I 507 -36.73 -16.64 -63.11
CA THR I 507 -36.49 -15.60 -64.12
C THR I 507 -37.81 -14.90 -64.44
N GLU I 522 -18.96 -30.27 -51.99
CA GLU I 522 -17.90 -30.70 -51.03
C GLU I 522 -16.95 -29.55 -50.61
N ILE I 523 -16.06 -29.82 -49.63
CA ILE I 523 -15.17 -28.79 -49.00
C ILE I 523 -13.70 -28.98 -49.45
N ARG I 524 -13.01 -27.88 -49.83
CA ARG I 524 -11.66 -27.89 -50.53
C ARG I 524 -10.75 -26.76 -50.05
N ARG I 525 -9.41 -26.95 -50.11
CA ARG I 525 -8.39 -26.09 -49.34
C ARG I 525 -8.53 -24.60 -49.72
N ASP I 526 -9.35 -24.29 -50.72
CA ASP I 526 -9.81 -22.92 -50.97
C ASP I 526 -10.45 -22.39 -49.69
N HIS I 527 -11.60 -22.99 -49.34
CA HIS I 527 -12.31 -22.86 -48.07
C HIS I 527 -11.37 -22.80 -46.87
N PHE I 528 -10.43 -23.75 -46.79
CA PHE I 528 -9.57 -23.90 -45.63
C PHE I 528 -8.57 -22.74 -45.53
N GLU I 529 -7.76 -22.49 -46.58
CA GLU I 529 -6.78 -21.35 -46.46
C GLU I 529 -7.61 -20.05 -46.36
N GLU I 530 -8.84 -20.04 -46.88
CA GLU I 530 -9.78 -18.96 -46.55
C GLU I 530 -9.99 -18.89 -45.03
N ALA I 531 -10.27 -20.04 -44.41
CA ALA I 531 -10.64 -20.12 -42.98
C ALA I 531 -9.44 -19.79 -42.09
N MET I 532 -8.24 -20.19 -42.49
CA MET I 532 -7.04 -19.94 -41.71
C MET I 532 -6.67 -18.46 -41.80
N ARG I 533 -7.15 -17.77 -42.83
CA ARG I 533 -6.88 -16.34 -43.04
C ARG I 533 -7.63 -15.48 -42.01
N PHE I 534 -8.32 -16.11 -41.06
CA PHE I 534 -8.52 -15.55 -39.71
C PHE I 534 -8.73 -16.73 -38.75
N ALA I 535 -7.63 -17.24 -38.18
CA ALA I 535 -7.64 -18.38 -37.21
C ALA I 535 -6.40 -18.32 -36.31
N ARG I 536 -6.62 -18.47 -34.99
CA ARG I 536 -5.63 -18.07 -33.96
C ARG I 536 -4.55 -19.14 -33.81
N ARG I 537 -3.60 -18.86 -32.90
CA ARG I 537 -2.80 -19.83 -32.16
C ARG I 537 -3.19 -19.67 -30.69
N SER I 538 -3.94 -20.64 -30.14
CA SER I 538 -4.71 -20.45 -28.88
C SER I 538 -3.80 -20.01 -27.74
N VAL I 539 -2.72 -20.77 -27.57
CA VAL I 539 -1.95 -20.70 -26.38
C VAL I 539 -0.59 -20.09 -26.72
N SER I 540 -0.24 -19.04 -25.95
CA SER I 540 0.93 -18.24 -26.22
C SER I 540 2.17 -18.87 -25.58
N ASP I 541 3.31 -18.55 -26.17
CA ASP I 541 4.59 -19.10 -25.78
C ASP I 541 4.67 -19.01 -24.25
N ASN I 542 4.43 -17.81 -23.70
CA ASN I 542 4.38 -17.55 -22.26
C ASN I 542 3.85 -18.77 -21.49
N ASP I 543 2.65 -19.18 -21.88
CA ASP I 543 1.91 -20.17 -21.15
C ASP I 543 2.65 -21.51 -21.25
N ILE I 544 3.02 -21.88 -22.48
CA ILE I 544 3.57 -23.19 -22.67
C ILE I 544 4.88 -23.25 -21.88
N ARG I 545 5.67 -22.17 -21.97
CA ARG I 545 6.89 -21.97 -21.18
C ARG I 545 6.57 -22.10 -19.69
N LYS I 546 5.38 -21.60 -19.29
CA LYS I 546 4.93 -21.67 -17.90
C LYS I 546 4.70 -23.14 -17.52
N TYR I 547 4.07 -23.93 -18.39
CA TYR I 547 3.92 -25.37 -18.05
C TYR I 547 5.29 -26.05 -18.07
N GLU I 548 6.14 -25.70 -19.04
CA GLU I 548 7.50 -26.20 -19.10
C GLU I 548 8.13 -26.00 -17.71
N MET I 549 8.31 -24.72 -17.34
CA MET I 549 8.85 -24.34 -16.04
C MET I 549 8.17 -25.19 -14.97
N PHE I 550 6.84 -25.11 -14.91
CA PHE I 550 6.09 -25.72 -13.82
C PHE I 550 6.09 -27.24 -13.99
N ALA I 551 6.44 -27.75 -15.19
CA ALA I 551 6.67 -29.21 -15.42
C ALA I 551 8.01 -29.66 -14.81
N GLN I 552 9.07 -28.92 -15.12
CA GLN I 552 10.40 -29.12 -14.55
C GLN I 552 10.31 -29.03 -13.02
N THR I 553 9.89 -27.86 -12.50
CA THR I 553 9.98 -27.53 -11.07
C THR I 553 8.79 -28.11 -10.28
N LEU I 554 7.70 -28.51 -10.98
CA LEU I 554 6.74 -29.45 -10.35
C LEU I 554 7.55 -30.74 -10.00
N GLN I 555 8.45 -31.19 -10.90
CA GLN I 555 9.40 -32.31 -10.65
C GLN I 555 10.66 -31.77 -9.94
N ARG J 2 -57.66 -21.80 -31.16
CA ARG J 2 -57.95 -23.13 -31.80
C ARG J 2 -56.64 -23.90 -32.00
N LYS J 3 -55.55 -23.15 -32.17
CA LYS J 3 -54.20 -23.71 -32.32
C LYS J 3 -53.91 -24.67 -31.17
N GLN J 4 -54.33 -24.26 -29.97
CA GLN J 4 -54.05 -24.93 -28.71
C GLN J 4 -54.73 -26.30 -28.70
N LEU J 5 -56.04 -26.29 -28.96
CA LEU J 5 -56.86 -27.50 -29.01
C LEU J 5 -56.16 -28.54 -29.91
N ALA J 6 -55.71 -28.11 -31.09
CA ALA J 6 -55.11 -29.00 -32.11
C ALA J 6 -54.17 -30.02 -31.46
N GLN J 7 -53.18 -29.51 -30.71
CA GLN J 7 -52.18 -30.33 -30.02
C GLN J 7 -52.88 -31.37 -29.14
N ILE J 8 -53.79 -30.89 -28.28
CA ILE J 8 -54.40 -31.69 -27.22
C ILE J 8 -55.29 -32.77 -27.86
N LYS J 9 -55.87 -32.43 -29.01
CA LYS J 9 -56.63 -33.37 -29.79
C LYS J 9 -55.70 -34.39 -30.47
N GLU J 10 -54.54 -33.95 -30.97
CA GLU J 10 -53.58 -34.92 -31.53
C GLU J 10 -53.10 -35.88 -30.43
N MET J 11 -52.98 -35.38 -29.19
CA MET J 11 -52.54 -36.21 -28.06
C MET J 11 -53.68 -37.08 -27.52
N VAL J 12 -54.94 -36.64 -27.66
CA VAL J 12 -56.09 -37.34 -27.03
C VAL J 12 -56.85 -38.21 -28.04
N GLU J 13 -57.37 -37.58 -29.11
CA GLU J 13 -58.38 -38.17 -30.03
C GLU J 13 -57.93 -39.53 -30.59
N LEU J 14 -56.69 -39.59 -31.07
CA LEU J 14 -56.16 -40.73 -31.81
C LEU J 14 -56.03 -41.95 -30.88
N PRO J 15 -55.47 -41.81 -29.66
CA PRO J 15 -55.55 -42.86 -28.65
C PRO J 15 -56.76 -42.97 -27.71
N LEU J 16 -57.77 -42.10 -27.88
CA LEU J 16 -59.08 -42.30 -27.23
C LEU J 16 -60.06 -43.02 -28.18
N ARG J 17 -60.03 -42.68 -29.47
CA ARG J 17 -61.09 -43.07 -30.43
C ARG J 17 -60.51 -43.66 -31.73
N HIS J 18 -59.20 -43.92 -31.74
CA HIS J 18 -58.46 -44.66 -32.78
C HIS J 18 -57.39 -45.54 -32.11
N PRO J 19 -57.67 -46.06 -30.89
CA PRO J 19 -56.68 -46.76 -30.04
C PRO J 19 -56.03 -48.04 -30.58
N ALA J 20 -56.76 -48.84 -31.37
CA ALA J 20 -56.30 -50.17 -31.78
C ALA J 20 -54.99 -50.08 -32.57
N LEU J 21 -54.80 -49.00 -33.33
CA LEU J 21 -53.63 -48.86 -34.23
C LEU J 21 -52.32 -48.83 -33.42
N PHE J 22 -52.31 -48.11 -32.30
CA PHE J 22 -51.11 -47.96 -31.46
C PHE J 22 -50.77 -49.27 -30.74
N LYS J 23 -51.82 -49.91 -30.20
CA LYS J 23 -51.71 -51.13 -29.41
C LYS J 23 -51.35 -52.30 -30.32
N ALA J 24 -51.68 -52.17 -31.62
CA ALA J 24 -51.26 -53.12 -32.64
C ALA J 24 -49.82 -52.79 -33.10
N ILE J 25 -49.57 -51.52 -33.45
CA ILE J 25 -48.27 -51.08 -33.98
C ILE J 25 -47.19 -51.20 -32.87
N GLY J 26 -47.64 -51.45 -31.63
CA GLY J 26 -46.74 -51.85 -30.55
C GLY J 26 -46.15 -50.66 -29.82
N VAL J 27 -47.03 -49.70 -29.49
CA VAL J 27 -46.65 -48.50 -28.72
C VAL J 27 -47.73 -48.25 -27.66
N LYS J 28 -47.60 -47.14 -26.94
CA LYS J 28 -48.54 -46.75 -25.89
C LYS J 28 -49.09 -45.36 -26.18
N PRO J 29 -50.42 -45.15 -26.12
CA PRO J 29 -50.99 -43.83 -25.84
C PRO J 29 -50.50 -43.14 -24.57
N PRO J 30 -50.55 -41.78 -24.50
CA PRO J 30 -50.37 -41.07 -23.24
C PRO J 30 -51.61 -41.28 -22.36
N ARG J 31 -51.39 -41.51 -21.06
CA ARG J 31 -52.47 -41.76 -20.11
C ARG J 31 -52.56 -40.60 -19.12
N GLY J 32 -51.66 -39.63 -19.24
CA GLY J 32 -51.65 -38.47 -18.35
C GLY J 32 -51.20 -37.21 -19.06
N ILE J 33 -52.16 -36.49 -19.62
CA ILE J 33 -51.89 -35.20 -20.24
C ILE J 33 -52.14 -34.12 -19.19
N LEU J 34 -51.08 -33.38 -18.85
CA LEU J 34 -51.10 -32.37 -17.81
C LEU J 34 -51.08 -30.97 -18.44
N LEU J 35 -52.19 -30.23 -18.32
CA LEU J 35 -52.26 -28.83 -18.73
C LEU J 35 -51.80 -27.96 -17.57
N TYR J 36 -50.91 -27.02 -17.84
CA TYR J 36 -50.61 -26.03 -16.81
C TYR J 36 -50.44 -24.65 -17.43
N GLY J 37 -50.39 -23.66 -16.52
CA GLY J 37 -50.30 -22.25 -16.85
C GLY J 37 -51.15 -21.42 -15.91
N PRO J 38 -51.00 -20.07 -15.92
CA PRO J 38 -51.60 -19.24 -14.89
C PRO J 38 -53.13 -19.35 -14.83
N PRO J 39 -53.76 -18.92 -13.73
CA PRO J 39 -55.23 -18.87 -13.66
C PRO J 39 -55.78 -17.73 -14.53
N GLY J 40 -56.98 -17.95 -15.09
CA GLY J 40 -57.64 -17.03 -16.03
C GLY J 40 -57.56 -17.51 -17.48
N THR J 41 -57.41 -18.84 -17.62
CA THR J 41 -57.00 -19.45 -18.85
C THR J 41 -58.05 -20.46 -19.34
N GLY J 42 -59.00 -20.84 -18.48
CA GLY J 42 -60.15 -21.69 -18.89
C GLY J 42 -59.71 -23.07 -19.34
N LYS J 43 -58.77 -23.63 -18.60
CA LYS J 43 -58.28 -24.96 -18.85
C LYS J 43 -59.45 -25.94 -18.79
N THR J 44 -60.38 -25.69 -17.86
CA THR J 44 -61.56 -26.50 -17.70
C THR J 44 -62.37 -26.48 -19.01
N LEU J 45 -62.84 -25.28 -19.38
CA LEU J 45 -63.44 -25.02 -20.71
C LEU J 45 -62.71 -25.82 -21.80
N ILE J 46 -61.37 -25.69 -21.86
CA ILE J 46 -60.59 -26.37 -22.92
C ILE J 46 -60.78 -27.90 -22.84
N ALA J 47 -60.74 -28.45 -21.62
CA ALA J 47 -60.82 -29.92 -21.42
C ALA J 47 -62.16 -30.44 -21.94
N ARG J 48 -63.24 -29.79 -21.50
CA ARG J 48 -64.60 -30.14 -21.90
C ARG J 48 -64.77 -29.92 -23.42
N ALA J 49 -64.16 -28.85 -23.94
CA ALA J 49 -64.10 -28.63 -25.39
C ALA J 49 -63.51 -29.87 -26.07
N VAL J 50 -62.32 -30.31 -25.62
CA VAL J 50 -61.65 -31.48 -26.23
C VAL J 50 -62.49 -32.74 -26.05
N ALA J 51 -63.18 -32.88 -24.90
CA ALA J 51 -64.05 -34.06 -24.61
C ALA J 51 -65.28 -34.10 -25.53
N ASN J 52 -65.91 -32.93 -25.72
CA ASN J 52 -67.07 -32.77 -26.59
C ASN J 52 -66.66 -32.97 -28.06
N GLU J 53 -65.51 -32.41 -28.45
CA GLU J 53 -65.09 -32.43 -29.84
C GLU J 53 -64.31 -33.71 -30.18
N THR J 54 -63.95 -34.52 -29.17
CA THR J 54 -63.52 -35.90 -29.43
C THR J 54 -64.73 -36.84 -29.38
N GLY J 55 -65.68 -36.52 -28.50
CA GLY J 55 -66.76 -37.42 -28.16
C GLY J 55 -66.30 -38.40 -27.09
N ALA J 56 -66.32 -37.91 -25.84
CA ALA J 56 -65.92 -38.71 -24.71
C ALA J 56 -66.62 -38.24 -23.44
N PHE J 57 -66.95 -39.20 -22.58
CA PHE J 57 -67.40 -38.93 -21.22
C PHE J 57 -66.37 -38.03 -20.55
N PHE J 58 -66.85 -37.08 -19.75
CA PHE J 58 -66.02 -36.11 -19.06
C PHE J 58 -66.31 -36.17 -17.56
N PHE J 59 -65.29 -36.40 -16.74
CA PHE J 59 -65.50 -36.36 -15.29
C PHE J 59 -64.56 -35.33 -14.66
N LEU J 60 -65.14 -34.27 -14.08
CA LEU J 60 -64.41 -33.24 -13.34
C LEU J 60 -64.08 -33.75 -11.94
N ILE J 61 -62.88 -33.41 -11.46
CA ILE J 61 -62.45 -33.58 -10.10
C ILE J 61 -61.96 -32.23 -9.59
N ASN J 62 -62.87 -31.45 -9.00
CA ASN J 62 -62.53 -30.16 -8.39
C ASN J 62 -61.66 -30.46 -7.15
N GLY J 63 -60.34 -30.27 -7.26
CA GLY J 63 -59.40 -30.57 -6.16
C GLY J 63 -59.94 -30.14 -4.79
N PRO J 64 -60.23 -28.83 -4.62
CA PRO J 64 -60.83 -28.33 -3.38
C PRO J 64 -61.96 -29.23 -2.85
N GLU J 65 -62.88 -29.63 -3.74
CA GLU J 65 -64.01 -30.48 -3.42
C GLU J 65 -63.54 -31.81 -2.82
N ILE J 66 -62.48 -32.39 -3.40
CA ILE J 66 -61.92 -33.66 -2.92
C ILE J 66 -61.28 -33.41 -1.56
N MET J 67 -60.53 -32.31 -1.45
CA MET J 67 -59.77 -32.05 -0.22
C MET J 67 -60.71 -31.67 0.94
N SER J 68 -61.93 -31.20 0.61
CA SER J 68 -62.87 -30.71 1.63
C SER J 68 -63.57 -31.87 2.35
N LYS J 69 -63.51 -33.08 1.77
CA LYS J 69 -64.15 -34.26 2.35
C LYS J 69 -63.40 -34.73 3.60
N LEU J 70 -64.09 -35.50 4.45
CA LEU J 70 -63.45 -36.15 5.60
C LEU J 70 -62.52 -37.24 5.07
N ALA J 71 -61.31 -37.30 5.65
CA ALA J 71 -60.26 -38.23 5.27
C ALA J 71 -60.87 -39.62 5.08
N GLY J 72 -60.73 -40.18 3.88
CA GLY J 72 -61.37 -41.43 3.50
C GLY J 72 -62.37 -41.20 2.38
N GLU J 73 -63.31 -40.28 2.60
CA GLU J 73 -64.34 -40.01 1.61
C GLU J 73 -63.73 -39.28 0.40
N SER J 74 -62.55 -38.68 0.61
CA SER J 74 -61.72 -38.14 -0.48
C SER J 74 -61.31 -39.28 -1.42
N GLU J 75 -60.60 -40.26 -0.87
CA GLU J 75 -60.11 -41.45 -1.59
C GLU J 75 -61.29 -42.17 -2.23
N SER J 76 -62.37 -42.28 -1.43
CA SER J 76 -63.64 -42.78 -1.91
C SER J 76 -64.04 -42.04 -3.18
N ASN J 77 -64.21 -40.72 -3.07
CA ASN J 77 -64.60 -39.88 -4.20
C ASN J 77 -63.69 -40.17 -5.40
N LEU J 78 -62.37 -40.29 -5.15
CA LEU J 78 -61.41 -40.52 -6.25
C LEU J 78 -61.70 -41.87 -6.92
N ARG J 79 -61.66 -42.96 -6.13
CA ARG J 79 -61.97 -44.29 -6.65
C ARG J 79 -63.27 -44.23 -7.46
N LYS J 80 -64.32 -43.68 -6.82
CA LYS J 80 -65.64 -43.52 -7.41
C LYS J 80 -65.51 -42.88 -8.79
N ALA J 81 -64.92 -41.69 -8.83
CA ALA J 81 -64.72 -40.94 -10.08
C ALA J 81 -64.05 -41.83 -11.14
N PHE J 82 -62.94 -42.47 -10.73
CA PHE J 82 -62.14 -43.27 -11.66
C PHE J 82 -62.92 -44.48 -12.20
N GLU J 83 -63.72 -45.13 -11.36
CA GLU J 83 -64.54 -46.27 -11.80
C GLU J 83 -65.68 -45.76 -12.70
N GLU J 84 -66.29 -44.64 -12.31
CA GLU J 84 -67.38 -43.98 -13.07
C GLU J 84 -66.89 -43.62 -14.47
N ALA J 85 -65.67 -43.11 -14.57
CA ALA J 85 -65.07 -42.84 -15.88
C ALA J 85 -64.75 -44.18 -16.58
N GLU J 86 -64.00 -45.05 -15.89
CA GLU J 86 -63.55 -46.36 -16.41
C GLU J 86 -64.74 -47.06 -17.10
N LYS J 87 -65.93 -46.91 -16.50
CA LYS J 87 -67.11 -47.63 -16.95
C LYS J 87 -67.72 -47.00 -18.23
N ASN J 88 -67.57 -45.68 -18.42
CA ASN J 88 -68.33 -44.96 -19.49
C ASN J 88 -67.42 -44.55 -20.65
N ALA J 89 -66.35 -45.32 -20.89
CA ALA J 89 -65.20 -44.86 -21.67
C ALA J 89 -65.21 -45.16 -23.18
N PRO J 90 -65.18 -44.13 -24.06
CA PRO J 90 -64.07 -43.18 -24.06
C PRO J 90 -64.26 -42.10 -22.96
N ALA J 91 -63.24 -41.90 -22.11
CA ALA J 91 -63.35 -41.10 -20.87
C ALA J 91 -62.14 -40.16 -20.64
N ILE J 92 -62.45 -38.87 -20.44
CA ILE J 92 -61.52 -37.88 -19.91
C ILE J 92 -61.87 -37.59 -18.44
N ILE J 93 -60.95 -37.95 -17.55
CA ILE J 93 -60.99 -37.51 -16.16
C ILE J 93 -60.14 -36.24 -16.05
N PHE J 94 -60.78 -35.11 -15.77
CA PHE J 94 -60.09 -33.82 -15.67
C PHE J 94 -59.98 -33.38 -14.21
N ILE J 95 -58.75 -33.10 -13.78
CA ILE J 95 -58.48 -32.72 -12.40
C ILE J 95 -58.14 -31.22 -12.36
N ASP J 96 -59.10 -30.46 -11.84
CA ASP J 96 -58.98 -29.03 -11.67
C ASP J 96 -58.29 -28.74 -10.33
N GLU J 97 -57.35 -27.80 -10.35
CA GLU J 97 -56.43 -27.54 -9.24
C GLU J 97 -55.88 -28.89 -8.76
N LEU J 98 -54.97 -29.48 -9.55
CA LEU J 98 -54.35 -30.75 -9.17
C LEU J 98 -53.50 -30.56 -7.90
N ASP J 99 -52.68 -29.50 -7.95
CA ASP J 99 -51.77 -29.09 -6.86
C ASP J 99 -52.44 -29.17 -5.48
N ALA J 100 -53.78 -29.01 -5.43
CA ALA J 100 -54.53 -29.05 -4.16
C ALA J 100 -54.34 -30.42 -3.48
N ILE J 101 -54.82 -31.48 -4.14
CA ILE J 101 -54.74 -32.84 -3.60
C ILE J 101 -53.28 -33.31 -3.55
N ALA J 102 -52.48 -32.95 -4.58
CA ALA J 102 -51.14 -33.53 -4.81
C ALA J 102 -50.07 -32.45 -4.90
N PRO J 103 -49.60 -31.91 -3.75
CA PRO J 103 -48.73 -30.73 -3.77
C PRO J 103 -47.25 -31.13 -3.89
N LYS J 104 -46.33 -30.20 -3.60
CA LYS J 104 -44.92 -30.50 -3.25
C LYS J 104 -44.84 -31.03 -1.82
N ARG J 105 -44.50 -32.32 -1.65
CA ARG J 105 -45.12 -33.22 -0.66
C ARG J 105 -44.36 -33.29 0.68
N GLU J 106 -43.49 -32.31 0.97
CA GLU J 106 -43.03 -32.06 2.37
C GLU J 106 -43.77 -30.84 2.94
N LYS J 107 -44.43 -30.08 2.06
CA LYS J 107 -45.45 -29.08 2.41
C LYS J 107 -46.78 -29.84 2.60
N THR J 108 -46.79 -30.71 3.61
CA THR J 108 -47.87 -31.66 3.87
C THR J 108 -47.71 -32.13 5.33
N HIS J 109 -48.03 -31.25 6.28
CA HIS J 109 -47.86 -31.51 7.72
C HIS J 109 -48.91 -32.53 8.21
N GLY J 110 -48.94 -33.71 7.60
CA GLY J 110 -49.91 -34.78 7.97
C GLY J 110 -50.01 -35.87 6.91
N GLU J 111 -50.38 -37.08 7.34
CA GLU J 111 -50.21 -38.32 6.55
C GLU J 111 -51.42 -38.58 5.63
N VAL J 112 -52.56 -37.98 5.98
CA VAL J 112 -53.78 -38.19 5.23
C VAL J 112 -53.55 -37.75 3.78
N GLU J 113 -52.93 -36.59 3.59
CA GLU J 113 -52.67 -36.07 2.23
C GLU J 113 -51.77 -37.06 1.47
N ARG J 114 -50.75 -37.61 2.16
CA ARG J 114 -49.82 -38.59 1.55
C ARG J 114 -50.60 -39.84 1.13
N ARG J 115 -51.55 -40.26 1.98
CA ARG J 115 -52.47 -41.32 1.57
C ARG J 115 -53.28 -40.90 0.33
N ILE J 116 -53.84 -39.68 0.33
CA ILE J 116 -54.73 -39.19 -0.77
C ILE J 116 -53.97 -39.19 -2.09
N VAL J 117 -52.75 -38.67 -2.05
CA VAL J 117 -51.86 -38.65 -3.20
C VAL J 117 -51.57 -40.11 -3.59
N SER J 118 -51.11 -40.92 -2.62
CA SER J 118 -50.82 -42.33 -2.92
C SER J 118 -51.98 -42.91 -3.73
N GLN J 119 -53.20 -42.69 -3.22
CA GLN J 119 -54.41 -43.19 -3.85
C GLN J 119 -54.41 -42.77 -5.32
N LEU J 120 -54.26 -41.47 -5.58
CA LEU J 120 -54.27 -40.97 -6.94
C LEU J 120 -53.15 -41.61 -7.77
N LEU J 121 -51.98 -41.85 -7.17
CA LEU J 121 -50.90 -42.56 -7.89
C LEU J 121 -51.37 -43.96 -8.26
N THR J 122 -51.98 -44.69 -7.31
CA THR J 122 -52.40 -46.07 -7.56
C THR J 122 -53.50 -46.11 -8.63
N LEU J 123 -54.42 -45.14 -8.56
CA LEU J 123 -55.48 -44.99 -9.55
C LEU J 123 -54.88 -44.68 -10.91
N MET J 124 -53.94 -43.73 -10.97
CA MET J 124 -53.23 -43.35 -12.19
C MET J 124 -52.51 -44.56 -12.80
N ASP J 125 -51.88 -45.38 -11.93
CA ASP J 125 -51.19 -46.63 -12.33
C ASP J 125 -52.23 -47.64 -12.85
N GLY J 126 -53.40 -47.67 -12.21
CA GLY J 126 -54.46 -48.68 -12.44
C GLY J 126 -55.02 -48.70 -13.85
N LEU J 127 -55.01 -47.55 -14.55
CA LEU J 127 -55.66 -47.46 -15.86
C LEU J 127 -54.92 -48.32 -16.90
N LYS J 128 -55.67 -48.74 -17.92
CA LYS J 128 -55.13 -49.32 -19.13
C LYS J 128 -55.51 -48.42 -20.32
N GLN J 129 -54.61 -48.32 -21.31
CA GLN J 129 -54.92 -47.81 -22.64
C GLN J 129 -56.06 -48.64 -23.23
N ARG J 130 -56.13 -49.89 -22.74
CA ARG J 130 -57.20 -50.86 -22.93
C ARG J 130 -58.56 -50.26 -22.49
N ALA J 131 -58.58 -49.54 -21.36
CA ALA J 131 -59.82 -49.06 -20.74
C ALA J 131 -60.33 -47.77 -21.41
N HIS J 132 -59.55 -47.23 -22.36
CA HIS J 132 -59.87 -46.02 -23.15
C HIS J 132 -60.01 -44.78 -22.25
N VAL J 133 -59.09 -44.61 -21.29
CA VAL J 133 -59.22 -43.51 -20.34
C VAL J 133 -57.99 -42.60 -20.45
N ILE J 134 -58.28 -41.29 -20.46
CA ILE J 134 -57.30 -40.21 -20.43
C ILE J 134 -57.58 -39.35 -19.20
N VAL J 135 -56.50 -38.96 -18.51
CA VAL J 135 -56.56 -38.08 -17.36
C VAL J 135 -55.86 -36.77 -17.73
N MET J 136 -56.62 -35.68 -17.69
CA MET J 136 -56.07 -34.35 -17.80
C MET J 136 -56.12 -33.68 -16.42
N ALA J 137 -55.29 -32.64 -16.25
CA ALA J 137 -55.07 -32.03 -14.95
C ALA J 137 -54.55 -30.60 -15.11
N ALA J 138 -54.80 -29.78 -14.08
CA ALA J 138 -54.58 -28.33 -14.11
C ALA J 138 -53.68 -27.89 -12.96
N THR J 139 -52.85 -26.88 -13.25
CA THR J 139 -52.04 -26.22 -12.25
C THR J 139 -51.34 -25.01 -12.89
N ASN J 140 -50.73 -24.19 -12.02
CA ASN J 140 -50.10 -22.92 -12.42
C ASN J 140 -48.76 -23.23 -13.10
N ARG J 141 -47.96 -24.05 -12.42
CA ARG J 141 -46.69 -24.53 -12.94
C ARG J 141 -46.47 -25.97 -12.46
N PRO J 142 -45.70 -26.80 -13.20
CA PRO J 142 -45.52 -28.20 -12.83
C PRO J 142 -44.60 -28.38 -11.62
N ASN J 143 -43.93 -27.29 -11.24
CA ASN J 143 -43.17 -27.18 -10.01
C ASN J 143 -44.10 -27.43 -8.81
N SER J 144 -45.39 -27.09 -8.97
CA SER J 144 -46.45 -27.18 -7.94
C SER J 144 -46.71 -28.64 -7.52
N ILE J 145 -46.83 -29.51 -8.52
CA ILE J 145 -47.24 -30.89 -8.34
C ILE J 145 -46.08 -31.71 -7.75
N ASP J 146 -46.45 -32.76 -7.00
CA ASP J 146 -45.53 -33.79 -6.54
C ASP J 146 -44.88 -34.47 -7.74
N PRO J 147 -43.54 -34.40 -7.90
CA PRO J 147 -42.83 -35.01 -9.03
C PRO J 147 -43.14 -36.49 -9.34
N ALA J 148 -43.52 -37.25 -8.32
CA ALA J 148 -43.90 -38.65 -8.50
C ALA J 148 -45.22 -38.78 -9.29
N LEU J 149 -45.81 -37.64 -9.71
CA LEU J 149 -46.91 -37.60 -10.70
C LEU J 149 -46.37 -37.40 -12.12
N ARG J 150 -45.19 -36.78 -12.24
CA ARG J 150 -44.58 -36.61 -13.54
C ARG J 150 -43.64 -37.80 -13.82
N ARG J 151 -43.87 -38.93 -13.14
CA ARG J 151 -43.33 -40.23 -13.58
C ARG J 151 -43.87 -40.52 -14.98
N PHE J 152 -43.27 -41.48 -15.66
CA PHE J 152 -43.72 -41.91 -16.97
C PHE J 152 -45.10 -42.56 -16.86
N GLY J 153 -45.31 -43.32 -15.77
CA GLY J 153 -46.52 -44.13 -15.58
C GLY J 153 -47.79 -43.28 -15.45
N ARG J 154 -47.61 -41.99 -15.16
CA ARG J 154 -48.67 -41.13 -14.73
C ARG J 154 -48.80 -39.96 -15.72
N PHE J 155 -48.47 -38.73 -15.28
CA PHE J 155 -48.59 -37.53 -16.12
C PHE J 155 -47.30 -37.30 -16.91
N ASP J 156 -47.16 -38.02 -18.03
CA ASP J 156 -45.95 -37.99 -18.86
C ASP J 156 -45.95 -36.76 -19.78
N ARG J 157 -47.08 -36.48 -20.44
CA ARG J 157 -47.18 -35.39 -21.41
C ARG J 157 -47.69 -34.12 -20.71
N GLU J 158 -47.08 -32.99 -21.05
CA GLU J 158 -47.30 -31.70 -20.37
C GLU J 158 -47.52 -30.61 -21.43
N VAL J 159 -48.57 -29.79 -21.26
CA VAL J 159 -48.88 -28.69 -22.17
C VAL J 159 -49.06 -27.38 -21.41
N ASP J 160 -48.45 -26.35 -21.99
CA ASP J 160 -48.36 -25.03 -21.42
C ASP J 160 -49.40 -24.14 -22.10
N ILE J 161 -50.36 -23.66 -21.33
CA ILE J 161 -51.25 -22.65 -21.80
C ILE J 161 -50.90 -21.35 -21.07
N GLY J 162 -49.97 -20.57 -21.64
CA GLY J 162 -49.47 -19.37 -20.99
C GLY J 162 -50.39 -18.18 -21.18
N ILE J 163 -49.79 -16.99 -21.06
CA ILE J 163 -50.40 -15.75 -21.52
C ILE J 163 -50.79 -15.92 -22.99
N PRO J 164 -51.92 -15.36 -23.42
CA PRO J 164 -52.17 -15.17 -24.85
C PRO J 164 -51.52 -13.89 -25.38
N ASP J 165 -51.14 -13.91 -26.66
CA ASP J 165 -50.58 -12.76 -27.36
C ASP J 165 -51.70 -11.96 -28.03
N ALA J 166 -51.30 -10.85 -28.67
CA ALA J 166 -52.19 -9.90 -29.33
C ALA J 166 -53.39 -10.61 -29.98
N THR J 167 -53.11 -11.63 -30.80
CA THR J 167 -54.14 -12.30 -31.59
C THR J 167 -55.12 -13.02 -30.66
N GLY J 168 -54.58 -13.76 -29.70
CA GLY J 168 -55.39 -14.48 -28.71
C GLY J 168 -56.27 -13.50 -27.94
N ARG J 169 -55.64 -12.41 -27.49
CA ARG J 169 -56.31 -11.36 -26.74
C ARG J 169 -57.45 -10.80 -27.59
N LEU J 170 -57.17 -10.55 -28.87
CA LEU J 170 -58.13 -10.04 -29.83
C LEU J 170 -59.31 -11.01 -29.96
N GLU J 171 -59.00 -12.28 -30.23
CA GLU J 171 -60.00 -13.36 -30.31
C GLU J 171 -60.89 -13.33 -29.06
N ILE J 172 -60.25 -13.28 -27.89
CA ILE J 172 -60.95 -13.33 -26.61
C ILE J 172 -61.88 -12.12 -26.48
N LEU J 173 -61.34 -10.94 -26.80
CA LEU J 173 -62.13 -9.70 -26.76
C LEU J 173 -63.34 -9.82 -27.70
N GLN J 174 -63.11 -10.24 -28.94
CA GLN J 174 -64.19 -10.47 -29.91
C GLN J 174 -65.23 -11.42 -29.30
N ILE J 175 -64.76 -12.52 -28.72
CA ILE J 175 -65.62 -13.56 -28.14
C ILE J 175 -66.46 -13.01 -26.97
N HIS J 176 -65.86 -12.17 -26.11
CA HIS J 176 -66.60 -11.60 -24.95
C HIS J 176 -67.46 -10.39 -25.36
N THR J 177 -67.16 -9.78 -26.52
CA THR J 177 -67.79 -8.52 -26.95
C THR J 177 -68.65 -8.66 -28.21
N LYS J 178 -68.88 -9.89 -28.71
CA LYS J 178 -69.82 -10.08 -29.81
C LYS J 178 -71.24 -9.72 -29.35
N ASN J 179 -71.49 -9.81 -28.03
CA ASN J 179 -72.82 -9.59 -27.45
C ASN J 179 -73.04 -8.14 -26.99
N MET J 180 -72.22 -7.19 -27.48
CA MET J 180 -72.09 -5.90 -26.79
C MET J 180 -72.43 -4.72 -27.71
N LYS J 181 -72.87 -3.60 -27.09
CA LYS J 181 -73.25 -2.32 -27.76
C LYS J 181 -71.97 -1.60 -28.23
N LEU J 182 -71.15 -2.29 -29.05
CA LEU J 182 -69.79 -1.85 -29.44
C LEU J 182 -69.90 -0.65 -30.38
N ALA J 183 -69.33 0.49 -29.99
CA ALA J 183 -69.33 1.71 -30.84
C ALA J 183 -68.39 1.53 -32.03
N ASP J 184 -68.46 2.48 -32.96
CA ASP J 184 -67.70 2.46 -34.21
C ASP J 184 -66.26 2.94 -33.93
N ASP J 185 -66.10 3.81 -32.92
CA ASP J 185 -64.81 4.35 -32.51
C ASP J 185 -64.03 3.32 -31.67
N VAL J 186 -64.73 2.29 -31.17
CA VAL J 186 -64.08 1.20 -30.43
C VAL J 186 -63.13 0.47 -31.38
N ASP J 187 -61.90 0.22 -30.90
CA ASP J 187 -60.93 -0.60 -31.60
C ASP J 187 -60.54 -1.77 -30.68
N LEU J 188 -60.90 -3.00 -31.10
CA LEU J 188 -60.57 -4.21 -30.32
C LEU J 188 -59.07 -4.48 -30.39
N GLU J 189 -58.50 -4.39 -31.61
CA GLU J 189 -57.08 -4.71 -31.86
C GLU J 189 -56.18 -3.79 -31.03
N GLN J 190 -56.48 -2.49 -31.05
CA GLN J 190 -55.82 -1.50 -30.19
C GLN J 190 -55.69 -2.08 -28.78
N VAL J 191 -56.84 -2.39 -28.17
CA VAL J 191 -56.92 -2.85 -26.78
C VAL J 191 -56.13 -4.16 -26.64
N ALA J 192 -56.29 -5.08 -27.61
CA ALA J 192 -55.57 -6.37 -27.62
C ALA J 192 -54.06 -6.12 -27.53
N ASN J 193 -53.58 -5.14 -28.31
CA ASN J 193 -52.18 -4.76 -28.31
C ASN J 193 -51.80 -4.11 -26.98
N GLU J 194 -52.72 -3.29 -26.42
CA GLU J 194 -52.46 -2.56 -25.16
C GLU J 194 -52.56 -3.48 -23.93
N THR J 195 -53.11 -4.70 -24.08
CA THR J 195 -53.42 -5.56 -22.92
C THR J 195 -52.29 -6.57 -22.66
N HIS J 196 -51.10 -6.07 -22.33
CA HIS J 196 -50.02 -6.96 -21.91
C HIS J 196 -50.31 -7.49 -20.51
N GLY J 197 -49.98 -8.76 -20.29
CA GLY J 197 -50.15 -9.43 -19.01
C GLY J 197 -51.60 -9.80 -18.71
N HIS J 198 -52.51 -9.51 -19.64
CA HIS J 198 -53.89 -9.90 -19.47
C HIS J 198 -54.03 -11.37 -19.89
N VAL J 199 -54.99 -12.07 -19.25
CA VAL J 199 -55.45 -13.39 -19.67
C VAL J 199 -56.97 -13.36 -19.86
N GLY J 200 -57.52 -14.49 -20.36
CA GLY J 200 -58.97 -14.63 -20.65
C GLY J 200 -59.83 -13.93 -19.60
N ALA J 201 -59.51 -14.19 -18.34
CA ALA J 201 -60.23 -13.63 -17.19
C ALA J 201 -60.10 -12.10 -17.15
N ASP J 202 -58.85 -11.60 -17.20
CA ASP J 202 -58.58 -10.16 -17.09
C ASP J 202 -59.27 -9.42 -18.25
N LEU J 203 -59.29 -10.07 -19.43
CA LEU J 203 -59.92 -9.49 -20.59
C LEU J 203 -61.45 -9.51 -20.42
N ALA J 204 -61.98 -10.64 -19.94
CA ALA J 204 -63.39 -10.72 -19.59
C ALA J 204 -63.77 -9.56 -18.66
N ALA J 205 -63.01 -9.43 -17.56
CA ALA J 205 -63.21 -8.41 -16.53
C ALA J 205 -63.13 -7.02 -17.17
N LEU J 206 -62.13 -6.82 -18.05
CA LEU J 206 -61.97 -5.58 -18.78
C LEU J 206 -63.24 -5.26 -19.57
N CYS J 207 -63.65 -6.17 -20.45
CA CYS J 207 -64.89 -6.01 -21.19
C CYS J 207 -66.03 -5.67 -20.23
N SER J 208 -66.04 -6.34 -19.07
CA SER J 208 -67.08 -6.16 -18.07
C SER J 208 -67.11 -4.73 -17.51
N GLU J 209 -65.97 -4.22 -17.04
CA GLU J 209 -65.89 -2.85 -16.53
C GLU J 209 -66.19 -1.85 -17.66
N ALA J 210 -65.72 -2.16 -18.86
CA ALA J 210 -66.01 -1.35 -20.06
C ALA J 210 -67.52 -1.24 -20.23
N ALA J 211 -68.22 -2.38 -20.17
CA ALA J 211 -69.67 -2.38 -20.16
C ALA J 211 -70.17 -1.49 -19.00
N LEU J 212 -69.87 -1.89 -17.77
CA LEU J 212 -70.46 -1.25 -16.59
C LEU J 212 -70.30 0.27 -16.64
N GLN J 213 -69.13 0.76 -17.10
CA GLN J 213 -68.88 2.21 -17.08
C GLN J 213 -69.58 2.90 -18.25
N ALA J 214 -69.83 2.19 -19.35
CA ALA J 214 -70.78 2.68 -20.35
C ALA J 214 -72.16 2.79 -19.70
N ILE J 215 -72.61 1.67 -19.12
CA ILE J 215 -73.96 1.52 -18.51
C ILE J 215 -74.15 2.55 -17.38
N ARG J 216 -73.05 3.06 -16.81
CA ARG J 216 -73.13 4.34 -16.14
C ARG J 216 -73.42 5.40 -17.22
N VAL J 239 -71.22 1.14 -25.64
CA VAL J 239 -69.81 1.04 -25.22
C VAL J 239 -68.93 1.81 -26.21
N THR J 240 -68.28 2.86 -25.70
CA THR J 240 -67.33 3.69 -26.45
C THR J 240 -65.91 3.18 -26.22
N MET J 241 -64.94 3.73 -26.97
CA MET J 241 -63.52 3.43 -26.78
C MET J 241 -63.07 3.95 -25.41
N ASP J 242 -63.56 5.14 -25.06
CA ASP J 242 -63.30 5.79 -23.77
C ASP J 242 -63.50 4.79 -22.63
N ASP J 243 -64.62 4.07 -22.64
CA ASP J 243 -64.96 3.10 -21.60
C ASP J 243 -63.89 1.99 -21.56
N PHE J 244 -63.49 1.49 -22.73
CA PHE J 244 -62.50 0.42 -22.82
C PHE J 244 -61.17 0.92 -22.24
N ARG J 245 -60.75 2.12 -22.68
CA ARG J 245 -59.49 2.68 -22.23
C ARG J 245 -59.54 2.95 -20.71
N TRP J 246 -60.71 3.39 -20.20
CA TRP J 246 -60.89 3.65 -18.77
C TRP J 246 -60.78 2.33 -17.99
N ALA J 247 -61.49 1.30 -18.47
CA ALA J 247 -61.42 -0.04 -17.88
C ALA J 247 -59.99 -0.57 -17.90
N LEU J 248 -59.24 -0.23 -18.97
CA LEU J 248 -57.80 -0.52 -19.07
C LEU J 248 -57.04 0.24 -17.96
N SER J 249 -57.36 1.52 -17.80
CA SER J 249 -56.82 2.32 -16.70
C SER J 249 -57.08 1.63 -15.37
N GLN J 250 -58.25 1.00 -15.22
CA GLN J 250 -58.60 0.35 -13.95
C GLN J 250 -57.89 -1.00 -13.78
N SER J 251 -57.90 -1.87 -14.79
CA SER J 251 -57.60 -3.32 -14.59
C SER J 251 -56.18 -3.57 -14.06
N ASN J 252 -56.05 -4.59 -13.20
CA ASN J 252 -54.79 -5.09 -12.64
C ASN J 252 -54.58 -6.52 -13.09
N PRO J 253 -54.04 -6.74 -14.32
CA PRO J 253 -53.83 -8.09 -14.84
C PRO J 253 -53.03 -8.99 -13.90
N SER J 254 -53.23 -10.32 -14.03
CA SER J 254 -52.58 -11.32 -13.19
C SER J 254 -51.18 -11.67 -13.72
N ALA J 255 -51.05 -11.74 -15.04
CA ALA J 255 -49.85 -12.32 -15.64
C ALA J 255 -48.85 -11.23 -16.08
N LEU J 256 -48.88 -10.08 -15.42
CA LEU J 256 -47.79 -9.10 -15.55
C LEU J 256 -46.47 -9.81 -15.27
N ARG J 257 -46.49 -10.67 -14.24
CA ARG J 257 -45.31 -11.23 -13.60
C ARG J 257 -44.79 -12.47 -14.37
N GLU J 258 -45.59 -12.99 -15.31
CA GLU J 258 -45.28 -14.25 -15.99
C GLU J 258 -44.46 -13.97 -17.25
N THR J 259 -43.43 -14.81 -17.48
CA THR J 259 -42.46 -14.64 -18.58
C THR J 259 -43.15 -14.92 -19.92
N VAL J 260 -43.31 -13.85 -20.71
CA VAL J 260 -44.11 -13.88 -21.94
C VAL J 260 -43.25 -14.54 -23.03
N VAL J 261 -43.79 -15.62 -23.61
CA VAL J 261 -43.20 -16.28 -24.77
C VAL J 261 -44.11 -15.98 -25.97
N GLU J 262 -43.53 -15.36 -27.00
CA GLU J 262 -44.20 -15.18 -28.28
C GLU J 262 -43.13 -14.89 -29.34
N VAL J 263 -43.46 -15.21 -30.59
CA VAL J 263 -42.65 -14.78 -31.70
C VAL J 263 -42.83 -13.28 -31.83
N PRO J 264 -41.73 -12.50 -31.84
CA PRO J 264 -41.85 -11.05 -31.92
C PRO J 264 -42.09 -10.66 -33.39
N GLN J 265 -42.71 -9.50 -33.58
CA GLN J 265 -43.04 -9.00 -34.90
C GLN J 265 -42.17 -7.78 -35.22
N VAL J 266 -40.85 -7.96 -35.06
CA VAL J 266 -39.89 -7.02 -35.60
C VAL J 266 -39.20 -7.73 -36.77
N THR J 267 -39.38 -7.17 -37.98
CA THR J 267 -38.77 -7.70 -39.19
C THR J 267 -37.27 -7.41 -39.16
N TRP J 268 -36.51 -8.05 -40.05
CA TRP J 268 -35.13 -7.65 -40.24
C TRP J 268 -35.11 -6.25 -40.88
N GLU J 269 -36.02 -5.98 -41.81
CA GLU J 269 -36.03 -4.74 -42.58
C GLU J 269 -36.58 -3.58 -41.74
N ASP J 270 -37.13 -3.87 -40.55
CA ASP J 270 -37.37 -2.84 -39.52
C ASP J 270 -36.03 -2.33 -38.99
N ILE J 271 -35.07 -3.26 -38.85
CA ILE J 271 -33.70 -2.98 -38.46
C ILE J 271 -32.86 -2.74 -39.73
N GLY J 272 -32.99 -1.53 -40.29
CA GLY J 272 -32.15 -1.12 -41.42
C GLY J 272 -30.68 -1.17 -41.03
N GLY J 273 -29.82 -1.53 -41.99
CA GLY J 273 -28.36 -1.61 -41.76
C GLY J 273 -28.02 -2.70 -40.76
N LEU J 274 -26.85 -2.57 -40.12
CA LEU J 274 -26.31 -3.62 -39.27
C LEU J 274 -26.45 -4.96 -40.02
N GLU J 275 -25.67 -5.09 -41.10
CA GLU J 275 -25.88 -6.12 -42.11
C GLU J 275 -25.06 -7.36 -41.77
N ASP J 276 -23.76 -7.14 -41.61
CA ASP J 276 -22.83 -8.16 -41.17
C ASP J 276 -23.46 -8.99 -40.05
N VAL J 277 -24.07 -8.32 -39.05
CA VAL J 277 -24.66 -9.03 -37.88
C VAL J 277 -25.87 -9.82 -38.36
N LYS J 278 -26.71 -9.23 -39.22
CA LYS J 278 -27.81 -9.94 -39.88
C LYS J 278 -27.29 -11.27 -40.43
N ARG J 279 -26.28 -11.19 -41.31
CA ARG J 279 -25.82 -12.38 -42.03
C ARG J 279 -25.15 -13.36 -41.05
N GLU J 280 -24.33 -12.84 -40.12
CA GLU J 280 -23.74 -13.68 -39.09
C GLU J 280 -24.84 -14.47 -38.39
N LEU J 281 -25.77 -13.75 -37.76
CA LEU J 281 -26.92 -14.32 -37.02
C LEU J 281 -27.69 -15.33 -37.91
N GLN J 282 -27.84 -15.00 -39.20
CA GLN J 282 -28.51 -15.90 -40.13
C GLN J 282 -27.69 -17.21 -40.22
N GLU J 283 -26.37 -17.09 -40.40
CA GLU J 283 -25.46 -18.26 -40.54
C GLU J 283 -25.43 -19.08 -39.24
N LEU J 284 -25.56 -18.38 -38.09
CA LEU J 284 -25.52 -19.00 -36.77
C LEU J 284 -26.80 -19.78 -36.53
N VAL J 285 -27.95 -19.06 -36.68
CA VAL J 285 -29.29 -19.41 -36.10
C VAL J 285 -30.36 -19.71 -37.17
N GLN J 286 -30.27 -19.05 -38.33
CA GLN J 286 -31.28 -19.21 -39.41
C GLN J 286 -30.96 -20.44 -40.26
N TYR J 287 -29.71 -20.57 -40.74
CA TYR J 287 -29.35 -21.63 -41.69
C TYR J 287 -29.68 -23.01 -41.10
N PRO J 288 -29.44 -23.31 -39.81
CA PRO J 288 -29.75 -24.64 -39.27
C PRO J 288 -31.21 -24.96 -38.93
N VAL J 289 -32.09 -23.96 -38.88
CA VAL J 289 -33.50 -24.23 -38.78
C VAL J 289 -34.13 -24.18 -40.19
N GLU J 290 -33.57 -23.38 -41.11
CA GLU J 290 -34.20 -23.14 -42.43
C GLU J 290 -33.62 -24.04 -43.53
N HIS J 291 -32.40 -24.56 -43.35
CA HIS J 291 -31.81 -25.46 -44.35
C HIS J 291 -31.14 -26.63 -43.66
N PRO J 292 -31.76 -27.28 -42.65
CA PRO J 292 -31.08 -28.27 -41.81
C PRO J 292 -30.41 -29.38 -42.65
N ASP J 293 -31.09 -29.75 -43.73
CA ASP J 293 -30.59 -30.65 -44.77
C ASP J 293 -29.07 -30.45 -44.94
N LYS J 294 -28.68 -29.19 -45.14
CA LYS J 294 -27.28 -28.80 -45.30
C LYS J 294 -26.46 -29.18 -44.06
N PHE J 295 -26.85 -28.69 -42.87
CA PHE J 295 -26.04 -28.90 -41.64
C PHE J 295 -25.85 -30.40 -41.41
N LEU J 296 -26.94 -31.15 -41.62
CA LEU J 296 -26.94 -32.60 -41.57
C LEU J 296 -25.95 -33.14 -42.62
N LYS J 297 -25.95 -32.51 -43.82
CA LYS J 297 -25.18 -32.97 -44.99
C LYS J 297 -23.67 -32.80 -44.77
N PHE J 298 -23.24 -31.55 -44.51
CA PHE J 298 -21.85 -31.28 -44.20
C PHE J 298 -21.44 -31.93 -42.88
N GLY J 299 -22.42 -32.12 -41.98
CA GLY J 299 -22.24 -32.90 -40.76
C GLY J 299 -21.97 -32.03 -39.53
N MET J 300 -21.27 -30.91 -39.71
CA MET J 300 -21.05 -29.99 -38.63
C MET J 300 -22.40 -29.57 -38.04
N THR J 301 -22.40 -29.40 -36.71
CA THR J 301 -23.60 -29.16 -35.90
C THR J 301 -23.55 -27.72 -35.38
N PRO J 302 -24.70 -27.06 -35.10
CA PRO J 302 -24.79 -25.59 -35.12
C PRO J 302 -24.17 -24.97 -33.87
N SER J 303 -24.06 -23.63 -33.84
CA SER J 303 -23.68 -22.95 -32.61
C SER J 303 -24.77 -23.20 -31.57
N LYS J 304 -24.37 -23.42 -30.32
CA LYS J 304 -25.34 -23.47 -29.22
C LYS J 304 -25.95 -22.08 -29.06
N GLY J 305 -25.08 -21.06 -29.05
CA GLY J 305 -25.52 -19.69 -28.90
C GLY J 305 -24.44 -18.65 -29.13
N VAL J 306 -24.81 -17.43 -28.74
CA VAL J 306 -24.25 -16.18 -29.25
C VAL J 306 -23.88 -15.33 -28.04
N LEU J 307 -23.12 -14.25 -28.26
CA LEU J 307 -23.05 -13.19 -27.28
C LEU J 307 -23.02 -11.83 -27.98
N PHE J 308 -24.03 -11.03 -27.65
CA PHE J 308 -24.14 -9.65 -28.06
C PHE J 308 -23.42 -8.77 -27.04
N TYR J 309 -22.33 -8.15 -27.45
CA TYR J 309 -21.71 -7.13 -26.67
C TYR J 309 -21.58 -5.87 -27.51
N GLY J 310 -21.37 -4.76 -26.82
CA GLY J 310 -21.17 -3.46 -27.43
C GLY J 310 -21.67 -2.35 -26.53
N PRO J 311 -22.00 -1.15 -27.07
CA PRO J 311 -22.38 -0.02 -26.25
C PRO J 311 -23.84 -0.14 -25.89
N PRO J 312 -24.26 0.45 -24.73
CA PRO J 312 -25.58 0.24 -24.15
C PRO J 312 -26.75 0.83 -24.95
N GLY J 313 -26.43 1.83 -25.79
CA GLY J 313 -27.41 2.44 -26.68
C GLY J 313 -27.50 1.70 -28.01
N CYS J 314 -28.28 0.62 -28.00
CA CYS J 314 -28.59 -0.15 -29.19
C CYS J 314 -29.74 -1.12 -28.89
N GLY J 315 -30.20 -1.79 -29.94
CA GLY J 315 -31.29 -2.73 -29.82
C GLY J 315 -30.78 -4.16 -29.84
N LYS J 316 -29.94 -4.47 -28.85
CA LYS J 316 -29.41 -5.82 -28.73
C LYS J 316 -30.60 -6.79 -28.62
N THR J 317 -31.60 -6.40 -27.82
CA THR J 317 -32.89 -7.05 -27.70
C THR J 317 -33.55 -7.23 -29.08
N LEU J 318 -33.61 -6.14 -29.81
CA LEU J 318 -34.38 -6.06 -31.03
C LEU J 318 -33.74 -6.90 -32.12
N LEU J 319 -32.40 -7.01 -32.13
CA LEU J 319 -31.71 -7.88 -33.11
C LEU J 319 -32.10 -9.33 -32.83
N ALA J 320 -31.98 -9.68 -31.55
CA ALA J 320 -32.32 -11.02 -31.09
C ALA J 320 -33.78 -11.33 -31.45
N LYS J 321 -34.68 -10.38 -31.21
CA LYS J 321 -36.05 -10.52 -31.64
C LYS J 321 -36.06 -10.76 -33.15
N ALA J 322 -35.40 -9.87 -33.90
CA ALA J 322 -35.43 -9.83 -35.36
C ALA J 322 -34.98 -11.16 -35.97
N ILE J 323 -33.98 -11.81 -35.37
CA ILE J 323 -33.57 -13.13 -35.87
C ILE J 323 -34.62 -14.20 -35.52
N ALA J 324 -35.27 -14.09 -34.36
CA ALA J 324 -36.38 -15.00 -34.00
C ALA J 324 -37.55 -14.84 -34.98
N ASN J 325 -37.95 -13.60 -35.20
CA ASN J 325 -38.95 -13.19 -36.18
C ASN J 325 -38.57 -13.73 -37.57
N GLU J 326 -37.31 -13.52 -37.97
CA GLU J 326 -36.76 -14.05 -39.24
C GLU J 326 -36.85 -15.58 -39.30
N CYS J 327 -36.64 -16.27 -38.17
CA CYS J 327 -36.73 -17.74 -38.16
C CYS J 327 -38.12 -18.23 -37.74
N GLN J 328 -39.09 -17.32 -37.64
CA GLN J 328 -40.43 -17.55 -37.05
C GLN J 328 -40.32 -18.53 -35.87
N ALA J 329 -39.44 -18.21 -34.93
CA ALA J 329 -39.26 -18.92 -33.67
C ALA J 329 -39.65 -18.01 -32.51
N ASN J 330 -39.87 -18.61 -31.34
CA ASN J 330 -40.28 -17.87 -30.15
C ASN J 330 -39.12 -17.05 -29.59
N PHE J 331 -39.42 -16.27 -28.56
CA PHE J 331 -38.47 -15.37 -27.94
C PHE J 331 -38.73 -15.31 -26.43
N ILE J 332 -37.67 -15.28 -25.62
CA ILE J 332 -37.83 -15.12 -24.18
C ILE J 332 -36.75 -14.20 -23.62
N SER J 333 -37.16 -13.05 -23.07
CA SER J 333 -36.25 -12.11 -22.40
C SER J 333 -36.12 -12.43 -20.91
N ILE J 334 -34.91 -12.76 -20.46
CA ILE J 334 -34.58 -12.64 -19.07
C ILE J 334 -33.83 -11.31 -18.90
N LYS J 335 -34.60 -10.29 -18.52
CA LYS J 335 -34.06 -9.08 -17.91
C LYS J 335 -33.07 -9.52 -16.80
N GLY J 336 -31.97 -8.80 -16.66
CA GLY J 336 -30.94 -9.06 -15.64
C GLY J 336 -31.46 -8.96 -14.19
N PRO J 337 -32.38 -8.02 -13.87
CA PRO J 337 -33.09 -8.02 -12.58
C PRO J 337 -33.77 -9.33 -12.16
N GLU J 338 -34.11 -10.17 -13.13
CA GLU J 338 -34.47 -11.57 -12.89
C GLU J 338 -33.23 -12.32 -12.36
N LEU J 339 -32.12 -12.16 -13.08
CA LEU J 339 -30.88 -12.78 -12.69
C LEU J 339 -30.52 -12.31 -11.26
N LEU J 340 -30.46 -10.98 -11.06
CA LEU J 340 -30.08 -10.41 -9.75
C LEU J 340 -30.97 -10.99 -8.66
N THR J 341 -32.29 -10.96 -8.91
CA THR J 341 -33.26 -11.52 -7.97
C THR J 341 -32.89 -12.96 -7.61
N MET J 342 -32.44 -13.75 -8.61
CA MET J 342 -32.05 -15.13 -8.36
C MET J 342 -30.77 -15.17 -7.51
N TRP J 343 -29.73 -14.44 -7.92
CA TRP J 343 -28.47 -14.50 -7.18
C TRP J 343 -28.71 -14.09 -5.72
N PHE J 344 -29.16 -12.85 -5.52
CA PHE J 344 -29.36 -12.28 -4.19
C PHE J 344 -30.29 -13.14 -3.32
N GLY J 345 -31.18 -13.93 -3.94
CA GLY J 345 -32.11 -14.86 -3.24
C GLY J 345 -31.58 -16.28 -3.17
N GLU J 346 -30.59 -16.59 -4.02
CA GLU J 346 -30.03 -17.91 -4.24
C GLU J 346 -31.15 -18.86 -4.64
N SER J 347 -31.90 -18.46 -5.67
CA SER J 347 -32.87 -19.31 -6.32
C SER J 347 -32.36 -19.61 -7.73
N GLU J 348 -31.22 -20.29 -7.79
CA GLU J 348 -30.62 -20.73 -9.06
C GLU J 348 -31.48 -21.86 -9.64
N ALA J 349 -32.14 -22.62 -8.77
CA ALA J 349 -33.17 -23.56 -9.17
C ALA J 349 -33.84 -23.07 -10.47
N ASN J 350 -34.42 -21.87 -10.40
CA ASN J 350 -35.31 -21.32 -11.42
C ASN J 350 -34.67 -21.23 -12.81
N VAL J 351 -33.34 -21.29 -12.90
CA VAL J 351 -32.72 -21.35 -14.21
C VAL J 351 -33.25 -22.60 -14.93
N ARG J 352 -33.16 -23.74 -14.24
CA ARG J 352 -33.63 -25.03 -14.73
C ARG J 352 -35.05 -24.87 -15.30
N GLU J 353 -35.89 -24.17 -14.54
CA GLU J 353 -37.28 -23.89 -14.89
C GLU J 353 -37.34 -23.02 -16.16
N ILE J 354 -36.49 -21.98 -16.25
CA ILE J 354 -36.40 -21.12 -17.43
C ILE J 354 -36.10 -22.00 -18.66
N PHE J 355 -34.99 -22.75 -18.58
CA PHE J 355 -34.60 -23.57 -19.72
C PHE J 355 -35.68 -24.59 -20.06
N ASP J 356 -36.30 -25.19 -19.04
CA ASP J 356 -37.44 -26.08 -19.30
C ASP J 356 -38.48 -25.31 -20.11
N LYS J 357 -38.79 -24.07 -19.68
CA LYS J 357 -39.82 -23.24 -20.32
C LYS J 357 -39.43 -22.90 -21.77
N ALA J 358 -38.14 -22.69 -22.03
CA ALA J 358 -37.68 -22.44 -23.41
C ALA J 358 -37.81 -23.73 -24.23
N ARG J 359 -37.19 -24.79 -23.70
CA ARG J 359 -37.17 -26.14 -24.27
C ARG J 359 -38.58 -26.53 -24.71
N GLN J 360 -39.54 -26.34 -23.80
CA GLN J 360 -40.93 -26.70 -24.06
C GLN J 360 -41.51 -25.81 -25.17
N ALA J 361 -41.13 -24.54 -25.20
CA ALA J 361 -41.63 -23.61 -26.21
C ALA J 361 -40.68 -23.53 -27.40
N ALA J 362 -39.99 -24.64 -27.74
CA ALA J 362 -39.11 -24.67 -28.91
C ALA J 362 -39.91 -24.33 -30.17
N PRO J 363 -39.23 -24.15 -31.32
CA PRO J 363 -37.98 -23.39 -31.33
C PRO J 363 -38.12 -21.93 -30.89
N CYS J 364 -37.02 -21.38 -30.38
CA CYS J 364 -37.07 -20.26 -29.47
C CYS J 364 -35.68 -19.63 -29.33
N VAL J 365 -35.61 -18.32 -29.12
CA VAL J 365 -34.36 -17.72 -28.63
C VAL J 365 -34.57 -17.29 -27.16
N LEU J 366 -33.74 -17.91 -26.32
CA LEU J 366 -33.58 -17.57 -24.95
C LEU J 366 -32.54 -16.45 -24.89
N PHE J 367 -33.05 -15.26 -24.60
CA PHE J 367 -32.28 -14.06 -24.60
C PHE J 367 -32.03 -13.65 -23.15
N PHE J 368 -30.76 -13.71 -22.74
CA PHE J 368 -30.34 -13.15 -21.50
C PHE J 368 -29.91 -11.71 -21.74
N ASP J 369 -30.53 -10.80 -21.00
CA ASP J 369 -30.09 -9.46 -20.99
C ASP J 369 -29.10 -9.31 -19.83
N GLU J 370 -28.13 -8.41 -20.00
CA GLU J 370 -27.20 -8.09 -18.95
C GLU J 370 -26.69 -9.40 -18.35
N LEU J 371 -26.06 -10.26 -19.16
CA LEU J 371 -25.57 -11.54 -18.62
C LEU J 371 -24.51 -11.27 -17.54
N ASP J 372 -23.90 -10.08 -17.64
CA ASP J 372 -22.85 -9.62 -16.76
C ASP J 372 -23.38 -9.29 -15.35
N SER J 373 -24.71 -9.27 -15.11
CA SER J 373 -25.30 -8.72 -13.87
C SER J 373 -24.81 -9.42 -12.61
N ILE J 374 -24.93 -10.75 -12.60
CA ILE J 374 -24.52 -11.54 -11.46
C ILE J 374 -23.05 -11.22 -11.20
N ALA J 375 -22.21 -11.56 -12.18
CA ALA J 375 -20.81 -11.28 -12.15
C ALA J 375 -20.54 -9.78 -11.90
N LYS J 376 -21.28 -8.88 -12.55
CA LYS J 376 -21.02 -7.43 -12.39
C LYS J 376 -21.20 -7.02 -10.94
N ALA J 377 -22.36 -7.33 -10.39
CA ALA J 377 -22.89 -6.58 -9.26
C ALA J 377 -21.93 -6.65 -8.07
N ARG J 378 -21.23 -7.77 -7.89
CA ARG J 378 -20.15 -7.80 -6.93
C ARG J 378 -19.22 -6.61 -7.18
N ALA J 388 -24.53 -17.97 -4.36
CA ALA J 388 -24.47 -18.97 -5.42
C ALA J 388 -24.55 -18.31 -6.82
N ALA J 389 -23.49 -17.54 -7.17
CA ALA J 389 -23.53 -16.45 -8.20
C ALA J 389 -22.91 -16.91 -9.53
N ASP J 390 -21.58 -17.02 -9.56
CA ASP J 390 -20.97 -17.72 -10.63
C ASP J 390 -21.82 -18.99 -10.82
N ARG J 391 -22.52 -19.42 -9.75
CA ARG J 391 -23.49 -20.55 -9.78
C ARG J 391 -24.75 -20.17 -10.58
N VAL J 392 -25.39 -19.02 -10.34
CA VAL J 392 -26.49 -18.64 -11.22
C VAL J 392 -25.98 -18.63 -12.66
N ILE J 393 -24.90 -17.88 -12.94
CA ILE J 393 -24.29 -17.95 -14.29
C ILE J 393 -23.98 -19.44 -14.60
N ASN J 394 -23.53 -20.21 -13.59
CA ASN J 394 -23.10 -21.64 -13.70
C ASN J 394 -24.31 -22.56 -13.92
N GLN J 395 -25.45 -22.25 -13.31
CA GLN J 395 -26.59 -23.08 -13.58
C GLN J 395 -26.89 -22.95 -15.07
N ILE J 396 -26.85 -21.71 -15.57
CA ILE J 396 -26.99 -21.45 -17.00
C ILE J 396 -25.97 -22.31 -17.77
N LEU J 397 -24.76 -22.49 -17.22
CA LEU J 397 -23.77 -23.38 -17.84
C LEU J 397 -24.33 -24.80 -17.87
N THR J 398 -24.56 -25.39 -16.69
CA THR J 398 -24.97 -26.78 -16.56
C THR J 398 -26.18 -27.02 -17.47
N GLU J 399 -27.05 -26.02 -17.61
CA GLU J 399 -28.24 -26.12 -18.43
C GLU J 399 -27.92 -26.07 -19.93
N MET J 400 -26.97 -25.21 -20.32
CA MET J 400 -26.49 -25.18 -21.72
C MET J 400 -25.81 -26.51 -22.06
N ASP J 401 -25.00 -27.02 -21.13
CA ASP J 401 -24.31 -28.31 -21.28
C ASP J 401 -25.36 -29.42 -21.45
N GLY J 402 -26.33 -29.46 -20.54
CA GLY J 402 -27.33 -30.53 -20.47
C GLY J 402 -28.47 -30.41 -21.49
N MET J 403 -28.69 -29.21 -22.03
CA MET J 403 -29.71 -29.04 -23.07
C MET J 403 -29.26 -29.81 -24.31
N SER J 404 -30.21 -30.51 -24.94
CA SER J 404 -29.95 -31.27 -26.15
C SER J 404 -29.67 -30.31 -27.31
N THR J 405 -28.54 -30.55 -27.96
CA THR J 405 -28.08 -29.83 -29.15
C THR J 405 -29.18 -29.70 -30.21
N LYS J 406 -29.99 -30.75 -30.36
CA LYS J 406 -30.85 -30.93 -31.51
C LYS J 406 -32.09 -30.03 -31.39
N LYS J 407 -32.76 -30.08 -30.25
CA LYS J 407 -33.76 -29.08 -29.88
C LYS J 407 -33.30 -27.73 -30.44
N ASN J 408 -34.09 -27.10 -31.32
CA ASN J 408 -33.65 -25.83 -31.90
C ASN J 408 -34.10 -24.70 -30.96
N VAL J 409 -33.28 -24.45 -29.94
CA VAL J 409 -33.44 -23.34 -29.00
C VAL J 409 -32.10 -22.59 -28.94
N PHE J 410 -32.06 -21.37 -29.48
CA PHE J 410 -30.82 -20.56 -29.43
C PHE J 410 -30.81 -19.68 -28.19
N ILE J 411 -29.64 -19.13 -27.89
CA ILE J 411 -29.43 -18.61 -26.55
C ILE J 411 -28.45 -17.45 -26.59
N ILE J 412 -29.02 -16.25 -26.66
CA ILE J 412 -28.27 -15.03 -26.94
C ILE J 412 -28.02 -14.30 -25.64
N GLY J 413 -26.75 -13.95 -25.44
CA GLY J 413 -26.21 -13.39 -24.20
C GLY J 413 -25.78 -11.96 -24.42
N ALA J 414 -26.59 -11.02 -23.90
CA ALA J 414 -26.33 -9.59 -24.04
C ALA J 414 -25.40 -9.08 -22.93
N THR J 415 -24.63 -8.04 -23.27
CA THR J 415 -23.85 -7.31 -22.30
C THR J 415 -23.50 -5.90 -22.82
N ASN J 416 -22.53 -5.30 -22.15
CA ASN J 416 -21.75 -4.22 -22.68
C ASN J 416 -20.32 -4.38 -22.15
N ARG J 417 -20.01 -5.54 -21.57
CA ARG J 417 -18.79 -5.73 -20.84
C ARG J 417 -18.30 -7.14 -21.07
N PRO J 418 -17.86 -7.48 -22.31
CA PRO J 418 -17.36 -8.84 -22.56
C PRO J 418 -16.33 -9.16 -21.46
N ASP J 419 -15.68 -8.09 -20.95
CA ASP J 419 -14.60 -8.12 -19.98
C ASP J 419 -15.03 -8.78 -18.65
N ILE J 420 -16.32 -8.85 -18.36
CA ILE J 420 -16.76 -9.27 -17.01
C ILE J 420 -17.47 -10.62 -17.05
N ILE J 421 -17.76 -11.14 -18.23
CA ILE J 421 -18.53 -12.34 -18.29
C ILE J 421 -17.59 -13.49 -17.97
N ASP J 422 -18.00 -14.34 -17.02
CA ASP J 422 -17.32 -15.61 -16.69
C ASP J 422 -16.91 -16.26 -18.00
N PRO J 423 -15.61 -16.30 -18.37
CA PRO J 423 -15.22 -16.63 -19.74
C PRO J 423 -15.53 -18.09 -20.09
N ALA J 424 -15.82 -18.90 -19.06
CA ALA J 424 -16.35 -20.23 -19.24
C ALA J 424 -17.59 -20.22 -20.14
N ILE J 425 -18.38 -19.15 -20.06
CA ILE J 425 -19.57 -18.96 -20.88
C ILE J 425 -19.15 -18.78 -22.35
N LEU J 426 -17.96 -18.24 -22.57
CA LEU J 426 -17.46 -17.99 -23.91
C LEU J 426 -16.59 -19.14 -24.43
N ARG J 427 -16.61 -20.26 -23.70
CA ARG J 427 -15.99 -21.54 -24.07
C ARG J 427 -16.83 -22.15 -25.20
N PRO J 428 -16.24 -22.81 -26.21
CA PRO J 428 -17.06 -23.39 -27.28
C PRO J 428 -18.11 -24.35 -26.69
N GLY J 429 -19.25 -24.44 -27.39
CA GLY J 429 -20.37 -25.30 -26.98
C GLY J 429 -21.26 -24.61 -25.95
N ARG J 430 -21.03 -23.31 -25.79
CA ARG J 430 -21.78 -22.42 -24.93
C ARG J 430 -22.06 -21.17 -25.77
N LEU J 431 -21.53 -20.02 -25.35
CA LEU J 431 -21.63 -18.84 -26.16
C LEU J 431 -20.35 -18.78 -26.98
N ASP J 432 -20.33 -19.67 -27.97
CA ASP J 432 -19.28 -19.83 -28.90
C ASP J 432 -19.02 -18.48 -29.56
N GLN J 433 -20.01 -18.01 -30.32
CA GLN J 433 -19.89 -16.88 -31.21
C GLN J 433 -20.04 -15.59 -30.40
N LEU J 434 -19.04 -14.71 -30.48
CA LEU J 434 -19.14 -13.33 -30.03
C LEU J 434 -19.52 -12.43 -31.20
N ILE J 435 -20.37 -11.44 -30.96
CA ILE J 435 -20.75 -10.48 -31.97
C ILE J 435 -20.72 -9.08 -31.36
N TYR J 436 -19.91 -8.21 -31.96
CA TYR J 436 -19.91 -6.80 -31.62
C TYR J 436 -21.11 -6.16 -32.30
N ILE J 437 -22.14 -5.88 -31.51
CA ILE J 437 -23.30 -5.11 -31.93
C ILE J 437 -22.96 -3.66 -31.65
N PRO J 438 -22.49 -2.93 -32.68
CA PRO J 438 -21.92 -1.61 -32.50
C PRO J 438 -23.00 -0.53 -32.60
N LEU J 439 -22.54 0.71 -32.63
CA LEU J 439 -23.41 1.84 -32.78
C LEU J 439 -24.15 1.79 -34.10
N PRO J 440 -25.37 2.34 -34.15
CA PRO J 440 -26.19 2.29 -35.34
C PRO J 440 -25.57 3.06 -36.52
N ASP J 441 -25.74 2.51 -37.73
CA ASP J 441 -25.37 3.12 -39.00
C ASP J 441 -26.47 4.08 -39.43
N GLU J 442 -26.23 4.85 -40.50
CA GLU J 442 -27.09 5.94 -40.90
C GLU J 442 -28.46 5.36 -41.25
N LYS J 443 -28.45 4.23 -41.97
CA LYS J 443 -29.67 3.53 -42.35
C LYS J 443 -30.43 3.18 -41.08
N SER J 444 -29.67 2.71 -40.08
CA SER J 444 -30.21 2.28 -38.81
C SER J 444 -30.65 3.47 -37.95
N ARG J 445 -29.88 4.58 -37.98
CA ARG J 445 -30.27 5.83 -37.29
C ARG J 445 -31.66 6.23 -37.82
N VAL J 446 -31.75 6.30 -39.16
CA VAL J 446 -32.99 6.59 -39.81
C VAL J 446 -34.05 5.61 -39.28
N ALA J 447 -33.75 4.31 -39.38
CA ALA J 447 -34.67 3.26 -38.92
C ALA J 447 -35.19 3.59 -37.51
N ILE J 448 -34.31 4.04 -36.60
CA ILE J 448 -34.64 4.24 -35.20
C ILE J 448 -35.43 5.54 -35.01
N LEU J 449 -35.06 6.60 -35.73
CA LEU J 449 -35.89 7.79 -35.74
C LEU J 449 -37.30 7.36 -36.15
N LYS J 450 -37.37 6.60 -37.25
CA LYS J 450 -38.65 6.08 -37.78
C LYS J 450 -39.40 5.31 -36.69
N ALA J 451 -38.72 4.38 -36.03
CA ALA J 451 -39.33 3.57 -34.98
C ALA J 451 -39.84 4.46 -33.84
N ASN J 452 -39.00 5.40 -33.39
CA ASN J 452 -39.29 6.30 -32.25
C ASN J 452 -40.43 7.26 -32.61
N LEU J 453 -40.62 7.53 -33.90
CA LEU J 453 -41.67 8.45 -34.36
C LEU J 453 -42.81 7.71 -35.06
N ARG J 454 -42.84 6.37 -35.00
CA ARG J 454 -43.76 5.57 -35.84
C ARG J 454 -45.16 6.18 -35.76
N LYS J 455 -45.81 6.10 -34.59
CA LYS J 455 -47.09 6.74 -34.39
C LYS J 455 -46.83 8.16 -33.88
N SER J 456 -46.85 9.13 -34.82
CA SER J 456 -46.67 10.52 -34.50
C SER J 456 -46.99 11.39 -35.72
N PRO J 457 -47.36 12.68 -35.49
CA PRO J 457 -47.49 13.66 -36.56
C PRO J 457 -46.16 14.34 -36.92
N VAL J 458 -45.70 14.09 -38.16
CA VAL J 458 -44.36 14.42 -38.61
C VAL J 458 -44.43 15.03 -40.02
N ALA J 459 -44.38 16.36 -40.15
CA ALA J 459 -44.46 16.99 -41.47
C ALA J 459 -43.18 16.69 -42.27
N LYS J 460 -43.32 16.64 -43.60
CA LYS J 460 -42.28 16.09 -44.46
C LYS J 460 -41.02 16.96 -44.44
N ASP J 461 -41.11 18.19 -43.92
CA ASP J 461 -39.92 19.03 -43.76
C ASP J 461 -39.13 18.63 -42.50
N VAL J 462 -39.46 17.46 -41.90
CA VAL J 462 -38.50 16.71 -41.09
C VAL J 462 -37.84 15.66 -41.98
N ASP J 463 -36.75 16.04 -42.63
CA ASP J 463 -35.87 15.09 -43.28
C ASP J 463 -35.07 14.43 -42.17
N LEU J 464 -34.89 13.10 -42.30
CA LEU J 464 -34.34 12.30 -41.23
C LEU J 464 -32.86 11.99 -41.50
N GLU J 465 -32.36 12.46 -42.63
CA GLU J 465 -31.00 12.21 -43.00
C GLU J 465 -30.12 13.41 -42.62
N PHE J 466 -30.67 14.64 -42.73
CA PHE J 466 -30.18 15.79 -41.96
C PHE J 466 -29.87 15.29 -40.54
N LEU J 467 -30.79 14.48 -39.96
CA LEU J 467 -30.68 13.86 -38.59
C LEU J 467 -29.70 12.68 -38.57
N ALA J 468 -29.62 11.91 -39.66
CA ALA J 468 -28.62 10.85 -39.80
C ALA J 468 -27.19 11.40 -39.67
N LYS J 469 -26.90 12.44 -40.45
CA LYS J 469 -25.55 12.98 -40.53
C LYS J 469 -25.12 13.62 -39.22
N MET J 470 -26.01 14.43 -38.64
CA MET J 470 -25.70 15.19 -37.45
C MET J 470 -25.40 14.25 -36.28
N THR J 471 -25.96 13.03 -36.33
CA THR J 471 -25.94 12.14 -35.18
C THR J 471 -24.94 10.99 -35.39
N ASN J 472 -23.82 11.28 -36.04
CA ASN J 472 -22.72 10.35 -36.09
C ASN J 472 -22.13 10.18 -34.68
N GLY J 473 -22.01 8.93 -34.22
CA GLY J 473 -21.44 8.57 -32.90
C GLY J 473 -22.51 8.47 -31.81
N PHE J 474 -23.77 8.64 -32.22
CA PHE J 474 -24.90 8.59 -31.33
C PHE J 474 -25.38 7.17 -31.19
N SER J 475 -25.83 6.89 -29.97
CA SER J 475 -26.56 5.69 -29.67
C SER J 475 -28.04 5.92 -29.95
N GLY J 476 -28.75 4.82 -30.22
CA GLY J 476 -30.19 4.83 -30.28
C GLY J 476 -30.77 5.75 -29.21
N ALA J 477 -30.30 5.57 -27.97
CA ALA J 477 -30.82 6.31 -26.81
C ALA J 477 -30.89 7.82 -27.08
N ASP J 478 -29.88 8.35 -27.76
CA ASP J 478 -29.79 9.78 -28.01
C ASP J 478 -30.79 10.18 -29.09
N LEU J 479 -30.96 9.33 -30.09
CA LEU J 479 -31.92 9.60 -31.14
C LEU J 479 -33.29 9.67 -30.46
N THR J 480 -33.52 8.66 -29.63
CA THR J 480 -34.70 8.50 -28.86
C THR J 480 -34.96 9.76 -28.04
N GLU J 481 -34.00 10.17 -27.20
CA GLU J 481 -34.25 11.32 -26.34
C GLU J 481 -34.38 12.60 -27.20
N ILE J 482 -33.73 12.67 -28.38
CA ILE J 482 -34.01 13.78 -29.34
C ILE J 482 -35.51 13.76 -29.64
N CYS J 483 -35.99 12.64 -30.17
CA CYS J 483 -37.40 12.48 -30.56
C CYS J 483 -38.34 12.85 -29.41
N GLN J 484 -38.04 12.31 -28.21
CA GLN J 484 -38.89 12.53 -27.05
C GLN J 484 -38.87 14.02 -26.67
N ARG J 485 -37.68 14.65 -26.65
CA ARG J 485 -37.57 16.08 -26.31
C ARG J 485 -38.43 16.87 -27.32
N ALA J 486 -38.23 16.58 -28.61
CA ALA J 486 -39.07 17.19 -29.64
C ALA J 486 -40.55 17.04 -29.26
N CYS J 487 -40.97 15.78 -29.08
CA CYS J 487 -42.39 15.49 -28.84
C CYS J 487 -42.90 16.28 -27.63
N LYS J 488 -42.08 16.39 -26.58
CA LYS J 488 -42.48 17.12 -25.38
C LYS J 488 -42.56 18.63 -25.69
N LEU J 489 -41.64 19.15 -26.52
CA LEU J 489 -41.73 20.57 -26.97
C LEU J 489 -43.06 20.77 -27.71
N ALA J 490 -43.41 19.80 -28.57
CA ALA J 490 -44.66 19.84 -29.34
C ALA J 490 -45.88 19.83 -28.40
N ILE J 491 -45.96 18.83 -27.51
CA ILE J 491 -47.05 18.77 -26.54
C ILE J 491 -47.14 20.10 -25.76
N ARG J 492 -46.01 20.51 -25.19
CA ARG J 492 -45.90 21.77 -24.44
C ARG J 492 -46.52 22.91 -25.25
N GLU J 493 -45.94 23.19 -26.43
CA GLU J 493 -46.42 24.28 -27.30
C GLU J 493 -47.93 24.13 -27.53
N SER J 494 -48.36 22.89 -27.80
CA SER J 494 -49.75 22.56 -28.08
C SER J 494 -50.66 22.97 -26.90
N ILE J 495 -50.50 22.32 -25.73
CA ILE J 495 -51.46 22.57 -24.64
C ILE J 495 -51.26 23.97 -24.03
N GLU J 496 -50.03 24.51 -24.09
CA GLU J 496 -49.80 25.89 -23.64
C GLU J 496 -50.61 26.85 -24.51
N SER J 497 -50.54 26.64 -25.83
CA SER J 497 -51.32 27.41 -26.79
C SER J 497 -52.83 27.18 -26.59
N GLU J 498 -53.24 25.93 -26.33
CA GLU J 498 -54.67 25.63 -26.09
C GLU J 498 -55.18 26.37 -24.85
N ILE J 499 -54.40 26.33 -23.75
CA ILE J 499 -54.78 27.03 -22.49
C ILE J 499 -54.77 28.55 -22.72
N ARG J 500 -53.76 29.03 -23.45
CA ARG J 500 -53.71 30.45 -23.90
C ARG J 500 -54.98 30.81 -24.69
N ARG J 501 -55.47 29.87 -25.51
CA ARG J 501 -56.70 30.06 -26.30
C ARG J 501 -57.96 29.95 -25.42
N GLU J 502 -57.93 29.14 -24.34
CA GLU J 502 -59.01 29.18 -23.32
C GLU J 502 -59.06 30.57 -22.65
N ARG J 503 -57.87 31.05 -22.22
CA ARG J 503 -57.78 32.36 -21.54
C ARG J 503 -58.11 33.53 -22.49
N GLU J 504 -57.77 33.40 -23.78
CA GLU J 504 -58.10 34.43 -24.78
C GLU J 504 -59.54 34.25 -25.32
N ARG J 505 -60.14 33.08 -25.11
CA ARG J 505 -61.58 32.85 -25.40
C ARG J 505 -62.44 33.27 -24.20
N GLN J 506 -61.85 33.38 -23.00
CA GLN J 506 -62.58 34.04 -21.87
C GLN J 506 -62.11 35.49 -21.70
N THR J 507 -62.22 36.30 -22.78
CA THR J 507 -61.91 37.74 -22.73
C THR J 507 -62.81 38.41 -21.69
N GLU J 522 -49.07 19.21 -35.57
CA GLU J 522 -47.99 18.28 -36.01
C GLU J 522 -46.57 18.75 -35.61
N ILE J 523 -45.55 17.87 -35.78
CA ILE J 523 -44.15 18.09 -35.32
C ILE J 523 -43.21 18.36 -36.51
N ARG J 524 -42.34 19.39 -36.40
CA ARG J 524 -41.51 19.95 -37.55
C ARG J 524 -40.11 20.39 -37.11
N ARG J 525 -39.10 20.35 -38.01
CA ARG J 525 -37.61 20.40 -37.66
C ARG J 525 -37.28 21.67 -36.84
N ASP J 526 -38.24 22.59 -36.70
CA ASP J 526 -38.14 23.65 -35.69
C ASP J 526 -37.92 23.01 -34.32
N HIS J 527 -38.98 22.31 -33.86
CA HIS J 527 -39.00 21.41 -32.71
C HIS J 527 -37.72 20.58 -32.58
N PHE J 528 -37.31 19.94 -33.67
CA PHE J 528 -36.20 18.98 -33.64
C PHE J 528 -34.88 19.72 -33.45
N GLU J 529 -34.51 20.70 -34.30
CA GLU J 529 -33.21 21.39 -34.08
C GLU J 529 -33.31 22.13 -32.73
N GLU J 530 -34.52 22.50 -32.30
CA GLU J 530 -34.71 22.93 -30.91
C GLU J 530 -34.24 21.82 -29.95
N ALA J 531 -34.71 20.58 -30.17
CA ALA J 531 -34.46 19.45 -29.27
C ALA J 531 -32.98 19.04 -29.27
N MET J 532 -32.33 19.11 -30.44
CA MET J 532 -30.94 18.72 -30.56
C MET J 532 -30.04 19.77 -29.89
N ARG J 533 -30.58 21.00 -29.73
CA ARG J 533 -29.83 22.10 -29.09
C ARG J 533 -29.68 21.87 -27.58
N PHE J 534 -30.12 20.71 -27.08
CA PHE J 534 -29.52 20.06 -25.92
C PHE J 534 -29.80 18.55 -26.03
N ALA J 535 -28.89 17.82 -26.68
CA ALA J 535 -28.97 16.35 -26.88
C ALA J 535 -27.58 15.73 -27.06
N ARG J 536 -27.31 14.65 -26.32
CA ARG J 536 -25.94 14.14 -26.09
C ARG J 536 -25.43 13.34 -27.29
N ARG J 537 -24.18 12.87 -27.17
CA ARG J 537 -23.63 11.70 -27.83
C ARG J 537 -23.32 10.69 -26.71
N SER J 538 -24.11 9.61 -26.59
CA SER J 538 -24.18 8.80 -25.36
C SER J 538 -22.81 8.24 -24.98
N VAL J 539 -22.17 7.63 -25.96
CA VAL J 539 -21.04 6.80 -25.71
C VAL J 539 -19.80 7.48 -26.29
N SER J 540 -18.78 7.62 -25.42
CA SER J 540 -17.58 8.38 -25.74
C SER J 540 -16.59 7.51 -26.52
N ASP J 541 -15.76 8.21 -27.29
CA ASP J 541 -14.79 7.58 -28.16
C ASP J 541 -14.08 6.48 -27.35
N ASN J 542 -13.55 6.87 -26.18
CA ASN J 542 -12.90 5.94 -25.21
C ASN J 542 -13.54 4.56 -25.27
N ASP J 543 -14.85 4.54 -25.04
CA ASP J 543 -15.58 3.32 -24.83
C ASP J 543 -15.59 2.54 -26.15
N ILE J 544 -15.93 3.22 -27.24
CA ILE J 544 -16.10 2.51 -28.47
C ILE J 544 -14.75 1.92 -28.85
N ARG J 545 -13.69 2.72 -28.68
CA ARG J 545 -12.30 2.27 -28.85
C ARG J 545 -12.03 1.05 -27.94
N LYS J 546 -12.62 1.06 -26.74
CA LYS J 546 -12.48 -0.04 -25.80
C LYS J 546 -13.14 -1.31 -26.38
N TYR J 547 -14.32 -1.18 -26.98
CA TYR J 547 -14.93 -2.37 -27.62
C TYR J 547 -14.10 -2.79 -28.84
N GLU J 548 -13.64 -1.79 -29.62
CA GLU J 548 -12.75 -2.05 -30.75
C GLU J 548 -11.61 -2.95 -30.26
N MET J 549 -10.78 -2.39 -29.36
CA MET J 549 -9.67 -3.10 -28.75
C MET J 549 -10.16 -4.49 -28.32
N PHE J 550 -11.20 -4.52 -27.48
CA PHE J 550 -11.63 -5.76 -26.87
C PHE J 550 -12.34 -6.62 -27.92
N ALA J 551 -12.73 -6.05 -29.06
CA ALA J 551 -13.25 -6.82 -30.23
C ALA J 551 -12.11 -7.55 -30.96
N GLN J 552 -11.05 -6.79 -31.27
CA GLN J 552 -9.82 -7.33 -31.86
C GLN J 552 -9.26 -8.42 -30.94
N THR J 553 -8.89 -8.04 -29.70
CA THR J 553 -8.13 -8.91 -28.79
C THR J 553 -9.03 -9.91 -28.06
N LEU J 554 -10.36 -9.68 -28.05
CA LEU J 554 -11.29 -10.80 -27.75
C LEU J 554 -11.04 -11.88 -28.83
N GLN J 555 -10.85 -11.47 -30.10
CA GLN J 555 -10.44 -12.39 -31.22
C GLN J 555 -8.90 -12.53 -31.24
N ARG K 2 -68.59 8.27 2.79
CA ARG K 2 -69.66 7.90 1.80
C ARG K 2 -69.01 7.55 0.45
N LYS K 3 -67.85 8.18 0.18
CA LYS K 3 -67.07 7.94 -1.03
C LYS K 3 -66.79 6.45 -1.17
N GLN K 4 -66.49 5.81 -0.02
CA GLN K 4 -66.05 4.42 0.05
C GLN K 4 -67.20 3.51 -0.39
N LEU K 5 -68.36 3.70 0.25
CA LEU K 5 -69.56 2.94 -0.07
C LEU K 5 -69.79 2.93 -1.59
N ALA K 6 -69.70 4.12 -2.21
CA ALA K 6 -70.00 4.30 -3.65
C ALA K 6 -69.41 3.15 -4.48
N GLN K 7 -68.10 2.95 -4.34
CA GLN K 7 -67.37 1.91 -5.07
C GLN K 7 -68.03 0.54 -4.84
N ILE K 8 -68.23 0.21 -3.55
CA ILE K 8 -68.65 -1.13 -3.14
C ILE K 8 -70.09 -1.38 -3.62
N LYS K 9 -70.88 -0.30 -3.69
CA LYS K 9 -72.20 -0.34 -4.24
C LYS K 9 -72.13 -0.49 -5.76
N GLU K 10 -71.21 0.20 -6.44
CA GLU K 10 -71.04 0.00 -7.90
C GLU K 10 -70.63 -1.46 -8.18
N MET K 11 -69.85 -2.06 -7.28
CA MET K 11 -69.40 -3.45 -7.46
C MET K 11 -70.48 -4.45 -7.04
N VAL K 12 -71.39 -4.07 -6.11
CA VAL K 12 -72.36 -5.02 -5.55
C VAL K 12 -73.75 -4.85 -6.19
N GLU K 13 -74.33 -3.64 -6.06
CA GLU K 13 -75.77 -3.35 -6.34
C GLU K 13 -76.17 -3.81 -7.74
N LEU K 14 -75.36 -3.46 -8.75
CA LEU K 14 -75.69 -3.67 -10.16
C LEU K 14 -75.75 -5.16 -10.50
N PRO K 15 -74.77 -5.98 -10.08
CA PRO K 15 -74.89 -7.45 -10.14
C PRO K 15 -75.57 -8.24 -9.00
N LEU K 16 -76.10 -7.55 -7.99
CA LEU K 16 -77.02 -8.17 -7.02
C LEU K 16 -78.49 -7.95 -7.43
N ARG K 17 -78.81 -6.74 -7.92
CA ARG K 17 -80.21 -6.28 -8.08
C ARG K 17 -80.47 -5.67 -9.47
N HIS K 18 -79.51 -5.83 -10.39
CA HIS K 18 -79.60 -5.53 -11.83
C HIS K 18 -78.85 -6.60 -12.62
N PRO K 19 -78.84 -7.87 -12.13
CA PRO K 19 -77.99 -8.96 -12.66
C PRO K 19 -78.19 -9.39 -14.12
N ALA K 20 -79.42 -9.33 -14.63
CA ALA K 20 -79.76 -9.90 -15.94
C ALA K 20 -78.96 -9.22 -17.06
N LEU K 21 -78.63 -7.93 -16.91
CA LEU K 21 -77.95 -7.15 -17.95
C LEU K 21 -76.57 -7.73 -18.27
N PHE K 22 -75.82 -8.11 -17.23
CA PHE K 22 -74.46 -8.63 -17.38
C PHE K 22 -74.47 -10.04 -18.00
N LYS K 23 -75.40 -10.87 -17.50
CA LYS K 23 -75.53 -12.27 -17.89
C LYS K 23 -76.09 -12.35 -19.32
N ALA K 24 -76.81 -11.29 -19.73
CA ALA K 24 -77.25 -11.15 -21.12
C ALA K 24 -76.12 -10.57 -21.99
N ILE K 25 -75.51 -9.47 -21.53
CA ILE K 25 -74.45 -8.77 -22.29
C ILE K 25 -73.21 -9.67 -22.41
N GLY K 26 -73.19 -10.78 -21.64
CA GLY K 26 -72.22 -11.85 -21.83
C GLY K 26 -70.94 -11.59 -21.06
N VAL K 27 -71.12 -11.23 -19.77
CA VAL K 27 -70.00 -11.03 -18.85
C VAL K 27 -70.37 -11.69 -17.51
N LYS K 28 -69.52 -11.49 -16.50
CA LYS K 28 -69.73 -12.02 -15.16
C LYS K 28 -69.70 -10.88 -14.15
N PRO K 29 -70.70 -10.78 -13.24
CA PRO K 29 -70.51 -10.12 -11.95
C PRO K 29 -69.33 -10.60 -11.10
N PRO K 30 -68.78 -9.75 -10.20
CA PRO K 30 -67.87 -10.22 -9.17
C PRO K 30 -68.64 -11.03 -8.12
N ARG K 31 -68.08 -12.15 -7.69
CA ARG K 31 -68.70 -13.04 -6.73
C ARG K 31 -67.89 -13.05 -5.43
N GLY K 32 -66.78 -12.31 -5.41
CA GLY K 32 -65.92 -12.24 -4.25
C GLY K 32 -65.28 -10.86 -4.11
N ILE K 33 -65.97 -9.97 -3.38
CA ILE K 33 -65.43 -8.68 -3.07
C ILE K 33 -64.75 -8.76 -1.71
N LEU K 34 -63.44 -8.52 -1.69
CA LEU K 34 -62.61 -8.64 -0.53
C LEU K 34 -62.23 -7.25 -0.01
N LEU K 35 -62.76 -6.88 1.16
CA LEU K 35 -62.38 -5.65 1.86
C LEU K 35 -61.18 -5.96 2.74
N TYR K 36 -60.13 -5.11 2.66
CA TYR K 36 -59.07 -5.25 3.63
C TYR K 36 -58.57 -3.88 4.07
N GLY K 37 -57.75 -3.93 5.12
CA GLY K 37 -57.18 -2.76 5.75
C GLY K 37 -57.12 -2.94 7.26
N PRO K 38 -56.43 -2.05 8.00
CA PRO K 38 -56.14 -2.29 9.41
C PRO K 38 -57.41 -2.43 10.25
N PRO K 39 -57.30 -2.99 11.47
CA PRO K 39 -58.44 -3.05 12.39
C PRO K 39 -58.75 -1.66 12.96
N GLY K 40 -60.03 -1.40 13.23
CA GLY K 40 -60.54 -0.10 13.71
C GLY K 40 -61.26 0.68 12.62
N THR K 41 -61.76 -0.08 11.63
CA THR K 41 -62.18 0.47 10.37
C THR K 41 -63.67 0.19 10.10
N GLY K 42 -64.30 -0.70 10.88
CA GLY K 42 -65.75 -0.96 10.81
C GLY K 42 -66.16 -1.54 9.47
N LYS K 43 -65.35 -2.46 8.97
CA LYS K 43 -65.62 -3.14 7.73
C LYS K 43 -66.98 -3.83 7.83
N THR K 44 -67.27 -4.37 9.02
CA THR K 44 -68.52 -5.04 9.28
C THR K 44 -69.68 -4.05 9.07
N LEU K 45 -69.70 -2.98 9.89
CA LEU K 45 -70.57 -1.81 9.71
C LEU K 45 -70.76 -1.52 8.22
N ILE K 46 -69.64 -1.38 7.49
CA ILE K 46 -69.71 -1.01 6.05
C ILE K 46 -70.50 -2.07 5.26
N ALA K 47 -70.23 -3.35 5.53
CA ALA K 47 -70.84 -4.45 4.78
C ALA K 47 -72.37 -4.43 4.96
N ARG K 48 -72.80 -4.34 6.22
CA ARG K 48 -74.21 -4.28 6.58
C ARG K 48 -74.85 -3.01 6.02
N ALA K 49 -74.09 -1.90 6.05
CA ALA K 49 -74.50 -0.66 5.39
C ALA K 49 -74.82 -0.96 3.91
N VAL K 50 -73.87 -1.56 3.19
CA VAL K 50 -74.06 -1.86 1.76
C VAL K 50 -75.23 -2.85 1.55
N ALA K 51 -75.41 -3.81 2.47
CA ALA K 51 -76.52 -4.81 2.39
C ALA K 51 -77.90 -4.16 2.59
N ASN K 52 -77.97 -3.25 3.58
CA ASN K 52 -79.19 -2.50 3.90
C ASN K 52 -79.51 -1.53 2.76
N GLU K 53 -78.47 -0.85 2.24
CA GLU K 53 -78.68 0.20 1.24
C GLU K 53 -78.72 -0.38 -0.18
N THR K 54 -78.39 -1.67 -0.36
CA THR K 54 -78.73 -2.37 -1.60
C THR K 54 -80.10 -3.04 -1.47
N GLY K 55 -80.40 -3.50 -0.25
CA GLY K 55 -81.54 -4.35 -0.02
C GLY K 55 -81.18 -5.79 -0.31
N ALA K 56 -80.51 -6.42 0.66
CA ALA K 56 -80.10 -7.80 0.53
C ALA K 56 -79.97 -8.45 1.91
N PHE K 57 -80.32 -9.75 1.96
CA PHE K 57 -80.05 -10.59 3.10
C PHE K 57 -78.56 -10.49 3.42
N PHE K 58 -78.24 -10.49 4.71
CA PHE K 58 -76.88 -10.36 5.20
C PHE K 58 -76.54 -11.54 6.12
N PHE K 59 -75.49 -12.30 5.81
CA PHE K 59 -75.08 -13.37 6.72
C PHE K 59 -73.62 -13.15 7.14
N LEU K 60 -73.42 -12.92 8.45
CA LEU K 60 -72.08 -12.79 9.05
C LEU K 60 -71.48 -14.19 9.27
N ILE K 61 -70.18 -14.30 9.03
CA ILE K 61 -69.37 -15.46 9.38
C ILE K 61 -68.18 -14.95 10.21
N ASN K 62 -68.35 -14.90 11.53
CA ASN K 62 -67.28 -14.52 12.44
C ASN K 62 -66.21 -15.64 12.40
N GLY K 63 -65.10 -15.41 11.69
CA GLY K 63 -64.04 -16.44 11.52
C GLY K 63 -63.77 -17.20 12.81
N PRO K 64 -63.34 -16.50 13.89
CA PRO K 64 -63.15 -17.11 15.19
C PRO K 64 -64.24 -18.12 15.58
N GLU K 65 -65.50 -17.70 15.40
CA GLU K 65 -66.69 -18.52 15.71
C GLU K 65 -66.64 -19.84 14.92
N ILE K 66 -66.26 -19.76 13.64
CA ILE K 66 -66.17 -20.94 12.78
C ILE K 66 -65.01 -21.81 13.25
N MET K 67 -63.88 -21.16 13.56
CA MET K 67 -62.68 -21.90 13.92
C MET K 67 -62.82 -22.55 15.31
N SER K 68 -63.73 -22.02 16.15
CA SER K 68 -63.89 -22.49 17.53
C SER K 68 -64.68 -23.81 17.59
N LYS K 69 -65.37 -24.15 16.50
CA LYS K 69 -66.19 -25.37 16.44
C LYS K 69 -65.29 -26.61 16.36
N LEU K 70 -65.87 -27.77 16.72
CA LEU K 70 -65.22 -29.06 16.56
C LEU K 70 -65.10 -29.36 15.05
N ALA K 71 -63.92 -29.83 14.64
CA ALA K 71 -63.62 -30.12 13.24
C ALA K 71 -64.79 -30.89 12.61
N GLY K 72 -65.37 -30.34 11.56
CA GLY K 72 -66.58 -30.87 10.96
C GLY K 72 -67.73 -29.90 11.09
N GLU K 73 -68.02 -29.47 12.32
CA GLU K 73 -69.13 -28.56 12.57
C GLU K 73 -68.78 -27.16 12.05
N SER K 74 -67.49 -26.90 11.84
CA SER K 74 -67.01 -25.72 11.14
C SER K 74 -67.53 -25.73 9.69
N GLU K 75 -67.16 -26.78 8.96
CA GLU K 75 -67.54 -27.00 7.54
C GLU K 75 -69.08 -27.01 7.46
N SER K 76 -69.69 -27.70 8.43
CA SER K 76 -71.12 -27.70 8.60
C SER K 76 -71.62 -26.26 8.64
N ASN K 77 -71.14 -25.48 9.62
CA ASN K 77 -71.55 -24.09 9.78
C ASN K 77 -71.39 -23.35 8.45
N LEU K 78 -70.28 -23.59 7.74
CA LEU K 78 -70.02 -22.89 6.45
C LEU K 78 -71.11 -23.27 5.44
N ARG K 79 -71.24 -24.57 5.14
CA ARG K 79 -72.27 -25.06 4.21
C ARG K 79 -73.61 -24.42 4.59
N LYS K 80 -73.98 -24.57 5.87
CA LYS K 80 -75.21 -24.04 6.44
C LYS K 80 -75.37 -22.57 6.04
N ALA K 81 -74.38 -21.75 6.42
CA ALA K 81 -74.39 -20.31 6.13
C ALA K 81 -74.63 -20.09 4.62
N PHE K 82 -73.85 -20.79 3.79
CA PHE K 82 -73.91 -20.60 2.33
C PHE K 82 -75.28 -20.99 1.75
N GLU K 83 -75.89 -22.07 2.27
CA GLU K 83 -77.21 -22.49 1.79
C GLU K 83 -78.27 -21.50 2.30
N GLU K 84 -78.13 -21.07 3.57
CA GLU K 84 -79.02 -20.09 4.21
C GLU K 84 -79.02 -18.78 3.43
N ALA K 85 -77.84 -18.35 2.97
CA ALA K 85 -77.75 -17.17 2.10
C ALA K 85 -78.34 -17.51 0.72
N GLU K 86 -77.84 -18.60 0.10
CA GLU K 86 -78.27 -19.05 -1.24
C GLU K 86 -79.80 -19.01 -1.33
N LYS K 87 -80.47 -19.38 -0.24
CA LYS K 87 -81.91 -19.52 -0.22
C LYS K 87 -82.63 -18.16 -0.15
N ASN K 88 -82.02 -17.14 0.48
CA ASN K 88 -82.73 -15.89 0.81
C ASN K 88 -82.28 -14.71 -0.08
N ALA K 89 -81.85 -15.02 -1.31
CA ALA K 89 -81.00 -14.11 -2.11
C ALA K 89 -81.72 -13.17 -3.08
N PRO K 90 -81.61 -11.83 -2.91
CA PRO K 90 -80.29 -11.19 -2.96
C PRO K 90 -79.56 -11.33 -1.61
N ALA K 91 -78.29 -11.82 -1.62
CA ALA K 91 -77.56 -12.23 -0.39
C ALA K 91 -76.10 -11.78 -0.40
N ILE K 92 -75.70 -11.08 0.68
CA ILE K 92 -74.31 -10.82 1.02
C ILE K 92 -73.90 -11.72 2.19
N ILE K 93 -72.95 -12.62 1.90
CA ILE K 93 -72.25 -13.39 2.93
C ILE K 93 -70.97 -12.62 3.27
N PHE K 94 -70.89 -12.10 4.50
CA PHE K 94 -69.73 -11.33 4.95
C PHE K 94 -68.88 -12.15 5.91
N ILE K 95 -67.59 -12.28 5.60
CA ILE K 95 -66.66 -13.07 6.39
C ILE K 95 -65.73 -12.12 7.14
N ASP K 96 -65.96 -12.03 8.45
CA ASP K 96 -65.18 -11.23 9.36
C ASP K 96 -63.98 -12.05 9.84
N GLU K 97 -62.81 -11.40 9.85
CA GLU K 97 -61.52 -12.05 10.06
C GLU K 97 -61.48 -13.30 9.14
N LEU K 98 -61.29 -13.08 7.84
CA LEU K 98 -61.20 -14.18 6.89
C LEU K 98 -59.92 -14.99 7.16
N ASP K 99 -58.82 -14.26 7.33
CA ASP K 99 -57.48 -14.80 7.63
C ASP K 99 -57.53 -15.92 8.69
N ALA K 100 -58.51 -15.87 9.59
CA ALA K 100 -58.66 -16.87 10.66
C ALA K 100 -58.84 -18.26 10.05
N ILE K 101 -59.96 -18.47 9.33
CA ILE K 101 -60.27 -19.77 8.72
C ILE K 101 -59.27 -20.08 7.60
N ALA K 102 -58.87 -19.06 6.82
CA ALA K 102 -58.13 -19.25 5.56
C ALA K 102 -56.81 -18.46 5.56
N PRO K 103 -55.75 -18.97 6.22
CA PRO K 103 -54.54 -18.18 6.43
C PRO K 103 -53.57 -18.33 5.26
N LYS K 104 -52.31 -17.92 5.46
CA LYS K 104 -51.13 -18.36 4.66
C LYS K 104 -50.75 -19.78 5.10
N ARG K 105 -50.92 -20.74 4.17
CA ARG K 105 -51.39 -22.10 4.49
C ARG K 105 -50.25 -23.12 4.74
N GLU K 106 -49.03 -22.65 5.05
CA GLU K 106 -48.00 -23.52 5.70
C GLU K 106 -47.90 -23.14 7.19
N LYS K 107 -48.51 -22.00 7.56
CA LYS K 107 -48.81 -21.63 8.96
C LYS K 107 -50.12 -22.32 9.35
N THR K 108 -50.09 -23.66 9.33
CA THR K 108 -51.25 -24.53 9.46
C THR K 108 -50.76 -25.93 9.86
N HIS K 109 -50.29 -26.08 11.11
CA HIS K 109 -49.71 -27.33 11.59
C HIS K 109 -50.80 -28.40 11.81
N GLY K 110 -51.57 -28.71 10.75
CA GLY K 110 -52.65 -29.73 10.81
C GLY K 110 -53.61 -29.62 9.63
N GLU K 111 -54.26 -30.75 9.29
CA GLU K 111 -54.97 -30.94 8.00
C GLU K 111 -56.42 -30.44 8.07
N VAL K 112 -56.96 -30.34 9.30
CA VAL K 112 -58.33 -29.91 9.48
C VAL K 112 -58.52 -28.53 8.85
N GLU K 113 -57.60 -27.60 9.12
CA GLU K 113 -57.68 -26.25 8.57
C GLU K 113 -57.67 -26.31 7.03
N ARG K 114 -56.81 -27.17 6.46
CA ARG K 114 -56.71 -27.34 5.00
C ARG K 114 -58.05 -27.86 4.45
N ARG K 115 -58.67 -28.78 5.18
CA ARG K 115 -60.04 -29.19 4.84
C ARG K 115 -60.99 -27.98 4.91
N ILE K 116 -60.93 -27.19 6.00
CA ILE K 116 -61.87 -26.05 6.25
C ILE K 116 -61.77 -25.03 5.11
N VAL K 117 -60.53 -24.71 4.75
CA VAL K 117 -60.26 -23.81 3.65
C VAL K 117 -60.79 -24.46 2.37
N SER K 118 -60.39 -25.71 2.09
CA SER K 118 -60.88 -26.40 0.90
C SER K 118 -62.40 -26.20 0.79
N GLN K 119 -63.09 -26.47 1.90
CA GLN K 119 -64.53 -26.34 1.97
C GLN K 119 -64.93 -24.96 1.46
N LEU K 120 -64.36 -23.90 2.05
CA LEU K 120 -64.68 -22.53 1.66
C LEU K 120 -64.38 -22.31 0.17
N LEU K 121 -63.29 -22.89 -0.36
CA LEU K 121 -63.00 -22.79 -1.79
C LEU K 121 -64.14 -23.44 -2.60
N THR K 122 -64.57 -24.65 -2.19
CA THR K 122 -65.61 -25.38 -2.93
C THR K 122 -66.94 -24.62 -2.87
N LEU K 123 -67.24 -24.06 -1.69
CA LEU K 123 -68.42 -23.23 -1.50
C LEU K 123 -68.34 -21.98 -2.38
N MET K 124 -67.19 -21.30 -2.35
CA MET K 124 -66.93 -20.10 -3.17
C MET K 124 -67.11 -20.43 -4.66
N ASP K 125 -66.61 -21.61 -5.08
CA ASP K 125 -66.76 -22.11 -6.47
C ASP K 125 -68.23 -22.40 -6.76
N GLY K 126 -68.94 -22.94 -5.77
CA GLY K 126 -70.32 -23.44 -5.88
C GLY K 126 -71.34 -22.38 -6.31
N LEU K 127 -71.12 -21.11 -5.96
CA LEU K 127 -72.11 -20.06 -6.20
C LEU K 127 -72.29 -19.83 -7.70
N LYS K 128 -73.48 -19.33 -8.07
CA LYS K 128 -73.76 -18.77 -9.38
C LYS K 128 -74.12 -17.30 -9.22
N GLN K 129 -73.72 -16.47 -10.19
CA GLN K 129 -74.26 -15.13 -10.40
C GLN K 129 -75.78 -15.23 -10.57
N ARG K 130 -76.19 -16.41 -11.05
CA ARG K 130 -77.56 -16.90 -11.14
C ARG K 130 -78.24 -16.88 -9.77
N ALA K 131 -77.51 -17.27 -8.71
CA ALA K 131 -78.08 -17.46 -7.36
C ALA K 131 -78.20 -16.12 -6.62
N HIS K 132 -77.70 -15.04 -7.22
CA HIS K 132 -77.75 -13.65 -6.68
C HIS K 132 -76.98 -13.55 -5.36
N VAL K 133 -75.79 -14.14 -5.29
CA VAL K 133 -75.05 -14.15 -4.03
C VAL K 133 -73.70 -13.45 -4.23
N ILE K 134 -73.37 -12.59 -3.26
CA ILE K 134 -72.09 -11.89 -3.15
C ILE K 134 -71.47 -12.24 -1.79
N VAL K 135 -70.15 -12.49 -1.82
CA VAL K 135 -69.38 -12.79 -0.64
C VAL K 135 -68.38 -11.65 -0.43
N MET K 136 -68.51 -10.97 0.71
CA MET K 136 -67.52 -10.01 1.16
C MET K 136 -66.74 -10.62 2.32
N ALA K 137 -65.55 -10.06 2.59
CA ALA K 137 -64.59 -10.66 3.50
C ALA K 137 -63.59 -9.61 3.98
N ALA K 138 -63.03 -9.86 5.18
CA ALA K 138 -62.23 -8.89 5.92
C ALA K 138 -60.85 -9.45 6.26
N THR K 139 -59.87 -8.56 6.24
CA THR K 139 -58.52 -8.86 6.71
C THR K 139 -57.67 -7.58 6.72
N ASN K 140 -56.50 -7.68 7.34
CA ASN K 140 -55.60 -6.55 7.55
C ASN K 140 -54.90 -6.23 6.22
N ARG K 141 -54.34 -7.27 5.59
CA ARG K 141 -53.72 -7.16 4.28
C ARG K 141 -53.97 -8.46 3.52
N PRO K 142 -54.02 -8.44 2.17
CA PRO K 142 -54.35 -9.63 1.39
C PRO K 142 -53.20 -10.65 1.37
N ASN K 143 -52.03 -10.21 1.85
CA ASN K 143 -50.89 -11.09 2.11
C ASN K 143 -51.28 -12.16 3.14
N SER K 144 -52.24 -11.83 4.02
CA SER K 144 -52.74 -12.68 5.12
C SER K 144 -53.43 -13.96 4.59
N ILE K 145 -54.30 -13.77 3.60
CA ILE K 145 -55.16 -14.80 3.06
C ILE K 145 -54.35 -15.77 2.20
N ASP K 146 -54.81 -17.04 2.15
CA ASP K 146 -54.33 -18.04 1.22
C ASP K 146 -54.57 -17.58 -0.21
N PRO K 147 -53.51 -17.38 -1.03
CA PRO K 147 -53.63 -16.92 -2.41
C PRO K 147 -54.64 -17.64 -3.31
N ALA K 148 -54.89 -18.93 -3.04
CA ALA K 148 -55.89 -19.70 -3.79
C ALA K 148 -57.32 -19.20 -3.51
N LEU K 149 -57.47 -18.15 -2.67
CA LEU K 149 -58.73 -17.39 -2.52
C LEU K 149 -58.75 -16.17 -3.45
N ARG K 150 -57.58 -15.65 -3.80
CA ARG K 150 -57.51 -14.54 -4.74
C ARG K 150 -57.37 -15.08 -6.18
N ARG K 151 -57.79 -16.34 -6.39
CA ARG K 151 -58.09 -16.85 -7.74
C ARG K 151 -59.20 -15.98 -8.32
N PHE K 152 -59.38 -16.07 -9.64
CA PHE K 152 -60.46 -15.34 -10.30
C PHE K 152 -61.82 -15.88 -9.86
N GLY K 153 -61.89 -17.20 -9.67
CA GLY K 153 -63.13 -17.92 -9.34
C GLY K 153 -63.75 -17.49 -8.01
N ARG K 154 -62.94 -16.87 -7.16
CA ARG K 154 -63.25 -16.66 -5.77
C ARG K 154 -63.23 -15.15 -5.49
N PHE K 155 -62.27 -14.68 -4.70
CA PHE K 155 -62.16 -13.26 -4.29
C PHE K 155 -61.32 -12.49 -5.32
N ASP K 156 -61.96 -12.10 -6.43
CA ASP K 156 -61.29 -11.44 -7.56
C ASP K 156 -61.10 -9.95 -7.26
N ARG K 157 -62.15 -9.27 -6.80
CA ARG K 157 -62.13 -7.83 -6.57
C ARG K 157 -61.74 -7.54 -5.11
N GLU K 158 -60.89 -6.53 -4.95
CA GLU K 158 -60.24 -6.20 -3.67
C GLU K 158 -60.36 -4.70 -3.42
N VAL K 159 -60.78 -4.31 -2.21
CA VAL K 159 -60.91 -2.90 -1.83
C VAL K 159 -60.18 -2.62 -0.52
N ASP K 160 -59.46 -1.50 -0.54
CA ASP K 160 -58.60 -1.07 0.53
C ASP K 160 -59.33 0.02 1.32
N ILE K 161 -59.60 -0.27 2.59
CA ILE K 161 -60.05 0.73 3.47
C ILE K 161 -58.93 1.04 4.47
N GLY K 162 -58.06 1.99 4.11
CA GLY K 162 -56.85 2.26 4.89
C GLY K 162 -57.13 3.15 6.09
N ILE K 163 -56.08 3.84 6.56
CA ILE K 163 -56.22 5.00 7.43
C ILE K 163 -57.18 5.98 6.78
N PRO K 164 -58.04 6.66 7.56
CA PRO K 164 -58.73 7.85 7.08
C PRO K 164 -57.85 9.11 7.22
N ASP K 165 -58.04 10.07 6.31
CA ASP K 165 -57.37 11.36 6.34
C ASP K 165 -58.22 12.37 7.13
N ALA K 166 -57.68 13.58 7.26
CA ALA K 166 -58.26 14.68 8.01
C ALA K 166 -59.79 14.69 7.92
N THR K 167 -60.32 14.65 6.68
CA THR K 167 -61.75 14.77 6.44
C THR K 167 -62.50 13.58 7.04
N GLY K 168 -62.00 12.38 6.77
CA GLY K 168 -62.58 11.15 7.32
C GLY K 168 -62.58 11.17 8.83
N ARG K 169 -61.44 11.58 9.39
CA ARG K 169 -61.24 11.68 10.84
C ARG K 169 -62.27 12.66 11.40
N LEU K 170 -62.43 13.80 10.71
CA LEU K 170 -63.38 14.84 11.07
C LEU K 170 -64.81 14.27 11.07
N GLU K 171 -65.20 13.64 9.95
CA GLU K 171 -66.49 12.97 9.81
C GLU K 171 -66.73 12.03 11.00
N ILE K 172 -65.73 11.20 11.28
CA ILE K 172 -65.82 10.18 12.33
C ILE K 172 -66.01 10.87 13.69
N LEU K 173 -65.20 11.90 13.95
CA LEU K 173 -65.31 12.66 15.19
C LEU K 173 -66.72 13.25 15.33
N GLN K 174 -67.21 13.92 14.27
CA GLN K 174 -68.56 14.46 14.25
C GLN K 174 -69.57 13.36 14.58
N ILE K 175 -69.41 12.21 13.92
CA ILE K 175 -70.33 11.07 14.06
C ILE K 175 -70.32 10.55 15.50
N HIS K 176 -69.14 10.44 16.15
CA HIS K 176 -69.06 9.92 17.53
C HIS K 176 -69.40 11.00 18.58
N THR K 177 -69.35 12.29 18.17
CA THR K 177 -69.48 13.43 19.11
C THR K 177 -70.74 14.27 18.85
N LYS K 178 -71.64 13.84 17.96
CA LYS K 178 -72.94 14.52 17.83
C LYS K 178 -73.74 14.32 19.12
N ASN K 179 -73.44 13.26 19.88
CA ASN K 179 -74.15 12.85 21.09
C ASN K 179 -73.49 13.44 22.36
N MET K 180 -72.69 14.51 22.25
CA MET K 180 -71.75 14.87 23.32
C MET K 180 -71.95 16.33 23.77
N LYS K 181 -71.59 16.61 25.04
CA LYS K 181 -71.64 17.95 25.69
C LYS K 181 -70.51 18.84 25.13
N LEU K 182 -70.47 19.01 23.80
CA LEU K 182 -69.33 19.65 23.09
C LEU K 182 -69.28 21.14 23.41
N ALA K 183 -68.17 21.62 23.98
CA ALA K 183 -68.00 23.06 24.28
C ALA K 183 -67.77 23.84 22.99
N ASP K 184 -67.80 25.18 23.11
CA ASP K 184 -67.67 26.10 21.99
C ASP K 184 -66.19 26.25 21.63
N ASP K 185 -65.31 26.08 22.62
CA ASP K 185 -63.85 26.17 22.43
C ASP K 185 -63.32 24.87 21.80
N VAL K 186 -64.11 23.79 21.83
CA VAL K 186 -63.73 22.54 21.16
C VAL K 186 -63.65 22.80 19.66
N ASP K 187 -62.57 22.30 19.05
CA ASP K 187 -62.39 22.31 17.61
C ASP K 187 -62.21 20.86 17.14
N LEU K 188 -63.18 20.35 16.37
CA LEU K 188 -63.12 18.99 15.84
C LEU K 188 -62.03 18.89 14.75
N GLU K 189 -62.00 19.88 13.85
CA GLU K 189 -61.08 19.88 12.71
C GLU K 189 -59.62 19.89 13.19
N GLN K 190 -59.33 20.75 14.17
CA GLN K 190 -58.04 20.78 14.85
C GLN K 190 -57.61 19.33 15.16
N VAL K 191 -58.45 18.64 15.95
CA VAL K 191 -58.17 17.29 16.46
C VAL K 191 -58.02 16.34 15.26
N ALA K 192 -58.92 16.46 14.27
CA ALA K 192 -58.87 15.63 13.05
C ALA K 192 -57.50 15.76 12.38
N ASN K 193 -57.00 17.00 12.30
CA ASN K 193 -55.70 17.29 11.72
C ASN K 193 -54.59 16.73 12.63
N GLU K 194 -54.78 16.82 13.95
CA GLU K 194 -53.75 16.36 14.92
C GLU K 194 -53.73 14.83 15.06
N THR K 195 -54.76 14.13 14.55
CA THR K 195 -54.92 12.68 14.81
C THR K 195 -54.33 11.85 13.67
N HIS K 196 -53.02 11.95 13.47
CA HIS K 196 -52.34 11.07 12.52
C HIS K 196 -52.25 9.66 13.12
N GLY K 197 -52.42 8.67 12.24
CA GLY K 197 -52.34 7.26 12.61
C GLY K 197 -53.57 6.76 13.36
N HIS K 198 -54.56 7.64 13.57
CA HIS K 198 -55.79 7.23 14.21
C HIS K 198 -56.69 6.57 13.16
N VAL K 199 -57.51 5.62 13.61
CA VAL K 199 -58.61 5.05 12.84
C VAL K 199 -59.93 5.19 13.63
N GLY K 200 -61.04 4.83 12.98
CA GLY K 200 -62.39 4.91 13.57
C GLY K 200 -62.40 4.56 15.05
N ALA K 201 -61.76 3.43 15.38
CA ALA K 201 -61.65 2.92 16.73
C ALA K 201 -60.89 3.90 17.63
N ASP K 202 -59.67 4.27 17.21
CA ASP K 202 -58.81 5.16 18.01
C ASP K 202 -59.51 6.49 18.26
N LEU K 203 -60.26 6.96 17.25
CA LEU K 203 -61.00 8.20 17.35
C LEU K 203 -62.18 8.02 18.32
N ALA K 204 -62.90 6.90 18.17
CA ALA K 204 -63.95 6.55 19.12
C ALA K 204 -63.40 6.60 20.56
N ALA K 205 -62.30 5.87 20.78
CA ALA K 205 -61.62 5.77 22.07
C ALA K 205 -61.22 7.17 22.55
N LEU K 206 -60.68 7.97 21.64
CA LEU K 206 -60.29 9.35 21.93
C LEU K 206 -61.51 10.13 22.45
N CYS K 207 -62.58 10.18 21.66
CA CYS K 207 -63.82 10.81 22.08
C CYS K 207 -64.22 10.30 23.46
N SER K 208 -64.05 8.98 23.67
CA SER K 208 -64.43 8.33 24.91
C SER K 208 -63.63 8.86 26.10
N GLU K 209 -62.30 8.86 26.01
CA GLU K 209 -61.44 9.38 27.09
C GLU K 209 -61.71 10.89 27.29
N ALA K 210 -61.94 11.60 26.17
CA ALA K 210 -62.30 13.02 26.21
C ALA K 210 -63.56 13.20 27.06
N ALA K 211 -64.59 12.39 26.79
CA ALA K 211 -65.78 12.35 27.64
C ALA K 211 -65.35 12.08 29.08
N LEU K 212 -64.79 10.89 29.33
CA LEU K 212 -64.55 10.42 30.69
C LEU K 212 -63.79 11.48 31.51
N GLN K 213 -62.81 12.16 30.89
CA GLN K 213 -61.99 13.10 31.67
C GLN K 213 -62.73 14.44 31.88
N ALA K 214 -63.67 14.78 30.98
CA ALA K 214 -64.61 15.84 31.29
C ALA K 214 -65.45 15.41 32.50
N ILE K 215 -66.07 14.22 32.38
CA ILE K 215 -67.00 13.64 33.38
C ILE K 215 -66.29 13.48 34.73
N ARG K 216 -64.96 13.41 34.73
CA ARG K 216 -64.21 13.77 35.94
C ARG K 216 -64.44 15.27 36.17
N VAL K 239 -67.70 18.76 27.77
CA VAL K 239 -66.43 18.40 27.11
C VAL K 239 -65.79 19.67 26.56
N THR K 240 -64.61 20.00 27.11
CA THR K 240 -63.77 21.13 26.68
C THR K 240 -62.74 20.66 25.67
N MET K 241 -62.02 21.60 25.06
CA MET K 241 -60.91 21.30 24.16
C MET K 241 -59.78 20.62 24.94
N ASP K 242 -59.54 21.13 26.15
CA ASP K 242 -58.55 20.60 27.09
C ASP K 242 -58.67 19.09 27.19
N ASP K 243 -59.91 18.59 27.38
CA ASP K 243 -60.17 17.16 27.53
C ASP K 243 -59.76 16.42 26.25
N PHE K 244 -60.11 16.98 25.08
CA PHE K 244 -59.78 16.36 23.81
C PHE K 244 -58.26 16.29 23.65
N ARG K 245 -57.58 17.41 23.90
CA ARG K 245 -56.14 17.46 23.78
C ARG K 245 -55.47 16.51 24.78
N TRP K 246 -56.03 16.40 25.99
CA TRP K 246 -55.50 15.49 27.02
C TRP K 246 -55.66 14.03 26.56
N ALA K 247 -56.86 13.70 26.08
CA ALA K 247 -57.15 12.36 25.53
C ALA K 247 -56.20 12.07 24.35
N LEU K 248 -55.89 13.10 23.56
CA LEU K 248 -54.87 13.01 22.50
C LEU K 248 -53.49 12.70 23.11
N SER K 249 -53.14 13.42 24.18
CA SER K 249 -51.94 13.15 24.95
C SER K 249 -51.91 11.68 25.37
N GLN K 250 -53.07 11.13 25.74
CA GLN K 250 -53.12 9.74 26.23
C GLN K 250 -53.05 8.73 25.07
N SER K 251 -53.82 8.92 23.98
CA SER K 251 -54.11 7.81 23.02
C SER K 251 -52.83 7.30 22.33
N ASN K 252 -52.82 5.98 22.07
CA ASN K 252 -51.79 5.25 21.33
C ASN K 252 -52.40 4.64 20.08
N PRO K 253 -52.55 5.43 18.99
CA PRO K 253 -53.16 4.93 17.76
C PRO K 253 -52.52 3.65 17.23
N SER K 254 -53.30 2.87 16.46
CA SER K 254 -52.87 1.57 15.91
C SER K 254 -52.09 1.78 14.60
N ALA K 255 -52.53 2.73 13.77
CA ALA K 255 -52.04 2.82 12.40
C ALA K 255 -50.93 3.88 12.27
N LEU K 256 -50.19 4.14 13.35
CA LEU K 256 -48.94 4.89 13.26
C LEU K 256 -48.05 4.22 12.20
N ARG K 257 -48.04 2.88 12.23
CA ARG K 257 -47.08 2.04 11.52
C ARG K 257 -47.50 1.82 10.06
N GLU K 258 -48.74 2.17 9.70
CA GLU K 258 -49.28 1.90 8.37
C GLU K 258 -48.97 3.05 7.41
N THR K 259 -48.60 2.67 6.17
CA THR K 259 -48.16 3.61 5.12
C THR K 259 -49.34 4.45 4.65
N VAL K 260 -49.31 5.75 4.99
CA VAL K 260 -50.42 6.66 4.79
C VAL K 260 -50.45 7.06 3.31
N VAL K 261 -51.59 6.79 2.65
CA VAL K 261 -51.87 7.25 1.31
C VAL K 261 -52.95 8.33 1.40
N GLU K 262 -52.63 9.53 0.91
CA GLU K 262 -53.61 10.60 0.74
C GLU K 262 -53.03 11.60 -0.25
N VAL K 263 -53.92 12.34 -0.92
CA VAL K 263 -53.51 13.48 -1.71
C VAL K 263 -53.06 14.55 -0.73
N PRO K 264 -51.83 15.10 -0.88
CA PRO K 264 -51.34 16.11 0.04
C PRO K 264 -51.94 17.46 -0.33
N GLN K 265 -52.01 18.36 0.65
CA GLN K 265 -52.59 19.68 0.46
C GLN K 265 -51.48 20.72 0.53
N VAL K 266 -50.43 20.51 -0.26
CA VAL K 266 -49.45 21.55 -0.52
C VAL K 266 -49.66 22.00 -1.98
N THR K 267 -50.03 23.27 -2.15
CA THR K 267 -50.25 23.85 -3.47
C THR K 267 -48.89 24.05 -4.15
N TRP K 268 -48.90 24.31 -5.46
CA TRP K 268 -47.67 24.75 -6.11
C TRP K 268 -47.29 26.14 -5.58
N GLU K 269 -48.29 27.00 -5.37
CA GLU K 269 -48.05 28.40 -4.99
C GLU K 269 -47.68 28.52 -3.51
N ASP K 270 -47.78 27.41 -2.75
CA ASP K 270 -47.14 27.30 -1.44
C ASP K 270 -45.62 27.25 -1.62
N ILE K 271 -45.18 26.55 -2.69
CA ILE K 271 -43.78 26.48 -3.11
C ILE K 271 -43.51 27.62 -4.11
N GLY K 272 -43.31 28.82 -3.56
CA GLY K 272 -42.88 29.96 -4.36
C GLY K 272 -41.55 29.66 -5.04
N GLY K 273 -41.40 30.18 -6.27
CA GLY K 273 -40.17 29.97 -7.06
C GLY K 273 -39.97 28.50 -7.42
N LEU K 274 -38.72 28.14 -7.70
CA LEU K 274 -38.40 26.81 -8.24
C LEU K 274 -39.39 26.50 -9.36
N GLU K 275 -39.25 27.24 -10.46
CA GLU K 275 -40.27 27.34 -11.51
C GLU K 275 -40.00 26.28 -12.59
N ASP K 276 -38.79 26.34 -13.14
CA ASP K 276 -38.30 25.37 -14.08
C ASP K 276 -38.71 23.96 -13.65
N VAL K 277 -38.52 23.63 -12.36
CA VAL K 277 -38.84 22.27 -11.85
C VAL K 277 -40.36 22.08 -11.87
N LYS K 278 -41.11 23.10 -11.46
CA LYS K 278 -42.58 23.11 -11.60
C LYS K 278 -42.94 22.66 -13.01
N ARG K 279 -42.45 23.41 -14.01
CA ARG K 279 -42.88 23.18 -15.40
C ARG K 279 -42.38 21.81 -15.90
N GLU K 280 -41.13 21.47 -15.57
CA GLU K 280 -40.60 20.15 -15.89
C GLU K 280 -41.53 19.07 -15.37
N LEU K 281 -41.74 19.06 -14.05
CA LEU K 281 -42.62 18.10 -13.36
C LEU K 281 -44.04 18.09 -13.99
N GLN K 282 -44.52 19.27 -14.37
CA GLN K 282 -45.82 19.37 -15.02
C GLN K 282 -45.75 18.60 -16.36
N GLU K 283 -44.70 18.84 -17.15
CA GLU K 283 -44.52 18.20 -18.49
C GLU K 283 -44.33 16.68 -18.32
N LEU K 284 -43.69 16.27 -17.21
CA LEU K 284 -43.40 14.86 -16.94
C LEU K 284 -44.69 14.14 -16.54
N VAL K 285 -45.38 14.70 -15.51
CA VAL K 285 -46.38 14.00 -14.64
C VAL K 285 -47.79 14.60 -14.76
N GLN K 286 -47.90 15.91 -15.00
CA GLN K 286 -49.19 16.60 -15.08
C GLN K 286 -49.82 16.45 -16.47
N TYR K 287 -49.06 16.75 -17.52
CA TYR K 287 -49.60 16.77 -18.89
C TYR K 287 -50.23 15.42 -19.25
N PRO K 288 -49.66 14.25 -18.89
CA PRO K 288 -50.25 12.97 -19.26
C PRO K 288 -51.45 12.47 -18.43
N VAL K 289 -51.71 13.08 -17.28
CA VAL K 289 -52.95 12.79 -16.58
C VAL K 289 -53.98 13.87 -16.91
N GLU K 290 -53.55 15.10 -17.21
CA GLU K 290 -54.47 16.25 -17.37
C GLU K 290 -54.84 16.50 -18.85
N HIS K 291 -54.00 16.06 -19.80
CA HIS K 291 -54.30 16.24 -21.22
C HIS K 291 -53.98 14.97 -21.99
N PRO K 292 -54.37 13.77 -21.50
CA PRO K 292 -53.91 12.51 -22.09
C PRO K 292 -54.17 12.43 -23.60
N ASP K 293 -55.33 13.00 -24.01
CA ASP K 293 -55.66 13.17 -25.42
C ASP K 293 -54.42 13.50 -26.24
N LYS K 294 -53.65 14.49 -25.79
CA LYS K 294 -52.40 14.88 -26.43
C LYS K 294 -51.40 13.71 -26.50
N PHE K 295 -51.06 13.12 -25.35
CA PHE K 295 -50.01 12.06 -25.31
C PHE K 295 -50.41 10.91 -26.24
N LEU K 296 -51.70 10.57 -26.19
CA LEU K 296 -52.31 9.59 -27.07
C LEU K 296 -52.14 10.06 -28.53
N LYS K 297 -52.33 11.37 -28.76
CA LYS K 297 -52.35 11.98 -30.11
C LYS K 297 -50.97 11.97 -30.76
N PHE K 298 -49.99 12.59 -30.10
CA PHE K 298 -48.61 12.58 -30.58
C PHE K 298 -48.03 11.16 -30.51
N GLY K 299 -48.55 10.34 -29.60
CA GLY K 299 -48.26 8.91 -29.57
C GLY K 299 -47.19 8.55 -28.54
N MET K 300 -46.21 9.43 -28.34
CA MET K 300 -45.20 9.24 -27.33
C MET K 300 -45.90 9.02 -25.97
N THR K 301 -45.29 8.13 -25.17
CA THR K 301 -45.83 7.64 -23.89
C THR K 301 -44.97 8.20 -22.76
N PRO K 302 -45.50 8.38 -21.53
CA PRO K 302 -44.95 9.35 -20.59
C PRO K 302 -43.68 8.83 -19.90
N SER K 303 -43.02 9.68 -19.11
CA SER K 303 -41.92 9.21 -18.27
C SER K 303 -42.49 8.23 -17.24
N LYS K 304 -41.77 7.14 -16.97
CA LYS K 304 -42.16 6.26 -15.87
C LYS K 304 -42.01 7.02 -14.55
N GLY K 305 -40.86 7.70 -14.40
CA GLY K 305 -40.58 8.47 -13.21
C GLY K 305 -39.34 9.34 -13.31
N VAL K 306 -38.96 9.85 -12.13
CA VAL K 306 -38.17 11.04 -11.95
C VAL K 306 -37.04 10.71 -10.99
N LEU K 307 -36.05 11.61 -10.89
CA LEU K 307 -35.14 11.57 -9.77
C LEU K 307 -34.81 12.98 -9.31
N PHE K 308 -35.17 13.23 -8.05
CA PHE K 308 -34.82 14.46 -7.35
C PHE K 308 -33.46 14.27 -6.67
N TYR K 309 -32.47 15.02 -7.14
CA TYR K 309 -31.21 15.10 -6.46
C TYR K 309 -30.89 16.55 -6.20
N GLY K 310 -29.97 16.76 -5.26
CA GLY K 310 -29.47 18.07 -4.90
C GLY K 310 -29.06 18.11 -3.43
N PRO K 311 -29.03 19.30 -2.80
CA PRO K 311 -28.54 19.42 -1.43
C PRO K 311 -29.63 19.03 -0.46
N PRO K 312 -29.26 18.53 0.75
CA PRO K 312 -30.20 17.92 1.70
C PRO K 312 -31.21 18.90 2.32
N GLY K 313 -30.86 20.18 2.33
CA GLY K 313 -31.75 21.23 2.81
C GLY K 313 -32.65 21.76 1.70
N CYS K 314 -33.74 21.04 1.48
CA CYS K 314 -34.77 21.44 0.53
C CYS K 314 -36.01 20.53 0.71
N GLY K 315 -37.08 20.88 0.01
CA GLY K 315 -38.33 20.19 0.11
C GLY K 315 -38.53 19.28 -1.09
N LYS K 316 -37.61 18.34 -1.25
CA LYS K 316 -37.72 17.36 -2.32
C LYS K 316 -39.05 16.61 -2.15
N THR K 317 -39.38 16.25 -0.91
CA THR K 317 -40.67 15.72 -0.49
C THR K 317 -41.81 16.62 -0.94
N LEU K 318 -41.68 17.90 -0.62
CA LEU K 318 -42.74 18.86 -0.75
C LEU K 318 -43.03 19.12 -2.23
N LEU K 319 -41.99 19.09 -3.09
CA LEU K 319 -42.20 19.25 -4.54
C LEU K 319 -43.04 18.09 -5.06
N ALA K 320 -42.59 16.89 -4.68
CA ALA K 320 -43.26 15.67 -5.05
C ALA K 320 -44.72 15.71 -4.59
N LYS K 321 -44.94 16.14 -3.34
CA LYS K 321 -46.28 16.36 -2.85
C LYS K 321 -46.99 17.33 -3.78
N ALA K 322 -46.37 18.50 -4.01
CA ALA K 322 -46.95 19.63 -4.74
C ALA K 322 -47.41 19.23 -6.14
N ILE K 323 -46.64 18.36 -6.82
CA ILE K 323 -47.06 17.87 -8.14
C ILE K 323 -48.25 16.89 -8.01
N ALA K 324 -48.27 16.08 -6.94
CA ALA K 324 -49.42 15.20 -6.69
C ALA K 324 -50.70 16.01 -6.42
N ASN K 325 -50.56 17.00 -5.52
CA ASN K 325 -51.59 17.98 -5.20
C ASN K 325 -52.06 18.68 -6.48
N GLU K 326 -51.10 19.15 -7.30
CA GLU K 326 -51.38 19.78 -8.60
C GLU K 326 -52.13 18.81 -9.54
N CYS K 327 -51.82 17.52 -9.50
CA CYS K 327 -52.52 16.55 -10.37
C CYS K 327 -53.71 15.88 -9.65
N GLN K 328 -54.05 16.38 -8.45
CA GLN K 328 -55.00 15.72 -7.51
C GLN K 328 -54.87 14.19 -7.59
N ALA K 329 -53.63 13.73 -7.40
CA ALA K 329 -53.27 12.32 -7.30
C ALA K 329 -52.76 12.04 -5.89
N ASN K 330 -52.73 10.75 -5.52
CA ASN K 330 -52.30 10.34 -4.20
C ASN K 330 -50.77 10.47 -4.07
N PHE K 331 -50.28 10.20 -2.86
CA PHE K 331 -48.89 10.35 -2.52
C PHE K 331 -48.50 9.24 -1.55
N ILE K 332 -47.30 8.66 -1.71
CA ILE K 332 -46.80 7.68 -0.75
C ILE K 332 -45.30 7.89 -0.52
N SER K 333 -44.93 8.22 0.73
CA SER K 333 -43.53 8.38 1.14
C SER K 333 -42.99 7.04 1.67
N ILE K 334 -41.96 6.51 1.01
CA ILE K 334 -41.10 5.54 1.64
C ILE K 334 -39.87 6.30 2.14
N LYS K 335 -39.91 6.67 3.42
CA LYS K 335 -38.72 7.04 4.18
C LYS K 335 -37.69 5.92 3.95
N GLY K 336 -36.41 6.29 3.83
CA GLY K 336 -35.30 5.33 3.62
C GLY K 336 -35.15 4.31 4.74
N PRO K 337 -35.36 4.65 6.03
CA PRO K 337 -35.44 3.66 7.11
C PRO K 337 -36.41 2.48 6.91
N GLU K 338 -37.43 2.66 6.07
CA GLU K 338 -38.21 1.57 5.52
C GLU K 338 -37.31 0.71 4.62
N LEU K 339 -36.63 1.37 3.70
CA LEU K 339 -35.70 0.69 2.79
C LEU K 339 -34.66 -0.07 3.64
N LEU K 340 -33.98 0.63 4.55
CA LEU K 340 -32.92 0.02 5.37
C LEU K 340 -33.49 -1.19 6.10
N THR K 341 -34.66 -1.02 6.74
CA THR K 341 -35.32 -2.12 7.43
C THR K 341 -35.49 -3.32 6.49
N MET K 342 -35.84 -3.07 5.22
CA MET K 342 -36.02 -4.14 4.26
C MET K 342 -34.66 -4.78 3.95
N TRP K 343 -33.65 -3.97 3.60
CA TRP K 343 -32.35 -4.55 3.21
C TRP K 343 -31.82 -5.39 4.38
N PHE K 344 -31.59 -4.73 5.52
CA PHE K 344 -30.97 -5.37 6.68
C PHE K 344 -31.77 -6.62 7.13
N GLY K 345 -33.08 -6.67 6.84
CA GLY K 345 -33.94 -7.85 7.15
C GLY K 345 -34.09 -8.81 6.00
N GLU K 346 -33.75 -8.34 4.79
CA GLU K 346 -33.92 -9.03 3.52
C GLU K 346 -35.40 -9.38 3.37
N SER K 347 -36.24 -8.35 3.49
CA SER K 347 -37.65 -8.43 3.18
C SER K 347 -37.90 -7.55 1.96
N GLU K 348 -37.28 -7.93 0.84
CA GLU K 348 -37.48 -7.26 -0.44
C GLU K 348 -38.89 -7.57 -0.95
N ALA K 349 -39.41 -8.74 -0.58
CA ALA K 349 -40.81 -9.08 -0.79
C ALA K 349 -41.64 -7.79 -0.77
N ASN K 350 -41.57 -7.06 0.34
CA ASN K 350 -42.48 -5.96 0.68
C ASN K 350 -42.46 -4.84 -0.36
N VAL K 351 -41.45 -4.78 -1.24
CA VAL K 351 -41.47 -3.81 -2.32
C VAL K 351 -42.71 -4.11 -3.17
N ARG K 352 -42.85 -5.37 -3.57
CA ARG K 352 -43.98 -5.87 -4.35
C ARG K 352 -45.30 -5.36 -3.75
N GLU K 353 -45.39 -5.49 -2.43
CA GLU K 353 -46.54 -5.07 -1.63
C GLU K 353 -46.72 -3.54 -1.74
N ILE K 354 -45.62 -2.79 -1.62
CA ILE K 354 -45.65 -1.32 -1.77
C ILE K 354 -46.24 -0.97 -3.13
N PHE K 355 -45.63 -1.50 -4.20
CA PHE K 355 -46.10 -1.17 -5.53
C PHE K 355 -47.54 -1.61 -5.73
N ASP K 356 -47.90 -2.79 -5.21
CA ASP K 356 -49.31 -3.19 -5.25
C ASP K 356 -50.15 -2.08 -4.59
N LYS K 357 -49.72 -1.62 -3.42
CA LYS K 357 -50.46 -0.59 -2.65
C LYS K 357 -50.55 0.73 -3.43
N ALA K 358 -49.51 1.09 -4.18
CA ALA K 358 -49.57 2.30 -5.01
C ALA K 358 -50.53 2.07 -6.17
N ARG K 359 -50.27 0.99 -6.91
CA ARG K 359 -51.05 0.54 -8.07
C ARG K 359 -52.53 0.59 -7.73
N GLN K 360 -52.90 0.02 -6.58
CA GLN K 360 -54.29 -0.05 -6.15
C GLN K 360 -54.81 1.36 -5.85
N ALA K 361 -53.96 2.22 -5.29
CA ALA K 361 -54.36 3.57 -4.94
C ALA K 361 -54.00 4.56 -6.07
N ALA K 362 -54.05 4.10 -7.33
CA ALA K 362 -53.80 4.98 -8.49
C ALA K 362 -54.79 6.14 -8.47
N PRO K 363 -54.59 7.14 -9.35
CA PRO K 363 -53.25 7.67 -9.59
C PRO K 363 -52.58 8.29 -8.36
N CYS K 364 -51.25 8.27 -8.39
CA CYS K 364 -50.44 8.31 -7.18
C CYS K 364 -48.98 8.63 -7.53
N VAL K 365 -48.28 9.35 -6.64
CA VAL K 365 -46.82 9.39 -6.74
C VAL K 365 -46.23 8.57 -5.57
N LEU K 366 -45.49 7.54 -5.99
CA LEU K 366 -44.68 6.74 -5.14
C LEU K 366 -43.33 7.44 -5.02
N PHE K 367 -43.12 7.98 -3.83
CA PHE K 367 -41.98 8.78 -3.53
C PHE K 367 -41.04 7.98 -2.65
N PHE K 368 -39.88 7.64 -3.20
CA PHE K 368 -38.81 7.07 -2.43
C PHE K 368 -37.92 8.19 -1.92
N ASP K 369 -37.76 8.24 -0.60
CA ASP K 369 -36.81 9.11 -0.03
C ASP K 369 -35.49 8.37 0.12
N GLU K 370 -34.39 9.12 0.01
CA GLU K 370 -33.08 8.55 0.23
C GLU K 370 -32.99 7.23 -0.56
N LEU K 371 -33.16 7.29 -1.88
CA LEU K 371 -33.11 6.04 -2.67
C LEU K 371 -31.69 5.44 -2.55
N ASP K 372 -30.73 6.30 -2.21
CA ASP K 372 -29.33 5.94 -2.06
C ASP K 372 -29.08 5.09 -0.80
N SER K 373 -30.06 4.91 0.10
CA SER K 373 -29.82 4.32 1.45
C SER K 373 -29.25 2.91 1.40
N ILE K 374 -29.93 2.04 0.65
CA ILE K 374 -29.51 0.67 0.53
C ILE K 374 -28.08 0.69 0.01
N ALA K 375 -27.92 1.20 -1.21
CA ALA K 375 -26.64 1.38 -1.84
C ALA K 375 -25.67 2.17 -0.93
N LYS K 376 -26.13 3.24 -0.28
CA LYS K 376 -25.22 4.06 0.54
C LYS K 376 -24.62 3.23 1.67
N ALA K 377 -25.51 2.61 2.44
CA ALA K 377 -25.17 2.23 3.80
C ALA K 377 -23.97 1.28 3.83
N ARG K 378 -23.81 0.43 2.82
CA ARG K 378 -22.57 -0.32 2.67
C ARG K 378 -21.39 0.66 2.75
N ALA K 388 -29.48 -8.90 0.21
CA ALA K 388 -30.29 -8.75 -0.98
C ALA K 388 -30.60 -7.26 -1.25
N ALA K 389 -29.57 -6.47 -1.56
CA ALA K 389 -29.54 -4.98 -1.39
C ALA K 389 -29.75 -4.25 -2.73
N ASP K 390 -28.71 -4.25 -3.58
CA ASP K 390 -28.94 -3.87 -4.93
C ASP K 390 -30.24 -4.60 -5.33
N ARG K 391 -30.56 -5.72 -4.64
CA ARG K 391 -31.85 -6.44 -4.80
C ARG K 391 -33.04 -5.63 -4.26
N VAL K 392 -32.98 -5.07 -3.05
CA VAL K 392 -34.07 -4.18 -2.64
C VAL K 392 -34.21 -3.06 -3.68
N ILE K 393 -33.12 -2.35 -3.99
CA ILE K 393 -33.19 -1.37 -5.09
C ILE K 393 -33.68 -2.10 -6.36
N ASN K 394 -33.24 -3.36 -6.57
CA ASN K 394 -33.53 -4.21 -7.77
C ASN K 394 -34.99 -4.67 -7.76
N GLN K 395 -35.56 -4.95 -6.58
CA GLN K 395 -36.95 -5.32 -6.59
C GLN K 395 -37.73 -4.12 -7.12
N ILE K 396 -37.37 -2.93 -6.64
CA ILE K 396 -37.93 -1.68 -7.16
C ILE K 396 -37.76 -1.65 -8.69
N LEU K 397 -36.63 -2.15 -9.20
CA LEU K 397 -36.44 -2.24 -10.66
C LEU K 397 -37.51 -3.18 -11.25
N THR K 398 -37.49 -4.46 -10.85
CA THR K 398 -38.36 -5.48 -11.41
C THR K 398 -39.80 -4.97 -11.35
N GLU K 399 -40.14 -4.22 -10.30
CA GLU K 399 -41.48 -3.69 -10.11
C GLU K 399 -41.78 -2.51 -11.05
N MET K 400 -40.80 -1.65 -11.28
CA MET K 400 -40.94 -0.56 -12.26
C MET K 400 -41.07 -1.16 -13.68
N ASP K 401 -40.27 -2.19 -13.97
CA ASP K 401 -40.32 -2.92 -15.23
C ASP K 401 -41.72 -3.54 -15.41
N GLY K 402 -42.18 -4.27 -14.38
CA GLY K 402 -43.42 -5.05 -14.43
C GLY K 402 -44.70 -4.20 -14.26
N MET K 403 -44.57 -3.00 -13.67
CA MET K 403 -45.72 -2.12 -13.52
C MET K 403 -46.19 -1.68 -14.90
N SER K 404 -47.51 -1.69 -15.10
CA SER K 404 -48.12 -1.26 -16.34
C SER K 404 -47.93 0.23 -16.55
N THR K 405 -47.38 0.58 -17.71
CA THR K 405 -47.13 1.96 -18.16
C THR K 405 -48.39 2.83 -17.99
N LYS K 406 -49.55 2.25 -18.26
CA LYS K 406 -50.79 2.98 -18.49
C LYS K 406 -51.36 3.46 -17.14
N LYS K 407 -51.48 2.55 -16.17
CA LYS K 407 -51.74 2.91 -14.79
C LYS K 407 -51.00 4.22 -14.49
N ASN K 408 -51.71 5.28 -14.12
CA ASN K 408 -51.04 6.56 -13.89
C ASN K 408 -50.53 6.60 -12.45
N VAL K 409 -49.35 6.00 -12.24
CA VAL K 409 -48.63 6.00 -10.97
C VAL K 409 -47.20 6.47 -11.25
N PHE K 410 -46.84 7.67 -10.79
CA PHE K 410 -45.48 8.19 -10.98
C PHE K 410 -44.61 7.82 -9.79
N ILE K 411 -43.30 7.98 -9.95
CA ILE K 411 -42.39 7.31 -9.05
C ILE K 411 -41.10 8.13 -8.91
N ILE K 412 -41.08 8.98 -7.87
CA ILE K 412 -40.05 9.98 -7.70
C ILE K 412 -39.02 9.46 -6.69
N GLY K 413 -37.75 9.55 -7.12
CA GLY K 413 -36.60 9.03 -6.42
C GLY K 413 -35.71 10.14 -5.89
N ALA K 414 -35.77 10.33 -4.57
CA ALA K 414 -35.01 11.40 -3.91
C ALA K 414 -33.60 10.92 -3.54
N THR K 415 -32.67 11.87 -3.52
CA THR K 415 -31.34 11.63 -2.99
C THR K 415 -30.65 12.96 -2.62
N ASN K 416 -29.34 12.85 -2.44
CA ASN K 416 -28.45 13.97 -2.49
C ASN K 416 -27.14 13.49 -3.14
N ARG K 417 -27.16 12.30 -3.73
CA ARG K 417 -25.96 11.64 -4.16
C ARG K 417 -26.26 10.90 -5.45
N PRO K 418 -26.52 11.60 -6.57
CA PRO K 418 -26.79 10.91 -7.84
C PRO K 418 -25.66 9.89 -8.05
N ASP K 419 -24.48 10.23 -7.48
CA ASP K 419 -23.23 9.49 -7.62
C ASP K 419 -23.33 8.06 -7.08
N ILE K 420 -24.31 7.76 -6.21
CA ILE K 420 -24.32 6.47 -5.51
C ILE K 420 -25.50 5.59 -5.96
N ILE K 421 -26.42 6.15 -6.73
CA ILE K 421 -27.57 5.41 -7.08
C ILE K 421 -27.17 4.41 -8.17
N ASP K 422 -27.52 3.14 -7.94
CA ASP K 422 -27.38 2.07 -8.95
C ASP K 422 -27.84 2.63 -10.30
N PRO K 423 -26.93 2.88 -11.27
CA PRO K 423 -27.28 3.71 -12.42
C PRO K 423 -28.30 3.02 -13.33
N ALA K 424 -28.50 1.72 -13.11
CA ALA K 424 -29.57 0.98 -13.75
C ALA K 424 -30.93 1.65 -13.49
N ILE K 425 -31.07 2.27 -12.31
CA ILE K 425 -32.26 3.02 -11.95
C ILE K 425 -32.44 4.24 -12.86
N LEU K 426 -31.31 4.78 -13.34
CA LEU K 426 -31.32 5.96 -14.18
C LEU K 426 -31.30 5.60 -15.67
N ARG K 427 -31.51 4.31 -15.97
CA ARG K 427 -31.71 3.77 -17.32
C ARG K 427 -33.09 4.21 -17.79
N PRO K 428 -33.29 4.56 -19.09
CA PRO K 428 -34.63 4.95 -19.54
C PRO K 428 -35.65 3.87 -19.22
N GLY K 429 -36.90 4.30 -19.00
CA GLY K 429 -38.02 3.41 -18.66
C GLY K 429 -38.05 3.09 -17.18
N ARG K 430 -37.24 3.83 -16.42
CA ARG K 430 -37.14 3.76 -14.98
C ARG K 430 -37.16 5.20 -14.48
N LEU K 431 -36.08 5.66 -13.84
CA LEU K 431 -35.96 7.03 -13.49
C LEU K 431 -35.22 7.70 -14.64
N ASP K 432 -35.97 7.87 -15.72
CA ASP K 432 -35.53 8.46 -16.92
C ASP K 432 -35.01 9.87 -16.58
N GLN K 433 -35.94 10.72 -16.14
CA GLN K 433 -35.69 12.13 -15.98
C GLN K 433 -34.95 12.38 -14.65
N LEU K 434 -33.80 13.05 -14.73
CA LEU K 434 -33.12 13.61 -13.58
C LEU K 434 -33.51 15.08 -13.43
N ILE K 435 -33.67 15.53 -12.18
CA ILE K 435 -33.94 16.93 -11.91
C ILE K 435 -33.07 17.37 -10.74
N TYR K 436 -32.26 18.42 -10.99
CA TYR K 436 -31.52 19.07 -9.92
C TYR K 436 -32.50 20.00 -9.19
N ILE K 437 -32.90 19.56 -7.99
CA ILE K 437 -33.68 20.36 -7.07
C ILE K 437 -32.66 21.11 -6.21
N PRO K 438 -32.36 22.37 -6.57
CA PRO K 438 -31.25 23.10 -5.98
C PRO K 438 -31.71 23.87 -4.74
N LEU K 439 -30.81 24.71 -4.24
CA LEU K 439 -31.09 25.54 -3.11
C LEU K 439 -32.23 26.50 -3.40
N PRO K 440 -33.00 26.87 -2.36
CA PRO K 440 -34.18 27.72 -2.54
C PRO K 440 -33.81 29.12 -3.05
N ASP K 441 -34.66 29.67 -3.92
CA ASP K 441 -34.61 31.06 -4.40
C ASP K 441 -35.25 31.98 -3.37
N GLU K 442 -35.13 33.28 -3.58
CA GLU K 442 -35.53 34.29 -2.61
C GLU K 442 -37.04 34.14 -2.36
N LYS K 443 -37.79 33.95 -3.46
CA LYS K 443 -39.23 33.76 -3.38
C LYS K 443 -39.50 32.54 -2.49
N SER K 444 -38.69 31.49 -2.71
CA SER K 444 -38.82 30.23 -2.01
C SER K 444 -38.32 30.35 -0.56
N ARG K 445 -37.23 31.11 -0.33
CA ARG K 445 -36.75 31.40 1.04
C ARG K 445 -37.90 32.04 1.82
N VAL K 446 -38.47 33.10 1.23
CA VAL K 446 -39.62 33.74 1.79
C VAL K 446 -40.69 32.69 2.07
N ALA K 447 -41.05 31.92 1.03
CA ALA K 447 -42.05 30.85 1.15
C ALA K 447 -41.78 30.00 2.40
N ILE K 448 -40.52 29.64 2.63
CA ILE K 448 -40.15 28.69 3.70
C ILE K 448 -40.15 29.39 5.05
N LEU K 449 -39.69 30.64 5.11
CA LEU K 449 -39.86 31.41 6.34
C LEU K 449 -41.35 31.40 6.68
N LYS K 450 -42.17 31.73 5.67
CA LYS K 450 -43.63 31.76 5.81
C LYS K 450 -44.15 30.42 6.34
N ALA K 451 -43.72 29.32 5.72
CA ALA K 451 -44.16 28.00 6.12
C ALA K 451 -43.74 27.71 7.57
N ASN K 452 -42.48 28.01 7.90
CA ASN K 452 -41.89 27.74 9.23
C ASN K 452 -42.55 28.61 10.31
N LEU K 453 -43.10 29.76 9.90
CA LEU K 453 -43.73 30.68 10.83
C LEU K 453 -45.25 30.72 10.65
N ARG K 454 -45.83 29.79 9.88
CA ARG K 454 -47.25 29.87 9.48
C ARG K 454 -48.11 30.21 10.69
N LYS K 455 -48.22 29.27 11.64
CA LYS K 455 -48.91 29.54 12.89
C LYS K 455 -47.88 30.07 13.88
N SER K 456 -47.83 31.40 13.99
CA SER K 456 -46.95 32.09 14.93
C SER K 456 -47.30 33.57 15.00
N PRO K 457 -46.95 34.24 16.12
CA PRO K 457 -47.06 35.69 16.24
C PRO K 457 -45.83 36.44 15.69
N VAL K 458 -46.04 37.20 14.63
CA VAL K 458 -44.98 37.79 13.81
C VAL K 458 -45.32 39.24 13.48
N ALA K 459 -44.76 40.20 14.22
CA ALA K 459 -45.09 41.63 13.98
C ALA K 459 -44.49 42.09 12.65
N LYS K 460 -45.14 43.06 12.01
CA LYS K 460 -44.88 43.37 10.62
C LYS K 460 -43.47 43.95 10.42
N ASP K 461 -42.79 44.35 11.51
CA ASP K 461 -41.40 44.81 11.44
C ASP K 461 -40.44 43.61 11.39
N VAL K 462 -40.98 42.40 11.15
CA VAL K 462 -40.20 41.31 10.56
C VAL K 462 -40.46 41.32 9.06
N ASP K 463 -39.64 42.08 8.33
CA ASP K 463 -39.56 41.95 6.88
C ASP K 463 -38.78 40.68 6.60
N LEU K 464 -39.26 39.92 5.61
CA LEU K 464 -38.77 38.59 5.35
C LEU K 464 -37.80 38.59 4.16
N GLU K 465 -37.62 39.77 3.57
CA GLU K 465 -36.76 39.89 2.42
C GLU K 465 -35.38 40.39 2.85
N PHE K 466 -35.33 41.28 3.86
CA PHE K 466 -34.13 41.44 4.71
C PHE K 466 -33.55 40.04 4.97
N LEU K 467 -34.43 39.07 5.30
CA LEU K 467 -34.09 37.63 5.59
C LEU K 467 -33.79 36.85 4.30
N ALA K 468 -34.48 37.17 3.20
CA ALA K 468 -34.18 36.59 1.89
C ALA K 468 -32.74 36.88 1.46
N LYS K 469 -32.34 38.15 1.52
CA LYS K 469 -31.06 38.59 1.03
C LYS K 469 -29.91 38.03 1.87
N MET K 470 -30.06 38.10 3.19
CA MET K 470 -29.01 37.71 4.09
C MET K 470 -28.73 36.21 3.95
N THR K 471 -29.73 35.44 3.51
CA THR K 471 -29.64 33.99 3.55
C THR K 471 -29.41 33.43 2.14
N ASN K 472 -28.63 34.12 1.32
CA ASN K 472 -28.17 33.57 0.07
C ASN K 472 -27.21 32.40 0.36
N GLY K 473 -27.46 31.24 -0.26
CA GLY K 473 -26.64 30.02 -0.11
C GLY K 473 -27.12 29.11 1.03
N PHE K 474 -28.23 29.51 1.65
CA PHE K 474 -28.81 28.79 2.75
C PHE K 474 -29.77 27.74 2.22
N SER K 475 -29.78 26.62 2.94
CA SER K 475 -30.76 25.60 2.77
C SER K 475 -31.99 25.94 3.62
N GLY K 476 -33.16 25.43 3.21
CA GLY K 476 -34.35 25.44 4.01
C GLY K 476 -34.01 25.22 5.48
N ALA K 477 -33.23 24.18 5.75
CA ALA K 477 -32.88 23.76 7.11
C ALA K 477 -32.39 24.95 7.95
N ASP K 478 -31.60 25.83 7.34
CA ASP K 478 -31.01 26.96 8.06
C ASP K 478 -32.08 28.01 8.32
N LEU K 479 -32.98 28.22 7.37
CA LEU K 479 -34.05 29.17 7.55
C LEU K 479 -34.87 28.67 8.74
N THR K 480 -35.16 27.38 8.68
CA THR K 480 -35.88 26.66 9.67
C THR K 480 -35.23 26.87 11.04
N GLU K 481 -33.95 26.52 11.17
CA GLU K 481 -33.31 26.60 12.49
C GLU K 481 -33.22 28.09 12.90
N ILE K 482 -33.11 29.04 11.95
CA ILE K 482 -33.23 30.48 12.31
C ILE K 482 -34.58 30.69 13.02
N CYS K 483 -35.66 30.35 12.31
CA CYS K 483 -37.03 30.52 12.83
C CYS K 483 -37.18 29.86 14.20
N GLN K 484 -36.71 28.61 14.32
CA GLN K 484 -36.85 27.86 15.57
C GLN K 484 -36.06 28.55 16.68
N ARG K 485 -34.80 28.97 16.39
CA ARG K 485 -33.98 29.65 17.40
C ARG K 485 -34.72 30.91 17.85
N ALA K 486 -35.18 31.70 16.88
CA ALA K 486 -36.00 32.88 17.20
C ALA K 486 -37.12 32.47 18.17
N CYS K 487 -37.95 31.51 17.72
CA CYS K 487 -39.13 31.11 18.49
C CYS K 487 -38.74 30.70 19.91
N LYS K 488 -37.61 29.99 20.05
CA LYS K 488 -37.16 29.57 21.38
C LYS K 488 -36.69 30.78 22.20
N LEU K 489 -36.04 31.77 21.55
CA LEU K 489 -35.68 33.05 22.24
C LEU K 489 -36.97 33.71 22.75
N ALA K 490 -37.99 33.71 21.90
CA ALA K 490 -39.30 34.29 22.25
C ALA K 490 -39.94 33.55 23.43
N ILE K 491 -40.07 32.23 23.33
CA ILE K 491 -40.62 31.44 24.44
C ILE K 491 -39.82 31.71 25.72
N ARG K 492 -38.49 31.58 25.62
CA ARG K 492 -37.57 31.84 26.75
C ARG K 492 -37.92 33.20 27.39
N GLU K 493 -37.78 34.28 26.61
CA GLU K 493 -38.06 35.64 27.11
C GLU K 493 -39.44 35.67 27.77
N SER K 494 -40.42 35.06 27.09
CA SER K 494 -41.81 35.03 27.55
C SER K 494 -41.93 34.39 28.94
N ILE K 495 -41.61 33.10 29.06
CA ILE K 495 -41.88 32.41 30.34
C ILE K 495 -40.89 32.86 31.42
N GLU K 496 -39.67 33.29 31.02
CA GLU K 496 -38.71 33.85 31.99
C GLU K 496 -39.31 35.12 32.60
N SER K 497 -39.86 35.98 31.74
CA SER K 497 -40.54 37.20 32.16
C SER K 497 -41.80 36.86 32.99
N GLU K 498 -42.57 35.85 32.58
CA GLU K 498 -43.77 35.45 33.34
C GLU K 498 -43.39 34.97 34.75
N ILE K 499 -42.35 34.12 34.85
CA ILE K 499 -41.87 33.61 36.17
C ILE K 499 -41.30 34.80 37.00
N ARG K 500 -40.55 35.69 36.33
CA ARG K 500 -40.08 36.94 36.95
C ARG K 500 -41.27 37.76 37.49
N ARG K 501 -42.40 37.76 36.76
CA ARG K 501 -43.63 38.45 37.18
C ARG K 501 -44.35 37.69 38.30
N GLU K 502 -44.25 36.35 38.34
CA GLU K 502 -44.71 35.57 39.53
C GLU K 502 -43.89 35.98 40.77
N ARG K 503 -42.56 35.98 40.61
CA ARG K 503 -41.65 36.34 41.74
C ARG K 503 -41.79 37.81 42.15
N GLU K 504 -42.07 38.71 41.19
CA GLU K 504 -42.30 40.14 41.51
C GLU K 504 -43.76 40.40 41.93
N ARG K 505 -44.67 39.46 41.67
CA ARG K 505 -46.04 39.49 42.21
C ARG K 505 -46.08 38.85 43.61
N GLN K 506 -45.08 38.03 43.97
CA GLN K 506 -44.94 37.60 45.39
C GLN K 506 -43.86 38.44 46.11
N THR K 507 -44.03 39.78 46.10
CA THR K 507 -43.11 40.69 46.81
C THR K 507 -43.11 40.34 48.31
N GLU K 522 -45.56 38.60 21.12
CA GLU K 522 -45.26 38.31 19.69
C GLU K 522 -43.75 38.33 19.36
N ILE K 523 -43.38 37.90 18.14
CA ILE K 523 -41.95 37.70 17.71
C ILE K 523 -41.53 38.78 16.69
N ARG K 524 -40.34 39.40 16.89
CA ARG K 524 -39.88 40.66 16.17
C ARG K 524 -38.38 40.63 15.86
N ARG K 525 -37.93 41.32 14.78
CA ARG K 525 -36.57 41.07 14.12
C ARG K 525 -35.42 41.28 15.12
N ASP K 526 -35.74 41.77 16.33
CA ASP K 526 -34.80 41.71 17.46
C ASP K 526 -34.38 40.25 17.67
N HIS K 527 -35.35 39.44 18.09
CA HIS K 527 -35.31 37.98 18.15
C HIS K 527 -34.59 37.35 16.96
N PHE K 528 -34.96 37.76 15.75
CA PHE K 528 -34.46 37.13 14.52
C PHE K 528 -32.98 37.47 14.31
N GLU K 529 -32.60 38.77 14.26
CA GLU K 529 -31.15 39.07 14.05
C GLU K 529 -30.38 38.53 15.28
N GLU K 530 -31.04 38.43 16.44
CA GLU K 530 -30.47 37.65 17.55
C GLU K 530 -30.20 36.21 17.09
N ALA K 531 -31.21 35.57 16.48
CA ALA K 531 -31.14 34.15 16.11
C ALA K 531 -30.12 33.90 14.99
N MET K 532 -30.01 34.82 14.04
CA MET K 532 -29.09 34.68 12.94
C MET K 532 -27.64 34.88 13.42
N ARG K 533 -27.48 35.56 14.57
CA ARG K 533 -26.15 35.81 15.17
C ARG K 533 -25.55 34.52 15.74
N PHE K 534 -26.22 33.38 15.55
CA PHE K 534 -25.55 32.08 15.43
C PHE K 534 -26.48 31.18 14.60
N ALA K 535 -26.28 31.19 13.26
CA ALA K 535 -27.07 30.37 12.30
C ALA K 535 -26.25 30.15 11.02
N ARG K 536 -26.21 28.89 10.56
CA ARG K 536 -25.23 28.41 9.59
C ARG K 536 -25.63 28.81 8.16
N ARG K 537 -24.77 28.43 7.21
CA ARG K 537 -25.08 28.18 5.81
C ARG K 537 -24.82 26.68 5.59
N SER K 538 -25.89 25.88 5.45
CA SER K 538 -25.82 24.41 5.61
C SER K 538 -24.79 23.80 4.65
N VAL K 539 -24.93 24.16 3.39
CA VAL K 539 -24.27 23.46 2.34
C VAL K 539 -23.20 24.37 1.74
N SER K 540 -21.98 23.85 1.68
CA SER K 540 -20.79 24.61 1.31
C SER K 540 -20.66 24.65 -0.21
N ASP K 541 -19.98 25.69 -0.68
CA ASP K 541 -19.80 25.95 -2.08
C ASP K 541 -19.39 24.62 -2.74
N ASN K 542 -18.34 23.99 -2.19
CA ASN K 542 -17.82 22.68 -2.64
C ASN K 542 -18.96 21.80 -3.15
N ASP K 543 -19.94 21.60 -2.28
CA ASP K 543 -20.98 20.64 -2.50
C ASP K 543 -21.84 21.11 -3.68
N ILE K 544 -22.25 22.37 -3.63
CA ILE K 544 -23.18 22.84 -4.62
C ILE K 544 -22.48 22.75 -5.98
N ARG K 545 -21.21 23.16 -6.00
CA ARG K 545 -20.33 23.02 -7.18
C ARG K 545 -20.27 21.55 -7.61
N LYS K 546 -20.28 20.63 -6.63
CA LYS K 546 -20.28 19.19 -6.90
C LYS K 546 -21.59 18.80 -7.61
N TYR K 547 -22.73 19.31 -7.16
CA TYR K 547 -23.97 19.00 -7.89
C TYR K 547 -23.96 19.66 -9.27
N GLU K 548 -23.45 20.91 -9.34
CA GLU K 548 -23.30 21.60 -10.61
C GLU K 548 -22.54 20.66 -11.56
N MET K 549 -21.29 20.37 -11.22
CA MET K 549 -20.45 19.46 -11.98
C MET K 549 -21.27 18.21 -12.34
N PHE K 550 -21.80 17.55 -11.31
CA PHE K 550 -22.44 16.26 -11.50
C PHE K 550 -23.79 16.47 -12.18
N ALA K 551 -24.33 17.70 -12.19
CA ALA K 551 -25.54 18.06 -13.00
C ALA K 551 -25.19 18.15 -14.50
N GLN K 552 -24.13 18.90 -14.81
CA GLN K 552 -23.59 19.01 -16.16
C GLN K 552 -23.23 17.61 -16.68
N THR K 553 -22.29 16.93 -15.99
CA THR K 553 -21.67 15.69 -16.50
C THR K 553 -22.56 14.46 -16.20
N LEU K 554 -23.54 14.58 -15.29
CA LEU K 554 -24.65 13.61 -15.28
C LEU K 554 -25.33 13.71 -16.67
N GLN K 555 -25.49 14.94 -17.21
CA GLN K 555 -25.99 15.19 -18.61
C GLN K 555 -24.82 15.14 -19.60
N ARG L 2 -51.50 2.02 45.88
CA ARG L 2 -52.93 2.51 45.73
C ARG L 2 -53.06 3.33 44.44
N LYS L 3 -51.95 3.98 44.05
CA LYS L 3 -51.88 4.76 42.81
C LYS L 3 -52.32 3.91 41.63
N GLN L 4 -51.89 2.64 41.66
CA GLN L 4 -52.08 1.68 40.56
C GLN L 4 -53.58 1.40 40.41
N LEU L 5 -54.21 1.00 41.53
CA LEU L 5 -55.63 0.70 41.57
C LEU L 5 -56.42 1.85 40.90
N ALA L 6 -56.09 3.10 41.28
CA ALA L 6 -56.81 4.30 40.81
C ALA L 6 -57.14 4.21 39.31
N GLN L 7 -56.09 4.00 38.49
CA GLN L 7 -56.22 3.87 37.04
C GLN L 7 -57.26 2.80 36.69
N ILE L 8 -57.07 1.60 37.26
CA ILE L 8 -57.83 0.41 36.89
C ILE L 8 -59.30 0.60 37.31
N LYS L 9 -59.50 1.33 38.40
CA LYS L 9 -60.81 1.71 38.85
C LYS L 9 -61.41 2.78 37.92
N GLU L 10 -60.61 3.76 37.46
CA GLU L 10 -61.12 4.74 36.47
C GLU L 10 -61.52 4.00 35.18
N MET L 11 -60.80 2.94 34.83
CA MET L 11 -61.10 2.18 33.60
C MET L 11 -62.26 1.20 33.82
N VAL L 12 -62.47 0.72 35.06
CA VAL L 12 -63.47 -0.34 35.33
C VAL L 12 -64.77 0.25 35.91
N GLU L 13 -64.68 0.92 37.06
CA GLU L 13 -65.82 1.29 37.93
C GLU L 13 -66.91 2.04 37.17
N LEU L 14 -66.50 3.05 36.40
CA LEU L 14 -67.40 3.99 35.74
C LEU L 14 -68.22 3.29 34.65
N PRO L 15 -67.59 2.46 33.78
CA PRO L 15 -68.34 1.56 32.89
C PRO L 15 -68.81 0.17 33.37
N LEU L 16 -68.55 -0.17 34.64
CA LEU L 16 -69.19 -1.34 35.27
C LEU L 16 -70.44 -0.93 36.06
N ARG L 17 -70.39 0.22 36.75
CA ARG L 17 -71.39 0.59 37.76
C ARG L 17 -71.89 2.03 37.58
N HIS L 18 -71.53 2.66 36.45
CA HIS L 18 -72.04 3.95 35.95
C HIS L 18 -72.20 3.88 34.43
N PRO L 19 -72.54 2.69 33.88
CA PRO L 19 -72.54 2.41 32.43
C PRO L 19 -73.47 3.24 31.53
N ALA L 20 -74.64 3.63 32.02
CA ALA L 20 -75.66 4.27 31.19
C ALA L 20 -75.15 5.57 30.55
N LEU L 21 -74.27 6.29 31.26
CA LEU L 21 -73.80 7.61 30.81
C LEU L 21 -73.02 7.51 29.50
N PHE L 22 -72.17 6.48 29.38
CA PHE L 22 -71.33 6.30 28.19
C PHE L 22 -72.17 5.86 26.98
N LYS L 23 -73.09 4.93 27.24
CA LYS L 23 -73.94 4.33 26.22
C LYS L 23 -74.99 5.35 25.75
N ALA L 24 -75.28 6.33 26.61
CA ALA L 24 -76.11 7.48 26.24
C ALA L 24 -75.27 8.53 25.52
N ILE L 25 -74.12 8.90 26.09
CA ILE L 25 -73.23 9.96 25.53
C ILE L 25 -72.65 9.47 24.19
N GLY L 26 -72.82 8.18 23.88
CA GLY L 26 -72.56 7.65 22.55
C GLY L 26 -71.11 7.23 22.39
N VAL L 27 -70.61 6.49 23.38
CA VAL L 27 -69.25 5.95 23.36
C VAL L 27 -69.30 4.49 23.87
N LYS L 28 -68.12 3.87 24.01
CA LYS L 28 -67.99 2.51 24.48
C LYS L 28 -67.09 2.46 25.71
N PRO L 29 -67.49 1.78 26.80
CA PRO L 29 -66.54 1.22 27.77
C PRO L 29 -65.45 0.31 27.21
N PRO L 30 -64.28 0.17 27.87
CA PRO L 30 -63.33 -0.89 27.55
C PRO L 30 -63.90 -2.24 28.04
N ARG L 31 -63.76 -3.28 27.22
CA ARG L 31 -64.27 -4.60 27.51
C ARG L 31 -63.11 -5.58 27.72
N GLY L 32 -61.87 -5.10 27.56
CA GLY L 32 -60.69 -5.94 27.74
C GLY L 32 -59.53 -5.15 28.32
N ILE L 33 -59.44 -5.12 29.64
CA ILE L 33 -58.34 -4.49 30.33
C ILE L 33 -57.30 -5.58 30.62
N LEU L 34 -56.11 -5.41 30.04
CA LEU L 34 -55.03 -6.38 30.11
C LEU L 34 -53.93 -5.84 31.05
N LEU L 35 -53.76 -6.50 32.21
CA LEU L 35 -52.67 -6.21 33.12
C LEU L 35 -51.47 -7.05 32.72
N TYR L 36 -50.29 -6.43 32.60
CA TYR L 36 -49.11 -7.24 32.43
C TYR L 36 -47.95 -6.68 33.24
N GLY L 37 -46.90 -7.50 33.31
CA GLY L 37 -45.69 -7.20 34.05
C GLY L 37 -45.15 -8.46 34.71
N PRO L 38 -43.92 -8.41 35.27
CA PRO L 38 -43.24 -9.63 35.70
C PRO L 38 -44.02 -10.38 36.78
N PRO L 39 -43.72 -11.67 37.01
CA PRO L 39 -44.33 -12.43 38.10
C PRO L 39 -43.77 -11.97 39.46
N GLY L 40 -44.61 -12.03 40.49
CA GLY L 40 -44.29 -11.55 41.85
C GLY L 40 -44.97 -10.22 42.17
N THR L 41 -46.06 -9.96 41.46
CA THR L 41 -46.66 -8.65 41.40
C THR L 41 -48.11 -8.68 41.90
N GLY L 42 -48.69 -9.86 42.07
CA GLY L 42 -50.02 -10.04 42.72
C GLY L 42 -51.13 -9.38 41.91
N LYS L 43 -51.05 -9.59 40.59
CA LYS L 43 -52.04 -9.09 39.66
C LYS L 43 -53.40 -9.65 40.06
N THR L 44 -53.42 -10.91 40.51
CA THR L 44 -54.62 -11.57 40.95
C THR L 44 -55.23 -10.78 42.12
N LEU L 45 -54.49 -10.72 43.23
CA LEU L 45 -54.79 -9.82 44.38
C LEU L 45 -55.38 -8.50 43.86
N ILE L 46 -54.68 -7.83 42.93
CA ILE L 46 -55.13 -6.51 42.44
C ILE L 46 -56.52 -6.61 41.80
N ALA L 47 -56.74 -7.64 40.99
CA ALA L 47 -57.99 -7.80 40.24
C ALA L 47 -59.17 -7.95 41.22
N ARG L 48 -59.01 -8.86 42.18
CA ARG L 48 -60.01 -9.12 43.21
C ARG L 48 -60.20 -7.87 44.08
N ALA L 49 -59.10 -7.16 44.37
CA ALA L 49 -59.17 -5.86 45.03
C ALA L 49 -60.12 -4.94 44.25
N VAL L 50 -59.87 -4.76 42.94
CA VAL L 50 -60.70 -3.87 42.10
C VAL L 50 -62.15 -4.37 42.05
N ALA L 51 -62.35 -5.70 42.02
CA ALA L 51 -63.72 -6.31 41.98
C ALA L 51 -64.49 -6.07 43.29
N ASN L 52 -63.79 -6.23 44.43
CA ASN L 52 -64.35 -6.00 45.75
C ASN L 52 -64.63 -4.51 45.95
N GLU L 53 -63.70 -3.65 45.52
CA GLU L 53 -63.81 -2.21 45.77
C GLU L 53 -64.64 -1.51 44.70
N THR L 54 -64.97 -2.22 43.60
CA THR L 54 -66.03 -1.72 42.70
C THR L 54 -67.39 -2.29 43.14
N GLY L 55 -67.36 -3.53 43.65
CA GLY L 55 -68.56 -4.29 43.88
C GLY L 55 -68.99 -4.99 42.61
N ALA L 56 -68.33 -6.11 42.33
CA ALA L 56 -68.62 -6.91 41.15
C ALA L 56 -68.27 -8.38 41.39
N PHE L 57 -69.09 -9.26 40.80
CA PHE L 57 -68.79 -10.67 40.72
C PHE L 57 -67.40 -10.82 40.08
N PHE L 58 -66.64 -11.80 40.59
CA PHE L 58 -65.28 -12.06 40.15
C PHE L 58 -65.16 -13.52 39.72
N PHE L 59 -64.73 -13.77 38.47
CA PHE L 59 -64.50 -15.15 38.06
C PHE L 59 -63.05 -15.31 37.58
N LEU L 60 -62.28 -16.14 38.30
CA LEU L 60 -60.90 -16.48 37.95
C LEU L 60 -60.93 -17.56 36.85
N ILE L 61 -59.98 -17.43 35.90
CA ILE L 61 -59.67 -18.43 34.90
C ILE L 61 -58.17 -18.70 34.99
N ASN L 62 -57.78 -19.68 35.82
CA ASN L 62 -56.39 -20.10 35.94
C ASN L 62 -56.02 -20.79 34.61
N GLY L 63 -55.27 -20.08 33.74
CA GLY L 63 -54.90 -20.61 32.41
C GLY L 63 -54.51 -22.09 32.46
N PRO L 64 -53.45 -22.44 33.25
CA PRO L 64 -53.05 -23.83 33.45
C PRO L 64 -54.24 -24.79 33.65
N GLU L 65 -55.17 -24.40 34.53
CA GLU L 65 -56.37 -25.18 34.84
C GLU L 65 -57.18 -25.44 33.57
N ILE L 66 -57.32 -24.42 32.72
CA ILE L 66 -58.08 -24.54 31.47
C ILE L 66 -57.31 -25.45 30.52
N MET L 67 -55.99 -25.24 30.45
CA MET L 67 -55.18 -25.99 29.48
C MET L 67 -55.03 -27.46 29.90
N SER L 68 -55.24 -27.76 31.19
CA SER L 68 -55.04 -29.11 31.72
C SER L 68 -56.22 -30.03 31.39
N LYS L 69 -57.36 -29.46 30.99
CA LYS L 69 -58.56 -30.22 30.66
C LYS L 69 -58.37 -30.96 29.32
N LEU L 70 -59.18 -32.00 29.10
CA LEU L 70 -59.25 -32.70 27.83
C LEU L 70 -59.86 -31.75 26.79
N ALA L 71 -59.25 -31.71 25.61
CA ALA L 71 -59.67 -30.84 24.51
C ALA L 71 -61.19 -30.90 24.37
N GLY L 72 -61.85 -29.74 24.50
CA GLY L 72 -63.30 -29.67 24.53
C GLY L 72 -63.78 -29.14 25.88
N GLU L 73 -63.36 -29.81 26.96
CA GLU L 73 -63.80 -29.42 28.29
C GLU L 73 -63.12 -28.10 28.69
N SER L 74 -62.03 -27.76 28.01
CA SER L 74 -61.41 -26.44 28.10
C SER L 74 -62.40 -25.36 27.62
N GLU L 75 -62.81 -25.49 26.36
CA GLU L 75 -63.77 -24.56 25.70
C GLU L 75 -65.06 -24.54 26.52
N SER L 76 -65.49 -25.72 26.94
CA SER L 76 -66.59 -25.88 27.86
C SER L 76 -66.38 -24.97 29.06
N ASN L 77 -65.29 -25.19 29.80
CA ASN L 77 -64.97 -24.39 30.98
C ASN L 77 -65.04 -22.90 30.65
N LEU L 78 -64.50 -22.52 29.49
CA LEU L 78 -64.48 -21.10 29.09
C LEU L 78 -65.93 -20.58 28.93
N ARG L 79 -66.69 -21.22 28.03
CA ARG L 79 -68.10 -20.85 27.82
C ARG L 79 -68.79 -20.74 29.18
N LYS L 80 -68.66 -21.80 29.99
CA LYS L 80 -69.25 -21.90 31.32
C LYS L 80 -68.90 -20.64 32.12
N ALA L 81 -67.60 -20.37 32.27
CA ALA L 81 -67.11 -19.21 33.02
C ALA L 81 -67.80 -17.94 32.49
N PHE L 82 -67.77 -17.76 31.17
CA PHE L 82 -68.29 -16.53 30.55
C PHE L 82 -69.80 -16.36 30.77
N GLU L 83 -70.56 -17.47 30.72
CA GLU L 83 -72.01 -17.40 30.96
C GLU L 83 -72.26 -17.15 32.46
N GLU L 84 -71.48 -17.82 33.32
CA GLU L 84 -71.55 -17.69 34.79
C GLU L 84 -71.29 -16.24 35.19
N ALA L 85 -70.32 -15.59 34.55
CA ALA L 85 -70.07 -14.17 34.77
C ALA L 85 -71.23 -13.34 34.16
N GLU L 86 -71.50 -13.58 32.87
CA GLU L 86 -72.55 -12.86 32.12
C GLU L 86 -73.83 -12.79 32.97
N LYS L 87 -74.13 -13.86 33.69
CA LYS L 87 -75.36 -13.99 34.44
C LYS L 87 -75.34 -13.16 35.74
N ASN L 88 -74.18 -12.97 36.36
CA ASN L 88 -74.09 -12.41 37.73
C ASN L 88 -73.56 -10.96 37.73
N ALA L 89 -73.80 -10.23 36.64
CA ALA L 89 -73.03 -9.03 36.30
C ALA L 89 -73.60 -7.69 36.79
N PRO L 90 -72.87 -6.93 37.66
CA PRO L 90 -71.53 -6.45 37.28
C PRO L 90 -70.47 -7.55 37.49
N ALA L 91 -69.66 -7.83 36.46
CA ALA L 91 -68.76 -9.03 36.43
C ALA L 91 -67.36 -8.70 35.87
N ILE L 92 -66.34 -9.08 36.65
CA ILE L 92 -64.95 -9.15 36.20
C ILE L 92 -64.56 -10.62 36.01
N ILE L 93 -64.28 -10.98 34.76
CA ILE L 93 -63.63 -12.24 34.41
C ILE L 93 -62.12 -11.98 34.35
N PHE L 94 -61.37 -12.58 35.28
CA PHE L 94 -59.93 -12.38 35.35
C PHE L 94 -59.19 -13.64 34.88
N ILE L 95 -58.30 -13.47 33.89
CA ILE L 95 -57.57 -14.57 33.29
C ILE L 95 -56.12 -14.50 33.76
N ASP L 96 -55.79 -15.43 34.64
CA ASP L 96 -54.45 -15.60 35.19
C ASP L 96 -53.63 -16.47 34.24
N GLU L 97 -52.38 -16.04 33.99
CA GLU L 97 -51.53 -16.61 32.97
C GLU L 97 -52.35 -16.73 31.67
N LEU L 98 -52.60 -15.59 31.02
CA LEU L 98 -53.36 -15.59 29.75
C LEU L 98 -52.55 -16.32 28.68
N ASP L 99 -51.27 -15.95 28.59
CA ASP L 99 -50.28 -16.52 27.65
C ASP L 99 -50.39 -18.05 27.55
N ALA L 100 -50.84 -18.72 28.62
CA ALA L 100 -50.98 -20.18 28.64
C ALA L 100 -51.94 -20.64 27.55
N ILE L 101 -53.21 -20.24 27.66
CA ILE L 101 -54.25 -20.63 26.70
C ILE L 101 -53.98 -19.98 25.33
N ALA L 102 -53.52 -18.72 25.34
CA ALA L 102 -53.46 -17.87 24.13
C ALA L 102 -52.05 -17.35 23.88
N PRO L 103 -51.14 -18.17 23.32
CA PRO L 103 -49.73 -17.80 23.24
C PRO L 103 -49.42 -16.99 21.96
N LYS L 104 -48.14 -16.87 21.62
CA LYS L 104 -47.68 -16.51 20.24
C LYS L 104 -47.82 -17.74 19.34
N ARG L 105 -48.74 -17.67 18.36
CA ARG L 105 -49.60 -18.80 17.96
C ARG L 105 -49.02 -19.62 16.78
N GLU L 106 -47.71 -19.52 16.50
CA GLU L 106 -47.00 -20.55 15.70
C GLU L 106 -46.17 -21.45 16.63
N LYS L 107 -46.00 -21.00 17.89
CA LYS L 107 -45.55 -21.84 19.02
C LYS L 107 -46.79 -22.59 19.56
N THR L 108 -47.34 -23.44 18.70
CA THR L 108 -48.61 -24.12 18.90
C THR L 108 -48.64 -25.31 17.92
N HIS L 109 -47.88 -26.36 18.24
CA HIS L 109 -47.65 -27.48 17.31
C HIS L 109 -48.90 -28.38 17.26
N GLY L 110 -50.10 -27.81 17.02
CA GLY L 110 -51.38 -28.54 17.12
C GLY L 110 -52.59 -27.63 17.18
N GLU L 111 -53.74 -28.13 16.70
CA GLU L 111 -54.90 -27.32 16.30
C GLU L 111 -55.85 -27.06 17.49
N VAL L 112 -55.76 -27.91 18.51
CA VAL L 112 -56.64 -27.80 19.65
C VAL L 112 -56.48 -26.42 20.29
N GLU L 113 -55.21 -26.00 20.48
CA GLU L 113 -54.94 -24.69 21.09
C GLU L 113 -55.54 -23.58 20.21
N ARG L 114 -55.43 -23.69 18.88
CA ARG L 114 -55.99 -22.70 17.94
C ARG L 114 -57.52 -22.65 18.10
N ARG L 115 -58.13 -23.83 18.26
CA ARG L 115 -59.55 -23.86 18.61
C ARG L 115 -59.80 -23.13 19.95
N ILE L 116 -58.99 -23.43 20.98
CA ILE L 116 -59.20 -22.90 22.36
C ILE L 116 -59.12 -21.37 22.34
N VAL L 117 -58.11 -20.86 21.64
CA VAL L 117 -57.92 -19.43 21.46
C VAL L 117 -59.13 -18.90 20.67
N SER L 118 -59.43 -19.51 19.51
CA SER L 118 -60.58 -19.06 18.73
C SER L 118 -61.78 -18.87 19.67
N GLN L 119 -62.04 -19.89 20.50
CA GLN L 119 -63.14 -19.88 21.43
C GLN L 119 -63.07 -18.58 22.25
N LEU L 120 -61.92 -18.33 22.89
CA LEU L 120 -61.75 -17.16 23.73
C LEU L 120 -61.98 -15.87 22.91
N LEU L 121 -61.54 -15.85 21.64
CA LEU L 121 -61.81 -14.70 20.77
C LEU L 121 -63.32 -14.52 20.59
N THR L 122 -64.04 -15.62 20.30
CA THR L 122 -65.48 -15.54 20.04
C THR L 122 -66.22 -15.11 21.31
N LEU L 123 -65.78 -15.63 22.46
CA LEU L 123 -66.33 -15.26 23.76
C LEU L 123 -66.06 -13.77 24.02
N MET L 124 -64.81 -13.34 23.81
CA MET L 124 -64.41 -11.93 23.98
C MET L 124 -65.26 -11.02 23.07
N ASP L 125 -65.51 -11.45 21.83
CA ASP L 125 -66.37 -10.74 20.87
C ASP L 125 -67.81 -10.71 21.36
N GLY L 126 -68.25 -11.83 21.96
CA GLY L 126 -69.64 -12.08 22.37
C GLY L 126 -70.20 -11.08 23.38
N LEU L 127 -69.34 -10.51 24.24
CA LEU L 127 -69.80 -9.65 25.34
C LEU L 127 -70.43 -8.36 24.79
N LYS L 128 -71.33 -7.79 25.59
CA LYS L 128 -71.84 -6.44 25.41
C LYS L 128 -71.46 -5.61 26.62
N GLN L 129 -71.15 -4.32 26.41
CA GLN L 129 -71.11 -3.30 27.47
C GLN L 129 -72.48 -3.27 28.17
N ARG L 130 -73.49 -3.68 27.39
CA ARG L 130 -74.86 -3.97 27.81
C ARG L 130 -74.88 -5.01 28.95
N ALA L 131 -74.04 -6.05 28.84
CA ALA L 131 -74.06 -7.20 29.77
C ALA L 131 -73.31 -6.89 31.07
N HIS L 132 -72.67 -5.71 31.14
CA HIS L 132 -71.92 -5.22 32.32
C HIS L 132 -70.73 -6.12 32.64
N VAL L 133 -69.98 -6.55 31.63
CA VAL L 133 -68.89 -7.49 31.86
C VAL L 133 -67.57 -6.86 31.42
N ILE L 134 -66.56 -7.03 32.29
CA ILE L 134 -65.18 -6.65 32.06
C ILE L 134 -64.30 -7.89 32.18
N VAL L 135 -63.34 -8.02 31.27
CA VAL L 135 -62.36 -9.10 31.26
C VAL L 135 -60.99 -8.50 31.53
N MET L 136 -60.37 -8.92 32.64
CA MET L 136 -58.99 -8.61 32.93
C MET L 136 -58.15 -9.87 32.71
N ALA L 137 -56.84 -9.69 32.52
CA ALA L 137 -55.95 -10.75 32.11
C ALA L 137 -54.50 -10.42 32.48
N ALA L 138 -53.70 -11.48 32.64
CA ALA L 138 -52.35 -11.40 33.20
C ALA L 138 -51.33 -12.01 32.22
N THR L 139 -50.14 -11.40 32.21
CA THR L 139 -49.01 -11.93 31.51
C THR L 139 -47.75 -11.09 31.83
N ASN L 140 -46.61 -11.61 31.42
CA ASN L 140 -45.30 -11.02 31.73
C ASN L 140 -45.09 -9.79 30.84
N ARG L 141 -45.30 -10.01 29.53
CA ARG L 141 -45.24 -8.94 28.55
C ARG L 141 -46.28 -9.22 27.47
N PRO L 142 -46.83 -8.18 26.80
CA PRO L 142 -47.90 -8.38 25.82
C PRO L 142 -47.39 -9.01 24.52
N ASN L 143 -46.06 -9.07 24.38
CA ASN L 143 -45.39 -9.83 23.33
C ASN L 143 -45.78 -11.31 23.43
N SER L 144 -46.10 -11.77 24.65
CA SER L 144 -46.44 -13.17 24.98
C SER L 144 -47.75 -13.62 24.29
N ILE L 145 -48.76 -12.76 24.37
CA ILE L 145 -50.11 -13.04 23.92
C ILE L 145 -50.18 -13.02 22.39
N ASP L 146 -51.10 -13.81 21.83
CA ASP L 146 -51.48 -13.75 20.43
C ASP L 146 -52.03 -12.36 20.10
N PRO L 147 -51.39 -11.60 19.19
CA PRO L 147 -51.83 -10.24 18.82
C PRO L 147 -53.31 -10.06 18.46
N ALA L 148 -53.94 -11.10 17.93
CA ALA L 148 -55.37 -11.06 17.61
C ALA L 148 -56.24 -10.96 18.89
N LEU L 149 -55.60 -10.91 20.08
CA LEU L 149 -56.26 -10.54 21.35
C LEU L 149 -56.11 -9.05 21.64
N ARG L 150 -55.06 -8.42 21.11
CA ARG L 150 -54.90 -6.98 21.26
C ARG L 150 -55.56 -6.25 20.08
N ARG L 151 -56.51 -6.92 19.40
CA ARG L 151 -57.50 -6.24 18.55
C ARG L 151 -58.27 -5.24 19.42
N PHE L 152 -58.96 -4.32 18.76
CA PHE L 152 -59.79 -3.35 19.46
C PHE L 152 -60.97 -4.06 20.13
N GLY L 153 -61.51 -5.08 19.45
CA GLY L 153 -62.72 -5.80 19.90
C GLY L 153 -62.53 -6.53 21.22
N ARG L 154 -61.27 -6.75 21.60
CA ARG L 154 -60.92 -7.66 22.66
C ARG L 154 -60.16 -6.88 23.74
N PHE L 155 -58.85 -7.17 23.91
CA PHE L 155 -58.03 -6.53 24.95
C PHE L 155 -57.40 -5.24 24.41
N ASP L 156 -58.19 -4.15 24.42
CA ASP L 156 -57.79 -2.86 23.86
C ASP L 156 -56.90 -2.10 24.84
N ARG L 157 -57.30 -2.03 26.11
CA ARG L 157 -56.59 -1.26 27.14
C ARG L 157 -55.59 -2.15 27.86
N GLU L 158 -54.39 -1.61 28.10
CA GLU L 158 -53.24 -2.35 28.61
C GLU L 158 -52.61 -1.56 29.77
N VAL L 159 -52.35 -2.22 30.90
CA VAL L 159 -51.70 -1.58 32.04
C VAL L 159 -50.48 -2.40 32.50
N ASP L 160 -49.41 -1.64 32.78
CA ASP L 160 -48.13 -2.17 33.13
C ASP L 160 -47.96 -2.06 34.65
N ILE L 161 -47.82 -3.21 35.29
CA ILE L 161 -47.44 -3.24 36.66
C ILE L 161 -46.02 -3.77 36.73
N GLY L 162 -45.03 -2.87 36.64
CA GLY L 162 -43.63 -3.26 36.55
C GLY L 162 -43.02 -3.60 37.91
N ILE L 163 -41.70 -3.47 37.99
CA ILE L 163 -41.00 -3.39 39.26
C ILE L 163 -41.61 -2.27 40.09
N PRO L 164 -41.74 -2.45 41.42
CA PRO L 164 -41.98 -1.31 42.30
C PRO L 164 -40.68 -0.58 42.67
N ASP L 165 -40.78 0.73 42.91
CA ASP L 165 -39.66 1.55 43.34
C ASP L 165 -39.62 1.59 44.88
N ALA L 166 -38.60 2.29 45.40
CA ALA L 166 -38.32 2.42 46.82
C ALA L 166 -39.61 2.47 47.65
N THR L 167 -40.54 3.37 47.28
CA THR L 167 -41.75 3.61 48.05
C THR L 167 -42.64 2.36 48.06
N GLY L 168 -42.85 1.79 46.87
CA GLY L 168 -43.63 0.57 46.71
C GLY L 168 -43.03 -0.56 47.53
N ARG L 169 -41.71 -0.70 47.41
CA ARG L 169 -40.95 -1.72 48.11
C ARG L 169 -41.16 -1.53 49.63
N LEU L 170 -41.08 -0.27 50.07
CA LEU L 170 -41.26 0.11 51.46
C LEU L 170 -42.68 -0.28 51.92
N GLU L 171 -43.69 0.15 51.17
CA GLU L 171 -45.09 -0.21 51.42
C GLU L 171 -45.23 -1.73 51.59
N ILE L 172 -44.66 -2.47 50.63
CA ILE L 172 -44.76 -3.93 50.60
C ILE L 172 -44.10 -4.52 51.87
N LEU L 173 -42.90 -4.03 52.18
CA LEU L 173 -42.18 -4.48 53.37
C LEU L 173 -43.03 -4.22 54.62
N GLN L 174 -43.54 -2.98 54.75
CA GLN L 174 -44.42 -2.63 55.88
C GLN L 174 -45.60 -3.62 55.94
N ILE L 175 -46.22 -3.88 54.79
CA ILE L 175 -47.41 -4.74 54.68
C ILE L 175 -47.06 -6.18 55.09
N HIS L 176 -45.90 -6.71 54.69
CA HIS L 176 -45.51 -8.10 55.04
C HIS L 176 -44.93 -8.19 56.47
N THR L 177 -44.49 -7.05 57.03
CA THR L 177 -43.76 -7.01 58.32
C THR L 177 -44.53 -6.29 59.43
N LYS L 178 -45.78 -5.91 59.21
CA LYS L 178 -46.60 -5.37 60.31
C LYS L 178 -46.84 -6.48 61.35
N ASN L 179 -46.78 -7.75 60.91
CA ASN L 179 -47.07 -8.91 61.76
C ASN L 179 -45.79 -9.49 62.38
N MET L 180 -44.72 -8.71 62.50
CA MET L 180 -43.38 -9.28 62.75
C MET L 180 -42.74 -8.66 64.01
N LYS L 181 -41.84 -9.43 64.66
CA LYS L 181 -41.05 -9.03 65.86
C LYS L 181 -39.95 -8.05 65.45
N LEU L 182 -40.35 -6.93 64.82
CA LEU L 182 -39.42 -5.95 64.20
C LEU L 182 -38.63 -5.21 65.28
N ALA L 183 -37.29 -5.32 65.24
CA ALA L 183 -36.44 -4.60 66.21
C ALA L 183 -36.40 -3.11 65.88
N ASP L 184 -35.83 -2.33 66.80
CA ASP L 184 -35.76 -0.87 66.70
C ASP L 184 -34.62 -0.47 65.77
N ASP L 185 -33.59 -1.32 65.68
CA ASP L 185 -32.43 -1.09 64.79
C ASP L 185 -32.79 -1.46 63.35
N VAL L 186 -33.88 -2.20 63.14
CA VAL L 186 -34.37 -2.52 61.79
C VAL L 186 -34.77 -1.21 61.11
N ASP L 187 -34.33 -1.06 59.86
CA ASP L 187 -34.73 0.04 59.00
C ASP L 187 -35.37 -0.55 57.74
N LEU L 188 -36.69 -0.32 57.57
CA LEU L 188 -37.42 -0.82 56.40
C LEU L 188 -37.00 -0.03 55.17
N GLU L 189 -36.91 1.30 55.28
CA GLU L 189 -36.61 2.18 54.16
C GLU L 189 -35.23 1.86 53.58
N GLN L 190 -34.24 1.69 54.46
CA GLN L 190 -32.90 1.22 54.09
C GLN L 190 -33.05 0.05 53.10
N VAL L 191 -33.72 -1.01 53.57
CA VAL L 191 -33.88 -2.27 52.83
C VAL L 191 -34.62 -1.98 51.51
N ALA L 192 -35.68 -1.18 51.58
CA ALA L 192 -36.47 -0.79 50.41
C ALA L 192 -35.56 -0.16 49.35
N ASN L 193 -34.65 0.71 49.79
CA ASN L 193 -33.69 1.36 48.92
C ASN L 193 -32.67 0.33 48.40
N GLU L 194 -32.27 -0.62 49.26
CA GLU L 194 -31.26 -1.63 48.90
C GLU L 194 -31.84 -2.74 47.99
N THR L 195 -33.17 -2.82 47.88
CA THR L 195 -33.82 -3.96 47.20
C THR L 195 -34.13 -3.64 45.74
N HIS L 196 -33.10 -3.39 44.94
CA HIS L 196 -33.28 -3.23 43.51
C HIS L 196 -33.59 -4.59 42.88
N GLY L 197 -34.49 -4.59 41.90
CA GLY L 197 -34.89 -5.79 41.17
C GLY L 197 -35.81 -6.71 41.97
N HIS L 198 -36.16 -6.31 43.19
CA HIS L 198 -37.09 -7.08 43.97
C HIS L 198 -38.52 -6.72 43.54
N VAL L 199 -39.42 -7.70 43.65
CA VAL L 199 -40.87 -7.49 43.52
C VAL L 199 -41.57 -8.04 44.79
N GLY L 200 -42.89 -7.81 44.86
CA GLY L 200 -43.73 -8.22 45.99
C GLY L 200 -43.32 -9.58 46.57
N ALA L 201 -43.14 -10.54 45.66
CA ALA L 201 -42.75 -11.92 45.99
C ALA L 201 -41.36 -11.94 46.62
N ASP L 202 -40.37 -11.35 45.95
CA ASP L 202 -38.98 -11.36 46.42
C ASP L 202 -38.88 -10.69 47.79
N LEU L 203 -39.68 -9.64 47.99
CA LEU L 203 -39.72 -8.93 49.25
C LEU L 203 -40.38 -9.80 50.32
N ALA L 204 -41.51 -10.43 49.95
CA ALA L 204 -42.15 -11.40 50.84
C ALA L 204 -41.12 -12.44 51.30
N ALA L 205 -40.44 -13.06 50.33
CA ALA L 205 -39.42 -14.10 50.55
C ALA L 205 -38.32 -13.55 51.45
N LEU L 206 -37.88 -12.32 51.16
CA LEU L 206 -36.88 -11.62 51.97
C LEU L 206 -37.34 -11.54 53.43
N CYS L 207 -38.50 -10.92 53.65
CA CYS L 207 -39.08 -10.84 54.99
C CYS L 207 -39.11 -12.24 55.62
N SER L 208 -39.44 -13.25 54.81
CA SER L 208 -39.56 -14.63 55.27
C SER L 208 -38.21 -15.17 55.77
N GLU L 209 -37.15 -15.07 54.96
CA GLU L 209 -35.82 -15.54 55.38
C GLU L 209 -35.32 -14.71 56.58
N ALA L 210 -35.63 -13.40 56.56
CA ALA L 210 -35.32 -12.51 57.68
C ALA L 210 -35.94 -13.07 58.96
N ALA L 211 -37.24 -13.41 58.90
CA ALA L 211 -37.90 -14.09 60.01
C ALA L 211 -37.12 -15.37 60.35
N LEU L 212 -37.07 -16.31 59.41
CA LEU L 212 -36.54 -17.66 59.69
C LEU L 212 -35.15 -17.57 60.35
N GLN L 213 -34.30 -16.64 59.90
CA GLN L 213 -32.93 -16.60 60.42
C GLN L 213 -32.88 -15.90 61.78
N ALA L 214 -33.84 -15.01 62.07
CA ALA L 214 -34.05 -14.57 63.45
C ALA L 214 -34.45 -15.79 64.29
N ILE L 215 -35.50 -16.49 63.84
CA ILE L 215 -36.13 -17.64 64.55
C ILE L 215 -35.09 -18.76 64.74
N ARG L 216 -34.03 -18.77 63.92
CA ARG L 216 -32.80 -19.44 64.35
C ARG L 216 -32.25 -18.65 65.54
N VAL L 239 -36.69 -10.06 65.19
CA VAL L 239 -36.04 -9.77 63.90
C VAL L 239 -35.18 -8.51 64.04
N THR L 240 -33.87 -8.69 63.86
CA THR L 240 -32.86 -7.61 63.86
C THR L 240 -32.62 -7.13 62.42
N MET L 241 -31.85 -6.05 62.28
CA MET L 241 -31.43 -5.54 60.97
C MET L 241 -30.50 -6.56 60.31
N ASP L 242 -29.61 -7.14 61.13
CA ASP L 242 -28.67 -8.18 60.73
C ASP L 242 -29.38 -9.26 59.90
N ASP L 243 -30.52 -9.73 60.40
CA ASP L 243 -31.30 -10.79 59.75
C ASP L 243 -31.77 -10.30 58.37
N PHE L 244 -32.26 -9.05 58.30
CA PHE L 244 -32.75 -8.48 57.05
C PHE L 244 -31.59 -8.39 56.05
N ARG L 245 -30.46 -7.84 56.50
CA ARG L 245 -29.30 -7.69 55.63
C ARG L 245 -28.78 -9.05 55.19
N TRP L 246 -28.82 -10.06 56.07
CA TRP L 246 -28.39 -11.42 55.75
C TRP L 246 -29.32 -12.02 54.67
N ALA L 247 -30.63 -11.89 54.91
CA ALA L 247 -31.64 -12.34 53.94
C ALA L 247 -31.44 -11.63 52.60
N LEU L 248 -31.04 -10.36 52.64
CA LEU L 248 -30.65 -9.59 51.45
C LEU L 248 -29.42 -10.23 50.79
N SER L 249 -28.43 -10.57 51.60
CA SER L 249 -27.25 -11.32 51.14
C SER L 249 -27.71 -12.59 50.42
N GLN L 250 -28.75 -13.25 50.94
CA GLN L 250 -29.20 -14.52 50.35
C GLN L 250 -30.02 -14.30 49.07
N SER L 251 -30.98 -13.37 49.06
CA SER L 251 -32.07 -13.36 48.03
C SER L 251 -31.53 -13.15 46.60
N ASN L 252 -32.19 -13.82 45.65
CA ASN L 252 -31.93 -13.73 44.20
C ASN L 252 -33.17 -13.17 43.52
N PRO L 253 -33.38 -11.84 43.52
CA PRO L 253 -34.55 -11.23 42.90
C PRO L 253 -34.78 -11.66 41.44
N SER L 254 -36.04 -11.59 41.01
CA SER L 254 -36.47 -12.01 39.66
C SER L 254 -36.25 -10.87 38.65
N ALA L 255 -36.52 -9.62 39.06
CA ALA L 255 -36.60 -8.52 38.11
C ALA L 255 -35.29 -7.72 38.06
N LEU L 256 -34.16 -8.36 38.39
CA LEU L 256 -32.85 -7.77 38.09
C LEU L 256 -32.82 -7.40 36.61
N ARG L 257 -33.37 -8.29 35.78
CA ARG L 257 -33.20 -8.29 34.32
C ARG L 257 -34.20 -7.34 33.65
N GLU L 258 -35.19 -6.85 34.38
CA GLU L 258 -36.28 -6.04 33.82
C GLU L 258 -35.89 -4.55 33.86
N THR L 259 -36.20 -3.84 32.76
CA THR L 259 -35.81 -2.44 32.53
C THR L 259 -36.61 -1.53 33.49
N VAL L 260 -35.91 -0.96 34.47
CA VAL L 260 -36.54 -0.22 35.57
C VAL L 260 -36.95 1.17 35.04
N VAL L 261 -38.24 1.47 35.16
CA VAL L 261 -38.80 2.78 34.90
C VAL L 261 -39.19 3.41 36.24
N GLU L 262 -38.59 4.57 36.54
CA GLU L 262 -39.01 5.38 37.68
C GLU L 262 -38.49 6.80 37.45
N VAL L 263 -39.15 7.77 38.07
CA VAL L 263 -38.63 9.12 38.12
C VAL L 263 -37.43 9.08 39.06
N PRO L 264 -36.26 9.57 38.62
CA PRO L 264 -35.06 9.53 39.46
C PRO L 264 -35.12 10.69 40.46
N GLN L 265 -34.43 10.52 41.58
CA GLN L 265 -34.41 11.53 42.62
C GLN L 265 -33.02 12.16 42.70
N VAL L 266 -32.55 12.64 41.54
CA VAL L 266 -31.40 13.53 41.49
C VAL L 266 -31.93 14.92 41.12
N THR L 267 -31.77 15.87 42.03
CA THR L 267 -32.19 17.25 41.83
C THR L 267 -31.25 17.91 40.82
N TRP L 268 -31.65 19.07 40.29
CA TRP L 268 -30.71 19.88 39.53
C TRP L 268 -29.60 20.38 40.46
N GLU L 269 -29.98 20.78 41.69
CA GLU L 269 -29.05 21.40 42.62
C GLU L 269 -28.12 20.36 43.27
N ASP L 270 -28.39 19.07 43.04
CA ASP L 270 -27.40 18.00 43.30
C ASP L 270 -26.25 18.15 42.30
N ILE L 271 -26.60 18.49 41.06
CA ILE L 271 -25.64 18.78 39.99
C ILE L 271 -25.32 20.28 40.01
N GLY L 272 -24.43 20.66 40.94
CA GLY L 272 -23.91 22.02 40.99
C GLY L 272 -23.21 22.38 39.69
N GLY L 273 -23.32 23.64 39.26
CA GLY L 273 -22.70 24.12 38.02
C GLY L 273 -23.29 23.43 36.80
N LEU L 274 -22.53 23.42 35.70
CA LEU L 274 -23.05 22.95 34.41
C LEU L 274 -24.42 23.59 34.18
N GLU L 275 -24.41 24.92 33.98
CA GLU L 275 -25.59 25.76 34.06
C GLU L 275 -26.24 25.88 32.67
N ASP L 276 -25.42 26.34 31.72
CA ASP L 276 -25.79 26.44 30.33
C ASP L 276 -26.58 25.18 29.92
N VAL L 277 -26.07 23.99 30.29
CA VAL L 277 -26.71 22.72 29.90
C VAL L 277 -28.05 22.60 30.63
N LYS L 278 -28.08 22.95 31.92
CA LYS L 278 -29.33 23.04 32.68
C LYS L 278 -30.36 23.82 31.87
N ARG L 279 -30.01 25.06 31.51
CA ARG L 279 -30.99 25.96 30.89
C ARG L 279 -31.35 25.46 29.49
N GLU L 280 -30.35 25.00 28.73
CA GLU L 280 -30.60 24.40 27.43
C GLU L 280 -31.63 23.28 27.56
N LEU L 281 -31.31 22.27 28.37
CA LEU L 281 -32.18 21.11 28.63
C LEU L 281 -33.57 21.57 29.10
N GLN L 282 -33.62 22.62 29.92
CA GLN L 282 -34.89 23.16 30.38
C GLN L 282 -35.66 23.67 29.15
N GLU L 283 -35.00 24.45 28.28
CA GLU L 283 -35.63 25.04 27.08
C GLU L 283 -36.07 23.93 26.09
N LEU L 284 -35.30 22.84 26.05
CA LEU L 284 -35.56 21.71 25.16
C LEU L 284 -36.76 20.92 25.65
N VAL L 285 -36.70 20.50 26.94
CA VAL L 285 -37.49 19.37 27.53
C VAL L 285 -38.44 19.83 28.65
N GLN L 286 -38.07 20.87 29.40
CA GLN L 286 -38.87 21.35 30.54
C GLN L 286 -39.98 22.31 30.06
N TYR L 287 -39.61 23.33 29.27
CA TYR L 287 -40.56 24.36 28.86
C TYR L 287 -41.79 23.75 28.18
N PRO L 288 -41.68 22.72 27.30
CA PRO L 288 -42.87 22.16 26.64
C PRO L 288 -43.75 21.19 27.46
N VAL L 289 -43.25 20.71 28.60
CA VAL L 289 -44.13 19.97 29.50
C VAL L 289 -44.64 20.92 30.60
N GLU L 290 -43.87 21.96 30.96
CA GLU L 290 -44.20 22.81 32.12
C GLU L 290 -44.95 24.09 31.70
N HIS L 291 -44.81 24.53 30.45
CA HIS L 291 -45.53 25.72 29.99
C HIS L 291 -46.11 25.47 28.60
N PRO L 292 -46.75 24.32 28.32
CA PRO L 292 -47.14 23.94 26.97
C PRO L 292 -47.98 25.01 26.27
N ASP L 293 -48.83 25.67 27.06
CA ASP L 293 -49.60 26.84 26.62
C ASP L 293 -48.76 27.69 25.68
N LYS L 294 -47.55 28.01 26.10
CA LYS L 294 -46.62 28.80 25.29
C LYS L 294 -46.30 28.11 23.95
N PHE L 295 -45.80 26.86 23.99
CA PHE L 295 -45.35 26.16 22.75
C PHE L 295 -46.53 26.09 21.77
N LEU L 296 -47.72 25.79 22.32
CA LEU L 296 -48.96 25.78 21.57
C LEU L 296 -49.21 27.18 21.00
N LYS L 297 -48.91 28.22 21.81
CA LYS L 297 -49.21 29.65 21.48
C LYS L 297 -48.33 30.14 20.34
N PHE L 298 -47.02 30.08 20.52
CA PHE L 298 -46.08 30.46 19.47
C PHE L 298 -46.19 29.50 18.27
N GLY L 299 -46.59 28.25 18.55
CA GLY L 299 -46.93 27.30 17.51
C GLY L 299 -45.82 26.31 17.22
N MET L 300 -44.56 26.75 17.31
CA MET L 300 -43.44 25.85 17.15
C MET L 300 -43.58 24.68 18.13
N THR L 301 -43.21 23.48 17.66
CA THR L 301 -43.37 22.21 18.38
C THR L 301 -41.99 21.70 18.79
N PRO L 302 -41.85 20.92 19.89
CA PRO L 302 -40.60 20.86 20.64
C PRO L 302 -39.53 20.00 19.94
N SER L 303 -38.31 19.97 20.48
CA SER L 303 -37.31 19.03 20.01
C SER L 303 -37.80 17.62 20.30
N LYS L 304 -37.57 16.71 19.36
CA LYS L 304 -37.84 15.30 19.60
C LYS L 304 -36.87 14.82 20.69
N GLY L 305 -35.59 15.16 20.53
CA GLY L 305 -34.57 14.78 21.49
C GLY L 305 -33.21 15.44 21.28
N VAL L 306 -32.24 14.88 22.00
CA VAL L 306 -31.01 15.54 22.39
C VAL L 306 -29.85 14.60 22.04
N LEU L 307 -28.62 15.11 22.10
CA LEU L 307 -27.48 14.24 22.14
C LEU L 307 -26.43 14.82 23.09
N PHE L 308 -26.13 14.03 24.11
CA PHE L 308 -25.06 14.30 25.05
C PHE L 308 -23.76 13.68 24.52
N TYR L 309 -22.81 14.54 24.17
CA TYR L 309 -21.48 14.09 23.87
C TYR L 309 -20.50 14.85 24.74
N GLY L 310 -19.29 14.29 24.84
CA GLY L 310 -18.19 14.86 25.59
C GLY L 310 -17.29 13.78 26.15
N PRO L 311 -16.51 14.08 27.21
CA PRO L 311 -15.53 13.12 27.72
C PRO L 311 -16.23 12.12 28.63
N PRO L 312 -15.67 10.89 28.75
CA PRO L 312 -16.33 9.77 29.42
C PRO L 312 -16.49 9.92 30.93
N GLY L 313 -15.66 10.77 31.53
CA GLY L 313 -15.75 11.06 32.95
C GLY L 313 -16.69 12.23 33.23
N CYS L 314 -17.98 11.90 33.27
CA CYS L 314 -19.03 12.85 33.61
C CYS L 314 -20.34 12.10 33.88
N GLY L 315 -21.35 12.84 34.32
CA GLY L 315 -22.63 12.29 34.64
C GLY L 315 -23.64 12.59 33.55
N LYS L 316 -23.34 12.11 32.35
CA LYS L 316 -24.25 12.28 31.22
C LYS L 316 -25.61 11.67 31.61
N THR L 317 -25.55 10.48 32.22
CA THR L 317 -26.68 9.79 32.84
C THR L 317 -27.41 10.72 33.83
N LEU L 318 -26.63 11.30 34.73
CA LEU L 318 -27.15 12.01 35.86
C LEU L 318 -27.83 13.30 35.41
N LEU L 319 -27.32 13.95 34.34
CA LEU L 319 -27.96 15.16 33.80
C LEU L 319 -29.34 14.79 33.26
N ALA L 320 -29.34 13.72 32.46
CA ALA L 320 -30.56 13.21 31.87
C ALA L 320 -31.56 12.86 32.97
N LYS L 321 -31.08 12.20 34.03
CA LYS L 321 -31.91 11.94 35.19
C LYS L 321 -32.44 13.29 35.72
N ALA L 322 -31.52 14.22 35.97
CA ALA L 322 -31.77 15.51 36.63
C ALA L 322 -32.85 16.30 35.89
N ILE L 323 -32.85 16.26 34.55
CA ILE L 323 -33.90 16.95 33.78
C ILE L 323 -35.24 16.20 33.92
N ALA L 324 -35.21 14.86 33.99
CA ALA L 324 -36.44 14.06 34.22
C ALA L 324 -37.03 14.38 35.59
N ASN L 325 -36.17 14.34 36.62
CA ASN L 325 -36.46 14.72 37.99
C ASN L 325 -37.02 16.15 38.02
N GLU L 326 -36.36 17.08 37.33
CA GLU L 326 -36.81 18.48 37.18
C GLU L 326 -38.19 18.55 36.52
N CYS L 327 -38.48 17.68 35.55
CA CYS L 327 -39.81 17.69 34.89
C CYS L 327 -40.78 16.70 35.53
N GLN L 328 -40.40 16.12 36.67
CA GLN L 328 -41.09 14.98 37.32
C GLN L 328 -41.66 14.04 36.25
N ALA L 329 -40.79 13.60 35.34
CA ALA L 329 -41.08 12.61 34.32
C ALA L 329 -40.24 11.36 34.58
N ASN L 330 -40.63 10.25 33.96
CA ASN L 330 -39.93 8.97 34.15
C ASN L 330 -38.58 8.99 33.42
N PHE L 331 -37.83 7.90 33.63
CA PHE L 331 -36.50 7.75 33.09
C PHE L 331 -36.27 6.30 32.69
N ILE L 332 -35.60 6.07 31.54
CA ILE L 332 -35.24 4.71 31.16
C ILE L 332 -33.84 4.68 30.54
N SER L 333 -32.92 3.96 31.20
CA SER L 333 -31.56 3.76 30.70
C SER L 333 -31.49 2.50 29.82
N ILE L 334 -31.13 2.68 28.54
CA ILE L 334 -30.59 1.58 27.77
C ILE L 334 -29.06 1.73 27.81
N LYS L 335 -28.47 0.97 28.73
CA LYS L 335 -27.04 0.67 28.68
C LYS L 335 -26.74 0.15 27.27
N GLY L 336 -25.58 0.51 26.72
CA GLY L 336 -25.15 0.10 25.37
C GLY L 336 -25.00 -1.42 25.21
N PRO L 337 -24.53 -2.17 26.24
CA PRO L 337 -24.59 -3.63 26.24
C PRO L 337 -25.96 -4.28 25.94
N GLU L 338 -27.04 -3.56 26.19
CA GLU L 338 -28.37 -3.88 25.67
C GLU L 338 -28.36 -3.75 24.14
N LEU L 339 -27.86 -2.60 23.67
CA LEU L 339 -27.74 -2.35 22.25
C LEU L 339 -26.89 -3.46 21.61
N LEU L 340 -25.68 -3.67 22.13
CA LEU L 340 -24.75 -4.67 21.59
C LEU L 340 -25.45 -6.02 21.53
N THR L 341 -26.07 -6.42 22.65
CA THR L 341 -26.80 -7.67 22.73
C THR L 341 -27.82 -7.76 21.59
N MET L 342 -28.49 -6.66 21.28
CA MET L 342 -29.48 -6.64 20.20
C MET L 342 -28.77 -6.80 18.85
N TRP L 343 -27.74 -5.98 18.58
CA TRP L 343 -27.08 -6.05 17.29
C TRP L 343 -26.53 -7.47 17.07
N PHE L 344 -25.63 -7.91 17.94
CA PHE L 344 -24.95 -9.20 17.82
C PHE L 344 -25.95 -10.37 17.74
N GLY L 345 -27.16 -10.19 18.30
CA GLY L 345 -28.24 -11.22 18.24
C GLY L 345 -29.22 -10.99 17.10
N GLU L 346 -29.20 -9.76 16.56
CA GLU L 346 -30.14 -9.27 15.55
C GLU L 346 -31.56 -9.40 16.10
N SER L 347 -31.76 -8.84 17.30
CA SER L 347 -33.06 -8.69 17.89
C SER L 347 -33.39 -7.19 17.94
N GLU L 348 -33.47 -6.58 16.76
CA GLU L 348 -33.83 -5.18 16.62
C GLU L 348 -35.32 -5.02 16.96
N ALA L 349 -36.10 -6.08 16.73
CA ALA L 349 -37.46 -6.16 17.22
C ALA L 349 -37.59 -5.33 18.50
N ASN L 350 -36.79 -5.69 19.51
CA ASN L 350 -36.94 -5.23 20.89
C ASN L 350 -36.85 -3.70 21.02
N VAL L 351 -36.31 -3.00 20.01
CA VAL L 351 -36.34 -1.55 20.06
C VAL L 351 -37.81 -1.10 20.13
N ARG L 352 -38.62 -1.64 19.20
CA ARG L 352 -40.05 -1.36 19.12
C ARG L 352 -40.68 -1.51 20.52
N GLU L 353 -40.31 -2.60 21.20
CA GLU L 353 -40.78 -2.94 22.53
C GLU L 353 -40.30 -1.86 23.53
N ILE L 354 -39.03 -1.44 23.44
CA ILE L 354 -38.49 -0.38 24.30
C ILE L 354 -39.35 0.88 24.14
N PHE L 355 -39.48 1.35 22.88
CA PHE L 355 -40.24 2.57 22.66
C PHE L 355 -41.69 2.40 23.11
N ASP L 356 -42.29 1.24 22.85
CA ASP L 356 -43.62 0.99 23.38
C ASP L 356 -43.59 1.20 24.91
N LYS L 357 -42.59 0.64 25.58
CA LYS L 357 -42.46 0.69 27.04
C LYS L 357 -42.27 2.15 27.52
N ALA L 358 -41.56 2.96 26.75
CA ALA L 358 -41.40 4.38 27.10
C ALA L 358 -42.73 5.10 26.90
N ARG L 359 -43.26 4.96 25.68
CA ARG L 359 -44.53 5.54 25.24
C ARG L 359 -45.60 5.29 26.31
N GLN L 360 -45.71 4.03 26.76
CA GLN L 360 -46.71 3.63 27.74
C GLN L 360 -46.42 4.31 29.09
N ALA L 361 -45.14 4.46 29.44
CA ALA L 361 -44.76 5.10 30.69
C ALA L 361 -44.50 6.60 30.50
N ALA L 362 -45.22 7.24 29.58
CA ALA L 362 -45.08 8.71 29.37
C ALA L 362 -45.40 9.43 30.68
N PRO L 363 -45.16 10.75 30.72
CA PRO L 363 -43.93 11.31 30.16
C PRO L 363 -42.63 10.79 30.81
N CYS L 364 -41.56 10.83 30.03
CA CYS L 364 -40.42 9.94 30.24
C CYS L 364 -39.22 10.44 29.42
N VAL L 365 -38.01 10.24 29.94
CA VAL L 365 -36.83 10.37 29.07
C VAL L 365 -36.26 8.96 28.83
N LEU L 366 -36.24 8.62 27.54
CA LEU L 366 -35.59 7.46 27.01
C LEU L 366 -34.14 7.84 26.76
N PHE L 367 -33.28 7.31 27.61
CA PHE L 367 -31.88 7.61 27.61
C PHE L 367 -31.13 6.42 27.03
N PHE L 368 -30.52 6.66 25.87
CA PHE L 368 -29.60 5.72 25.31
C PHE L 368 -28.19 6.08 25.78
N ASP L 369 -27.54 5.10 26.40
CA ASP L 369 -26.18 5.26 26.72
C ASP L 369 -25.36 4.68 25.57
N GLU L 370 -24.18 5.26 25.34
CA GLU L 370 -23.26 4.75 24.35
C GLU L 370 -24.04 4.49 23.05
N LEU L 371 -24.67 5.52 22.49
CA LEU L 371 -25.44 5.31 21.26
C LEU L 371 -24.50 4.85 20.14
N ASP L 372 -23.21 5.17 20.31
CA ASP L 372 -22.16 4.85 19.36
C ASP L 372 -21.84 3.34 19.34
N SER L 373 -22.37 2.52 20.27
CA SER L 373 -21.92 1.12 20.49
C SER L 373 -22.07 0.26 19.24
N ILE L 374 -23.27 0.24 18.68
CA ILE L 374 -23.56 -0.56 17.51
C ILE L 374 -22.56 -0.13 16.43
N ALA L 375 -22.67 1.14 16.03
CA ALA L 375 -21.79 1.75 15.06
C ALA L 375 -20.32 1.60 15.49
N LYS L 376 -19.98 1.81 16.78
CA LYS L 376 -18.58 1.73 17.22
C LYS L 376 -18.02 0.33 16.95
N ALA L 377 -18.71 -0.68 17.47
CA ALA L 377 -18.07 -1.93 17.76
C ALA L 377 -17.47 -2.57 16.51
N ARG L 378 -18.09 -2.36 15.35
CA ARG L 378 -17.44 -2.73 14.09
C ARG L 378 -16.02 -2.11 14.07
N ALA L 388 -27.72 -6.60 11.37
CA ALA L 388 -28.77 -5.60 11.27
C ALA L 388 -28.52 -4.42 12.23
N ALA L 389 -27.45 -3.65 11.96
CA ALA L 389 -26.73 -2.80 12.95
C ALA L 389 -27.10 -1.32 12.82
N ASP L 390 -26.58 -0.66 11.77
CA ASP L 390 -27.15 0.60 11.42
C ASP L 390 -28.66 0.41 11.51
N ARG L 391 -29.14 -0.85 11.36
CA ARG L 391 -30.56 -1.22 11.57
C ARG L 391 -30.98 -1.10 13.05
N VAL L 392 -30.22 -1.65 14.00
CA VAL L 392 -30.56 -1.40 15.39
C VAL L 392 -30.60 0.12 15.63
N ILE L 393 -29.52 0.83 15.27
CA ILE L 393 -29.59 2.31 15.34
C ILE L 393 -30.80 2.78 14.51
N ASN L 394 -31.06 2.12 13.35
CA ASN L 394 -32.14 2.47 12.36
C ASN L 394 -33.52 2.14 12.93
N GLN L 395 -33.64 1.05 13.70
CA GLN L 395 -34.93 0.80 14.27
C GLN L 395 -35.26 1.98 15.18
N ILE L 396 -34.28 2.40 15.98
CA ILE L 396 -34.40 3.60 16.81
C ILE L 396 -34.84 4.77 15.92
N LEU L 397 -34.32 4.85 14.68
CA LEU L 397 -34.77 5.90 13.75
C LEU L 397 -36.27 5.73 13.48
N THR L 398 -36.65 4.60 12.88
CA THR L 398 -38.01 4.35 12.43
C THR L 398 -38.96 4.60 13.61
N GLU L 399 -38.51 4.28 14.83
CA GLU L 399 -39.31 4.46 16.03
C GLU L 399 -39.41 5.94 16.43
N MET L 400 -38.32 6.70 16.30
CA MET L 400 -38.35 8.14 16.53
C MET L 400 -39.26 8.83 15.50
N ASP L 401 -39.15 8.39 14.24
CA ASP L 401 -39.98 8.88 13.14
C ASP L 401 -41.46 8.58 13.45
N GLY L 402 -41.75 7.33 13.80
CA GLY L 402 -43.12 6.84 14.00
C GLY L 402 -43.74 7.23 15.34
N MET L 403 -42.91 7.56 16.34
CA MET L 403 -43.42 8.01 17.63
C MET L 403 -44.13 9.35 17.43
N SER L 404 -45.30 9.49 18.07
CA SER L 404 -46.06 10.72 18.00
C SER L 404 -45.32 11.85 18.75
N THR L 405 -45.12 12.96 18.03
CA THR L 405 -44.52 14.19 18.54
C THR L 405 -45.12 14.62 19.88
N LYS L 406 -46.44 14.44 20.01
CA LYS L 406 -47.23 15.08 21.06
C LYS L 406 -47.00 14.36 22.40
N LYS L 407 -47.14 13.03 22.41
CA LYS L 407 -46.67 12.21 23.51
C LYS L 407 -45.40 12.84 24.08
N ASN L 408 -45.40 13.23 25.35
CA ASN L 408 -44.23 13.89 25.92
C ASN L 408 -43.23 12.83 26.42
N VAL L 409 -42.44 12.29 25.49
CA VAL L 409 -41.37 11.33 25.75
C VAL L 409 -40.10 11.87 25.07
N PHE L 410 -39.12 12.32 25.88
CA PHE L 410 -37.86 12.82 25.32
C PHE L 410 -36.84 11.69 25.21
N ILE L 411 -35.76 11.94 24.48
CA ILE L 411 -34.97 10.83 24.01
C ILE L 411 -33.51 11.28 23.86
N ILE L 412 -32.73 11.04 24.92
CA ILE L 412 -31.39 11.58 25.06
C ILE L 412 -30.38 10.50 24.67
N GLY L 413 -29.47 10.91 23.78
CA GLY L 413 -28.48 10.04 23.15
C GLY L 413 -27.08 10.38 23.61
N ALA L 414 -26.53 9.50 24.47
CA ALA L 414 -25.21 9.70 25.05
C ALA L 414 -24.11 9.14 24.14
N THR L 415 -22.93 9.76 24.22
CA THR L 415 -21.74 9.24 23.57
C THR L 415 -20.47 9.81 24.21
N ASN L 416 -19.37 9.62 23.48
CA ASN L 416 -18.19 10.41 23.65
C ASN L 416 -17.56 10.62 22.26
N ARG L 417 -18.32 10.28 21.20
CA ARG L 417 -17.79 10.20 19.88
C ARG L 417 -18.85 10.69 18.92
N PRO L 418 -19.20 12.00 18.92
CA PRO L 418 -20.20 12.50 17.98
C PRO L 418 -19.79 12.02 16.58
N ASP L 419 -18.47 11.83 16.40
CA ASP L 419 -17.80 11.48 15.15
C ASP L 419 -18.30 10.14 14.59
N ILE L 420 -18.89 9.26 15.41
CA ILE L 420 -19.17 7.89 14.98
C ILE L 420 -20.68 7.63 14.86
N ILE L 421 -21.50 8.57 15.33
CA ILE L 421 -22.89 8.30 15.35
C ILE L 421 -23.42 8.49 13.94
N ASP L 422 -24.15 7.48 13.45
CA ASP L 422 -24.88 7.55 12.17
C ASP L 422 -25.53 8.92 12.06
N PRO L 423 -25.05 9.85 11.20
CA PRO L 423 -25.42 11.26 11.31
C PRO L 423 -26.89 11.48 10.97
N ALA L 424 -27.53 10.46 10.38
CA ALA L 424 -28.98 10.44 10.20
C ALA L 424 -29.69 10.67 11.54
N ILE L 425 -29.10 10.19 12.64
CA ILE L 425 -29.63 10.38 13.98
C ILE L 425 -29.58 11.87 14.36
N LEU L 426 -28.61 12.59 13.80
CA LEU L 426 -28.43 14.00 14.11
C LEU L 426 -29.14 14.90 13.09
N ARG L 427 -29.98 14.28 12.24
CA ARG L 427 -30.87 14.94 11.29
C ARG L 427 -32.01 15.58 12.09
N PRO L 428 -32.52 16.78 11.73
CA PRO L 428 -33.61 17.37 12.49
C PRO L 428 -34.80 16.39 12.59
N GLY L 429 -35.55 16.49 13.70
CA GLY L 429 -36.71 15.64 13.97
C GLY L 429 -36.31 14.31 14.57
N ARG L 430 -35.04 14.24 14.97
CA ARG L 430 -34.45 13.09 15.64
C ARG L 430 -33.65 13.66 16.81
N LEU L 431 -32.33 13.48 16.81
CA LEU L 431 -31.52 14.11 17.80
C LEU L 431 -31.04 15.43 17.20
N ASP L 432 -32.00 16.35 17.17
CA ASP L 432 -31.84 17.66 16.66
C ASP L 432 -30.67 18.32 17.41
N GLN L 433 -30.89 18.52 18.72
CA GLN L 433 -30.03 19.33 19.55
C GLN L 433 -28.82 18.49 19.99
N LEU L 434 -27.61 19.00 19.71
CA LEU L 434 -26.37 18.50 20.27
C LEU L 434 -26.00 19.33 21.49
N ILE L 435 -25.48 18.68 22.53
CA ILE L 435 -25.00 19.37 23.71
C ILE L 435 -23.66 18.78 24.12
N TYR L 436 -22.65 19.65 24.20
CA TYR L 436 -21.35 19.28 24.74
C TYR L 436 -21.49 19.31 26.27
N ILE L 437 -21.56 18.11 26.86
CA ILE L 437 -21.50 17.92 28.28
C ILE L 437 -20.03 17.77 28.63
N PRO L 438 -19.39 18.87 29.07
CA PRO L 438 -17.94 18.92 29.21
C PRO L 438 -17.51 18.47 30.61
N LEU L 439 -16.23 18.65 30.89
CA LEU L 439 -15.67 18.33 32.16
C LEU L 439 -16.31 19.15 33.26
N PRO L 440 -16.39 18.60 34.49
CA PRO L 440 -17.04 19.29 35.59
C PRO L 440 -16.32 20.59 35.98
N ASP L 441 -17.11 21.61 36.34
CA ASP L 441 -16.66 22.88 36.92
C ASP L 441 -16.41 22.71 38.40
N GLU L 442 -15.84 23.73 39.04
CA GLU L 442 -15.37 23.65 40.42
C GLU L 442 -16.57 23.34 41.31
N LYS L 443 -17.68 24.03 41.05
CA LYS L 443 -18.92 23.83 41.79
C LYS L 443 -19.32 22.36 41.67
N SER L 444 -19.18 21.85 40.43
CA SER L 444 -19.55 20.49 40.10
C SER L 444 -18.54 19.47 40.66
N ARG L 445 -17.23 19.82 40.62
CA ARG L 445 -16.19 18.98 41.25
C ARG L 445 -16.57 18.79 42.73
N VAL L 446 -16.80 19.92 43.39
CA VAL L 446 -17.25 19.92 44.76
C VAL L 446 -18.47 19.00 44.86
N ALA L 447 -19.50 19.28 44.04
CA ALA L 447 -20.72 18.47 44.02
C ALA L 447 -20.39 16.97 43.99
N ILE L 448 -19.41 16.57 43.16
CA ILE L 448 -19.12 15.15 42.93
C ILE L 448 -18.30 14.58 44.09
N LEU L 449 -17.36 15.36 44.63
CA LEU L 449 -16.70 14.94 45.85
C LEU L 449 -17.79 14.65 46.89
N LYS L 450 -18.71 15.63 47.03
CA LYS L 450 -19.83 15.52 47.97
C LYS L 450 -20.63 14.25 47.71
N ALA L 451 -20.99 14.01 46.45
CA ALA L 451 -21.77 12.83 46.09
C ALA L 451 -21.01 11.56 46.45
N ASN L 452 -19.71 11.51 46.08
CA ASN L 452 -18.85 10.33 46.28
C ASN L 452 -18.61 10.07 47.77
N LEU L 453 -18.70 11.14 48.59
CA LEU L 453 -18.47 11.02 50.03
C LEU L 453 -19.76 11.17 50.83
N ARG L 454 -20.94 11.16 50.17
CA ARG L 454 -22.19 11.52 50.84
C ARG L 454 -22.30 10.79 52.18
N LYS L 455 -22.45 9.46 52.14
CA LYS L 455 -22.42 8.65 53.33
C LYS L 455 -20.97 8.24 53.58
N SER L 456 -20.31 8.99 54.46
CA SER L 456 -18.92 8.74 54.88
C SER L 456 -18.53 9.64 56.04
N PRO L 457 -17.54 9.22 56.85
CA PRO L 457 -16.97 10.08 57.90
C PRO L 457 -15.85 11.00 57.37
N VAL L 458 -16.11 12.30 57.40
CA VAL L 458 -15.31 13.33 56.73
C VAL L 458 -15.11 14.52 57.66
N ALA L 459 -13.96 14.62 58.34
CA ALA L 459 -13.73 15.73 59.29
C ALA L 459 -13.56 17.04 58.50
N LYS L 460 -13.93 18.15 59.13
CA LYS L 460 -14.10 19.41 58.43
C LYS L 460 -12.76 19.95 57.90
N ASP L 461 -11.63 19.40 58.37
CA ASP L 461 -10.31 19.77 57.82
C ASP L 461 -10.04 19.04 56.50
N VAL L 462 -11.08 18.40 55.92
CA VAL L 462 -11.12 18.14 54.47
C VAL L 462 -11.91 19.28 53.82
N ASP L 463 -11.19 20.34 53.45
CA ASP L 463 -11.74 21.35 52.57
C ASP L 463 -11.75 20.75 51.17
N LEU L 464 -12.84 20.99 50.44
CA LEU L 464 -13.10 20.34 49.19
C LEU L 464 -12.78 21.27 48.02
N GLU L 465 -12.36 22.49 48.34
CA GLU L 465 -12.05 23.45 47.33
C GLU L 465 -10.53 23.48 47.07
N PHE L 466 -9.73 23.30 48.14
CA PHE L 466 -8.35 22.80 48.00
C PHE L 466 -8.37 21.69 46.92
N LEU L 467 -9.37 20.79 47.00
CA LEU L 467 -9.60 19.65 46.04
C LEU L 467 -10.18 20.12 44.71
N ALA L 468 -11.03 21.15 44.72
CA ALA L 468 -11.56 21.77 43.50
C ALA L 468 -10.41 22.31 42.63
N LYS L 469 -9.52 23.10 43.23
CA LYS L 469 -8.49 23.78 42.49
C LYS L 469 -7.47 22.79 41.92
N MET L 470 -7.04 21.85 42.76
CA MET L 470 -5.99 20.93 42.39
C MET L 470 -6.45 20.03 41.24
N THR L 471 -7.77 19.84 41.10
CA THR L 471 -8.31 18.87 40.16
C THR L 471 -8.90 19.55 38.93
N ASN L 472 -8.28 20.64 38.47
CA ASN L 472 -8.61 21.22 37.20
C ASN L 472 -8.20 20.25 36.09
N GLY L 473 -9.14 19.95 35.18
CA GLY L 473 -8.92 19.03 34.02
C GLY L 473 -9.29 17.58 34.34
N PHE L 474 -9.80 17.36 35.56
CA PHE L 474 -10.16 16.07 36.03
C PHE L 474 -11.60 15.77 35.65
N SER L 475 -11.81 14.50 35.34
CA SER L 475 -13.12 13.95 35.18
C SER L 475 -13.65 13.50 36.54
N GLY L 476 -14.99 13.45 36.65
CA GLY L 476 -15.63 12.84 37.78
C GLY L 476 -14.89 11.58 38.23
N ALA L 477 -14.59 10.71 37.26
CA ALA L 477 -13.95 9.41 37.53
C ALA L 477 -12.73 9.55 38.43
N ASP L 478 -11.94 10.61 38.20
CA ASP L 478 -10.70 10.82 38.95
C ASP L 478 -11.02 11.29 40.37
N LEU L 479 -12.04 12.14 40.50
CA LEU L 479 -12.44 12.61 41.81
C LEU L 479 -12.87 11.37 42.60
N THR L 480 -13.68 10.57 41.92
CA THR L 480 -14.20 9.35 42.42
C THR L 480 -13.05 8.45 42.90
N GLU L 481 -12.10 8.13 42.02
CA GLU L 481 -11.04 7.20 42.41
C GLU L 481 -10.17 7.87 43.50
N ILE L 482 -10.04 9.21 43.53
CA ILE L 482 -9.38 9.89 44.68
C ILE L 482 -10.13 9.47 45.95
N CYS L 483 -11.43 9.78 45.99
CA CYS L 483 -12.28 9.48 47.16
C CYS L 483 -12.16 8.01 47.56
N GLN L 484 -12.27 7.10 46.58
CA GLN L 484 -12.23 5.66 46.86
C GLN L 484 -10.85 5.29 47.41
N ARG L 485 -9.76 5.79 46.80
CA ARG L 485 -8.40 5.48 47.29
C ARG L 485 -8.29 5.96 48.73
N ALA L 486 -8.71 7.21 48.98
CA ALA L 486 -8.74 7.72 50.35
C ALA L 486 -9.47 6.71 51.25
N CYS L 487 -10.72 6.40 50.89
CA CYS L 487 -11.57 5.55 51.73
C CYS L 487 -10.88 4.21 52.00
N LYS L 488 -10.21 3.65 50.99
CA LYS L 488 -9.50 2.38 51.15
C LYS L 488 -8.28 2.56 52.07
N LEU L 489 -7.58 3.70 51.97
CA LEU L 489 -6.47 4.01 52.92
C LEU L 489 -7.03 4.04 54.35
N ALA L 490 -8.21 4.67 54.50
CA ALA L 490 -8.89 4.77 55.80
C ALA L 490 -9.27 3.38 56.32
N ILE L 491 -9.99 2.59 55.53
CA ILE L 491 -10.35 1.22 55.91
C ILE L 491 -9.10 0.44 56.30
N ARG L 492 -8.10 0.45 55.41
CA ARG L 492 -6.81 -0.22 55.63
C ARG L 492 -6.26 0.17 57.01
N GLU L 493 -5.98 1.46 57.20
CA GLU L 493 -5.44 1.97 58.48
C GLU L 493 -6.31 1.47 59.64
N SER L 494 -7.64 1.57 59.47
CA SER L 494 -8.61 1.19 60.49
C SER L 494 -8.44 -0.29 60.87
N ILE L 495 -8.70 -1.22 59.95
CA ILE L 495 -8.72 -2.64 60.34
C ILE L 495 -7.30 -3.15 60.62
N GLU L 496 -6.28 -2.56 59.99
CA GLU L 496 -4.89 -2.92 60.30
C GLU L 496 -4.58 -2.56 61.76
N SER L 497 -5.00 -1.36 62.16
CA SER L 497 -4.89 -0.89 63.54
C SER L 497 -5.75 -1.76 64.49
N GLU L 498 -6.96 -2.13 64.07
CA GLU L 498 -7.83 -2.99 64.90
C GLU L 498 -7.18 -4.37 65.11
N ILE L 499 -6.64 -4.98 64.05
CA ILE L 499 -5.95 -6.29 64.14
C ILE L 499 -4.68 -6.15 65.00
N ARG L 500 -3.94 -5.04 64.79
CA ARG L 500 -2.79 -4.69 65.65
C ARG L 500 -3.23 -4.59 67.13
N ARG L 501 -4.43 -4.06 67.38
CA ARG L 501 -5.01 -3.95 68.74
C ARG L 501 -5.49 -5.32 69.25
N GLU L 502 -5.95 -6.22 68.36
CA GLU L 502 -6.20 -7.64 68.75
C GLU L 502 -4.89 -8.30 69.21
N ARG L 503 -3.84 -8.14 68.38
CA ARG L 503 -2.52 -8.75 68.68
C ARG L 503 -1.87 -8.11 69.91
N GLU L 504 -2.09 -6.81 70.14
CA GLU L 504 -1.57 -6.12 71.35
C GLU L 504 -2.48 -6.32 72.57
N ARG L 505 -3.74 -6.74 72.33
CA ARG L 505 -4.66 -7.18 73.41
C ARG L 505 -4.44 -8.65 73.76
N GLN L 506 -3.81 -9.44 72.87
CA GLN L 506 -3.33 -10.79 73.25
C GLN L 506 -1.83 -10.76 73.58
N THR L 507 -1.43 -9.90 74.52
CA THR L 507 -0.06 -9.85 75.07
C THR L 507 0.31 -11.23 75.64
N GLU L 522 -12.65 8.29 61.48
CA GLU L 522 -13.07 9.18 60.35
C GLU L 522 -11.94 9.47 59.34
N ILE L 523 -12.27 10.14 58.21
CA ILE L 523 -11.35 10.37 57.07
C ILE L 523 -10.93 11.86 56.98
N ARG L 524 -9.61 12.13 56.79
CA ARG L 524 -9.00 13.51 56.91
C ARG L 524 -7.89 13.75 55.87
N ARG L 525 -7.66 15.02 55.46
CA ARG L 525 -6.91 15.39 54.17
C ARG L 525 -5.48 14.80 54.18
N ASP L 526 -5.06 14.19 55.30
CA ASP L 526 -3.88 13.32 55.32
C ASP L 526 -4.08 12.22 54.28
N HIS L 527 -5.06 11.35 54.56
CA HIS L 527 -5.63 10.35 53.66
C HIS L 527 -5.77 10.85 52.22
N PHE L 528 -6.36 12.04 52.04
CA PHE L 528 -6.68 12.55 50.72
C PHE L 528 -5.40 12.96 49.97
N GLU L 529 -4.56 13.84 50.54
CA GLU L 529 -3.33 14.22 49.78
C GLU L 529 -2.46 12.95 49.65
N GLU L 530 -2.59 12.00 50.58
CA GLU L 530 -2.04 10.66 50.35
C GLU L 530 -2.61 10.06 49.06
N ALA L 531 -3.93 10.10 48.91
CA ALA L 531 -4.64 9.44 47.79
C ALA L 531 -4.34 10.13 46.46
N MET L 532 -4.20 11.46 46.47
CA MET L 532 -3.94 12.20 45.26
C MET L 532 -2.49 11.98 44.81
N ARG L 533 -1.63 11.55 45.75
CA ARG L 533 -0.21 11.28 45.46
C ARG L 533 -0.05 10.01 44.60
N PHE L 534 -1.16 9.41 44.18
CA PHE L 534 -1.22 8.65 42.92
C PHE L 534 -2.69 8.68 42.44
N ALA L 535 -3.04 9.71 41.64
CA ALA L 535 -4.40 9.91 41.08
C ALA L 535 -4.34 10.75 39.80
N ARG L 536 -5.02 10.27 38.74
CA ARG L 536 -4.77 10.71 37.35
C ARG L 536 -5.47 12.05 37.08
N ARG L 537 -5.29 12.52 35.84
CA ARG L 537 -6.20 13.42 35.12
C ARG L 537 -6.72 12.60 33.92
N SER L 538 -7.98 12.18 33.95
CA SER L 538 -8.49 11.09 33.08
C SER L 538 -8.28 11.41 31.61
N VAL L 539 -8.72 12.60 31.24
CA VAL L 539 -8.89 12.94 29.86
C VAL L 539 -7.85 14.00 29.50
N SER L 540 -7.10 13.70 28.43
CA SER L 540 -5.95 14.49 28.03
C SER L 540 -6.40 15.68 27.17
N ASP L 541 -5.56 16.71 27.19
CA ASP L 541 -5.84 17.96 26.52
C ASP L 541 -6.31 17.61 25.09
N ASN L 542 -5.51 16.80 24.39
CA ASN L 542 -5.83 16.28 23.04
C ASN L 542 -7.34 16.10 22.86
N ASP L 543 -7.90 15.29 23.76
CA ASP L 543 -9.25 14.82 23.62
C ASP L 543 -10.19 16.03 23.79
N ILE L 544 -9.96 16.81 24.84
CA ILE L 544 -10.91 17.85 25.15
C ILE L 544 -10.87 18.84 23.98
N ARG L 545 -9.66 19.14 23.49
CA ARG L 545 -9.44 19.95 22.28
C ARG L 545 -10.19 19.33 21.10
N LYS L 546 -10.24 17.99 21.04
CA LYS L 546 -10.94 17.27 19.99
C LYS L 546 -12.45 17.54 20.11
N TYR L 547 -13.01 17.52 21.33
CA TYR L 547 -14.43 17.86 21.46
C TYR L 547 -14.66 19.33 21.15
N GLU L 548 -13.74 20.20 21.62
CA GLU L 548 -13.78 21.62 21.30
C GLU L 548 -13.94 21.76 19.79
N MET L 549 -12.90 21.32 19.05
CA MET L 549 -12.90 21.33 17.60
C MET L 549 -14.24 20.79 17.10
N PHE L 550 -14.58 19.57 17.52
CA PHE L 550 -15.72 18.88 16.97
C PHE L 550 -17.00 19.49 17.53
N ALA L 551 -16.92 20.30 18.60
CA ALA L 551 -18.05 21.13 19.11
C ALA L 551 -18.30 22.34 18.19
N GLN L 552 -17.23 23.08 17.89
CA GLN L 552 -17.25 24.19 16.95
C GLN L 552 -17.76 23.69 15.59
N THR L 553 -17.03 22.74 14.97
CA THR L 553 -17.25 22.33 13.57
C THR L 553 -18.37 21.30 13.46
N LEU L 554 -18.78 20.67 14.57
CA LEU L 554 -20.13 20.02 14.61
C LEU L 554 -21.16 21.14 14.33
N GLN L 555 -20.97 22.35 14.92
CA GLN L 555 -21.79 23.57 14.62
C GLN L 555 -21.21 24.29 13.39
#